data_4TSZ
#
_entry.id   4TSZ
#
_cell.length_a   79.982
_cell.length_b   85.947
_cell.length_c   272.202
_cell.angle_alpha   90.01
_cell.angle_beta   89.94
_cell.angle_gamma   116.56
#
_symmetry.space_group_name_H-M   'P 1'
#
loop_
_entity.id
_entity.type
_entity.pdbx_description
1 polymer 'DNA polymerase III subunit beta'
2 polymer 'ACE-GLN-ALC-ASP-LEU-ZCL peptide'
3 water water
#
loop_
_entity_poly.entity_id
_entity_poly.type
_entity_poly.pdbx_seq_one_letter_code
_entity_poly.pdbx_strand_id
1 'polypeptide(L)'
;HMHFTIQREALLKPLQLVAGVVERRQTLPVLSNVLLVVEGQQLSLTGTDLEVELVGRVVLEDAAEPGEITVPARKLMDIC
KSLPNDVLIDIRVEEQKLLVKAGRSRFTLSTLPANDFPTVEEGPGSLNFSIAQSKLRRLIDRTSFAMAQQDVRYYLNGML
LEVNGGTLRSVATDGHRLAMCSLDAQIPSQDRHQVIVPRKGILELARLLTEQDGEVGIVLGQHHIRATTGEFTFTSKLVD
GKFPDYERVLPRGGDKLVVGDRQQLREAFSRTAILSNEKYRGIRLQLSNGLLKIQANNPEQEEAEEEVQVEYNGGNLEIG
FNVSYLLDVLGVIGTEQVRFILSDSNSSALVHEADNDDSAYVVMPMRL
;
A,B,C,D,E,F,G,H,I,J,K,L,M,N,O,P
2 'polypeptide(L)' (ACE)Q(ALC)DL(ZCL) Q,R,S,T,U,V,X,Y,Z,0,1,2,3,4,5,6
#
# COMPACT_ATOMS: atom_id res chain seq x y z
N HIS A 1 3.52 -22.56 -33.00
CA HIS A 1 2.55 -22.88 -34.05
C HIS A 1 2.04 -21.57 -34.71
N MET A 2 1.14 -20.85 -34.01
CA MET A 2 0.56 -19.57 -34.38
C MET A 2 1.68 -18.53 -34.61
N HIS A 3 1.60 -17.82 -35.73
CA HIS A 3 2.59 -16.83 -36.12
C HIS A 3 2.00 -15.83 -37.10
N PHE A 4 2.27 -14.53 -36.86
CA PHE A 4 1.79 -13.46 -37.72
C PHE A 4 2.63 -12.20 -37.56
N THR A 5 2.53 -11.32 -38.56
CA THR A 5 3.15 -9.99 -38.56
C THR A 5 2.02 -8.97 -38.64
N ILE A 6 2.21 -7.84 -37.94
CA ILE A 6 1.20 -6.78 -37.88
C ILE A 6 1.87 -5.43 -37.58
N GLN A 7 1.34 -4.35 -38.18
CA GLN A 7 1.82 -2.99 -37.94
C GLN A 7 1.34 -2.60 -36.55
N ARG A 8 2.19 -1.85 -35.82
CA ARG A 8 1.89 -1.38 -34.45
C ARG A 8 0.47 -0.85 -34.27
N GLU A 9 0.05 0.09 -35.13
CA GLU A 9 -1.24 0.78 -35.08
C GLU A 9 -2.42 -0.14 -35.37
N ALA A 10 -2.22 -1.12 -36.28
CA ALA A 10 -3.25 -2.09 -36.65
C ALA A 10 -3.57 -3.02 -35.48
N LEU A 11 -2.55 -3.38 -34.67
CA LEU A 11 -2.71 -4.23 -33.49
C LEU A 11 -3.24 -3.43 -32.33
N LEU A 12 -2.71 -2.22 -32.14
CA LEU A 12 -3.08 -1.33 -31.04
C LEU A 12 -4.56 -1.00 -30.95
N LYS A 13 -5.19 -0.65 -32.08
CA LYS A 13 -6.64 -0.31 -32.10
C LYS A 13 -7.54 -1.39 -31.46
N PRO A 14 -7.61 -2.64 -31.96
CA PRO A 14 -8.45 -3.64 -31.29
C PRO A 14 -7.96 -4.06 -29.91
N LEU A 15 -6.63 -4.07 -29.70
CA LEU A 15 -6.02 -4.43 -28.42
C LEU A 15 -6.46 -3.47 -27.32
N GLN A 16 -6.47 -2.14 -27.60
CA GLN A 16 -6.91 -1.13 -26.63
C GLN A 16 -8.40 -1.29 -26.29
N LEU A 17 -9.23 -1.58 -27.30
CA LEU A 17 -10.68 -1.76 -27.10
C LEU A 17 -10.96 -2.94 -26.20
N VAL A 18 -10.38 -4.10 -26.55
CA VAL A 18 -10.49 -5.38 -25.87
C VAL A 18 -9.94 -5.34 -24.43
N ALA A 19 -8.77 -4.68 -24.21
CA ALA A 19 -8.15 -4.56 -22.90
C ALA A 19 -9.00 -3.73 -21.92
N GLY A 20 -9.83 -2.85 -22.46
CA GLY A 20 -10.74 -2.02 -21.68
C GLY A 20 -11.78 -2.81 -20.90
N VAL A 21 -12.17 -4.02 -21.38
CA VAL A 21 -13.15 -4.87 -20.69
C VAL A 21 -12.44 -5.85 -19.73
N VAL A 22 -11.11 -6.01 -19.89
CA VAL A 22 -10.27 -6.88 -19.06
C VAL A 22 -10.00 -6.18 -17.73
N GLU A 23 -10.49 -6.80 -16.63
CA GLU A 23 -10.35 -6.23 -15.27
C GLU A 23 -9.83 -7.29 -14.30
N GLN A 26 -8.85 -9.62 -11.30
CA GLN A 26 -9.55 -10.80 -11.82
C GLN A 26 -9.40 -12.00 -10.90
N THR A 27 -10.49 -12.79 -10.75
CA THR A 27 -10.50 -14.00 -9.93
C THR A 27 -9.77 -15.13 -10.67
N LEU A 28 -10.32 -15.54 -11.83
CA LEU A 28 -9.76 -16.57 -12.71
C LEU A 28 -8.57 -15.93 -13.47
N PRO A 29 -7.37 -16.58 -13.51
CA PRO A 29 -6.20 -15.94 -14.17
C PRO A 29 -6.37 -15.65 -15.66
N VAL A 30 -7.07 -16.54 -16.39
CA VAL A 30 -7.32 -16.38 -17.84
C VAL A 30 -8.12 -15.10 -18.17
N LEU A 31 -8.93 -14.60 -17.21
CA LEU A 31 -9.74 -13.39 -17.34
C LEU A 31 -8.91 -12.12 -17.53
N SER A 32 -7.64 -12.15 -17.09
CA SER A 32 -6.69 -11.03 -17.24
C SER A 32 -6.04 -11.06 -18.65
N ASN A 33 -6.28 -12.16 -19.40
CA ASN A 33 -5.71 -12.38 -20.71
C ASN A 33 -6.61 -12.04 -21.88
N VAL A 34 -5.96 -11.69 -23.01
CA VAL A 34 -6.62 -11.47 -24.29
C VAL A 34 -6.49 -12.80 -25.08
N LEU A 35 -7.59 -13.27 -25.65
CA LEU A 35 -7.57 -14.45 -26.51
C LEU A 35 -7.16 -13.99 -27.92
N LEU A 36 -6.08 -14.55 -28.45
CA LEU A 36 -5.57 -14.28 -29.78
C LEU A 36 -5.89 -15.50 -30.67
N VAL A 37 -6.61 -15.30 -31.78
CA VAL A 37 -6.99 -16.39 -32.68
C VAL A 37 -6.62 -15.97 -34.12
N VAL A 38 -5.74 -16.77 -34.76
CA VAL A 38 -5.39 -16.56 -36.16
C VAL A 38 -6.12 -17.66 -36.97
N GLU A 39 -7.03 -17.26 -37.84
CA GLU A 39 -7.77 -18.15 -38.73
C GLU A 39 -7.64 -17.54 -40.13
N GLY A 40 -6.91 -18.21 -41.01
CA GLY A 40 -6.60 -17.70 -42.34
C GLY A 40 -5.79 -16.42 -42.21
N GLN A 41 -6.24 -15.36 -42.90
CA GLN A 41 -5.59 -14.04 -42.87
C GLN A 41 -6.30 -13.07 -41.91
N GLN A 42 -6.97 -13.62 -40.88
CA GLN A 42 -7.66 -12.82 -39.88
C GLN A 42 -7.19 -13.11 -38.47
N LEU A 43 -6.89 -12.04 -37.74
CA LEU A 43 -6.56 -12.08 -36.33
C LEU A 43 -7.78 -11.58 -35.56
N SER A 44 -8.23 -12.35 -34.58
CA SER A 44 -9.32 -11.98 -33.69
C SER A 44 -8.73 -11.82 -32.28
N LEU A 45 -9.14 -10.77 -31.58
CA LEU A 45 -8.70 -10.46 -30.21
C LEU A 45 -9.94 -10.42 -29.33
N THR A 46 -9.96 -11.23 -28.27
CA THR A 46 -11.13 -11.32 -27.39
C THR A 46 -10.76 -11.02 -25.93
N GLY A 47 -11.58 -10.18 -25.32
CA GLY A 47 -11.50 -9.81 -23.92
C GLY A 47 -12.86 -9.99 -23.28
N THR A 48 -12.88 -10.45 -22.02
CA THR A 48 -14.12 -10.69 -21.29
C THR A 48 -13.95 -10.51 -19.77
N ASP A 49 -15.07 -10.22 -19.08
CA ASP A 49 -15.14 -10.14 -17.61
C ASP A 49 -16.27 -11.09 -17.16
N LEU A 50 -16.73 -11.94 -18.11
CA LEU A 50 -17.83 -12.92 -17.99
C LEU A 50 -19.26 -12.31 -18.17
N GLU A 51 -19.39 -10.95 -17.99
N GLU A 51 -19.37 -10.98 -18.09
CA GLU A 51 -20.63 -10.14 -18.13
CA GLU A 51 -20.66 -10.30 -18.25
C GLU A 51 -20.71 -9.71 -19.60
C GLU A 51 -20.73 -9.73 -19.66
N VAL A 52 -19.62 -9.10 -20.09
CA VAL A 52 -19.45 -8.58 -21.43
C VAL A 52 -18.28 -9.29 -22.11
N GLU A 53 -18.37 -9.41 -23.43
CA GLU A 53 -17.31 -9.95 -24.27
C GLU A 53 -17.11 -9.00 -25.43
N LEU A 54 -15.85 -8.60 -25.64
CA LEU A 54 -15.50 -7.74 -26.75
C LEU A 54 -14.53 -8.44 -27.68
N VAL A 55 -14.84 -8.43 -28.98
CA VAL A 55 -14.04 -9.07 -30.02
C VAL A 55 -13.61 -8.02 -31.04
N GLY A 56 -12.30 -7.92 -31.27
CA GLY A 56 -11.71 -7.06 -32.29
C GLY A 56 -11.14 -7.92 -33.41
N ARG A 57 -11.26 -7.46 -34.66
CA ARG A 57 -10.77 -8.18 -35.83
C ARG A 57 -9.83 -7.34 -36.68
N VAL A 58 -8.75 -7.95 -37.16
CA VAL A 58 -7.74 -7.34 -38.03
C VAL A 58 -7.44 -8.28 -39.19
N VAL A 59 -7.32 -7.70 -40.40
CA VAL A 59 -6.93 -8.45 -41.59
C VAL A 59 -5.39 -8.46 -41.60
N LEU A 60 -4.80 -9.65 -41.72
CA LEU A 60 -3.35 -9.83 -41.75
C LEU A 60 -2.85 -9.79 -43.19
N GLU A 61 -1.87 -8.91 -43.48
CA GLU A 61 -1.31 -8.74 -44.82
C GLU A 61 -0.35 -9.85 -45.24
N ASP A 62 0.75 -10.03 -44.51
CA ASP A 62 1.75 -11.06 -44.82
C ASP A 62 1.25 -12.45 -44.38
N ALA A 63 1.86 -13.52 -44.91
CA ALA A 63 1.49 -14.92 -44.60
C ALA A 63 1.50 -15.18 -43.08
N ALA A 64 0.38 -15.74 -42.59
CA ALA A 64 0.17 -16.04 -41.18
C ALA A 64 -0.12 -17.53 -40.97
N GLU A 65 0.37 -18.07 -39.86
CA GLU A 65 0.14 -19.47 -39.49
C GLU A 65 -0.94 -19.53 -38.42
N PRO A 66 -1.96 -20.41 -38.60
CA PRO A 66 -3.09 -20.42 -37.66
C PRO A 66 -2.77 -20.94 -36.25
N GLY A 67 -3.66 -20.59 -35.34
CA GLY A 67 -3.57 -20.99 -33.95
C GLY A 67 -4.32 -20.09 -33.00
N GLU A 68 -4.30 -20.48 -31.73
CA GLU A 68 -4.94 -19.73 -30.66
C GLU A 68 -4.14 -19.82 -29.37
N ILE A 69 -4.15 -18.73 -28.64
CA ILE A 69 -3.44 -18.58 -27.37
C ILE A 69 -4.03 -17.40 -26.58
N THR A 70 -3.73 -17.35 -25.27
CA THR A 70 -4.14 -16.22 -24.43
C THR A 70 -2.88 -15.65 -23.83
N VAL A 71 -2.80 -14.32 -23.72
CA VAL A 71 -1.64 -13.59 -23.19
C VAL A 71 -2.10 -12.45 -22.28
N PRO A 72 -1.29 -12.00 -21.27
CA PRO A 72 -1.72 -10.85 -20.44
C PRO A 72 -2.06 -9.65 -21.31
N ALA A 73 -3.33 -9.23 -21.26
CA ALA A 73 -3.89 -8.18 -22.10
C ALA A 73 -3.22 -6.81 -21.89
N ARG A 74 -3.11 -6.35 -20.63
CA ARG A 74 -2.50 -5.05 -20.30
C ARG A 74 -1.02 -5.01 -20.69
N LYS A 75 -0.27 -6.10 -20.40
CA LYS A 75 1.14 -6.20 -20.79
C LYS A 75 1.35 -6.09 -22.31
N LEU A 76 0.57 -6.86 -23.10
CA LEU A 76 0.67 -6.80 -24.56
C LEU A 76 0.30 -5.42 -25.12
N MET A 77 -0.76 -4.81 -24.58
CA MET A 77 -1.17 -3.46 -24.97
C MET A 77 -0.07 -2.43 -24.66
N ASP A 78 0.52 -2.49 -23.44
CA ASP A 78 1.58 -1.58 -23.01
C ASP A 78 2.83 -1.71 -23.87
N ILE A 79 3.19 -2.96 -24.26
CA ILE A 79 4.32 -3.24 -25.15
C ILE A 79 4.02 -2.60 -26.52
N CYS A 80 2.82 -2.87 -27.07
CA CYS A 80 2.37 -2.33 -28.36
C CYS A 80 2.42 -0.79 -28.38
N LYS A 81 1.83 -0.13 -27.35
CA LYS A 81 1.83 1.32 -27.20
C LYS A 81 3.24 1.93 -27.12
N SER A 82 4.16 1.26 -26.40
CA SER A 82 5.54 1.71 -26.17
C SER A 82 6.48 1.51 -27.38
N LEU A 83 6.06 0.71 -28.36
CA LEU A 83 6.87 0.44 -29.54
C LEU A 83 6.94 1.67 -30.48
N PRO A 84 8.03 1.86 -31.29
CA PRO A 84 8.09 3.04 -32.19
C PRO A 84 6.94 3.04 -33.20
N ASN A 85 6.43 4.24 -33.52
CA ASN A 85 5.34 4.45 -34.48
C ASN A 85 5.61 3.74 -35.81
N ASP A 86 4.60 3.00 -36.29
CA ASP A 86 4.60 2.28 -37.57
C ASP A 86 5.52 1.06 -37.72
N VAL A 87 6.05 0.54 -36.60
CA VAL A 87 6.93 -0.64 -36.63
C VAL A 87 6.12 -1.92 -36.96
N LEU A 88 6.77 -2.87 -37.65
CA LEU A 88 6.18 -4.17 -37.96
C LEU A 88 6.49 -5.10 -36.78
N ILE A 89 5.44 -5.70 -36.20
CA ILE A 89 5.59 -6.59 -35.05
C ILE A 89 5.46 -8.05 -35.49
N ASP A 90 6.43 -8.87 -35.12
CA ASP A 90 6.41 -10.30 -35.39
C ASP A 90 5.98 -10.99 -34.11
N ILE A 91 4.87 -11.75 -34.17
CA ILE A 91 4.32 -12.46 -33.02
C ILE A 91 4.23 -13.96 -33.30
N ARG A 92 4.81 -14.78 -32.41
CA ARG A 92 4.73 -16.23 -32.53
C ARG A 92 4.63 -16.93 -31.18
N VAL A 93 4.05 -18.12 -31.16
CA VAL A 93 3.92 -18.96 -29.97
C VAL A 93 5.05 -19.99 -30.03
N GLU A 94 5.83 -20.08 -28.96
CA GLU A 94 6.95 -21.01 -28.87
C GLU A 94 7.06 -21.56 -27.47
N GLU A 95 6.80 -22.87 -27.29
CA GLU A 95 6.86 -23.59 -26.01
C GLU A 95 6.07 -22.90 -24.89
N GLN A 96 4.75 -22.65 -25.11
CA GLN A 96 3.85 -22.00 -24.15
C GLN A 96 4.24 -20.54 -23.79
N LYS A 97 4.99 -19.87 -24.68
CA LYS A 97 5.39 -18.48 -24.49
C LYS A 97 5.08 -17.69 -25.74
N LEU A 98 4.70 -16.42 -25.57
CA LEU A 98 4.47 -15.52 -26.70
C LEU A 98 5.74 -14.71 -26.97
N LEU A 99 6.28 -14.85 -28.19
CA LEU A 99 7.50 -14.19 -28.63
C LEU A 99 7.13 -13.00 -29.49
N VAL A 100 7.51 -11.80 -29.02
CA VAL A 100 7.22 -10.53 -29.69
C VAL A 100 8.54 -9.90 -30.13
N LYS A 101 8.66 -9.62 -31.44
CA LYS A 101 9.86 -8.99 -32.03
C LYS A 101 9.43 -7.77 -32.83
N ALA A 102 10.10 -6.63 -32.59
CA ALA A 102 9.81 -5.39 -33.31
C ALA A 102 11.08 -4.53 -33.28
N GLY A 103 11.70 -4.42 -34.45
CA GLY A 103 12.97 -3.73 -34.61
C GLY A 103 14.04 -4.40 -33.78
N ARG A 104 14.67 -3.62 -32.88
CA ARG A 104 15.71 -4.14 -32.00
C ARG A 104 15.16 -4.57 -30.61
N SER A 105 13.82 -4.61 -30.47
CA SER A 105 13.13 -5.01 -29.23
C SER A 105 12.61 -6.44 -29.30
N ARG A 106 12.79 -7.18 -28.20
CA ARG A 106 12.37 -8.56 -28.04
C ARG A 106 11.63 -8.69 -26.70
N PHE A 107 10.49 -9.38 -26.73
CA PHE A 107 9.67 -9.63 -25.55
C PHE A 107 9.21 -11.09 -25.52
N THR A 108 9.23 -11.68 -24.32
CA THR A 108 8.72 -13.01 -24.06
C THR A 108 7.64 -12.88 -23.00
N LEU A 109 6.40 -13.28 -23.35
CA LEU A 109 5.25 -13.23 -22.44
C LEU A 109 4.77 -14.62 -22.06
N SER A 110 4.29 -14.76 -20.82
CA SER A 110 3.71 -16.02 -20.33
C SER A 110 2.33 -16.18 -21.02
N THR A 111 1.87 -17.41 -21.17
CA THR A 111 0.58 -17.66 -21.81
C THR A 111 -0.30 -18.58 -20.97
N LEU A 112 -1.59 -18.63 -21.30
CA LEU A 112 -2.55 -19.58 -20.74
C LEU A 112 -3.29 -20.21 -21.93
N PRO A 113 -3.54 -21.54 -21.90
CA PRO A 113 -4.20 -22.20 -23.03
C PRO A 113 -5.52 -21.55 -23.45
N ALA A 114 -5.72 -21.44 -24.76
CA ALA A 114 -6.95 -20.89 -25.35
C ALA A 114 -8.20 -21.73 -25.01
N ASN A 115 -8.02 -23.05 -24.74
CA ASN A 115 -9.11 -23.94 -24.35
C ASN A 115 -9.72 -23.56 -22.97
N ASP A 116 -8.95 -22.81 -22.15
CA ASP A 116 -9.34 -22.32 -20.83
C ASP A 116 -10.06 -20.96 -20.88
N PHE A 117 -10.07 -20.32 -22.07
CA PHE A 117 -10.75 -19.03 -22.25
C PHE A 117 -12.28 -19.24 -22.33
N PRO A 118 -13.08 -18.50 -21.54
CA PRO A 118 -14.56 -18.67 -21.58
C PRO A 118 -15.24 -18.11 -22.82
N GLU A 122 -24.62 -16.93 -26.12
CA GLU A 122 -25.23 -16.60 -27.41
C GLU A 122 -25.63 -17.94 -28.08
N GLY A 123 -26.91 -18.26 -28.29
CA GLY A 123 -28.15 -17.53 -28.01
C GLY A 123 -28.92 -17.15 -29.26
N PRO A 124 -30.06 -17.81 -29.60
CA PRO A 124 -30.82 -17.39 -30.80
C PRO A 124 -31.41 -15.98 -30.67
N GLY A 125 -31.31 -15.22 -31.75
CA GLY A 125 -31.86 -13.87 -31.80
C GLY A 125 -33.35 -13.89 -31.96
N SER A 126 -34.04 -13.02 -31.22
CA SER A 126 -35.50 -12.87 -31.31
C SER A 126 -35.76 -11.72 -32.28
N LEU A 127 -34.86 -10.72 -32.27
CA LEU A 127 -34.96 -9.54 -33.13
C LEU A 127 -33.58 -9.09 -33.55
N ASN A 128 -33.45 -8.67 -34.79
CA ASN A 128 -32.18 -8.14 -35.31
C ASN A 128 -32.41 -7.02 -36.28
N PHE A 129 -31.70 -5.92 -36.08
CA PHE A 129 -31.85 -4.72 -36.90
C PHE A 129 -30.52 -3.95 -36.98
N SER A 130 -30.41 -3.06 -37.95
CA SER A 130 -29.24 -2.19 -38.14
C SER A 130 -29.67 -0.77 -37.78
N ILE A 131 -28.76 0.00 -37.17
CA ILE A 131 -29.03 1.37 -36.74
C ILE A 131 -27.73 2.22 -36.77
N ALA A 132 -27.87 3.54 -37.01
CA ALA A 132 -26.75 4.49 -36.95
C ALA A 132 -26.16 4.43 -35.53
N GLN A 133 -24.82 4.35 -35.41
CA GLN A 133 -24.11 4.30 -34.13
C GLN A 133 -24.44 5.52 -33.28
N SER A 134 -24.52 6.68 -33.94
CA SER A 134 -24.83 7.99 -33.40
C SER A 134 -26.21 8.01 -32.71
N LYS A 135 -27.22 7.36 -33.33
CA LYS A 135 -28.60 7.29 -32.80
C LYS A 135 -28.64 6.40 -31.55
N LEU A 136 -27.95 5.24 -31.59
CA LEU A 136 -27.91 4.35 -30.42
C LEU A 136 -27.15 4.99 -29.25
N ARG A 137 -25.99 5.64 -29.54
CA ARG A 137 -25.18 6.32 -28.54
C ARG A 137 -25.98 7.43 -27.85
N ARG A 138 -26.77 8.19 -28.64
CA ARG A 138 -27.64 9.27 -28.17
C ARG A 138 -28.63 8.72 -27.13
N LEU A 139 -29.29 7.57 -27.45
CA LEU A 139 -30.25 6.92 -26.54
C LEU A 139 -29.61 6.59 -25.18
N ILE A 140 -28.38 6.07 -25.20
CA ILE A 140 -27.63 5.71 -23.99
C ILE A 140 -27.18 6.97 -23.23
N ASP A 141 -26.48 7.89 -23.92
CA ASP A 141 -25.91 9.10 -23.30
C ASP A 141 -26.97 10.07 -22.77
N ARG A 142 -28.17 10.10 -23.38
CA ARG A 142 -29.22 10.99 -22.90
C ARG A 142 -29.89 10.45 -21.64
N THR A 143 -29.66 9.17 -21.30
CA THR A 143 -30.34 8.55 -20.16
C THR A 143 -29.50 7.87 -19.09
N SER A 144 -28.23 7.51 -19.40
CA SER A 144 -27.38 6.69 -18.53
C SER A 144 -27.19 7.15 -17.10
N PHE A 145 -27.19 8.46 -16.84
CA PHE A 145 -27.01 9.03 -15.49
C PHE A 145 -28.14 8.61 -14.52
N ALA A 146 -29.35 8.26 -15.07
CA ALA A 146 -30.50 7.93 -14.21
C ALA A 146 -30.52 6.49 -13.74
N MET A 147 -29.63 5.63 -14.28
CA MET A 147 -29.59 4.21 -13.87
C MET A 147 -29.21 4.13 -12.42
N ALA A 148 -29.72 3.12 -11.73
CA ALA A 148 -29.33 2.91 -10.35
C ALA A 148 -27.95 2.24 -10.39
N GLN A 149 -27.24 2.34 -9.28
CA GLN A 149 -25.95 1.73 -9.06
C GLN A 149 -26.07 0.97 -7.72
N GLN A 150 -25.90 -0.35 -7.79
CA GLN A 150 -25.96 -1.23 -6.61
C GLN A 150 -27.29 -1.18 -5.81
N ASP A 151 -28.42 -0.87 -6.47
CA ASP A 151 -29.73 -0.87 -5.81
C ASP A 151 -30.10 -2.33 -5.60
N VAL A 152 -30.76 -2.62 -4.47
CA VAL A 152 -31.22 -3.97 -4.14
C VAL A 152 -32.23 -4.50 -5.18
N ARG A 153 -32.97 -3.58 -5.85
CA ARG A 153 -33.86 -3.86 -6.97
C ARG A 153 -32.90 -3.91 -8.16
N TYR A 154 -32.30 -5.10 -8.37
CA TYR A 154 -31.25 -5.38 -9.38
C TYR A 154 -31.60 -4.98 -10.82
N TYR A 155 -32.89 -5.05 -11.18
CA TYR A 155 -33.40 -4.70 -12.52
C TYR A 155 -33.28 -3.21 -12.86
N LEU A 156 -32.97 -2.37 -11.84
CA LEU A 156 -32.77 -0.94 -11.99
C LEU A 156 -31.30 -0.61 -12.26
N ASN A 157 -30.38 -1.55 -11.97
CA ASN A 157 -28.93 -1.36 -12.18
C ASN A 157 -28.57 -1.64 -13.64
N GLY A 158 -29.25 -0.94 -14.53
CA GLY A 158 -29.08 -1.06 -15.96
C GLY A 158 -30.05 -0.21 -16.74
N MET A 159 -30.09 -0.44 -18.05
CA MET A 159 -30.90 0.32 -18.97
C MET A 159 -31.86 -0.53 -19.76
N LEU A 160 -33.12 -0.10 -19.78
CA LEU A 160 -34.14 -0.71 -20.61
C LEU A 160 -33.92 -0.23 -22.05
N LEU A 161 -33.90 -1.18 -22.99
CA LEU A 161 -33.90 -0.95 -24.43
C LEU A 161 -35.19 -1.59 -24.92
N GLU A 162 -36.07 -0.78 -25.49
CA GLU A 162 -37.39 -1.24 -25.90
C GLU A 162 -37.70 -0.93 -27.35
N VAL A 163 -38.19 -1.95 -28.07
CA VAL A 163 -38.64 -1.78 -29.45
C VAL A 163 -40.17 -1.89 -29.43
N ASN A 164 -40.86 -0.87 -29.93
CA ASN A 164 -42.32 -0.83 -29.92
C ASN A 164 -42.82 0.01 -31.09
N GLY A 165 -43.60 -0.61 -31.97
CA GLY A 165 -44.16 0.04 -33.16
C GLY A 165 -43.19 0.03 -34.31
N GLY A 166 -42.06 0.67 -34.07
CA GLY A 166 -40.90 0.81 -34.96
C GLY A 166 -39.88 1.68 -34.25
N THR A 167 -40.28 2.24 -33.09
CA THR A 167 -39.49 3.11 -32.23
C THR A 167 -38.54 2.29 -31.34
N LEU A 168 -37.32 2.81 -31.16
CA LEU A 168 -36.34 2.28 -30.24
C LEU A 168 -36.29 3.30 -29.11
N ARG A 169 -36.42 2.81 -27.87
CA ARG A 169 -36.48 3.64 -26.69
C ARG A 169 -35.58 3.12 -25.59
N SER A 170 -34.90 4.05 -24.90
CA SER A 170 -34.07 3.74 -23.74
C SER A 170 -34.78 4.32 -22.52
N VAL A 171 -34.78 3.56 -21.41
CA VAL A 171 -35.34 4.00 -20.13
C VAL A 171 -34.33 3.62 -19.02
N ALA A 172 -33.99 4.58 -18.15
CA ALA A 172 -33.14 4.42 -16.99
C ALA A 172 -33.79 5.07 -15.80
N THR A 173 -33.73 4.41 -14.63
CA THR A 173 -34.33 4.90 -13.39
C THR A 173 -33.67 4.30 -12.16
N ASP A 174 -33.70 5.05 -11.06
CA ASP A 174 -33.18 4.59 -9.77
C ASP A 174 -34.29 4.59 -8.68
N GLY A 175 -35.53 4.84 -9.11
CA GLY A 175 -36.69 4.91 -8.23
C GLY A 175 -37.03 6.32 -7.75
N HIS A 176 -36.08 7.26 -7.88
CA HIS A 176 -36.28 8.65 -7.50
C HIS A 176 -36.47 9.51 -8.76
N ARG A 177 -35.73 9.17 -9.81
CA ARG A 177 -35.74 9.90 -11.06
C ARG A 177 -35.66 8.97 -12.22
N LEU A 178 -36.09 9.42 -13.38
CA LEU A 178 -36.12 8.61 -14.58
C LEU A 178 -35.65 9.44 -15.77
N ALA A 179 -34.98 8.78 -16.72
CA ALA A 179 -34.58 9.38 -17.99
C ALA A 179 -35.05 8.45 -19.11
N MET A 180 -35.62 9.02 -20.16
CA MET A 180 -36.08 8.25 -21.32
C MET A 180 -35.82 9.00 -22.62
N CYS A 181 -35.46 8.26 -23.67
CA CYS A 181 -35.20 8.83 -24.98
C CYS A 181 -35.79 7.90 -26.04
N SER A 182 -36.55 8.46 -26.99
CA SER A 182 -37.21 7.69 -28.05
C SER A 182 -36.80 8.19 -29.42
N LEU A 183 -36.53 7.24 -30.34
CA LEU A 183 -36.15 7.55 -31.71
C LEU A 183 -36.91 6.64 -32.67
N ASP A 184 -37.56 7.20 -33.70
CA ASP A 184 -38.30 6.36 -34.64
C ASP A 184 -37.37 5.75 -35.69
N ALA A 185 -36.81 4.58 -35.35
CA ALA A 185 -35.84 3.83 -36.14
C ALA A 185 -36.46 2.91 -37.22
N GLN A 186 -37.81 2.82 -37.25
CA GLN A 186 -38.60 1.99 -38.18
C GLN A 186 -38.17 0.49 -38.17
N ILE A 187 -38.07 -0.09 -36.95
CA ILE A 187 -37.71 -1.49 -36.70
C ILE A 187 -39.01 -2.34 -36.67
N PRO A 188 -39.23 -3.28 -37.61
CA PRO A 188 -40.43 -4.13 -37.53
C PRO A 188 -40.29 -5.12 -36.36
N SER A 189 -41.32 -5.22 -35.51
CA SER A 189 -41.27 -6.10 -34.32
C SER A 189 -42.49 -6.99 -34.09
N GLN A 190 -43.67 -6.60 -34.60
CA GLN A 190 -44.95 -7.33 -34.43
C GLN A 190 -45.50 -7.32 -32.99
N ASP A 191 -44.63 -7.05 -31.99
CA ASP A 191 -44.94 -6.95 -30.55
C ASP A 191 -43.88 -6.14 -29.83
N ARG A 192 -44.23 -5.56 -28.66
CA ARG A 192 -43.31 -4.80 -27.84
C ARG A 192 -42.24 -5.74 -27.30
N HIS A 193 -40.96 -5.41 -27.55
CA HIS A 193 -39.83 -6.20 -27.08
C HIS A 193 -38.95 -5.35 -26.15
N GLN A 194 -38.67 -5.90 -24.95
CA GLN A 194 -37.84 -5.24 -23.94
C GLN A 194 -36.64 -6.08 -23.54
N VAL A 195 -35.50 -5.43 -23.33
CA VAL A 195 -34.27 -6.03 -22.78
C VAL A 195 -33.69 -5.07 -21.72
N ILE A 196 -33.11 -5.61 -20.65
CA ILE A 196 -32.42 -4.77 -19.65
C ILE A 196 -30.93 -5.06 -19.78
N VAL A 197 -30.16 -4.06 -20.20
CA VAL A 197 -28.72 -4.18 -20.34
C VAL A 197 -28.06 -3.73 -19.02
N PRO A 198 -27.20 -4.58 -18.39
CA PRO A 198 -26.53 -4.17 -17.13
C PRO A 198 -25.76 -2.86 -17.29
N ARG A 199 -25.75 -2.03 -16.23
CA ARG A 199 -25.10 -0.72 -16.24
C ARG A 199 -23.68 -0.68 -16.78
N LYS A 200 -22.81 -1.60 -16.34
CA LYS A 200 -21.42 -1.67 -16.79
C LYS A 200 -21.33 -1.92 -18.31
N GLY A 201 -22.14 -2.85 -18.81
CA GLY A 201 -22.22 -3.23 -20.23
C GLY A 201 -22.70 -2.10 -21.13
N ILE A 202 -23.82 -1.45 -20.76
CA ILE A 202 -24.37 -0.34 -21.54
C ILE A 202 -23.43 0.87 -21.62
N LEU A 203 -22.72 1.19 -20.51
CA LEU A 203 -21.76 2.29 -20.49
C LEU A 203 -20.55 2.00 -21.37
N GLU A 204 -20.11 0.73 -21.40
N GLU A 204 -20.11 0.73 -21.40
CA GLU A 204 -19.02 0.29 -22.24
CA GLU A 204 -19.00 0.29 -22.25
C GLU A 204 -19.45 0.42 -23.71
C GLU A 204 -19.44 0.40 -23.72
N LEU A 205 -20.65 -0.12 -24.05
CA LEU A 205 -21.20 -0.04 -25.41
C LEU A 205 -21.24 1.39 -25.94
N ALA A 206 -21.75 2.36 -25.13
CA ALA A 206 -21.83 3.77 -25.52
C ALA A 206 -20.47 4.35 -25.87
N ARG A 207 -19.44 4.00 -25.08
CA ARG A 207 -18.06 4.46 -25.29
C ARG A 207 -17.46 3.88 -26.57
N LEU A 208 -17.87 2.66 -26.95
CA LEU A 208 -17.43 1.99 -28.16
C LEU A 208 -18.06 2.56 -29.44
N LEU A 209 -19.26 3.19 -29.34
CA LEU A 209 -19.98 3.74 -30.49
C LEU A 209 -19.41 5.12 -30.92
N THR A 210 -18.15 5.12 -31.38
CA THR A 210 -17.38 6.31 -31.78
C THR A 210 -17.56 6.75 -33.24
N GLU A 211 -17.98 5.83 -34.14
CA GLU A 211 -18.17 6.16 -35.55
C GLU A 211 -19.41 7.05 -35.74
N GLN A 212 -19.15 8.37 -35.84
CA GLN A 212 -20.14 9.42 -36.07
C GLN A 212 -20.92 9.18 -37.36
N ASP A 213 -20.27 8.54 -38.36
CA ASP A 213 -20.83 8.19 -39.66
C ASP A 213 -21.34 6.73 -39.73
N GLY A 214 -20.78 5.86 -38.86
CA GLY A 214 -21.00 4.42 -38.86
C GLY A 214 -22.35 3.85 -38.49
N GLU A 215 -22.51 2.56 -38.81
CA GLU A 215 -23.70 1.75 -38.55
C GLU A 215 -23.36 0.63 -37.58
N VAL A 216 -24.35 0.16 -36.81
CA VAL A 216 -24.21 -0.96 -35.87
C VAL A 216 -25.35 -1.97 -36.07
N GLY A 217 -24.98 -3.24 -36.17
CA GLY A 217 -25.93 -4.33 -36.26
C GLY A 217 -26.27 -4.79 -34.85
N ILE A 218 -27.56 -4.81 -34.51
CA ILE A 218 -28.04 -5.21 -33.18
C ILE A 218 -28.79 -6.51 -33.24
N VAL A 219 -28.49 -7.41 -32.27
CA VAL A 219 -29.22 -8.66 -32.11
C VAL A 219 -29.74 -8.68 -30.67
N LEU A 220 -31.06 -8.81 -30.52
CA LEU A 220 -31.70 -8.95 -29.22
C LEU A 220 -32.07 -10.41 -29.06
N GLY A 221 -31.49 -11.05 -28.06
CA GLY A 221 -31.78 -12.43 -27.69
C GLY A 221 -32.51 -12.47 -26.37
N GLN A 222 -32.92 -13.66 -25.92
CA GLN A 222 -33.62 -13.83 -24.64
C GLN A 222 -32.73 -13.53 -23.43
N HIS A 223 -31.42 -13.81 -23.54
CA HIS A 223 -30.45 -13.59 -22.45
C HIS A 223 -29.22 -12.78 -22.85
N HIS A 224 -29.20 -12.24 -24.07
CA HIS A 224 -28.05 -11.46 -24.51
C HIS A 224 -28.42 -10.34 -25.46
N ILE A 225 -27.49 -9.40 -25.61
CA ILE A 225 -27.52 -8.33 -26.60
C ILE A 225 -26.18 -8.40 -27.35
N ARG A 226 -26.23 -8.27 -28.68
CA ARG A 226 -25.03 -8.25 -29.51
C ARG A 226 -25.02 -6.99 -30.38
N ALA A 227 -23.87 -6.29 -30.40
CA ALA A 227 -23.65 -5.10 -31.21
C ALA A 227 -22.41 -5.34 -32.07
N THR A 228 -22.57 -5.30 -33.41
CA THR A 228 -21.51 -5.54 -34.40
C THR A 228 -21.25 -4.31 -35.27
N THR A 229 -19.97 -3.90 -35.41
CA THR A 229 -19.58 -2.76 -36.26
C THR A 229 -18.57 -3.12 -37.37
N GLY A 230 -18.27 -4.40 -37.52
CA GLY A 230 -17.32 -4.83 -38.55
C GLY A 230 -15.89 -4.84 -38.05
N GLU A 231 -15.54 -3.87 -37.18
CA GLU A 231 -14.25 -3.78 -36.51
C GLU A 231 -14.35 -4.45 -35.13
N PHE A 232 -15.56 -4.47 -34.53
CA PHE A 232 -15.81 -5.11 -33.23
C PHE A 232 -17.16 -5.80 -33.08
N THR A 233 -17.21 -6.78 -32.19
CA THR A 233 -18.42 -7.50 -31.78
C THR A 233 -18.49 -7.38 -30.27
N PHE A 234 -19.55 -6.75 -29.79
CA PHE A 234 -19.80 -6.57 -28.37
C PHE A 234 -20.95 -7.50 -28.01
N THR A 235 -20.76 -8.29 -26.94
CA THR A 235 -21.82 -9.15 -26.42
C THR A 235 -21.94 -8.94 -24.93
N SER A 236 -23.17 -8.72 -24.47
CA SER A 236 -23.45 -8.57 -23.05
C SER A 236 -24.58 -9.52 -22.66
N LYS A 237 -24.49 -10.08 -21.45
CA LYS A 237 -25.58 -10.83 -20.85
C LYS A 237 -26.63 -9.76 -20.45
N LEU A 238 -27.90 -10.16 -20.33
CA LEU A 238 -28.96 -9.21 -19.95
C LEU A 238 -29.27 -9.37 -18.47
N VAL A 239 -29.94 -8.36 -17.89
CA VAL A 239 -30.42 -8.43 -16.50
C VAL A 239 -31.65 -9.31 -16.56
N ASP A 240 -31.60 -10.45 -15.88
CA ASP A 240 -32.69 -11.41 -15.87
C ASP A 240 -33.77 -10.98 -14.88
N GLY A 241 -34.63 -10.11 -15.37
CA GLY A 241 -35.75 -9.57 -14.60
C GLY A 241 -36.70 -8.77 -15.49
N LYS A 242 -37.79 -8.31 -14.88
CA LYS A 242 -38.80 -7.52 -15.55
C LYS A 242 -38.64 -6.06 -15.12
N PHE A 243 -38.50 -5.15 -16.12
CA PHE A 243 -38.38 -3.74 -15.85
C PHE A 243 -39.73 -3.21 -15.35
N PRO A 244 -39.77 -2.26 -14.40
CA PRO A 244 -41.07 -1.74 -13.94
C PRO A 244 -41.90 -1.07 -15.05
N ASP A 245 -43.21 -0.96 -14.82
CA ASP A 245 -44.15 -0.34 -15.73
C ASP A 245 -43.99 1.18 -15.64
N TYR A 246 -42.93 1.69 -16.28
CA TYR A 246 -42.53 3.11 -16.29
C TYR A 246 -43.64 4.02 -16.83
N GLU A 247 -44.45 3.53 -17.80
CA GLU A 247 -45.56 4.29 -18.39
C GLU A 247 -46.56 4.78 -17.34
N ARG A 248 -46.74 3.98 -16.26
CA ARG A 248 -47.62 4.33 -15.14
C ARG A 248 -47.11 5.46 -14.25
N VAL A 249 -45.78 5.71 -14.22
CA VAL A 249 -45.18 6.75 -13.39
C VAL A 249 -44.86 8.07 -14.11
N LEU A 250 -45.00 8.11 -15.45
CA LEU A 250 -44.76 9.33 -16.23
C LEU A 250 -45.86 10.36 -15.91
N PRO A 251 -45.48 11.61 -15.49
CA PRO A 251 -46.51 12.61 -15.15
C PRO A 251 -47.26 13.09 -16.38
N ARG A 252 -48.61 12.99 -16.35
CA ARG A 252 -49.43 13.30 -17.50
C ARG A 252 -50.10 14.67 -17.52
N GLY A 253 -50.72 15.06 -16.43
CA GLY A 253 -51.48 16.29 -16.47
C GLY A 253 -50.81 17.60 -16.14
N GLY A 254 -49.48 17.66 -16.21
CA GLY A 254 -48.71 18.86 -15.85
C GLY A 254 -49.26 20.18 -16.36
N ASP A 255 -49.79 20.99 -15.46
CA ASP A 255 -50.44 22.27 -15.77
C ASP A 255 -49.54 23.51 -15.73
N LYS A 256 -48.35 23.39 -15.12
CA LYS A 256 -47.44 24.51 -14.98
C LYS A 256 -46.26 24.40 -15.93
N LEU A 257 -46.29 25.17 -17.02
CA LEU A 257 -45.20 25.15 -18.00
C LEU A 257 -44.20 26.28 -17.76
N VAL A 258 -42.96 25.88 -17.47
CA VAL A 258 -41.87 26.81 -17.19
C VAL A 258 -40.86 26.68 -18.31
N VAL A 259 -40.49 27.81 -18.91
CA VAL A 259 -39.45 27.87 -19.94
C VAL A 259 -38.35 28.74 -19.36
N GLY A 260 -37.17 28.18 -19.22
CA GLY A 260 -36.03 28.89 -18.67
C GLY A 260 -34.80 28.69 -19.50
N ASP A 261 -33.77 29.52 -19.23
CA ASP A 261 -32.47 29.40 -19.88
C ASP A 261 -31.71 28.27 -19.18
N ARG A 262 -31.29 27.24 -19.93
CA ARG A 262 -30.57 26.08 -19.41
C ARG A 262 -29.32 26.47 -18.61
N GLN A 263 -28.47 27.36 -19.17
CA GLN A 263 -27.24 27.83 -18.53
C GLN A 263 -27.50 28.60 -17.25
N GLN A 264 -28.47 29.54 -17.26
CA GLN A 264 -28.83 30.33 -16.08
C GLN A 264 -29.33 29.42 -14.95
N LEU A 265 -30.19 28.44 -15.28
CA LEU A 265 -30.72 27.51 -14.29
C LEU A 265 -29.62 26.61 -13.73
N ARG A 266 -28.73 26.07 -14.62
CA ARG A 266 -27.63 25.24 -14.21
C ARG A 266 -26.67 26.01 -13.27
N GLU A 267 -26.34 27.27 -13.60
CA GLU A 267 -25.46 28.13 -12.80
C GLU A 267 -26.06 28.45 -11.42
N ALA A 268 -27.37 28.79 -11.37
CA ALA A 268 -28.08 29.08 -10.12
C ALA A 268 -28.21 27.82 -9.24
N PHE A 269 -28.51 26.64 -9.86
CA PHE A 269 -28.59 25.38 -9.12
C PHE A 269 -27.20 25.00 -8.58
N SER A 270 -26.13 25.18 -9.36
CA SER A 270 -24.74 24.92 -8.92
C SER A 270 -24.34 25.79 -7.73
N ARG A 271 -24.66 27.12 -7.78
CA ARG A 271 -24.34 28.07 -6.70
C ARG A 271 -25.04 27.69 -5.42
N THR A 272 -26.37 27.46 -5.47
CA THR A 272 -27.18 27.12 -4.29
C THR A 272 -26.80 25.76 -3.71
N ALA A 273 -26.44 24.78 -4.58
CA ALA A 273 -26.03 23.43 -4.18
C ALA A 273 -24.89 23.42 -3.16
N ILE A 274 -23.96 24.39 -3.25
CA ILE A 274 -22.81 24.56 -2.33
C ILE A 274 -23.28 24.59 -0.88
N LEU A 275 -24.40 25.26 -0.62
CA LEU A 275 -24.95 25.37 0.73
C LEU A 275 -26.13 24.44 1.05
N SER A 276 -26.35 23.43 0.20
CA SER A 276 -27.36 22.41 0.47
C SER A 276 -26.70 21.30 1.32
N ASN A 277 -27.51 20.49 2.00
CA ASN A 277 -27.06 19.35 2.81
C ASN A 277 -26.21 18.44 1.91
N GLU A 278 -24.99 18.08 2.36
CA GLU A 278 -24.05 17.26 1.61
C GLU A 278 -24.58 15.87 1.25
N LYS A 279 -25.44 15.31 2.13
CA LYS A 279 -26.05 13.99 1.94
C LYS A 279 -27.39 14.09 1.21
N TYR A 280 -28.31 14.91 1.69
CA TYR A 280 -29.67 15.00 1.14
C TYR A 280 -29.88 15.92 -0.06
N ARG A 281 -28.96 16.91 -0.24
CA ARG A 281 -28.91 17.80 -1.43
C ARG A 281 -30.22 18.54 -1.77
N GLY A 282 -31.03 18.79 -0.76
CA GLY A 282 -32.32 19.43 -0.92
C GLY A 282 -32.26 20.93 -1.14
N ILE A 283 -33.06 21.39 -2.10
CA ILE A 283 -33.24 22.80 -2.43
C ILE A 283 -34.74 23.06 -2.47
N ARG A 284 -35.13 24.30 -2.22
CA ARG A 284 -36.52 24.72 -2.27
C ARG A 284 -36.71 25.65 -3.45
N LEU A 285 -37.74 25.35 -4.24
CA LEU A 285 -38.13 26.14 -5.40
C LEU A 285 -39.42 26.90 -5.08
N GLN A 286 -39.46 28.18 -5.40
CA GLN A 286 -40.66 28.98 -5.26
C GLN A 286 -40.93 29.62 -6.60
N LEU A 287 -41.92 29.06 -7.30
CA LEU A 287 -42.32 29.48 -8.63
C LEU A 287 -43.50 30.45 -8.54
N SER A 288 -43.43 31.54 -9.31
CA SER A 288 -44.43 32.58 -9.44
C SER A 288 -44.26 33.21 -10.83
N ASN A 289 -45.18 34.12 -11.24
CA ASN A 289 -45.14 34.78 -12.55
C ASN A 289 -43.76 35.36 -12.90
N GLY A 290 -43.16 34.80 -13.96
CA GLY A 290 -41.86 35.18 -14.49
C GLY A 290 -40.67 34.99 -13.56
N LEU A 291 -40.85 34.29 -12.45
CA LEU A 291 -39.79 34.14 -11.46
C LEU A 291 -39.65 32.77 -10.79
N LEU A 292 -38.39 32.31 -10.64
CA LEU A 292 -38.06 31.11 -9.92
C LEU A 292 -37.07 31.47 -8.79
N LYS A 293 -37.54 31.36 -7.53
CA LYS A 293 -36.71 31.62 -6.35
C LYS A 293 -36.16 30.29 -5.89
N ILE A 294 -34.84 30.21 -5.70
CA ILE A 294 -34.15 28.99 -5.26
C ILE A 294 -33.50 29.22 -3.90
N GLN A 295 -33.75 28.31 -2.96
CA GLN A 295 -33.16 28.41 -1.62
C GLN A 295 -32.56 27.06 -1.22
N ALA A 296 -31.43 27.09 -0.52
CA ALA A 296 -30.74 25.92 0.01
C ALA A 296 -30.14 26.23 1.37
N ASN A 297 -30.24 25.27 2.29
CA ASN A 297 -29.62 25.39 3.62
C ASN A 297 -29.07 24.06 4.11
N ASN A 298 -28.10 24.11 5.03
CA ASN A 298 -27.43 22.93 5.53
C ASN A 298 -27.53 22.81 7.08
N PRO A 299 -27.05 21.72 7.73
CA PRO A 299 -27.16 21.62 9.19
C PRO A 299 -26.43 22.72 9.98
N GLU A 300 -25.36 23.33 9.40
CA GLU A 300 -24.57 24.41 10.02
C GLU A 300 -25.32 25.76 9.94
N GLN A 301 -26.57 25.76 9.41
CA GLN A 301 -27.43 26.91 9.23
C GLN A 301 -26.92 27.93 8.19
N GLU A 302 -26.07 27.48 7.26
CA GLU A 302 -25.57 28.27 6.15
C GLU A 302 -26.69 28.29 5.10
N GLU A 303 -26.90 29.41 4.40
CA GLU A 303 -28.00 29.53 3.46
C GLU A 303 -27.63 30.23 2.14
N ALA A 304 -28.14 29.68 1.01
CA ALA A 304 -27.95 30.22 -0.33
C ALA A 304 -29.31 30.54 -0.92
N GLU A 305 -29.42 31.70 -1.57
CA GLU A 305 -30.65 32.18 -2.21
C GLU A 305 -30.35 32.78 -3.57
N GLU A 306 -31.23 32.50 -4.54
CA GLU A 306 -31.11 33.03 -5.89
C GLU A 306 -32.46 33.18 -6.55
N GLU A 307 -32.59 34.19 -7.41
CA GLU A 307 -33.80 34.47 -8.15
C GLU A 307 -33.45 34.42 -9.63
N VAL A 308 -34.19 33.59 -10.38
CA VAL A 308 -33.97 33.38 -11.82
C VAL A 308 -35.24 33.77 -12.56
N GLN A 309 -35.08 34.63 -13.58
CA GLN A 309 -36.19 35.03 -14.44
C GLN A 309 -36.52 33.84 -15.36
N VAL A 310 -37.80 33.45 -15.41
CA VAL A 310 -38.26 32.34 -16.24
C VAL A 310 -39.53 32.77 -17.00
N GLU A 311 -39.88 32.02 -18.05
CA GLU A 311 -41.13 32.27 -18.79
C GLU A 311 -42.17 31.40 -18.08
N TYR A 312 -42.98 32.02 -17.25
CA TYR A 312 -44.04 31.35 -16.50
C TYR A 312 -45.19 32.29 -16.15
N ASN A 313 -46.41 31.85 -16.44
CA ASN A 313 -47.65 32.54 -16.13
C ASN A 313 -48.60 31.50 -15.55
N GLY A 314 -48.94 31.65 -14.28
CA GLY A 314 -49.82 30.74 -13.58
C GLY A 314 -49.75 30.88 -12.08
N GLY A 315 -50.34 29.92 -11.39
CA GLY A 315 -50.38 29.88 -9.93
C GLY A 315 -49.04 29.59 -9.32
N ASN A 316 -48.87 30.00 -8.06
CA ASN A 316 -47.64 29.79 -7.32
C ASN A 316 -47.41 28.33 -6.99
N LEU A 317 -46.14 27.95 -6.84
CA LEU A 317 -45.74 26.61 -6.46
C LEU A 317 -44.47 26.62 -5.62
N GLU A 318 -44.54 25.98 -4.45
CA GLU A 318 -43.41 25.77 -3.57
C GLU A 318 -43.12 24.27 -3.66
N ILE A 319 -41.92 23.88 -4.10
CA ILE A 319 -41.56 22.47 -4.29
C ILE A 319 -40.08 22.20 -3.94
N GLY A 320 -39.83 21.06 -3.33
CA GLY A 320 -38.49 20.63 -2.94
C GLY A 320 -37.90 19.62 -3.90
N PHE A 321 -36.60 19.72 -4.18
CA PHE A 321 -35.91 18.80 -5.09
C PHE A 321 -34.49 18.55 -4.66
N ASN A 322 -33.98 17.39 -5.05
CA ASN A 322 -32.59 17.06 -4.88
C ASN A 322 -31.90 17.81 -6.05
N VAL A 323 -31.00 18.77 -5.72
CA VAL A 323 -30.31 19.63 -6.69
C VAL A 323 -29.38 18.85 -7.66
N SER A 324 -28.74 17.77 -7.19
CA SER A 324 -27.90 16.90 -8.03
C SER A 324 -28.77 16.25 -9.13
N TYR A 325 -30.03 15.85 -8.81
CA TYR A 325 -30.94 15.25 -9.79
C TYR A 325 -31.30 16.27 -10.87
N LEU A 326 -31.47 17.56 -10.49
CA LEU A 326 -31.81 18.62 -11.44
C LEU A 326 -30.60 18.95 -12.32
N LEU A 327 -29.40 19.02 -11.71
CA LEU A 327 -28.15 19.28 -12.42
C LEU A 327 -27.84 18.17 -13.44
N ASP A 328 -28.14 16.93 -13.07
CA ASP A 328 -27.96 15.76 -13.95
C ASP A 328 -28.78 15.90 -15.22
N VAL A 329 -30.05 16.33 -15.07
CA VAL A 329 -30.97 16.54 -16.19
C VAL A 329 -30.47 17.69 -17.09
N LEU A 330 -30.12 18.84 -16.47
CA LEU A 330 -29.66 20.01 -17.22
C LEU A 330 -28.39 19.73 -18.03
N GLY A 331 -27.54 18.83 -17.52
CA GLY A 331 -26.29 18.40 -18.14
C GLY A 331 -26.49 17.62 -19.43
N VAL A 332 -27.70 17.08 -19.68
CA VAL A 332 -28.02 16.33 -20.91
C VAL A 332 -28.96 17.07 -21.87
N ILE A 333 -29.50 18.24 -21.45
CA ILE A 333 -30.37 19.08 -22.29
C ILE A 333 -29.46 19.79 -23.34
N GLY A 334 -29.68 19.49 -24.61
CA GLY A 334 -28.88 20.03 -25.72
C GLY A 334 -29.32 21.41 -26.22
N THR A 335 -30.53 21.86 -25.84
CA THR A 335 -31.06 23.15 -26.27
C THR A 335 -30.73 24.27 -25.28
N GLU A 336 -30.73 25.52 -25.78
CA GLU A 336 -30.47 26.76 -25.04
C GLU A 336 -31.54 26.98 -23.97
N GLN A 337 -32.79 26.64 -24.32
CA GLN A 337 -33.92 26.72 -23.42
C GLN A 337 -34.30 25.32 -22.93
N VAL A 338 -34.89 25.28 -21.74
CA VAL A 338 -35.34 24.04 -21.12
C VAL A 338 -36.78 24.22 -20.62
N ARG A 339 -37.59 23.18 -20.83
CA ARG A 339 -38.98 23.16 -20.39
C ARG A 339 -39.13 22.30 -19.15
N PHE A 340 -39.76 22.86 -18.12
CA PHE A 340 -40.11 22.17 -16.88
C PHE A 340 -41.63 22.15 -16.86
N ILE A 341 -42.22 20.97 -16.66
CA ILE A 341 -43.67 20.82 -16.59
C ILE A 341 -43.98 20.27 -15.21
N LEU A 342 -44.64 21.08 -14.41
CA LEU A 342 -44.94 20.75 -13.02
C LEU A 342 -46.44 20.79 -12.78
N SER A 343 -46.86 20.30 -11.60
CA SER A 343 -48.24 20.31 -11.17
C SER A 343 -48.32 20.80 -9.71
N ASP A 344 -48.13 19.90 -8.72
CA ASP A 344 -48.17 20.25 -7.30
C ASP A 344 -46.87 19.85 -6.59
N SER A 345 -46.75 20.21 -5.29
CA SER A 345 -45.57 19.98 -4.46
C SER A 345 -45.23 18.50 -4.19
N ASN A 346 -46.20 17.62 -4.37
CA ASN A 346 -46.03 16.18 -4.13
C ASN A 346 -45.80 15.37 -5.42
N SER A 347 -45.89 16.04 -6.58
CA SER A 347 -45.75 15.41 -7.87
C SER A 347 -44.45 15.72 -8.58
N SER A 348 -44.08 14.79 -9.46
CA SER A 348 -42.86 14.82 -10.27
CA SER A 348 -42.83 14.87 -10.21
C SER A 348 -42.76 16.03 -11.20
N ALA A 349 -41.53 16.43 -11.54
CA ALA A 349 -41.24 17.45 -12.52
C ALA A 349 -40.99 16.65 -13.80
N LEU A 350 -41.49 17.16 -14.93
CA LEU A 350 -41.26 16.58 -16.23
C LEU A 350 -40.37 17.59 -16.96
N VAL A 351 -39.26 17.12 -17.51
CA VAL A 351 -38.30 17.99 -18.17
C VAL A 351 -38.07 17.55 -19.61
N HIS A 352 -38.01 18.53 -20.52
CA HIS A 352 -37.79 18.30 -21.94
C HIS A 352 -36.86 19.37 -22.50
N GLU A 353 -36.33 19.11 -23.71
CA GLU A 353 -35.58 20.09 -24.49
C GLU A 353 -36.62 21.10 -24.98
N ALA A 354 -36.19 22.29 -25.41
CA ALA A 354 -37.10 23.35 -25.88
C ALA A 354 -37.97 23.00 -27.08
N ASP A 355 -37.39 22.31 -28.09
CA ASP A 355 -38.05 22.05 -29.37
C ASP A 355 -38.59 20.66 -29.67
N ASN A 356 -38.45 19.70 -28.74
CA ASN A 356 -38.94 18.33 -28.98
C ASN A 356 -39.25 17.58 -27.70
N ASP A 357 -40.04 16.50 -27.81
CA ASP A 357 -40.44 15.61 -26.71
C ASP A 357 -39.71 14.25 -26.75
N ASP A 358 -38.71 14.08 -27.64
CA ASP A 358 -37.96 12.81 -27.82
C ASP A 358 -37.28 12.35 -26.52
N SER A 359 -36.74 13.31 -25.75
CA SER A 359 -36.14 13.06 -24.44
C SER A 359 -37.15 13.55 -23.38
N ALA A 360 -37.29 12.76 -22.30
CA ALA A 360 -38.17 13.10 -21.18
C ALA A 360 -37.49 12.68 -19.88
N TYR A 361 -37.49 13.59 -18.92
CA TYR A 361 -36.85 13.40 -17.64
C TYR A 361 -37.86 13.63 -16.54
N VAL A 362 -37.94 12.68 -15.64
CA VAL A 362 -38.88 12.71 -14.52
C VAL A 362 -38.09 12.77 -13.21
N VAL A 363 -38.40 13.75 -12.36
CA VAL A 363 -37.74 13.86 -11.07
C VAL A 363 -38.81 13.93 -9.98
N MET A 364 -38.84 12.94 -9.07
CA MET A 364 -39.76 12.99 -7.93
C MET A 364 -39.27 14.06 -6.97
N PRO A 365 -40.19 14.87 -6.38
CA PRO A 365 -39.75 15.90 -5.44
C PRO A 365 -39.37 15.35 -4.07
N MET A 366 -38.96 16.26 -3.17
CA MET A 366 -38.63 15.98 -1.78
C MET A 366 -39.69 16.71 -0.94
N ARG A 367 -40.06 16.12 0.22
CA ARG A 367 -40.98 16.81 1.10
C ARG A 367 -40.22 17.91 1.82
N LEU A 368 -40.82 19.12 1.80
CA LEU A 368 -40.27 20.34 2.41
C LEU A 368 -40.60 20.38 3.90
N GLN B 2 -37.00 12.77 0.21
CA GLN B 2 -37.11 12.22 -1.16
C GLN B 2 -38.26 11.25 -1.35
N ASP B 4 -40.64 8.56 -3.84
CA ASP B 4 -40.37 7.47 -4.77
C ASP B 4 -41.32 7.45 -5.95
N LEU B 5 -40.80 7.02 -7.11
CA LEU B 5 -41.58 6.87 -8.33
C LEU B 5 -42.59 5.75 -8.20
N HIS C 1 -17.79 43.89 12.16
CA HIS C 1 -18.11 45.10 11.40
C HIS C 1 -17.41 45.22 10.03
N MET C 2 -16.53 44.25 9.73
CA MET C 2 -15.78 44.10 8.49
C MET C 2 -16.76 44.09 7.28
N HIS C 3 -16.46 44.89 6.25
CA HIS C 3 -17.27 45.01 5.05
C HIS C 3 -16.46 45.54 3.89
N PHE C 4 -16.63 44.93 2.71
CA PHE C 4 -15.93 45.33 1.48
C PHE C 4 -16.67 44.82 0.23
N THR C 5 -16.36 45.44 -0.92
CA THR C 5 -16.83 45.06 -2.24
C THR C 5 -15.61 44.66 -3.07
N ILE C 6 -15.76 43.67 -3.94
CA ILE C 6 -14.68 43.13 -4.77
C ILE C 6 -15.24 42.46 -6.03
N GLN C 7 -14.52 42.58 -7.16
CA GLN C 7 -14.89 41.91 -8.41
C GLN C 7 -14.58 40.44 -8.25
N ARG C 8 -15.43 39.57 -8.84
CA ARG C 8 -15.29 38.10 -8.80
C ARG C 8 -13.85 37.62 -9.04
N GLU C 9 -13.24 38.06 -10.15
CA GLU C 9 -11.89 37.66 -10.57
C GLU C 9 -10.80 38.14 -9.64
N ALA C 10 -10.97 39.36 -9.06
CA ALA C 10 -10.00 39.94 -8.12
C ALA C 10 -9.93 39.13 -6.83
N LEU C 11 -11.09 38.59 -6.37
CA LEU C 11 -11.18 37.76 -5.17
C LEU C 11 -10.73 36.35 -5.48
N LEU C 12 -11.18 35.80 -6.62
CA LEU C 12 -10.87 34.43 -7.04
C LEU C 12 -9.37 34.11 -7.13
N LYS C 13 -8.56 34.99 -7.75
CA LYS C 13 -7.12 34.76 -7.90
C LYS C 13 -6.40 34.45 -6.57
N PRO C 14 -6.38 35.36 -5.54
CA PRO C 14 -5.72 35.01 -4.27
C PRO C 14 -6.45 33.90 -3.49
N LEU C 15 -7.80 33.83 -3.59
CA LEU C 15 -8.59 32.81 -2.91
C LEU C 15 -8.20 31.41 -3.39
N GLN C 16 -8.03 31.22 -4.71
CA GLN C 16 -7.63 29.92 -5.28
C GLN C 16 -6.20 29.54 -4.84
N LEU C 17 -5.28 30.52 -4.80
CA LEU C 17 -3.90 30.26 -4.37
C LEU C 17 -3.85 29.79 -2.91
N VAL C 18 -4.48 30.57 -2.03
CA VAL C 18 -4.58 30.34 -0.59
C VAL C 18 -5.32 29.05 -0.23
N ALA C 19 -6.44 28.74 -0.94
CA ALA C 19 -7.23 27.53 -0.70
C ALA C 19 -6.44 26.25 -1.06
N GLY C 20 -5.43 26.39 -1.93
CA GLY C 20 -4.54 25.29 -2.33
C GLY C 20 -3.72 24.71 -1.19
N VAL C 21 -3.43 25.52 -0.16
CA VAL C 21 -2.67 25.04 1.00
C VAL C 21 -3.62 24.53 2.12
N VAL C 22 -4.92 24.89 2.02
CA VAL C 22 -5.99 24.51 2.97
C VAL C 22 -6.36 23.05 2.71
N GLU C 23 -6.12 22.18 3.70
CA GLU C 23 -6.39 20.73 3.60
C GLU C 23 -7.12 20.23 4.83
N GLN C 26 -8.69 18.27 7.85
CA GLN C 26 -8.03 19.10 8.87
C GLN C 26 -8.40 18.64 10.29
N THR C 27 -7.42 18.70 11.21
CA THR C 27 -7.58 18.34 12.62
C THR C 27 -8.35 19.46 13.33
N LEU C 28 -7.72 20.65 13.42
CA LEU C 28 -8.28 21.86 14.02
C LEU C 28 -9.28 22.45 13.01
N PRO C 29 -10.52 22.81 13.42
CA PRO C 29 -11.52 23.33 12.46
C PRO C 29 -11.14 24.62 11.73
N VAL C 30 -10.42 25.53 12.42
CA VAL C 30 -9.99 26.82 11.87
C VAL C 30 -9.04 26.66 10.66
N LEU C 31 -8.29 25.53 10.61
CA LEU C 31 -7.36 25.16 9.55
C LEU C 31 -8.03 25.00 8.19
N SER C 32 -9.36 24.70 8.17
CA SER C 32 -10.17 24.55 6.96
C SER C 32 -10.63 25.92 6.45
N ASN C 33 -10.40 26.98 7.26
CA ASN C 33 -10.82 28.34 6.97
C ASN C 33 -9.74 29.25 6.40
N VAL C 34 -10.20 30.26 5.64
CA VAL C 34 -9.34 31.31 5.10
C VAL C 34 -9.47 32.50 6.05
N LEU C 35 -8.34 33.07 6.44
CA LEU C 35 -8.35 34.28 7.28
C LEU C 35 -8.51 35.48 6.34
N LEU C 36 -9.55 36.28 6.55
CA LEU C 36 -9.85 37.49 5.79
C LEU C 36 -9.54 38.67 6.70
N VAL C 37 -8.66 39.58 6.26
CA VAL C 37 -8.26 40.76 7.04
C VAL C 37 -8.38 41.99 6.16
N VAL C 38 -9.25 42.94 6.59
CA VAL C 38 -9.39 44.22 5.91
C VAL C 38 -8.69 45.28 6.79
N GLU C 39 -7.62 45.89 6.25
CA GLU C 39 -6.89 46.96 6.92
C GLU C 39 -6.75 48.06 5.87
N GLY C 40 -7.42 49.19 6.12
CA GLY C 40 -7.49 50.30 5.18
C GLY C 40 -8.15 49.83 3.90
N GLN C 41 -7.50 50.09 2.74
CA GLN C 41 -7.99 49.68 1.43
C GLN C 41 -7.34 48.39 0.92
N GLN C 42 -6.91 47.52 1.86
CA GLN C 42 -6.28 46.25 1.53
C GLN C 42 -6.98 45.07 2.18
N LEU C 43 -7.26 44.05 1.35
CA LEU C 43 -7.77 42.77 1.79
C LEU C 43 -6.61 41.77 1.72
N SER C 44 -6.38 41.05 2.82
CA SER C 44 -5.39 39.99 2.87
C SER C 44 -6.15 38.68 3.10
N LEU C 45 -5.75 37.63 2.37
CA LEU C 45 -6.32 36.30 2.47
C LEU C 45 -5.22 35.34 2.90
N THR C 46 -5.43 34.64 4.03
CA THR C 46 -4.42 33.72 4.55
C THR C 46 -4.94 32.30 4.71
N GLY C 47 -4.15 31.35 4.21
CA GLY C 47 -4.38 29.93 4.31
C GLY C 47 -3.16 29.26 4.90
N THR C 48 -3.36 28.23 5.72
CA THR C 48 -2.27 27.49 6.38
C THR C 48 -2.63 26.04 6.67
N ASP C 49 -1.60 25.17 6.80
CA ASP C 49 -1.73 23.79 7.22
C ASP C 49 -0.77 23.58 8.41
N LEU C 50 -0.29 24.73 9.00
CA LEU C 50 0.68 24.89 10.10
C LEU C 50 2.15 24.72 9.70
N GLU C 51 2.41 24.13 8.54
CA GLU C 51 3.77 23.94 8.02
C GLU C 51 4.07 25.07 7.05
N VAL C 52 3.12 25.32 6.13
CA VAL C 52 3.18 26.39 5.15
C VAL C 52 2.05 27.38 5.38
N GLU C 53 2.31 28.64 5.08
CA GLU C 53 1.34 29.71 5.17
C GLU C 53 1.41 30.50 3.87
N LEU C 54 0.27 30.70 3.25
CA LEU C 54 0.17 31.47 2.02
C LEU C 54 -0.72 32.67 2.23
N VAL C 55 -0.23 33.85 1.84
CA VAL C 55 -0.95 35.12 1.96
C VAL C 55 -1.11 35.76 0.58
N GLY C 56 -2.34 36.09 0.24
CA GLY C 56 -2.71 36.81 -0.98
C GLY C 56 -3.22 38.18 -0.62
N ARG C 57 -2.90 39.18 -1.44
CA ARG C 57 -3.31 40.56 -1.19
C ARG C 57 -4.02 41.18 -2.38
N VAL C 58 -5.09 41.95 -2.08
CA VAL C 58 -5.92 42.66 -3.06
C VAL C 58 -6.15 44.09 -2.58
N VAL C 59 -6.02 45.06 -3.51
CA VAL C 59 -6.29 46.46 -3.23
C VAL C 59 -7.80 46.65 -3.44
N LEU C 60 -8.51 47.19 -2.44
CA LEU C 60 -9.94 47.42 -2.50
C LEU C 60 -10.24 48.82 -3.05
N GLU C 61 -11.06 48.89 -4.12
CA GLU C 61 -11.45 50.13 -4.81
C GLU C 61 -12.44 50.99 -4.01
N ASP C 62 -13.65 50.47 -3.74
CA ASP C 62 -14.69 51.18 -3.00
C ASP C 62 -14.39 51.18 -1.49
N ALA C 63 -15.03 52.09 -0.73
CA ALA C 63 -14.86 52.21 0.73
C ALA C 63 -15.07 50.88 1.45
N ALA C 64 -14.11 50.51 2.30
CA ALA C 64 -14.12 49.26 3.06
C ALA C 64 -14.00 49.50 4.54
N GLU C 65 -14.73 48.72 5.34
CA GLU C 65 -14.70 48.81 6.80
C GLU C 65 -13.77 47.72 7.37
N PRO C 66 -12.86 48.09 8.30
CA PRO C 66 -11.87 47.10 8.76
C PRO C 66 -12.41 45.99 9.65
N GLY C 67 -11.60 44.94 9.75
CA GLY C 67 -11.91 43.77 10.55
C GLY C 67 -11.21 42.52 10.08
N GLU C 68 -11.44 41.45 10.82
CA GLU C 68 -10.89 40.14 10.56
C GLU C 68 -11.85 39.04 10.96
N ILE C 69 -11.85 37.99 10.15
CA ILE C 69 -12.71 36.82 10.31
C ILE C 69 -12.14 35.64 9.54
N THR C 70 -12.58 34.43 9.90
CA THR C 70 -12.21 33.23 9.16
C THR C 70 -13.49 32.59 8.65
N VAL C 71 -13.47 32.06 7.42
CA VAL C 71 -14.61 31.44 6.75
C VAL C 71 -14.17 30.16 6.02
N PRO C 72 -15.07 29.15 5.81
CA PRO C 72 -14.65 27.94 5.08
C PRO C 72 -14.06 28.32 3.72
N ALA C 73 -12.76 28.02 3.52
CA ALA C 73 -12.00 28.38 2.32
C ALA C 73 -12.54 27.78 1.02
N ARG C 74 -12.79 26.45 0.99
CA ARG C 74 -13.33 25.76 -0.18
C ARG C 74 -14.75 26.26 -0.55
N LYS C 75 -15.63 26.44 0.46
CA LYS C 75 -16.98 26.96 0.23
C LYS C 75 -16.97 28.37 -0.39
N LEU C 76 -16.17 29.31 0.18
CA LEU C 76 -16.06 30.66 -0.37
C LEU C 76 -15.49 30.65 -1.79
N MET C 77 -14.46 29.84 -2.04
CA MET C 77 -13.85 29.70 -3.37
C MET C 77 -14.87 29.15 -4.38
N ASP C 78 -15.63 28.08 -4.01
CA ASP C 78 -16.66 27.48 -4.85
C ASP C 78 -17.79 28.44 -5.19
N ILE C 79 -18.23 29.25 -4.20
CA ILE C 79 -19.24 30.28 -4.41
C ILE C 79 -18.68 31.33 -5.41
N CYS C 80 -17.44 31.82 -5.16
CA CYS C 80 -16.74 32.80 -6.02
C CYS C 80 -16.62 32.29 -7.47
N LYS C 81 -16.13 31.04 -7.65
CA LYS C 81 -15.99 30.40 -8.97
C LYS C 81 -17.34 30.25 -9.71
N SER C 82 -18.41 29.90 -8.98
CA SER C 82 -19.75 29.68 -9.53
C SER C 82 -20.50 30.96 -9.89
N LEU C 83 -20.04 32.13 -9.38
CA LEU C 83 -20.70 33.40 -9.67
C LEU C 83 -20.49 33.84 -11.13
N PRO C 84 -21.42 34.62 -11.74
CA PRO C 84 -21.22 35.05 -13.13
C PRO C 84 -19.95 35.90 -13.30
N ASN C 85 -19.27 35.73 -14.46
CA ASN C 85 -18.03 36.45 -14.78
C ASN C 85 -18.19 37.95 -14.59
N ASP C 86 -17.21 38.57 -13.90
CA ASP C 86 -17.12 40.01 -13.65
C ASP C 86 -18.13 40.63 -12.67
N VAL C 87 -18.88 39.82 -11.90
CA VAL C 87 -19.84 40.32 -10.91
C VAL C 87 -19.16 41.02 -9.71
N LEU C 88 -19.81 42.06 -9.15
CA LEU C 88 -19.31 42.74 -7.97
C LEU C 88 -19.85 42.00 -6.75
N ILE C 89 -18.98 41.56 -5.85
CA ILE C 89 -19.37 40.82 -4.64
C ILE C 89 -19.31 41.73 -3.41
N ASP C 90 -20.41 41.77 -2.64
CA ASP C 90 -20.47 42.51 -1.38
C ASP C 90 -20.31 41.51 -0.25
N ILE C 91 -19.30 41.73 0.60
CA ILE C 91 -18.97 40.83 1.71
C ILE C 91 -19.00 41.57 3.04
N ARG C 92 -19.79 41.07 4.01
CA ARG C 92 -19.83 41.67 5.35
C ARG C 92 -20.00 40.65 6.46
N VAL C 93 -19.53 41.00 7.68
CA VAL C 93 -19.65 40.14 8.86
C VAL C 93 -20.84 40.66 9.65
N GLU C 94 -21.79 39.77 9.95
CA GLU C 94 -22.99 40.13 10.71
C GLU C 94 -23.35 38.99 11.66
N GLU C 95 -23.20 39.25 12.98
CA GLU C 95 -23.48 38.32 14.08
C GLU C 95 -22.83 36.95 13.88
N GLN C 96 -21.48 36.92 13.76
CA GLN C 96 -20.67 35.72 13.57
C GLN C 96 -20.96 34.92 12.27
N LYS C 97 -21.53 35.60 11.26
CA LYS C 97 -21.83 34.99 9.96
C LYS C 97 -21.29 35.86 8.84
N LEU C 98 -20.81 35.23 7.76
CA LEU C 98 -20.35 35.98 6.60
C LEU C 98 -21.48 36.08 5.59
N LEU C 99 -21.85 37.33 5.25
CA LEU C 99 -22.93 37.63 4.31
C LEU C 99 -22.32 37.99 2.98
N VAL C 100 -22.65 37.19 1.94
CA VAL C 100 -22.14 37.36 0.58
C VAL C 100 -23.31 37.71 -0.34
N LYS C 101 -23.20 38.84 -1.06
CA LYS C 101 -24.23 39.31 -1.99
C LYS C 101 -23.57 39.58 -3.35
N ALA C 102 -24.17 39.07 -4.44
CA ALA C 102 -23.67 39.27 -5.80
C ALA C 102 -24.82 39.12 -6.76
N GLY C 103 -25.25 40.24 -7.34
CA GLY C 103 -26.41 40.30 -8.22
C GLY C 103 -27.66 39.85 -7.49
N ARG C 104 -28.30 38.80 -8.04
CA ARG C 104 -29.52 38.20 -7.46
C ARG C 104 -29.20 37.00 -6.53
N SER C 105 -27.90 36.78 -6.22
CA SER C 105 -27.46 35.70 -5.35
C SER C 105 -27.10 36.20 -3.94
N ARG C 106 -27.50 35.45 -2.92
CA ARG C 106 -27.24 35.73 -1.50
C ARG C 106 -26.74 34.45 -0.84
N PHE C 107 -25.69 34.58 -0.02
CA PHE C 107 -25.09 33.47 0.71
C PHE C 107 -24.78 33.87 2.15
N THR C 108 -25.00 32.94 3.09
CA THR C 108 -24.66 33.09 4.50
C THR C 108 -23.72 31.96 4.88
N LEU C 109 -22.49 32.29 5.31
CA LEU C 109 -21.50 31.30 5.70
C LEU C 109 -21.22 31.36 7.20
N SER C 110 -20.93 30.18 7.80
CA SER C 110 -20.55 30.10 9.20
C SER C 110 -19.10 30.65 9.33
N THR C 111 -18.74 31.17 10.51
CA THR C 111 -17.39 31.71 10.70
C THR C 111 -16.72 31.13 11.96
N LEU C 112 -15.41 31.34 12.09
CA LEU C 112 -14.63 31.03 13.28
C LEU C 112 -13.79 32.27 13.59
N PRO C 113 -13.66 32.66 14.89
CA PRO C 113 -12.91 33.89 15.23
C PRO C 113 -11.50 33.94 14.67
N ALA C 114 -11.10 35.13 14.17
CA ALA C 114 -9.78 35.38 13.62
C ALA C 114 -8.67 35.24 14.68
N ASN C 115 -9.00 35.47 15.97
CA ASN C 115 -8.03 35.32 17.07
C ASN C 115 -7.60 33.85 17.27
N ASP C 116 -8.39 32.89 16.74
CA ASP C 116 -8.13 31.43 16.78
C ASP C 116 -7.30 30.95 15.59
N PHE C 117 -7.07 31.84 14.59
CA PHE C 117 -6.26 31.51 13.41
C PHE C 117 -4.76 31.53 13.79
N PRO C 118 -4.01 30.44 13.46
CA PRO C 118 -2.59 30.39 13.84
C PRO C 118 -1.68 31.27 12.98
N GLU C 122 7.74 33.30 12.24
CA GLU C 122 8.73 34.02 11.46
C GLU C 122 9.75 34.66 12.37
N GLY C 123 10.96 34.11 12.31
CA GLY C 123 12.07 34.62 13.08
C GLY C 123 12.88 35.61 12.27
N PRO C 124 13.97 36.15 12.86
CA PRO C 124 14.83 37.08 12.12
C PRO C 124 15.50 36.38 10.92
N GLY C 125 15.62 37.11 9.81
CA GLY C 125 16.33 36.61 8.64
C GLY C 125 17.84 36.58 8.86
N SER C 126 18.49 35.53 8.40
CA SER C 126 19.96 35.38 8.47
C SER C 126 20.51 35.84 7.12
N LEU C 127 19.74 35.59 6.05
CA LEU C 127 20.07 35.93 4.69
C LEU C 127 18.84 36.32 3.91
N ASN C 128 18.96 37.34 3.08
CA ASN C 128 17.86 37.77 2.22
C ASN C 128 18.36 38.25 0.89
N PHE C 129 17.77 37.71 -0.19
CA PHE C 129 18.17 38.01 -1.55
C PHE C 129 16.97 37.98 -2.49
N SER C 130 17.12 38.57 -3.67
CA SER C 130 16.11 38.58 -4.71
C SER C 130 16.63 37.67 -5.85
N ILE C 131 15.73 36.95 -6.49
CA ILE C 131 16.08 36.03 -7.59
C ILE C 131 14.92 35.90 -8.60
N ALA C 132 15.25 35.63 -9.87
CA ALA C 132 14.27 35.38 -10.93
C ALA C 132 13.45 34.14 -10.53
N GLN C 133 12.11 34.23 -10.63
CA GLN C 133 11.19 33.15 -10.30
C GLN C 133 11.52 31.88 -11.09
N SER C 134 11.83 32.06 -12.38
CA SER C 134 12.21 31.06 -13.36
C SER C 134 13.44 30.24 -12.91
N LYS C 135 14.48 30.95 -12.35
CA LYS C 135 15.73 30.31 -11.90
C LYS C 135 15.47 29.47 -10.64
N LEU C 136 14.67 30.00 -9.70
CA LEU C 136 14.33 29.25 -8.48
C LEU C 136 13.46 28.02 -8.80
N ARG C 137 12.46 28.18 -9.69
CA ARG C 137 11.59 27.09 -10.11
C ARG C 137 12.38 25.96 -10.76
N ARG C 138 13.36 26.31 -11.62
CA ARG C 138 14.25 25.37 -12.30
C ARG C 138 15.01 24.51 -11.26
N LEU C 139 15.57 25.15 -10.21
CA LEU C 139 16.29 24.45 -9.13
C LEU C 139 15.42 23.39 -8.46
N ILE C 140 14.15 23.74 -8.18
CA ILE C 140 13.20 22.84 -7.54
C ILE C 140 12.74 21.74 -8.50
N ASP C 141 12.26 22.11 -9.71
CA ASP C 141 11.75 21.16 -10.69
C ASP C 141 12.80 20.18 -11.22
N ARG C 142 14.07 20.59 -11.27
CA ARG C 142 15.13 19.70 -11.75
C ARG C 142 15.51 18.65 -10.69
N THR C 143 15.07 18.82 -9.43
CA THR C 143 15.51 17.92 -8.34
C THR C 143 14.44 17.29 -7.47
N SER C 144 13.22 17.87 -7.44
CA SER C 144 12.15 17.44 -6.51
C SER C 144 11.75 15.97 -6.50
N PHE C 145 11.85 15.28 -7.64
CA PHE C 145 11.53 13.84 -7.74
C PHE C 145 12.42 12.95 -6.83
N ALA C 146 13.65 13.45 -6.47
CA ALA C 146 14.58 12.64 -5.68
C ALA C 146 14.37 12.72 -4.17
N MET C 147 13.48 13.62 -3.69
CA MET C 147 13.22 13.77 -2.25
C MET C 147 12.61 12.49 -1.70
N ALA C 148 12.90 12.18 -0.44
CA ALA C 148 12.27 11.04 0.21
C ALA C 148 10.86 11.49 0.63
N GLN C 149 9.98 10.50 0.87
CA GLN C 149 8.62 10.70 1.35
C GLN C 149 8.43 9.78 2.55
N GLN C 150 8.14 10.36 3.72
CA GLN C 150 7.90 9.64 4.98
C GLN C 150 9.06 8.73 5.44
N ASP C 151 10.31 9.07 5.06
CA ASP C 151 11.48 8.29 5.47
C ASP C 151 11.69 8.57 6.96
N VAL C 152 12.16 7.55 7.70
CA VAL C 152 12.46 7.66 9.12
C VAL C 152 13.59 8.73 9.35
N ARG C 153 14.48 8.90 8.34
CA ARG C 153 15.51 9.93 8.32
C ARG C 153 14.75 11.17 7.80
N TYR C 154 14.07 11.86 8.74
CA TYR C 154 13.18 13.02 8.50
C TYR C 154 13.80 14.16 7.68
N TYR C 155 15.11 14.35 7.80
CA TYR C 155 15.89 15.39 7.09
C TYR C 155 15.97 15.15 5.57
N LEU C 156 15.57 13.94 5.11
CA LEU C 156 15.52 13.60 3.68
C LEU C 156 14.16 13.90 3.06
N ASN C 157 13.12 14.12 3.89
CA ASN C 157 11.76 14.40 3.43
C ASN C 157 11.60 15.87 3.07
N GLY C 158 12.47 16.32 2.18
CA GLY C 158 12.53 17.71 1.76
C GLY C 158 13.72 18.00 0.88
N MET C 159 13.94 19.29 0.62
CA MET C 159 14.98 19.75 -0.26
C MET C 159 15.96 20.68 0.44
N LEU C 160 17.25 20.41 0.21
CA LEU C 160 18.30 21.28 0.67
C LEU C 160 18.38 22.46 -0.31
N LEU C 161 18.42 23.67 0.26
CA LEU C 161 18.67 24.92 -0.47
C LEU C 161 19.92 25.47 0.16
N GLU C 162 20.97 25.59 -0.63
CA GLU C 162 22.27 25.99 -0.15
C GLU C 162 22.83 27.19 -0.88
N VAL C 163 23.32 28.19 -0.12
CA VAL C 163 23.99 29.34 -0.67
C VAL C 163 25.47 29.21 -0.32
N ASN C 164 26.33 29.20 -1.33
CA ASN C 164 27.77 29.02 -1.13
C ASN C 164 28.56 29.72 -2.25
N GLY C 165 29.42 30.66 -1.86
CA GLY C 165 30.22 31.46 -2.80
C GLY C 165 29.44 32.65 -3.28
N GLY C 166 28.37 32.34 -3.97
CA GLY C 166 27.38 33.23 -4.57
C GLY C 166 26.36 32.38 -5.29
N THR C 167 26.64 31.05 -5.37
CA THR C 167 25.80 30.03 -6.01
C THR C 167 24.62 29.62 -5.12
N LEU C 168 23.46 29.40 -5.74
CA LEU C 168 22.28 28.86 -5.08
C LEU C 168 22.16 27.44 -5.63
N ARG C 169 22.05 26.46 -4.73
CA ARG C 169 22.00 25.07 -5.08
C ARG C 169 20.88 24.35 -4.37
N SER C 170 20.21 23.45 -5.09
CA SER C 170 19.20 22.56 -4.55
C SER C 170 19.74 21.15 -4.54
N VAL C 171 19.48 20.40 -3.46
CA VAL C 171 19.89 18.98 -3.33
C VAL C 171 18.68 18.21 -2.75
N ALA C 172 18.34 17.07 -3.38
CA ALA C 172 17.27 16.17 -2.96
C ALA C 172 17.80 14.74 -3.05
N THR C 173 17.46 13.91 -2.05
CA THR C 173 17.90 12.52 -1.98
C THR C 173 16.98 11.67 -1.10
N ASP C 174 16.89 10.39 -1.43
CA ASP C 174 16.11 9.42 -0.65
C ASP C 174 17.00 8.28 -0.13
N GLY C 175 18.32 8.44 -0.29
CA GLY C 175 19.30 7.44 0.13
C GLY C 175 19.71 6.46 -0.97
N HIS C 176 18.90 6.36 -2.05
CA HIS C 176 19.19 5.49 -3.20
C HIS C 176 19.68 6.31 -4.39
N ARG C 177 19.11 7.49 -4.55
CA ARG C 177 19.42 8.39 -5.65
C ARG C 177 19.44 9.82 -5.16
N LEU C 178 20.12 10.68 -5.91
CA LEU C 178 20.25 12.07 -5.55
C LEU C 178 20.12 12.95 -6.80
N ALA C 179 19.52 14.12 -6.61
CA ALA C 179 19.41 15.12 -7.67
C ALA C 179 19.96 16.44 -7.12
N MET C 180 20.74 17.16 -7.91
CA MET C 180 21.28 18.46 -7.54
C MET C 180 21.33 19.43 -8.72
N CYS C 181 21.05 20.70 -8.46
CA CYS C 181 21.11 21.73 -9.49
C CYS C 181 21.73 22.99 -8.90
N SER C 182 22.68 23.62 -9.61
CA SER C 182 23.39 24.80 -9.14
C SER C 182 23.25 25.93 -10.15
N LEU C 183 23.05 27.15 -9.66
CA LEU C 183 22.95 28.34 -10.50
C LEU C 183 23.74 29.48 -9.85
N ASP C 184 24.63 30.14 -10.61
CA ASP C 184 25.41 31.23 -10.04
C ASP C 184 24.60 32.54 -9.98
N ALA C 185 23.86 32.70 -8.87
CA ALA C 185 22.95 33.82 -8.60
C ALA C 185 23.63 35.07 -8.01
N GLN C 186 24.94 34.98 -7.70
CA GLN C 186 25.76 36.05 -7.10
C GLN C 186 25.16 36.62 -5.80
N ILE C 187 24.83 35.70 -4.85
CA ILE C 187 24.26 36.01 -3.54
C ILE C 187 25.41 36.14 -2.53
N PRO C 188 25.66 37.34 -1.94
CA PRO C 188 26.73 37.46 -0.94
C PRO C 188 26.32 36.74 0.36
N SER C 189 27.19 35.87 0.90
CA SER C 189 26.86 35.09 2.10
C SER C 189 27.91 35.06 3.21
N GLN C 190 29.19 35.26 2.88
CA GLN C 190 30.33 35.24 3.83
C GLN C 190 30.65 33.83 4.40
N ASP C 191 29.68 32.90 4.32
CA ASP C 191 29.78 31.50 4.76
C ASP C 191 28.72 30.66 4.06
N ARG C 192 28.95 29.33 3.99
CA ARG C 192 27.98 28.41 3.41
C ARG C 192 26.74 28.38 4.29
N HIS C 193 25.57 28.65 3.70
CA HIS C 193 24.30 28.63 4.41
C HIS C 193 23.38 27.56 3.83
N GLN C 194 22.86 26.69 4.70
CA GLN C 194 21.97 25.59 4.31
C GLN C 194 20.64 25.65 5.03
N VAL C 195 19.56 25.34 4.33
CA VAL C 195 18.20 25.21 4.86
C VAL C 195 17.58 23.94 4.25
N ILE C 196 16.74 23.23 5.01
CA ILE C 196 16.01 22.09 4.47
C ILE C 196 14.53 22.49 4.44
N VAL C 197 13.98 22.61 3.24
CA VAL C 197 12.58 22.94 3.05
C VAL C 197 11.77 21.65 2.99
N PRO C 198 10.72 21.47 3.85
CA PRO C 198 9.90 20.25 3.79
C PRO C 198 9.32 20.03 2.40
N ARG C 199 9.22 18.74 2.01
CA ARG C 199 8.73 18.34 0.70
C ARG C 199 7.43 19.00 0.24
N LYS C 200 6.43 19.07 1.12
CA LYS C 200 5.13 19.67 0.79
C LYS C 200 5.27 21.15 0.44
N GLY C 201 6.06 21.85 1.25
CA GLY C 201 6.34 23.26 1.09
C GLY C 201 7.07 23.61 -0.19
N ILE C 202 8.20 22.91 -0.46
CA ILE C 202 8.98 23.15 -1.66
C ILE C 202 8.18 22.90 -2.96
N LEU C 203 7.35 21.84 -2.99
CA LEU C 203 6.51 21.51 -4.16
C LEU C 203 5.46 22.57 -4.41
N GLU C 204 4.87 23.09 -3.31
CA GLU C 204 3.89 24.16 -3.35
C GLU C 204 4.54 25.41 -3.93
N LEU C 205 5.74 25.80 -3.38
CA LEU C 205 6.48 26.98 -3.81
C LEU C 205 6.77 26.96 -5.31
N ALA C 206 7.26 25.80 -5.84
CA ALA C 206 7.56 25.65 -7.26
C ALA C 206 6.33 25.92 -8.15
N ARG C 207 5.16 25.42 -7.72
CA ARG C 207 3.89 25.62 -8.43
C ARG C 207 3.44 27.09 -8.41
N LEU C 208 3.80 27.82 -7.36
CA LEU C 208 3.48 29.24 -7.22
C LEU C 208 4.37 30.15 -8.09
N LEU C 209 5.58 29.68 -8.47
CA LEU C 209 6.53 30.47 -9.25
C LEU C 209 6.21 30.44 -10.77
N THR C 210 5.07 31.03 -11.13
CA THR C 210 4.51 31.07 -12.48
C THR C 210 4.98 32.26 -13.36
N GLU C 211 5.45 33.35 -12.74
CA GLU C 211 5.88 34.53 -13.50
C GLU C 211 7.22 34.28 -14.18
N GLN C 212 7.15 33.94 -15.48
CA GLN C 212 8.29 33.65 -16.35
C GLN C 212 9.28 34.82 -16.40
N ASP C 213 8.77 36.05 -16.27
CA ASP C 213 9.54 37.28 -16.26
C ASP C 213 9.75 37.87 -14.85
N GLY C 214 8.98 37.41 -13.88
CA GLY C 214 8.98 37.90 -12.50
C GLY C 214 10.15 37.57 -11.60
N GLU C 215 10.20 38.30 -10.47
CA GLU C 215 11.23 38.20 -9.43
C GLU C 215 10.58 37.73 -8.12
N VAL C 216 11.37 37.08 -7.26
CA VAL C 216 10.93 36.62 -5.94
C VAL C 216 11.95 37.01 -4.88
N GLY C 217 11.45 37.62 -3.80
CA GLY C 217 12.28 37.99 -2.66
C GLY C 217 12.33 36.81 -1.70
N ILE C 218 13.53 36.37 -1.36
CA ILE C 218 13.75 35.23 -0.45
C ILE C 218 14.35 35.67 0.86
N VAL C 219 13.83 35.09 1.95
CA VAL C 219 14.39 35.30 3.30
C VAL C 219 14.67 33.93 3.87
N LEU C 220 15.91 33.68 4.26
CA LEU C 220 16.33 32.46 4.93
C LEU C 220 16.51 32.81 6.41
N GLY C 221 15.70 32.18 7.25
CA GLY C 221 15.77 32.31 8.69
C GLY C 221 16.29 31.02 9.31
N GLN C 222 16.45 31.01 10.63
CA GLN C 222 16.92 29.81 11.35
C GLN C 222 15.91 28.67 11.30
N HIS C 223 14.61 29.00 11.31
CA HIS C 223 13.53 28.00 11.30
C HIS C 223 12.46 28.26 10.25
N HIS C 224 12.69 29.22 9.33
CA HIS C 224 11.71 29.47 8.28
C HIS C 224 12.35 29.91 6.98
N ILE C 225 11.57 29.81 5.90
CA ILE C 225 11.87 30.34 4.58
C ILE C 225 10.68 31.20 4.18
N ARG C 226 10.95 32.37 3.62
CA ARG C 226 9.89 33.26 3.13
C ARG C 226 10.16 33.61 1.66
N ALA C 227 9.12 33.55 0.83
CA ALA C 227 9.15 33.90 -0.59
C ALA C 227 8.05 34.89 -0.87
N THR C 228 8.41 36.09 -1.35
CA THR C 228 7.48 37.20 -1.62
C THR C 228 7.51 37.61 -3.10
N THR C 229 6.33 37.77 -3.73
CA THR C 229 6.19 38.19 -5.14
C THR C 229 5.30 39.43 -5.32
N GLY C 230 4.85 40.04 -4.23
CA GLY C 230 4.00 41.24 -4.34
C GLY C 230 2.52 40.91 -4.39
N GLU C 231 2.17 39.80 -5.07
CA GLU C 231 0.80 39.28 -5.14
C GLU C 231 0.60 38.22 -4.02
N PHE C 232 1.72 37.54 -3.62
CA PHE C 232 1.72 36.55 -2.55
C PHE C 232 2.96 36.53 -1.64
N THR C 233 2.76 36.05 -0.41
CA THR C 233 3.80 35.80 0.59
C THR C 233 3.68 34.33 0.99
N PHE C 234 4.73 33.58 0.74
CA PHE C 234 4.81 32.17 1.08
C PHE C 234 5.74 32.02 2.25
N THR C 235 5.30 31.33 3.30
CA THR C 235 6.16 31.05 4.46
C THR C 235 6.08 29.57 4.77
N SER C 236 7.24 28.95 4.96
CA SER C 236 7.32 27.57 5.34
C SER C 236 8.25 27.41 6.52
N LYS C 237 7.90 26.50 7.46
CA LYS C 237 8.79 26.11 8.54
C LYS C 237 9.91 25.26 7.85
N LEU C 238 11.08 25.15 8.48
CA LEU C 238 12.16 24.36 7.90
C LEU C 238 12.23 23.01 8.60
N VAL C 239 12.91 22.02 7.98
CA VAL C 239 13.12 20.73 8.61
C VAL C 239 14.27 20.96 9.59
N ASP C 240 13.99 20.76 10.88
CA ASP C 240 14.95 20.98 11.93
C ASP C 240 15.92 19.80 12.05
N GLY C 241 16.93 19.81 11.20
CA GLY C 241 17.98 18.81 11.15
C GLY C 241 19.12 19.23 10.25
N LYS C 242 20.17 18.40 10.23
CA LYS C 242 21.36 18.60 9.41
C LYS C 242 21.29 17.67 8.20
N PHE C 243 21.42 18.26 7.01
CA PHE C 243 21.37 17.50 5.76
C PHE C 243 22.66 16.67 5.65
N PRO C 244 22.63 15.43 5.12
CA PRO C 244 23.88 14.65 5.01
C PRO C 244 24.95 15.34 4.15
N ASP C 245 26.20 14.93 4.34
CA ASP C 245 27.35 15.46 3.61
C ASP C 245 27.34 14.85 2.20
N TYR C 246 26.46 15.39 1.34
CA TYR C 246 26.23 14.94 -0.04
C TYR C 246 27.50 14.98 -0.89
N GLU C 247 28.39 15.96 -0.63
CA GLU C 247 29.66 16.10 -1.37
C GLU C 247 30.51 14.83 -1.28
N ARG C 248 30.42 14.10 -0.15
CA ARG C 248 31.14 12.83 0.05
C ARG C 248 30.59 11.66 -0.79
N VAL C 249 29.32 11.70 -1.22
CA VAL C 249 28.70 10.62 -2.00
C VAL C 249 28.68 10.85 -3.52
N LEU C 250 29.06 12.05 -3.98
CA LEU C 250 29.11 12.36 -5.42
C LEU C 250 30.25 11.57 -6.07
N PRO C 251 29.97 10.74 -7.11
CA PRO C 251 31.04 9.93 -7.73
C PRO C 251 32.07 10.79 -8.47
N ARG C 252 33.36 10.62 -8.15
CA ARG C 252 34.40 11.46 -8.74
C ARG C 252 35.24 10.90 -9.86
N GLY C 253 35.71 9.68 -9.72
CA GLY C 253 36.61 9.13 -10.72
C GLY C 253 36.02 8.41 -11.92
N GLY C 254 34.74 8.68 -12.25
CA GLY C 254 34.02 8.01 -13.35
C GLY C 254 34.80 7.93 -14.66
N ASP C 255 35.28 6.74 -14.99
CA ASP C 255 36.12 6.47 -16.18
C ASP C 255 35.36 6.12 -17.46
N LYS C 256 34.08 5.77 -17.34
CA LYS C 256 33.28 5.36 -18.50
C LYS C 256 32.29 6.44 -18.90
N LEU C 257 32.61 7.18 -19.97
CA LEU C 257 31.73 8.24 -20.47
C LEU C 257 30.84 7.75 -21.59
N VAL C 258 29.53 7.79 -21.35
CA VAL C 258 28.52 7.35 -22.31
C VAL C 258 27.72 8.57 -22.74
N VAL C 259 27.60 8.78 -24.05
CA VAL C 259 26.77 9.83 -24.62
C VAL C 259 25.69 9.10 -25.43
N GLY C 260 24.44 9.31 -25.04
CA GLY C 260 23.32 8.69 -25.72
C GLY C 260 22.24 9.69 -26.01
N ASP C 261 21.28 9.27 -26.85
CA ASP C 261 20.11 10.08 -27.16
C ASP C 261 19.10 9.89 -26.02
N ARG C 262 18.67 11.00 -25.38
CA ARG C 262 17.74 11.00 -24.26
C ARG C 262 16.43 10.26 -24.61
N GLN C 263 15.83 10.58 -25.76
CA GLN C 263 14.59 9.96 -26.22
C GLN C 263 14.73 8.46 -26.49
N GLN C 264 15.82 8.03 -27.17
CA GLN C 264 16.08 6.62 -27.46
C GLN C 264 16.23 5.83 -26.16
N LEU C 265 16.98 6.38 -25.19
CA LEU C 265 17.19 5.72 -23.91
C LEU C 265 15.90 5.65 -23.12
N ARG C 266 15.13 6.76 -23.08
CA ARG C 266 13.85 6.80 -22.38
CA ARG C 266 13.85 6.81 -22.37
C ARG C 266 12.87 5.78 -22.95
N GLU C 267 12.79 5.69 -24.29
CA GLU C 267 11.87 4.74 -25.00
C GLU C 267 12.24 3.29 -24.74
N ALA C 268 13.54 2.95 -24.81
CA ALA C 268 14.05 1.61 -24.54
C ALA C 268 13.87 1.22 -23.06
N PHE C 269 14.15 2.15 -22.13
CA PHE C 269 13.95 1.92 -20.68
C PHE C 269 12.45 1.71 -20.40
N SER C 270 11.56 2.50 -21.02
CA SER C 270 10.11 2.37 -20.84
C SER C 270 9.59 1.01 -21.35
N ARG C 271 10.07 0.56 -22.52
CA ARG C 271 9.65 -0.73 -23.11
C ARG C 271 10.07 -1.89 -22.21
N THR C 272 11.36 -1.92 -21.78
CA THR C 272 11.91 -2.98 -20.95
C THR C 272 11.28 -3.00 -19.56
N ALA C 273 10.97 -1.81 -19.00
CA ALA C 273 10.34 -1.63 -17.69
C ALA C 273 9.04 -2.43 -17.53
N ILE C 274 8.25 -2.56 -18.62
CA ILE C 274 6.99 -3.34 -18.65
C ILE C 274 7.21 -4.76 -18.12
N LEU C 275 8.33 -5.39 -18.49
CA LEU C 275 8.63 -6.75 -18.04
C LEU C 275 9.62 -6.84 -16.87
N SER C 276 9.88 -5.72 -16.18
CA SER C 276 10.71 -5.73 -14.98
C SER C 276 9.76 -6.04 -13.78
N ASN C 277 10.34 -6.46 -12.65
CA ASN C 277 9.60 -6.74 -11.41
C ASN C 277 8.80 -5.46 -11.05
N GLU C 278 7.48 -5.60 -10.83
CA GLU C 278 6.59 -4.45 -10.54
C GLU C 278 6.98 -3.68 -9.30
N LYS C 279 7.55 -4.35 -8.30
CA LYS C 279 7.98 -3.74 -7.06
C LYS C 279 9.44 -3.27 -7.10
N TYR C 280 10.38 -4.17 -7.48
CA TYR C 280 11.82 -3.90 -7.47
C TYR C 280 12.40 -3.21 -8.69
N ARG C 281 11.68 -3.26 -9.84
CA ARG C 281 11.97 -2.51 -11.08
C ARG C 281 13.42 -2.62 -11.61
N GLY C 282 14.05 -3.75 -11.35
CA GLY C 282 15.43 -3.99 -11.76
C GLY C 282 15.60 -4.33 -13.22
N ILE C 283 16.58 -3.68 -13.83
CA ILE C 283 17.01 -3.90 -15.22
C ILE C 283 18.51 -4.14 -15.22
N ARG C 284 19.00 -4.85 -16.23
CA ARG C 284 20.41 -5.13 -16.39
C ARG C 284 20.91 -4.38 -17.61
N LEU C 285 22.02 -3.67 -17.41
CA LEU C 285 22.69 -2.91 -18.46
C LEU C 285 23.99 -3.63 -18.82
N GLN C 286 24.24 -3.79 -20.12
CA GLN C 286 25.49 -4.36 -20.62
C GLN C 286 26.06 -3.36 -21.60
N LEU C 287 27.06 -2.61 -21.13
CA LEU C 287 27.74 -1.59 -21.90
C LEU C 287 28.98 -2.17 -22.57
N SER C 288 29.17 -1.83 -23.85
CA SER C 288 30.31 -2.21 -24.69
C SER C 288 30.46 -1.11 -25.76
N ASN C 289 31.54 -1.16 -26.56
CA ASN C 289 31.82 -0.18 -27.62
C ASN C 289 30.59 0.12 -28.51
N GLY C 290 30.14 1.36 -28.45
CA GLY C 290 29.00 1.89 -29.21
C GLY C 290 27.65 1.26 -28.93
N LEU C 291 27.53 0.43 -27.87
CA LEU C 291 26.30 -0.29 -27.60
C LEU C 291 25.90 -0.42 -26.13
N LEU C 292 24.61 -0.24 -25.87
CA LEU C 292 24.01 -0.48 -24.57
C LEU C 292 22.90 -1.53 -24.72
N LYS C 293 23.13 -2.71 -24.14
CA LYS C 293 22.14 -3.79 -24.14
C LYS C 293 21.36 -3.68 -22.83
N ILE C 294 20.02 -3.68 -22.92
CA ILE C 294 19.12 -3.58 -21.78
C ILE C 294 18.31 -4.85 -21.67
N GLN C 295 18.26 -5.41 -20.46
CA GLN C 295 17.47 -6.60 -20.20
C GLN C 295 16.65 -6.42 -18.91
N ALA C 296 15.41 -6.94 -18.92
CA ALA C 296 14.50 -6.95 -17.80
C ALA C 296 13.74 -8.25 -17.73
N ASN C 297 13.56 -8.78 -16.52
CA ASN C 297 12.76 -9.98 -16.27
C ASN C 297 11.98 -9.88 -14.96
N ASN C 298 10.88 -10.63 -14.86
CA ASN C 298 9.99 -10.56 -13.71
C ASN C 298 9.79 -11.96 -13.06
N PRO C 299 9.04 -12.10 -11.93
CA PRO C 299 8.87 -13.43 -11.30
C PRO C 299 8.16 -14.47 -12.19
N GLU C 300 7.33 -14.04 -13.16
CA GLU C 300 6.61 -14.92 -14.10
C GLU C 300 7.54 -15.43 -15.22
N GLN C 301 8.83 -15.07 -15.16
CA GLN C 301 9.88 -15.42 -16.14
C GLN C 301 9.71 -14.78 -17.54
N GLU C 302 8.95 -13.68 -17.58
CA GLU C 302 8.75 -12.88 -18.79
C GLU C 302 10.00 -12.04 -18.97
N GLU C 303 10.44 -11.82 -20.22
CA GLU C 303 11.69 -11.11 -20.47
C GLU C 303 11.63 -10.08 -21.61
N ALA C 304 12.23 -8.90 -21.36
CA ALA C 304 12.34 -7.83 -22.35
C ALA C 304 13.82 -7.55 -22.62
N GLU C 305 14.16 -7.38 -23.90
CA GLU C 305 15.52 -7.10 -24.33
C GLU C 305 15.54 -6.01 -25.40
N GLU C 306 16.53 -5.12 -25.31
CA GLU C 306 16.73 -4.04 -26.27
C GLU C 306 18.18 -3.64 -26.38
N GLU C 307 18.58 -3.21 -27.58
CA GLU C 307 19.93 -2.74 -27.86
C GLU C 307 19.82 -1.30 -28.32
N VAL C 308 20.59 -0.41 -27.68
CA VAL C 308 20.61 1.02 -27.98
C VAL C 308 22.02 1.42 -28.39
N GLN C 309 22.15 2.08 -29.55
CA GLN C 309 23.44 2.60 -30.01
C GLN C 309 23.78 3.83 -29.16
N VAL C 310 24.99 3.86 -28.60
CA VAL C 310 25.48 4.96 -27.74
C VAL C 310 26.89 5.37 -28.18
N GLU C 311 27.35 6.57 -27.79
CA GLU C 311 28.71 7.00 -28.05
C GLU C 311 29.50 6.53 -26.83
N TYR C 312 30.22 5.42 -26.99
CA TYR C 312 31.03 4.83 -25.94
C TYR C 312 32.19 4.03 -26.50
N ASN C 313 33.40 4.29 -25.97
CA ASN C 313 34.64 3.60 -26.30
C ASN C 313 35.34 3.32 -24.97
N GLY C 314 35.46 2.05 -24.64
CA GLY C 314 36.08 1.61 -23.39
C GLY C 314 35.78 0.18 -23.06
N GLY C 315 36.11 -0.20 -21.82
CA GLY C 315 35.89 -1.53 -21.31
C GLY C 315 34.42 -1.85 -21.09
N ASN C 316 34.09 -3.14 -21.09
CA ASN C 316 32.74 -3.60 -20.86
C ASN C 316 32.28 -3.37 -19.42
N LEU C 317 30.97 -3.22 -19.24
CA LEU C 317 30.37 -3.03 -17.94
C LEU C 317 28.98 -3.65 -17.89
N GLU C 318 28.78 -4.52 -16.90
CA GLU C 318 27.49 -5.13 -16.60
C GLU C 318 27.06 -4.50 -15.27
N ILE C 319 25.92 -3.80 -15.28
CA ILE C 319 25.43 -3.09 -14.08
C ILE C 319 23.90 -3.12 -13.98
N GLY C 320 23.39 -3.25 -12.75
CA GLY C 320 21.96 -3.31 -12.46
C GLY C 320 21.43 -1.99 -11.93
N PHE C 321 20.23 -1.60 -12.36
CA PHE C 321 19.61 -0.35 -11.92
C PHE C 321 18.11 -0.48 -11.79
N ASN C 322 17.53 0.35 -10.94
CA ASN C 322 16.09 0.48 -10.82
C ASN C 322 15.73 1.39 -12.02
N VAL C 323 14.95 0.86 -12.98
CA VAL C 323 14.53 1.53 -14.21
C VAL C 323 13.72 2.82 -13.96
N SER C 324 12.89 2.84 -12.90
CA SER C 324 12.10 4.02 -12.52
C SER C 324 13.04 5.16 -12.12
N TYR C 325 14.15 4.86 -11.42
CA TYR C 325 15.15 5.87 -11.01
C TYR C 325 15.83 6.48 -12.25
N LEU C 326 16.12 5.65 -13.28
CA LEU C 326 16.72 6.12 -14.52
C LEU C 326 15.72 6.95 -15.33
N LEU C 327 14.45 6.51 -15.40
CA LEU C 327 13.38 7.23 -16.10
C LEU C 327 13.10 8.58 -15.44
N ASP C 328 13.16 8.63 -14.11
CA ASP C 328 12.99 9.88 -13.35
C ASP C 328 14.03 10.92 -13.75
N VAL C 329 15.31 10.49 -13.89
CA VAL C 329 16.41 11.34 -14.31
C VAL C 329 16.21 11.82 -15.75
N LEU C 330 15.90 10.88 -16.69
CA LEU C 330 15.71 11.23 -18.09
C LEU C 330 14.57 12.24 -18.30
N GLY C 331 13.56 12.18 -17.45
CA GLY C 331 12.39 13.05 -17.47
C GLY C 331 12.71 14.51 -17.14
N VAL C 332 13.86 14.78 -16.52
CA VAL C 332 14.31 16.15 -16.17
C VAL C 332 15.51 16.65 -17.01
N ILE C 333 16.10 15.79 -17.87
CA ILE C 333 17.18 16.17 -18.78
C ILE C 333 16.56 16.99 -19.92
N GLY C 334 16.99 18.25 -20.06
CA GLY C 334 16.46 19.18 -21.04
C GLY C 334 17.10 19.14 -22.42
N THR C 335 18.28 18.50 -22.52
CA THR C 335 19.01 18.38 -23.76
C THR C 335 18.64 17.07 -24.49
N GLU C 336 18.84 17.10 -25.80
CA GLU C 336 18.61 15.99 -26.74
C GLU C 336 19.54 14.82 -26.41
N GLN C 337 20.78 15.12 -26.03
CA GLN C 337 21.77 14.13 -25.63
C GLN C 337 21.92 14.12 -24.12
N VAL C 338 22.31 12.96 -23.59
CA VAL C 338 22.49 12.76 -22.16
C VAL C 338 23.84 12.08 -21.92
N ARG C 339 24.54 12.52 -20.88
CA ARG C 339 25.83 11.95 -20.48
C ARG C 339 25.64 11.08 -19.24
N PHE C 340 26.13 9.86 -19.31
CA PHE C 340 26.17 8.90 -18.20
C PHE C 340 27.65 8.67 -17.93
N ILE C 341 28.06 8.83 -16.66
CA ILE C 341 29.44 8.64 -16.26
C ILE C 341 29.42 7.52 -15.23
N LEU C 342 30.03 6.40 -15.61
CA LEU C 342 30.05 5.19 -14.80
C LEU C 342 31.49 4.76 -14.48
N SER C 343 31.63 3.79 -13.58
CA SER C 343 32.91 3.21 -13.20
C SER C 343 32.75 1.69 -13.13
N ASP C 344 32.30 1.14 -11.99
CA ASP C 344 32.12 -0.31 -11.81
C ASP C 344 30.67 -0.67 -11.46
N SER C 345 30.37 -1.98 -11.38
CA SER C 345 29.04 -2.55 -11.10
C SER C 345 28.47 -2.23 -9.70
N ASN C 346 29.33 -1.87 -8.75
CA ASN C 346 28.94 -1.56 -7.37
C ASN C 346 28.85 -0.05 -7.09
N SER C 347 29.24 0.78 -8.09
CA SER C 347 29.28 2.23 -7.96
C SER C 347 28.18 2.94 -8.71
N SER C 348 27.84 4.13 -8.21
CA SER C 348 26.82 5.03 -8.73
CA SER C 348 26.78 4.97 -8.76
C SER C 348 27.02 5.47 -10.18
N ALA C 349 25.92 5.82 -10.86
CA ALA C 349 25.94 6.39 -12.20
C ALA C 349 25.83 7.89 -11.93
N LEU C 350 26.58 8.69 -12.68
CA LEU C 350 26.50 10.14 -12.62
C LEU C 350 25.89 10.56 -13.95
N VAL C 351 24.84 11.39 -13.88
CA VAL C 351 24.12 11.83 -15.08
C VAL C 351 24.10 13.33 -15.19
N HIS C 352 24.34 13.83 -16.41
CA HIS C 352 24.33 15.26 -16.73
C HIS C 352 23.63 15.51 -18.06
N GLU C 353 23.29 16.78 -18.32
CA GLU C 353 22.81 17.24 -19.61
C GLU C 353 24.05 17.22 -20.52
N ALA C 354 23.84 17.26 -21.83
CA ALA C 354 24.92 17.20 -22.82
C ALA C 354 25.94 18.32 -22.77
N ASP C 355 25.49 19.58 -22.56
CA ASP C 355 26.34 20.76 -22.66
C ASP C 355 26.74 21.48 -21.37
N ASN C 356 26.32 20.99 -20.19
CA ASN C 356 26.66 21.65 -18.92
C ASN C 356 26.64 20.68 -17.73
N ASP C 357 27.31 21.09 -16.63
CA ASP C 357 27.38 20.34 -15.37
C ASP C 357 26.50 20.95 -14.25
N ASP C 358 25.65 21.96 -14.57
CA ASP C 358 24.77 22.65 -13.61
C ASP C 358 23.84 21.68 -12.89
N SER C 359 23.30 20.67 -13.61
CA SER C 359 22.48 19.61 -13.05
C SER C 359 23.32 18.35 -12.97
N ALA C 360 23.18 17.62 -11.84
CA ALA C 360 23.89 16.37 -11.62
C ALA C 360 22.97 15.39 -10.90
N TYR C 361 22.91 14.16 -11.42
CA TYR C 361 22.05 13.10 -10.90
C TYR C 361 22.87 11.90 -10.57
N VAL C 362 22.68 11.38 -9.38
CA VAL C 362 23.43 10.23 -8.87
C VAL C 362 22.43 9.09 -8.63
N VAL C 363 22.71 7.90 -9.20
CA VAL C 363 21.85 6.74 -8.98
C VAL C 363 22.71 5.58 -8.50
N MET C 364 22.45 5.08 -7.27
CA MET C 364 23.16 3.89 -6.78
C MET C 364 22.64 2.67 -7.56
N PRO C 365 23.53 1.73 -7.94
CA PRO C 365 23.05 0.54 -8.66
C PRO C 365 22.35 -0.48 -7.75
N MET C 366 21.89 -1.57 -8.37
CA MET C 366 21.30 -2.73 -7.73
C MET C 366 22.23 -3.92 -7.94
N ARG C 367 22.29 -4.82 -6.95
CA ARG C 367 23.10 -6.04 -7.08
C ARG C 367 22.38 -6.98 -8.07
N LEU C 368 23.12 -7.47 -9.07
CA LEU C 368 22.66 -8.38 -10.11
C LEU C 368 22.72 -9.82 -9.61
N GLN D 2 18.91 -3.20 -4.36
CA GLN D 2 19.22 -1.75 -4.27
C GLN D 2 20.30 -1.39 -3.24
N ASP D 4 22.80 1.58 -1.18
CA ASP D 4 22.59 2.87 -0.52
C ASP D 4 23.72 3.86 -0.73
N LEU D 5 23.37 5.15 -0.80
CA LEU D 5 24.32 6.25 -0.96
C LEU D 5 25.19 6.43 0.28
N HIS E 1 69.95 42.92 -29.41
CA HIS E 1 70.52 42.30 -28.20
C HIS E 1 69.55 41.45 -27.39
N MET E 2 68.28 41.36 -27.84
CA MET E 2 67.20 40.56 -27.25
C MET E 2 67.65 39.08 -27.18
N HIS E 3 67.46 38.45 -26.02
CA HIS E 3 67.84 37.06 -25.77
C HIS E 3 67.06 36.48 -24.63
N PHE E 4 66.56 35.24 -24.82
CA PHE E 4 65.79 34.52 -23.80
C PHE E 4 65.80 33.01 -24.05
N THR E 5 65.48 32.26 -23.01
CA THR E 5 65.32 30.80 -23.04
C THR E 5 63.87 30.52 -22.65
N ILE E 6 63.28 29.50 -23.29
CA ILE E 6 61.87 29.12 -23.08
C ILE E 6 61.67 27.63 -23.42
N GLN E 7 60.78 26.95 -22.67
CA GLN E 7 60.42 25.57 -22.93
C GLN E 7 59.54 25.57 -24.17
N ARG E 8 59.67 24.53 -25.01
CA ARG E 8 58.92 24.36 -26.26
C ARG E 8 57.43 24.66 -26.11
N GLU E 9 56.77 24.00 -25.13
CA GLU E 9 55.33 24.10 -24.87
C GLU E 9 54.89 25.48 -24.39
N ALA E 10 55.75 26.16 -23.60
CA ALA E 10 55.48 27.51 -23.08
C ALA E 10 55.46 28.53 -24.21
N LEU E 11 56.34 28.36 -25.23
CA LEU E 11 56.38 29.23 -26.41
C LEU E 11 55.27 28.88 -27.39
N LEU E 12 55.06 27.58 -27.61
CA LEU E 12 54.08 27.06 -28.57
C LEU E 12 52.65 27.53 -28.33
N LYS E 13 52.16 27.50 -27.07
CA LYS E 13 50.79 27.92 -26.73
C LYS E 13 50.44 29.34 -27.24
N PRO E 14 51.12 30.43 -26.79
CA PRO E 14 50.79 31.77 -27.34
C PRO E 14 51.13 31.95 -28.81
N LEU E 15 52.21 31.29 -29.29
CA LEU E 15 52.63 31.34 -30.69
C LEU E 15 51.55 30.80 -31.63
N GLN E 16 50.91 29.66 -31.27
CA GLN E 16 49.83 29.07 -32.07
C GLN E 16 48.61 29.97 -32.11
N LEU E 17 48.26 30.60 -30.97
CA LEU E 17 47.11 31.49 -30.89
C LEU E 17 47.29 32.71 -31.79
N VAL E 18 48.44 33.38 -31.63
CA VAL E 18 48.86 34.57 -32.35
C VAL E 18 49.00 34.34 -33.87
N ALA E 19 49.60 33.19 -34.27
CA ALA E 19 49.79 32.82 -35.68
C ALA E 19 48.46 32.62 -36.41
N GLY E 20 47.42 32.27 -35.66
CA GLY E 20 46.06 32.07 -36.16
C GLY E 20 45.43 33.30 -36.78
N VAL E 21 45.84 34.50 -36.33
CA VAL E 21 45.34 35.77 -36.89
C VAL E 21 46.23 36.29 -38.03
N VAL E 22 47.46 35.74 -38.14
CA VAL E 22 48.45 36.08 -39.17
C VAL E 22 48.03 35.41 -40.48
N GLU E 23 47.73 36.23 -41.51
CA GLU E 23 47.30 35.75 -42.84
C GLU E 23 48.09 36.44 -43.97
N GLN E 26 49.56 38.09 -47.24
CA GLN E 26 49.66 39.44 -46.68
C GLN E 26 50.22 40.43 -47.69
N THR E 27 49.69 41.68 -47.67
CA THR E 27 50.14 42.77 -48.55
C THR E 27 51.47 43.32 -48.01
N LEU E 28 51.45 43.92 -46.79
CA LEU E 28 52.62 44.45 -46.09
C LEU E 28 53.42 43.24 -45.54
N PRO E 29 54.76 43.18 -45.76
CA PRO E 29 55.52 42.00 -45.31
C PRO E 29 55.54 41.75 -43.80
N VAL E 30 55.54 42.84 -43.00
CA VAL E 30 55.54 42.78 -41.53
C VAL E 30 54.29 42.08 -40.96
N LEU E 31 53.16 42.12 -41.70
CA LEU E 31 51.88 41.49 -41.36
C LEU E 31 51.96 39.97 -41.27
N SER E 32 52.96 39.36 -41.94
CA SER E 32 53.23 37.91 -41.92
C SER E 32 54.04 37.53 -40.68
N ASN E 33 54.56 38.55 -39.97
CA ASN E 33 55.41 38.38 -38.81
C ASN E 33 54.73 38.49 -37.45
N VAL E 34 55.33 37.81 -36.45
CA VAL E 34 54.94 37.88 -35.06
C VAL E 34 55.87 38.90 -34.39
N LEU E 35 55.31 39.86 -33.64
CA LEU E 35 56.11 40.82 -32.89
C LEU E 35 56.51 40.14 -31.57
N LEU E 36 57.82 40.07 -31.29
CA LEU E 36 58.39 39.49 -30.07
C LEU E 36 58.93 40.65 -29.24
N VAL E 37 58.46 40.79 -27.99
CA VAL E 37 58.91 41.87 -27.09
C VAL E 37 59.31 41.24 -25.76
N VAL E 38 60.58 41.44 -25.36
CA VAL E 38 61.09 41.01 -24.07
C VAL E 38 61.25 42.28 -23.21
N GLU E 39 60.47 42.38 -22.13
CA GLU E 39 60.51 43.48 -21.18
C GLU E 39 60.58 42.82 -19.80
N GLY E 40 61.75 42.94 -19.17
CA GLY E 40 62.03 42.29 -17.90
C GLY E 40 61.98 40.78 -18.08
N GLN E 41 61.21 40.10 -17.23
CA GLN E 41 61.04 38.64 -17.30
C GLN E 41 59.73 38.23 -18.03
N GLN E 42 59.26 39.09 -18.95
CA GLN E 42 58.06 38.82 -19.73
C GLN E 42 58.29 38.88 -21.22
N LEU E 43 57.81 37.85 -21.93
CA LEU E 43 57.81 37.77 -23.38
C LEU E 43 56.37 38.01 -23.84
N SER E 44 56.18 38.94 -24.77
CA SER E 44 54.88 39.22 -25.39
C SER E 44 54.99 38.87 -26.85
N LEU E 45 53.95 38.21 -27.39
CA LEU E 45 53.88 37.79 -28.79
C LEU E 45 52.65 38.44 -29.39
N THR E 46 52.83 39.22 -30.46
CA THR E 46 51.71 39.90 -31.11
C THR E 46 51.57 39.54 -32.59
N GLY E 47 50.33 39.25 -32.99
CA GLY E 47 49.92 38.97 -34.36
C GLY E 47 48.76 39.87 -34.73
N THR E 48 48.72 40.33 -35.99
CA THR E 48 47.66 41.23 -36.49
C THR E 48 47.40 41.06 -37.99
N ASP E 49 46.21 41.44 -38.42
CA ASP E 49 45.80 41.48 -39.84
C ASP E 49 45.25 42.90 -40.12
N LEU E 50 45.50 43.83 -39.15
CA LEU E 50 45.06 45.23 -39.10
C LEU E 50 43.59 45.42 -38.63
N GLU E 51 42.76 44.34 -38.66
CA GLU E 51 41.37 44.34 -38.20
C GLU E 51 41.38 43.87 -36.74
N VAL E 52 42.02 42.71 -36.50
CA VAL E 52 42.18 42.11 -35.19
C VAL E 52 43.65 42.06 -34.80
N GLU E 53 43.90 42.14 -33.49
CA GLU E 53 45.22 42.04 -32.90
C GLU E 53 45.13 41.05 -31.75
N LEU E 54 46.03 40.07 -31.75
CA LEU E 54 46.07 39.09 -30.68
C LEU E 54 47.43 39.15 -30.00
N VAL E 55 47.43 39.23 -28.67
CA VAL E 55 48.64 39.30 -27.84
C VAL E 55 48.66 38.12 -26.87
N GLY E 56 49.78 37.39 -26.86
CA GLY E 56 50.04 36.29 -25.93
C GLY E 56 51.19 36.66 -25.02
N ARG E 57 51.12 36.24 -23.75
CA ARG E 57 52.15 36.57 -22.77
C ARG E 57 52.70 35.34 -22.05
N VAL E 58 54.03 35.31 -21.83
CA VAL E 58 54.75 34.24 -21.14
C VAL E 58 55.73 34.84 -20.14
N VAL E 59 55.78 34.25 -18.92
CA VAL E 59 56.74 34.64 -17.89
C VAL E 59 58.02 33.85 -18.19
N LEU E 60 59.16 34.54 -18.29
CA LEU E 60 60.46 33.92 -18.57
C LEU E 60 61.18 33.59 -17.26
N GLU E 61 61.59 32.31 -17.10
CA GLU E 61 62.25 31.81 -15.90
C GLU E 61 63.73 32.24 -15.78
N ASP E 62 64.58 31.84 -16.72
CA ASP E 62 66.01 32.19 -16.71
C ASP E 62 66.22 33.64 -17.15
N ALA E 63 67.40 34.22 -16.83
CA ALA E 63 67.77 35.61 -17.17
C ALA E 63 67.58 35.90 -18.66
N ALA E 64 66.83 36.98 -18.95
CA ALA E 64 66.52 37.41 -20.31
C ALA E 64 66.98 38.84 -20.55
N GLU E 65 67.47 39.09 -21.78
CA GLU E 65 67.91 40.42 -22.18
C GLU E 65 66.81 41.10 -23.01
N PRO E 66 66.47 42.36 -22.67
CA PRO E 66 65.34 43.02 -23.37
C PRO E 66 65.58 43.37 -24.83
N GLY E 67 64.46 43.60 -25.51
CA GLY E 67 64.45 43.96 -26.91
C GLY E 67 63.15 43.62 -27.61
N GLU E 68 63.08 44.01 -28.88
CA GLU E 68 61.92 43.76 -29.72
C GLU E 68 62.34 43.48 -31.15
N ILE E 69 61.62 42.57 -31.81
CA ILE E 69 61.86 42.13 -33.18
C ILE E 69 60.61 41.48 -33.74
N THR E 70 60.53 41.37 -35.07
CA THR E 70 59.44 40.66 -35.74
C THR E 70 60.08 39.54 -36.55
N VAL E 71 59.44 38.37 -36.58
CA VAL E 71 59.92 37.18 -37.30
C VAL E 71 58.77 36.48 -38.02
N PRO E 72 59.00 35.73 -39.13
CA PRO E 72 57.89 35.01 -39.80
C PRO E 72 57.14 34.13 -38.79
N ALA E 73 55.86 34.44 -38.56
CA ALA E 73 55.02 33.75 -37.57
C ALA E 73 54.83 32.26 -37.82
N ARG E 74 54.43 31.87 -39.05
CA ARG E 74 54.20 30.47 -39.43
C ARG E 74 55.50 29.65 -39.32
N LYS E 75 56.62 30.19 -39.82
CA LYS E 75 57.92 29.54 -39.74
C LYS E 75 58.36 29.28 -38.30
N LEU E 76 58.27 30.30 -37.41
CA LEU E 76 58.65 30.14 -36.00
C LEU E 76 57.75 29.11 -35.29
N MET E 77 56.43 29.15 -35.57
CA MET E 77 55.48 28.19 -35.01
C MET E 77 55.81 26.77 -35.48
N ASP E 78 56.06 26.58 -36.79
CA ASP E 78 56.41 25.28 -37.38
C ASP E 78 57.69 24.71 -36.82
N ILE E 79 58.71 25.58 -36.57
CA ILE E 79 59.98 25.18 -35.98
C ILE E 79 59.71 24.72 -34.53
N CYS E 80 58.96 25.54 -33.76
CA CYS E 80 58.57 25.25 -32.38
C CYS E 80 57.82 23.91 -32.27
N LYS E 81 56.78 23.69 -33.13
CA LYS E 81 55.99 22.46 -33.16
C LYS E 81 56.84 21.21 -33.51
N SER E 82 57.79 21.36 -34.44
CA SER E 82 58.68 20.29 -34.92
C SER E 82 59.78 19.90 -33.93
N LEU E 83 60.09 20.75 -32.95
CA LEU E 83 61.13 20.49 -31.96
C LEU E 83 60.73 19.37 -30.99
N PRO E 84 61.69 18.61 -30.41
CA PRO E 84 61.30 17.51 -29.49
C PRO E 84 60.55 18.03 -28.27
N ASN E 85 59.56 17.25 -27.80
CA ASN E 85 58.73 17.59 -26.63
C ASN E 85 59.58 17.99 -25.44
N ASP E 86 59.22 19.10 -24.80
CA ASP E 86 59.84 19.65 -23.59
C ASP E 86 61.29 20.20 -23.70
N VAL E 87 61.79 20.42 -24.93
CA VAL E 87 63.13 20.98 -25.13
C VAL E 87 63.21 22.46 -24.72
N LEU E 88 64.40 22.89 -24.20
CA LEU E 88 64.65 24.29 -23.86
C LEU E 88 65.16 24.98 -25.14
N ILE E 89 64.49 26.06 -25.53
CA ILE E 89 64.84 26.81 -26.74
C ILE E 89 65.57 28.09 -26.36
N ASP E 90 66.75 28.31 -26.97
CA ASP E 90 67.50 29.55 -26.80
C ASP E 90 67.22 30.43 -28.03
N ILE E 91 66.72 31.65 -27.78
CA ILE E 91 66.37 32.60 -28.84
C ILE E 91 67.12 33.91 -28.66
N ARG E 92 67.84 34.36 -29.71
CA ARG E 92 68.56 35.64 -29.68
C ARG E 92 68.57 36.35 -31.03
N VAL E 93 68.69 37.68 -30.98
CA VAL E 93 68.76 38.52 -32.18
C VAL E 93 70.24 38.82 -32.43
N GLU E 94 70.71 38.51 -33.65
CA GLU E 94 72.10 38.74 -34.03
C GLU E 94 72.17 39.22 -35.47
N GLU E 95 72.60 40.49 -35.67
CA GLU E 95 72.74 41.15 -36.97
C GLU E 95 71.50 41.02 -37.86
N GLN E 96 70.33 41.49 -37.34
CA GLN E 96 69.03 41.45 -38.03
C GLN E 96 68.51 40.03 -38.38
N LYS E 97 68.99 39.02 -37.64
CA LYS E 97 68.57 37.63 -37.81
C LYS E 97 68.17 37.03 -36.46
N LEU E 98 67.16 36.15 -36.48
CA LEU E 98 66.76 35.46 -35.27
C LEU E 98 67.45 34.10 -35.21
N LEU E 99 68.24 33.87 -34.15
CA LEU E 99 68.99 32.66 -33.91
C LEU E 99 68.24 31.79 -32.92
N VAL E 100 67.84 30.60 -33.36
CA VAL E 100 67.09 29.63 -32.57
C VAL E 100 67.97 28.38 -32.36
N LYS E 101 68.20 28.00 -31.09
CA LYS E 101 68.98 26.83 -30.72
C LYS E 101 68.17 25.96 -29.77
N ALA E 102 68.08 24.66 -30.06
CA ALA E 102 67.36 23.69 -29.23
C ALA E 102 67.96 22.32 -29.47
N GLY E 103 68.66 21.82 -28.46
CA GLY E 103 69.35 20.54 -28.54
C GLY E 103 70.42 20.60 -29.61
N ARG E 104 70.33 19.66 -30.57
CA ARG E 104 71.27 19.59 -31.69
C ARG E 104 70.76 20.33 -32.94
N SER E 105 69.64 21.08 -32.79
CA SER E 105 69.02 21.85 -33.88
C SER E 105 69.35 23.34 -33.79
N ARG E 106 69.67 23.94 -34.95
CA ARG E 106 69.99 25.36 -35.09
C ARG E 106 69.18 25.92 -36.25
N PHE E 107 68.60 27.11 -36.04
CA PHE E 107 67.81 27.81 -37.04
C PHE E 107 68.15 29.29 -37.10
N THR E 108 68.19 29.85 -38.32
CA THR E 108 68.42 31.27 -38.56
C THR E 108 67.24 31.78 -39.36
N LEU E 109 66.47 32.73 -38.79
CA LEU E 109 65.31 33.32 -39.43
C LEU E 109 65.55 34.78 -39.80
N SER E 110 64.95 35.23 -40.92
CA SER E 110 65.01 36.62 -41.33
C SER E 110 64.10 37.43 -40.39
N THR E 111 64.39 38.72 -40.22
CA THR E 111 63.58 39.57 -39.34
C THR E 111 63.17 40.87 -40.05
N LEU E 112 62.21 41.58 -39.45
CA LEU E 112 61.78 42.90 -39.87
C LEU E 112 61.72 43.76 -38.61
N PRO E 113 62.18 45.03 -38.66
CA PRO E 113 62.19 45.87 -37.46
C PRO E 113 60.84 45.97 -36.75
N ALA E 114 60.88 45.93 -35.41
CA ALA E 114 59.70 46.04 -34.55
C ALA E 114 59.02 47.41 -34.68
N ASN E 115 59.79 48.47 -35.04
CA ASN E 115 59.24 49.81 -35.25
C ASN E 115 58.28 49.89 -36.45
N ASP E 116 58.37 48.90 -37.38
CA ASP E 116 57.53 48.76 -38.56
C ASP E 116 56.24 47.97 -38.29
N PHE E 117 56.13 47.36 -37.10
CA PHE E 117 54.95 46.59 -36.71
C PHE E 117 53.79 47.55 -36.36
N PRO E 118 52.58 47.35 -36.93
CA PRO E 118 51.46 48.27 -36.62
C PRO E 118 50.83 48.07 -35.23
N GLU E 122 43.16 51.63 -30.06
CA GLU E 122 42.77 51.59 -28.65
C GLU E 122 43.24 52.93 -28.00
N GLY E 123 42.35 53.84 -27.56
CA GLY E 123 40.88 53.80 -27.54
C GLY E 123 40.32 53.85 -26.13
N PRO E 124 39.80 55.00 -25.61
CA PRO E 124 39.23 54.98 -24.25
C PRO E 124 37.97 54.11 -24.16
N GLY E 125 37.89 53.33 -23.08
CA GLY E 125 36.73 52.48 -22.85
C GLY E 125 35.53 53.27 -22.41
N SER E 126 34.36 52.94 -22.96
CA SER E 126 33.09 53.59 -22.59
C SER E 126 32.45 52.68 -21.53
N LEU E 127 32.65 51.37 -21.67
CA LEU E 127 32.12 50.36 -20.77
C LEU E 127 33.10 49.21 -20.61
N ASN E 128 33.22 48.70 -19.39
CA ASN E 128 34.07 47.54 -19.10
C ASN E 128 33.45 46.65 -18.04
N PHE E 129 33.41 45.34 -18.35
CA PHE E 129 32.80 44.34 -17.48
C PHE E 129 33.50 43.00 -17.64
N SER E 130 33.30 42.12 -16.66
CA SER E 130 33.82 40.76 -16.68
C SER E 130 32.64 39.79 -16.92
N ILE E 131 32.89 38.71 -17.65
CA ILE E 131 31.87 37.72 -17.99
C ILE E 131 32.48 36.32 -18.17
N ALA E 132 31.70 35.28 -17.86
CA ALA E 132 32.11 33.89 -18.07
C ALA E 132 32.35 33.69 -19.58
N GLN E 133 33.48 33.05 -19.94
CA GLN E 133 33.86 32.79 -21.33
C GLN E 133 32.77 32.00 -22.05
N SER E 134 32.19 31.03 -21.34
CA SER E 134 31.11 30.13 -21.75
C SER E 134 29.84 30.90 -22.17
N LYS E 135 29.46 31.95 -21.40
CA LYS E 135 28.28 32.78 -21.65
C LYS E 135 28.48 33.63 -22.90
N LEU E 136 29.68 34.23 -23.06
CA LEU E 136 29.98 35.03 -24.24
C LEU E 136 30.06 34.16 -25.51
N ARG E 137 30.71 32.98 -25.42
CA ARG E 137 30.82 32.04 -26.52
C ARG E 137 29.43 31.59 -27.00
N ARG E 138 28.50 31.30 -26.04
CA ARG E 138 27.11 30.91 -26.29
C ARG E 138 26.41 31.99 -27.13
N LEU E 139 26.55 33.29 -26.76
CA LEU E 139 25.94 34.41 -27.49
C LEU E 139 26.39 34.45 -28.94
N ILE E 140 27.71 34.21 -29.18
CA ILE E 140 28.30 34.21 -30.53
C ILE E 140 27.85 32.97 -31.31
N ASP E 141 28.07 31.76 -30.74
CA ASP E 141 27.75 30.49 -31.38
C ASP E 141 26.25 30.28 -31.66
N ARG E 142 25.36 30.87 -30.84
CA ARG E 142 23.91 30.74 -31.07
C ARG E 142 23.43 31.65 -32.20
N THR E 143 24.24 32.62 -32.64
CA THR E 143 23.80 33.59 -33.64
C THR E 143 24.68 33.78 -34.88
N SER E 144 25.97 33.41 -34.82
CA SER E 144 26.96 33.68 -35.88
C SER E 144 26.63 33.27 -37.31
N PHE E 145 25.86 32.17 -37.48
CA PHE E 145 25.44 31.68 -38.81
C PHE E 145 24.58 32.70 -39.56
N ALA E 146 23.85 33.61 -38.84
CA ALA E 146 22.95 34.58 -39.47
C ALA E 146 23.61 35.84 -39.99
N MET E 147 24.89 36.07 -39.65
CA MET E 147 25.62 37.27 -40.12
C MET E 147 25.72 37.22 -41.63
N ALA E 148 25.69 38.40 -42.25
CA ALA E 148 25.90 38.45 -43.69
C ALA E 148 27.40 38.27 -43.94
N GLN E 149 27.72 37.86 -45.16
CA GLN E 149 29.07 37.70 -45.64
C GLN E 149 29.15 38.49 -46.93
N GLN E 150 30.02 39.50 -46.96
CA GLN E 150 30.24 40.35 -48.13
C GLN E 150 28.99 41.07 -48.69
N ASP E 151 28.01 41.36 -47.82
CA ASP E 151 26.82 42.12 -48.23
C ASP E 151 27.25 43.57 -48.44
N VAL E 152 26.66 44.23 -49.43
CA VAL E 152 26.94 45.62 -49.74
C VAL E 152 26.58 46.55 -48.54
N ARG E 153 25.58 46.11 -47.72
CA ARG E 153 25.20 46.76 -46.47
C ARG E 153 26.23 46.23 -45.48
N TYR E 154 27.41 46.88 -45.44
CA TYR E 154 28.60 46.51 -44.65
C TYR E 154 28.36 46.26 -43.16
N TYR E 155 27.39 46.98 -42.57
CA TYR E 155 27.01 46.90 -41.15
C TYR E 155 26.37 45.55 -40.78
N LEU E 156 26.01 44.74 -41.80
CA LEU E 156 25.44 43.40 -41.63
C LEU E 156 26.51 42.33 -41.61
N ASN E 157 27.73 42.63 -42.10
CA ASN E 157 28.88 41.71 -42.16
C ASN E 157 29.59 41.63 -40.82
N GLY E 158 28.80 41.32 -39.79
CA GLY E 158 29.27 41.24 -38.43
C GLY E 158 28.14 41.01 -37.45
N MET E 159 28.48 41.13 -36.16
CA MET E 159 27.55 40.86 -35.08
C MET E 159 27.36 42.05 -34.17
N LEU E 160 26.09 42.35 -33.88
CA LEU E 160 25.75 43.38 -32.91
C LEU E 160 25.92 42.77 -31.51
N LEU E 161 26.62 43.48 -30.63
CA LEU E 161 26.77 43.15 -29.21
C LEU E 161 26.18 44.35 -28.51
N GLU E 162 25.10 44.11 -27.75
CA GLU E 162 24.35 45.18 -27.10
C GLU E 162 24.21 44.97 -25.59
N VAL E 163 24.50 46.02 -24.81
CA VAL E 163 24.30 46.02 -23.37
C VAL E 163 23.11 46.93 -23.07
N ASN E 164 22.07 46.38 -22.43
CA ASN E 164 20.85 47.13 -22.13
C ASN E 164 20.21 46.60 -20.86
N GLY E 165 20.06 47.48 -19.86
CA GLY E 165 19.48 47.15 -18.56
C GLY E 165 20.51 46.53 -17.63
N GLY E 166 21.07 45.42 -18.08
CA GLY E 166 22.08 44.61 -17.43
C GLY E 166 22.35 43.38 -18.28
N THR E 167 21.51 43.22 -19.32
CA THR E 167 21.52 42.13 -20.29
C THR E 167 22.55 42.37 -21.39
N LEU E 168 23.27 41.31 -21.78
CA LEU E 168 24.18 41.31 -22.91
C LEU E 168 23.46 40.52 -23.99
N ARG E 169 23.35 41.12 -25.18
CA ARG E 169 22.64 40.53 -26.30
C ARG E 169 23.46 40.56 -27.58
N SER E 170 23.38 39.46 -28.35
CA SER E 170 24.00 39.36 -29.65
C SER E 170 22.90 39.33 -30.69
N VAL E 171 23.09 40.06 -31.82
CA VAL E 171 22.16 40.09 -32.95
C VAL E 171 22.98 39.94 -34.24
N ALA E 172 22.54 39.04 -35.12
CA ALA E 172 23.14 38.80 -36.43
C ALA E 172 22.02 38.67 -37.46
N THR E 173 22.19 39.28 -38.63
CA THR E 173 21.21 39.25 -39.73
C THR E 173 21.87 39.49 -41.08
N ASP E 174 21.27 38.94 -42.13
CA ASP E 174 21.72 39.10 -43.51
C ASP E 174 20.60 39.72 -44.39
N GLY E 175 19.51 40.14 -43.75
CA GLY E 175 18.36 40.72 -44.43
C GLY E 175 17.26 39.73 -44.77
N HIS E 176 17.57 38.43 -44.77
CA HIS E 176 16.62 37.35 -45.05
C HIS E 176 16.21 36.66 -43.75
N ARG E 177 17.17 36.51 -42.84
CA ARG E 177 16.99 35.85 -41.55
C ARG E 177 17.76 36.59 -40.48
N LEU E 178 17.36 36.37 -39.23
CA LEU E 178 17.99 36.99 -38.08
C LEU E 178 18.13 35.99 -36.95
N ALA E 179 19.21 36.11 -36.16
CA ALA E 179 19.45 35.32 -34.96
C ALA E 179 19.78 36.29 -33.82
N MET E 180 19.20 36.05 -32.65
CA MET E 180 19.46 36.85 -31.46
C MET E 180 19.49 36.00 -30.20
N CYS E 181 20.39 36.35 -29.28
CA CYS E 181 20.52 35.64 -28.01
C CYS E 181 20.76 36.66 -26.90
N SER E 182 20.00 36.55 -25.79
CA SER E 182 20.11 37.47 -24.65
C SER E 182 20.45 36.71 -23.38
N LEU E 183 21.34 37.27 -22.56
CA LEU E 183 21.75 36.68 -21.28
C LEU E 183 21.83 37.78 -20.24
N ASP E 184 21.20 37.57 -19.07
CA ASP E 184 21.22 38.58 -18.01
C ASP E 184 22.54 38.50 -17.22
N ALA E 185 23.56 39.23 -17.72
CA ALA E 185 24.90 39.28 -17.16
C ALA E 185 25.08 40.30 -16.01
N GLN E 186 24.01 41.10 -15.71
CA GLN E 186 23.97 42.14 -14.68
C GLN E 186 25.10 43.17 -14.81
N ILE E 187 25.24 43.73 -16.03
CA ILE E 187 26.24 44.74 -16.39
C ILE E 187 25.62 46.14 -16.16
N PRO E 188 26.13 46.97 -15.21
CA PRO E 188 25.58 48.33 -15.08
C PRO E 188 26.03 49.19 -16.27
N SER E 189 25.07 49.86 -16.96
CA SER E 189 25.38 50.64 -18.15
C SER E 189 24.86 52.08 -18.20
N GLN E 190 23.76 52.37 -17.47
CA GLN E 190 23.10 53.69 -17.41
C GLN E 190 22.47 54.15 -18.74
N ASP E 191 22.78 53.45 -19.85
CA ASP E 191 22.28 53.68 -21.22
C ASP E 191 22.49 52.44 -22.09
N ARG E 192 21.66 52.27 -23.13
CA ARG E 192 21.81 51.17 -24.09
C ARG E 192 23.10 51.42 -24.89
N HIS E 193 24.01 50.44 -24.89
CA HIS E 193 25.27 50.53 -25.62
C HIS E 193 25.37 49.44 -26.68
N GLN E 194 25.68 49.83 -27.93
CA GLN E 194 25.78 48.93 -29.07
C GLN E 194 27.14 49.01 -29.75
N VAL E 195 27.67 47.85 -30.18
CA VAL E 195 28.90 47.73 -30.96
C VAL E 195 28.68 46.69 -32.07
N ILE E 196 29.25 46.91 -33.26
CA ILE E 196 29.17 45.92 -34.34
C ILE E 196 30.57 45.37 -34.51
N VAL E 197 30.74 44.08 -34.18
CA VAL E 197 32.02 43.40 -34.32
C VAL E 197 32.09 42.75 -35.72
N PRO E 198 33.14 43.06 -36.54
CA PRO E 198 33.26 42.43 -37.88
C PRO E 198 33.21 40.91 -37.81
N ARG E 199 32.60 40.27 -38.83
CA ARG E 199 32.43 38.82 -38.87
C ARG E 199 33.68 38.00 -38.61
N LYS E 200 34.81 38.36 -39.25
CA LYS E 200 36.08 37.65 -39.07
C LYS E 200 36.56 37.70 -37.60
N GLY E 201 36.49 38.89 -37.00
CA GLY E 201 36.87 39.16 -35.62
C GLY E 201 36.05 38.39 -34.59
N ILE E 202 34.70 38.46 -34.72
CA ILE E 202 33.80 37.77 -33.79
C ILE E 202 33.95 36.24 -33.83
N LEU E 203 34.16 35.67 -35.03
CA LEU E 203 34.35 34.22 -35.20
C LEU E 203 35.67 33.79 -34.57
N GLU E 204 36.72 34.63 -34.70
CA GLU E 204 38.02 34.38 -34.11
C GLU E 204 37.88 34.37 -32.58
N LEU E 205 37.22 35.42 -32.02
CA LEU E 205 36.99 35.55 -30.58
C LEU E 205 36.28 34.31 -30.00
N ALA E 206 35.18 33.84 -30.65
CA ALA E 206 34.43 32.65 -30.20
C ALA E 206 35.34 31.42 -30.10
N ARG E 207 36.23 31.23 -31.09
CA ARG E 207 37.18 30.12 -31.12
C ARG E 207 38.23 30.21 -30.01
N LEU E 208 38.58 31.43 -29.60
CA LEU E 208 39.53 31.69 -28.52
C LEU E 208 38.95 31.42 -27.13
N LEU E 209 37.61 31.53 -26.98
CA LEU E 209 36.91 31.34 -25.69
C LEU E 209 36.72 29.85 -25.32
N THR E 210 37.84 29.15 -25.11
CA THR E 210 37.92 27.71 -24.81
C THR E 210 37.80 27.34 -23.32
N GLU E 211 38.10 28.29 -22.41
CA GLU E 211 38.03 28.06 -20.96
C GLU E 211 36.60 27.92 -20.50
N GLN E 212 36.12 26.65 -20.40
CA GLN E 212 34.77 26.28 -19.95
C GLN E 212 34.46 26.85 -18.58
N ASP E 213 35.49 26.95 -17.71
CA ASP E 213 35.39 27.49 -16.36
C ASP E 213 35.85 28.95 -16.24
N GLY E 214 36.63 29.42 -17.22
CA GLY E 214 37.24 30.74 -17.26
C GLY E 214 36.38 31.98 -17.41
N GLU E 215 36.99 33.14 -17.13
CA GLU E 215 36.40 34.47 -17.19
C GLU E 215 37.11 35.30 -18.27
N VAL E 216 36.39 36.27 -18.84
CA VAL E 216 36.92 37.19 -19.83
C VAL E 216 36.55 38.64 -19.47
N GLY E 217 37.54 39.52 -19.49
CA GLY E 217 37.35 40.94 -19.26
C GLY E 217 37.05 41.60 -20.60
N ILE E 218 35.93 42.33 -20.67
CA ILE E 218 35.52 43.01 -21.90
C ILE E 218 35.59 44.53 -21.75
N VAL E 219 36.11 45.20 -22.79
CA VAL E 219 36.15 46.65 -22.85
C VAL E 219 35.47 47.03 -24.16
N LEU E 220 34.44 47.88 -24.05
CA LEU E 220 33.74 48.41 -25.20
C LEU E 220 34.17 49.86 -25.37
N GLY E 221 34.81 50.16 -26.50
CA GLY E 221 35.24 51.50 -26.85
C GLY E 221 34.42 52.01 -28.01
N GLN E 222 34.63 53.28 -28.41
CA GLN E 222 33.88 53.87 -29.53
C GLN E 222 34.23 53.22 -30.88
N HIS E 223 35.49 52.77 -31.05
CA HIS E 223 35.95 52.16 -32.30
C HIS E 223 36.62 50.79 -32.12
N HIS E 224 36.60 50.24 -30.90
CA HIS E 224 37.25 48.95 -30.65
C HIS E 224 36.52 48.13 -29.59
N ILE E 225 36.81 46.82 -29.59
CA ILE E 225 36.39 45.86 -28.57
C ILE E 225 37.65 45.16 -28.08
N ARG E 226 37.80 44.98 -26.76
CA ARG E 226 38.93 44.29 -26.18
C ARG E 226 38.44 43.16 -25.27
N ALA E 227 39.04 41.97 -25.43
CA ALA E 227 38.75 40.78 -24.63
C ALA E 227 40.06 40.27 -24.05
N THR E 228 40.15 40.21 -22.71
CA THR E 228 41.35 39.79 -21.97
C THR E 228 41.08 38.54 -21.12
N THR E 229 41.97 37.53 -21.18
CA THR E 229 41.87 36.29 -20.40
C THR E 229 43.12 36.00 -19.53
N GLY E 230 44.07 36.93 -19.51
CA GLY E 230 45.29 36.75 -18.71
C GLY E 230 46.40 36.07 -19.48
N GLU E 231 46.03 35.10 -20.34
CA GLU E 231 46.95 34.41 -21.25
C GLU E 231 46.97 35.13 -22.60
N PHE E 232 45.84 35.79 -22.97
CA PHE E 232 45.70 36.55 -24.21
C PHE E 232 44.90 37.85 -24.09
N THR E 233 45.20 38.80 -25.00
CA THR E 233 44.47 40.05 -25.19
C THR E 233 44.07 40.10 -26.65
N PHE E 234 42.76 40.13 -26.87
CA PHE E 234 42.18 40.20 -28.21
C PHE E 234 41.64 41.61 -28.40
N THR E 235 42.01 42.25 -29.51
CA THR E 235 41.50 43.57 -29.87
C THR E 235 40.99 43.55 -31.29
N SER E 236 39.80 44.05 -31.50
CA SER E 236 39.20 44.15 -32.83
C SER E 236 38.68 45.54 -33.05
N LYS E 237 38.82 46.04 -34.28
CA LYS E 237 38.23 47.31 -34.69
C LYS E 237 36.73 47.02 -34.83
N LEU E 238 35.88 48.05 -34.74
CA LEU E 238 34.44 47.84 -34.88
C LEU E 238 33.98 48.22 -36.28
N VAL E 239 32.78 47.77 -36.69
CA VAL E 239 32.19 48.14 -37.98
C VAL E 239 31.64 49.54 -37.72
N ASP E 240 32.17 50.54 -38.45
CA ASP E 240 31.75 51.93 -38.29
C ASP E 240 30.46 52.20 -39.04
N GLY E 241 29.36 51.87 -38.39
CA GLY E 241 28.01 52.07 -38.90
C GLY E 241 26.95 51.86 -37.83
N LYS E 242 25.69 52.10 -38.20
CA LYS E 242 24.56 51.91 -37.29
C LYS E 242 23.83 50.62 -37.68
N PHE E 243 23.66 49.73 -36.70
CA PHE E 243 22.95 48.47 -36.91
C PHE E 243 21.47 48.76 -37.13
N PRO E 244 20.76 48.03 -38.03
CA PRO E 244 19.32 48.31 -38.23
C PRO E 244 18.47 48.14 -36.98
N ASP E 245 17.28 48.76 -36.97
CA ASP E 245 16.34 48.67 -35.85
C ASP E 245 15.65 47.29 -35.91
N TYR E 246 16.38 46.26 -35.44
CA TYR E 246 15.98 44.87 -35.44
C TYR E 246 14.67 44.61 -34.69
N GLU E 247 14.42 45.38 -33.61
CA GLU E 247 13.20 45.28 -32.79
C GLU E 247 11.93 45.46 -33.64
N ARG E 248 12.01 46.30 -34.70
CA ARG E 248 10.90 46.57 -35.62
C ARG E 248 10.58 45.38 -36.55
N VAL E 249 11.55 44.48 -36.80
CA VAL E 249 11.33 43.33 -37.69
C VAL E 249 10.99 42.01 -36.98
N LEU E 250 11.05 41.99 -35.64
CA LEU E 250 10.71 40.80 -34.85
C LEU E 250 9.19 40.56 -34.93
N PRO E 251 8.73 39.37 -35.41
CA PRO E 251 7.28 39.13 -35.53
C PRO E 251 6.60 39.06 -34.17
N ARG E 252 5.53 39.86 -33.98
CA ARG E 252 4.85 39.94 -32.69
C ARG E 252 3.52 39.19 -32.57
N GLY E 253 2.66 39.32 -33.59
CA GLY E 253 1.32 38.73 -33.54
C GLY E 253 1.11 37.29 -33.96
N GLY E 254 2.20 36.50 -34.05
CA GLY E 254 2.17 35.10 -34.46
C GLY E 254 1.09 34.27 -33.80
N ASP E 255 0.06 33.91 -34.58
CA ASP E 255 -1.12 33.17 -34.12
C ASP E 255 -1.02 31.64 -34.21
N LYS E 256 -0.06 31.13 -34.99
CA LYS E 256 0.08 29.69 -35.19
C LYS E 256 1.28 29.13 -34.43
N LEU E 257 1.02 28.48 -33.29
CA LEU E 257 2.08 27.88 -32.47
C LEU E 257 2.26 26.42 -32.79
N VAL E 258 3.46 26.09 -33.27
CA VAL E 258 3.84 24.73 -33.66
C VAL E 258 4.94 24.27 -32.71
N VAL E 259 4.75 23.09 -32.11
CA VAL E 259 5.74 22.46 -31.26
C VAL E 259 6.07 21.14 -31.96
N GLY E 260 7.34 21.00 -32.33
CA GLY E 260 7.82 19.81 -33.02
C GLY E 260 9.11 19.30 -32.42
N ASP E 261 9.48 18.07 -32.81
CA ASP E 261 10.72 17.44 -32.39
C ASP E 261 11.83 18.00 -33.27
N ARG E 262 12.86 18.61 -32.65
CA ARG E 262 14.00 19.20 -33.35
C ARG E 262 14.69 18.20 -34.30
N GLN E 263 14.98 16.98 -33.82
CA GLN E 263 15.62 15.93 -34.61
C GLN E 263 14.77 15.47 -35.80
N GLN E 264 13.46 15.22 -35.56
CA GLN E 264 12.53 14.80 -36.62
C GLN E 264 12.44 15.85 -37.72
N LEU E 265 12.33 17.13 -37.33
CA LEU E 265 12.26 18.24 -38.29
C LEU E 265 13.55 18.40 -39.06
N ARG E 266 14.71 18.32 -38.35
CA ARG E 266 16.02 18.42 -38.96
C ARG E 266 16.25 17.30 -39.98
N GLU E 267 15.88 16.06 -39.64
CA GLU E 267 16.04 14.88 -40.50
C GLU E 267 15.18 14.97 -41.76
N ALA E 268 13.90 15.39 -41.60
CA ALA E 268 12.96 15.56 -42.71
C ALA E 268 13.38 16.72 -43.62
N PHE E 269 13.86 17.85 -43.04
CA PHE E 269 14.35 18.98 -43.82
C PHE E 269 15.62 18.58 -44.61
N SER E 270 16.53 17.81 -43.99
CA SER E 270 17.76 17.33 -44.66
C SER E 270 17.44 16.40 -45.83
N ARG E 271 16.47 15.46 -45.66
CA ARG E 271 16.06 14.52 -46.71
C ARG E 271 15.46 15.25 -47.90
N THR E 272 14.49 16.15 -47.64
CA THR E 272 13.83 16.93 -48.69
C THR E 272 14.78 17.89 -49.42
N ALA E 273 15.75 18.49 -48.68
CA ALA E 273 16.76 19.43 -49.19
C ALA E 273 17.55 18.87 -50.38
N ILE E 274 17.81 17.53 -50.38
CA ILE E 274 18.51 16.81 -51.46
C ILE E 274 17.86 17.10 -52.84
N LEU E 275 16.52 17.13 -52.88
CA LEU E 275 15.79 17.39 -54.12
C LEU E 275 15.27 18.83 -54.30
N SER E 276 15.77 19.78 -53.48
CA SER E 276 15.42 21.19 -53.62
C SER E 276 16.40 21.81 -54.65
N ASN E 277 16.02 22.96 -55.22
CA ASN E 277 16.85 23.73 -56.17
C ASN E 277 18.21 24.01 -55.48
N GLU E 278 19.32 23.67 -56.16
CA GLU E 278 20.67 23.83 -55.61
C GLU E 278 21.03 25.29 -55.26
N LYS E 279 20.46 26.24 -56.01
CA LYS E 279 20.70 27.67 -55.81
C LYS E 279 19.68 28.29 -54.85
N TYR E 280 18.38 28.10 -55.15
CA TYR E 280 17.31 28.72 -54.36
C TYR E 280 16.87 28.01 -53.09
N ARG E 281 17.12 26.68 -52.99
CA ARG E 281 16.89 25.85 -51.79
C ARG E 281 15.48 25.93 -51.20
N GLY E 282 14.50 26.17 -52.06
CA GLY E 282 13.11 26.33 -51.67
C GLY E 282 12.40 25.03 -51.37
N ILE E 283 11.66 25.03 -50.26
CA ILE E 283 10.80 23.93 -49.83
C ILE E 283 9.43 24.50 -49.55
N ARG E 284 8.40 23.67 -49.68
CA ARG E 284 7.04 24.06 -49.39
C ARG E 284 6.57 23.33 -48.14
N LEU E 285 6.00 24.10 -47.22
CA LEU E 285 5.45 23.61 -45.96
C LEU E 285 3.92 23.70 -46.02
N GLN E 286 3.25 22.62 -45.63
CA GLN E 286 1.79 22.59 -45.54
C GLN E 286 1.45 22.15 -44.14
N LEU E 287 1.06 23.14 -43.32
CA LEU E 287 0.69 22.95 -41.93
C LEU E 287 -0.81 22.76 -41.79
N SER E 288 -1.20 21.78 -40.98
CA SER E 288 -2.59 21.44 -40.63
C SER E 288 -2.55 20.77 -39.25
N ASN E 289 -3.74 20.48 -38.65
CA ASN E 289 -3.85 19.87 -37.32
C ASN E 289 -2.97 18.63 -37.15
N GLY E 290 -2.01 18.75 -36.21
CA GLY E 290 -1.03 17.73 -35.86
C GLY E 290 -0.07 17.30 -36.96
N LEU E 291 -0.02 18.02 -38.09
CA LEU E 291 0.78 17.60 -39.23
C LEU E 291 1.50 18.70 -39.99
N LEU E 292 2.76 18.41 -40.37
CA LEU E 292 3.56 19.28 -41.23
C LEU E 292 4.00 18.47 -42.46
N LYS E 293 3.46 18.83 -43.63
CA LYS E 293 3.84 18.21 -44.90
C LYS E 293 4.94 19.06 -45.52
N ILE E 294 6.05 18.42 -45.92
CA ILE E 294 7.21 19.08 -46.54
C ILE E 294 7.39 18.57 -47.96
N GLN E 295 7.54 19.51 -48.90
CA GLN E 295 7.76 19.16 -50.30
C GLN E 295 8.90 19.99 -50.89
N ALA E 296 9.72 19.36 -51.73
CA ALA E 296 10.82 20.00 -52.43
C ALA E 296 10.93 19.47 -53.85
N ASN E 297 11.20 20.36 -54.80
CA ASN E 297 11.41 20.01 -56.20
C ASN E 297 12.48 20.86 -56.84
N ASN E 298 13.09 20.33 -57.91
CA ASN E 298 14.19 21.01 -58.58
C ASN E 298 13.90 21.21 -60.09
N PRO E 299 14.78 21.91 -60.88
CA PRO E 299 14.48 22.10 -62.31
C PRO E 299 14.35 20.82 -63.15
N GLU E 300 15.01 19.71 -62.72
CA GLU E 300 14.95 18.39 -63.39
C GLU E 300 13.63 17.66 -63.09
N GLN E 301 12.71 18.31 -62.36
CA GLN E 301 11.39 17.80 -61.95
C GLN E 301 11.44 16.61 -60.96
N GLU E 302 12.58 16.49 -60.24
CA GLU E 302 12.77 15.51 -59.18
C GLU E 302 12.04 16.04 -57.95
N GLU E 303 11.39 15.17 -57.17
CA GLU E 303 10.59 15.62 -56.04
C GLU E 303 10.76 14.78 -54.77
N ALA E 304 10.82 15.46 -53.63
CA ALA E 304 10.92 14.85 -52.30
C ALA E 304 9.73 15.30 -51.46
N GLU E 305 9.11 14.35 -50.73
CA GLU E 305 7.95 14.60 -49.88
C GLU E 305 8.09 13.88 -48.56
N GLU E 306 7.66 14.56 -47.49
CA GLU E 306 7.67 14.00 -46.14
C GLU E 306 6.58 14.60 -45.27
N GLU E 307 6.09 13.80 -44.34
CA GLU E 307 5.05 14.21 -43.39
C GLU E 307 5.64 14.04 -41.99
N VAL E 308 5.58 15.13 -41.19
CA VAL E 308 6.08 15.15 -39.82
C VAL E 308 4.94 15.48 -38.86
N GLN E 309 4.79 14.65 -37.81
CA GLN E 309 3.79 14.89 -36.77
C GLN E 309 4.29 16.03 -35.89
N VAL E 310 3.42 17.03 -35.66
CA VAL E 310 3.74 18.21 -34.85
C VAL E 310 2.59 18.48 -33.88
N GLU E 311 2.84 19.26 -32.80
CA GLU E 311 1.80 19.69 -31.88
C GLU E 311 1.27 21.00 -32.45
N TYR E 312 0.13 20.91 -33.16
CA TYR E 312 -0.51 22.07 -33.78
C TYR E 312 -2.03 21.89 -33.91
N ASN E 313 -2.77 22.91 -33.47
CA ASN E 313 -4.22 22.99 -33.57
C ASN E 313 -4.55 24.41 -34.06
N GLY E 314 -5.12 24.49 -35.25
CA GLY E 314 -5.49 25.75 -35.87
C GLY E 314 -5.74 25.63 -37.35
N GLY E 315 -5.83 26.78 -38.01
CA GLY E 315 -6.06 26.86 -39.45
C GLY E 315 -4.87 26.42 -40.27
N ASN E 316 -5.13 26.01 -41.51
CA ASN E 316 -4.10 25.56 -42.43
C ASN E 316 -3.19 26.70 -42.89
N LEU E 317 -1.95 26.34 -43.23
CA LEU E 317 -0.96 27.28 -43.74
C LEU E 317 -0.04 26.62 -44.75
N GLU E 318 0.05 27.23 -45.93
CA GLU E 318 0.97 26.82 -46.98
C GLU E 318 2.01 27.94 -47.05
N ILE E 319 3.29 27.60 -46.81
CA ILE E 319 4.37 28.59 -46.75
C ILE E 319 5.68 28.04 -47.34
N GLY E 320 6.41 28.91 -48.05
CA GLY E 320 7.69 28.57 -48.67
C GLY E 320 8.87 29.08 -47.86
N PHE E 321 9.93 28.29 -47.77
CA PHE E 321 11.14 28.66 -47.04
C PHE E 321 12.39 28.12 -47.68
N ASN E 322 13.50 28.83 -47.45
CA ASN E 322 14.82 28.35 -47.86
C ASN E 322 15.17 27.31 -46.77
N VAL E 323 15.31 26.03 -47.19
CA VAL E 323 15.59 24.90 -46.29
C VAL E 323 16.90 25.03 -45.51
N SER E 324 17.94 25.62 -46.15
CA SER E 324 19.23 25.85 -45.50
C SER E 324 19.05 26.81 -44.33
N TYR E 325 18.19 27.85 -44.46
CA TYR E 325 17.90 28.81 -43.38
C TYR E 325 17.23 28.11 -42.19
N LEU E 326 16.33 27.15 -42.46
CA LEU E 326 15.64 26.39 -41.42
C LEU E 326 16.60 25.42 -40.73
N LEU E 327 17.48 24.74 -41.52
CA LEU E 327 18.49 23.83 -41.01
C LEU E 327 19.51 24.55 -40.13
N ASP E 328 19.88 25.77 -40.52
CA ASP E 328 20.78 26.62 -39.74
C ASP E 328 20.23 26.88 -38.34
N VAL E 329 18.92 27.22 -38.26
CA VAL E 329 18.24 27.48 -37.00
C VAL E 329 18.20 26.21 -36.13
N LEU E 330 17.76 25.09 -36.72
CA LEU E 330 17.66 23.82 -36.00
C LEU E 330 18.99 23.35 -35.42
N GLY E 331 20.09 23.65 -36.13
CA GLY E 331 21.45 23.32 -35.74
C GLY E 331 21.93 24.01 -34.48
N VAL E 332 21.27 25.11 -34.07
CA VAL E 332 21.61 25.86 -32.85
C VAL E 332 20.59 25.71 -31.70
N ILE E 333 19.43 25.06 -31.95
CA ILE E 333 18.41 24.82 -30.92
C ILE E 333 18.96 23.69 -29.99
N GLY E 334 19.12 23.99 -28.71
CA GLY E 334 19.67 23.06 -27.72
C GLY E 334 18.68 22.14 -27.03
N THR E 335 17.38 22.44 -27.17
CA THR E 335 16.31 21.62 -26.61
C THR E 335 15.83 20.58 -27.63
N GLU E 336 15.30 19.49 -27.10
CA GLU E 336 14.72 18.35 -27.82
C GLU E 336 13.52 18.80 -28.67
N GLN E 337 12.71 19.72 -28.12
CA GLN E 337 11.56 20.29 -28.80
C GLN E 337 11.90 21.70 -29.29
N VAL E 338 11.21 22.10 -30.35
CA VAL E 338 11.40 23.41 -30.97
C VAL E 338 10.03 24.06 -31.21
N ARG E 339 9.95 25.36 -30.94
CA ARG E 339 8.73 26.14 -31.13
C ARG E 339 8.86 26.99 -32.39
N PHE E 340 7.87 26.89 -33.28
CA PHE E 340 7.74 27.70 -34.50
C PHE E 340 6.48 28.52 -34.29
N ILE E 341 6.59 29.84 -34.46
CA ILE E 341 5.46 30.75 -34.32
C ILE E 341 5.29 31.42 -35.68
N LEU E 342 4.17 31.08 -36.34
CA LEU E 342 3.87 31.55 -37.69
C LEU E 342 2.56 32.34 -37.72
N SER E 343 2.29 32.99 -38.85
CA SER E 343 1.07 33.74 -39.07
C SER E 343 0.55 33.43 -40.47
N ASP E 344 1.00 34.15 -41.51
CA ASP E 344 0.59 33.93 -42.90
C ASP E 344 1.76 33.57 -43.82
N SER E 345 1.46 33.24 -45.09
CA SER E 345 2.44 32.83 -46.11
C SER E 345 3.46 33.91 -46.51
N ASN E 346 3.17 35.19 -46.24
CA ASN E 346 4.03 36.32 -46.59
C ASN E 346 4.84 36.84 -45.39
N SER E 347 4.59 36.27 -44.20
CA SER E 347 5.26 36.70 -42.96
C SER E 347 6.27 35.72 -42.42
N SER E 348 7.22 36.27 -41.65
CA SER E 348 8.33 35.57 -41.00
CA SER E 348 8.32 35.51 -41.06
C SER E 348 7.92 34.45 -40.04
N ALA E 349 8.79 33.47 -39.85
CA ALA E 349 8.64 32.40 -38.87
C ALA E 349 9.48 32.88 -37.69
N LEU E 350 8.99 32.70 -36.47
CA LEU E 350 9.71 33.00 -35.25
C LEU E 350 10.02 31.66 -34.61
N VAL E 351 11.29 31.43 -34.27
CA VAL E 351 11.73 30.15 -33.72
C VAL E 351 12.41 30.34 -32.36
N HIS E 352 12.06 29.47 -31.40
CA HIS E 352 12.62 29.47 -30.06
C HIS E 352 12.90 28.06 -29.61
N GLU E 353 13.69 27.93 -28.53
CA GLU E 353 13.91 26.67 -27.82
C GLU E 353 12.58 26.39 -27.10
N ALA E 354 12.35 25.13 -26.67
CA ALA E 354 11.12 24.71 -26.03
C ALA E 354 10.78 25.42 -24.72
N ASP E 355 11.77 25.63 -23.85
CA ASP E 355 11.56 26.13 -22.47
C ASP E 355 11.93 27.57 -22.15
N ASN E 356 12.43 28.34 -23.14
CA ASN E 356 12.84 29.74 -22.88
C ASN E 356 12.78 30.60 -24.15
N ASP E 357 12.77 31.93 -23.96
CA ASP E 357 12.75 32.93 -25.04
C ASP E 357 14.11 33.64 -25.19
N ASP E 358 15.19 33.18 -24.47
CA ASP E 358 16.55 33.77 -24.52
C ASP E 358 17.11 33.83 -25.93
N SER E 359 16.86 32.79 -26.74
CA SER E 359 17.25 32.73 -28.14
C SER E 359 16.01 32.94 -29.00
N ALA E 360 16.13 33.73 -30.07
CA ALA E 360 15.04 34.00 -31.00
C ALA E 360 15.59 34.04 -32.43
N TYR E 361 14.91 33.35 -33.34
CA TYR E 361 15.31 33.22 -34.74
C TYR E 361 14.18 33.62 -35.65
N VAL E 362 14.47 34.51 -36.58
CA VAL E 362 13.47 35.03 -37.52
C VAL E 362 13.87 34.63 -38.94
N VAL E 363 12.94 34.00 -39.69
CA VAL E 363 13.21 33.60 -41.07
C VAL E 363 12.11 34.15 -41.97
N MET E 364 12.46 35.03 -42.92
CA MET E 364 11.50 35.53 -43.91
C MET E 364 11.19 34.38 -44.88
N PRO E 365 9.91 34.23 -45.28
CA PRO E 365 9.57 33.16 -46.23
C PRO E 365 9.98 33.48 -47.69
N MET E 366 9.68 32.53 -48.59
CA MET E 366 9.88 32.63 -50.03
C MET E 366 8.49 32.59 -50.67
N ARG E 367 8.32 33.31 -51.79
CA ARG E 367 7.06 33.30 -52.53
C ARG E 367 6.95 31.97 -53.25
N LEU E 368 5.80 31.29 -53.06
CA LEU E 368 5.48 30.00 -53.65
C LEU E 368 4.89 30.20 -55.05
N GLN F 2 12.68 34.58 -52.39
CA GLN F 2 13.07 35.04 -51.06
C GLN F 2 12.63 36.47 -50.74
N ASP F 4 12.45 39.91 -47.97
CA ASP F 4 13.39 40.65 -47.13
C ASP F 4 12.81 41.11 -45.81
N LEU F 5 13.65 41.17 -44.76
CA LEU F 5 13.29 41.62 -43.41
C LEU F 5 13.03 43.12 -43.39
N HIS G 1 9.67 -1.50 -65.47
CA HIS G 1 8.93 -2.44 -64.62
C HIS G 1 9.73 -2.96 -63.42
N MET G 2 11.03 -2.61 -63.36
CA MET G 2 11.97 -2.95 -62.29
C MET G 2 11.42 -2.50 -60.93
N HIS G 3 11.47 -3.39 -59.93
CA HIS G 3 10.97 -3.13 -58.58
C HIS G 3 11.61 -4.08 -57.58
N PHE G 4 12.05 -3.53 -56.44
CA PHE G 4 12.67 -4.28 -55.35
C PHE G 4 12.57 -3.54 -54.01
N THR G 5 12.75 -4.30 -52.93
CA THR G 5 12.83 -3.79 -51.55
C THR G 5 14.21 -4.15 -51.01
N ILE G 6 14.78 -3.26 -50.20
CA ILE G 6 16.12 -3.41 -49.64
C ILE G 6 16.25 -2.62 -48.32
N GLN G 7 16.99 -3.17 -47.35
CA GLN G 7 17.26 -2.49 -46.09
C GLN G 7 18.26 -1.38 -46.38
N ARG G 8 18.12 -0.24 -45.68
CA ARG G 8 18.98 0.95 -45.83
C ARG G 8 20.48 0.60 -45.90
N GLU G 9 20.97 -0.15 -44.90
CA GLU G 9 22.38 -0.54 -44.75
C GLU G 9 22.87 -1.47 -45.85
N ALA G 10 22.00 -2.38 -46.34
CA ALA G 10 22.32 -3.33 -47.41
C ALA G 10 22.54 -2.60 -48.74
N LEU G 11 21.77 -1.51 -49.00
CA LEU G 11 21.89 -0.69 -50.20
C LEU G 11 23.06 0.27 -50.05
N LEU G 12 23.20 0.90 -48.88
CA LEU G 12 24.23 1.88 -48.59
C LEU G 12 25.66 1.41 -48.82
N LYS G 13 26.02 0.20 -48.32
CA LYS G 13 27.38 -0.36 -48.47
C LYS G 13 27.87 -0.38 -49.95
N PRO G 14 27.22 -1.12 -50.91
CA PRO G 14 27.69 -1.08 -52.31
C PRO G 14 27.51 0.28 -52.97
N LEU G 15 26.44 1.02 -52.62
CA LEU G 15 26.15 2.35 -53.17
C LEU G 15 27.28 3.34 -52.86
N GLN G 16 27.79 3.33 -51.61
CA GLN G 16 28.91 4.22 -51.22
C GLN G 16 30.20 3.86 -51.96
N LEU G 17 30.47 2.55 -52.14
CA LEU G 17 31.68 2.09 -52.85
C LEU G 17 31.64 2.54 -54.31
N VAL G 18 30.53 2.24 -55.00
CA VAL G 18 30.25 2.54 -56.40
C VAL G 18 30.22 4.06 -56.67
N ALA G 19 29.59 4.86 -55.78
CA ALA G 19 29.52 6.33 -55.93
C ALA G 19 30.89 7.00 -55.85
N GLY G 20 31.83 6.35 -55.17
CA GLY G 20 33.21 6.82 -55.03
C GLY G 20 33.97 6.94 -56.33
N VAL G 21 33.60 6.13 -57.35
CA VAL G 21 34.24 6.17 -58.67
C VAL G 21 33.50 7.14 -59.62
N VAL G 22 32.25 7.52 -59.25
CA VAL G 22 31.39 8.43 -60.01
C VAL G 22 31.89 9.87 -59.77
N GLU G 23 32.33 10.55 -60.85
CA GLU G 23 32.84 11.92 -60.79
C GLU G 23 32.25 12.78 -61.91
N GLN G 26 31.27 15.43 -64.68
CA GLN G 26 31.23 14.44 -65.76
C GLN G 26 30.87 15.07 -67.10
N THR G 27 31.48 14.58 -68.20
CA THR G 27 31.23 15.02 -69.56
C THR G 27 29.87 14.48 -70.04
N LEU G 28 29.79 13.14 -70.18
CA LEU G 28 28.57 12.42 -70.56
C LEU G 28 27.65 12.37 -69.32
N PRO G 29 26.34 12.72 -69.46
CA PRO G 29 25.45 12.75 -68.27
C PRO G 29 25.25 11.40 -67.57
N VAL G 30 25.24 10.29 -68.33
CA VAL G 30 25.07 8.93 -67.79
C VAL G 30 26.21 8.53 -66.82
N LEU G 31 27.41 9.13 -66.99
CA LEU G 31 28.59 8.91 -66.16
C LEU G 31 28.40 9.33 -64.69
N SER G 32 27.44 10.26 -64.44
CA SER G 32 27.08 10.75 -63.11
C SER G 32 26.11 9.78 -62.43
N ASN G 33 25.60 8.81 -63.19
CA ASN G 33 24.62 7.83 -62.74
C ASN G 33 25.17 6.47 -62.34
N VAL G 34 24.43 5.80 -61.46
CA VAL G 34 24.70 4.43 -61.03
C VAL G 34 23.77 3.53 -61.85
N LEU G 35 24.32 2.48 -62.44
CA LEU G 35 23.52 1.50 -63.19
C LEU G 35 22.95 0.51 -62.17
N LEU G 36 21.62 0.39 -62.12
CA LEU G 36 20.89 -0.53 -61.26
C LEU G 36 20.36 -1.66 -62.14
N VAL G 37 20.72 -2.91 -61.84
CA VAL G 37 20.27 -4.08 -62.60
C VAL G 37 19.70 -5.11 -61.65
N VAL G 38 18.42 -5.48 -61.84
CA VAL G 38 17.76 -6.52 -61.07
C VAL G 38 17.61 -7.73 -62.00
N GLU G 39 18.29 -8.83 -61.65
CA GLU G 39 18.23 -10.10 -62.38
C GLU G 39 17.97 -11.15 -61.31
N GLY G 40 16.77 -11.72 -61.35
CA GLY G 40 16.31 -12.68 -60.34
C GLY G 40 16.27 -12.02 -58.98
N GLN G 41 16.92 -12.64 -57.98
CA GLN G 41 16.99 -12.10 -56.63
C GLN G 41 18.32 -11.36 -56.34
N GLN G 42 18.94 -10.82 -57.41
CA GLN G 42 20.19 -10.07 -57.28
C GLN G 42 20.10 -8.68 -57.85
N LEU G 43 20.58 -7.71 -57.05
CA LEU G 43 20.72 -6.32 -57.45
C LEU G 43 22.21 -6.07 -57.68
N SER G 44 22.55 -5.51 -58.84
CA SER G 44 23.90 -5.12 -59.17
C SER G 44 23.92 -3.60 -59.29
N LEU G 45 24.95 -2.96 -58.73
CA LEU G 45 25.13 -1.51 -58.77
C LEU G 45 26.46 -1.25 -59.45
N THR G 46 26.44 -0.47 -60.56
CA THR G 46 27.64 -0.17 -61.30
C THR G 46 27.91 1.32 -61.41
N GLY G 47 29.14 1.69 -61.14
CA GLY G 47 29.67 3.05 -61.28
C GLY G 47 30.92 3.00 -62.14
N THR G 48 31.10 4.02 -62.98
CA THR G 48 32.25 4.13 -63.88
C THR G 48 32.64 5.57 -64.21
N ASP G 49 33.90 5.77 -64.59
CA ASP G 49 34.45 7.05 -65.06
C ASP G 49 35.12 6.78 -66.42
N LEU G 50 34.85 5.58 -66.99
CA LEU G 50 35.36 5.02 -68.25
C LEU G 50 36.75 4.38 -68.15
N GLU G 51 37.51 4.74 -67.10
CA GLU G 51 38.84 4.18 -66.83
C GLU G 51 38.65 3.01 -65.86
N VAL G 52 37.93 3.24 -64.77
CA VAL G 52 37.61 2.24 -63.77
C VAL G 52 36.11 1.98 -63.71
N GLU G 53 35.75 0.74 -63.43
CA GLU G 53 34.37 0.31 -63.26
C GLU G 53 34.29 -0.46 -61.97
N LEU G 54 33.34 -0.08 -61.12
CA LEU G 54 33.12 -0.76 -59.86
C LEU G 54 31.71 -1.31 -59.83
N VAL G 55 31.59 -2.61 -59.50
CA VAL G 55 30.32 -3.33 -59.42
C VAL G 55 30.13 -3.87 -58.00
N GLY G 56 28.99 -3.51 -57.39
CA GLY G 56 28.57 -4.00 -56.09
C GLY G 56 27.36 -4.91 -56.28
N ARG G 57 27.30 -5.99 -55.50
CA ARG G 57 26.18 -6.94 -55.60
C ARG G 57 25.51 -7.17 -54.26
N VAL G 58 24.16 -7.25 -54.29
CA VAL G 58 23.30 -7.48 -53.11
C VAL G 58 22.27 -8.55 -53.44
N VAL G 59 22.06 -9.49 -52.51
CA VAL G 59 21.04 -10.53 -52.63
C VAL G 59 19.75 -9.90 -52.10
N LEU G 60 18.67 -9.94 -52.89
CA LEU G 60 17.36 -9.39 -52.53
C LEU G 60 16.50 -10.46 -51.85
N GLU G 61 15.99 -10.14 -50.64
CA GLU G 61 15.18 -11.05 -49.82
C GLU G 61 13.74 -11.21 -50.35
N ASP G 62 12.96 -10.11 -50.39
CA ASP G 62 11.58 -10.16 -50.85
C ASP G 62 11.51 -10.22 -52.38
N ALA G 63 10.34 -10.63 -52.93
CA ALA G 63 10.11 -10.75 -54.38
C ALA G 63 10.46 -9.47 -55.12
N ALA G 64 11.30 -9.62 -56.18
CA ALA G 64 11.78 -8.50 -57.00
C ALA G 64 11.43 -8.70 -58.46
N GLU G 65 11.09 -7.60 -59.15
CA GLU G 65 10.78 -7.63 -60.58
C GLU G 65 11.99 -7.15 -61.37
N PRO G 66 12.39 -7.89 -62.43
CA PRO G 66 13.62 -7.53 -63.15
C PRO G 66 13.56 -6.25 -63.98
N GLY G 67 14.75 -5.76 -64.29
CA GLY G 67 14.93 -4.56 -65.09
C GLY G 67 16.25 -3.87 -64.84
N GLU G 68 16.47 -2.81 -65.61
CA GLU G 68 17.67 -2.02 -65.54
C GLU G 68 17.37 -0.56 -65.79
N ILE G 69 18.09 0.30 -65.07
CA ILE G 69 17.95 1.75 -65.13
C ILE G 69 19.20 2.42 -64.56
N THR G 70 19.40 3.69 -64.89
CA THR G 70 20.49 4.47 -64.31
C THR G 70 19.85 5.65 -63.60
N VAL G 71 20.40 6.03 -62.43
CA VAL G 71 19.92 7.12 -61.59
C VAL G 71 21.09 7.96 -61.04
N PRO G 72 20.91 9.27 -60.71
CA PRO G 72 22.04 10.04 -60.14
C PRO G 72 22.62 9.33 -58.90
N ALA G 73 23.89 8.91 -58.99
CA ALA G 73 24.58 8.15 -57.95
C ALA G 73 24.70 8.88 -56.60
N ARG G 74 25.20 10.14 -56.59
CA ARG G 74 25.36 10.94 -55.38
C ARG G 74 24.00 11.21 -54.71
N LYS G 75 22.97 11.57 -55.50
CA LYS G 75 21.62 11.83 -54.99
C LYS G 75 21.03 10.59 -54.30
N LEU G 76 21.09 9.41 -54.96
CA LEU G 76 20.59 8.17 -54.36
C LEU G 76 21.34 7.79 -53.08
N MET G 77 22.69 7.94 -53.08
CA MET G 77 23.52 7.68 -51.90
C MET G 77 23.14 8.62 -50.75
N ASP G 78 23.00 9.93 -51.03
CA ASP G 78 22.62 10.94 -50.03
C ASP G 78 21.24 10.68 -49.43
N ILE G 79 20.28 10.24 -50.26
CA ILE G 79 18.93 9.90 -49.82
C ILE G 79 19.03 8.67 -48.89
N CYS G 80 19.75 7.62 -49.33
CA CYS G 80 19.99 6.39 -48.58
C CYS G 80 20.64 6.67 -47.20
N LYS G 81 21.72 7.48 -47.18
CA LYS G 81 22.43 7.89 -45.95
C LYS G 81 21.52 8.66 -44.97
N SER G 82 20.68 9.57 -45.51
CA SER G 82 19.77 10.42 -44.74
C SER G 82 18.54 9.69 -44.16
N LEU G 83 18.22 8.51 -44.68
CA LEU G 83 17.06 7.73 -44.23
C LEU G 83 17.27 7.15 -42.82
N PRO G 84 16.19 6.94 -42.01
CA PRO G 84 16.39 6.39 -40.65
C PRO G 84 17.05 5.01 -40.68
N ASN G 85 17.93 4.75 -39.68
CA ASN G 85 18.64 3.48 -39.54
C ASN G 85 17.70 2.28 -39.61
N ASP G 86 18.07 1.28 -40.42
CA ASP G 86 17.37 0.02 -40.61
C ASP G 86 16.01 0.03 -41.34
N VAL G 87 15.66 1.16 -41.99
CA VAL G 87 14.40 1.27 -42.75
C VAL G 87 14.40 0.39 -44.03
N LEU G 88 13.22 -0.13 -44.40
CA LEU G 88 13.06 -0.90 -45.62
C LEU G 88 12.74 0.09 -46.75
N ILE G 89 13.54 0.08 -47.81
CA ILE G 89 13.37 0.97 -48.95
C ILE G 89 12.70 0.26 -50.12
N ASP G 90 11.61 0.84 -50.64
CA ASP G 90 10.92 0.32 -51.81
C ASP G 90 11.37 1.16 -53.01
N ILE G 91 11.95 0.49 -54.03
CA ILE G 91 12.45 1.15 -55.23
C ILE G 91 11.77 0.59 -56.49
N ARG G 92 11.17 1.47 -57.31
CA ARG G 92 10.54 1.06 -58.57
C ARG G 92 10.70 2.09 -59.68
N VAL G 93 10.66 1.61 -60.93
CA VAL G 93 10.76 2.46 -62.12
C VAL G 93 9.34 2.70 -62.62
N GLU G 94 8.94 3.96 -62.78
CA GLU G 94 7.62 4.33 -63.25
C GLU G 94 7.71 5.54 -64.18
N GLU G 95 7.41 5.32 -65.49
CA GLU G 95 7.43 6.33 -66.56
C GLU G 95 8.74 7.12 -66.59
N GLN G 96 9.89 6.42 -66.75
CA GLN G 96 11.24 6.99 -66.82
C GLN G 96 11.70 7.76 -65.54
N LYS G 97 11.08 7.44 -64.39
CA LYS G 97 11.42 8.04 -63.10
C LYS G 97 11.65 6.95 -62.07
N LEU G 98 12.59 7.20 -61.14
CA LEU G 98 12.83 6.25 -60.05
C LEU G 98 12.04 6.71 -58.82
N LEU G 99 11.16 5.84 -58.34
CA LEU G 99 10.30 6.08 -57.19
C LEU G 99 10.89 5.38 -55.98
N VAL G 100 11.24 6.17 -54.96
CA VAL G 100 11.85 5.69 -53.72
C VAL G 100 10.87 5.96 -52.56
N LYS G 101 10.51 4.91 -51.82
CA LYS G 101 9.62 5.00 -50.66
C LYS G 101 10.27 4.34 -49.45
N ALA G 102 10.28 5.03 -48.31
CA ALA G 102 10.84 4.51 -47.06
C ALA G 102 10.17 5.23 -45.89
N GLY G 103 9.34 4.47 -45.18
CA GLY G 103 8.54 5.00 -44.08
C GLY G 103 7.61 6.06 -44.59
N ARG G 104 7.70 7.27 -44.00
CA ARG G 104 6.87 8.41 -44.40
C ARG G 104 7.57 9.32 -45.44
N SER G 105 8.71 8.87 -46.00
CA SER G 105 9.47 9.60 -47.00
C SER G 105 9.24 9.05 -48.41
N ARG G 106 9.08 9.96 -49.37
CA ARG G 106 8.87 9.65 -50.79
C ARG G 106 9.82 10.50 -51.63
N PHE G 107 10.47 9.88 -52.62
CA PHE G 107 11.42 10.55 -53.51
C PHE G 107 11.19 10.13 -54.96
N THR G 108 11.29 11.10 -55.88
CA THR G 108 11.20 10.86 -57.32
C THR G 108 12.48 11.36 -57.95
N LEU G 109 13.24 10.45 -58.58
CA LEU G 109 14.51 10.78 -59.23
C LEU G 109 14.42 10.65 -60.74
N SER G 110 15.16 11.51 -61.45
CA SER G 110 15.23 11.46 -62.92
C SER G 110 16.10 10.25 -63.30
N THR G 111 15.88 9.68 -64.48
CA THR G 111 16.65 8.52 -64.91
C THR G 111 17.22 8.73 -66.31
N LEU G 112 18.20 7.89 -66.67
CA LEU G 112 18.76 7.82 -68.00
C LEU G 112 18.75 6.33 -68.40
N PRO G 113 18.39 6.01 -69.67
CA PRO G 113 18.32 4.59 -70.07
C PRO G 113 19.58 3.79 -69.79
N ALA G 114 19.40 2.54 -69.31
CA ALA G 114 20.49 1.61 -69.02
C ALA G 114 21.26 1.22 -70.29
N ASN G 115 20.61 1.27 -71.47
CA ASN G 115 21.26 0.95 -72.75
C ASN G 115 22.36 1.98 -73.12
N ASP G 116 22.30 3.19 -72.51
CA ASP G 116 23.26 4.29 -72.69
C ASP G 116 24.45 4.19 -71.73
N PHE G 117 24.39 3.27 -70.74
CA PHE G 117 25.46 3.06 -69.77
C PHE G 117 26.63 2.29 -70.42
N PRO G 118 27.87 2.80 -70.31
CA PRO G 118 29.02 2.11 -70.95
C PRO G 118 29.49 0.85 -70.24
N GLU G 122 36.39 -5.45 -71.05
CA GLU G 122 36.99 -6.66 -70.52
C GLU G 122 37.34 -7.63 -71.63
N GLY G 123 38.64 -7.80 -71.84
CA GLY G 123 39.18 -8.73 -72.80
C GLY G 123 39.50 -10.07 -72.16
N PRO G 124 39.99 -11.06 -72.95
CA PRO G 124 40.34 -12.35 -72.35
C PRO G 124 41.53 -12.25 -71.38
N GLY G 125 41.46 -13.00 -70.29
CA GLY G 125 42.53 -13.03 -69.29
C GLY G 125 43.74 -13.79 -69.80
N SER G 126 44.94 -13.25 -69.54
CA SER G 126 46.21 -13.90 -69.91
C SER G 126 46.68 -14.67 -68.69
N LEU G 127 46.42 -14.10 -67.50
CA LEU G 127 46.80 -14.66 -66.22
C LEU G 127 45.74 -14.38 -65.17
N ASN G 128 45.48 -15.37 -64.31
CA ASN G 128 44.55 -15.22 -63.19
C ASN G 128 45.02 -15.96 -61.97
N PHE G 129 45.01 -15.27 -60.83
CA PHE G 129 45.46 -15.81 -59.55
C PHE G 129 44.69 -15.19 -58.39
N SER G 130 44.77 -15.83 -57.21
CA SER G 130 44.15 -15.34 -55.99
C SER G 130 45.26 -14.87 -55.05
N ILE G 131 45.00 -13.81 -54.29
CA ILE G 131 45.96 -13.23 -53.34
C ILE G 131 45.25 -12.60 -52.13
N ALA G 132 45.91 -12.61 -50.96
CA ALA G 132 45.42 -11.97 -49.75
C ALA G 132 45.29 -10.47 -50.02
N GLN G 133 44.13 -9.85 -49.64
CA GLN G 133 43.87 -8.42 -49.85
C GLN G 133 44.95 -7.56 -49.18
N SER G 134 45.38 -8.00 -47.99
CA SER G 134 46.41 -7.41 -47.14
C SER G 134 47.78 -7.32 -47.85
N LYS G 135 48.16 -8.39 -48.59
CA LYS G 135 49.42 -8.47 -49.33
C LYS G 135 49.40 -7.53 -50.54
N LEU G 136 48.27 -7.48 -51.27
CA LEU G 136 48.14 -6.60 -52.42
C LEU G 136 48.11 -5.13 -51.98
N ARG G 137 47.38 -4.82 -50.90
CA ARG G 137 47.30 -3.45 -50.35
C ARG G 137 48.69 -2.95 -49.93
N ARG G 138 49.50 -3.84 -49.30
CA ARG G 138 50.89 -3.57 -48.89
C ARG G 138 51.74 -3.17 -50.13
N LEU G 139 51.65 -3.93 -51.25
CA LEU G 139 52.39 -3.63 -52.48
C LEU G 139 52.07 -2.24 -53.02
N ILE G 140 50.77 -1.85 -52.99
CA ILE G 140 50.31 -0.54 -53.45
C ILE G 140 50.73 0.56 -52.48
N ASP G 141 50.38 0.42 -51.18
CA ASP G 141 50.68 1.41 -50.15
C ASP G 141 52.17 1.65 -49.90
N ARG G 142 53.02 0.63 -50.11
CA ARG G 142 54.47 0.79 -49.93
C ARG G 142 55.10 1.55 -51.11
N THR G 143 54.40 1.72 -52.24
CA THR G 143 54.99 2.32 -53.44
C THR G 143 54.24 3.46 -54.11
N SER G 144 52.91 3.62 -53.86
CA SER G 144 52.05 4.59 -54.56
C SER G 144 52.49 6.05 -54.59
N PHE G 145 53.17 6.51 -53.53
CA PHE G 145 53.69 7.88 -53.43
C PHE G 145 54.67 8.22 -54.58
N ALA G 146 55.38 7.19 -55.14
CA ALA G 146 56.41 7.42 -56.16
C ALA G 146 55.90 7.54 -57.59
N MET G 147 54.60 7.24 -57.84
CA MET G 147 54.02 7.37 -59.18
C MET G 147 54.06 8.81 -59.65
N ALA G 148 54.20 9.00 -60.97
CA ALA G 148 54.14 10.34 -61.53
C ALA G 148 52.67 10.75 -61.64
N GLN G 149 52.42 12.06 -61.75
CA GLN G 149 51.10 12.63 -61.93
C GLN G 149 51.20 13.59 -63.12
N GLN G 150 50.42 13.31 -64.18
CA GLN G 150 50.36 14.14 -65.40
C GLN G 150 51.70 14.35 -66.12
N ASP G 151 52.65 13.38 -65.96
CA ASP G 151 53.94 13.45 -66.66
C ASP G 151 53.67 13.20 -68.14
N VAL G 152 54.43 13.87 -69.02
CA VAL G 152 54.33 13.70 -70.47
C VAL G 152 54.66 12.23 -70.87
N ARG G 153 55.52 11.55 -70.06
CA ARG G 153 55.83 10.13 -70.20
C ARG G 153 54.66 9.46 -69.48
N TYR G 154 53.55 9.28 -70.22
CA TYR G 154 52.25 8.75 -69.75
C TYR G 154 52.32 7.41 -69.00
N TYR G 155 53.29 6.55 -69.39
CA TYR G 155 53.52 5.23 -68.79
C TYR G 155 54.01 5.29 -67.33
N LEU G 156 54.42 6.49 -66.86
CA LEU G 156 54.85 6.71 -65.47
C LEU G 156 53.68 7.12 -64.57
N ASN G 157 52.54 7.53 -65.17
CA ASN G 157 51.34 7.98 -64.44
C ASN G 157 50.50 6.81 -63.96
N GLY G 158 51.17 5.91 -63.25
CA GLY G 158 50.58 4.68 -62.74
C GLY G 158 51.58 3.77 -62.08
N MET G 159 51.16 2.54 -61.81
CA MET G 159 51.96 1.54 -61.14
C MET G 159 52.16 0.29 -61.96
N LEU G 160 53.41 -0.16 -62.03
CA LEU G 160 53.74 -1.43 -62.67
C LEU G 160 53.39 -2.54 -61.67
N LEU G 161 52.67 -3.54 -62.15
CA LEU G 161 52.37 -4.77 -61.42
C LEU G 161 52.99 -5.86 -62.28
N GLU G 162 53.97 -6.56 -61.71
CA GLU G 162 54.73 -7.56 -62.44
C GLU G 162 54.73 -8.92 -61.77
N VAL G 163 54.46 -9.97 -62.56
CA VAL G 163 54.52 -11.35 -62.09
C VAL G 163 55.75 -11.98 -62.76
N ASN G 164 56.69 -12.48 -61.95
CA ASN G 164 57.92 -13.07 -62.46
C ASN G 164 58.42 -14.14 -61.50
N GLY G 165 58.54 -15.37 -62.02
CA GLY G 165 58.96 -16.53 -61.25
C GLY G 165 57.80 -17.16 -60.50
N GLY G 166 57.23 -16.34 -59.61
CA GLY G 166 56.10 -16.64 -58.74
C GLY G 166 55.83 -15.43 -57.88
N THR G 167 56.75 -14.45 -57.96
CA THR G 167 56.74 -13.19 -57.21
C THR G 167 55.82 -12.16 -57.88
N LEU G 168 55.06 -11.42 -57.05
CA LEU G 168 54.25 -10.30 -57.47
C LEU G 168 55.01 -9.06 -56.98
N ARG G 169 55.26 -8.13 -57.89
CA ARG G 169 56.02 -6.93 -57.61
C ARG G 169 55.32 -5.69 -58.12
N SER G 170 55.38 -4.63 -57.32
CA SER G 170 54.87 -3.31 -57.68
C SER G 170 56.08 -2.39 -57.88
N VAL G 171 56.04 -1.56 -58.92
CA VAL G 171 57.07 -0.57 -59.20
C VAL G 171 56.36 0.74 -59.55
N ALA G 172 56.78 1.84 -58.91
CA ALA G 172 56.27 3.19 -59.16
C ALA G 172 57.47 4.14 -59.26
N THR G 173 57.43 5.07 -60.24
CA THR G 173 58.49 6.03 -60.46
C THR G 173 57.99 7.28 -61.18
N ASP G 174 58.65 8.41 -60.91
CA ASP G 174 58.34 9.70 -61.56
C ASP G 174 59.56 10.24 -62.30
N GLY G 175 60.62 9.42 -62.38
CA GLY G 175 61.86 9.79 -63.04
C GLY G 175 62.91 10.36 -62.11
N HIS G 176 62.51 10.81 -60.90
CA HIS G 176 63.43 11.35 -59.88
C HIS G 176 63.66 10.31 -58.78
N ARG G 177 62.61 9.58 -58.45
CA ARG G 177 62.64 8.56 -57.40
C ARG G 177 61.82 7.37 -57.82
N LEU G 178 62.09 6.24 -57.19
CA LEU G 178 61.41 4.99 -57.48
C LEU G 178 61.11 4.25 -56.19
N ALA G 179 59.96 3.57 -56.15
CA ALA G 179 59.57 2.71 -55.05
C ALA G 179 59.19 1.35 -55.63
N MET G 180 59.66 0.28 -54.99
CA MET G 180 59.35 -1.08 -55.41
C MET G 180 59.14 -2.00 -54.21
N CYS G 181 58.20 -2.93 -54.35
CA CYS G 181 57.91 -3.90 -53.30
C CYS G 181 57.65 -5.26 -53.95
N SER G 182 58.29 -6.32 -53.42
CA SER G 182 58.16 -7.67 -53.95
C SER G 182 57.66 -8.63 -52.87
N LEU G 183 56.72 -9.51 -53.25
CA LEU G 183 56.17 -10.51 -52.34
C LEU G 183 56.07 -11.85 -53.09
N ASP G 184 56.60 -12.93 -52.47
CA ASP G 184 56.55 -14.24 -53.12
C ASP G 184 55.18 -14.90 -52.93
N ALA G 185 54.27 -14.59 -53.88
CA ALA G 185 52.89 -15.07 -53.89
C ALA G 185 52.70 -16.47 -54.53
N GLN G 186 53.79 -17.05 -55.09
CA GLN G 186 53.83 -18.36 -55.76
C GLN G 186 52.78 -18.49 -56.89
N ILE G 187 52.78 -17.50 -57.80
CA ILE G 187 51.89 -17.40 -58.95
C ILE G 187 52.57 -18.09 -60.17
N PRO G 188 52.02 -19.20 -60.71
CA PRO G 188 52.63 -19.80 -61.92
C PRO G 188 52.38 -18.89 -63.14
N SER G 189 53.45 -18.54 -63.90
CA SER G 189 53.31 -17.62 -65.03
C SER G 189 53.90 -18.06 -66.36
N GLN G 190 54.94 -18.93 -66.34
CA GLN G 190 55.65 -19.42 -67.54
C GLN G 190 56.45 -18.34 -68.31
N ASP G 191 56.21 -17.05 -68.00
CA ASP G 191 56.88 -15.88 -68.57
C ASP G 191 56.65 -14.66 -67.67
N ARG G 192 57.57 -13.67 -67.74
CA ARG G 192 57.43 -12.41 -66.99
C ARG G 192 56.23 -11.65 -67.59
N HIS G 193 55.26 -11.30 -66.73
CA HIS G 193 54.07 -10.56 -67.15
C HIS G 193 53.98 -9.22 -66.45
N GLN G 194 53.84 -8.15 -67.25
CA GLN G 194 53.78 -6.78 -66.76
C GLN G 194 52.50 -6.08 -67.20
N VAL G 195 51.94 -5.28 -66.28
CA VAL G 195 50.76 -4.43 -66.53
C VAL G 195 51.02 -3.07 -65.86
N ILE G 196 50.56 -1.97 -66.49
CA ILE G 196 50.67 -0.65 -65.87
C ILE G 196 49.25 -0.22 -65.53
N VAL G 197 48.96 -0.13 -64.25
CA VAL G 197 47.65 0.28 -63.75
C VAL G 197 47.66 1.81 -63.59
N PRO G 198 46.70 2.55 -64.24
CA PRO G 198 46.67 4.01 -64.08
C PRO G 198 46.59 4.42 -62.62
N ARG G 199 47.24 5.56 -62.28
CA ARG G 199 47.31 6.07 -60.93
C ARG G 199 45.96 6.16 -60.19
N LYS G 200 44.91 6.68 -60.87
CA LYS G 200 43.58 6.81 -60.27
C LYS G 200 43.00 5.46 -59.91
N GLY G 201 43.15 4.50 -60.83
CA GLY G 201 42.68 3.12 -60.66
C GLY G 201 43.34 2.37 -59.53
N ILE G 202 44.69 2.41 -59.47
CA ILE G 202 45.45 1.73 -58.42
C ILE G 202 45.16 2.30 -57.01
N LEU G 203 44.98 3.63 -56.90
CA LEU G 203 44.68 4.29 -55.63
C LEU G 203 43.26 3.94 -55.16
N GLU G 204 42.33 3.81 -56.11
CA GLU G 204 40.96 3.41 -55.85
C GLU G 204 40.95 1.95 -55.37
N LEU G 205 41.69 1.06 -56.05
CA LEU G 205 41.81 -0.35 -55.68
C LEU G 205 42.34 -0.52 -54.25
N ALA G 206 43.44 0.19 -53.88
CA ALA G 206 44.04 0.11 -52.54
C ALA G 206 43.03 0.48 -51.45
N ARG G 207 42.21 1.52 -51.69
CA ARG G 207 41.17 2.00 -50.78
C ARG G 207 40.06 0.95 -50.62
N LEU G 208 39.77 0.19 -51.67
CA LEU G 208 38.76 -0.87 -51.67
C LEU G 208 39.21 -2.14 -50.93
N LEU G 209 40.54 -2.39 -50.83
CA LEU G 209 41.10 -3.58 -50.17
C LEU G 209 41.12 -3.44 -48.64
N THR G 210 39.90 -3.32 -48.06
CA THR G 210 39.64 -3.13 -46.63
C THR G 210 39.53 -4.44 -45.83
N GLU G 211 39.26 -5.57 -46.51
CA GLU G 211 39.16 -6.86 -45.86
C GLU G 211 40.55 -7.33 -45.38
N GLN G 212 40.91 -7.02 -44.11
CA GLN G 212 42.18 -7.42 -43.49
C GLN G 212 42.28 -8.94 -43.47
N ASP G 213 41.08 -9.60 -43.41
CA ASP G 213 40.72 -11.02 -43.39
C ASP G 213 40.57 -11.67 -44.79
N GLY G 214 40.22 -10.87 -45.76
CA GLY G 214 39.88 -11.33 -47.10
C GLY G 214 40.93 -11.69 -48.12
N GLU G 215 40.44 -12.31 -49.20
CA GLU G 215 41.15 -12.73 -50.40
C GLU G 215 40.58 -11.97 -51.61
N VAL G 216 41.43 -11.76 -52.64
CA VAL G 216 41.04 -11.08 -53.88
C VAL G 216 41.49 -11.89 -55.11
N GLY G 217 40.56 -12.10 -56.04
CA GLY G 217 40.82 -12.78 -57.30
C GLY G 217 41.30 -11.75 -58.31
N ILE G 218 42.47 -11.98 -58.92
CA ILE G 218 43.05 -11.06 -59.91
C ILE G 218 43.06 -11.67 -61.29
N VAL G 219 42.67 -10.86 -62.29
CA VAL G 219 42.73 -11.26 -63.72
C VAL G 219 43.56 -10.19 -64.42
N LEU G 220 44.63 -10.61 -65.08
CA LEU G 220 45.47 -9.74 -65.88
C LEU G 220 45.16 -10.03 -67.34
N GLY G 221 44.65 -9.02 -68.03
CA GLY G 221 44.33 -9.08 -69.45
C GLY G 221 45.30 -8.20 -70.22
N GLN G 222 45.19 -8.20 -71.55
CA GLN G 222 46.09 -7.39 -72.39
C GLN G 222 45.84 -5.89 -72.21
N HIS G 223 44.58 -5.49 -71.97
CA HIS G 223 44.20 -4.08 -71.80
C HIS G 223 43.40 -3.78 -70.53
N HIS G 224 43.30 -4.76 -69.61
CA HIS G 224 42.55 -4.57 -68.38
C HIS G 224 43.12 -5.35 -67.20
N ILE G 225 42.73 -4.93 -65.99
CA ILE G 225 43.00 -5.61 -64.74
C ILE G 225 41.64 -5.76 -64.04
N ARG G 226 41.35 -6.95 -63.49
CA ARG G 226 40.13 -7.19 -62.75
C ARG G 226 40.45 -7.72 -61.35
N ALA G 227 39.79 -7.16 -60.33
CA ALA G 227 39.92 -7.56 -58.93
C ALA G 227 38.51 -7.88 -58.41
N THR G 228 38.32 -9.11 -57.92
CA THR G 228 37.02 -9.59 -57.41
C THR G 228 37.13 -10.02 -55.95
N THR G 229 36.18 -9.58 -55.10
CA THR G 229 36.12 -9.93 -53.67
C THR G 229 34.78 -10.59 -53.23
N GLY G 230 33.89 -10.85 -54.20
CA GLY G 230 32.60 -11.46 -53.89
C GLY G 230 31.51 -10.44 -53.59
N GLU G 231 31.91 -9.34 -52.91
CA GLU G 231 31.02 -8.21 -52.62
C GLU G 231 31.17 -7.14 -53.72
N PHE G 232 32.37 -7.10 -54.37
CA PHE G 232 32.67 -6.17 -55.45
C PHE G 232 33.56 -6.74 -56.58
N THR G 233 33.40 -6.17 -57.77
CA THR G 233 34.22 -6.43 -58.96
C THR G 233 34.77 -5.08 -59.40
N PHE G 234 36.09 -4.97 -59.38
CA PHE G 234 36.80 -3.77 -59.80
C PHE G 234 37.45 -4.07 -61.15
N THR G 235 37.23 -3.19 -62.13
CA THR G 235 37.86 -3.31 -63.43
C THR G 235 38.50 -1.99 -63.79
N SER G 236 39.74 -2.05 -64.24
CA SER G 236 40.45 -0.86 -64.69
C SER G 236 41.10 -1.13 -66.04
N LYS G 237 41.09 -0.12 -66.91
CA LYS G 237 41.80 -0.17 -68.19
C LYS G 237 43.29 -0.04 -67.81
N LEU G 238 44.19 -0.51 -68.65
CA LEU G 238 45.62 -0.41 -68.35
C LEU G 238 46.24 0.74 -69.13
N VAL G 239 47.43 1.20 -68.71
CA VAL G 239 48.15 2.24 -69.43
C VAL G 239 48.79 1.52 -70.61
N ASP G 240 48.39 1.91 -71.83
CA ASP G 240 48.88 1.30 -73.05
C ASP G 240 50.27 1.79 -73.43
N GLY G 241 51.27 1.20 -72.80
CA GLY G 241 52.68 1.51 -73.02
C GLY G 241 53.59 0.52 -72.34
N LYS G 242 54.90 0.68 -72.55
CA LYS G 242 55.94 -0.16 -71.99
C LYS G 242 56.59 0.56 -70.82
N PHE G 243 56.62 -0.09 -69.66
CA PHE G 243 57.24 0.48 -68.47
C PHE G 243 58.77 0.49 -68.67
N PRO G 244 59.50 1.53 -68.21
CA PRO G 244 60.96 1.54 -68.39
C PRO G 244 61.67 0.35 -67.75
N ASP G 245 62.89 0.05 -68.21
CA ASP G 245 63.72 -1.03 -67.69
C ASP G 245 64.30 -0.57 -66.33
N TYR G 246 63.45 -0.62 -65.29
CA TYR G 246 63.77 -0.18 -63.92
C TYR G 246 64.97 -0.91 -63.32
N GLU G 247 65.16 -2.19 -63.68
CA GLU G 247 66.29 -3.01 -63.22
C GLU G 247 67.63 -2.34 -63.53
N ARG G 248 67.73 -1.60 -64.65
CA ARG G 248 68.93 -0.88 -65.08
C ARG G 248 69.25 0.34 -64.21
N VAL G 249 68.24 0.93 -63.54
CA VAL G 249 68.44 2.13 -62.70
C VAL G 249 68.60 1.85 -61.19
N LEU G 250 68.43 0.58 -60.77
CA LEU G 250 68.60 0.20 -59.36
C LEU G 250 70.10 0.23 -59.00
N PRO G 251 70.51 1.04 -57.99
CA PRO G 251 71.95 1.13 -57.65
C PRO G 251 72.48 -0.18 -57.08
N ARG G 252 73.57 -0.70 -57.65
CA ARG G 252 74.11 -1.99 -57.19
C ARG G 252 75.37 -1.95 -56.33
N GLY G 253 76.34 -1.13 -56.71
CA GLY G 253 77.63 -1.05 -56.04
C GLY G 253 77.78 -0.17 -54.81
N GLY G 254 76.66 0.24 -54.20
CA GLY G 254 76.64 1.10 -53.01
C GLY G 254 77.58 0.67 -51.90
N ASP G 255 78.67 1.44 -51.71
CA ASP G 255 79.73 1.17 -50.75
C ASP G 255 79.55 1.76 -49.35
N LYS G 256 78.64 2.73 -49.20
CA LYS G 256 78.43 3.40 -47.93
C LYS G 256 77.12 2.95 -47.26
N LEU G 257 77.22 2.09 -46.24
CA LEU G 257 76.06 1.59 -45.52
C LEU G 257 75.80 2.40 -44.26
N VAL G 258 74.64 3.05 -44.23
CA VAL G 258 74.21 3.88 -43.10
C VAL G 258 73.00 3.22 -42.46
N VAL G 259 73.05 3.02 -41.14
CA VAL G 259 71.94 2.48 -40.36
C VAL G 259 71.58 3.60 -39.38
N GLY G 260 70.35 4.07 -39.46
CA GLY G 260 69.86 5.11 -38.57
C GLY G 260 68.49 4.80 -38.02
N ASP G 261 68.08 5.59 -37.03
CA ASP G 261 66.76 5.47 -36.42
C ASP G 261 65.78 6.19 -37.34
N ARG G 262 64.74 5.47 -37.81
CA ARG G 262 63.72 6.02 -38.70
C ARG G 262 63.06 7.29 -38.15
N GLN G 263 62.62 7.27 -36.86
CA GLN G 263 61.98 8.42 -36.20
C GLN G 263 62.90 9.61 -36.08
N GLN G 264 64.16 9.40 -35.62
CA GLN G 264 65.15 10.46 -35.46
C GLN G 264 65.44 11.15 -36.81
N LEU G 265 65.60 10.35 -37.88
CA LEU G 265 65.86 10.88 -39.21
C LEU G 265 64.65 11.64 -39.74
N ARG G 266 63.44 11.08 -39.56
CA ARG G 266 62.21 11.73 -39.99
CA ARG G 266 62.19 11.72 -39.99
C ARG G 266 62.00 13.07 -39.29
N GLU G 267 62.25 13.13 -37.97
CA GLU G 267 62.10 14.36 -37.15
C GLU G 267 63.10 15.44 -37.56
N ALA G 268 64.38 15.05 -37.78
CA ALA G 268 65.44 15.97 -38.22
C ALA G 268 65.18 16.48 -39.63
N PHE G 269 64.73 15.59 -40.55
CA PHE G 269 64.39 15.98 -41.92
C PHE G 269 63.19 16.93 -41.92
N SER G 270 62.16 16.67 -41.10
CA SER G 270 60.98 17.54 -40.97
C SER G 270 61.35 18.94 -40.43
N ARG G 271 62.23 19.01 -39.41
CA ARG G 271 62.68 20.29 -38.84
C ARG G 271 63.44 21.13 -39.86
N THR G 272 64.44 20.52 -40.53
CA THR G 272 65.26 21.19 -41.54
C THR G 272 64.45 21.61 -42.76
N ALA G 273 63.45 20.78 -43.16
CA ALA G 273 62.57 21.02 -44.31
C ALA G 273 61.86 22.37 -44.25
N ILE G 274 61.51 22.85 -43.03
CA ILE G 274 60.86 24.15 -42.79
C ILE G 274 61.65 25.30 -43.45
N LEU G 275 62.99 25.23 -43.37
CA LEU G 275 63.85 26.25 -43.96
C LEU G 275 64.48 25.89 -45.30
N SER G 276 63.97 24.84 -45.96
CA SER G 276 64.41 24.49 -47.29
C SER G 276 63.54 25.30 -48.30
N ASN G 277 64.00 25.42 -49.55
CA ASN G 277 63.27 26.10 -50.63
C ASN G 277 61.87 25.45 -50.74
N GLU G 278 60.80 26.26 -50.71
CA GLU G 278 59.43 25.75 -50.74
C GLU G 278 59.08 24.96 -52.00
N LYS G 279 59.72 25.28 -53.12
CA LYS G 279 59.50 24.62 -54.39
C LYS G 279 60.49 23.46 -54.61
N TYR G 280 61.80 23.73 -54.47
CA TYR G 280 62.87 22.76 -54.76
C TYR G 280 63.24 21.80 -53.64
N ARG G 281 62.90 22.15 -52.38
CA ARG G 281 63.02 21.31 -51.19
C ARG G 281 64.40 20.66 -50.94
N GLY G 282 65.45 21.32 -51.41
CA GLY G 282 66.82 20.84 -51.30
C GLY G 282 67.43 20.95 -49.92
N ILE G 283 68.07 19.85 -49.48
CA ILE G 283 68.81 19.76 -48.23
C ILE G 283 70.19 19.21 -48.55
N ARG G 284 71.17 19.53 -47.70
CA ARG G 284 72.53 19.04 -47.86
C ARG G 284 72.83 18.08 -46.73
N LEU G 285 73.36 16.92 -47.09
CA LEU G 285 73.74 15.86 -46.18
C LEU G 285 75.27 15.79 -46.12
N GLN G 286 75.82 15.74 -44.92
CA GLN G 286 77.26 15.59 -44.71
C GLN G 286 77.45 14.38 -43.82
N LEU G 287 77.82 13.26 -44.45
CA LEU G 287 78.02 11.99 -43.79
C LEU G 287 79.50 11.83 -43.43
N SER G 288 79.74 11.37 -42.19
CA SER G 288 81.06 11.05 -41.62
C SER G 288 80.85 9.96 -40.56
N ASN G 289 81.95 9.42 -39.98
CA ASN G 289 81.89 8.36 -38.96
C ASN G 289 80.90 8.66 -37.83
N GLY G 290 79.86 7.82 -37.74
CA GLY G 290 78.80 7.90 -36.74
C GLY G 290 77.93 9.14 -36.76
N LEU G 291 78.05 9.98 -37.82
CA LEU G 291 77.33 11.25 -37.86
C LEU G 291 76.76 11.67 -39.21
N LEU G 292 75.52 12.18 -39.19
CA LEU G 292 74.87 12.75 -40.35
C LEU G 292 74.49 14.20 -40.04
N LYS G 293 75.16 15.15 -40.71
CA LYS G 293 74.88 16.58 -40.57
C LYS G 293 73.90 16.95 -41.69
N ILE G 294 72.79 17.61 -41.33
CA ILE G 294 71.75 18.03 -42.27
C ILE G 294 71.67 19.55 -42.28
N GLN G 295 71.70 20.13 -43.47
CA GLN G 295 71.59 21.57 -43.63
C GLN G 295 70.56 21.92 -44.70
N ALA G 296 69.79 22.98 -44.46
CA ALA G 296 68.80 23.49 -45.39
C ALA G 296 68.79 25.00 -45.38
N ASN G 297 68.68 25.59 -46.57
CA ASN G 297 68.56 27.04 -46.73
C ASN G 297 67.58 27.41 -47.84
N ASN G 298 67.04 28.63 -47.76
CA ASN G 298 66.02 29.09 -48.69
C ASN G 298 66.44 30.42 -49.39
N PRO G 299 65.68 30.96 -50.37
CA PRO G 299 66.11 32.23 -51.01
C PRO G 299 66.21 33.45 -50.08
N GLU G 300 65.47 33.45 -48.94
CA GLU G 300 65.50 34.53 -47.93
C GLU G 300 66.75 34.44 -47.04
N GLN G 301 67.65 33.48 -47.32
CA GLN G 301 68.89 33.21 -46.60
C GLN G 301 68.70 32.66 -45.16
N GLU G 302 67.51 32.10 -44.90
CA GLU G 302 67.18 31.45 -43.64
C GLU G 302 67.83 30.08 -43.65
N GLU G 303 68.35 29.61 -42.52
CA GLU G 303 69.08 28.33 -42.49
C GLU G 303 68.74 27.46 -41.29
N ALA G 304 68.62 26.13 -41.55
CA ALA G 304 68.36 25.10 -40.54
C ALA G 304 69.50 24.09 -40.56
N GLU G 305 69.96 23.69 -39.37
CA GLU G 305 71.05 22.73 -39.21
C GLU G 305 70.73 21.73 -38.12
N GLU G 306 71.09 20.47 -38.36
CA GLU G 306 70.91 19.39 -37.40
C GLU G 306 71.94 18.30 -37.57
N GLU G 307 72.31 17.66 -36.46
CA GLU G 307 73.27 16.57 -36.42
C GLU G 307 72.56 15.34 -35.86
N VAL G 308 72.61 14.23 -36.60
CA VAL G 308 71.97 12.96 -36.23
C VAL G 308 73.02 11.87 -36.13
N GLN G 309 73.05 11.16 -34.98
CA GLN G 309 73.94 10.02 -34.78
C GLN G 309 73.43 8.86 -35.62
N VAL G 310 74.31 8.25 -36.42
CA VAL G 310 74.00 7.13 -37.30
C VAL G 310 75.06 6.04 -37.14
N GLU G 311 74.76 4.79 -37.58
CA GLU G 311 75.72 3.71 -37.58
C GLU G 311 76.38 3.79 -38.95
N TYR G 312 77.59 4.37 -38.98
CA TYR G 312 78.36 4.53 -40.21
C TYR G 312 79.85 4.61 -39.93
N ASN G 313 80.61 3.81 -40.68
CA ASN G 313 82.06 3.75 -40.66
C ASN G 313 82.53 3.72 -42.11
N GLY G 314 83.22 4.78 -42.51
CA GLY G 314 83.72 4.93 -43.87
C GLY G 314 84.11 6.35 -44.21
N GLY G 315 84.35 6.58 -45.50
CA GLY G 315 84.74 7.88 -46.04
C GLY G 315 83.61 8.88 -45.99
N ASN G 316 83.98 10.16 -45.99
CA ASN G 316 83.02 11.26 -45.96
C ASN G 316 82.23 11.38 -47.25
N LEU G 317 81.01 11.92 -47.14
CA LEU G 317 80.14 12.15 -48.29
C LEU G 317 79.27 13.37 -48.09
N GLU G 318 79.33 14.30 -49.06
CA GLU G 318 78.50 15.48 -49.10
C GLU G 318 77.55 15.25 -50.27
N ILE G 319 76.23 15.20 -50.00
CA ILE G 319 75.21 14.91 -51.02
C ILE G 319 73.92 15.73 -50.82
N GLY G 320 73.33 16.17 -51.92
CA GLY G 320 72.09 16.94 -51.92
C GLY G 320 70.89 16.09 -52.24
N PHE G 321 69.77 16.33 -51.56
CA PHE G 321 68.52 15.60 -51.77
C PHE G 321 67.30 16.46 -51.59
N ASN G 322 66.22 16.07 -52.27
CA ASN G 322 64.92 16.69 -52.08
C ASN G 322 64.41 16.02 -50.79
N VAL G 323 64.21 16.85 -49.72
CA VAL G 323 63.77 16.41 -48.39
C VAL G 323 62.40 15.71 -48.39
N SER G 324 61.48 16.18 -49.24
CA SER G 324 60.14 15.58 -49.40
C SER G 324 60.27 14.14 -49.91
N TYR G 325 61.22 13.88 -50.84
CA TYR G 325 61.45 12.53 -51.38
C TYR G 325 61.96 11.59 -50.28
N LEU G 326 62.84 12.10 -49.38
CA LEU G 326 63.36 11.32 -48.26
C LEU G 326 62.27 11.06 -47.22
N LEU G 327 61.45 12.09 -46.92
CA LEU G 327 60.32 11.97 -45.98
C LEU G 327 59.27 10.99 -46.48
N ASP G 328 59.03 10.98 -47.81
CA ASP G 328 58.09 10.04 -48.44
C ASP G 328 58.51 8.59 -48.20
N VAL G 329 59.83 8.32 -48.35
CA VAL G 329 60.43 7.01 -48.13
C VAL G 329 60.30 6.61 -46.65
N LEU G 330 60.72 7.51 -45.74
CA LEU G 330 60.67 7.23 -44.29
C LEU G 330 59.26 6.95 -43.78
N GLY G 331 58.27 7.58 -44.40
CA GLY G 331 56.85 7.42 -44.09
C GLY G 331 56.29 6.04 -44.39
N VAL G 332 56.98 5.26 -45.25
CA VAL G 332 56.58 3.88 -45.62
C VAL G 332 57.49 2.78 -45.01
N ILE G 333 58.60 3.16 -44.36
CA ILE G 333 59.50 2.20 -43.69
C ILE G 333 58.81 1.75 -42.40
N GLY G 334 58.53 0.46 -42.29
CA GLY G 334 57.82 -0.13 -41.15
C GLY G 334 58.68 -0.52 -39.96
N THR G 335 60.01 -0.58 -40.16
CA THR G 335 60.95 -0.93 -39.11
C THR G 335 61.47 0.31 -38.36
N GLU G 336 61.90 0.10 -37.11
CA GLU G 336 62.46 1.09 -36.20
C GLU G 336 63.75 1.68 -36.78
N GLN G 337 64.56 0.82 -37.42
CA GLN G 337 65.80 1.22 -38.07
C GLN G 337 65.62 1.27 -39.58
N VAL G 338 66.42 2.09 -40.25
CA VAL G 338 66.37 2.26 -41.69
C VAL G 338 67.80 2.19 -42.27
N ARG G 339 67.94 1.49 -43.41
CA ARG G 339 69.21 1.35 -44.10
C ARG G 339 69.27 2.26 -45.32
N PHE G 340 70.33 3.06 -45.41
CA PHE G 340 70.63 3.94 -46.54
C PHE G 340 71.92 3.41 -47.15
N ILE G 341 71.91 3.12 -48.45
CA ILE G 341 73.08 2.61 -49.17
C ILE G 341 73.43 3.66 -50.21
N LEU G 342 74.58 4.32 -50.01
CA LEU G 342 75.04 5.40 -50.86
C LEU G 342 76.39 5.08 -51.49
N SER G 343 76.81 5.90 -52.46
CA SER G 343 78.11 5.78 -53.12
C SER G 343 78.76 7.18 -53.22
N ASP G 344 78.43 7.95 -54.28
CA ASP G 344 78.98 9.30 -54.48
C ASP G 344 77.86 10.36 -54.56
N SER G 345 78.25 11.65 -54.61
CA SER G 345 77.35 12.81 -54.64
C SER G 345 76.43 12.90 -55.89
N ASN G 346 76.81 12.21 -56.98
CA ASN G 346 76.04 12.23 -58.24
C ASN G 346 75.16 10.99 -58.43
N SER G 347 75.26 10.02 -57.50
CA SER G 347 74.52 8.77 -57.56
C SER G 347 73.39 8.65 -56.55
N SER G 348 72.40 7.80 -56.91
CA SER G 348 71.19 7.51 -56.15
CA SER G 348 71.20 7.59 -56.12
C SER G 348 71.43 6.93 -54.76
N ALA G 349 70.47 7.14 -53.84
CA ALA G 349 70.47 6.56 -52.51
C ALA G 349 69.55 5.35 -52.66
N LEU G 350 69.92 4.24 -52.03
CA LEU G 350 69.10 3.03 -52.00
C LEU G 350 68.64 2.90 -50.55
N VAL G 351 67.34 2.74 -50.35
CA VAL G 351 66.75 2.67 -49.02
C VAL G 351 65.97 1.37 -48.82
N HIS G 352 66.16 0.74 -47.65
CA HIS G 352 65.48 -0.50 -47.27
C HIS G 352 65.06 -0.44 -45.81
N GLU G 353 64.18 -1.38 -45.42
CA GLU G 353 63.82 -1.60 -44.02
C GLU G 353 65.04 -2.29 -43.39
N ALA G 354 65.13 -2.28 -42.06
CA ALA G 354 66.28 -2.84 -41.35
C ALA G 354 66.54 -4.35 -41.57
N ASP G 355 65.46 -5.17 -41.58
CA ASP G 355 65.56 -6.63 -41.60
C ASP G 355 65.27 -7.38 -42.91
N ASN G 356 64.93 -6.66 -44.00
CA ASN G 356 64.60 -7.30 -45.28
C ASN G 356 64.83 -6.39 -46.49
N ASP G 357 64.92 -7.00 -47.69
CA ASP G 357 65.13 -6.33 -48.97
C ASP G 357 63.85 -6.33 -49.85
N ASP G 358 62.69 -6.79 -49.29
CA ASP G 358 61.39 -6.84 -50.01
C ASP G 358 60.96 -5.49 -50.59
N SER G 359 61.20 -4.41 -49.83
CA SER G 359 60.94 -3.04 -50.26
C SER G 359 62.28 -2.39 -50.59
N ALA G 360 62.31 -1.63 -51.69
CA ALA G 360 63.50 -0.91 -52.13
C ALA G 360 63.08 0.46 -52.66
N TYR G 361 63.79 1.50 -52.22
CA TYR G 361 63.51 2.88 -52.59
C TYR G 361 64.75 3.51 -53.14
N VAL G 362 64.61 4.12 -54.31
CA VAL G 362 65.71 4.77 -55.02
C VAL G 362 65.43 6.27 -55.13
N VAL G 363 66.38 7.10 -54.69
CA VAL G 363 66.20 8.54 -54.76
C VAL G 363 67.42 9.15 -55.46
N MET G 364 67.20 9.79 -56.63
CA MET G 364 68.29 10.48 -57.32
C MET G 364 68.63 11.75 -56.52
N PRO G 365 69.94 12.07 -56.38
CA PRO G 365 70.29 13.29 -55.64
C PRO G 365 70.04 14.58 -56.44
N MET G 366 70.34 15.71 -55.79
CA MET G 366 70.28 17.05 -56.36
C MET G 366 71.72 17.59 -56.42
N ARG G 367 72.03 18.39 -57.45
CA ARG G 367 73.34 19.02 -57.56
C ARG G 367 73.42 20.14 -56.51
N LEU G 368 74.50 20.12 -55.71
CA LEU G 368 74.78 21.08 -54.64
C LEU G 368 75.45 22.31 -55.22
N GLN H 2 67.83 18.85 -59.18
CA GLN H 2 67.35 17.46 -59.24
C GLN H 2 67.85 16.68 -60.45
N ASP H 4 68.00 12.98 -62.85
CA ASP H 4 67.03 12.01 -63.38
C ASP H 4 67.52 10.57 -63.34
N LEU H 5 66.59 9.63 -63.14
CA LEU H 5 66.87 8.20 -63.11
C LEU H 5 67.25 7.66 -64.49
N HIS I 1 20.04 -10.24 10.95
CA HIS I 1 20.63 -10.74 12.21
C HIS I 1 19.69 -11.68 13.01
N MET I 2 18.42 -11.77 12.57
CA MET I 2 17.37 -12.61 13.15
C MET I 2 17.82 -14.08 13.21
N HIS I 3 17.64 -14.73 14.37
CA HIS I 3 18.02 -16.12 14.59
C HIS I 3 17.24 -16.73 15.73
N PHE I 4 16.74 -17.95 15.53
CA PHE I 4 15.98 -18.68 16.55
C PHE I 4 15.99 -20.20 16.29
N THR I 5 15.70 -20.97 17.33
CA THR I 5 15.52 -22.41 17.29
C THR I 5 14.07 -22.70 17.70
N ILE I 6 13.47 -23.71 17.06
CA ILE I 6 12.07 -24.09 17.27
C ILE I 6 11.87 -25.57 16.91
N GLN I 7 10.99 -26.26 17.65
CA GLN I 7 10.62 -27.64 17.38
C GLN I 7 9.72 -27.64 16.16
N ARG I 8 9.85 -28.67 15.31
CA ARG I 8 9.07 -28.85 14.08
C ARG I 8 7.58 -28.54 14.25
N GLU I 9 6.94 -29.20 15.23
CA GLU I 9 5.50 -29.11 15.52
C GLU I 9 5.08 -27.72 16.01
N ALA I 10 5.95 -27.05 16.79
CA ALA I 10 5.69 -25.71 17.32
C ALA I 10 5.64 -24.68 16.19
N LEU I 11 6.50 -24.84 15.16
CA LEU I 11 6.53 -23.95 14.00
C LEU I 11 5.41 -24.29 13.04
N LEU I 12 5.18 -25.60 12.80
CA LEU I 12 4.17 -26.09 11.86
C LEU I 12 2.74 -25.63 12.13
N LYS I 13 2.29 -25.67 13.41
CA LYS I 13 0.93 -25.24 13.78
C LYS I 13 0.55 -23.81 13.29
N PRO I 14 1.26 -22.72 13.73
CA PRO I 14 0.92 -21.38 13.20
C PRO I 14 1.24 -21.20 11.72
N LEU I 15 2.30 -21.86 11.21
CA LEU I 15 2.71 -21.78 9.80
C LEU I 15 1.61 -22.32 8.89
N GLN I 16 0.97 -23.45 9.25
CA GLN I 16 -0.13 -24.02 8.48
C GLN I 16 -1.36 -23.12 8.46
N LEU I 17 -1.68 -22.48 9.62
CA LEU I 17 -2.83 -21.57 9.72
C LEU I 17 -2.64 -20.34 8.83
N VAL I 18 -1.49 -19.69 8.98
CA VAL I 18 -1.07 -18.50 8.26
C VAL I 18 -0.96 -18.73 6.74
N ALA I 19 -0.38 -19.88 6.33
CA ALA I 19 -0.23 -20.25 4.91
C ALA I 19 -1.59 -20.43 4.20
N GLY I 20 -2.63 -20.75 4.98
CA GLY I 20 -4.00 -20.92 4.51
C GLY I 20 -4.60 -19.67 3.91
N VAL I 21 -4.17 -18.46 4.36
CA VAL I 21 -4.66 -17.19 3.82
C VAL I 21 -3.77 -16.68 2.65
N VAL I 22 -2.56 -17.25 2.52
CA VAL I 22 -1.58 -16.93 1.49
C VAL I 22 -2.04 -17.59 0.17
N GLU I 23 -2.33 -16.77 -0.85
CA GLU I 23 -2.78 -17.23 -2.17
C GLU I 23 -2.03 -16.53 -3.29
N GLN I 26 -0.60 -14.91 -6.58
CA GLN I 26 -0.47 -13.57 -6.02
C GLN I 26 0.10 -12.57 -7.03
N THR I 27 -0.40 -11.32 -7.01
CA THR I 27 0.06 -10.24 -7.88
C THR I 27 1.39 -9.71 -7.37
N LEU I 28 1.39 -9.12 -6.15
CA LEU I 28 2.57 -8.60 -5.48
C LEU I 28 3.39 -9.81 -4.94
N PRO I 29 4.72 -9.89 -5.19
CA PRO I 29 5.49 -11.07 -4.74
C PRO I 29 5.51 -11.32 -3.23
N VAL I 30 5.54 -10.25 -2.42
CA VAL I 30 5.56 -10.31 -0.96
C VAL I 30 4.30 -10.99 -0.38
N LEU I 31 3.17 -10.94 -1.11
CA LEU I 31 1.89 -11.55 -0.74
C LEU I 31 1.96 -13.09 -0.65
N SER I 32 2.92 -13.71 -1.35
CA SER I 32 3.17 -15.16 -1.34
C SER I 32 4.02 -15.56 -0.12
N ASN I 33 4.55 -14.55 0.59
CA ASN I 33 5.42 -14.73 1.73
C ASN I 33 4.77 -14.63 3.09
N VAL I 34 5.37 -15.31 4.08
CA VAL I 34 4.99 -15.24 5.47
C VAL I 34 5.95 -14.24 6.14
N LEU I 35 5.42 -13.28 6.89
CA LEU I 35 6.22 -12.33 7.64
C LEU I 35 6.63 -13.01 8.96
N LEU I 36 7.94 -13.11 9.22
CA LEU I 36 8.52 -13.70 10.42
C LEU I 36 9.07 -12.56 11.27
N VAL I 37 8.62 -12.42 12.51
CA VAL I 37 9.08 -11.36 13.43
C VAL I 37 9.50 -11.99 14.75
N VAL I 38 10.77 -11.78 15.14
CA VAL I 38 11.29 -12.24 16.43
C VAL I 38 11.46 -10.98 17.30
N GLU I 39 10.69 -10.91 18.39
CA GLU I 39 10.75 -9.83 19.37
C GLU I 39 10.85 -10.52 20.73
N GLY I 40 12.02 -10.38 21.36
CA GLY I 40 12.32 -11.05 22.62
C GLY I 40 12.27 -12.56 22.40
N GLN I 41 11.50 -13.25 23.25
CA GLN I 41 11.32 -14.71 23.16
C GLN I 41 10.02 -15.10 22.44
N GLN I 42 9.51 -14.22 21.55
CA GLN I 42 8.31 -14.48 20.80
C GLN I 42 8.52 -14.40 19.29
N LEU I 43 8.02 -15.43 18.57
CA LEU I 43 8.00 -15.47 17.13
C LEU I 43 6.55 -15.22 16.69
N SER I 44 6.36 -14.28 15.78
CA SER I 44 5.06 -13.98 15.18
C SER I 44 5.15 -14.33 13.70
N LEU I 45 4.11 -14.97 13.17
CA LEU I 45 4.02 -15.37 11.76
C LEU I 45 2.78 -14.71 11.17
N THR I 46 2.96 -13.91 10.11
CA THR I 46 1.85 -13.21 9.48
C THR I 46 1.68 -13.55 8.00
N GLY I 47 0.43 -13.82 7.64
CA GLY I 47 -0.01 -14.08 6.27
C GLY I 47 -1.15 -13.15 5.92
N THR I 48 -1.20 -12.68 4.66
CA THR I 48 -2.24 -11.77 4.19
C THR I 48 -2.52 -11.92 2.69
N ASP I 49 -3.73 -11.51 2.27
CA ASP I 49 -4.14 -11.45 0.87
C ASP I 49 -4.66 -10.03 0.60
N LEU I 50 -4.39 -9.11 1.56
CA LEU I 50 -4.79 -7.69 1.64
C LEU I 50 -6.23 -7.47 2.14
N GLU I 51 -7.08 -8.53 2.06
N GLU I 51 -7.04 -8.52 2.15
CA GLU I 51 -8.48 -8.56 2.50
CA GLU I 51 -8.41 -8.43 2.62
C GLU I 51 -8.48 -8.98 3.98
C GLU I 51 -8.47 -8.97 4.03
N VAL I 52 -7.81 -10.11 4.26
CA VAL I 52 -7.69 -10.74 5.57
C VAL I 52 -6.21 -10.83 5.95
N GLU I 53 -5.94 -10.75 7.25
CA GLU I 53 -4.60 -10.90 7.81
C GLU I 53 -4.70 -11.89 8.96
N LEU I 54 -3.83 -12.90 8.93
CA LEU I 54 -3.79 -13.91 9.99
C LEU I 54 -2.42 -13.88 10.66
N VAL I 55 -2.41 -13.79 12.00
CA VAL I 55 -1.19 -13.75 12.80
C VAL I 55 -1.17 -14.95 13.75
N GLY I 56 -0.07 -15.71 13.74
CA GLY I 56 0.18 -16.83 14.64
C GLY I 56 1.35 -16.48 15.54
N ARG I 57 1.29 -16.90 16.81
CA ARG I 57 2.35 -16.61 17.79
C ARG I 57 2.88 -17.86 18.49
N VAL I 58 4.22 -17.90 18.69
CA VAL I 58 4.94 -19.01 19.37
C VAL I 58 5.96 -18.44 20.35
N VAL I 59 6.04 -19.07 21.55
CA VAL I 59 7.02 -18.70 22.57
C VAL I 59 8.30 -19.47 22.23
N LEU I 60 9.43 -18.77 22.13
CA LEU I 60 10.74 -19.39 21.84
C LEU I 60 11.46 -19.75 23.12
N GLU I 61 11.88 -21.02 23.26
CA GLU I 61 12.56 -21.53 24.46
C GLU I 61 14.03 -21.10 24.57
N ASP I 62 14.87 -21.48 23.60
CA ASP I 62 16.30 -21.13 23.60
C ASP I 62 16.51 -19.67 23.18
N ALA I 63 17.71 -19.10 23.49
CA ALA I 63 18.06 -17.72 23.17
C ALA I 63 17.86 -17.39 21.68
N ALA I 64 17.11 -16.30 21.42
CA ALA I 64 16.78 -15.85 20.08
C ALA I 64 17.25 -14.42 19.85
N GLU I 65 17.70 -14.14 18.63
CA GLU I 65 18.15 -12.80 18.23
C GLU I 65 17.03 -12.12 17.43
N PRO I 66 16.68 -10.86 17.77
CA PRO I 66 15.54 -10.20 17.09
C PRO I 66 15.75 -9.84 15.63
N GLY I 67 14.63 -9.63 14.96
CA GLY I 67 14.59 -9.24 13.56
C GLY I 67 13.29 -9.59 12.87
N GLU I 68 13.22 -9.19 11.61
CA GLU I 68 12.06 -9.45 10.77
C GLU I 68 12.46 -9.71 9.33
N ILE I 69 11.74 -10.62 8.69
CA ILE I 69 11.98 -11.04 7.31
C ILE I 69 10.71 -11.70 6.75
N THR I 70 10.63 -11.82 5.43
CA THR I 70 9.53 -12.52 4.79
C THR I 70 10.15 -13.63 3.95
N VAL I 71 9.50 -14.79 3.91
CA VAL I 71 9.97 -15.97 3.17
C VAL I 71 8.79 -16.66 2.46
N PRO I 72 9.00 -17.39 1.33
CA PRO I 72 7.86 -18.10 0.68
C PRO I 72 7.14 -18.99 1.69
N ALA I 73 5.85 -18.68 1.93
CA ALA I 73 5.02 -19.37 2.94
C ALA I 73 4.83 -20.86 2.68
N ARG I 74 4.42 -21.24 1.45
CA ARG I 74 4.19 -22.64 1.07
C ARG I 74 5.50 -23.45 1.13
N LYS I 75 6.62 -22.90 0.62
CA LYS I 75 7.93 -23.56 0.67
C LYS I 75 8.39 -23.84 2.10
N LEU I 76 8.32 -22.84 2.99
CA LEU I 76 8.71 -23.01 4.40
C LEU I 76 7.82 -24.04 5.11
N MET I 77 6.50 -24.00 4.87
CA MET I 77 5.54 -24.94 5.43
C MET I 77 5.85 -26.37 4.93
N ASP I 78 6.09 -26.55 3.60
CA ASP I 78 6.42 -27.84 3.00
C ASP I 78 7.72 -28.43 3.55
N ILE I 79 8.74 -27.58 3.76
CA ILE I 79 10.02 -27.99 4.35
C ILE I 79 9.76 -28.45 5.80
N CYS I 80 9.03 -27.63 6.59
CA CYS I 80 8.65 -27.91 7.97
C CYS I 80 7.88 -29.25 8.08
N LYS I 81 6.84 -29.46 7.25
CA LYS I 81 6.04 -30.69 7.21
C LYS I 81 6.88 -31.94 6.85
N SER I 82 7.82 -31.80 5.90
CA SER I 82 8.69 -32.87 5.41
C SER I 82 9.82 -33.26 6.39
N LEU I 83 10.13 -32.40 7.36
CA LEU I 83 11.19 -32.69 8.34
C LEU I 83 10.81 -33.82 9.31
N PRO I 84 11.77 -34.59 9.87
CA PRO I 84 11.40 -35.68 10.80
C PRO I 84 10.67 -35.16 12.03
N ASN I 85 9.68 -35.93 12.50
CA ASN I 85 8.87 -35.60 13.68
C ASN I 85 9.75 -35.22 14.89
N ASP I 86 9.41 -34.10 15.52
CA ASP I 86 10.05 -33.57 16.73
C ASP I 86 11.48 -33.02 16.61
N VAL I 87 11.96 -32.79 15.38
CA VAL I 87 13.31 -32.24 15.15
C VAL I 87 13.40 -30.74 15.57
N LEU I 88 14.57 -30.33 16.06
CA LEU I 88 14.82 -28.93 16.41
C LEU I 88 15.32 -28.22 15.14
N ILE I 89 14.64 -27.13 14.76
CA ILE I 89 15.00 -26.38 13.56
C ILE I 89 15.74 -25.10 13.94
N ASP I 90 16.91 -24.87 13.33
CA ASP I 90 17.67 -23.64 13.50
C ASP I 90 17.38 -22.75 12.29
N ILE I 91 16.87 -21.54 12.54
CA ILE I 91 16.51 -20.58 11.49
C ILE I 91 17.26 -19.25 11.68
N ARG I 92 17.97 -18.80 10.63
CA ARG I 92 18.69 -17.52 10.67
C ARG I 92 18.67 -16.79 9.33
N VAL I 93 18.80 -15.47 9.37
CA VAL I 93 18.86 -14.62 8.19
C VAL I 93 20.33 -14.32 7.91
N GLU I 94 20.79 -14.61 6.69
CA GLU I 94 22.18 -14.39 6.31
C GLU I 94 22.25 -13.91 4.86
N GLU I 95 22.65 -12.65 4.65
CA GLU I 95 22.80 -12.01 3.34
C GLU I 95 21.55 -12.13 2.47
N GLN I 96 20.39 -11.67 2.98
CA GLN I 96 19.08 -11.69 2.30
C GLN I 96 18.55 -13.12 1.99
N LYS I 97 19.05 -14.12 2.71
CA LYS I 97 18.62 -15.51 2.54
C LYS I 97 18.24 -16.10 3.89
N LEU I 98 17.24 -16.99 3.89
CA LEU I 98 16.84 -17.69 5.10
C LEU I 98 17.53 -19.05 5.14
N LEU I 99 18.32 -19.26 6.19
CA LEU I 99 19.09 -20.49 6.40
C LEU I 99 18.35 -21.36 7.40
N VAL I 100 17.95 -22.55 6.94
CA VAL I 100 17.20 -23.52 7.74
C VAL I 100 18.08 -24.77 7.93
N LYS I 101 18.33 -25.15 9.20
CA LYS I 101 19.13 -26.33 9.57
C LYS I 101 18.33 -27.21 10.52
N ALA I 102 18.24 -28.51 10.23
CA ALA I 102 17.51 -29.47 11.06
C ALA I 102 18.11 -30.85 10.82
N GLY I 103 18.81 -31.35 11.82
CA GLY I 103 19.50 -32.63 11.75
C GLY I 103 20.56 -32.59 10.67
N ARG I 104 20.47 -33.50 9.70
CA ARG I 104 21.41 -33.57 8.57
C ARG I 104 20.91 -32.81 7.33
N SER I 105 19.79 -32.06 7.48
CA SER I 105 19.16 -31.28 6.41
C SER I 105 19.49 -29.79 6.49
N ARG I 106 19.79 -29.20 5.33
CA ARG I 106 20.10 -27.78 5.18
C ARG I 106 19.28 -27.21 4.03
N PHE I 107 18.69 -26.02 4.24
CA PHE I 107 17.88 -25.33 3.25
C PHE I 107 18.22 -23.85 3.21
N THR I 108 18.28 -23.28 1.99
CA THR I 108 18.49 -21.86 1.75
C THR I 108 17.29 -21.33 0.98
N LEU I 109 16.54 -20.40 1.57
CA LEU I 109 15.34 -19.81 0.95
C LEU I 109 15.57 -18.36 0.58
N SER I 110 14.94 -17.92 -0.52
CA SER I 110 15.00 -16.51 -0.93
C SER I 110 14.11 -15.71 0.02
N THR I 111 14.40 -14.42 0.20
CA THR I 111 13.62 -13.58 1.11
C THR I 111 13.18 -12.29 0.42
N LEU I 112 12.23 -11.59 1.02
CA LEU I 112 11.80 -10.26 0.62
C LEU I 112 11.77 -9.40 1.89
N PRO I 113 12.27 -8.14 1.84
CA PRO I 113 12.31 -7.31 3.06
C PRO I 113 10.96 -7.19 3.78
N ALA I 114 11.01 -7.25 5.12
CA ALA I 114 9.84 -7.13 5.98
C ALA I 114 9.19 -5.75 5.87
N ASN I 115 9.97 -4.70 5.53
CA ASN I 115 9.45 -3.34 5.35
C ASN I 115 8.48 -3.23 4.15
N ASP I 116 8.55 -4.21 3.22
CA ASP I 116 7.69 -4.32 2.03
C ASP I 116 6.40 -5.09 2.29
N PHE I 117 6.28 -5.73 3.48
CA PHE I 117 5.10 -6.49 3.86
C PHE I 117 3.95 -5.53 4.26
N PRO I 118 2.73 -5.71 3.71
CA PRO I 118 1.63 -4.78 4.04
C PRO I 118 1.02 -4.98 5.43
N GLU I 122 -6.56 -1.27 10.77
CA GLU I 122 -6.97 -1.30 12.19
C GLU I 122 -6.48 0.05 12.83
N GLY I 123 -7.35 0.98 13.24
CA GLY I 123 -8.81 0.99 13.25
C GLY I 123 -9.38 1.03 14.66
N PRO I 124 -9.93 2.17 15.18
CA PRO I 124 -10.49 2.15 16.54
C PRO I 124 -11.72 1.24 16.66
N GLY I 125 -11.80 0.47 17.73
CA GLY I 125 -12.96 -0.39 17.97
C GLY I 125 -14.16 0.42 18.42
N SER I 126 -15.34 0.08 17.88
CA SER I 126 -16.60 0.73 18.27
C SER I 126 -17.25 -0.17 19.33
N LEU I 127 -17.03 -1.49 19.19
CA LEU I 127 -17.55 -2.50 20.08
C LEU I 127 -16.57 -3.66 20.24
N ASN I 128 -16.44 -4.18 21.46
CA ASN I 128 -15.61 -5.34 21.73
C ASN I 128 -16.23 -6.24 22.78
N PHE I 129 -16.29 -7.54 22.48
CA PHE I 129 -16.90 -8.56 23.34
C PHE I 129 -16.21 -9.90 23.17
N SER I 130 -16.43 -10.80 24.13
CA SER I 130 -15.91 -12.17 24.09
C SER I 130 -17.10 -13.11 23.85
N ILE I 131 -16.87 -14.19 23.10
CA ILE I 131 -17.90 -15.17 22.77
C ILE I 131 -17.31 -16.57 22.58
N ALA I 132 -18.11 -17.62 22.87
CA ALA I 132 -17.71 -19.02 22.66
C ALA I 132 -17.48 -19.19 21.16
N GLN I 133 -16.34 -19.82 20.77
CA GLN I 133 -15.98 -20.08 19.37
C GLN I 133 -17.07 -20.87 18.65
N SER I 134 -17.66 -21.85 19.37
CA SER I 134 -18.75 -22.73 18.96
C SER I 134 -20.00 -21.95 18.55
N LYS I 135 -20.37 -20.90 19.33
CA LYS I 135 -21.55 -20.06 19.08
C LYS I 135 -21.35 -19.19 17.84
N LEU I 136 -20.15 -18.60 17.68
CA LEU I 136 -19.85 -17.78 16.50
C LEU I 136 -19.78 -18.64 15.23
N ARG I 137 -19.14 -19.83 15.32
CA ARG I 137 -19.04 -20.77 14.19
C ARG I 137 -20.43 -21.21 13.71
N ARG I 138 -21.35 -21.48 14.66
CA ARG I 138 -22.75 -21.85 14.41
C ARG I 138 -23.44 -20.76 13.58
N LEU I 139 -23.28 -19.47 13.97
CA LEU I 139 -23.88 -18.33 13.25
C LEU I 139 -23.45 -18.29 11.80
N ILE I 140 -22.14 -18.51 11.55
CA ILE I 140 -21.56 -18.51 10.20
C ILE I 140 -22.00 -19.73 9.40
N ASP I 141 -21.78 -20.95 9.95
CA ASP I 141 -22.11 -22.21 9.29
C ASP I 141 -23.60 -22.39 9.01
N ARG I 142 -24.48 -21.83 9.86
CA ARG I 142 -25.93 -21.94 9.63
C ARG I 142 -26.42 -21.03 8.51
N THR I 143 -25.59 -20.06 8.06
CA THR I 143 -26.04 -19.08 7.07
C THR I 143 -25.19 -18.86 5.83
N SER I 144 -23.89 -19.24 5.87
CA SER I 144 -22.91 -18.95 4.81
C SER I 144 -23.24 -19.32 3.38
N PHE I 145 -23.99 -20.42 3.18
CA PHE I 145 -24.42 -20.89 1.86
C PHE I 145 -25.28 -19.85 1.13
N ALA I 146 -26.01 -18.96 1.87
CA ALA I 146 -26.91 -18.00 1.26
C ALA I 146 -26.27 -16.71 0.76
N MET I 147 -24.98 -16.47 1.07
CA MET I 147 -24.27 -15.27 0.61
C MET I 147 -24.18 -15.26 -0.90
N ALA I 148 -24.20 -14.05 -1.49
CA ALA I 148 -24.01 -13.92 -2.93
C ALA I 148 -22.51 -14.05 -3.24
N GLN I 149 -22.19 -14.32 -4.49
CA GLN I 149 -20.82 -14.44 -5.01
C GLN I 149 -20.77 -13.58 -6.27
N GLN I 150 -19.93 -12.54 -6.25
CA GLN I 150 -19.70 -11.61 -7.37
C GLN I 150 -20.96 -10.87 -7.88
N ASP I 151 -21.96 -10.67 -6.99
CA ASP I 151 -23.18 -9.96 -7.34
C ASP I 151 -22.81 -8.49 -7.48
N VAL I 152 -23.45 -7.79 -8.44
CA VAL I 152 -23.22 -6.35 -8.66
C VAL I 152 -23.59 -5.55 -7.39
N ARG I 153 -24.55 -6.07 -6.59
CA ARG I 153 -24.92 -5.52 -5.30
C ARG I 153 -23.84 -6.10 -4.36
N TYR I 154 -22.66 -5.43 -4.32
CA TYR I 154 -21.43 -5.82 -3.61
C TYR I 154 -21.63 -6.12 -2.12
N TYR I 155 -22.58 -5.44 -1.49
CA TYR I 155 -22.92 -5.56 -0.07
C TYR I 155 -23.56 -6.95 0.25
N LEU I 156 -23.95 -7.73 -0.77
CA LEU I 156 -24.51 -9.08 -0.61
C LEU I 156 -23.41 -10.15 -0.67
N ASN I 157 -22.20 -9.80 -1.16
CA ASN I 157 -21.06 -10.72 -1.28
C ASN I 157 -20.32 -10.87 0.05
N GLY I 158 -21.09 -11.22 1.06
CA GLY I 158 -20.60 -11.38 2.41
C GLY I 158 -21.73 -11.62 3.40
N MET I 159 -21.39 -11.54 4.68
CA MET I 159 -22.32 -11.81 5.76
C MET I 159 -22.49 -10.63 6.69
N LEU I 160 -23.76 -10.32 6.99
CA LEU I 160 -24.09 -9.31 7.98
C LEU I 160 -23.91 -9.94 9.36
N LEU I 161 -23.18 -9.25 10.24
CA LEU I 161 -23.04 -9.59 11.66
C LEU I 161 -23.62 -8.40 12.38
N GLU I 162 -24.70 -8.63 13.14
CA GLU I 162 -25.43 -7.58 13.80
C GLU I 162 -25.57 -7.81 15.30
N VAL I 163 -25.26 -6.76 16.10
CA VAL I 163 -25.44 -6.78 17.54
C VAL I 163 -26.62 -5.87 17.85
N ASN I 164 -27.66 -6.41 18.49
CA ASN I 164 -28.87 -5.66 18.81
C ASN I 164 -29.50 -6.19 20.08
N GLY I 165 -29.63 -5.32 21.08
CA GLY I 165 -30.19 -5.64 22.38
C GLY I 165 -29.16 -6.27 23.30
N GLY I 166 -28.64 -7.40 22.84
CA GLY I 166 -27.63 -8.23 23.48
C GLY I 166 -27.38 -9.44 22.61
N THR I 167 -28.24 -9.59 21.57
CA THR I 167 -28.23 -10.67 20.60
C THR I 167 -27.19 -10.43 19.50
N LEU I 168 -26.51 -11.49 19.09
CA LEU I 168 -25.62 -11.49 17.95
C LEU I 168 -26.35 -12.27 16.86
N ARG I 169 -26.46 -11.67 15.67
CA ARG I 169 -27.18 -12.24 14.55
C ARG I 169 -26.37 -12.19 13.27
N SER I 170 -26.46 -13.28 12.49
CA SER I 170 -25.84 -13.37 11.17
C SER I 170 -26.97 -13.37 10.13
N VAL I 171 -26.77 -12.64 9.02
CA VAL I 171 -27.71 -12.59 7.90
C VAL I 171 -26.90 -12.71 6.60
N ALA I 172 -27.33 -13.62 5.70
CA ALA I 172 -26.73 -13.83 4.39
C ALA I 172 -27.87 -13.94 3.36
N THR I 173 -27.69 -13.31 2.19
CA THR I 173 -28.68 -13.34 1.11
C THR I 173 -28.05 -13.07 -0.26
N ASP I 174 -28.65 -13.64 -1.32
CA ASP I 174 -28.21 -13.45 -2.70
C ASP I 174 -29.33 -12.85 -3.56
N GLY I 175 -30.43 -12.47 -2.90
CA GLY I 175 -31.59 -11.89 -3.56
C GLY I 175 -32.67 -12.90 -3.91
N HIS I 176 -32.32 -14.21 -3.93
CA HIS I 176 -33.28 -15.30 -4.21
C HIS I 176 -33.66 -16.00 -2.91
N ARG I 177 -32.70 -16.14 -2.00
CA ARG I 177 -32.88 -16.81 -0.73
C ARG I 177 -32.10 -16.07 0.35
N LEU I 178 -32.50 -16.29 1.59
CA LEU I 178 -31.88 -15.66 2.74
C LEU I 178 -31.74 -16.66 3.87
N ALA I 179 -30.65 -16.54 4.64
CA ALA I 179 -30.41 -17.35 5.81
C ALA I 179 -30.08 -16.40 6.98
N MET I 180 -30.66 -16.65 8.13
CA MET I 180 -30.40 -15.85 9.34
C MET I 180 -30.36 -16.71 10.60
N CYS I 181 -29.46 -16.37 11.53
CA CYS I 181 -29.32 -17.09 12.79
C CYS I 181 -29.08 -16.10 13.92
N SER I 182 -29.80 -16.22 15.03
CA SER I 182 -29.70 -15.31 16.18
C SER I 182 -29.36 -16.08 17.45
N LEU I 183 -28.46 -15.53 18.26
CA LEU I 183 -28.05 -16.13 19.53
C LEU I 183 -27.96 -15.03 20.59
N ASP I 184 -28.59 -15.25 21.76
CA ASP I 184 -28.55 -14.25 22.83
C ASP I 184 -27.25 -14.35 23.62
N ALA I 185 -26.22 -13.62 23.14
CA ALA I 185 -24.86 -13.58 23.69
C ALA I 185 -24.67 -12.58 24.84
N GLN I 186 -25.73 -11.78 25.14
CA GLN I 186 -25.75 -10.74 26.19
C GLN I 186 -24.60 -9.72 26.06
N ILE I 187 -24.46 -9.15 24.85
CA ILE I 187 -23.45 -8.15 24.50
C ILE I 187 -24.05 -6.75 24.73
N PRO I 188 -23.54 -5.93 25.68
CA PRO I 188 -24.08 -4.56 25.83
C PRO I 188 -23.63 -3.68 24.65
N SER I 189 -24.59 -3.00 23.99
CA SER I 189 -24.29 -2.20 22.79
C SER I 189 -24.84 -0.77 22.78
N GLN I 190 -25.95 -0.51 23.51
CA GLN I 190 -26.63 0.80 23.59
C GLN I 190 -27.29 1.26 22.27
N ASP I 191 -26.91 0.63 21.13
CA ASP I 191 -27.43 0.88 19.79
C ASP I 191 -27.20 -0.35 18.90
N ARG I 192 -28.04 -0.52 17.85
CA ARG I 192 -27.90 -1.61 16.88
C ARG I 192 -26.61 -1.36 16.09
N HIS I 193 -25.70 -2.35 16.08
CA HIS I 193 -24.44 -2.25 15.34
C HIS I 193 -24.37 -3.34 14.27
N GLN I 194 -24.07 -2.93 13.02
CA GLN I 194 -23.97 -3.82 11.87
C GLN I 194 -22.63 -3.74 11.17
N VAL I 195 -22.09 -4.89 10.76
CA VAL I 195 -20.86 -5.02 9.96
C VAL I 195 -21.12 -6.03 8.85
N ILE I 196 -20.53 -5.81 7.65
CA ILE I 196 -20.64 -6.77 6.57
C ILE I 196 -19.25 -7.34 6.37
N VAL I 197 -19.08 -8.63 6.67
CA VAL I 197 -17.81 -9.31 6.52
C VAL I 197 -17.75 -9.94 5.12
N PRO I 198 -16.70 -9.66 4.30
CA PRO I 198 -16.61 -10.25 2.96
C PRO I 198 -16.66 -11.78 3.00
N ARG I 199 -17.28 -12.37 1.98
CA ARG I 199 -17.48 -13.82 1.88
C ARG I 199 -16.24 -14.68 2.12
N LYS I 200 -15.09 -14.32 1.50
CA LYS I 200 -13.84 -15.08 1.67
C LYS I 200 -13.37 -15.04 3.14
N GLY I 201 -13.43 -13.85 3.76
CA GLY I 201 -13.02 -13.63 5.15
C GLY I 201 -13.86 -14.38 6.15
N ILE I 202 -15.20 -14.30 6.02
CA ILE I 202 -16.10 -14.99 6.94
C ILE I 202 -15.96 -16.53 6.88
N LEU I 203 -15.76 -17.08 5.68
CA LEU I 203 -15.59 -18.53 5.49
C LEU I 203 -14.27 -19.00 6.11
N GLU I 204 -13.23 -18.16 6.00
CA GLU I 204 -11.92 -18.43 6.59
C GLU I 204 -12.04 -18.44 8.11
N LEU I 205 -12.70 -17.40 8.68
CA LEU I 205 -12.91 -17.27 10.11
C LEU I 205 -13.61 -18.51 10.70
N ALA I 206 -14.71 -18.98 10.06
CA ALA I 206 -15.46 -20.15 10.50
C ALA I 206 -14.56 -21.40 10.58
N ARG I 207 -13.68 -21.58 9.59
CA ARG I 207 -12.74 -22.71 9.54
C ARG I 207 -11.69 -22.64 10.66
N LEU I 208 -11.34 -21.41 11.08
CA LEU I 208 -10.38 -21.18 12.16
C LEU I 208 -10.96 -21.44 13.56
N LEU I 209 -12.29 -21.34 13.70
CA LEU I 209 -12.98 -21.53 14.99
C LEU I 209 -13.18 -23.01 15.35
N THR I 210 -12.05 -23.72 15.55
CA THR I 210 -11.98 -25.16 15.83
C THR I 210 -12.09 -25.57 17.32
N GLU I 211 -11.80 -24.64 18.25
CA GLU I 211 -11.85 -24.88 19.69
C GLU I 211 -13.29 -25.02 20.15
N GLN I 212 -13.77 -26.28 20.25
CA GLN I 212 -15.12 -26.66 20.68
C GLN I 212 -15.44 -26.11 22.07
N ASP I 213 -14.40 -25.99 22.93
CA ASP I 213 -14.49 -25.46 24.28
C ASP I 213 -14.04 -23.99 24.41
N GLY I 214 -13.25 -23.52 23.44
CA GLY I 214 -12.61 -22.21 23.41
C GLY I 214 -13.46 -20.97 23.27
N GLU I 215 -12.83 -19.82 23.57
CA GLU I 215 -13.41 -18.49 23.52
C GLU I 215 -12.70 -17.64 22.46
N VAL I 216 -13.41 -16.66 21.90
CA VAL I 216 -12.86 -15.73 20.91
C VAL I 216 -13.21 -14.29 21.28
N GLY I 217 -12.21 -13.42 21.26
CA GLY I 217 -12.39 -12.01 21.50
C GLY I 217 -12.70 -11.33 20.18
N ILE I 218 -13.82 -10.59 20.12
CA ILE I 218 -14.23 -9.88 18.90
C ILE I 218 -14.14 -8.37 19.07
N VAL I 219 -13.62 -7.70 18.03
CA VAL I 219 -13.55 -6.24 17.96
C VAL I 219 -14.26 -5.84 16.66
N LEU I 220 -15.28 -4.99 16.77
CA LEU I 220 -15.98 -4.44 15.63
C LEU I 220 -15.55 -2.99 15.48
N GLY I 221 -14.93 -2.69 14.35
CA GLY I 221 -14.48 -1.34 14.00
C GLY I 221 -15.30 -0.81 12.86
N GLN I 222 -15.09 0.45 12.47
CA GLN I 222 -15.85 1.05 11.35
C GLN I 222 -15.49 0.41 10.01
N HIS I 223 -14.23 -0.05 9.83
CA HIS I 223 -13.76 -0.66 8.58
C HIS I 223 -13.10 -2.03 8.75
N HIS I 224 -13.12 -2.59 9.97
CA HIS I 224 -12.53 -3.90 10.20
C HIS I 224 -13.27 -4.73 11.25
N ILE I 225 -12.98 -6.04 11.25
CA ILE I 225 -13.39 -7.00 12.27
C ILE I 225 -12.12 -7.72 12.72
N ARG I 226 -11.97 -7.89 14.02
CA ARG I 226 -10.83 -8.61 14.60
C ARG I 226 -11.32 -9.75 15.49
N ALA I 227 -10.75 -10.93 15.33
CA ALA I 227 -11.04 -12.13 16.11
C ALA I 227 -9.72 -12.65 16.68
N THR I 228 -9.63 -12.73 18.03
CA THR I 228 -8.43 -13.18 18.74
C THR I 228 -8.71 -14.43 19.60
N THR I 229 -7.83 -15.45 19.52
CA THR I 229 -7.93 -16.70 20.30
C THR I 229 -6.67 -17.01 21.15
N GLY I 230 -5.69 -16.09 21.18
CA GLY I 230 -4.47 -16.32 21.94
C GLY I 230 -3.38 -17.02 21.16
N GLU I 231 -3.79 -17.97 20.30
CA GLU I 231 -2.89 -18.66 19.37
C GLU I 231 -2.86 -17.93 18.01
N PHE I 232 -4.00 -17.24 17.68
CA PHE I 232 -4.12 -16.46 16.45
C PHE I 232 -4.91 -15.14 16.59
N THR I 233 -4.60 -14.19 15.69
CA THR I 233 -5.31 -12.93 15.52
C THR I 233 -5.73 -12.86 14.06
N PHE I 234 -7.04 -12.79 13.84
CA PHE I 234 -7.63 -12.71 12.52
C PHE I 234 -8.15 -11.29 12.34
N THR I 235 -7.78 -10.66 11.23
CA THR I 235 -8.28 -9.32 10.90
C THR I 235 -8.81 -9.34 9.49
N SER I 236 -10.01 -8.81 9.29
CA SER I 236 -10.61 -8.69 7.96
C SER I 236 -11.14 -7.29 7.76
N LYS I 237 -10.98 -6.79 6.53
CA LYS I 237 -11.56 -5.51 6.13
C LYS I 237 -13.06 -5.78 6.02
N LEU I 238 -13.90 -4.74 6.12
CA LEU I 238 -15.36 -4.92 5.99
C LEU I 238 -15.81 -4.50 4.61
N VAL I 239 -17.02 -4.93 4.20
CA VAL I 239 -17.61 -4.52 2.94
C VAL I 239 -18.15 -3.09 3.22
N ASP I 240 -17.62 -2.10 2.50
CA ASP I 240 -17.99 -0.72 2.69
C ASP I 240 -19.33 -0.41 2.01
N GLY I 241 -20.41 -0.73 2.71
CA GLY I 241 -21.78 -0.50 2.26
C GLY I 241 -22.80 -0.74 3.35
N LYS I 242 -24.07 -0.46 3.05
CA LYS I 242 -25.20 -0.66 3.97
C LYS I 242 -25.96 -1.92 3.53
N PHE I 243 -26.16 -2.85 4.48
CA PHE I 243 -26.89 -4.08 4.19
C PHE I 243 -28.37 -3.76 3.95
N PRO I 244 -29.10 -4.45 3.02
CA PRO I 244 -30.54 -4.14 2.83
C PRO I 244 -31.38 -4.37 4.09
N ASP I 245 -32.57 -3.76 4.11
CA ASP I 245 -33.53 -3.91 5.20
C ASP I 245 -34.20 -5.30 5.09
N TYR I 246 -33.46 -6.33 5.53
CA TYR I 246 -33.85 -7.74 5.48
C TYR I 246 -35.16 -8.02 6.24
N GLU I 247 -35.42 -7.27 7.33
CA GLU I 247 -36.64 -7.40 8.14
C GLU I 247 -37.90 -7.22 7.28
N ARG I 248 -37.82 -6.35 6.24
CA ARG I 248 -38.92 -6.08 5.31
C ARG I 248 -39.24 -7.27 4.36
N VAL I 249 -38.27 -8.17 4.12
CA VAL I 249 -38.48 -9.32 3.22
C VAL I 249 -38.81 -10.65 3.91
N LEU I 250 -38.75 -10.68 5.26
CA LEU I 250 -39.10 -11.87 6.02
C LEU I 250 -40.61 -12.12 5.93
N PRO I 251 -41.07 -13.31 5.45
CA PRO I 251 -42.52 -13.56 5.33
C PRO I 251 -43.20 -13.63 6.72
N ARG I 252 -44.25 -12.83 6.91
CA ARG I 252 -44.94 -12.76 8.21
C ARG I 252 -46.24 -13.53 8.35
N GLY I 253 -47.13 -13.42 7.37
CA GLY I 253 -48.45 -14.04 7.47
C GLY I 253 -48.64 -15.47 7.01
N GLY I 254 -47.56 -16.25 6.90
CA GLY I 254 -47.60 -17.65 6.45
C GLY I 254 -48.67 -18.49 7.12
N ASP I 255 -49.71 -18.85 6.35
CA ASP I 255 -50.89 -19.61 6.83
C ASP I 255 -50.78 -21.12 6.73
N LYS I 256 -49.84 -21.64 5.93
CA LYS I 256 -49.71 -23.08 5.72
C LYS I 256 -48.50 -23.64 6.46
N LEU I 257 -48.75 -24.31 7.59
CA LEU I 257 -47.69 -24.93 8.40
C LEU I 257 -47.49 -26.40 8.05
N VAL I 258 -46.30 -26.71 7.55
CA VAL I 258 -45.91 -28.07 7.15
C VAL I 258 -44.81 -28.54 8.09
N VAL I 259 -44.99 -29.72 8.68
CA VAL I 259 -43.98 -30.36 9.52
C VAL I 259 -43.64 -31.67 8.79
N GLY I 260 -42.39 -31.80 8.42
CA GLY I 260 -41.91 -32.98 7.70
C GLY I 260 -40.61 -33.49 8.27
N ASP I 261 -40.25 -34.71 7.86
CA ASP I 261 -39.00 -35.33 8.27
C ASP I 261 -37.90 -34.76 7.38
N ARG I 262 -36.85 -34.16 8.00
CA ARG I 262 -35.72 -33.55 7.28
C ARG I 262 -35.05 -34.53 6.30
N GLN I 263 -34.73 -35.75 6.77
CA GLN I 263 -34.10 -36.80 5.95
C GLN I 263 -34.97 -37.25 4.80
N GLN I 264 -36.27 -37.52 5.03
CA GLN I 264 -37.21 -37.95 4.00
C GLN I 264 -37.33 -36.89 2.89
N LEU I 265 -37.45 -35.61 3.29
CA LEU I 265 -37.53 -34.50 2.35
C LEU I 265 -36.24 -34.34 1.58
N ARG I 266 -35.08 -34.40 2.27
CA ARG I 266 -33.78 -34.28 1.62
C ARG I 266 -33.55 -35.41 0.60
N GLU I 267 -33.91 -36.65 0.94
CA GLU I 267 -33.75 -37.82 0.06
C GLU I 267 -34.64 -37.72 -1.17
N ALA I 268 -35.90 -37.33 -0.99
CA ALA I 268 -36.86 -37.13 -2.09
C ALA I 268 -36.45 -35.97 -2.99
N PHE I 269 -35.98 -34.84 -2.42
CA PHE I 269 -35.49 -33.69 -3.18
C PHE I 269 -34.24 -34.08 -3.99
N SER I 270 -33.30 -34.85 -3.38
CA SER I 270 -32.08 -35.33 -4.07
C SER I 270 -32.42 -36.25 -5.26
N ARG I 271 -33.37 -37.19 -5.06
CA ARG I 271 -33.78 -38.13 -6.12
C ARG I 271 -34.41 -37.38 -7.30
N THR I 272 -35.39 -36.49 -7.03
CA THR I 272 -36.08 -35.72 -8.05
C THR I 272 -35.15 -34.75 -8.78
N ALA I 273 -34.16 -34.16 -8.04
CA ALA I 273 -33.16 -33.22 -8.58
C ALA I 273 -32.39 -33.76 -9.80
N ILE I 274 -32.12 -35.09 -9.80
CA ILE I 274 -31.43 -35.80 -10.90
C ILE I 274 -32.10 -35.51 -12.26
N LEU I 275 -33.43 -35.48 -12.28
CA LEU I 275 -34.18 -35.22 -13.50
C LEU I 275 -34.72 -33.79 -13.66
N SER I 276 -34.21 -32.84 -12.85
CA SER I 276 -34.58 -31.44 -12.97
C SER I 276 -33.63 -30.81 -14.00
N ASN I 277 -34.02 -29.65 -14.55
CA ASN I 277 -33.20 -28.89 -15.50
C ASN I 277 -31.83 -28.61 -14.83
N GLU I 278 -30.73 -28.95 -15.53
CA GLU I 278 -29.36 -28.81 -15.01
C GLU I 278 -28.98 -27.36 -14.67
N LYS I 279 -29.56 -26.38 -15.39
CA LYS I 279 -29.32 -24.96 -15.19
C LYS I 279 -30.33 -24.35 -14.22
N TYR I 280 -31.63 -24.53 -14.48
CA TYR I 280 -32.69 -23.90 -13.68
C TYR I 280 -33.13 -24.62 -12.40
N ARG I 281 -32.85 -25.95 -12.31
CA ARG I 281 -33.07 -26.78 -11.11
C ARG I 281 -34.48 -26.71 -10.49
N GLY I 282 -35.48 -26.46 -11.33
CA GLY I 282 -36.85 -26.32 -10.91
C GLY I 282 -37.55 -27.63 -10.61
N ILE I 283 -38.28 -27.64 -9.50
CA ILE I 283 -39.13 -28.75 -9.07
C ILE I 283 -40.49 -28.19 -8.76
N ARG I 284 -41.52 -29.02 -8.89
CA ARG I 284 -42.90 -28.64 -8.60
C ARG I 284 -43.36 -29.39 -7.35
N LEU I 285 -43.92 -28.62 -6.41
CA LEU I 285 -44.45 -29.12 -5.15
C LEU I 285 -45.97 -29.03 -5.20
N GLN I 286 -46.64 -30.10 -4.81
CA GLN I 286 -48.09 -30.15 -4.71
C GLN I 286 -48.42 -30.59 -3.30
N LEU I 287 -48.79 -29.61 -2.47
CA LEU I 287 -49.14 -29.80 -1.07
C LEU I 287 -50.64 -29.98 -0.91
N SER I 288 -51.02 -30.99 -0.12
CA SER I 288 -52.40 -31.34 0.23
C SER I 288 -52.36 -32.01 1.61
N ASN I 289 -53.52 -32.31 2.21
CA ASN I 289 -53.62 -32.93 3.53
C ASN I 289 -52.72 -34.16 3.70
N GLY I 290 -51.75 -34.04 4.61
CA GLY I 290 -50.77 -35.07 4.94
C GLY I 290 -49.83 -35.51 3.83
N LEU I 291 -49.80 -34.77 2.71
CA LEU I 291 -49.01 -35.19 1.56
C LEU I 291 -48.30 -34.08 0.80
N LEU I 292 -47.04 -34.36 0.41
CA LEU I 292 -46.25 -33.50 -0.46
C LEU I 292 -45.81 -34.28 -1.68
N LYS I 293 -46.37 -33.91 -2.85
CA LYS I 293 -46.01 -34.52 -4.13
C LYS I 293 -44.92 -33.67 -4.75
N ILE I 294 -43.82 -34.31 -5.18
CA ILE I 294 -42.67 -33.64 -5.80
C ILE I 294 -42.51 -34.14 -7.23
N GLN I 295 -42.39 -33.21 -8.17
CA GLN I 295 -42.18 -33.53 -9.56
C GLN I 295 -41.05 -32.69 -10.15
N ALA I 296 -40.24 -33.32 -11.01
CA ALA I 296 -39.15 -32.67 -11.72
C ALA I 296 -39.07 -33.20 -13.15
N ASN I 297 -38.81 -32.29 -14.09
CA ASN I 297 -38.62 -32.64 -15.49
C ASN I 297 -37.56 -31.77 -16.15
N ASN I 298 -36.95 -32.29 -17.22
CA ASN I 298 -35.87 -31.62 -17.91
C ASN I 298 -36.19 -31.40 -19.42
N PRO I 299 -35.33 -30.69 -20.21
CA PRO I 299 -35.65 -30.49 -21.63
C PRO I 299 -35.80 -31.77 -22.48
N GLU I 300 -35.13 -32.87 -22.08
CA GLU I 300 -35.19 -34.19 -22.76
C GLU I 300 -36.50 -34.93 -22.44
N GLN I 301 -37.42 -34.28 -21.67
CA GLN I 301 -38.72 -34.81 -21.25
C GLN I 301 -38.64 -35.99 -20.26
N GLU I 302 -37.49 -36.12 -19.57
CA GLU I 302 -37.28 -37.11 -18.53
C GLU I 302 -37.99 -36.59 -17.28
N GLU I 303 -38.61 -37.46 -16.49
CA GLU I 303 -39.40 -37.04 -15.35
C GLU I 303 -39.22 -37.88 -14.10
N ALA I 304 -39.13 -37.20 -12.94
CA ALA I 304 -39.02 -37.81 -11.63
C ALA I 304 -40.21 -37.38 -10.77
N GLU I 305 -40.81 -38.35 -10.05
CA GLU I 305 -41.96 -38.12 -9.18
C GLU I 305 -41.79 -38.83 -7.86
N GLU I 306 -42.19 -38.17 -6.78
CA GLU I 306 -42.16 -38.72 -5.44
C GLU I 306 -43.24 -38.12 -4.54
N GLU I 307 -43.74 -38.92 -3.61
CA GLU I 307 -44.76 -38.53 -2.66
C GLU I 307 -44.17 -38.71 -1.26
N VAL I 308 -44.23 -37.65 -0.46
CA VAL I 308 -43.70 -37.62 0.91
C VAL I 308 -44.84 -37.31 1.87
N GLN I 309 -44.98 -38.12 2.92
CA GLN I 309 -45.97 -37.91 3.97
C GLN I 309 -45.47 -36.77 4.85
N VAL I 310 -46.33 -35.78 5.09
CA VAL I 310 -46.00 -34.59 5.91
C VAL I 310 -47.16 -34.32 6.89
N GLU I 311 -46.89 -33.55 7.96
CA GLU I 311 -47.93 -33.13 8.91
C GLU I 311 -48.45 -31.82 8.35
N TYR I 312 -49.59 -31.89 7.65
CA TYR I 312 -50.26 -30.73 7.05
C TYR I 312 -51.76 -30.92 6.93
N ASN I 313 -52.50 -29.90 7.38
CA ASN I 313 -53.95 -29.83 7.32
C ASN I 313 -54.30 -28.42 6.85
N GLY I 314 -54.89 -28.34 5.66
CA GLY I 314 -55.27 -27.08 5.05
C GLY I 314 -55.53 -27.18 3.57
N GLY I 315 -55.64 -26.02 2.92
CA GLY I 315 -55.88 -25.92 1.49
C GLY I 315 -54.69 -26.34 0.67
N ASN I 316 -54.97 -26.73 -0.58
CA ASN I 316 -53.94 -27.18 -1.52
C ASN I 316 -53.04 -26.05 -1.97
N LEU I 317 -51.80 -26.40 -2.32
CA LEU I 317 -50.81 -25.46 -2.83
C LEU I 317 -49.90 -26.12 -3.86
N GLU I 318 -49.81 -25.49 -5.04
CA GLU I 318 -48.91 -25.89 -6.12
C GLU I 318 -47.87 -24.77 -6.18
N ILE I 319 -46.60 -25.11 -5.94
CA ILE I 319 -45.51 -24.12 -5.88
C ILE I 319 -44.20 -24.67 -6.49
N GLY I 320 -43.48 -23.81 -7.20
CA GLY I 320 -42.22 -24.13 -7.82
C GLY I 320 -41.03 -23.61 -7.03
N PHE I 321 -39.96 -24.42 -6.95
CA PHE I 321 -38.75 -24.05 -6.23
C PHE I 321 -37.52 -24.56 -6.91
N ASN I 322 -36.39 -23.86 -6.69
CA ASN I 322 -35.08 -24.30 -7.13
C ASN I 322 -34.72 -25.36 -6.05
N VAL I 323 -34.57 -26.63 -6.47
CA VAL I 323 -34.28 -27.79 -5.59
C VAL I 323 -32.94 -27.65 -4.84
N SER I 324 -31.93 -27.04 -5.47
CA SER I 324 -30.63 -26.78 -4.85
C SER I 324 -30.78 -25.82 -3.65
N TYR I 325 -31.68 -24.80 -3.76
CA TYR I 325 -31.94 -23.86 -2.67
C TYR I 325 -32.61 -24.56 -1.48
N LEU I 326 -33.50 -25.54 -1.76
CA LEU I 326 -34.17 -26.31 -0.71
C LEU I 326 -33.20 -27.27 -0.04
N LEU I 327 -32.35 -27.94 -0.85
CA LEU I 327 -31.31 -28.86 -0.34
C LEU I 327 -30.29 -28.11 0.52
N ASP I 328 -29.94 -26.87 0.15
CA ASP I 328 -29.03 -26.01 0.92
C ASP I 328 -29.59 -25.75 2.33
N VAL I 329 -30.90 -25.43 2.43
CA VAL I 329 -31.58 -25.19 3.70
C VAL I 329 -31.61 -26.46 4.54
N LEU I 330 -32.04 -27.60 3.94
CA LEU I 330 -32.12 -28.87 4.65
C LEU I 330 -30.78 -29.33 5.21
N GLY I 331 -29.69 -29.00 4.49
CA GLY I 331 -28.32 -29.32 4.86
C GLY I 331 -27.83 -28.63 6.11
N VAL I 332 -28.51 -27.55 6.55
CA VAL I 332 -28.17 -26.82 7.78
C VAL I 332 -29.19 -27.00 8.93
N ILE I 333 -30.33 -27.66 8.67
CA ILE I 333 -31.34 -27.94 9.71
C ILE I 333 -30.76 -29.06 10.61
N GLY I 334 -30.60 -28.76 11.91
CA GLY I 334 -30.03 -29.69 12.88
C GLY I 334 -31.01 -30.61 13.58
N THR I 335 -32.31 -30.35 13.42
CA THR I 335 -33.37 -31.17 14.00
C THR I 335 -33.86 -32.21 12.99
N GLU I 336 -34.38 -33.29 13.52
CA GLU I 336 -34.96 -34.42 12.80
C GLU I 336 -36.17 -33.99 11.97
N GLN I 337 -36.97 -33.09 12.54
CA GLN I 337 -38.14 -32.52 11.87
C GLN I 337 -37.82 -31.12 11.40
N VAL I 338 -38.50 -30.70 10.34
CA VAL I 338 -38.33 -29.39 9.74
C VAL I 338 -39.70 -28.74 9.53
N ARG I 339 -39.78 -27.44 9.82
CA ARG I 339 -41.01 -26.67 9.65
C ARG I 339 -40.91 -25.80 8.42
N PHE I 340 -41.91 -25.90 7.53
CA PHE I 340 -42.04 -25.08 6.32
C PHE I 340 -43.31 -24.25 6.54
N ILE I 341 -43.19 -22.94 6.40
CA ILE I 341 -44.33 -22.02 6.54
C ILE I 341 -44.52 -21.34 5.19
N LEU I 342 -45.62 -21.67 4.53
CA LEU I 342 -45.93 -21.19 3.20
C LEU I 342 -47.24 -20.41 3.19
N SER I 343 -47.53 -19.76 2.06
CA SER I 343 -48.76 -19.02 1.85
C SER I 343 -49.29 -19.32 0.45
N ASP I 344 -48.85 -18.59 -0.59
CA ASP I 344 -49.28 -18.82 -1.98
C ASP I 344 -48.11 -19.16 -2.91
N SER I 345 -48.41 -19.49 -4.18
CA SER I 345 -47.44 -19.87 -5.20
C SER I 345 -46.41 -18.81 -5.58
N ASN I 346 -46.73 -17.52 -5.32
CA ASN I 346 -45.86 -16.38 -5.65
C ASN I 346 -45.04 -15.87 -4.46
N SER I 347 -45.29 -16.44 -3.27
CA SER I 347 -44.63 -16.02 -2.04
C SER I 347 -43.60 -17.01 -1.51
N SER I 348 -42.64 -16.45 -0.75
CA SER I 348 -41.52 -17.16 -0.11
CA SER I 348 -41.54 -17.21 -0.18
C SER I 348 -41.93 -18.26 0.85
N ALA I 349 -41.06 -19.25 1.02
CA ALA I 349 -41.20 -20.32 1.98
C ALA I 349 -40.35 -19.84 3.16
N LEU I 350 -40.84 -20.04 4.38
CA LEU I 350 -40.10 -19.74 5.60
C LEU I 350 -39.79 -21.09 6.22
N VAL I 351 -38.51 -21.32 6.55
CA VAL I 351 -38.07 -22.59 7.08
C VAL I 351 -37.39 -22.42 8.43
N HIS I 352 -37.70 -23.30 9.39
CA HIS I 352 -37.15 -23.31 10.73
C HIS I 352 -36.85 -24.74 11.16
N GLU I 353 -36.07 -24.88 12.22
CA GLU I 353 -35.84 -26.15 12.90
C GLU I 353 -37.15 -26.44 13.65
N ALA I 354 -37.37 -27.71 14.05
CA ALA I 354 -38.59 -28.14 14.72
C ALA I 354 -38.92 -27.45 16.04
N ASP I 355 -37.91 -27.24 16.90
CA ASP I 355 -38.10 -26.75 18.28
C ASP I 355 -37.74 -25.29 18.61
N ASN I 356 -37.28 -24.51 17.61
CA ASN I 356 -36.89 -23.12 17.87
C ASN I 356 -36.96 -22.25 16.61
N ASP I 357 -36.99 -20.92 16.81
CA ASP I 357 -37.02 -19.90 15.75
C ASP I 357 -35.67 -19.18 15.60
N ASP I 358 -34.60 -19.64 16.32
CA ASP I 358 -33.25 -19.03 16.26
C ASP I 358 -32.68 -18.94 14.84
N SER I 359 -32.93 -19.99 14.02
CA SER I 359 -32.54 -20.04 12.61
C SER I 359 -33.80 -19.84 11.77
N ALA I 360 -33.68 -19.02 10.71
CA ALA I 360 -34.78 -18.75 9.79
C ALA I 360 -34.24 -18.69 8.36
N TYR I 361 -34.92 -19.38 7.45
CA TYR I 361 -34.52 -19.49 6.05
C TYR I 361 -35.66 -19.10 5.17
N VAL I 362 -35.38 -18.21 4.24
CA VAL I 362 -36.38 -17.68 3.31
C VAL I 362 -35.99 -18.08 1.89
N VAL I 363 -36.92 -18.69 1.15
CA VAL I 363 -36.65 -19.11 -0.23
C VAL I 363 -37.74 -18.57 -1.12
N MET I 364 -37.39 -17.68 -2.08
CA MET I 364 -38.37 -17.19 -3.04
C MET I 364 -38.70 -18.31 -4.02
N PRO I 365 -39.98 -18.48 -4.40
CA PRO I 365 -40.32 -19.55 -5.36
C PRO I 365 -39.93 -19.21 -6.81
N MET I 366 -40.23 -20.16 -7.72
CA MET I 366 -40.04 -20.05 -9.16
C MET I 366 -41.43 -20.08 -9.79
N ARG I 367 -41.61 -19.34 -10.91
CA ARG I 367 -42.86 -19.35 -11.64
C ARG I 367 -42.96 -20.69 -12.38
N LEU I 368 -44.09 -21.39 -12.19
CA LEU I 368 -44.41 -22.68 -12.80
C LEU I 368 -45.01 -22.44 -14.18
N GLN J 2 -37.26 -18.09 -11.51
CA GLN J 2 -36.86 -17.64 -10.18
C GLN J 2 -37.29 -16.20 -9.85
N ASP J 4 -37.49 -12.78 -7.04
CA ASP J 4 -36.55 -12.04 -6.18
C ASP J 4 -37.14 -11.58 -4.86
N LEU J 5 -36.29 -11.51 -3.83
CA LEU J 5 -36.63 -11.05 -2.48
C LEU J 5 -36.94 -9.55 -2.45
N HIS K 1 -40.41 -54.15 -24.85
CA HIS K 1 -41.13 -55.11 -24.00
C HIS K 1 -40.30 -55.62 -22.80
N MET K 2 -39.00 -55.26 -22.75
CA MET K 2 -38.05 -55.63 -21.69
C MET K 2 -38.58 -55.17 -20.33
N HIS K 3 -38.51 -56.07 -19.33
CA HIS K 3 -38.98 -55.81 -17.98
C HIS K 3 -38.32 -56.75 -16.98
N PHE K 4 -37.86 -56.20 -15.86
CA PHE K 4 -37.24 -56.95 -14.77
C PHE K 4 -37.30 -56.21 -13.43
N THR K 5 -37.11 -56.97 -12.35
CA THR K 5 -37.01 -56.46 -10.97
C THR K 5 -35.63 -56.83 -10.47
N ILE K 6 -35.03 -55.93 -9.66
CA ILE K 6 -33.68 -56.09 -9.13
C ILE K 6 -33.53 -55.30 -7.82
N GLN K 7 -32.76 -55.85 -6.86
CA GLN K 7 -32.46 -55.17 -5.60
C GLN K 7 -31.48 -54.05 -5.90
N ARG K 8 -31.61 -52.90 -5.22
CA ARG K 8 -30.75 -51.73 -5.37
C ARG K 8 -29.25 -52.06 -5.46
N GLU K 9 -28.74 -52.81 -4.48
CA GLU K 9 -27.33 -53.20 -4.36
C GLU K 9 -26.85 -54.13 -5.46
N ALA K 10 -27.73 -55.05 -5.92
CA ALA K 10 -27.45 -56.00 -7.01
C ALA K 10 -27.25 -55.27 -8.33
N LEU K 11 -28.02 -54.19 -8.57
CA LEU K 11 -27.93 -53.39 -9.78
C LEU K 11 -26.76 -52.42 -9.68
N LEU K 12 -26.60 -51.77 -8.50
CA LEU K 12 -25.55 -50.78 -8.25
C LEU K 12 -24.12 -51.29 -8.49
N LYS K 13 -23.77 -52.49 -8.01
CA LYS K 13 -22.42 -53.06 -8.19
C LYS K 13 -21.97 -53.10 -9.68
N PRO K 14 -22.64 -53.84 -10.62
CA PRO K 14 -22.20 -53.79 -12.03
C PRO K 14 -22.39 -52.44 -12.70
N LEU K 15 -23.44 -51.69 -12.31
CA LEU K 15 -23.73 -50.36 -12.87
C LEU K 15 -22.59 -49.39 -12.58
N GLN K 16 -22.05 -49.38 -11.34
CA GLN K 16 -20.92 -48.51 -10.97
C GLN K 16 -19.66 -48.87 -11.73
N LEU K 17 -19.40 -50.18 -11.92
CA LEU K 17 -18.22 -50.67 -12.65
C LEU K 17 -18.28 -50.24 -14.11
N VAL K 18 -19.41 -50.54 -14.77
CA VAL K 18 -19.70 -50.23 -16.17
C VAL K 18 -19.70 -48.71 -16.46
N ALA K 19 -20.30 -47.90 -15.56
CA ALA K 19 -20.36 -46.43 -15.70
C ALA K 19 -18.98 -45.78 -15.65
N GLY K 20 -18.03 -46.45 -14.98
CA GLY K 20 -16.65 -46.01 -14.86
C GLY K 20 -15.91 -45.91 -16.18
N VAL K 21 -16.30 -46.73 -17.19
CA VAL K 21 -15.68 -46.71 -18.51
C VAL K 21 -16.40 -45.74 -19.46
N VAL K 22 -17.64 -45.33 -19.07
CA VAL K 22 -18.49 -44.41 -19.82
C VAL K 22 -17.95 -42.98 -19.60
N GLU K 23 -17.49 -42.33 -20.67
CA GLU K 23 -16.95 -40.97 -20.62
C GLU K 23 -17.54 -40.10 -21.72
N GLN K 26 -18.63 -37.45 -24.40
CA GLN K 26 -18.70 -38.43 -25.50
C GLN K 26 -19.10 -37.77 -26.80
N THR K 27 -18.52 -38.24 -27.93
CA THR K 27 -18.82 -37.74 -29.27
C THR K 27 -20.16 -38.33 -29.72
N LEU K 28 -20.24 -39.67 -29.87
CA LEU K 28 -21.44 -40.40 -30.25
C LEU K 28 -22.37 -40.46 -29.00
N PRO K 29 -23.67 -40.11 -29.12
CA PRO K 29 -24.54 -40.07 -27.93
C PRO K 29 -24.74 -41.41 -27.22
N VAL K 30 -24.78 -42.53 -27.98
CA VAL K 30 -24.94 -43.88 -27.44
C VAL K 30 -23.79 -44.29 -26.50
N LEU K 31 -22.59 -43.71 -26.69
CA LEU K 31 -21.39 -43.93 -25.88
C LEU K 31 -21.56 -43.49 -24.42
N SER K 32 -22.49 -42.56 -24.15
CA SER K 32 -22.82 -42.06 -22.80
C SER K 32 -23.80 -43.01 -22.10
N ASN K 33 -24.34 -43.98 -22.86
CA ASN K 33 -25.32 -44.93 -22.39
C ASN K 33 -24.79 -46.29 -21.98
N VAL K 34 -25.51 -46.94 -21.07
CA VAL K 34 -25.26 -48.31 -20.65
C VAL K 34 -26.22 -49.20 -21.45
N LEU K 35 -25.70 -50.27 -22.07
CA LEU K 35 -26.52 -51.23 -22.79
C LEU K 35 -27.08 -52.21 -21.74
N LEU K 36 -28.41 -52.33 -21.67
CA LEU K 36 -29.13 -53.26 -20.80
C LEU K 36 -29.69 -54.37 -21.67
N VAL K 37 -29.32 -55.63 -21.39
CA VAL K 37 -29.81 -56.80 -22.14
C VAL K 37 -30.36 -57.84 -21.17
N VAL K 38 -31.63 -58.20 -21.34
CA VAL K 38 -32.28 -59.24 -20.55
C VAL K 38 -32.44 -60.46 -21.49
N GLU K 39 -31.78 -61.56 -21.14
CA GLU K 39 -31.85 -62.83 -21.86
C GLU K 39 -32.08 -63.88 -20.78
N GLY K 40 -33.29 -64.45 -20.79
CA GLY K 40 -33.73 -65.40 -19.78
C GLY K 40 -33.75 -64.73 -18.42
N GLN K 41 -33.09 -65.36 -17.43
CA GLN K 41 -32.98 -64.83 -16.07
C GLN K 41 -31.65 -64.09 -15.81
N GLN K 42 -31.06 -63.54 -16.88
CA GLN K 42 -29.80 -62.80 -16.78
C GLN K 42 -29.90 -61.40 -17.36
N LEU K 43 -29.41 -60.42 -16.57
CA LEU K 43 -29.27 -59.04 -16.97
C LEU K 43 -27.79 -58.80 -17.25
N SER K 44 -27.48 -58.23 -18.41
CA SER K 44 -26.12 -57.85 -18.78
C SER K 44 -26.10 -56.33 -18.92
N LEU K 45 -25.05 -55.70 -18.38
CA LEU K 45 -24.86 -54.25 -18.43
C LEU K 45 -23.55 -54.00 -19.13
N THR K 46 -23.59 -53.23 -20.23
CA THR K 46 -22.39 -52.96 -21.02
C THR K 46 -22.11 -51.47 -21.16
N GLY K 47 -20.85 -51.12 -20.91
CA GLY K 47 -20.32 -49.78 -21.07
C GLY K 47 -19.09 -49.84 -21.94
N THR K 48 -18.88 -48.83 -22.79
CA THR K 48 -17.74 -48.75 -23.70
C THR K 48 -17.35 -47.31 -24.04
N ASP K 49 -16.08 -47.12 -24.44
CA ASP K 49 -15.52 -45.86 -24.94
C ASP K 49 -14.87 -46.15 -26.31
N LEU K 50 -15.19 -47.36 -26.86
CA LEU K 50 -14.69 -47.93 -28.13
C LEU K 50 -13.30 -48.57 -28.03
N GLU K 51 -12.53 -48.24 -26.98
CA GLU K 51 -11.20 -48.79 -26.72
C GLU K 51 -11.38 -49.96 -25.74
N VAL K 52 -12.10 -49.71 -24.64
CA VAL K 52 -12.42 -50.70 -23.63
C VAL K 52 -13.92 -50.94 -23.58
N GLU K 53 -14.30 -52.18 -23.25
CA GLU K 53 -15.68 -52.58 -23.08
C GLU K 53 -15.76 -53.35 -21.77
N LEU K 54 -16.71 -52.95 -20.92
CA LEU K 54 -16.93 -53.63 -19.65
C LEU K 54 -18.34 -54.16 -19.61
N VAL K 55 -18.47 -55.46 -19.27
CA VAL K 55 -19.74 -56.15 -19.18
C VAL K 55 -19.93 -56.69 -17.76
N GLY K 56 -21.04 -56.29 -17.13
CA GLY K 56 -21.43 -56.77 -15.81
C GLY K 56 -22.64 -57.66 -15.96
N ARG K 57 -22.71 -58.76 -15.19
CA ARG K 57 -23.82 -59.70 -15.24
C ARG K 57 -24.47 -59.88 -13.88
N VAL K 58 -25.81 -59.96 -13.87
CA VAL K 58 -26.62 -60.19 -12.68
C VAL K 58 -27.66 -61.26 -12.98
N VAL K 59 -27.84 -62.21 -12.04
CA VAL K 59 -28.87 -63.24 -12.14
C VAL K 59 -30.15 -62.61 -11.60
N LEU K 60 -31.24 -62.65 -12.39
CA LEU K 60 -32.54 -62.08 -12.00
C LEU K 60 -33.38 -63.15 -11.30
N GLU K 61 -33.88 -62.83 -10.09
CA GLU K 61 -34.68 -63.74 -9.26
C GLU K 61 -36.13 -63.88 -9.76
N ASP K 62 -36.89 -62.77 -9.79
CA ASP K 62 -38.29 -62.81 -10.23
C ASP K 62 -38.39 -62.88 -11.77
N ALA K 63 -39.56 -63.29 -12.30
CA ALA K 63 -39.81 -63.43 -13.74
C ALA K 63 -39.46 -62.14 -14.52
N ALA K 64 -38.65 -62.30 -15.58
CA ALA K 64 -38.18 -61.20 -16.41
C ALA K 64 -38.56 -61.39 -17.87
N GLU K 65 -38.90 -60.29 -18.54
CA GLU K 65 -39.24 -60.31 -19.97
C GLU K 65 -38.04 -59.85 -20.78
N PRO K 66 -37.66 -60.59 -21.86
CA PRO K 66 -36.44 -60.24 -22.60
C PRO K 66 -36.51 -58.96 -23.41
N GLY K 67 -35.33 -58.48 -23.75
CA GLY K 67 -35.15 -57.28 -24.55
C GLY K 67 -33.83 -56.59 -24.31
N GLU K 68 -33.62 -55.53 -25.06
CA GLU K 68 -32.42 -54.72 -25.01
C GLU K 68 -32.71 -53.26 -25.26
N ILE K 69 -31.99 -52.39 -24.55
CA ILE K 69 -32.12 -50.95 -24.62
C ILE K 69 -30.86 -50.28 -24.06
N THR K 70 -30.65 -49.02 -24.39
CA THR K 70 -29.54 -48.25 -23.84
C THR K 70 -30.15 -47.06 -23.11
N VAL K 71 -29.58 -46.68 -21.98
CA VAL K 71 -30.04 -45.56 -21.14
C VAL K 71 -28.84 -44.74 -20.62
N PRO K 72 -29.00 -43.42 -20.30
CA PRO K 72 -27.85 -42.65 -19.75
C PRO K 72 -27.27 -43.35 -18.53
N ALA K 73 -26.00 -43.78 -18.64
CA ALA K 73 -25.30 -44.54 -17.60
C ALA K 73 -25.16 -43.81 -16.25
N ARG K 74 -24.67 -42.56 -16.25
CA ARG K 74 -24.49 -41.75 -15.04
C ARG K 74 -25.84 -41.48 -14.36
N LYS K 75 -26.88 -41.09 -15.14
CA LYS K 75 -28.22 -40.86 -14.60
C LYS K 75 -28.81 -42.09 -13.90
N LEU K 76 -28.75 -43.27 -14.56
CA LEU K 76 -29.27 -44.51 -13.95
C LEU K 76 -28.49 -44.89 -12.69
N MET K 77 -27.15 -44.75 -12.71
CA MET K 77 -26.30 -45.00 -11.55
C MET K 77 -26.65 -44.07 -10.38
N ASP K 78 -26.80 -42.74 -10.65
CA ASP K 78 -27.15 -41.73 -9.65
C ASP K 78 -28.54 -42.00 -9.04
N ILE K 79 -29.52 -42.42 -9.87
CA ILE K 79 -30.85 -42.78 -9.39
C ILE K 79 -30.74 -44.00 -8.47
N CYS K 80 -30.02 -45.04 -8.91
CA CYS K 80 -29.77 -46.28 -8.16
C CYS K 80 -29.11 -45.99 -6.80
N LYS K 81 -28.02 -45.19 -6.79
CA LYS K 81 -27.32 -44.79 -5.57
C LYS K 81 -28.20 -44.01 -4.58
N SER K 82 -29.06 -43.11 -5.10
CA SER K 82 -29.96 -42.26 -4.31
C SER K 82 -31.17 -42.97 -3.72
N LEU K 83 -31.50 -44.17 -4.25
CA LEU K 83 -32.65 -44.94 -3.77
C LEU K 83 -32.43 -45.51 -2.35
N PRO K 84 -33.49 -45.73 -1.55
CA PRO K 84 -33.28 -46.28 -0.19
C PRO K 84 -32.61 -47.66 -0.21
N ASN K 85 -31.72 -47.93 0.78
CA ASN K 85 -31.01 -49.19 0.91
C ASN K 85 -31.94 -50.39 0.85
N ASP K 86 -31.57 -51.38 0.03
CA ASP K 86 -32.27 -52.65 -0.15
C ASP K 86 -33.64 -52.65 -0.85
N VAL K 87 -33.99 -51.52 -1.50
CA VAL K 87 -35.27 -51.41 -2.22
C VAL K 87 -35.29 -52.28 -3.50
N LEU K 88 -36.48 -52.81 -3.85
CA LEU K 88 -36.65 -53.57 -5.07
C LEU K 88 -36.99 -52.57 -6.20
N ILE K 89 -36.21 -52.59 -7.28
CA ILE K 89 -36.40 -51.68 -8.41
C ILE K 89 -37.09 -52.40 -9.56
N ASP K 90 -38.19 -51.83 -10.06
CA ASP K 90 -38.91 -52.36 -11.21
C ASP K 90 -38.48 -51.51 -12.42
N ILE K 91 -37.92 -52.18 -13.44
CA ILE K 91 -37.44 -51.53 -14.66
C ILE K 91 -38.14 -52.09 -15.89
N ARG K 92 -38.74 -51.20 -16.72
CA ARG K 92 -39.40 -51.61 -17.95
C ARG K 92 -39.24 -50.58 -19.08
N VAL K 93 -39.32 -51.04 -20.32
CA VAL K 93 -39.25 -50.19 -21.51
C VAL K 93 -40.67 -49.95 -21.99
N GLU K 94 -41.05 -48.68 -22.14
CA GLU K 94 -42.39 -48.29 -22.58
C GLU K 94 -42.31 -47.07 -23.50
N GLU K 95 -42.63 -47.26 -24.79
CA GLU K 95 -42.62 -46.24 -25.84
C GLU K 95 -41.30 -45.47 -25.92
N GLN K 96 -40.17 -46.19 -26.10
CA GLN K 96 -38.81 -45.63 -26.19
C GLN K 96 -38.33 -44.88 -24.92
N LYS K 97 -38.93 -45.20 -23.77
CA LYS K 97 -38.57 -44.61 -22.47
C LYS K 97 -38.33 -45.70 -21.46
N LEU K 98 -37.38 -45.46 -20.54
CA LEU K 98 -37.11 -46.41 -19.46
C LEU K 98 -37.88 -45.97 -18.22
N LEU K 99 -38.75 -46.84 -17.72
CA LEU K 99 -39.60 -46.60 -16.57
C LEU K 99 -39.00 -47.30 -15.36
N VAL K 100 -38.62 -46.51 -14.35
CA VAL K 100 -37.99 -46.98 -13.12
C VAL K 100 -38.95 -46.71 -11.96
N LYS K 101 -39.31 -47.76 -11.21
CA LYS K 101 -40.20 -47.68 -10.05
C LYS K 101 -39.52 -48.35 -8.85
N ALA K 102 -39.48 -47.64 -7.72
CA ALA K 102 -38.89 -48.15 -6.49
C ALA K 102 -39.55 -47.44 -5.32
N GLY K 103 -40.37 -48.19 -4.58
CA GLY K 103 -41.15 -47.66 -3.47
C GLY K 103 -42.11 -46.60 -3.96
N ARG K 104 -42.01 -45.40 -3.39
CA ARG K 104 -42.85 -44.26 -3.77
C ARG K 104 -42.18 -43.34 -4.83
N SER K 105 -41.05 -43.80 -5.40
CA SER K 105 -40.28 -43.06 -6.41
C SER K 105 -40.53 -43.61 -7.82
N ARG K 106 -40.68 -42.69 -8.78
CA ARG K 106 -40.91 -43.00 -10.20
C ARG K 106 -39.97 -42.15 -11.03
N PHE K 107 -39.32 -42.77 -12.02
CA PHE K 107 -38.39 -42.11 -12.93
C PHE K 107 -38.64 -42.54 -14.36
N THR K 108 -38.55 -41.58 -15.30
CA THR K 108 -38.69 -41.82 -16.72
C THR K 108 -37.41 -41.31 -17.39
N LEU K 109 -36.65 -42.22 -18.00
CA LEU K 109 -35.40 -41.88 -18.68
C LEU K 109 -35.52 -42.01 -20.19
N SER K 110 -34.79 -41.15 -20.92
CA SER K 110 -34.74 -41.21 -22.38
C SER K 110 -33.88 -42.41 -22.76
N THR K 111 -34.11 -43.00 -23.93
CA THR K 111 -33.34 -44.16 -24.38
C THR K 111 -32.77 -43.95 -25.79
N LEU K 112 -31.82 -44.82 -26.17
CA LEU K 112 -31.28 -44.91 -27.51
C LEU K 112 -31.32 -46.39 -27.91
N PRO K 113 -31.70 -46.72 -29.18
CA PRO K 113 -31.80 -48.14 -29.57
C PRO K 113 -30.54 -48.96 -29.31
N ALA K 114 -30.73 -50.19 -28.83
CA ALA K 114 -29.64 -51.13 -28.55
C ALA K 114 -28.90 -51.55 -29.83
N ASN K 115 -29.59 -51.52 -31.01
CA ASN K 115 -28.98 -51.86 -32.29
C ASN K 115 -27.88 -50.86 -32.70
N ASP K 116 -27.90 -49.65 -32.11
CA ASP K 116 -26.93 -48.56 -32.31
C ASP K 116 -25.72 -48.64 -31.37
N PHE K 117 -25.78 -49.57 -30.38
CA PHE K 117 -24.68 -49.77 -29.43
C PHE K 117 -23.52 -50.55 -30.09
N PRO K 118 -22.27 -50.04 -30.01
CA PRO K 118 -21.12 -50.71 -30.64
C PRO K 118 -20.49 -51.83 -29.82
N THR K 119 -19.39 -52.43 -30.32
CA THR K 119 -18.65 -53.43 -29.53
C THR K 119 -17.12 -53.30 -29.74
N VAL K 120 -16.32 -53.81 -28.78
CA VAL K 120 -14.88 -53.90 -28.90
C VAL K 120 -14.67 -55.27 -29.55
N GLU K 121 -14.30 -55.25 -30.84
CA GLU K 121 -14.09 -56.41 -31.70
C GLU K 121 -13.18 -57.46 -31.07
N GLU K 122 -13.72 -58.66 -30.94
CA GLU K 122 -13.06 -59.80 -30.36
C GLU K 122 -12.69 -60.77 -31.46
N GLY K 123 -11.38 -60.94 -31.63
CA GLY K 123 -10.85 -61.87 -32.60
C GLY K 123 -10.54 -63.20 -31.94
N PRO K 124 -10.04 -64.19 -32.70
CA PRO K 124 -9.68 -65.47 -32.08
C PRO K 124 -8.51 -65.34 -31.10
N GLY K 125 -8.59 -66.07 -30.01
CA GLY K 125 -7.53 -66.09 -29.00
C GLY K 125 -6.31 -66.84 -29.49
N SER K 126 -5.11 -66.29 -29.25
CA SER K 126 -3.85 -66.93 -29.61
C SER K 126 -3.38 -67.70 -28.36
N LEU K 127 -3.68 -67.13 -27.19
CA LEU K 127 -3.32 -67.68 -25.89
C LEU K 127 -4.39 -67.39 -24.85
N ASN K 128 -4.69 -68.38 -24.01
CA ASN K 128 -5.64 -68.23 -22.92
C ASN K 128 -5.21 -68.98 -21.68
N PHE K 129 -5.23 -68.27 -20.54
CA PHE K 129 -4.80 -68.82 -19.26
C PHE K 129 -5.57 -68.19 -18.10
N SER K 130 -5.53 -68.84 -16.94
CA SER K 130 -6.16 -68.35 -15.71
C SER K 130 -5.05 -67.91 -14.75
N ILE K 131 -5.29 -66.85 -13.98
CA ILE K 131 -4.33 -66.29 -13.03
C ILE K 131 -5.03 -65.63 -11.83
N ALA K 132 -4.38 -65.64 -10.65
CA ALA K 132 -4.89 -64.99 -9.45
C ALA K 132 -4.99 -63.49 -9.73
N GLN K 133 -6.14 -62.85 -9.37
CA GLN K 133 -6.38 -61.41 -9.58
C GLN K 133 -5.30 -60.57 -8.91
N SER K 134 -4.89 -61.01 -7.70
CA SER K 134 -3.86 -60.43 -6.86
C SER K 134 -2.47 -60.37 -7.56
N LYS K 135 -2.10 -61.44 -8.29
CA LYS K 135 -0.83 -61.54 -9.03
C LYS K 135 -0.86 -60.60 -10.24
N LEU K 136 -1.98 -60.55 -10.98
CA LEU K 136 -2.10 -59.67 -12.14
C LEU K 136 -2.12 -58.20 -11.71
N ARG K 137 -2.86 -57.87 -10.62
CA ARG K 137 -2.93 -56.50 -10.09
C ARG K 137 -1.54 -56.01 -9.65
N ARG K 138 -0.75 -56.89 -9.01
CA ARG K 138 0.63 -56.63 -8.60
C ARG K 138 1.49 -56.25 -9.81
N LEU K 139 1.41 -57.01 -10.93
CA LEU K 139 2.16 -56.73 -12.15
C LEU K 139 1.87 -55.34 -12.70
N ILE K 140 0.57 -54.93 -12.69
CA ILE K 140 0.13 -53.63 -13.17
C ILE K 140 0.54 -52.52 -12.20
N ASP K 141 0.18 -52.65 -10.90
CA ASP K 141 0.48 -51.65 -9.88
C ASP K 141 1.95 -51.42 -9.61
N ARG K 142 2.79 -52.44 -9.79
CA ARG K 142 4.24 -52.29 -9.59
C ARG K 142 4.90 -51.57 -10.76
N THR K 143 4.20 -51.39 -11.91
CA THR K 143 4.82 -50.81 -13.10
C THR K 143 4.10 -49.65 -13.79
N SER K 144 2.78 -49.47 -13.54
CA SER K 144 1.93 -48.50 -14.24
C SER K 144 2.39 -47.05 -14.29
N PHE K 145 3.06 -46.58 -13.23
CA PHE K 145 3.59 -45.22 -13.13
C PHE K 145 4.60 -44.89 -14.26
N ALA K 146 5.30 -45.93 -14.80
CA ALA K 146 6.34 -45.72 -15.81
C ALA K 146 5.84 -45.59 -17.24
N MET K 147 4.54 -45.88 -17.50
CA MET K 147 3.97 -45.75 -18.86
C MET K 147 4.04 -44.33 -19.33
N ALA K 148 4.21 -44.13 -20.65
CA ALA K 148 4.18 -42.79 -21.22
C ALA K 148 2.72 -42.37 -21.35
N GLN K 149 2.50 -41.04 -21.47
CA GLN K 149 1.19 -40.45 -21.66
C GLN K 149 1.31 -39.50 -22.84
N GLN K 150 0.54 -39.76 -23.91
CA GLN K 150 0.51 -38.95 -25.14
C GLN K 150 1.87 -38.77 -25.85
N ASP K 151 2.80 -39.74 -25.67
CA ASP K 151 4.11 -39.68 -26.34
C ASP K 151 3.88 -39.95 -27.82
N VAL K 152 4.68 -39.29 -28.68
CA VAL K 152 4.62 -39.46 -30.13
C VAL K 152 4.91 -40.93 -30.52
N ARG K 153 5.72 -41.62 -29.69
CA ARG K 153 6.02 -43.05 -29.84
C ARG K 153 4.83 -43.70 -29.13
N TYR K 154 3.72 -43.86 -29.90
CA TYR K 154 2.41 -44.36 -29.45
C TYR K 154 2.45 -45.70 -28.70
N TYR K 155 3.41 -46.59 -29.07
CA TYR K 155 3.60 -47.91 -28.49
C TYR K 155 4.07 -47.86 -27.01
N LEU K 156 4.47 -46.66 -26.53
CA LEU K 156 4.89 -46.44 -25.13
C LEU K 156 3.73 -46.01 -24.25
N ASN K 157 2.60 -45.57 -24.86
CA ASN K 157 1.40 -45.10 -24.15
C ASN K 157 0.55 -46.28 -23.69
N GLY K 158 1.19 -47.18 -22.97
CA GLY K 158 0.57 -48.40 -22.47
C GLY K 158 1.56 -49.33 -21.80
N MET K 159 1.11 -50.56 -21.54
CA MET K 159 1.90 -51.56 -20.86
C MET K 159 2.09 -52.81 -21.69
N LEU K 160 3.34 -53.29 -21.73
CA LEU K 160 3.64 -54.55 -22.35
C LEU K 160 3.28 -55.66 -21.36
N LEU K 161 2.55 -56.66 -21.83
CA LEU K 161 2.24 -57.89 -21.09
C LEU K 161 2.86 -58.97 -21.94
N GLU K 162 3.82 -59.69 -21.36
CA GLU K 162 4.60 -60.69 -22.07
C GLU K 162 4.58 -62.05 -21.40
N VAL K 163 4.31 -63.11 -22.19
CA VAL K 163 4.35 -64.49 -21.72
C VAL K 163 5.57 -65.14 -22.37
N ASN K 164 6.49 -65.64 -21.55
CA ASN K 164 7.74 -66.25 -22.03
C ASN K 164 8.21 -67.32 -21.06
N GLY K 165 8.34 -68.54 -21.58
CA GLY K 165 8.73 -69.72 -20.81
C GLY K 165 7.55 -70.32 -20.05
N GLY K 166 6.98 -69.50 -19.19
CA GLY K 166 5.83 -69.79 -18.33
C GLY K 166 5.58 -68.57 -17.46
N THR K 167 6.50 -67.61 -17.54
CA THR K 167 6.50 -66.35 -16.80
C THR K 167 5.60 -65.30 -17.48
N LEU K 168 4.84 -64.56 -16.66
CA LEU K 168 4.05 -63.43 -17.10
C LEU K 168 4.80 -62.20 -16.60
N ARG K 169 5.06 -61.27 -17.52
CA ARG K 169 5.83 -60.07 -17.22
C ARG K 169 5.14 -58.83 -17.75
N SER K 170 5.21 -57.76 -16.95
CA SER K 170 4.70 -56.44 -17.32
C SER K 170 5.91 -55.53 -17.50
N VAL K 171 5.90 -54.71 -18.57
CA VAL K 171 6.95 -53.72 -18.84
C VAL K 171 6.27 -52.41 -19.22
N ALA K 172 6.67 -51.32 -18.56
CA ALA K 172 6.19 -49.96 -18.81
C ALA K 172 7.38 -49.03 -18.90
N THR K 173 7.38 -48.11 -19.88
CA THR K 173 8.46 -47.16 -20.09
C THR K 173 7.98 -45.91 -20.82
N ASP K 174 8.64 -44.78 -20.53
CA ASP K 174 8.35 -43.50 -21.18
C ASP K 174 9.59 -42.96 -21.92
N GLY K 175 10.63 -43.79 -22.00
CA GLY K 175 11.89 -43.46 -22.63
C GLY K 175 12.94 -42.91 -21.69
N HIS K 176 12.53 -42.43 -20.50
CA HIS K 176 13.44 -41.91 -19.47
C HIS K 176 13.64 -42.93 -18.36
N ARG K 177 12.57 -43.67 -18.04
CA ARG K 177 12.57 -44.67 -16.99
C ARG K 177 11.75 -45.85 -17.42
N LEU K 178 11.99 -46.98 -16.78
CA LEU K 178 11.31 -48.22 -17.06
C LEU K 178 10.99 -48.95 -15.77
N ALA K 179 9.83 -49.61 -15.76
CA ALA K 179 9.41 -50.47 -14.65
C ALA K 179 9.04 -51.83 -15.24
N MET K 180 9.48 -52.90 -14.58
CA MET K 180 9.17 -54.26 -14.99
C MET K 180 8.93 -55.18 -13.81
N CYS K 181 7.99 -56.10 -13.95
CA CYS K 181 7.67 -57.07 -12.90
C CYS K 181 7.42 -58.41 -13.54
N SER K 182 8.04 -59.47 -13.00
CA SER K 182 7.92 -60.84 -13.52
C SER K 182 7.40 -61.78 -12.46
N LEU K 183 6.47 -62.66 -12.84
CA LEU K 183 5.90 -63.66 -11.95
C LEU K 183 5.81 -64.99 -12.68
N ASP K 184 6.33 -66.07 -12.07
CA ASP K 184 6.27 -67.39 -12.71
C ASP K 184 4.90 -68.03 -12.52
N ALA K 185 3.99 -67.71 -13.47
CA ALA K 185 2.59 -68.17 -13.50
C ALA K 185 2.39 -69.56 -14.14
N GLN K 186 3.47 -70.16 -14.68
CA GLN K 186 3.49 -71.47 -15.35
C GLN K 186 2.45 -71.59 -16.50
N ILE K 187 2.48 -70.59 -17.41
CA ILE K 187 1.61 -70.49 -18.57
C ILE K 187 2.30 -71.18 -19.77
N PRO K 188 1.75 -72.30 -20.33
CA PRO K 188 2.39 -72.89 -21.51
C PRO K 188 2.15 -72.00 -22.74
N SER K 189 3.23 -71.67 -23.49
CA SER K 189 3.12 -70.77 -24.64
C SER K 189 3.76 -71.22 -25.94
N GLN K 190 4.81 -72.09 -25.87
CA GLN K 190 5.56 -72.62 -27.02
C GLN K 190 6.36 -71.56 -27.81
N ASP K 191 6.13 -70.26 -27.52
CA ASP K 191 6.80 -69.09 -28.11
C ASP K 191 6.55 -67.85 -27.24
N ARG K 192 7.45 -66.86 -27.30
CA ARG K 192 7.30 -65.60 -26.57
C ARG K 192 6.13 -64.84 -27.18
N HIS K 193 5.15 -64.46 -26.35
CA HIS K 193 3.98 -63.71 -26.79
C HIS K 193 3.89 -62.35 -26.09
N GLN K 194 3.76 -61.29 -26.88
CA GLN K 194 3.69 -59.91 -26.39
C GLN K 194 2.43 -59.20 -26.85
N VAL K 195 1.84 -58.40 -25.95
CA VAL K 195 0.69 -57.54 -26.22
C VAL K 195 0.95 -56.18 -25.57
N ILE K 196 0.51 -55.08 -26.21
CA ILE K 196 0.63 -53.76 -25.60
C ILE K 196 -0.79 -53.31 -25.28
N VAL K 197 -1.10 -53.20 -24.01
CA VAL K 197 -2.41 -52.76 -23.52
C VAL K 197 -2.38 -51.24 -23.36
N PRO K 198 -3.32 -50.48 -24.02
CA PRO K 198 -3.32 -49.02 -23.87
C PRO K 198 -3.41 -48.60 -22.42
N ARG K 199 -2.75 -47.48 -22.08
CA ARG K 199 -2.70 -46.96 -20.72
C ARG K 199 -4.05 -46.84 -20.00
N LYS K 200 -5.08 -46.30 -20.68
CA LYS K 200 -6.42 -46.16 -20.10
C LYS K 200 -7.03 -47.52 -19.74
N GLY K 201 -6.88 -48.49 -20.64
CA GLY K 201 -7.36 -49.85 -20.46
C GLY K 201 -6.71 -50.60 -19.32
N ILE K 202 -5.37 -50.58 -19.26
CA ILE K 202 -4.63 -51.27 -18.20
C ILE K 202 -4.91 -50.70 -16.80
N LEU K 203 -5.07 -49.36 -16.69
CA LEU K 203 -5.36 -48.70 -15.42
C LEU K 203 -6.77 -49.03 -14.95
N GLU K 204 -7.70 -49.14 -15.91
CA GLU K 204 -9.08 -49.54 -15.65
C GLU K 204 -9.10 -50.98 -15.13
N LEU K 205 -8.40 -51.90 -15.83
CA LEU K 205 -8.30 -53.30 -15.46
C LEU K 205 -7.77 -53.48 -14.02
N ALA K 206 -6.68 -52.77 -13.65
CA ALA K 206 -6.09 -52.86 -12.30
C ALA K 206 -7.09 -52.49 -11.22
N ARG K 207 -7.89 -51.43 -11.48
CA ARG K 207 -8.93 -50.96 -10.55
C ARG K 207 -10.06 -51.97 -10.40
N LEU K 208 -10.33 -52.75 -11.46
CA LEU K 208 -11.35 -53.79 -11.46
C LEU K 208 -10.94 -55.06 -10.72
N LEU K 209 -9.61 -55.33 -10.60
CA LEU K 209 -9.09 -56.52 -9.94
C LEU K 209 -9.10 -56.40 -8.42
N THR K 210 -10.30 -56.28 -7.84
CA THR K 210 -10.57 -56.09 -6.40
C THR K 210 -10.67 -57.39 -5.58
N GLU K 211 -10.95 -58.53 -6.25
CA GLU K 211 -11.06 -59.83 -5.59
C GLU K 211 -9.68 -60.31 -5.11
N GLN K 212 -9.34 -60.02 -3.83
CA GLN K 212 -8.08 -60.43 -3.19
C GLN K 212 -7.92 -61.94 -3.19
N ASP K 213 -9.07 -62.67 -3.17
CA ASP K 213 -9.21 -64.13 -3.17
C ASP K 213 -9.47 -64.71 -4.58
N GLY K 214 -9.97 -63.88 -5.50
CA GLY K 214 -10.40 -64.26 -6.83
C GLY K 214 -9.38 -64.62 -7.89
N GLU K 215 -9.90 -65.23 -8.98
CA GLU K 215 -9.17 -65.67 -10.17
C GLU K 215 -9.69 -64.91 -11.38
N VAL K 216 -8.83 -64.71 -12.40
CA VAL K 216 -9.18 -64.02 -13.65
C VAL K 216 -8.74 -64.84 -14.86
N GLY K 217 -9.66 -65.03 -15.80
CA GLY K 217 -9.40 -65.72 -17.06
C GLY K 217 -8.91 -64.70 -18.08
N ILE K 218 -7.73 -64.93 -18.66
CA ILE K 218 -7.13 -64.03 -19.65
C ILE K 218 -7.10 -64.65 -21.04
N VAL K 219 -7.48 -63.84 -22.05
CA VAL K 219 -7.41 -64.23 -23.46
C VAL K 219 -6.57 -63.18 -24.16
N LEU K 220 -5.50 -63.62 -24.81
CA LEU K 220 -4.64 -62.75 -25.62
C LEU K 220 -4.94 -63.04 -27.07
N GLY K 221 -5.44 -62.03 -27.77
CA GLY K 221 -5.75 -62.11 -29.19
C GLY K 221 -4.78 -61.24 -29.97
N GLN K 222 -4.88 -61.24 -31.30
CA GLN K 222 -4.00 -60.42 -32.14
C GLN K 222 -4.24 -58.91 -31.98
N HIS K 223 -5.50 -58.51 -31.72
CA HIS K 223 -5.86 -57.10 -31.58
C HIS K 223 -6.65 -56.81 -30.30
N HIS K 224 -6.78 -57.79 -29.39
CA HIS K 224 -7.53 -57.58 -28.17
C HIS K 224 -6.98 -58.35 -26.99
N ILE K 225 -7.37 -57.92 -25.78
CA ILE K 225 -7.13 -58.61 -24.52
C ILE K 225 -8.49 -58.74 -23.84
N ARG K 226 -8.78 -59.92 -23.29
CA ARG K 226 -10.02 -60.16 -22.55
C ARG K 226 -9.69 -60.67 -21.14
N ALA K 227 -10.36 -60.10 -20.13
CA ALA K 227 -10.22 -60.50 -18.72
C ALA K 227 -11.62 -60.80 -18.18
N THR K 228 -11.85 -62.04 -17.72
CA THR K 228 -13.15 -62.51 -17.21
C THR K 228 -13.06 -62.95 -15.74
N THR K 229 -13.99 -62.49 -14.89
CA THR K 229 -14.05 -62.85 -13.46
C THR K 229 -15.39 -63.48 -13.02
N GLY K 230 -16.29 -63.74 -13.97
CA GLY K 230 -17.59 -64.32 -13.64
C GLY K 230 -18.65 -63.27 -13.34
N GLU K 231 -18.23 -62.19 -12.66
CA GLU K 231 -19.08 -61.03 -12.36
C GLU K 231 -18.89 -59.97 -13.47
N PHE K 232 -17.73 -59.96 -14.14
CA PHE K 232 -17.43 -59.02 -15.22
C PHE K 232 -16.55 -59.60 -16.36
N THR K 233 -16.71 -59.02 -17.56
CA THR K 233 -15.89 -59.30 -18.75
C THR K 233 -15.33 -57.96 -19.20
N PHE K 234 -14.01 -57.85 -19.17
CA PHE K 234 -13.30 -56.67 -19.61
C PHE K 234 -12.65 -56.99 -20.95
N THR K 235 -12.86 -56.11 -21.94
CA THR K 235 -12.24 -56.27 -23.25
C THR K 235 -11.58 -54.95 -23.62
N SER K 236 -10.35 -55.01 -24.07
CA SER K 236 -9.61 -53.84 -24.52
C SER K 236 -8.97 -54.11 -25.86
N LYS K 237 -8.96 -53.11 -26.74
CA LYS K 237 -8.22 -53.17 -28.01
C LYS K 237 -6.74 -53.05 -27.61
N LEU K 238 -5.83 -53.54 -28.45
CA LEU K 238 -4.40 -53.45 -28.14
C LEU K 238 -3.77 -52.29 -28.91
N VAL K 239 -2.57 -51.85 -28.48
CA VAL K 239 -1.81 -50.82 -29.18
C VAL K 239 -1.18 -51.56 -30.36
N ASP K 240 -1.55 -51.15 -31.57
CA ASP K 240 -1.08 -51.76 -32.80
C ASP K 240 0.33 -51.30 -33.16
N GLY K 241 1.30 -51.94 -32.55
CA GLY K 241 2.72 -51.65 -32.77
C GLY K 241 3.63 -52.66 -32.09
N LYS K 242 4.94 -52.49 -32.28
CA LYS K 242 5.97 -53.35 -31.70
C LYS K 242 6.62 -52.64 -30.52
N PHE K 243 6.62 -53.28 -29.35
CA PHE K 243 7.24 -52.70 -28.15
C PHE K 243 8.76 -52.72 -28.34
N PRO K 244 9.51 -51.70 -27.86
CA PRO K 244 10.98 -51.73 -28.03
C PRO K 244 11.66 -52.93 -27.37
N ASP K 245 12.89 -53.22 -27.80
CA ASP K 245 13.69 -54.31 -27.26
C ASP K 245 14.25 -53.85 -25.91
N TYR K 246 13.39 -53.89 -24.87
CA TYR K 246 13.69 -53.46 -23.51
C TYR K 246 14.88 -54.20 -22.88
N GLU K 247 15.07 -55.49 -23.24
CA GLU K 247 16.18 -56.32 -22.75
C GLU K 247 17.53 -55.68 -23.04
N ARG K 248 17.64 -54.95 -24.18
CA ARG K 248 18.87 -54.25 -24.59
C ARG K 248 19.18 -53.01 -23.72
N VAL K 249 18.17 -52.40 -23.06
CA VAL K 249 18.37 -51.21 -22.22
C VAL K 249 18.51 -51.49 -20.72
N LEU K 250 18.31 -52.75 -20.28
CA LEU K 250 18.45 -53.12 -18.86
C LEU K 250 19.94 -53.11 -18.49
N PRO K 251 20.33 -52.31 -17.45
CA PRO K 251 21.76 -52.24 -17.09
C PRO K 251 22.28 -53.57 -16.50
N ARG K 252 23.37 -54.10 -17.07
CA ARG K 252 23.91 -55.39 -16.64
C ARG K 252 25.17 -55.37 -15.79
N GLY K 253 26.13 -54.52 -16.14
CA GLY K 253 27.42 -54.47 -15.48
C GLY K 253 27.56 -53.64 -14.21
N GLY K 254 26.44 -53.20 -13.62
CA GLY K 254 26.39 -52.37 -12.41
C GLY K 254 27.32 -52.82 -11.29
N ASP K 255 28.41 -52.06 -11.10
CA ASP K 255 29.45 -52.35 -10.11
C ASP K 255 29.25 -51.74 -8.72
N LYS K 256 28.38 -50.75 -8.60
CA LYS K 256 28.16 -50.06 -7.33
C LYS K 256 26.84 -50.46 -6.68
N LEU K 257 26.91 -51.33 -5.65
CA LEU K 257 25.73 -51.79 -4.93
C LEU K 257 25.48 -50.98 -3.68
N VAL K 258 24.33 -50.31 -3.65
CA VAL K 258 23.90 -49.46 -2.55
C VAL K 258 22.67 -50.09 -1.91
N VAL K 259 22.71 -50.27 -0.59
CA VAL K 259 21.59 -50.77 0.19
C VAL K 259 21.24 -49.65 1.16
N GLY K 260 20.02 -49.15 1.06
CA GLY K 260 19.54 -48.07 1.91
C GLY K 260 18.16 -48.36 2.46
N ASP K 261 17.75 -47.54 3.44
CA ASP K 261 16.42 -47.62 4.04
C ASP K 261 15.46 -46.89 3.11
N ARG K 262 14.41 -47.60 2.64
CA ARG K 262 13.42 -47.05 1.72
C ARG K 262 12.78 -45.75 2.25
N GLN K 263 12.33 -45.74 3.53
CA GLN K 263 11.70 -44.58 4.17
C GLN K 263 12.65 -43.40 4.29
N GLN K 264 13.88 -43.62 4.77
CA GLN K 264 14.90 -42.58 4.90
C GLN K 264 15.20 -41.92 3.56
N LEU K 265 15.37 -42.74 2.50
CA LEU K 265 15.64 -42.23 1.16
C LEU K 265 14.46 -41.45 0.61
N ARG K 266 13.23 -41.99 0.79
CA ARG K 266 12.01 -41.32 0.34
CA ARG K 266 12.00 -41.33 0.34
C ARG K 266 11.83 -39.97 1.02
N GLU K 267 12.06 -39.90 2.35
CA GLU K 267 11.93 -38.65 3.14
C GLU K 267 12.95 -37.59 2.71
N ALA K 268 14.22 -38.01 2.52
CA ALA K 268 15.30 -37.12 2.07
C ALA K 268 15.06 -36.63 0.64
N PHE K 269 14.59 -37.52 -0.27
CA PHE K 269 14.27 -37.14 -1.65
C PHE K 269 13.09 -36.16 -1.67
N SER K 270 12.04 -36.39 -0.84
CA SER K 270 10.88 -35.49 -0.75
C SER K 270 11.29 -34.09 -0.25
N ARG K 271 12.15 -34.02 0.79
CA ARG K 271 12.63 -32.74 1.36
C ARG K 271 13.40 -31.95 0.33
N THR K 272 14.40 -32.58 -0.32
CA THR K 272 15.24 -31.92 -1.32
C THR K 272 14.46 -31.50 -2.56
N ALA K 273 13.45 -32.31 -2.97
CA ALA K 273 12.58 -32.05 -4.13
C ALA K 273 11.90 -30.67 -4.08
N ILE K 274 11.54 -30.19 -2.86
CA ILE K 274 10.91 -28.89 -2.62
C ILE K 274 11.73 -27.75 -3.26
N LEU K 275 13.07 -27.84 -3.16
CA LEU K 275 13.95 -26.83 -3.73
C LEU K 275 14.59 -27.19 -5.08
N SER K 276 14.07 -28.23 -5.75
CA SER K 276 14.52 -28.59 -7.08
C SER K 276 13.70 -27.77 -8.09
N ASN K 277 14.21 -27.65 -9.33
CA ASN K 277 13.54 -26.96 -10.44
C ASN K 277 12.14 -27.56 -10.61
N GLU K 278 11.09 -26.72 -10.63
CA GLU K 278 9.70 -27.16 -10.74
C GLU K 278 9.40 -27.95 -12.02
N LYS K 279 10.10 -27.63 -13.10
CA LYS K 279 9.94 -28.28 -14.40
C LYS K 279 10.88 -29.48 -14.57
N TYR K 280 12.18 -29.28 -14.37
CA TYR K 280 13.21 -30.31 -14.60
C TYR K 280 13.46 -31.28 -13.45
N ARG K 281 13.10 -30.90 -12.20
CA ARG K 281 13.15 -31.76 -11.00
C ARG K 281 14.49 -32.47 -10.71
N GLY K 282 15.57 -31.83 -11.15
CA GLY K 282 16.92 -32.37 -10.99
C GLY K 282 17.50 -32.27 -9.60
N ILE K 283 18.11 -33.36 -9.16
CA ILE K 283 18.85 -33.48 -7.90
C ILE K 283 20.22 -34.06 -8.20
N ARG K 284 21.20 -33.77 -7.36
CA ARG K 284 22.55 -34.28 -7.50
C ARG K 284 22.82 -35.25 -6.36
N LEU K 285 23.34 -36.42 -6.71
CA LEU K 285 23.69 -37.48 -5.77
C LEU K 285 25.20 -37.58 -5.70
N GLN K 286 25.75 -37.64 -4.49
CA GLN K 286 27.18 -37.83 -4.27
C GLN K 286 27.34 -39.02 -3.36
N LEU K 287 27.69 -40.15 -3.97
CA LEU K 287 27.87 -41.41 -3.30
C LEU K 287 29.34 -41.62 -2.91
N SER K 288 29.56 -42.07 -1.68
CA SER K 288 30.87 -42.41 -1.09
C SER K 288 30.62 -43.47 0.00
N ASN K 289 31.70 -44.05 0.57
CA ASN K 289 31.62 -45.09 1.61
C ASN K 289 30.62 -44.75 2.74
N GLY K 290 29.57 -45.56 2.82
CA GLY K 290 28.50 -45.45 3.81
C GLY K 290 27.64 -44.19 3.76
N LEU K 291 27.79 -43.37 2.70
CA LEU K 291 27.10 -42.09 2.64
C LEU K 291 26.56 -41.68 1.28
N LEU K 292 25.33 -41.14 1.28
CA LEU K 292 24.70 -40.57 0.10
C LEU K 292 24.34 -39.11 0.39
N LYS K 293 25.05 -38.18 -0.29
CA LYS K 293 24.78 -36.75 -0.16
C LYS K 293 23.82 -36.36 -1.30
N ILE K 294 22.72 -35.67 -0.96
CA ILE K 294 21.71 -35.23 -1.92
C ILE K 294 21.64 -33.71 -1.93
N GLN K 295 21.68 -33.13 -3.13
CA GLN K 295 21.60 -31.68 -3.30
C GLN K 295 20.60 -31.32 -4.40
N ALA K 296 19.84 -30.24 -4.17
CA ALA K 296 18.87 -29.70 -5.11
C ALA K 296 18.89 -28.19 -5.09
N ASN K 297 18.79 -27.59 -6.28
CA ASN K 297 18.71 -26.13 -6.42
C ASN K 297 17.76 -25.72 -7.54
N ASN K 298 17.24 -24.50 -7.45
CA ASN K 298 16.27 -24.00 -8.41
C ASN K 298 16.73 -22.68 -9.07
N PRO K 299 16.00 -22.10 -10.08
CA PRO K 299 16.47 -20.84 -10.70
C PRO K 299 16.58 -19.64 -9.75
N GLU K 300 15.81 -19.62 -8.64
CA GLU K 300 15.83 -18.56 -7.61
C GLU K 300 17.07 -18.69 -6.69
N GLN K 301 17.95 -19.66 -6.97
CA GLN K 301 19.18 -19.96 -6.21
C GLN K 301 18.93 -20.51 -4.79
N GLU K 302 17.73 -21.07 -4.56
CA GLU K 302 17.36 -21.71 -3.31
C GLU K 302 17.99 -23.11 -3.33
N GLU K 303 18.48 -23.59 -2.19
CA GLU K 303 19.19 -24.87 -2.17
C GLU K 303 18.84 -25.76 -0.99
N ALA K 304 18.68 -27.06 -1.25
CA ALA K 304 18.40 -28.09 -0.25
C ALA K 304 19.52 -29.12 -0.27
N GLU K 305 19.97 -29.52 0.91
CA GLU K 305 21.05 -30.50 1.08
C GLU K 305 20.72 -31.49 2.18
N GLU K 306 21.05 -32.75 1.94
CA GLU K 306 20.85 -33.81 2.92
C GLU K 306 21.86 -34.93 2.78
N GLU K 307 22.20 -35.57 3.91
CA GLU K 307 23.13 -36.68 3.97
C GLU K 307 22.39 -37.88 4.52
N VAL K 308 22.42 -39.00 3.80
CA VAL K 308 21.76 -40.25 4.19
C VAL K 308 22.79 -41.35 4.32
N GLN K 309 22.79 -42.06 5.47
CA GLN K 309 23.66 -43.21 5.70
C GLN K 309 23.13 -44.38 4.87
N VAL K 310 24.02 -45.01 4.10
CA VAL K 310 23.69 -46.15 3.22
C VAL K 310 24.73 -47.26 3.40
N GLU K 311 24.41 -48.49 2.98
CA GLU K 311 25.36 -49.59 3.00
C GLU K 311 26.03 -49.54 1.63
N TYR K 312 27.24 -48.97 1.58
CA TYR K 312 28.02 -48.84 0.36
C TYR K 312 29.52 -48.79 0.65
N ASN K 313 30.28 -49.61 -0.09
CA ASN K 313 31.73 -49.70 -0.04
C ASN K 313 32.20 -49.77 -1.50
N GLY K 314 32.92 -48.72 -1.91
CA GLY K 314 33.43 -48.59 -3.27
C GLY K 314 33.86 -47.19 -3.62
N GLY K 315 34.10 -46.98 -4.91
CA GLY K 315 34.52 -45.69 -5.45
C GLY K 315 33.42 -44.65 -5.41
N ASN K 316 33.81 -43.37 -5.41
CA ASN K 316 32.87 -42.26 -5.39
C ASN K 316 32.10 -42.13 -6.71
N LEU K 317 30.88 -41.58 -6.62
CA LEU K 317 30.02 -41.35 -7.77
C LEU K 317 29.19 -40.09 -7.60
N GLU K 318 29.26 -39.19 -8.58
CA GLU K 318 28.45 -37.98 -8.65
C GLU K 318 27.52 -38.22 -9.83
N ILE K 319 26.20 -38.23 -9.56
CA ILE K 319 25.19 -38.52 -10.59
C ILE K 319 23.92 -37.66 -10.42
N GLY K 320 23.35 -37.23 -11.53
CA GLY K 320 22.13 -36.42 -11.54
C GLY K 320 20.91 -37.24 -11.86
N PHE K 321 19.78 -36.95 -11.20
CA PHE K 321 18.52 -37.66 -11.43
C PHE K 321 17.31 -36.76 -11.27
N ASN K 322 16.23 -37.13 -11.95
CA ASN K 322 14.94 -36.47 -11.78
C ASN K 322 14.40 -37.12 -10.47
N VAL K 323 14.20 -36.29 -9.43
CA VAL K 323 13.75 -36.71 -8.10
C VAL K 323 12.35 -37.37 -8.10
N SER K 324 11.45 -36.89 -8.97
CA SER K 324 10.11 -37.46 -9.12
C SER K 324 10.21 -38.91 -9.62
N TYR K 325 11.15 -39.21 -10.53
CA TYR K 325 11.38 -40.58 -11.06
C TYR K 325 11.86 -41.52 -9.95
N LEU K 326 12.72 -41.02 -9.04
CA LEU K 326 13.23 -41.80 -7.91
C LEU K 326 12.13 -42.03 -6.88
N LEU K 327 11.31 -40.98 -6.60
CA LEU K 327 10.19 -41.07 -5.66
C LEU K 327 9.12 -42.06 -6.17
N ASP K 328 8.89 -42.08 -7.50
CA ASP K 328 7.95 -43.01 -8.14
C ASP K 328 8.35 -44.46 -7.88
N VAL K 329 9.66 -44.76 -8.00
CA VAL K 329 10.22 -46.09 -7.76
C VAL K 329 10.08 -46.47 -6.28
N LEU K 330 10.49 -45.58 -5.37
CA LEU K 330 10.43 -45.83 -3.93
C LEU K 330 9.00 -46.10 -3.44
N GLY K 331 8.02 -45.46 -4.07
CA GLY K 331 6.60 -45.60 -3.78
C GLY K 331 6.04 -46.99 -4.06
N VAL K 332 6.73 -47.78 -4.91
CA VAL K 332 6.32 -49.15 -5.27
C VAL K 332 7.19 -50.26 -4.63
N ILE K 333 8.31 -49.89 -3.97
CA ILE K 333 9.18 -50.85 -3.26
C ILE K 333 8.46 -51.29 -1.97
N GLY K 334 8.16 -52.58 -1.86
CA GLY K 334 7.44 -53.15 -0.72
C GLY K 334 8.28 -53.53 0.48
N THR K 335 9.61 -53.61 0.31
CA THR K 335 10.54 -53.95 1.38
C THR K 335 11.06 -52.72 2.11
N GLU K 336 11.48 -52.93 3.38
CA GLU K 336 12.05 -51.94 4.28
C GLU K 336 13.36 -51.37 3.71
N GLN K 337 14.16 -52.25 3.09
CA GLN K 337 15.42 -51.88 2.44
C GLN K 337 15.23 -51.87 0.93
N VAL K 338 16.06 -51.06 0.25
CA VAL K 338 16.03 -50.91 -1.19
C VAL K 338 17.46 -51.00 -1.75
N ARG K 339 17.60 -51.72 -2.87
CA ARG K 339 18.88 -51.89 -3.55
C ARG K 339 18.96 -50.98 -4.78
N PHE K 340 20.04 -50.21 -4.87
CA PHE K 340 20.35 -49.35 -6.01
C PHE K 340 21.64 -49.92 -6.60
N ILE K 341 21.65 -50.21 -7.91
CA ILE K 341 22.81 -50.75 -8.60
C ILE K 341 23.20 -49.72 -9.66
N LEU K 342 24.35 -49.08 -9.47
CA LEU K 342 24.84 -48.02 -10.33
C LEU K 342 26.20 -48.38 -10.94
N SER K 343 26.65 -47.57 -11.91
CA SER K 343 27.95 -47.72 -12.54
C SER K 343 28.63 -46.35 -12.67
N ASP K 344 28.33 -45.57 -13.73
CA ASP K 344 28.89 -44.24 -13.94
C ASP K 344 27.80 -43.16 -14.03
N SER K 345 28.22 -41.87 -14.11
CA SER K 345 27.34 -40.70 -14.17
C SER K 345 26.44 -40.61 -15.41
N ASN K 346 26.80 -41.31 -16.49
CA ASN K 346 26.04 -41.30 -17.75
C ASN K 346 25.14 -42.52 -17.93
N SER K 347 25.21 -43.48 -16.99
CA SER K 347 24.44 -44.72 -17.04
C SER K 347 23.31 -44.79 -16.04
N SER K 348 22.30 -45.61 -16.40
CA SER K 348 21.08 -45.87 -15.64
CA SER K 348 21.09 -45.79 -15.61
C SER K 348 21.30 -46.43 -14.24
N ALA K 349 20.33 -46.20 -13.34
CA ALA K 349 20.31 -46.77 -12.00
C ALA K 349 19.38 -47.96 -12.14
N LEU K 350 19.73 -49.08 -11.51
CA LEU K 350 18.89 -50.28 -11.46
C LEU K 350 18.41 -50.39 -10.03
N VAL K 351 17.10 -50.52 -9.84
CA VAL K 351 16.50 -50.58 -8.51
C VAL K 351 15.70 -51.86 -8.31
N HIS K 352 15.87 -52.48 -7.14
CA HIS K 352 15.17 -53.70 -6.75
C HIS K 352 14.73 -53.62 -5.30
N GLU K 353 13.82 -54.54 -4.91
CA GLU K 353 13.44 -54.74 -3.51
C GLU K 353 14.64 -55.44 -2.86
N ALA K 354 14.72 -55.42 -1.52
CA ALA K 354 15.84 -56.01 -0.78
C ALA K 354 16.06 -57.52 -0.98
N ASP K 355 14.99 -58.32 -1.00
CA ASP K 355 15.05 -59.77 -1.01
C ASP K 355 14.75 -60.53 -2.32
N ASN K 356 14.45 -59.81 -3.42
CA ASN K 356 14.13 -60.46 -4.70
C ASN K 356 14.41 -59.58 -5.91
N ASP K 357 14.51 -60.20 -7.11
CA ASP K 357 14.74 -59.54 -8.39
C ASP K 357 13.49 -59.52 -9.27
N ASP K 358 12.31 -59.96 -8.74
CA ASP K 358 11.03 -60.01 -9.49
C ASP K 358 10.63 -58.65 -10.09
N SER K 359 10.87 -57.57 -9.34
CA SER K 359 10.63 -56.20 -9.78
C SER K 359 11.98 -55.57 -10.09
N ALA K 360 12.03 -54.82 -11.20
CA ALA K 360 13.24 -54.12 -11.64
C ALA K 360 12.85 -52.75 -12.19
N TYR K 361 13.55 -51.72 -11.73
CA TYR K 361 13.30 -50.33 -12.12
C TYR K 361 14.55 -49.73 -12.66
N VAL K 362 14.44 -49.12 -13.84
CA VAL K 362 15.56 -48.50 -14.53
C VAL K 362 15.29 -47.01 -14.66
N VAL K 363 16.26 -46.17 -14.22
CA VAL K 363 16.11 -44.72 -14.31
C VAL K 363 17.34 -44.15 -15.01
N MET K 364 17.14 -43.51 -16.17
CA MET K 364 18.26 -42.85 -16.87
C MET K 364 18.61 -41.59 -16.09
N PRO K 365 19.92 -41.28 -15.95
CA PRO K 365 20.30 -40.07 -15.22
C PRO K 365 20.08 -38.78 -16.03
N MET K 366 20.43 -37.64 -15.41
CA MET K 366 20.41 -36.30 -15.99
C MET K 366 21.84 -35.81 -16.05
N ARG K 367 22.20 -35.03 -17.09
CA ARG K 367 23.53 -34.45 -17.19
C ARG K 367 23.64 -33.31 -16.17
N LEU K 368 24.69 -33.36 -15.35
CA LEU K 368 25.00 -32.40 -14.30
C LEU K 368 25.74 -31.21 -14.89
N GLN L 2 18.04 -34.48 -18.84
CA GLN L 2 17.50 -35.85 -18.88
C GLN L 2 17.98 -36.67 -20.09
N ASP L 4 18.04 -40.39 -22.41
CA ASP L 4 17.06 -41.35 -22.93
C ASP L 4 17.55 -42.78 -22.89
N LEU L 5 16.60 -43.71 -22.69
CA LEU L 5 16.87 -45.15 -22.65
C LEU L 5 17.24 -45.67 -24.03
N HIS M 1 15.83 -1.28 67.21
CA HIS M 1 16.88 -0.28 67.28
C HIS M 1 17.58 -0.16 65.89
N MET M 2 18.46 -1.13 65.57
CA MET M 2 19.20 -1.27 64.31
C MET M 2 18.22 -1.31 63.12
N HIS M 3 18.51 -0.50 62.10
CA HIS M 3 17.68 -0.40 60.91
C HIS M 3 18.49 0.12 59.75
N PHE M 4 18.31 -0.51 58.57
CA PHE M 4 18.99 -0.11 57.34
C PHE M 4 18.26 -0.62 56.10
N THR M 5 18.55 0.00 54.95
CA THR M 5 18.07 -0.40 53.63
C THR M 5 19.30 -0.78 52.80
N ILE M 6 19.14 -1.77 51.93
CA ILE M 6 20.22 -2.32 51.10
C ILE M 6 19.65 -3.00 49.85
N GLN M 7 20.35 -2.87 48.72
CA GLN M 7 19.97 -3.53 47.47
C GLN M 7 20.30 -5.00 47.65
N ARG M 8 19.45 -5.89 47.07
CA ARG M 8 19.59 -7.34 47.12
C ARG M 8 21.02 -7.82 46.88
N GLU M 9 21.62 -7.37 45.75
CA GLU M 9 22.98 -7.76 45.31
C GLU M 9 24.08 -7.28 46.23
N ALA M 10 23.91 -6.07 46.82
CA ALA M 10 24.88 -5.47 47.75
C ALA M 10 24.96 -6.27 49.05
N LEU M 11 23.81 -6.81 49.52
CA LEU M 11 23.74 -7.64 50.72
C LEU M 11 24.22 -9.04 50.42
N LEU M 12 23.78 -9.60 49.28
CA LEU M 12 24.10 -10.97 48.87
C LEU M 12 25.58 -11.28 48.76
N LYS M 13 26.38 -10.39 48.15
CA LYS M 13 27.83 -10.61 48.00
C LYS M 13 28.57 -10.92 49.33
N PRO M 14 28.58 -10.02 50.35
CA PRO M 14 29.25 -10.38 51.62
C PRO M 14 28.53 -11.49 52.40
N LEU M 15 27.18 -11.57 52.31
CA LEU M 15 26.39 -12.60 53.00
C LEU M 15 26.79 -14.00 52.50
N GLN M 16 26.96 -14.18 51.17
CA GLN M 16 27.38 -15.46 50.60
C GLN M 16 28.80 -15.84 51.03
N LEU M 17 29.73 -14.87 51.09
CA LEU M 17 31.12 -15.12 51.52
C LEU M 17 31.18 -15.58 52.96
N VAL M 18 30.54 -14.81 53.85
CA VAL M 18 30.45 -15.05 55.29
C VAL M 18 29.73 -16.35 55.63
N ALA M 19 28.62 -16.68 54.92
CA ALA M 19 27.85 -17.91 55.16
C ALA M 19 28.67 -19.17 54.82
N GLY M 20 29.67 -19.02 53.95
CA GLY M 20 30.58 -20.09 53.55
C GLY M 20 31.41 -20.66 54.70
N VAL M 21 31.70 -19.84 55.72
CA VAL M 21 32.46 -20.30 56.90
C VAL M 21 31.52 -20.80 58.02
N VAL M 22 30.22 -20.46 57.92
CA VAL M 22 29.17 -20.86 58.87
C VAL M 22 28.81 -22.34 58.61
N GLU M 23 29.05 -23.20 59.61
CA GLU M 23 28.79 -24.64 59.53
C GLU M 23 28.02 -25.15 60.75
N GLN M 26 26.37 -27.04 63.80
CA GLN M 26 27.03 -26.24 64.82
C GLN M 26 26.64 -26.68 66.24
N THR M 27 27.62 -26.64 67.18
CA THR M 27 27.42 -26.99 68.58
C THR M 27 26.70 -25.83 69.29
N LEU M 28 27.37 -24.66 69.37
CA LEU M 28 26.84 -23.43 69.96
C LEU M 28 25.83 -22.84 68.94
N PRO M 29 24.59 -22.45 69.38
CA PRO M 29 23.59 -21.95 68.41
C PRO M 29 23.98 -20.68 67.65
N VAL M 30 24.69 -19.76 68.33
CA VAL M 30 25.14 -18.49 67.76
C VAL M 30 26.09 -18.68 66.55
N LEU M 31 26.82 -19.81 66.52
CA LEU M 31 27.76 -20.19 65.45
C LEU M 31 27.08 -20.37 64.08
N SER M 32 25.76 -20.65 64.08
CA SER M 32 24.94 -20.81 62.88
C SER M 32 24.50 -19.44 62.35
N ASN M 33 24.74 -18.39 63.14
CA ASN M 33 24.31 -17.03 62.83
C ASN M 33 25.37 -16.13 62.26
N VAL M 34 24.91 -15.14 61.49
CA VAL M 34 25.74 -14.08 60.95
C VAL M 34 25.60 -12.88 61.91
N LEU M 35 26.73 -12.29 62.33
CA LEU M 35 26.71 -11.09 63.16
C LEU M 35 26.54 -9.90 62.21
N LEU M 36 25.47 -9.10 62.42
CA LEU M 36 25.17 -7.89 61.65
C LEU M 36 25.49 -6.69 62.54
N VAL M 37 26.36 -5.79 62.10
CA VAL M 37 26.74 -4.59 62.86
C VAL M 37 26.59 -3.37 61.96
N VAL M 38 25.76 -2.40 62.39
CA VAL M 38 25.61 -1.12 61.70
C VAL M 38 26.31 -0.06 62.56
N GLU M 39 27.36 0.55 62.01
CA GLU M 39 28.10 1.64 62.67
C GLU M 39 28.20 2.74 61.60
N GLY M 40 27.52 3.86 61.84
CA GLY M 40 27.42 4.96 60.89
C GLY M 40 26.75 4.46 59.61
N GLN M 41 27.40 4.71 58.46
CA GLN M 41 26.90 4.27 57.15
C GLN M 41 27.58 2.99 56.65
N GLN M 42 28.04 2.13 57.60
CA GLN M 42 28.67 0.87 57.28
C GLN M 42 27.99 -0.31 57.95
N LEU M 43 27.71 -1.34 57.14
CA LEU M 43 27.21 -2.62 57.60
C LEU M 43 28.39 -3.61 57.55
N SER M 44 28.62 -4.31 58.65
CA SER M 44 29.62 -5.38 58.72
C SER M 44 28.87 -6.70 58.96
N LEU M 45 29.29 -7.76 58.26
CA LEU M 45 28.71 -9.09 58.36
C LEU M 45 29.81 -10.04 58.79
N THR M 46 29.62 -10.76 59.91
CA THR M 46 30.63 -11.67 60.43
C THR M 46 30.13 -13.08 60.59
N GLY M 47 30.93 -14.02 60.09
CA GLY M 47 30.73 -15.46 60.18
C GLY M 47 31.97 -16.09 60.79
N THR M 48 31.78 -17.12 61.62
CA THR M 48 32.88 -17.82 62.28
C THR M 48 32.53 -19.29 62.60
N ASP M 49 33.56 -20.13 62.72
CA ASP M 49 33.45 -21.53 63.14
C ASP M 49 34.38 -21.72 64.33
N LEU M 50 34.87 -20.58 64.91
CA LEU M 50 35.85 -20.44 66.00
C LEU M 50 37.32 -20.63 65.59
N GLU M 51 37.57 -21.25 64.41
N GLU M 51 37.57 -21.15 64.39
CA GLU M 51 38.90 -21.52 63.80
CA GLU M 51 38.93 -21.37 63.91
C GLU M 51 39.24 -20.32 62.92
C GLU M 51 39.25 -20.26 62.92
N VAL M 52 38.28 -19.94 62.04
CA VAL M 52 38.36 -18.87 61.08
C VAL M 52 37.22 -17.88 61.34
N GLU M 53 37.46 -16.62 61.01
CA GLU M 53 36.47 -15.55 61.08
C GLU M 53 36.53 -14.78 59.78
N LEU M 54 35.37 -14.62 59.14
CA LEU M 54 35.27 -13.87 57.90
C LEU M 54 34.35 -12.67 58.12
N VAL M 55 34.82 -11.50 57.71
CA VAL M 55 34.09 -10.23 57.84
C VAL M 55 33.91 -9.60 56.46
N GLY M 56 32.66 -9.28 56.13
CA GLY M 56 32.30 -8.58 54.90
C GLY M 56 31.80 -7.20 55.25
N ARG M 57 32.11 -6.21 54.42
CA ARG M 57 31.69 -4.82 54.65
C ARG M 57 30.96 -4.23 53.46
N VAL M 58 29.90 -3.46 53.74
CA VAL M 58 29.07 -2.75 52.75
C VAL M 58 28.84 -1.32 53.21
N VAL M 59 28.95 -0.35 52.27
CA VAL M 59 28.65 1.04 52.53
C VAL M 59 27.12 1.19 52.32
N LEU M 60 26.42 1.76 53.31
CA LEU M 60 24.96 1.94 53.26
C LEU M 60 24.65 3.33 52.70
N GLU M 61 23.79 3.36 51.65
CA GLU M 61 23.42 4.60 50.96
C GLU M 61 22.40 5.45 51.74
N ASP M 62 21.20 4.91 52.02
CA ASP M 62 20.18 5.65 52.75
C ASP M 62 20.48 5.68 54.26
N ALA M 63 19.81 6.58 55.01
CA ALA M 63 19.99 6.76 56.45
C ALA M 63 19.81 5.45 57.21
N ALA M 64 20.80 5.09 58.05
CA ALA M 64 20.79 3.87 58.84
C ALA M 64 20.91 4.15 60.32
N GLU M 65 20.23 3.33 61.15
CA GLU M 65 20.27 3.43 62.61
C GLU M 65 21.18 2.37 63.16
N PRO M 66 22.12 2.74 64.07
CA PRO M 66 23.13 1.77 64.52
C PRO M 66 22.60 0.65 65.41
N GLY M 67 23.42 -0.39 65.52
CA GLY M 67 23.12 -1.54 66.34
C GLY M 67 23.79 -2.80 65.88
N GLU M 68 23.58 -3.88 66.63
CA GLU M 68 24.14 -5.18 66.36
C GLU M 68 23.19 -6.28 66.76
N ILE M 69 23.20 -7.37 65.99
CA ILE M 69 22.34 -8.52 66.18
C ILE M 69 22.91 -9.70 65.41
N THR M 70 22.47 -10.91 65.75
CA THR M 70 22.87 -12.12 65.01
C THR M 70 21.59 -12.76 64.49
N VAL M 71 21.62 -13.31 63.29
CA VAL M 71 20.47 -13.95 62.63
C VAL M 71 20.93 -15.24 61.91
N PRO M 72 20.04 -16.27 61.71
CA PRO M 72 20.46 -17.49 60.97
C PRO M 72 21.04 -17.13 59.61
N ALA M 73 22.34 -17.43 59.41
CA ALA M 73 23.09 -17.05 58.20
C ALA M 73 22.53 -17.65 56.92
N ARG M 74 22.31 -18.98 56.89
CA ARG M 74 21.77 -19.69 55.71
C ARG M 74 20.36 -19.21 55.36
N LYS M 75 19.48 -19.04 56.38
CA LYS M 75 18.12 -18.53 56.16
C LYS M 75 18.10 -17.14 55.54
N LEU M 76 18.88 -16.19 56.09
CA LEU M 76 18.96 -14.82 55.55
C LEU M 76 19.53 -14.82 54.12
N MET M 77 20.57 -15.61 53.86
CA MET M 77 21.17 -15.74 52.54
C MET M 77 20.13 -16.30 51.53
N ASP M 78 19.40 -17.37 51.91
CA ASP M 78 18.38 -18.00 51.07
C ASP M 78 17.24 -17.04 50.74
N ILE M 79 16.80 -16.23 51.74
CA ILE M 79 15.77 -15.21 51.55
C ILE M 79 16.31 -14.16 50.55
N CYS M 80 17.54 -13.65 50.77
CA CYS M 80 18.23 -12.66 49.94
C CYS M 80 18.34 -13.18 48.47
N LYS M 81 18.84 -14.42 48.27
CA LYS M 81 18.97 -15.05 46.95
C LYS M 81 17.62 -15.22 46.21
N SER M 82 16.56 -15.58 46.96
CA SER M 82 15.22 -15.81 46.44
C SER M 82 14.43 -14.53 46.10
N LEU M 83 14.88 -13.37 46.60
CA LEU M 83 14.19 -12.10 46.33
C LEU M 83 14.38 -11.64 44.86
N PRO M 84 13.43 -10.87 44.27
CA PRO M 84 13.61 -10.42 42.88
C PRO M 84 14.87 -9.58 42.69
N ASN M 85 15.54 -9.75 41.54
CA ASN M 85 16.77 -9.03 41.19
C ASN M 85 16.61 -7.51 41.38
N ASP M 86 17.60 -6.89 42.05
CA ASP M 86 17.68 -5.45 42.27
C ASP M 86 16.67 -4.82 43.25
N VAL M 87 15.94 -5.64 44.05
CA VAL M 87 14.98 -5.14 45.03
C VAL M 87 15.69 -4.45 46.22
N LEU M 88 15.05 -3.42 46.79
CA LEU M 88 15.56 -2.73 47.97
C LEU M 88 15.02 -3.47 49.19
N ILE M 89 15.92 -3.91 50.08
CA ILE M 89 15.55 -4.65 51.28
C ILE M 89 15.61 -3.75 52.51
N ASP M 90 14.52 -3.70 53.28
CA ASP M 90 14.46 -2.96 54.54
C ASP M 90 14.65 -3.97 55.68
N ILE M 91 15.67 -3.75 56.51
CA ILE M 91 16.00 -4.64 57.62
C ILE M 91 15.97 -3.88 58.94
N ARG M 92 15.18 -4.38 59.91
CA ARG M 92 15.14 -3.76 61.25
C ARG M 92 14.98 -4.80 62.37
N VAL M 93 15.45 -4.45 63.57
CA VAL M 93 15.34 -5.28 64.75
C VAL M 93 14.14 -4.78 65.54
N GLU M 94 13.20 -5.69 65.86
CA GLU M 94 11.99 -5.35 66.62
C GLU M 94 11.64 -6.49 67.57
N GLU M 95 11.77 -6.22 68.89
CA GLU M 95 11.49 -7.17 69.98
C GLU M 95 12.17 -8.52 69.79
N GLN M 96 13.52 -8.53 69.67
CA GLN M 96 14.35 -9.72 69.48
C GLN M 96 14.08 -10.52 68.19
N LYS M 97 13.49 -9.85 67.17
CA LYS M 97 13.22 -10.46 65.88
C LYS M 97 13.75 -9.58 64.77
N LEU M 98 14.24 -10.21 63.69
CA LEU M 98 14.69 -9.47 62.53
C LEU M 98 13.55 -9.39 61.52
N LEU M 99 13.17 -8.15 61.19
CA LEU M 99 12.07 -7.87 60.25
C LEU M 99 12.69 -7.49 58.90
N VAL M 100 12.38 -8.30 57.89
CA VAL M 100 12.87 -8.15 56.52
C VAL M 100 11.69 -7.79 55.62
N LYS M 101 11.77 -6.65 54.92
CA LYS M 101 10.73 -6.19 53.98
C LYS M 101 11.37 -5.92 52.61
N ALA M 102 10.78 -6.45 51.53
CA ALA M 102 11.26 -6.24 50.17
C ALA M 102 10.09 -6.41 49.22
N GLY M 103 9.64 -5.29 48.66
CA GLY M 103 8.47 -5.25 47.79
C GLY M 103 7.25 -5.68 48.58
N ARG M 104 6.57 -6.72 48.07
CA ARG M 104 5.37 -7.27 48.71
C ARG M 104 5.71 -8.49 49.61
N SER M 105 7.01 -8.73 49.87
CA SER M 105 7.48 -9.83 50.71
C SER M 105 7.88 -9.34 52.10
N ARG M 106 7.47 -10.09 53.14
CA ARG M 106 7.75 -9.80 54.54
C ARG M 106 8.25 -11.09 55.19
N PHE M 107 9.33 -10.97 55.97
CA PHE M 107 9.95 -12.06 56.70
C PHE M 107 10.27 -11.66 58.13
N THR M 108 10.05 -12.59 59.06
CA THR M 108 10.39 -12.43 60.47
C THR M 108 11.34 -13.55 60.85
N LEU M 109 12.57 -13.21 61.25
CA LEU M 109 13.58 -14.19 61.64
C LEU M 109 13.90 -14.11 63.12
N SER M 110 14.20 -15.27 63.72
CA SER M 110 14.61 -15.34 65.13
C SER M 110 16.04 -14.77 65.23
N THR M 111 16.38 -14.21 66.39
CA THR M 111 17.72 -13.65 66.58
C THR M 111 18.38 -14.19 67.83
N LEU M 112 19.70 -13.98 67.95
CA LEU M 112 20.48 -14.28 69.15
C LEU M 112 21.32 -13.03 69.46
N PRO M 113 21.45 -12.65 70.76
CA PRO M 113 22.17 -11.40 71.10
C PRO M 113 23.60 -11.33 70.53
N ALA M 114 23.97 -10.16 70.03
CA ALA M 114 25.30 -9.92 69.47
C ALA M 114 26.42 -10.04 70.54
N ASN M 115 26.09 -9.80 71.81
CA ASN M 115 27.05 -9.94 72.93
C ASN M 115 27.49 -11.40 73.14
N ASP M 116 26.71 -12.38 72.62
CA ASP M 116 26.97 -13.82 72.67
C ASP M 116 27.79 -14.32 71.48
N PHE M 117 28.02 -13.43 70.48
CA PHE M 117 28.82 -13.78 69.31
C PHE M 117 30.32 -13.78 69.68
N PRO M 118 31.06 -14.88 69.36
CA PRO M 118 32.49 -14.92 69.73
C PRO M 118 33.37 -13.98 68.93
N THR M 119 34.32 -13.35 69.65
CA THR M 119 35.29 -12.35 69.17
C THR M 119 36.66 -12.97 68.98
N VAL M 120 37.35 -12.63 67.89
CA VAL M 120 38.67 -13.22 67.62
C VAL M 120 39.81 -12.78 68.50
N GLU M 121 40.73 -13.74 68.71
CA GLU M 121 42.00 -13.54 69.38
C GLU M 121 43.00 -13.11 68.29
N GLU M 122 43.25 -11.81 68.27
CA GLU M 122 44.14 -10.99 67.45
C GLU M 122 44.56 -9.91 68.49
N GLY M 123 45.82 -9.81 68.92
CA GLY M 123 47.04 -10.51 68.51
C GLY M 123 48.01 -9.54 67.84
N PRO M 124 49.12 -9.08 68.48
CA PRO M 124 50.01 -8.14 67.79
C PRO M 124 50.69 -8.79 66.57
N GLY M 125 50.79 -8.04 65.48
CA GLY M 125 51.47 -8.50 64.28
C GLY M 125 52.98 -8.53 64.47
N SER M 126 53.62 -9.59 63.98
CA SER M 126 55.09 -9.72 64.04
C SER M 126 55.61 -9.25 62.68
N LEU M 127 54.83 -9.54 61.63
CA LEU M 127 55.16 -9.19 60.26
C LEU M 127 53.89 -8.82 59.48
N ASN M 128 54.00 -7.81 58.64
CA ASN M 128 52.88 -7.38 57.80
C ASN M 128 53.38 -6.90 56.47
N PHE M 129 52.78 -7.43 55.41
CA PHE M 129 53.16 -7.12 54.03
C PHE M 129 51.93 -7.18 53.10
N SER M 130 52.06 -6.58 51.92
CA SER M 130 51.03 -6.62 50.89
C SER M 130 51.53 -7.54 49.76
N ILE M 131 50.62 -8.28 49.13
CA ILE M 131 50.96 -9.19 48.03
C ILE M 131 49.78 -9.32 47.05
N ALA M 132 50.10 -9.60 45.77
CA ALA M 132 49.09 -9.87 44.73
C ALA M 132 48.29 -11.11 45.17
N GLN M 133 46.95 -11.04 45.09
CA GLN M 133 46.05 -12.14 45.45
C GLN M 133 46.39 -13.39 44.65
N SER M 134 46.67 -13.20 43.35
CA SER M 134 47.04 -14.22 42.37
C SER M 134 48.29 -15.01 42.80
N LYS M 135 49.32 -14.30 43.33
CA LYS M 135 50.58 -14.91 43.77
C LYS M 135 50.37 -15.75 45.02
N LEU M 136 49.57 -15.23 45.99
CA LEU M 136 49.29 -15.98 47.21
C LEU M 136 48.44 -17.22 46.93
N ARG M 137 47.40 -17.06 46.05
CA ARG M 137 46.54 -18.16 45.66
C ARG M 137 47.33 -19.29 45.01
N ARG M 138 48.29 -18.92 44.12
CA ARG M 138 49.18 -19.84 43.42
C ARG M 138 49.97 -20.68 44.46
N LEU M 139 50.54 -20.05 45.50
CA LEU M 139 51.30 -20.75 46.56
C LEU M 139 50.46 -21.82 47.25
N ILE M 140 49.17 -21.49 47.54
CA ILE M 140 48.25 -22.41 48.19
C ILE M 140 47.80 -23.52 47.24
N ASP M 141 47.28 -23.15 46.05
CA ASP M 141 46.76 -24.11 45.08
C ASP M 141 47.82 -25.06 44.52
N ARG M 142 49.09 -24.60 44.46
CA ARG M 142 50.17 -25.48 43.95
C ARG M 142 50.59 -26.52 44.99
N THR M 143 50.16 -26.38 46.26
CA THR M 143 50.65 -27.27 47.32
C THR M 143 49.61 -27.92 48.21
N SER M 144 48.36 -27.37 48.27
CA SER M 144 47.32 -27.82 49.20
C SER M 144 46.97 -29.29 49.23
N PHE M 145 47.06 -29.98 48.09
CA PHE M 145 46.75 -31.42 47.99
C PHE M 145 47.68 -32.27 48.89
N ALA M 146 48.92 -31.78 49.21
CA ALA M 146 49.90 -32.56 49.98
C ALA M 146 49.73 -32.48 51.48
N MET M 147 48.85 -31.59 51.99
CA MET M 147 48.62 -31.46 53.44
C MET M 147 48.04 -32.76 54.00
N ALA M 148 48.38 -33.07 55.26
CA ALA M 148 47.79 -34.21 55.93
C ALA M 148 46.37 -33.81 56.39
N GLN M 149 45.54 -34.82 56.67
CA GLN M 149 44.19 -34.66 57.17
C GLN M 149 44.07 -35.59 58.39
N GLN M 150 43.79 -35.01 59.56
CA GLN M 150 43.61 -35.71 60.84
C GLN M 150 44.81 -36.58 61.27
N ASP M 151 46.03 -36.21 60.85
CA ASP M 151 47.24 -36.95 61.23
C ASP M 151 47.49 -36.65 62.71
N VAL M 152 48.01 -37.65 63.45
CA VAL M 152 48.35 -37.50 64.86
C VAL M 152 49.44 -36.40 65.03
N ARG M 153 50.30 -36.22 64.00
CA ARG M 153 51.29 -35.15 63.93
C ARG M 153 50.47 -33.95 63.44
N TYR M 154 49.78 -33.27 64.39
CA TYR M 154 48.83 -32.18 64.17
C TYR M 154 49.38 -31.02 63.33
N TYR M 155 50.68 -30.76 63.43
CA TYR M 155 51.38 -29.70 62.70
C TYR M 155 51.45 -29.95 61.18
N LEU M 156 51.09 -31.18 60.71
CA LEU M 156 51.04 -31.54 59.31
C LEU M 156 49.66 -31.28 58.70
N ASN M 157 48.63 -31.10 59.55
CA ASN M 157 47.23 -30.85 59.13
C ASN M 157 47.02 -29.39 58.79
N GLY M 158 47.85 -28.91 57.88
CA GLY M 158 47.85 -27.54 57.44
C GLY M 158 49.01 -27.22 56.54
N MET M 159 49.21 -25.92 56.30
CA MET M 159 50.22 -25.45 55.38
C MET M 159 51.17 -24.48 56.05
N LEU M 160 52.48 -24.75 55.84
CA LEU M 160 53.52 -23.85 56.27
C LEU M 160 53.58 -22.67 55.29
N LEU M 161 53.59 -21.45 55.83
CA LEU M 161 53.81 -20.20 55.11
C LEU M 161 55.07 -19.63 55.73
N GLU M 162 56.10 -19.50 54.92
CA GLU M 162 57.42 -19.09 55.39
C GLU M 162 57.96 -17.88 54.66
N VAL M 163 58.43 -16.89 55.41
CA VAL M 163 59.08 -15.71 54.84
C VAL M 163 60.58 -15.84 55.20
N ASN M 164 61.43 -15.84 54.17
CA ASN M 164 62.87 -16.00 54.35
C ASN M 164 63.62 -15.27 53.22
N GLY M 165 64.47 -14.33 53.61
CA GLY M 165 65.24 -13.51 52.67
C GLY M 165 64.43 -12.34 52.15
N GLY M 166 63.33 -12.68 51.51
CA GLY M 166 62.34 -11.81 50.91
C GLY M 166 61.31 -12.67 50.20
N THR M 167 61.62 -13.99 50.12
CA THR M 167 60.80 -15.03 49.48
C THR M 167 59.66 -15.47 50.40
N LEU M 168 58.47 -15.66 49.82
CA LEU M 168 57.32 -16.23 50.49
C LEU M 168 57.21 -17.65 49.93
N ARG M 169 57.13 -18.62 50.83
CA ARG M 169 57.10 -20.03 50.48
C ARG M 169 56.01 -20.77 51.20
N SER M 170 55.33 -21.68 50.49
CA SER M 170 54.35 -22.56 51.06
C SER M 170 54.93 -23.98 51.05
N VAL M 171 54.71 -24.72 52.14
CA VAL M 171 55.12 -26.13 52.24
C VAL M 171 53.93 -26.92 52.84
N ALA M 172 53.61 -28.05 52.21
CA ALA M 172 52.58 -28.98 52.65
C ALA M 172 53.13 -30.41 52.54
N THR M 173 52.85 -31.24 53.55
CA THR M 173 53.31 -32.63 53.59
C THR M 173 52.43 -33.51 54.49
N ASP M 174 52.33 -34.80 54.16
CA ASP M 174 51.59 -35.78 54.95
C ASP M 174 52.53 -36.91 55.44
N GLY M 175 53.83 -36.74 55.22
CA GLY M 175 54.85 -37.73 55.59
C GLY M 175 55.21 -38.69 54.47
N HIS M 176 54.36 -38.80 53.42
CA HIS M 176 54.63 -39.66 52.25
C HIS M 176 55.10 -38.82 51.06
N ARG M 177 54.52 -37.63 50.94
CA ARG M 177 54.78 -36.73 49.84
C ARG M 177 54.77 -35.32 50.35
N LEU M 178 55.44 -34.43 49.59
CA LEU M 178 55.56 -33.05 49.96
C LEU M 178 55.38 -32.17 48.73
N ALA M 179 54.77 -30.99 48.93
CA ALA M 179 54.63 -29.99 47.87
C ALA M 179 55.15 -28.66 48.44
N MET M 180 55.92 -27.94 47.62
CA MET M 180 56.44 -26.64 48.01
C MET M 180 56.44 -25.65 46.82
N CYS M 181 56.16 -24.39 47.10
CA CYS M 181 56.15 -23.36 46.08
C CYS M 181 56.77 -22.08 46.66
N SER M 182 57.71 -21.47 45.92
CA SER M 182 58.42 -20.27 46.38
C SER M 182 58.23 -19.13 45.38
N LEU M 183 58.01 -17.93 45.88
CA LEU M 183 57.86 -16.74 45.06
C LEU M 183 58.65 -15.60 45.71
N ASP M 184 59.50 -14.91 44.91
CA ASP M 184 60.30 -13.81 45.46
C ASP M 184 59.47 -12.53 45.55
N ALA M 185 58.76 -12.38 46.67
CA ALA M 185 57.84 -11.27 46.95
C ALA M 185 58.52 -10.02 47.53
N GLN M 186 59.83 -10.10 47.81
CA GLN M 186 60.65 -9.02 48.40
C GLN M 186 60.07 -8.45 49.72
N ILE M 187 59.78 -9.37 50.66
CA ILE M 187 59.22 -9.07 51.99
C ILE M 187 60.39 -8.91 52.99
N PRO M 188 60.63 -7.71 53.56
CA PRO M 188 61.72 -7.58 54.56
C PRO M 188 61.34 -8.29 55.85
N SER M 189 62.24 -9.15 56.38
CA SER M 189 61.94 -9.93 57.59
C SER M 189 63.03 -9.93 58.68
N GLN M 190 64.30 -9.73 58.32
CA GLN M 190 65.46 -9.74 59.25
C GLN M 190 65.81 -11.13 59.81
N ASP M 191 64.83 -12.07 59.80
CA ASP M 191 64.95 -13.47 60.22
C ASP M 191 63.87 -14.33 59.55
N ARG M 192 64.10 -15.65 59.48
CA ARG M 192 63.14 -16.58 58.91
C ARG M 192 61.90 -16.61 59.80
N HIS M 193 60.73 -16.37 59.21
CA HIS M 193 59.46 -16.40 59.94
C HIS M 193 58.54 -17.48 59.36
N GLN M 194 58.02 -18.34 60.23
CA GLN M 194 57.14 -19.46 59.84
C GLN M 194 55.82 -19.42 60.58
N VAL M 195 54.73 -19.76 59.90
CA VAL M 195 53.38 -19.91 60.43
C VAL M 195 52.76 -21.17 59.83
N ILE M 196 51.95 -21.91 60.61
CA ILE M 196 51.24 -23.07 60.09
C ILE M 196 49.77 -22.72 60.10
N VAL M 197 49.18 -22.61 58.91
CA VAL M 197 47.77 -22.31 58.76
C VAL M 197 46.97 -23.63 58.70
N PRO M 198 45.95 -23.83 59.59
CA PRO M 198 45.16 -25.06 59.55
C PRO M 198 44.56 -25.32 58.19
N ARG M 199 44.51 -26.60 57.80
CA ARG M 199 44.00 -27.01 56.49
C ARG M 199 42.67 -26.40 56.05
N LYS M 200 41.66 -26.38 56.94
CA LYS M 200 40.36 -25.80 56.60
C LYS M 200 40.46 -24.30 56.28
N GLY M 201 41.23 -23.58 57.09
CA GLY M 201 41.44 -22.14 56.93
C GLY M 201 42.17 -21.76 55.66
N ILE M 202 43.31 -22.45 55.36
CA ILE M 202 44.07 -22.18 54.15
C ILE M 202 43.27 -22.44 52.86
N LEU M 203 42.45 -23.52 52.84
CA LEU M 203 41.63 -23.87 51.68
C LEU M 203 40.54 -22.81 51.45
N GLU M 204 39.97 -22.30 52.55
CA GLU M 204 38.97 -21.24 52.53
C GLU M 204 39.60 -19.96 51.97
N LEU M 205 40.79 -19.57 52.50
CA LEU M 205 41.52 -18.39 52.06
C LEU M 205 41.79 -18.40 50.55
N ALA M 206 42.29 -19.54 50.01
CA ALA M 206 42.56 -19.69 48.57
C ALA M 206 41.31 -19.44 47.72
N ARG M 207 40.16 -19.95 48.18
CA ARG M 207 38.88 -19.76 47.47
C ARG M 207 38.41 -18.30 47.49
N LEU M 208 38.77 -17.56 48.55
CA LEU M 208 38.45 -16.14 48.70
C LEU M 208 39.30 -15.23 47.82
N LEU M 209 40.51 -15.68 47.41
CA LEU M 209 41.45 -14.88 46.61
C LEU M 209 41.09 -14.91 45.10
N THR M 210 39.93 -14.33 44.77
CA THR M 210 39.34 -14.30 43.42
C THR M 210 39.75 -13.10 42.54
N GLU M 211 40.24 -12.01 43.13
CA GLU M 211 40.65 -10.84 42.35
C GLU M 211 41.97 -11.08 41.65
N GLN M 212 41.87 -11.43 40.35
CA GLN M 212 42.98 -11.72 39.43
C GLN M 212 43.97 -10.55 39.37
N ASP M 213 43.46 -9.32 39.51
CA ASP M 213 44.25 -8.09 39.49
C ASP M 213 44.49 -7.51 40.89
N GLY M 214 43.72 -7.95 41.89
CA GLY M 214 43.74 -7.45 43.26
C GLY M 214 44.93 -7.75 44.15
N GLU M 215 44.99 -7.01 45.26
CA GLU M 215 46.03 -7.08 46.28
C GLU M 215 45.42 -7.55 47.60
N VAL M 216 46.25 -8.19 48.45
CA VAL M 216 45.84 -8.63 49.78
C VAL M 216 46.88 -8.21 50.82
N GLY M 217 46.41 -7.61 51.91
CA GLY M 217 47.23 -7.22 53.04
C GLY M 217 47.33 -8.40 53.99
N ILE M 218 48.55 -8.83 54.32
CA ILE M 218 48.79 -9.98 55.21
C ILE M 218 49.40 -9.52 56.51
N VAL M 219 48.89 -10.08 57.63
CA VAL M 219 49.46 -9.86 58.95
C VAL M 219 49.76 -11.24 59.53
N LEU M 220 51.02 -11.46 59.90
CA LEU M 220 51.46 -12.67 60.57
C LEU M 220 51.64 -12.34 62.03
N GLY M 221 50.86 -12.99 62.88
CA GLY M 221 50.94 -12.84 64.34
C GLY M 221 51.48 -14.12 64.92
N GLN M 222 51.71 -14.14 66.25
CA GLN M 222 52.21 -15.32 66.93
C GLN M 222 51.20 -16.46 66.93
N HIS M 223 49.88 -16.14 66.98
CA HIS M 223 48.82 -17.16 67.00
C HIS M 223 47.73 -16.96 65.95
N HIS M 224 47.93 -16.00 65.02
CA HIS M 224 46.92 -15.77 63.99
C HIS M 224 47.54 -15.33 62.67
N ILE M 225 46.75 -15.43 61.61
CA ILE M 225 47.02 -14.90 60.28
C ILE M 225 45.82 -14.07 59.90
N ARG M 226 46.07 -12.89 59.31
CA ARG M 226 45.01 -12.01 58.85
C ARG M 226 45.24 -11.65 57.38
N ALA M 227 44.17 -11.73 56.58
CA ALA M 227 44.19 -11.37 55.16
C ALA M 227 43.07 -10.37 54.91
N THR M 228 43.41 -9.16 54.43
CA THR M 228 42.46 -8.06 54.17
C THR M 228 42.47 -7.64 52.70
N THR M 229 41.27 -7.54 52.08
CA THR M 229 41.11 -7.13 50.67
C THR M 229 40.21 -5.89 50.50
N GLY M 230 39.77 -5.28 51.60
CA GLY M 230 38.92 -4.09 51.49
C GLY M 230 37.44 -4.42 51.45
N GLU M 231 37.10 -5.54 50.79
CA GLU M 231 35.73 -6.09 50.75
C GLU M 231 35.57 -7.14 51.87
N PHE M 232 36.70 -7.79 52.27
CA PHE M 232 36.70 -8.79 53.34
C PHE M 232 37.96 -8.79 54.22
N THR M 233 37.79 -9.28 55.46
CA THR M 233 38.84 -9.52 56.43
C THR M 233 38.72 -10.97 56.85
N PHE M 234 39.78 -11.73 56.59
CA PHE M 234 39.86 -13.13 56.94
C PHE M 234 40.83 -13.27 58.09
N THR M 235 40.41 -13.95 59.15
CA THR M 235 41.29 -14.22 60.29
C THR M 235 41.23 -15.70 60.62
N SER M 236 42.40 -16.32 60.77
CA SER M 236 42.49 -17.71 61.14
C SER M 236 43.46 -17.87 62.29
N LYS M 237 43.14 -18.77 63.22
CA LYS M 237 44.05 -19.17 64.28
C LYS M 237 45.17 -20.00 63.58
N LEU M 238 46.36 -20.09 64.18
CA LEU M 238 47.43 -20.88 63.60
C LEU M 238 47.53 -22.23 64.31
N VAL M 239 48.20 -23.20 63.68
CA VAL M 239 48.47 -24.49 64.31
C VAL M 239 49.61 -24.20 65.29
N ASP M 240 49.35 -24.44 66.58
CA ASP M 240 50.31 -24.19 67.65
C ASP M 240 51.35 -25.33 67.73
N GLY M 241 52.33 -25.26 66.84
CA GLY M 241 53.42 -26.22 66.77
C GLY M 241 54.53 -25.75 65.86
N LYS M 242 55.61 -26.54 65.80
CA LYS M 242 56.77 -26.26 64.95
C LYS M 242 56.73 -27.20 63.76
N PHE M 243 56.79 -26.65 62.55
CA PHE M 243 56.78 -27.45 61.32
C PHE M 243 58.11 -28.25 61.22
N PRO M 244 58.11 -29.51 60.73
CA PRO M 244 59.39 -30.26 60.62
C PRO M 244 60.42 -29.57 59.72
N ASP M 245 61.68 -29.97 59.88
CA ASP M 245 62.79 -29.46 59.08
C ASP M 245 62.73 -30.12 57.69
N TYR M 246 61.82 -29.62 56.85
CA TYR M 246 61.54 -30.09 55.49
C TYR M 246 62.78 -30.05 54.59
N GLU M 247 63.67 -29.06 54.79
CA GLU M 247 64.91 -28.92 54.01
C GLU M 247 65.77 -30.21 54.08
N ARG M 248 65.71 -30.93 55.22
CA ARG M 248 66.44 -32.19 55.43
C ARG M 248 65.90 -33.36 54.60
N VAL M 249 64.62 -33.31 54.19
CA VAL M 249 64.01 -34.41 53.40
C VAL M 249 63.94 -34.18 51.88
N LEU M 250 64.32 -32.99 51.42
CA LEU M 250 64.32 -32.69 49.98
C LEU M 250 65.47 -33.48 49.31
N PRO M 251 65.18 -34.27 48.24
CA PRO M 251 66.25 -35.05 47.58
C PRO M 251 67.23 -34.13 46.84
N ARG M 252 68.52 -34.28 47.13
CA ARG M 252 69.53 -33.38 46.59
C ARG M 252 70.30 -33.81 45.34
N GLY M 253 70.89 -34.97 45.39
CA GLY M 253 71.76 -35.34 44.28
C GLY M 253 71.17 -36.13 43.13
N GLY M 254 69.84 -36.03 42.90
CA GLY M 254 69.16 -36.78 41.84
C GLY M 254 69.89 -36.82 40.51
N ASP M 255 70.39 -37.99 40.14
CA ASP M 255 71.20 -38.22 38.95
C ASP M 255 70.44 -38.59 37.67
N LYS M 256 69.18 -38.98 37.80
CA LYS M 256 68.38 -39.41 36.65
C LYS M 256 67.34 -38.36 36.28
N LEU M 257 67.62 -37.59 35.21
CA LEU M 257 66.72 -36.54 34.75
C LEU M 257 65.80 -37.03 33.64
N VAL M 258 64.51 -37.04 33.92
CA VAL M 258 63.48 -37.48 32.97
C VAL M 258 62.63 -36.29 32.58
N VAL M 259 62.48 -36.06 31.27
CA VAL M 259 61.62 -35.01 30.73
C VAL M 259 60.54 -35.76 29.95
N GLY M 260 59.30 -35.56 30.36
CA GLY M 260 58.16 -36.20 29.70
C GLY M 260 57.05 -35.23 29.46
N ASP M 261 56.09 -35.65 28.63
CA ASP M 261 54.88 -34.86 28.36
C ASP M 261 53.92 -35.07 29.53
N ARG M 262 53.50 -33.97 30.18
CA ARG M 262 52.58 -34.00 31.32
C ARG M 262 51.28 -34.77 31.01
N GLN M 263 50.62 -34.45 29.87
CA GLN M 263 49.39 -35.10 29.44
C GLN M 263 49.56 -36.60 29.18
N GLN M 264 50.64 -36.99 28.46
CA GLN M 264 50.91 -38.39 28.15
C GLN M 264 51.13 -39.20 29.44
N LEU M 265 51.88 -38.64 30.38
CA LEU M 265 52.15 -39.30 31.65
C LEU M 265 50.89 -39.40 32.49
N ARG M 266 50.09 -38.29 32.55
CA ARG M 266 48.84 -38.29 33.30
C ARG M 266 47.85 -39.33 32.73
N GLU M 267 47.74 -39.40 31.38
CA GLU M 267 46.83 -40.36 30.71
C GLU M 267 47.24 -41.81 30.93
N ALA M 268 48.54 -42.11 30.82
CA ALA M 268 49.08 -43.45 31.07
C ALA M 268 48.93 -43.85 32.55
N PHE M 269 49.21 -42.91 33.49
CA PHE M 269 49.03 -43.17 34.92
C PHE M 269 47.55 -43.41 35.24
N SER M 270 46.63 -42.63 34.65
CA SER M 270 45.18 -42.80 34.85
C SER M 270 44.69 -44.17 34.35
N ARG M 271 45.14 -44.61 33.17
CA ARG M 271 44.75 -45.89 32.57
C ARG M 271 45.21 -47.05 33.44
N THR M 272 46.53 -47.05 33.83
CA THR M 272 47.10 -48.10 34.65
C THR M 272 46.50 -48.14 36.06
N ALA M 273 46.16 -46.97 36.63
CA ALA M 273 45.55 -46.83 37.97
C ALA M 273 44.27 -47.65 38.14
N ILE M 274 43.48 -47.78 37.07
CA ILE M 274 42.23 -48.56 37.05
C ILE M 274 42.48 -50.00 37.56
N LEU M 275 43.58 -50.60 37.15
CA LEU M 275 43.95 -51.95 37.55
C LEU M 275 44.97 -52.06 38.69
N SER M 276 45.22 -50.96 39.41
CA SER M 276 46.07 -50.97 40.59
C SER M 276 45.19 -51.33 41.80
N ASN M 277 45.80 -51.79 42.89
CA ASN M 277 45.13 -52.12 44.16
C ASN M 277 44.33 -50.88 44.62
N GLU M 278 43.03 -51.08 44.92
CA GLU M 278 42.14 -49.99 45.33
C GLU M 278 42.57 -49.24 46.60
N LYS M 279 43.22 -49.96 47.52
CA LYS M 279 43.72 -49.42 48.78
C LYS M 279 45.17 -48.90 48.65
N TYR M 280 46.08 -49.74 48.15
CA TYR M 280 47.51 -49.39 48.08
C TYR M 280 47.96 -48.58 46.86
N ARG M 281 47.19 -48.63 45.75
CA ARG M 281 47.40 -47.81 44.54
C ARG M 281 48.82 -47.86 43.93
N GLY M 282 49.49 -48.98 44.13
CA GLY M 282 50.86 -49.17 43.68
C GLY M 282 50.98 -49.48 42.20
N ILE M 283 51.94 -48.80 41.57
CA ILE M 283 52.32 -49.00 40.18
C ILE M 283 53.83 -49.22 40.14
N ARG M 284 54.30 -49.93 39.12
CA ARG M 284 55.71 -50.17 38.93
C ARG M 284 56.18 -49.41 37.70
N LEU M 285 57.26 -48.66 37.87
CA LEU M 285 57.91 -47.88 36.83
C LEU M 285 59.21 -48.56 36.44
N GLN M 286 59.44 -48.70 35.13
CA GLN M 286 60.68 -49.24 34.60
C GLN M 286 61.20 -48.22 33.62
N LEU M 287 62.21 -47.48 34.07
CA LEU M 287 62.85 -46.43 33.30
C LEU M 287 64.09 -46.97 32.61
N SER M 288 64.25 -46.60 31.33
CA SER M 288 65.38 -46.96 30.46
C SER M 288 65.48 -45.85 29.40
N ASN M 289 66.55 -45.87 28.57
CA ASN M 289 66.78 -44.88 27.52
C ASN M 289 65.55 -44.59 26.66
N GLY M 290 65.07 -43.35 26.76
CA GLY M 290 63.91 -42.85 26.03
C GLY M 290 62.57 -43.51 26.32
N LEU M 291 62.49 -44.32 27.38
CA LEU M 291 61.29 -45.08 27.67
C LEU M 291 60.91 -45.24 29.14
N LEU M 292 59.62 -45.07 29.42
CA LEU M 292 59.05 -45.33 30.74
C LEU M 292 57.95 -46.39 30.61
N LYS M 293 58.21 -47.58 31.17
CA LYS M 293 57.23 -48.68 31.16
C LYS M 293 56.49 -48.60 32.49
N ILE M 294 55.15 -48.64 32.43
CA ILE M 294 54.29 -48.56 33.60
C ILE M 294 53.48 -49.84 33.72
N GLN M 295 53.48 -50.44 34.92
CA GLN M 295 52.71 -51.64 35.16
C GLN M 295 51.92 -51.51 36.48
N ALA M 296 50.68 -52.03 36.47
CA ALA M 296 49.82 -52.07 37.64
C ALA M 296 49.07 -53.40 37.67
N ASN M 297 48.93 -53.95 38.89
CA ASN M 297 48.14 -55.17 39.11
C ASN M 297 47.39 -55.11 40.43
N ASN M 298 46.31 -55.89 40.53
CA ASN M 298 45.45 -55.89 41.71
C ASN M 298 45.31 -57.31 42.30
N PRO M 299 44.64 -57.50 43.47
CA PRO M 299 44.54 -58.87 44.03
C PRO M 299 43.81 -59.90 43.14
N GLU M 300 42.91 -59.45 42.25
CA GLU M 300 42.17 -60.31 41.29
C GLU M 300 43.05 -60.75 40.11
N GLN M 301 44.35 -60.36 40.14
CA GLN M 301 45.37 -60.64 39.11
C GLN M 301 45.11 -59.96 37.74
N GLU M 302 44.31 -58.88 37.76
CA GLU M 302 44.07 -58.03 36.60
C GLU M 302 45.32 -57.17 36.42
N GLU M 303 45.72 -56.91 35.16
CA GLU M 303 46.95 -56.18 34.91
C GLU M 303 46.86 -55.14 33.81
N ALA M 304 47.47 -53.97 34.05
CA ALA M 304 47.55 -52.89 33.08
C ALA M 304 49.03 -52.58 32.79
N GLU M 305 49.34 -52.38 31.50
CA GLU M 305 50.71 -52.09 31.04
C GLU M 305 50.68 -50.99 30.01
N GLU M 306 51.64 -50.08 30.11
CA GLU M 306 51.80 -48.99 29.17
C GLU M 306 53.25 -48.56 29.02
N GLU M 307 53.61 -48.09 27.82
CA GLU M 307 54.95 -47.62 27.50
C GLU M 307 54.82 -46.17 27.06
N VAL M 308 55.57 -45.27 27.71
CA VAL M 308 55.56 -43.85 27.41
C VAL M 308 56.95 -43.43 26.99
N GLN M 309 57.05 -42.75 25.83
CA GLN M 309 58.32 -42.21 25.35
C GLN M 309 58.66 -40.99 26.19
N VAL M 310 59.88 -40.95 26.73
CA VAL M 310 60.36 -39.86 27.59
C VAL M 310 61.77 -39.43 27.13
N GLU M 311 62.21 -38.22 27.54
CA GLU M 311 63.56 -37.75 27.24
C GLU M 311 64.39 -38.21 28.43
N TYR M 312 65.11 -39.31 28.25
CA TYR M 312 65.97 -39.89 29.28
C TYR M 312 67.14 -40.68 28.68
N ASN M 313 68.34 -40.40 29.18
CA ASN M 313 69.58 -41.08 28.82
C ASN M 313 70.31 -41.36 30.15
N GLY M 314 70.46 -42.63 30.46
CA GLY M 314 71.10 -43.06 31.69
C GLY M 314 70.84 -44.52 32.00
N GLY M 315 71.22 -44.93 33.19
CA GLY M 315 71.02 -46.29 33.65
C GLY M 315 69.57 -46.58 33.96
N ASN M 316 69.24 -47.88 33.94
CA ASN M 316 67.90 -48.36 34.21
C ASN M 316 67.51 -48.15 35.67
N LEU M 317 66.20 -48.01 35.88
CA LEU M 317 65.61 -47.87 37.20
C LEU M 317 64.24 -48.52 37.27
N GLU M 318 64.06 -49.40 38.25
CA GLU M 318 62.78 -50.02 38.56
C GLU M 318 62.38 -49.41 39.91
N ILE M 319 61.23 -48.74 39.94
CA ILE M 319 60.74 -48.05 41.14
C ILE M 319 59.21 -48.13 41.28
N GLY M 320 58.75 -48.30 42.52
CA GLY M 320 57.32 -48.36 42.83
C GLY M 320 56.81 -47.05 43.38
N PHE M 321 55.59 -46.68 42.99
CA PHE M 321 54.95 -45.46 43.47
C PHE M 321 53.46 -45.62 43.64
N ASN M 322 52.90 -44.80 44.54
CA ASN M 322 51.45 -44.69 44.70
C ASN M 322 51.04 -43.78 43.53
N VAL M 323 50.23 -44.34 42.58
CA VAL M 323 49.77 -43.65 41.36
C VAL M 323 48.95 -42.37 41.66
N SER M 324 48.13 -42.39 42.72
CA SER M 324 47.33 -41.23 43.14
C SER M 324 48.26 -40.06 43.54
N TYR M 325 49.39 -40.35 44.20
CA TYR M 325 50.37 -39.32 44.57
C TYR M 325 51.01 -38.69 43.33
N LEU M 326 51.29 -39.50 42.29
CA LEU M 326 51.85 -39.00 41.02
C LEU M 326 50.82 -38.18 40.24
N LEU M 327 49.56 -38.66 40.20
CA LEU M 327 48.46 -37.94 39.54
C LEU M 327 48.19 -36.58 40.23
N ASP M 328 48.29 -36.55 41.56
CA ASP M 328 48.13 -35.30 42.35
C ASP M 328 49.13 -34.25 41.93
N VAL M 329 50.40 -34.66 41.74
CA VAL M 329 51.49 -33.79 41.31
C VAL M 329 51.25 -33.29 39.87
N LEU M 330 50.93 -34.22 38.96
CA LEU M 330 50.70 -33.87 37.55
C LEU M 330 49.54 -32.89 37.37
N GLY M 331 48.54 -32.98 38.25
CA GLY M 331 47.36 -32.12 38.25
C GLY M 331 47.66 -30.67 38.60
N VAL M 332 48.85 -30.38 39.19
CA VAL M 332 49.26 -29.01 39.53
C VAL M 332 50.41 -28.47 38.67
N ILE M 333 50.99 -29.31 37.80
CA ILE M 333 52.05 -28.89 36.87
C ILE M 333 51.37 -28.07 35.75
N GLY M 334 51.77 -26.81 35.62
CA GLY M 334 51.18 -25.89 34.64
C GLY M 334 51.83 -25.87 33.28
N THR M 335 53.00 -26.52 33.14
CA THR M 335 53.71 -26.60 31.87
C THR M 335 53.35 -27.91 31.14
N GLU M 336 53.52 -27.87 29.84
CA GLU M 336 53.28 -28.97 28.89
C GLU M 336 54.24 -30.14 29.17
N GLN M 337 55.48 -29.82 29.53
CA GLN M 337 56.50 -30.80 29.90
C GLN M 337 56.69 -30.83 31.41
N VAL M 338 57.12 -31.98 31.93
CA VAL M 338 57.34 -32.20 33.33
C VAL M 338 58.70 -32.87 33.53
N ARG M 339 59.43 -32.41 34.55
CA ARG M 339 60.73 -32.97 34.91
C ARG M 339 60.61 -33.85 36.16
N PHE M 340 61.11 -35.08 36.05
CA PHE M 340 61.20 -36.04 37.14
C PHE M 340 62.69 -36.23 37.40
N ILE M 341 63.11 -36.08 38.64
CA ILE M 341 64.52 -36.23 39.00
C ILE M 341 64.55 -37.37 40.01
N LEU M 342 65.15 -38.47 39.62
CA LEU M 342 65.21 -39.68 40.42
C LEU M 342 66.65 -40.08 40.70
N SER M 343 66.84 -41.04 41.61
CA SER M 343 68.15 -41.60 41.94
C SER M 343 68.04 -43.13 41.99
N ASP M 344 67.61 -43.72 43.13
CA ASP M 344 67.45 -45.17 43.28
C ASP M 344 66.02 -45.57 43.67
N SER M 345 65.75 -46.89 43.74
CA SER M 345 64.42 -47.46 44.05
C SER M 345 63.89 -47.17 45.47
N ASN M 346 64.78 -46.79 46.40
CA ASN M 346 64.42 -46.50 47.79
C ASN M 346 64.31 -45.01 48.07
N SER M 347 64.65 -44.18 47.08
CA SER M 347 64.67 -42.72 47.22
C SER M 347 63.52 -42.03 46.50
N SER M 348 63.18 -40.85 47.02
CA SER M 348 62.13 -39.97 46.55
CA SER M 348 62.10 -40.04 46.52
C SER M 348 62.30 -39.51 45.10
N ALA M 349 61.18 -39.18 44.46
CA ALA M 349 61.16 -38.58 43.13
C ALA M 349 61.02 -37.10 43.41
N LEU M 350 61.75 -36.28 42.66
CA LEU M 350 61.66 -34.82 42.73
C LEU M 350 61.01 -34.40 41.42
N VAL M 351 59.94 -33.61 41.51
CA VAL M 351 59.17 -33.18 40.34
C VAL M 351 59.12 -31.66 40.24
N HIS M 352 59.33 -31.14 39.03
CA HIS M 352 59.28 -29.72 38.74
C HIS M 352 58.54 -29.48 37.44
N GLU M 353 58.16 -28.20 37.21
CA GLU M 353 57.64 -27.74 35.93
C GLU M 353 58.85 -27.73 34.98
N ALA M 354 58.60 -27.68 33.66
CA ALA M 354 59.66 -27.72 32.65
C ALA M 354 60.69 -26.60 32.70
N ASP M 355 60.21 -25.35 32.92
CA ASP M 355 61.04 -24.16 32.79
C ASP M 355 61.49 -23.44 34.06
N ASN M 356 61.12 -23.94 35.25
CA ASN M 356 61.48 -23.28 36.51
C ASN M 356 61.50 -24.25 37.69
N ASP M 357 62.19 -23.84 38.78
CA ASP M 357 62.31 -24.60 40.03
C ASP M 357 61.43 -24.02 41.17
N ASP M 358 60.57 -23.02 40.88
CA ASP M 358 59.70 -22.36 41.87
C ASP M 358 58.79 -23.35 42.62
N SER M 359 58.25 -24.36 41.90
CA SER M 359 57.47 -25.43 42.49
C SER M 359 58.34 -26.69 42.54
N ALA M 360 58.23 -27.44 43.65
CA ALA M 360 58.97 -28.67 43.86
C ALA M 360 58.09 -29.68 44.59
N TYR M 361 58.02 -30.90 44.06
CA TYR M 361 57.19 -31.98 44.58
C TYR M 361 58.02 -33.18 44.86
N VAL M 362 57.86 -33.71 46.06
CA VAL M 362 58.65 -34.84 46.54
C VAL M 362 57.69 -36.01 46.81
N VAL M 363 57.97 -37.18 46.22
CA VAL M 363 57.13 -38.34 46.44
C VAL M 363 58.02 -39.50 46.88
N MET M 364 57.79 -40.01 48.11
CA MET M 364 58.53 -41.19 48.56
C MET M 364 58.00 -42.41 47.79
N PRO M 365 58.90 -43.33 47.36
CA PRO M 365 58.43 -44.52 46.64
C PRO M 365 57.81 -45.57 47.57
N MET M 366 57.37 -46.66 46.95
CA MET M 366 56.81 -47.84 47.60
C MET M 366 57.79 -49.00 47.36
N ARG M 367 57.93 -49.91 48.35
CA ARG M 367 58.77 -51.08 48.16
C ARG M 367 58.03 -52.04 47.21
N LEU M 368 58.74 -52.50 46.16
CA LEU M 368 58.23 -53.41 45.14
C LEU M 368 58.34 -54.86 45.63
N GLN N 2 54.53 -48.37 50.98
CA GLN N 2 54.80 -46.93 51.08
C GLN N 2 55.88 -46.54 52.11
N ASP N 4 58.36 -43.52 54.12
CA ASP N 4 58.13 -42.24 54.79
C ASP N 4 59.25 -41.24 54.57
N LEU N 5 58.88 -39.96 54.54
CA LEU N 5 59.82 -38.83 54.39
C LEU N 5 60.70 -38.66 55.63
N HIS O 1 37.19 -68.12 22.80
CA HIS O 1 37.66 -67.93 21.41
C HIS O 1 37.20 -66.58 20.78
N MET O 2 36.27 -65.89 21.47
CA MET O 2 35.71 -64.59 21.09
C MET O 2 36.83 -63.56 20.84
N HIS O 3 36.75 -62.83 19.73
CA HIS O 3 37.72 -61.83 19.34
C HIS O 3 37.12 -60.84 18.37
N PHE O 4 37.39 -59.55 18.61
CA PHE O 4 36.91 -58.46 17.75
C PHE O 4 37.75 -57.19 17.91
N THR O 5 37.65 -56.30 16.90
CA THR O 5 38.26 -54.97 16.90
C THR O 5 37.13 -53.97 16.85
N ILE O 6 37.28 -52.84 17.54
CA ILE O 6 36.27 -51.79 17.63
C ILE O 6 36.92 -50.44 17.93
N GLN O 7 36.36 -49.37 17.35
CA GLN O 7 36.84 -48.01 17.61
C GLN O 7 36.37 -47.62 18.98
N ARG O 8 37.21 -46.87 19.72
CA ARG O 8 36.92 -46.39 21.07
C ARG O 8 35.48 -45.86 21.24
N GLU O 9 35.06 -44.92 20.38
CA GLU O 9 33.77 -44.24 20.44
C GLU O 9 32.60 -45.16 20.15
N ALA O 10 32.80 -46.13 19.22
CA ALA O 10 31.78 -47.12 18.86
C ALA O 10 31.48 -48.06 20.04
N LEU O 11 32.50 -48.41 20.85
CA LEU O 11 32.34 -49.27 22.02
C LEU O 11 31.81 -48.46 23.19
N LEU O 12 32.35 -47.24 23.40
CA LEU O 12 31.99 -46.37 24.50
C LEU O 12 30.51 -46.03 24.59
N LYS O 13 29.86 -45.68 23.46
CA LYS O 13 28.42 -45.33 23.46
C LYS O 13 27.53 -46.42 24.09
N PRO O 14 27.46 -47.68 23.56
CA PRO O 14 26.63 -48.69 24.23
C PRO O 14 27.14 -49.11 25.61
N LEU O 15 28.46 -49.12 25.82
CA LEU O 15 29.06 -49.48 27.10
C LEU O 15 28.62 -48.53 28.21
N GLN O 16 28.62 -47.21 27.93
CA GLN O 16 28.16 -46.20 28.91
C GLN O 16 26.67 -46.36 29.24
N LEU O 17 25.83 -46.64 28.22
CA LEU O 17 24.38 -46.83 28.42
C LEU O 17 24.11 -48.03 29.28
N VAL O 18 24.70 -49.18 28.92
CA VAL O 18 24.57 -50.47 29.59
C VAL O 18 25.11 -50.45 31.02
N ALA O 19 26.27 -49.77 31.27
CA ALA O 19 26.89 -49.64 32.59
C ALA O 19 26.01 -48.85 33.56
N GLY O 20 25.16 -47.97 33.02
CA GLY O 20 24.22 -47.15 33.79
C GLY O 20 23.18 -47.94 34.55
N VAL O 21 22.82 -49.15 34.06
CA VAL O 21 21.84 -50.01 34.74
C VAL O 21 22.54 -50.99 35.70
N VAL O 22 23.87 -51.14 35.54
CA VAL O 22 24.74 -52.01 36.35
C VAL O 22 24.98 -51.32 37.71
N GLU O 23 24.49 -51.92 38.79
CA GLU O 23 24.63 -51.38 40.15
C GLU O 23 25.13 -52.44 41.12
N GLN O 26 26.14 -54.77 44.07
CA GLN O 26 25.44 -55.94 43.55
C GLN O 26 25.61 -57.15 44.47
N THR O 27 24.54 -57.95 44.61
CA THR O 27 24.55 -59.17 45.44
C THR O 27 25.28 -60.28 44.68
N LEU O 28 24.73 -60.68 43.50
CA LEU O 28 25.31 -61.69 42.62
C LEU O 28 26.49 -61.02 41.87
N PRO O 29 27.70 -61.65 41.83
CA PRO O 29 28.85 -61.00 41.18
C PRO O 29 28.69 -60.72 39.69
N VAL O 30 28.00 -61.61 38.96
CA VAL O 30 27.76 -61.48 37.51
C VAL O 30 26.97 -60.21 37.16
N LEU O 31 26.12 -59.71 38.10
CA LEU O 31 25.30 -58.51 37.98
C LEU O 31 26.13 -57.24 37.80
N SER O 32 27.40 -57.26 38.26
CA SER O 32 28.35 -56.14 38.14
C SER O 32 29.02 -56.14 36.75
N ASN O 33 28.81 -57.23 36.00
CA ASN O 33 29.40 -57.44 34.70
C ASN O 33 28.51 -57.09 33.52
N VAL O 34 29.15 -56.74 32.42
CA VAL O 34 28.49 -56.51 31.15
C VAL O 34 28.63 -57.82 30.35
N LEU O 35 27.52 -58.31 29.78
CA LEU O 35 27.56 -59.50 28.92
C LEU O 35 27.97 -59.02 27.51
N LEU O 36 29.06 -59.58 26.98
CA LEU O 36 29.57 -59.30 25.64
C LEU O 36 29.27 -60.52 24.76
N VAL O 37 28.55 -60.32 23.65
CA VAL O 37 28.18 -61.41 22.73
C VAL O 37 28.55 -61.00 21.31
N VAL O 38 29.41 -61.80 20.67
CA VAL O 38 29.76 -61.61 19.27
C VAL O 38 29.04 -62.72 18.47
N GLU O 39 28.13 -62.31 17.57
CA GLU O 39 27.42 -63.21 16.68
C GLU O 39 27.56 -62.59 15.29
N GLY O 40 28.29 -63.27 14.40
CA GLY O 40 28.63 -62.76 13.08
C GLY O 40 29.39 -61.45 13.22
N GLN O 41 28.93 -60.40 12.51
CA GLN O 41 29.53 -59.07 12.54
C GLN O 41 28.82 -58.10 13.51
N GLN O 42 28.18 -58.66 14.56
CA GLN O 42 27.49 -57.88 15.56
C GLN O 42 27.97 -58.15 16.96
N LEU O 43 28.25 -57.06 17.70
CA LEU O 43 28.59 -57.10 19.12
C LEU O 43 27.37 -56.61 19.87
N SER O 44 26.93 -57.39 20.86
CA SER O 44 25.82 -57.02 21.75
C SER O 44 26.40 -56.85 23.16
N LEU O 45 25.97 -55.80 23.85
CA LEU O 45 26.40 -55.49 25.21
C LEU O 45 25.16 -55.47 26.09
N THR O 46 25.13 -56.30 27.14
CA THR O 46 23.97 -56.40 28.01
C THR O 46 24.32 -56.11 29.47
N GLY O 47 23.49 -55.27 30.08
CA GLY O 47 23.55 -54.92 31.49
C GLY O 47 22.18 -55.14 32.10
N THR O 48 22.15 -55.60 33.35
CA THR O 48 20.90 -55.86 34.08
C THR O 48 21.05 -55.71 35.59
N ASP O 49 19.91 -55.46 36.27
CA ASP O 49 19.83 -55.40 37.74
C ASP O 49 18.71 -56.36 38.15
N LEU O 50 18.27 -57.22 37.19
CA LEU O 50 17.18 -58.20 37.27
C LEU O 50 15.76 -57.60 37.10
N GLU O 51 15.61 -56.28 37.29
CA GLU O 51 14.33 -55.57 37.12
C GLU O 51 14.31 -55.00 35.67
N VAL O 52 15.41 -54.33 35.29
CA VAL O 52 15.61 -53.75 33.96
C VAL O 52 16.79 -54.43 33.26
N GLU O 53 16.72 -54.50 31.93
CA GLU O 53 17.77 -55.07 31.11
C GLU O 53 17.97 -54.11 29.95
N LEU O 54 19.22 -53.74 29.71
CA LEU O 54 19.57 -52.86 28.62
C LEU O 54 20.55 -53.54 27.69
N VAL O 55 20.24 -53.52 26.39
CA VAL O 55 21.06 -54.15 25.35
C VAL O 55 21.48 -53.11 24.33
N GLY O 56 22.78 -53.00 24.11
CA GLY O 56 23.36 -52.12 23.11
C GLY O 56 23.96 -52.96 21.99
N ARG O 57 23.84 -52.52 20.74
CA ARG O 57 24.35 -53.23 19.58
C ARG O 57 25.27 -52.38 18.76
N VAL O 58 26.35 -52.99 18.25
CA VAL O 58 27.37 -52.37 17.39
C VAL O 58 27.67 -53.30 16.23
N VAL O 59 27.76 -52.74 15.02
CA VAL O 59 28.15 -53.49 13.82
C VAL O 59 29.69 -53.49 13.83
N LEU O 60 30.31 -54.68 13.70
CA LEU O 60 31.76 -54.84 13.69
C LEU O 60 32.27 -54.80 12.25
N GLU O 61 33.24 -53.91 11.98
CA GLU O 61 33.83 -53.72 10.65
C GLU O 61 34.79 -54.85 10.23
N ASP O 62 35.88 -55.05 10.98
CA ASP O 62 36.88 -56.08 10.66
C ASP O 62 36.38 -57.46 11.11
N ALA O 63 37.01 -58.54 10.58
CA ALA O 63 36.64 -59.93 10.88
C ALA O 63 36.62 -60.20 12.40
N ALA O 64 35.53 -60.78 12.87
CA ALA O 64 35.31 -61.09 14.29
C ALA O 64 35.02 -62.57 14.50
N GLU O 65 35.52 -63.11 15.61
CA GLU O 65 35.29 -64.51 15.99
C GLU O 65 34.21 -64.57 17.06
N PRO O 66 33.21 -65.47 16.89
CA PRO O 66 32.08 -65.47 17.82
C PRO O 66 32.39 -65.97 19.22
N GLY O 67 31.49 -65.63 20.12
CA GLY O 67 31.60 -66.02 21.52
C GLY O 67 30.84 -65.12 22.45
N GLU O 68 30.86 -65.50 23.72
CA GLU O 68 30.22 -64.74 24.78
C GLU O 68 31.02 -64.82 26.07
N ILE O 69 31.01 -63.70 26.81
CA ILE O 69 31.73 -63.56 28.07
C ILE O 69 31.14 -62.39 28.86
N THR O 70 31.43 -62.35 30.17
CA THR O 70 31.00 -61.23 31.01
C THR O 70 32.26 -60.66 31.61
N VAL O 71 32.33 -59.34 31.72
CA VAL O 71 33.50 -58.61 32.25
C VAL O 71 33.04 -57.47 33.17
N PRO O 72 33.84 -57.03 34.19
CA PRO O 72 33.41 -55.88 35.03
C PRO O 72 33.05 -54.68 34.16
N ALA O 73 31.76 -54.28 34.21
CA ALA O 73 31.21 -53.21 33.38
C ALA O 73 31.89 -51.84 33.59
N ARG O 74 32.00 -51.39 34.86
CA ARG O 74 32.62 -50.10 35.20
C ARG O 74 34.10 -50.06 34.81
N LYS O 75 34.85 -51.14 35.09
CA LYS O 75 36.28 -51.23 34.71
C LYS O 75 36.48 -51.11 33.21
N LEU O 76 35.70 -51.88 32.39
CA LEU O 76 35.83 -51.82 30.94
C LEU O 76 35.45 -50.45 30.40
N MET O 77 34.38 -49.84 30.94
CA MET O 77 33.95 -48.50 30.55
C MET O 77 35.05 -47.46 30.87
N ASP O 78 35.63 -47.52 32.09
CA ASP O 78 36.71 -46.62 32.53
C ASP O 78 37.96 -46.74 31.67
N ILE O 79 38.32 -47.97 31.27
CA ILE O 79 39.46 -48.24 30.38
C ILE O 79 39.13 -47.59 29.00
N CYS O 80 37.93 -47.89 28.45
CA CYS O 80 37.47 -47.35 27.16
C CYS O 80 37.49 -45.82 27.14
N LYS O 81 36.91 -45.16 28.18
CA LYS O 81 36.88 -43.70 28.32
C LYS O 81 38.29 -43.08 28.40
N SER O 82 39.21 -43.75 29.13
CA SER O 82 40.58 -43.30 29.34
C SER O 82 41.52 -43.47 28.12
N LEU O 83 41.12 -44.30 27.14
CA LEU O 83 41.93 -44.54 25.94
C LEU O 83 41.98 -43.32 25.02
N PRO O 84 43.07 -43.10 24.23
CA PRO O 84 43.10 -41.93 23.32
C PRO O 84 41.96 -41.93 22.30
N ASN O 85 41.44 -40.73 21.98
CA ASN O 85 40.35 -40.54 21.03
C ASN O 85 40.61 -41.24 19.70
N ASP O 86 39.60 -41.98 19.23
CA ASP O 86 39.59 -42.70 17.94
C ASP O 86 40.50 -43.92 17.79
N VAL O 87 41.06 -44.44 18.90
CA VAL O 87 41.94 -45.60 18.88
C VAL O 87 41.14 -46.90 18.55
N LEU O 88 41.78 -47.82 17.84
CA LEU O 88 41.21 -49.13 17.53
C LEU O 88 41.53 -50.07 18.70
N ILE O 89 40.50 -50.68 19.28
CA ILE O 89 40.67 -51.58 20.42
C ILE O 89 40.55 -53.02 19.97
N ASP O 90 41.54 -53.85 20.33
CA ASP O 90 41.52 -55.27 20.05
C ASP O 90 41.10 -55.99 21.35
N ILE O 91 40.00 -56.75 21.28
CA ILE O 91 39.45 -57.46 22.44
C ILE O 91 39.36 -58.95 22.15
N ARG O 92 39.97 -59.77 23.04
CA ARG O 92 39.88 -61.22 22.91
C ARG O 92 39.80 -61.92 24.26
N VAL O 93 39.19 -63.11 24.28
CA VAL O 93 39.08 -63.96 25.46
C VAL O 93 40.20 -64.99 25.40
N GLU O 94 41.00 -65.07 26.47
CA GLU O 94 42.12 -66.02 26.55
C GLU O 94 42.25 -66.57 27.97
N GLU O 95 41.98 -67.88 28.15
CA GLU O 95 42.06 -68.61 29.43
C GLU O 95 41.27 -67.90 30.55
N GLN O 96 39.95 -67.66 30.32
CA GLN O 96 39.03 -67.00 31.27
C GLN O 96 39.40 -65.55 31.63
N LYS O 97 40.18 -64.87 30.74
CA LYS O 97 40.58 -63.50 30.94
C LYS O 97 40.27 -62.69 29.70
N LEU O 98 39.90 -61.41 29.88
CA LEU O 98 39.66 -60.52 28.75
C LEU O 98 40.93 -59.72 28.48
N LEU O 99 41.46 -59.86 27.25
CA LEU O 99 42.68 -59.20 26.81
C LEU O 99 42.31 -58.01 25.95
N VAL O 100 42.69 -56.81 26.42
CA VAL O 100 42.38 -55.55 25.75
C VAL O 100 43.70 -54.93 25.29
N LYS O 101 43.80 -54.62 23.99
CA LYS O 101 44.99 -53.97 23.40
C LYS O 101 44.54 -52.74 22.61
N ALA O 102 45.18 -51.59 22.85
CA ALA O 102 44.89 -50.35 22.14
C ALA O 102 46.13 -49.49 22.15
N GLY O 103 46.73 -49.35 20.98
CA GLY O 103 47.99 -48.63 20.81
C GLY O 103 49.08 -49.32 21.60
N ARG O 104 49.74 -48.57 22.49
CA ARG O 104 50.78 -49.09 23.35
C ARG O 104 50.25 -49.53 24.75
N SER O 105 48.91 -49.55 24.92
CA SER O 105 48.25 -49.94 26.17
C SER O 105 47.73 -51.39 26.11
N ARG O 106 47.94 -52.13 27.21
CA ARG O 106 47.52 -53.53 27.37
C ARG O 106 46.80 -53.67 28.70
N PHE O 107 45.66 -54.38 28.69
CA PHE O 107 44.84 -54.63 29.88
C PHE O 107 44.39 -56.09 29.92
N THR O 108 44.43 -56.69 31.11
CA THR O 108 43.93 -58.03 31.37
C THR O 108 42.85 -57.92 32.44
N LEU O 109 41.61 -58.29 32.10
CA LEU O 109 40.46 -58.24 33.02
C LEU O 109 39.98 -59.63 33.39
N SER O 110 39.49 -59.78 34.63
CA SER O 110 38.90 -61.03 35.10
C SER O 110 37.52 -61.18 34.42
N THR O 111 37.06 -62.41 34.25
CA THR O 111 35.75 -62.65 33.61
C THR O 111 34.86 -63.59 34.46
N LEU O 112 33.59 -63.68 34.12
CA LEU O 112 32.62 -64.63 34.69
C LEU O 112 31.88 -65.25 33.50
N PRO O 113 31.61 -66.58 33.53
CA PRO O 113 30.96 -67.23 32.37
C PRO O 113 29.63 -66.59 31.95
N ALA O 114 29.43 -66.47 30.64
CA ALA O 114 28.22 -65.91 30.05
C ALA O 114 26.98 -66.77 30.33
N ASN O 115 27.17 -68.08 30.53
CA ASN O 115 26.06 -69.00 30.86
C ASN O 115 25.41 -68.67 32.22
N ASP O 116 26.14 -67.94 33.10
CA ASP O 116 25.74 -67.49 34.44
C ASP O 116 25.03 -66.12 34.41
N PHE O 117 25.02 -65.46 33.24
CA PHE O 117 24.33 -64.17 33.06
C PHE O 117 22.80 -64.38 32.94
N PRO O 118 22.00 -63.64 33.74
CA PRO O 118 20.52 -63.81 33.69
C PRO O 118 19.79 -62.99 32.61
N THR O 119 18.44 -63.00 32.63
CA THR O 119 17.64 -62.16 31.71
C THR O 119 16.34 -61.63 32.38
N VAL O 120 15.72 -60.59 31.78
CA VAL O 120 14.41 -60.08 32.20
C VAL O 120 13.46 -60.82 31.24
N GLU O 121 12.69 -61.79 31.79
CA GLU O 121 11.77 -62.65 31.07
C GLU O 121 10.74 -61.89 30.24
N GLU O 122 10.71 -62.23 28.96
CA GLU O 122 9.89 -61.61 27.96
C GLU O 122 8.81 -62.57 27.53
N GLY O 123 7.58 -62.18 27.81
CA GLY O 123 6.43 -62.96 27.41
C GLY O 123 5.86 -62.45 26.10
N PRO O 124 4.77 -63.07 25.61
CA PRO O 124 4.15 -62.59 24.37
C PRO O 124 3.57 -61.19 24.54
N GLY O 125 3.72 -60.36 23.50
CA GLY O 125 3.15 -59.03 23.53
C GLY O 125 1.64 -59.04 23.39
N SER O 126 0.97 -58.19 24.17
CA SER O 126 -0.51 -58.05 24.10
C SER O 126 -0.76 -56.88 23.13
N LEU O 127 0.13 -55.89 23.16
CA LEU O 127 0.06 -54.69 22.34
C LEU O 127 1.46 -54.25 21.91
N ASN O 128 1.59 -53.83 20.66
CA ASN O 128 2.85 -53.32 20.15
C ASN O 128 2.62 -52.19 19.17
N PHE O 129 3.32 -51.09 19.39
CA PHE O 129 3.17 -49.87 18.60
C PHE O 129 4.50 -49.11 18.52
N SER O 130 4.59 -48.16 17.59
CA SER O 130 5.74 -47.28 17.43
C SER O 130 5.32 -45.88 17.83
N ILE O 131 6.22 -45.11 18.44
CA ILE O 131 5.97 -43.74 18.91
C ILE O 131 7.25 -42.89 18.89
N ALA O 132 7.09 -41.56 18.67
CA ALA O 132 8.20 -40.60 18.72
C ALA O 132 8.80 -40.65 20.13
N GLN O 133 10.14 -40.72 20.24
CA GLN O 133 10.86 -40.77 21.50
C GLN O 133 10.53 -39.57 22.37
N SER O 134 10.42 -38.40 21.72
CA SER O 134 10.10 -37.10 22.31
C SER O 134 8.74 -37.11 23.01
N LYS O 135 7.72 -37.75 22.39
CA LYS O 135 6.36 -37.83 22.94
C LYS O 135 6.35 -38.73 24.18
N LEU O 136 7.05 -39.89 24.12
CA LEU O 136 7.12 -40.79 25.26
C LEU O 136 7.90 -40.16 26.42
N ARG O 137 9.04 -39.49 26.13
CA ARG O 137 9.87 -38.83 27.14
C ARG O 137 9.08 -37.74 27.88
N ARG O 138 8.26 -36.97 27.12
CA ARG O 138 7.40 -35.91 27.64
C ARG O 138 6.42 -36.48 28.66
N LEU O 139 5.78 -37.64 28.32
CA LEU O 139 4.82 -38.30 29.21
C LEU O 139 5.46 -38.66 30.56
N ILE O 140 6.69 -39.18 30.53
CA ILE O 140 7.44 -39.56 31.72
C ILE O 140 7.91 -38.33 32.50
N ASP O 141 8.61 -37.40 31.84
CA ASP O 141 9.17 -36.21 32.49
C ASP O 141 8.12 -35.25 33.05
N ARG O 142 6.93 -35.20 32.44
CA ARG O 142 5.87 -34.33 32.96
C ARG O 142 5.19 -34.92 34.20
N THR O 143 5.43 -36.20 34.53
CA THR O 143 4.74 -36.86 35.64
C THR O 143 5.58 -37.58 36.69
N SER O 144 6.83 -37.95 36.37
CA SER O 144 7.69 -38.78 37.22
C SER O 144 7.89 -38.38 38.67
N PHE O 145 7.89 -37.06 38.96
CA PHE O 145 8.06 -36.53 40.33
C PHE O 145 6.93 -36.98 41.28
N ALA O 146 5.74 -37.31 40.74
CA ALA O 146 4.59 -37.66 41.57
C ALA O 146 4.55 -39.11 42.01
N MET O 147 5.45 -39.96 41.46
CA MET O 147 5.47 -41.40 41.83
C MET O 147 5.82 -41.54 43.31
N ALA O 148 5.28 -42.57 43.94
CA ALA O 148 5.66 -42.86 45.32
C ALA O 148 7.04 -43.57 45.28
N GLN O 149 7.73 -43.57 46.42
CA GLN O 149 9.02 -44.24 46.60
C GLN O 149 8.89 -45.05 47.90
N GLN O 150 9.05 -46.37 47.78
CA GLN O 150 8.98 -47.32 48.90
C GLN O 150 7.66 -47.29 49.70
N ASP O 151 6.54 -46.88 49.07
CA ASP O 151 5.22 -46.87 49.72
C ASP O 151 4.79 -48.32 49.90
N VAL O 152 4.08 -48.61 51.00
CA VAL O 152 3.56 -49.94 51.30
C VAL O 152 2.57 -50.39 50.19
N ARG O 153 1.87 -49.41 49.55
CA ARG O 153 0.99 -49.62 48.40
C ARG O 153 1.98 -49.66 47.22
N TYR O 154 2.56 -50.86 46.99
CA TYR O 154 3.62 -51.16 46.01
C TYR O 154 3.30 -50.72 44.57
N TYR O 155 2.01 -50.73 44.20
CA TYR O 155 1.50 -50.35 42.87
C TYR O 155 1.66 -48.84 42.58
N LEU O 156 1.99 -48.03 43.60
CA LEU O 156 2.22 -46.59 43.48
C LEU O 156 3.69 -46.26 43.24
N ASN O 157 4.58 -47.24 43.48
CA ASN O 157 6.04 -47.08 43.31
C ASN O 157 6.44 -47.27 41.85
N GLY O 158 5.78 -46.51 41.00
CA GLY O 158 5.98 -46.55 39.56
C GLY O 158 4.98 -45.68 38.82
N MET O 159 4.93 -45.91 37.51
CA MET O 159 4.10 -45.11 36.63
C MET O 159 3.14 -45.95 35.83
N LEU O 160 1.89 -45.51 35.80
CA LEU O 160 0.88 -46.10 34.96
C LEU O 160 1.09 -45.58 33.53
N LEU O 161 1.13 -46.52 32.57
CA LEU O 161 1.13 -46.24 31.13
C LEU O 161 -0.14 -46.87 30.62
N GLU O 162 -1.03 -46.04 30.07
CA GLU O 162 -2.34 -46.49 29.65
C GLU O 162 -2.64 -46.14 28.20
N VAL O 163 -3.11 -47.14 27.44
CA VAL O 163 -3.54 -46.95 26.06
C VAL O 163 -5.08 -47.05 26.08
N ASN O 164 -5.75 -46.01 25.60
CA ASN O 164 -7.21 -45.96 25.61
C ASN O 164 -7.71 -45.10 24.44
N GLY O 165 -8.51 -45.73 23.57
CA GLY O 165 -9.07 -45.07 22.39
C GLY O 165 -8.08 -45.07 21.24
N GLY O 166 -6.96 -44.43 21.49
CA GLY O 166 -5.80 -44.25 20.60
C GLY O 166 -4.78 -43.40 21.33
N THR O 167 -5.19 -42.86 22.51
CA THR O 167 -4.38 -42.01 23.39
C THR O 167 -3.42 -42.85 24.25
N LEU O 168 -2.20 -42.32 24.47
CA LEU O 168 -1.24 -42.87 25.39
C LEU O 168 -1.18 -41.88 26.56
N ARG O 169 -1.34 -42.39 27.77
CA ARG O 169 -1.40 -41.58 28.96
C ARG O 169 -0.51 -42.14 30.06
N SER O 170 0.18 -41.23 30.78
CA SER O 170 0.99 -41.56 31.93
C SER O 170 0.28 -41.01 33.17
N VAL O 171 0.27 -41.81 34.25
CA VAL O 171 -0.28 -41.39 35.55
C VAL O 171 0.72 -41.81 36.65
N ALA O 172 1.06 -40.86 37.53
CA ALA O 172 1.92 -41.07 38.69
C ALA O 172 1.25 -40.42 39.91
N THR O 173 1.30 -41.13 41.06
CA THR O 173 0.70 -40.66 42.30
C THR O 173 1.35 -41.31 43.52
N ASP O 174 1.33 -40.57 44.64
CA ASP O 174 1.85 -41.06 45.92
C ASP O 174 0.74 -41.05 47.00
N GLY O 175 -0.51 -40.78 46.58
CA GLY O 175 -1.67 -40.70 47.46
C GLY O 175 -2.00 -39.31 47.96
N HIS O 176 -1.04 -38.38 47.88
CA HIS O 176 -1.24 -36.98 48.28
C HIS O 176 -1.40 -36.09 47.04
N ARG O 177 -0.68 -36.42 45.98
CA ARG O 177 -0.67 -35.66 44.74
C ARG O 177 -0.59 -36.60 43.57
N LEU O 178 -1.01 -36.12 42.40
CA LEU O 178 -1.03 -36.89 41.19
C LEU O 178 -0.58 -36.04 40.01
N ALA O 179 0.11 -36.67 39.07
CA ALA O 179 0.51 -36.04 37.81
C ALA O 179 0.04 -36.96 36.67
N MET O 180 -0.52 -36.37 35.64
CA MET O 180 -0.97 -37.11 34.47
C MET O 180 -0.71 -36.32 33.18
N CYS O 181 -0.38 -37.05 32.10
CA CYS O 181 -0.14 -36.45 30.81
C CYS O 181 -0.72 -37.35 29.73
N SER O 182 -1.48 -36.77 28.78
CA SER O 182 -2.13 -37.52 27.70
C SER O 182 -1.71 -37.00 26.35
N LEU O 183 -1.46 -37.91 25.40
CA LEU O 183 -1.06 -37.57 24.02
C LEU O 183 -1.78 -38.49 23.05
N ASP O 184 -2.43 -37.90 22.02
CA ASP O 184 -3.16 -38.72 21.04
C ASP O 184 -2.25 -39.32 19.99
N ALA O 185 -1.69 -40.49 20.32
CA ALA O 185 -0.73 -41.24 19.51
C ALA O 185 -1.34 -42.15 18.42
N GLN O 186 -2.68 -42.24 18.37
CA GLN O 186 -3.45 -43.06 17.43
C GLN O 186 -3.05 -44.56 17.42
N ILE O 187 -2.95 -45.16 18.63
CA ILE O 187 -2.60 -46.56 18.88
C ILE O 187 -3.89 -47.42 18.86
N PRO O 188 -4.07 -48.36 17.91
CA PRO O 188 -5.27 -49.22 17.95
C PRO O 188 -5.17 -50.21 19.12
N SER O 189 -6.22 -50.30 19.96
CA SER O 189 -6.21 -51.19 21.12
C SER O 189 -7.46 -52.06 21.32
N GLN O 190 -8.64 -51.62 20.82
CA GLN O 190 -9.93 -52.32 20.96
C GLN O 190 -10.48 -52.35 22.40
N ASP O 191 -9.63 -52.08 23.41
CA ASP O 191 -9.96 -52.00 24.83
C ASP O 191 -8.87 -51.21 25.58
N ARG O 192 -9.23 -50.64 26.74
CA ARG O 192 -8.28 -49.92 27.58
C ARG O 192 -7.21 -50.90 28.11
N HIS O 193 -5.93 -50.58 27.87
CA HIS O 193 -4.81 -51.40 28.33
C HIS O 193 -3.91 -50.59 29.28
N GLN O 194 -3.64 -51.16 30.46
CA GLN O 194 -2.82 -50.53 31.49
C GLN O 194 -1.64 -51.38 31.89
N VAL O 195 -0.49 -50.74 32.12
CA VAL O 195 0.74 -51.36 32.65
C VAL O 195 1.31 -50.43 33.73
N ILE O 196 1.90 -51.01 34.79
CA ILE O 196 2.58 -50.20 35.79
C ILE O 196 4.08 -50.49 35.65
N VAL O 197 4.84 -49.47 35.24
CA VAL O 197 6.29 -49.57 35.09
C VAL O 197 6.95 -49.16 36.41
N PRO O 198 7.83 -50.01 37.00
CA PRO O 198 8.50 -49.63 38.27
C PRO O 198 9.26 -48.32 38.14
N ARG O 199 9.28 -47.55 39.22
CA ARG O 199 9.92 -46.24 39.26
C ARG O 199 11.35 -46.17 38.71
N LYS O 200 12.22 -47.12 39.10
CA LYS O 200 13.61 -47.15 38.63
C LYS O 200 13.69 -47.35 37.12
N GLY O 201 12.86 -48.27 36.60
CA GLY O 201 12.77 -48.58 35.18
C GLY O 201 12.30 -47.44 34.31
N ILE O 202 11.19 -46.79 34.72
CA ILE O 202 10.64 -45.66 33.97
C ILE O 202 11.60 -44.45 33.92
N LEU O 203 12.32 -44.18 35.04
CA LEU O 203 13.27 -43.07 35.11
C LEU O 203 14.48 -43.34 34.20
N GLU O 204 14.92 -44.60 34.15
CA GLU O 204 16.01 -45.03 33.30
C GLU O 204 15.60 -44.87 31.84
N LEU O 205 14.39 -45.36 31.47
CA LEU O 205 13.86 -45.26 30.11
C LEU O 205 13.81 -43.80 29.62
N ALA O 206 13.30 -42.86 30.43
CA ALA O 206 13.22 -41.44 30.07
C ALA O 206 14.58 -40.86 29.73
N ARG O 207 15.62 -41.22 30.51
CA ARG O 207 16.99 -40.77 30.31
C ARG O 207 17.58 -41.32 29.01
N LEU O 208 17.15 -42.54 28.61
CA LEU O 208 17.60 -43.19 27.38
C LEU O 208 16.96 -42.57 26.12
N LEU O 209 15.76 -41.95 26.24
CA LEU O 209 15.04 -41.36 25.10
C LEU O 209 15.60 -39.98 24.70
N THR O 210 16.86 -39.98 24.23
CA THR O 210 17.63 -38.78 23.84
C THR O 210 17.41 -38.30 22.39
N GLU O 211 16.97 -39.21 21.48
CA GLU O 211 16.76 -38.85 20.09
C GLU O 211 15.53 -37.97 19.92
N GLN O 212 15.78 -36.64 19.87
CA GLN O 212 14.78 -35.58 19.69
C GLN O 212 13.96 -35.80 18.43
N ASP O 213 14.57 -36.38 17.39
CA ASP O 213 13.93 -36.68 16.11
C ASP O 213 13.55 -38.18 15.96
N GLY O 214 14.09 -39.04 16.81
CA GLY O 214 13.92 -40.49 16.75
C GLY O 214 12.59 -41.12 17.13
N GLU O 215 12.42 -42.40 16.77
CA GLU O 215 11.24 -43.24 17.03
C GLU O 215 11.62 -44.40 17.98
N VAL O 216 10.64 -44.90 18.75
CA VAL O 216 10.80 -46.03 19.67
C VAL O 216 9.67 -47.06 19.48
N GLY O 217 10.05 -48.32 19.35
CA GLY O 217 9.10 -49.42 19.22
C GLY O 217 8.76 -49.91 20.62
N ILE O 218 7.47 -49.97 20.96
CA ILE O 218 7.01 -50.38 22.29
C ILE O 218 6.27 -51.69 22.21
N VAL O 219 6.55 -52.58 23.18
CA VAL O 219 5.81 -53.84 23.34
C VAL O 219 5.29 -53.86 24.78
N LEU O 220 3.98 -54.00 24.93
CA LEU O 220 3.34 -54.16 26.24
C LEU O 220 2.96 -55.63 26.36
N GLY O 221 3.55 -56.30 27.34
CA GLY O 221 3.26 -57.69 27.66
C GLY O 221 2.54 -57.76 28.98
N GLN O 222 2.16 -58.98 29.40
CA GLN O 222 1.47 -59.18 30.68
C GLN O 222 2.37 -58.89 31.88
N HIS O 223 3.69 -59.16 31.74
CA HIS O 223 4.67 -58.95 32.83
C HIS O 223 5.88 -58.14 32.44
N HIS O 224 5.89 -57.56 31.23
CA HIS O 224 7.03 -56.77 30.81
C HIS O 224 6.64 -55.63 29.88
N ILE O 225 7.57 -54.68 29.74
CA ILE O 225 7.54 -53.60 28.78
C ILE O 225 8.87 -53.64 28.03
N ARG O 226 8.82 -53.47 26.72
CA ARG O 226 10.01 -53.44 25.89
C ARG O 226 10.03 -52.18 25.04
N ALA O 227 11.17 -51.47 25.02
CA ALA O 227 11.38 -50.26 24.22
C ALA O 227 12.62 -50.49 23.36
N THR O 228 12.47 -50.40 22.02
CA THR O 228 13.54 -50.63 21.04
C THR O 228 13.79 -49.39 20.19
N THR O 229 15.05 -48.97 20.04
CA THR O 229 15.45 -47.80 19.21
C THR O 229 16.46 -48.15 18.08
N GLY O 230 16.76 -49.44 17.91
CA GLY O 230 17.71 -49.84 16.88
C GLY O 230 19.14 -49.86 17.36
N GLU O 231 19.50 -48.89 18.23
CA GLU O 231 20.80 -48.81 18.90
C GLU O 231 20.71 -49.51 20.27
N PHE O 232 19.49 -49.54 20.88
CA PHE O 232 19.25 -50.19 22.18
C PHE O 232 17.90 -50.89 22.31
N THR O 233 17.85 -51.91 23.19
CA THR O 233 16.65 -52.63 23.60
C THR O 233 16.57 -52.53 25.11
N PHE O 234 15.50 -51.91 25.59
CA PHE O 234 15.25 -51.74 27.01
C PHE O 234 14.11 -52.69 27.37
N THR O 235 14.30 -53.48 28.42
CA THR O 235 13.26 -54.36 28.95
C THR O 235 13.14 -54.15 30.44
N SER O 236 11.90 -53.98 30.91
CA SER O 236 11.62 -53.85 32.32
C SER O 236 10.49 -54.80 32.70
N LYS O 237 10.59 -55.39 33.89
CA LYS O 237 9.50 -56.15 34.48
C LYS O 237 8.41 -55.11 34.88
N LEU O 238 7.16 -55.54 35.00
CA LEU O 238 6.09 -54.61 35.41
C LEU O 238 5.77 -54.80 36.88
N VAL O 239 5.06 -53.82 37.48
CA VAL O 239 4.59 -53.92 38.85
C VAL O 239 3.34 -54.78 38.77
N ASP O 240 3.38 -55.92 39.43
CA ASP O 240 2.29 -56.89 39.42
C ASP O 240 1.18 -56.50 40.37
N GLY O 241 0.29 -55.65 39.88
CA GLY O 241 -0.86 -55.16 40.64
C GLY O 241 -1.80 -54.32 39.78
N LYS O 242 -2.88 -53.85 40.40
CA LYS O 242 -3.90 -53.01 39.74
C LYS O 242 -3.74 -51.58 40.22
N PHE O 243 -3.60 -50.65 39.27
CA PHE O 243 -3.45 -49.24 39.59
C PHE O 243 -4.81 -48.70 40.10
N PRO O 244 -4.84 -47.77 41.08
CA PRO O 244 -6.14 -47.25 41.54
C PRO O 244 -6.95 -46.55 40.44
N ASP O 245 -8.26 -46.42 40.67
CA ASP O 245 -9.20 -45.75 39.76
C ASP O 245 -9.00 -44.24 39.90
N TYR O 246 -7.92 -43.74 39.26
CA TYR O 246 -7.50 -42.33 39.29
C TYR O 246 -8.60 -41.38 38.77
N GLU O 247 -9.39 -41.83 37.78
CA GLU O 247 -10.49 -41.03 37.20
C GLU O 247 -11.49 -40.57 38.27
N ARG O 248 -11.70 -41.39 39.32
CA ARG O 248 -12.59 -41.05 40.44
C ARG O 248 -12.06 -39.93 41.35
N VAL O 249 -10.73 -39.73 41.41
CA VAL O 249 -10.11 -38.71 42.26
C VAL O 249 -9.79 -37.36 41.58
N LEU O 250 -9.95 -37.29 40.23
CA LEU O 250 -9.70 -36.07 39.48
C LEU O 250 -10.78 -35.04 39.81
N PRO O 251 -10.41 -33.81 40.26
CA PRO O 251 -11.45 -32.81 40.61
C PRO O 251 -12.20 -32.29 39.38
N ARG O 252 -13.53 -32.34 39.43
CA ARG O 252 -14.33 -31.98 38.25
C ARG O 252 -14.99 -30.63 38.21
N GLY O 253 -15.67 -30.26 39.27
CA GLY O 253 -16.45 -29.03 39.24
C GLY O 253 -15.76 -27.75 39.68
N GLY O 254 -14.42 -27.70 39.63
CA GLY O 254 -13.64 -26.54 40.06
C GLY O 254 -14.16 -25.20 39.57
N ASP O 255 -14.73 -24.42 40.47
CA ASP O 255 -15.36 -23.13 40.19
C ASP O 255 -14.45 -21.90 40.26
N LYS O 256 -13.27 -22.03 40.87
CA LYS O 256 -12.34 -20.92 41.05
C LYS O 256 -11.17 -21.03 40.10
N LEU O 257 -11.18 -20.24 39.02
CA LEU O 257 -10.10 -20.24 38.04
C LEU O 257 -9.11 -19.12 38.30
N VAL O 258 -7.88 -19.51 38.58
CA VAL O 258 -6.77 -18.60 38.87
C VAL O 258 -5.75 -18.73 37.75
N VAL O 259 -5.37 -17.59 37.17
CA VAL O 259 -4.35 -17.51 36.14
C VAL O 259 -3.25 -16.63 36.74
N GLY O 260 -2.08 -17.20 36.88
CA GLY O 260 -0.95 -16.49 37.44
C GLY O 260 0.30 -16.70 36.62
N ASP O 261 1.32 -15.89 36.91
CA ASP O 261 2.62 -15.99 36.28
C ASP O 261 3.39 -17.13 36.98
N ARG O 262 3.81 -18.15 36.20
CA ARG O 262 4.52 -19.32 36.70
C ARG O 262 5.77 -18.92 37.53
N GLN O 263 6.61 -18.03 37.00
CA GLN O 263 7.84 -17.56 37.66
C GLN O 263 7.56 -16.82 38.94
N GLN O 264 6.60 -15.88 38.94
CA GLN O 264 6.23 -15.11 40.14
C GLN O 264 5.72 -16.04 41.25
N LEU O 265 4.87 -17.01 40.90
CA LEU O 265 4.34 -17.98 41.86
C LEU O 265 5.45 -18.88 42.40
N ARG O 266 6.32 -19.39 41.50
CA ARG O 266 7.44 -20.24 41.90
CA ARG O 266 7.44 -20.25 41.89
C ARG O 266 8.39 -19.50 42.84
N GLU O 267 8.71 -18.22 42.54
CA GLU O 267 9.60 -17.39 43.37
C GLU O 267 9.00 -17.09 44.74
N ALA O 268 7.69 -16.74 44.80
CA ALA O 268 6.97 -16.48 46.05
C ALA O 268 6.85 -17.76 46.90
N PHE O 269 6.57 -18.92 46.26
CA PHE O 269 6.48 -20.20 46.97
C PHE O 269 7.85 -20.59 47.50
N SER O 270 8.94 -20.38 46.71
CA SER O 270 10.32 -20.68 47.17
C SER O 270 10.72 -19.83 48.37
N ARG O 271 10.39 -18.52 48.34
CA ARG O 271 10.72 -17.57 49.44
C ARG O 271 10.00 -17.98 50.71
N THR O 272 8.67 -18.21 50.63
CA THR O 272 7.88 -18.58 51.81
C THR O 272 8.27 -19.94 52.36
N ALA O 273 8.64 -20.91 51.48
CA ALA O 273 9.05 -22.28 51.84
C ALA O 273 10.20 -22.30 52.86
N ILE O 274 11.14 -21.33 52.77
CA ILE O 274 12.29 -21.17 53.70
C ILE O 274 11.82 -21.12 55.15
N LEU O 275 10.71 -20.43 55.41
CA LEU O 275 10.15 -20.31 56.75
C LEU O 275 8.98 -21.25 57.08
N SER O 276 8.74 -22.26 56.23
CA SER O 276 7.73 -23.29 56.50
C SER O 276 8.38 -24.39 57.34
N ASN O 277 7.56 -25.19 58.02
CA ASN O 277 7.99 -26.34 58.82
C ASN O 277 8.84 -27.26 57.92
N GLU O 278 10.05 -27.63 58.37
CA GLU O 278 11.00 -28.44 57.62
C GLU O 278 10.45 -29.82 57.24
N LYS O 279 9.61 -30.38 58.12
CA LYS O 279 9.00 -31.70 57.93
C LYS O 279 7.67 -31.60 57.18
N TYR O 280 6.73 -30.78 57.67
CA TYR O 280 5.38 -30.68 57.12
C TYR O 280 5.18 -29.77 55.93
N ARG O 281 6.09 -28.78 55.74
CA ARG O 281 6.15 -27.88 54.57
C ARG O 281 4.83 -27.14 54.22
N GLY O 282 4.03 -26.90 55.25
CA GLY O 282 2.73 -26.27 55.10
C GLY O 282 2.78 -24.78 54.89
N ILE O 283 2.00 -24.32 53.92
CA ILE O 283 1.79 -22.91 53.60
C ILE O 283 0.30 -22.64 53.55
N ARG O 284 -0.09 -21.41 53.82
CA ARG O 284 -1.47 -20.99 53.78
C ARG O 284 -1.67 -20.03 52.61
N LEU O 285 -2.70 -20.31 51.81
CA LEU O 285 -3.08 -19.52 50.65
C LEU O 285 -4.37 -18.78 50.98
N GLN O 286 -4.42 -17.47 50.68
CA GLN O 286 -5.62 -16.67 50.84
C GLN O 286 -5.89 -16.02 49.51
N LEU O 287 -6.86 -16.57 48.78
CA LEU O 287 -7.27 -16.10 47.47
C LEU O 287 -8.44 -15.14 47.58
N SER O 288 -8.36 -14.03 46.83
CA SER O 288 -9.38 -12.99 46.72
C SER O 288 -9.19 -12.32 45.34
N ASN O 289 -10.12 -11.43 44.93
CA ASN O 289 -10.06 -10.73 43.63
C ASN O 289 -8.68 -10.15 43.31
N GLY O 290 -8.07 -10.68 42.25
CA GLY O 290 -6.77 -10.29 41.73
C GLY O 290 -5.58 -10.50 42.64
N LEU O 291 -5.77 -11.23 43.77
CA LEU O 291 -4.72 -11.39 44.74
C LEU O 291 -4.59 -12.77 45.38
N LEU O 292 -3.34 -13.24 45.52
CA LEU O 292 -3.00 -14.46 46.24
C LEU O 292 -2.03 -14.12 47.36
N LYS O 293 -2.49 -14.24 48.61
CA LYS O 293 -1.66 -14.01 49.79
C LYS O 293 -1.10 -15.37 50.22
N ILE O 294 0.20 -15.44 50.44
CA ILE O 294 0.90 -16.67 50.85
C ILE O 294 1.55 -16.46 52.21
N GLN O 295 1.32 -17.39 53.14
CA GLN O 295 1.90 -17.30 54.47
C GLN O 295 2.49 -18.66 54.87
N ALA O 296 3.65 -18.61 55.56
CA ALA O 296 4.34 -19.77 56.08
C ALA O 296 4.96 -19.45 57.43
N ASN O 297 4.87 -20.42 58.37
CA ASN O 297 5.50 -20.28 59.69
C ASN O 297 6.06 -21.61 60.16
N ASN O 298 7.05 -21.55 61.06
CA ASN O 298 7.73 -22.74 61.55
C ASN O 298 7.65 -22.86 63.09
N PRO O 299 8.13 -23.97 63.73
CA PRO O 299 8.02 -24.05 65.20
C PRO O 299 8.75 -22.96 65.99
N GLU O 300 9.83 -22.35 65.41
CA GLU O 300 10.60 -21.24 66.01
C GLU O 300 9.86 -19.90 65.93
N GLN O 301 8.63 -19.91 65.40
CA GLN O 301 7.76 -18.74 65.23
C GLN O 301 8.26 -17.71 64.19
N GLU O 302 9.13 -18.17 63.27
CA GLU O 302 9.60 -17.38 62.14
C GLU O 302 8.47 -17.36 61.11
N GLU O 303 8.24 -16.24 60.42
CA GLU O 303 7.11 -16.13 59.50
C GLU O 303 7.45 -15.44 58.19
N ALA O 304 6.94 -16.01 57.07
CA ALA O 304 7.11 -15.45 55.73
C ALA O 304 5.73 -15.13 55.16
N GLU O 305 5.60 -13.94 54.57
CA GLU O 305 4.37 -13.48 53.96
C GLU O 305 4.65 -12.84 52.61
N GLU O 306 3.80 -13.14 51.64
CA GLU O 306 3.92 -12.59 50.31
C GLU O 306 2.56 -12.43 49.65
N GLU O 307 2.44 -11.41 48.81
CA GLU O 307 1.24 -11.10 48.05
C GLU O 307 1.59 -11.15 46.58
N VAL O 308 0.87 -11.98 45.82
CA VAL O 308 1.08 -12.17 44.39
C VAL O 308 -0.18 -11.74 43.64
N GLN O 309 -0.03 -10.87 42.63
CA GLN O 309 -1.12 -10.46 41.78
C GLN O 309 -1.44 -11.62 40.84
N VAL O 310 -2.71 -12.00 40.77
CA VAL O 310 -3.18 -13.12 39.93
C VAL O 310 -4.43 -12.67 39.17
N GLU O 311 -4.80 -13.39 38.09
CA GLU O 311 -6.04 -13.12 37.35
C GLU O 311 -7.07 -14.00 38.03
N TYR O 312 -7.89 -13.39 38.89
CA TYR O 312 -8.95 -14.08 39.62
C TYR O 312 -10.08 -13.13 39.99
N ASN O 313 -11.31 -13.56 39.69
CA ASN O 313 -12.55 -12.87 40.02
C ASN O 313 -13.51 -13.92 40.56
N GLY O 314 -13.87 -13.79 41.83
CA GLY O 314 -14.75 -14.73 42.50
C GLY O 314 -14.71 -14.61 44.02
N GLY O 315 -15.30 -15.60 44.68
CA GLY O 315 -15.34 -15.68 46.14
C GLY O 315 -14.00 -15.97 46.75
N ASN O 316 -13.84 -15.60 48.02
CA ASN O 316 -12.61 -15.81 48.77
C ASN O 316 -12.37 -17.28 49.08
N LEU O 317 -11.10 -17.66 49.24
CA LEU O 317 -10.70 -19.01 49.58
C LEU O 317 -9.43 -19.02 50.43
N GLU O 318 -9.50 -19.68 51.59
CA GLU O 318 -8.36 -19.91 52.47
C GLU O 318 -8.10 -21.40 52.39
N ILE O 319 -6.89 -21.78 51.92
CA ILE O 319 -6.53 -23.19 51.73
C ILE O 319 -5.06 -23.47 52.08
N GLY O 320 -4.80 -24.64 52.67
CA GLY O 320 -3.47 -25.07 53.06
C GLY O 320 -2.88 -26.06 52.08
N PHE O 321 -1.58 -25.96 51.82
CA PHE O 321 -0.88 -26.87 50.90
C PHE O 321 0.54 -27.13 51.33
N ASN O 322 1.06 -28.29 50.92
CA ASN O 322 2.46 -28.63 51.10
C ASN O 322 3.15 -27.86 49.94
N VAL O 323 4.02 -26.90 50.27
CA VAL O 323 4.72 -26.02 49.31
C VAL O 323 5.65 -26.79 48.32
N SER O 324 6.29 -27.87 48.79
CA SER O 324 7.13 -28.72 47.97
C SER O 324 6.28 -29.36 46.84
N TYR O 325 5.04 -29.77 47.15
CA TYR O 325 4.13 -30.36 46.14
C TYR O 325 3.76 -29.33 45.06
N LEU O 326 3.56 -28.06 45.47
CA LEU O 326 3.24 -26.97 44.54
C LEU O 326 4.45 -26.61 43.68
N LEU O 327 5.66 -26.56 44.30
CA LEU O 327 6.90 -26.27 43.59
C LEU O 327 7.23 -27.37 42.56
N ASP O 328 6.95 -28.64 42.92
CA ASP O 328 7.13 -29.78 42.01
C ASP O 328 6.31 -29.61 40.73
N VAL O 329 5.04 -29.18 40.89
CA VAL O 329 4.12 -28.95 39.77
C VAL O 329 4.64 -27.78 38.90
N LEU O 330 4.94 -26.63 39.54
CA LEU O 330 5.40 -25.46 38.80
C LEU O 330 6.68 -25.71 37.99
N GLY O 331 7.54 -26.62 38.50
CA GLY O 331 8.78 -27.03 37.86
C GLY O 331 8.61 -27.77 36.56
N VAL O 332 7.40 -28.33 36.30
CA VAL O 332 7.09 -29.06 35.06
C VAL O 332 6.15 -28.28 34.10
N ILE O 333 5.59 -27.13 34.55
CA ILE O 333 4.71 -26.29 33.72
C ILE O 333 5.63 -25.55 32.70
N GLY O 334 5.42 -25.82 31.41
CA GLY O 334 6.23 -25.28 30.33
C GLY O 334 5.84 -23.89 29.85
N THR O 335 4.61 -23.45 30.18
CA THR O 335 4.09 -22.14 29.78
C THR O 335 4.40 -21.04 30.80
N GLU O 336 4.43 -19.79 30.31
CA GLU O 336 4.68 -18.56 31.08
C GLU O 336 3.59 -18.36 32.16
N GLN O 337 2.35 -18.69 31.81
CA GLN O 337 1.21 -18.62 32.69
C GLN O 337 0.81 -20.01 33.16
N VAL O 338 0.19 -20.08 34.33
CA VAL O 338 -0.25 -21.31 34.94
C VAL O 338 -1.69 -21.15 35.42
N ARG O 339 -2.50 -22.19 35.20
CA ARG O 339 -3.87 -22.23 35.63
C ARG O 339 -4.02 -23.10 36.87
N PHE O 340 -4.66 -22.55 37.91
CA PHE O 340 -5.03 -23.25 39.13
C PHE O 340 -6.54 -23.26 39.16
N ILE O 341 -7.13 -24.46 39.33
CA ILE O 341 -8.58 -24.60 39.39
C ILE O 341 -8.88 -25.17 40.76
N LEU O 342 -9.54 -24.35 41.58
CA LEU O 342 -9.86 -24.71 42.95
C LEU O 342 -11.37 -24.68 43.19
N SER O 343 -11.81 -25.20 44.34
CA SER O 343 -13.20 -25.20 44.76
C SER O 343 -13.28 -24.76 46.23
N ASP O 344 -13.08 -25.68 47.19
CA ASP O 344 -13.11 -25.36 48.63
C ASP O 344 -11.81 -25.77 49.34
N SER O 345 -11.70 -25.44 50.64
CA SER O 345 -10.52 -25.70 51.49
C SER O 345 -10.20 -27.19 51.72
N ASN O 346 -11.18 -28.07 51.53
CA ASN O 346 -11.01 -29.51 51.74
C ASN O 346 -10.78 -30.29 50.44
N SER O 347 -10.86 -29.59 49.28
CA SER O 347 -10.72 -30.21 47.97
C SER O 347 -9.41 -29.88 47.29
N SER O 348 -9.01 -30.80 46.40
CA SER O 348 -7.80 -30.76 45.58
CA SER O 348 -7.77 -30.71 45.65
C SER O 348 -7.70 -29.52 44.68
N ALA O 349 -6.46 -29.14 44.35
CA ALA O 349 -6.16 -28.08 43.39
C ALA O 349 -5.92 -28.85 42.09
N LEU O 350 -6.42 -28.31 40.98
CA LEU O 350 -6.16 -28.86 39.66
C LEU O 350 -5.27 -27.83 38.97
N VAL O 351 -4.16 -28.29 38.41
CA VAL O 351 -3.20 -27.42 37.78
C VAL O 351 -2.96 -27.85 36.32
N HIS O 352 -2.92 -26.84 35.42
CA HIS O 352 -2.67 -27.05 33.99
C HIS O 352 -1.74 -25.98 33.48
N GLU O 353 -1.22 -26.22 32.26
CA GLU O 353 -0.47 -25.21 31.50
C GLU O 353 -1.50 -24.20 31.01
N ALA O 354 -1.07 -22.99 30.61
CA ALA O 354 -1.97 -21.93 30.15
C ALA O 354 -2.84 -22.25 28.94
N ASP O 355 -2.26 -22.92 27.92
CA ASP O 355 -2.92 -23.15 26.63
C ASP O 355 -3.46 -24.54 26.30
N ASN O 356 -3.33 -25.51 27.21
CA ASN O 356 -3.82 -26.88 26.96
C ASN O 356 -4.14 -27.66 28.23
N ASP O 357 -4.93 -28.74 28.08
CA ASP O 357 -5.34 -29.64 29.17
C ASP O 357 -4.62 -31.01 29.11
N ASP O 358 -3.62 -31.18 28.21
CA ASP O 358 -2.86 -32.43 28.03
C ASP O 358 -2.19 -32.90 29.32
N SER O 359 -1.66 -31.95 30.12
CA SER O 359 -1.05 -32.21 31.43
C SER O 359 -2.03 -31.75 32.48
N ALA O 360 -2.18 -32.57 33.54
CA ALA O 360 -3.06 -32.26 34.66
C ALA O 360 -2.39 -32.69 35.96
N TYR O 361 -2.38 -31.81 36.95
CA TYR O 361 -1.75 -32.04 38.24
C TYR O 361 -2.75 -31.81 39.31
N VAL O 362 -2.81 -32.78 40.22
CA VAL O 362 -3.78 -32.77 41.31
C VAL O 362 -3.01 -32.74 42.64
N VAL O 363 -3.34 -31.79 43.51
CA VAL O 363 -2.68 -31.70 44.82
C VAL O 363 -3.75 -31.65 45.90
N MET O 364 -3.78 -32.65 46.80
CA MET O 364 -4.72 -32.63 47.93
C MET O 364 -4.23 -31.56 48.91
N PRO O 365 -5.16 -30.78 49.51
CA PRO O 365 -4.73 -29.76 50.47
C PRO O 365 -4.35 -30.35 51.84
N MET O 366 -3.94 -29.46 52.74
CA MET O 366 -3.62 -29.73 54.14
C MET O 366 -4.68 -29.03 54.99
N ARG O 367 -5.06 -29.62 56.12
CA ARG O 367 -6.01 -28.99 57.05
C ARG O 367 -5.26 -27.86 57.77
N LEU O 368 -5.86 -26.66 57.76
CA LEU O 368 -5.30 -25.46 58.38
C LEU O 368 -5.62 -25.43 59.87
N GLN P 2 -1.98 -33.00 56.06
CA GLN P 2 -2.09 -33.51 54.68
C GLN P 2 -3.26 -34.47 54.47
N ASP P 4 -5.65 -37.11 51.91
CA ASP P 4 -5.38 -38.19 50.95
C ASP P 4 -6.32 -38.18 49.75
N LEU P 5 -5.79 -38.60 48.60
CA LEU P 5 -6.54 -38.71 47.35
C LEU P 5 -7.58 -39.84 47.44
N HIS Q 1 -13.04 16.60 -91.90
CA HIS Q 1 -14.25 17.10 -91.25
C HIS Q 1 -14.62 18.47 -91.87
N MET Q 2 -15.54 19.17 -91.22
CA MET Q 2 -16.07 20.48 -91.59
C MET Q 2 -14.92 21.49 -91.79
N HIS Q 3 -14.98 22.21 -92.91
CA HIS Q 3 -13.97 23.21 -93.27
C HIS Q 3 -14.53 24.20 -94.25
N PHE Q 4 -14.25 25.49 -94.00
CA PHE Q 4 -14.69 26.58 -94.89
C PHE Q 4 -13.85 27.82 -94.72
N THR Q 5 -13.90 28.70 -95.72
CA THR Q 5 -13.26 30.02 -95.71
C THR Q 5 -14.38 31.06 -95.82
N ILE Q 6 -14.21 32.20 -95.15
CA ILE Q 6 -15.20 33.27 -95.08
C ILE Q 6 -14.51 34.60 -94.77
N GLN Q 7 -15.02 35.70 -95.37
CA GLN Q 7 -14.53 37.05 -95.08
C GLN Q 7 -15.03 37.44 -93.70
N ARG Q 8 -14.20 38.18 -92.93
CA ARG Q 8 -14.50 38.66 -91.59
C ARG Q 8 -15.93 39.20 -91.44
N GLU Q 9 -16.30 40.16 -92.31
CA GLU Q 9 -17.59 40.86 -92.30
C GLU Q 9 -18.78 39.95 -92.62
N ALA Q 10 -18.58 38.97 -93.53
CA ALA Q 10 -19.60 38.01 -93.93
C ALA Q 10 -19.95 37.07 -92.77
N LEU Q 11 -18.95 36.71 -91.94
CA LEU Q 11 -19.16 35.85 -90.77
C LEU Q 11 -19.73 36.65 -89.62
N LEU Q 12 -19.17 37.86 -89.40
CA LEU Q 12 -19.57 38.75 -88.31
C LEU Q 12 -21.05 39.11 -88.27
N LYS Q 13 -21.65 39.46 -89.42
CA LYS Q 13 -23.08 39.83 -89.50
C LYS Q 13 -24.03 38.77 -88.88
N PRO Q 14 -24.10 37.50 -89.39
CA PRO Q 14 -24.98 36.52 -88.75
C PRO Q 14 -24.52 36.09 -87.36
N LEU Q 15 -23.20 36.06 -87.10
CA LEU Q 15 -22.63 35.68 -85.81
C LEU Q 15 -23.09 36.65 -84.72
N GLN Q 16 -23.08 37.97 -84.99
CA GLN Q 16 -23.55 39.00 -84.05
C GLN Q 16 -25.05 38.88 -83.77
N LEU Q 17 -25.87 38.60 -84.81
CA LEU Q 17 -27.33 38.44 -84.65
C LEU Q 17 -27.65 37.25 -83.76
N VAL Q 18 -27.08 36.10 -84.10
CA VAL Q 18 -27.24 34.82 -83.41
C VAL Q 18 -26.73 34.88 -81.96
N ALA Q 19 -25.56 35.52 -81.71
CA ALA Q 19 -24.98 35.65 -80.37
C ALA Q 19 -25.87 36.48 -79.42
N GLY Q 20 -26.70 37.36 -80.00
CA GLY Q 20 -27.65 38.19 -79.28
C GLY Q 20 -28.70 37.41 -78.51
N VAL Q 21 -29.05 36.19 -78.98
CA VAL Q 21 -30.03 35.34 -78.30
C VAL Q 21 -29.34 34.37 -77.31
N VAL Q 22 -28.01 34.22 -77.45
CA VAL Q 22 -27.16 33.35 -76.62
C VAL Q 22 -26.94 34.06 -75.27
N GLU Q 23 -27.42 33.45 -74.18
CA GLU Q 23 -27.30 34.00 -72.82
C GLU Q 23 -26.81 32.94 -71.83
N GLN Q 26 -25.88 30.57 -68.81
CA GLN Q 26 -26.58 29.40 -69.33
C GLN Q 26 -26.47 28.19 -68.40
N THR Q 27 -27.55 27.41 -68.29
CA THR Q 27 -27.59 26.19 -67.47
C THR Q 27 -26.87 25.06 -68.21
N LEU Q 28 -27.40 24.65 -69.38
CA LEU Q 28 -26.84 23.62 -70.25
C LEU Q 28 -25.63 24.26 -70.98
N PRO Q 29 -24.44 23.59 -71.01
CA PRO Q 29 -23.25 24.22 -71.63
C PRO Q 29 -23.38 24.53 -73.12
N VAL Q 30 -24.08 23.66 -73.88
CA VAL Q 30 -24.29 23.81 -75.32
C VAL Q 30 -25.07 25.10 -75.68
N LEU Q 31 -25.89 25.60 -74.74
CA LEU Q 31 -26.69 26.82 -74.88
C LEU Q 31 -25.86 28.09 -75.04
N SER Q 32 -24.59 28.05 -74.57
CA SER Q 32 -23.62 29.15 -74.69
C SER Q 32 -22.95 29.12 -76.08
N ASN Q 33 -23.18 28.03 -76.85
CA ASN Q 33 -22.57 27.83 -78.14
C ASN Q 33 -23.44 28.16 -79.33
N VAL Q 34 -22.77 28.49 -80.43
CA VAL Q 34 -23.39 28.72 -81.72
C VAL Q 34 -23.26 27.40 -82.51
N LEU Q 35 -24.35 26.93 -83.09
CA LEU Q 35 -24.32 25.74 -83.94
C LEU Q 35 -23.88 26.20 -85.33
N LEU Q 36 -22.81 25.60 -85.87
CA LEU Q 36 -22.25 25.87 -87.20
C LEU Q 36 -22.57 24.66 -88.06
N VAL Q 37 -23.26 24.86 -89.18
CA VAL Q 37 -23.62 23.77 -90.11
C VAL Q 37 -23.22 24.17 -91.53
N VAL Q 38 -22.36 23.37 -92.16
CA VAL Q 38 -21.96 23.55 -93.56
C VAL Q 38 -22.67 22.45 -94.37
N GLU Q 39 -23.54 22.86 -95.27
CA GLU Q 39 -24.26 21.96 -96.19
C GLU Q 39 -24.09 22.58 -97.59
N GLY Q 40 -23.33 21.90 -98.45
CA GLY Q 40 -22.96 22.41 -99.76
C GLY Q 40 -22.17 23.69 -99.61
N GLN Q 41 -22.59 24.75 -100.31
CA GLN Q 41 -21.95 26.07 -100.25
C GLN Q 41 -22.69 27.05 -99.31
N GLN Q 42 -23.37 26.51 -98.28
CA GLN Q 42 -24.09 27.31 -97.32
C GLN Q 42 -23.65 27.02 -95.89
N LEU Q 43 -23.38 28.10 -95.14
CA LEU Q 43 -23.09 28.07 -93.73
C LEU Q 43 -24.32 28.58 -93.01
N SER Q 44 -24.80 27.81 -92.03
CA SER Q 44 -25.90 28.21 -91.16
C SER Q 44 -25.34 28.37 -89.74
N LEU Q 45 -25.75 29.43 -89.06
CA LEU Q 45 -25.35 29.74 -87.69
C LEU Q 45 -26.60 29.78 -86.83
N THR Q 46 -26.66 28.97 -85.78
CA THR Q 46 -27.84 28.89 -84.91
C THR Q 46 -27.52 29.18 -83.47
N GLY Q 47 -28.35 30.04 -82.87
CA GLY Q 47 -28.31 30.42 -81.47
C GLY Q 47 -29.69 30.21 -80.87
N THR Q 48 -29.73 29.77 -79.60
CA THR Q 48 -30.98 29.51 -78.89
C THR Q 48 -30.84 29.70 -77.39
N ASP Q 49 -31.97 29.96 -76.72
CA ASP Q 49 -32.06 30.05 -75.25
C ASP Q 49 -33.19 29.09 -74.83
N LEU Q 50 -33.63 28.23 -75.78
CA LEU Q 50 -34.74 27.25 -75.70
C LEU Q 50 -36.15 27.86 -75.88
N GLU Q 51 -36.28 29.21 -75.70
N GLU Q 51 -36.26 29.19 -75.80
CA GLU Q 51 -37.51 30.00 -75.85
CA GLU Q 51 -37.55 29.85 -75.97
C GLU Q 51 -37.59 30.45 -77.31
C GLU Q 51 -37.60 30.43 -77.37
N VAL Q 52 -36.48 31.04 -77.80
CA VAL Q 52 -36.29 31.59 -79.13
C VAL Q 52 -35.10 30.87 -79.80
N GLU Q 53 -35.15 30.76 -81.11
CA GLU Q 53 -34.08 30.23 -81.95
C GLU Q 53 -33.86 31.19 -83.11
N LEU Q 54 -32.62 31.61 -83.30
CA LEU Q 54 -32.24 32.49 -84.39
C LEU Q 54 -31.25 31.79 -85.30
N VAL Q 55 -31.52 31.81 -86.59
CA VAL Q 55 -30.69 31.17 -87.62
C VAL Q 55 -30.22 32.23 -88.63
N GLY Q 56 -28.92 32.30 -88.84
CA GLY Q 56 -28.29 33.17 -89.82
C GLY Q 56 -27.69 32.32 -90.92
N ARG Q 57 -27.78 32.77 -92.18
CA ARG Q 57 -27.26 32.04 -93.32
C ARG Q 57 -26.29 32.88 -94.15
N VAL Q 58 -25.21 32.23 -94.62
CA VAL Q 58 -24.17 32.83 -95.48
C VAL Q 58 -23.86 31.88 -96.63
N VAL Q 59 -23.74 32.42 -97.84
CA VAL Q 59 -23.32 31.67 -99.01
C VAL Q 59 -21.77 31.65 -98.99
N LEU Q 60 -21.17 30.46 -99.09
CA LEU Q 60 -19.73 30.29 -99.07
C LEU Q 60 -19.18 30.30 -100.49
N GLU Q 61 -18.17 31.18 -100.73
CA GLU Q 61 -17.55 31.36 -102.06
C GLU Q 61 -16.60 30.22 -102.44
N ASP Q 62 -15.51 30.03 -101.67
CA ASP Q 62 -14.54 28.98 -101.96
C ASP Q 62 -15.07 27.59 -101.55
N ALA Q 63 -14.44 26.52 -102.06
CA ALA Q 63 -14.81 25.13 -101.76
C ALA Q 63 -14.88 24.87 -100.26
N ALA Q 64 -16.01 24.31 -99.79
CA ALA Q 64 -16.24 24.01 -98.39
C ALA Q 64 -16.56 22.54 -98.19
N GLU Q 65 -16.09 21.97 -97.06
CA GLU Q 65 -16.35 20.59 -96.69
C GLU Q 65 -17.45 20.52 -95.65
N PRO Q 66 -18.47 19.65 -95.85
CA PRO Q 66 -19.64 19.66 -94.95
C PRO Q 66 -19.38 19.15 -93.54
N GLY Q 67 -20.30 19.50 -92.66
CA GLY Q 67 -20.25 19.11 -91.26
C GLY Q 67 -21.00 20.05 -90.34
N GLU Q 68 -21.01 19.67 -89.06
CA GLU Q 68 -21.67 20.43 -88.03
C GLU Q 68 -20.91 20.34 -86.71
N ILE Q 69 -20.91 21.44 -85.97
CA ILE Q 69 -20.22 21.57 -84.70
C ILE Q 69 -20.79 22.77 -83.93
N THR Q 70 -20.53 22.82 -82.62
CA THR Q 70 -20.94 23.97 -81.81
C THR Q 70 -19.68 24.52 -81.19
N VAL Q 71 -19.60 25.85 -81.07
CA VAL Q 71 -18.44 26.56 -80.50
C VAL Q 71 -18.92 27.71 -79.60
N PRO Q 72 -18.12 28.16 -78.56
CA PRO Q 72 -18.56 29.31 -77.73
C PRO Q 72 -18.87 30.51 -78.61
N ALA Q 73 -20.15 30.93 -78.59
CA ALA Q 73 -20.66 32.01 -79.44
C ALA Q 73 -19.97 33.36 -79.20
N ARG Q 74 -19.88 33.81 -77.95
CA ARG Q 74 -19.25 35.09 -77.59
C ARG Q 74 -17.76 35.11 -77.93
N LYS Q 75 -17.03 34.02 -77.62
CA LYS Q 75 -15.61 33.90 -77.96
C LYS Q 75 -15.35 34.01 -79.47
N LEU Q 76 -16.11 33.25 -80.29
CA LEU Q 76 -15.95 33.29 -81.75
C LEU Q 76 -16.29 34.67 -82.30
N MET Q 77 -17.37 35.30 -81.80
CA MET Q 77 -17.78 36.64 -82.22
C MET Q 77 -16.68 37.67 -81.87
N ASP Q 78 -16.14 37.60 -80.63
CA ASP Q 78 -15.07 38.51 -80.16
C ASP Q 78 -13.79 38.36 -80.98
N ILE Q 79 -13.43 37.11 -81.35
CA ILE Q 79 -12.26 36.84 -82.21
C ILE Q 79 -12.53 37.47 -83.60
N CYS Q 80 -13.71 37.20 -84.19
CA CYS Q 80 -14.15 37.72 -85.49
C CYS Q 80 -14.10 39.26 -85.52
N LYS Q 81 -14.70 39.93 -84.50
CA LYS Q 81 -14.70 41.39 -84.35
C LYS Q 81 -13.27 41.99 -84.23
N SER Q 82 -12.40 41.32 -83.49
CA SER Q 82 -11.01 41.75 -83.24
C SER Q 82 -10.05 41.55 -84.43
N LEU Q 83 -10.43 40.72 -85.40
CA LEU Q 83 -9.58 40.46 -86.57
C LEU Q 83 -9.49 41.70 -87.51
N PRO Q 84 -8.39 41.88 -88.27
CA PRO Q 84 -8.31 43.04 -89.19
C PRO Q 84 -9.43 43.05 -90.23
N ASN Q 85 -9.93 44.26 -90.56
CA ASN Q 85 -11.00 44.46 -91.54
C ASN Q 85 -10.70 43.74 -92.85
N ASP Q 86 -11.70 43.00 -93.37
CA ASP Q 86 -11.68 42.31 -94.65
C ASP Q 86 -10.76 41.06 -94.76
N VAL Q 87 -10.25 40.54 -93.62
CA VAL Q 87 -9.41 39.35 -93.63
C VAL Q 87 -10.22 38.07 -93.98
N LEU Q 88 -9.58 37.11 -94.67
CA LEU Q 88 -10.19 35.84 -95.00
C LEU Q 88 -9.93 34.89 -93.83
N ILE Q 89 -10.99 34.32 -93.26
CA ILE Q 89 -10.90 33.41 -92.12
C ILE Q 89 -11.04 31.95 -92.58
N ASP Q 90 -10.08 31.11 -92.20
CA ASP Q 90 -10.13 29.68 -92.48
C ASP Q 90 -10.58 28.99 -91.18
N ILE Q 91 -11.70 28.24 -91.27
CA ILE Q 91 -12.28 27.55 -90.13
C ILE Q 91 -12.37 26.05 -90.41
N ARG Q 92 -11.82 25.23 -89.50
CA ARG Q 92 -11.90 23.77 -89.64
C ARG Q 92 -12.03 23.05 -88.29
N VAL Q 93 -12.63 21.87 -88.31
CA VAL Q 93 -12.78 21.04 -87.12
C VAL Q 93 -11.68 20.00 -87.15
N GLU Q 94 -10.91 19.91 -86.07
CA GLU Q 94 -9.80 18.96 -85.95
C GLU Q 94 -9.71 18.42 -84.52
N GLU Q 95 -10.02 17.12 -84.36
CA GLU Q 95 -10.01 16.39 -83.07
C GLU Q 95 -10.82 17.10 -81.98
N GLN Q 96 -12.13 17.36 -82.24
CA GLN Q 96 -13.04 18.03 -81.32
C GLN Q 96 -12.65 19.48 -80.93
N LYS Q 97 -11.84 20.14 -81.78
CA LYS Q 97 -11.43 21.52 -81.59
C LYS Q 97 -11.69 22.32 -82.85
N LEU Q 98 -12.06 23.60 -82.69
CA LEU Q 98 -12.26 24.47 -83.83
C LEU Q 98 -10.97 25.26 -84.06
N LEU Q 99 -10.41 25.11 -85.27
CA LEU Q 99 -9.18 25.77 -85.69
C LEU Q 99 -9.52 26.97 -86.55
N VAL Q 100 -9.13 28.15 -86.09
CA VAL Q 100 -9.41 29.43 -86.76
C VAL Q 100 -8.07 30.03 -87.19
N LYS Q 101 -7.92 30.30 -88.49
CA LYS Q 101 -6.72 30.92 -89.07
C LYS Q 101 -7.12 32.15 -89.87
N ALA Q 102 -6.43 33.29 -89.62
CA ALA Q 102 -6.67 34.54 -90.34
C ALA Q 102 -5.39 35.35 -90.32
N GLY Q 103 -4.76 35.44 -91.47
CA GLY Q 103 -3.47 36.08 -91.65
C GLY Q 103 -2.43 35.37 -90.81
N ARG Q 104 -1.76 36.12 -89.91
CA ARG Q 104 -0.75 35.57 -89.02
C ARG Q 104 -1.34 35.17 -87.63
N SER Q 105 -2.68 35.20 -87.49
CA SER Q 105 -3.39 34.83 -86.27
C SER Q 105 -3.96 33.41 -86.33
N ARG Q 106 -3.79 32.66 -85.22
CA ARG Q 106 -4.26 31.28 -85.07
C ARG Q 106 -5.00 31.17 -83.74
N PHE Q 107 -6.17 30.51 -83.77
CA PHE Q 107 -7.01 30.30 -82.59
C PHE Q 107 -7.49 28.86 -82.55
N THR Q 108 -7.50 28.27 -81.36
CA THR Q 108 -8.03 26.93 -81.10
C THR Q 108 -9.14 27.08 -80.07
N LEU Q 109 -10.38 26.72 -80.44
CA LEU Q 109 -11.53 26.81 -79.56
C LEU Q 109 -12.06 25.42 -79.20
N SER Q 110 -12.57 25.30 -77.96
CA SER Q 110 -13.20 24.05 -77.49
C SER Q 110 -14.55 23.92 -78.21
N THR Q 111 -15.01 22.71 -78.41
CA THR Q 111 -16.30 22.48 -79.09
C THR Q 111 -17.21 21.57 -78.26
N LEU Q 112 -18.49 21.51 -78.63
CA LEU Q 112 -19.47 20.59 -78.08
C LEU Q 112 -20.21 19.96 -79.27
N PRO Q 113 -20.49 18.63 -79.23
CA PRO Q 113 -21.11 17.97 -80.39
C PRO Q 113 -22.42 18.62 -80.85
N ALA Q 114 -22.59 18.74 -82.16
CA ALA Q 114 -23.79 19.31 -82.78
C ALA Q 114 -25.05 18.47 -82.47
N ASN Q 115 -24.88 17.15 -82.23
CA ASN Q 115 -26.00 16.25 -81.90
C ASN Q 115 -26.64 16.59 -80.52
N ASP Q 116 -25.90 17.35 -79.68
CA ASP Q 116 -26.33 17.82 -78.35
C ASP Q 116 -27.01 19.18 -78.40
N PHE Q 117 -26.98 19.84 -79.58
CA PHE Q 117 -27.65 21.13 -79.78
C PHE Q 117 -29.16 20.94 -79.89
N PRO Q 118 -29.97 21.70 -79.09
CA PRO Q 118 -31.42 21.52 -79.15
C PRO Q 118 -32.09 22.04 -80.41
N THR Q 119 -33.13 21.28 -80.84
CA THR Q 119 -34.02 21.47 -82.00
C THR Q 119 -35.32 22.19 -81.57
N VAL Q 120 -35.68 23.27 -82.29
CA VAL Q 120 -36.75 24.24 -81.99
C VAL Q 120 -38.22 23.82 -81.70
N GLU Q 121 -38.78 22.76 -82.34
CA GLU Q 121 -40.21 22.40 -82.19
C GLU Q 121 -41.12 23.39 -82.96
N GLU Q 122 -41.31 23.02 -84.22
CA GLU Q 122 -42.04 23.60 -85.34
C GLU Q 122 -42.53 22.29 -86.04
N GLY Q 123 -43.83 22.01 -86.16
CA GLY Q 123 -45.03 22.76 -85.83
C GLY Q 123 -45.79 23.14 -87.11
N PRO Q 124 -46.93 22.49 -87.49
CA PRO Q 124 -47.59 22.92 -88.74
C PRO Q 124 -48.16 24.34 -88.62
N GLY Q 125 -48.02 25.12 -89.68
CA GLY Q 125 -48.58 26.45 -89.73
C GLY Q 125 -50.09 26.45 -89.89
N SER Q 126 -50.76 27.33 -89.17
CA SER Q 126 -52.22 27.49 -89.26
C SER Q 126 -52.46 28.66 -90.20
N LEU Q 127 -51.56 29.65 -90.16
CA LEU Q 127 -51.63 30.84 -91.00
C LEU Q 127 -50.24 31.29 -91.40
N ASN Q 128 -50.11 31.73 -92.65
CA ASN Q 128 -48.84 32.26 -93.14
C ASN Q 128 -49.08 33.40 -94.10
N PHE Q 129 -48.38 34.50 -93.86
CA PHE Q 129 -48.50 35.72 -94.67
C PHE Q 129 -47.17 36.47 -94.71
N SER Q 130 -47.04 37.39 -95.66
CA SER Q 130 -45.87 38.24 -95.79
C SER Q 130 -46.28 39.67 -95.40
N ILE Q 131 -45.37 40.41 -94.79
CA ILE Q 131 -45.62 41.78 -94.36
C ILE Q 131 -44.34 42.62 -94.36
N ALA Q 132 -44.48 43.94 -94.57
CA ALA Q 132 -43.36 44.89 -94.51
C ALA Q 132 -42.79 44.84 -93.07
N GLN Q 133 -41.46 44.74 -92.95
CA GLN Q 133 -40.75 44.68 -91.67
C GLN Q 133 -41.10 45.89 -90.81
N SER Q 134 -41.17 47.06 -91.45
CA SER Q 134 -41.49 48.37 -90.88
C SER Q 134 -42.86 48.37 -90.21
N LYS Q 135 -43.87 47.74 -90.85
CA LYS Q 135 -45.25 47.68 -90.33
C LYS Q 135 -45.32 46.76 -89.10
N LEU Q 136 -44.62 45.60 -89.14
CA LEU Q 136 -44.62 44.69 -88.01
C LEU Q 136 -43.86 45.29 -86.82
N ARG Q 137 -42.69 45.92 -87.08
CA ARG Q 137 -41.88 46.59 -86.05
C ARG Q 137 -42.70 47.68 -85.34
N ARG Q 138 -43.46 48.48 -86.12
CA ARG Q 138 -44.35 49.54 -85.62
C ARG Q 138 -45.35 48.96 -84.62
N LEU Q 139 -46.02 47.83 -84.96
CA LEU Q 139 -46.99 47.16 -84.07
C LEU Q 139 -46.39 46.80 -82.74
N ILE Q 140 -45.14 46.27 -82.75
CA ILE Q 140 -44.43 45.88 -81.54
C ILE Q 140 -43.97 47.09 -80.74
N ASP Q 141 -43.24 48.03 -81.41
CA ASP Q 141 -42.66 49.21 -80.75
C ASP Q 141 -43.72 50.17 -80.20
N ARG Q 142 -44.92 50.22 -80.82
CA ARG Q 142 -45.98 51.10 -80.33
C ARG Q 142 -46.67 50.53 -79.09
N THR Q 143 -46.44 49.25 -78.74
CA THR Q 143 -47.17 48.61 -77.64
C THR Q 143 -46.36 47.90 -76.59
N SER Q 144 -45.08 47.52 -76.89
CA SER Q 144 -44.25 46.69 -76.02
C SER Q 144 -44.06 47.12 -74.58
N PHE Q 145 -44.06 48.44 -74.31
CA PHE Q 145 -43.90 48.98 -72.95
C PHE Q 145 -45.04 48.54 -71.99
N ALA Q 146 -46.24 48.22 -72.55
CA ALA Q 146 -47.41 47.89 -71.72
C ALA Q 146 -47.45 46.43 -71.28
N MET Q 147 -46.57 45.55 -71.81
CA MET Q 147 -46.55 44.13 -71.43
C MET Q 147 -46.22 43.99 -69.94
N ALA Q 148 -46.77 42.95 -69.30
CA ALA Q 148 -46.42 42.65 -67.93
C ALA Q 148 -45.05 41.93 -67.94
N GLN Q 149 -44.39 41.93 -66.77
CA GLN Q 149 -43.12 41.27 -66.55
C GLN Q 149 -43.30 40.45 -65.27
N GLN Q 150 -43.13 39.11 -65.39
CA GLN Q 150 -43.22 38.16 -64.27
C GLN Q 150 -44.56 38.18 -63.51
N ASP Q 151 -45.66 38.57 -64.20
CA ASP Q 151 -46.98 38.60 -63.57
C ASP Q 151 -47.41 37.15 -63.41
N VAL Q 152 -48.13 36.84 -62.31
CA VAL Q 152 -48.66 35.50 -62.06
C VAL Q 152 -49.65 35.09 -63.18
N ARG Q 153 -50.31 36.09 -63.81
CA ARG Q 153 -51.18 35.87 -64.97
C ARG Q 153 -50.17 35.84 -66.13
N TYR Q 154 -49.56 34.64 -66.34
CA TYR Q 154 -48.47 34.38 -67.30
C TYR Q 154 -48.75 34.83 -68.75
N TYR Q 155 -50.02 34.79 -69.15
CA TYR Q 155 -50.49 35.18 -70.48
C TYR Q 155 -50.34 36.68 -70.76
N LEU Q 156 -50.05 37.50 -69.69
CA LEU Q 156 -49.83 38.94 -69.82
C LEU Q 156 -48.36 39.27 -70.05
N ASN Q 157 -47.45 38.30 -69.78
CA ASN Q 157 -45.99 38.46 -69.93
C ASN Q 157 -45.57 38.26 -71.37
N GLY Q 158 -46.20 39.02 -72.24
CA GLY Q 158 -46.00 38.95 -73.67
C GLY Q 158 -46.96 39.81 -74.44
N MET Q 159 -46.97 39.62 -75.76
CA MET Q 159 -47.78 40.41 -76.67
C MET Q 159 -48.72 39.58 -77.49
N LEU Q 160 -49.99 40.01 -77.51
CA LEU Q 160 -50.98 39.39 -78.36
C LEU Q 160 -50.76 39.90 -79.79
N LEU Q 161 -50.72 38.97 -80.75
CA LEU Q 161 -50.70 39.25 -82.19
C LEU Q 161 -51.96 38.61 -82.70
N GLU Q 162 -52.85 39.45 -83.26
CA GLU Q 162 -54.17 39.00 -83.68
C GLU Q 162 -54.47 39.33 -85.13
N VAL Q 163 -54.96 38.34 -85.88
CA VAL Q 163 -55.38 38.54 -87.26
C VAL Q 163 -56.91 38.42 -87.25
N ASN Q 164 -57.59 39.46 -87.72
CA ASN Q 164 -59.05 39.51 -87.71
C ASN Q 164 -59.54 40.39 -88.86
N GLY Q 165 -60.35 39.79 -89.75
CA GLY Q 165 -60.89 40.46 -90.93
C GLY Q 165 -59.88 40.44 -92.07
N GLY Q 166 -58.75 41.07 -91.80
CA GLY Q 166 -57.59 41.22 -92.67
C GLY Q 166 -56.56 42.07 -91.95
N THR Q 167 -56.98 42.63 -90.80
CA THR Q 167 -56.18 43.48 -89.92
C THR Q 167 -55.22 42.64 -89.05
N LEU Q 168 -54.00 43.14 -88.85
CA LEU Q 168 -53.04 42.59 -87.93
C LEU Q 168 -53.01 43.58 -86.77
N ARG Q 169 -53.15 43.06 -85.54
CA ARG Q 169 -53.20 43.88 -84.35
C ARG Q 169 -52.34 43.34 -83.25
N SER Q 170 -51.65 44.25 -82.54
CA SER Q 170 -50.86 43.91 -81.39
C SER Q 170 -51.60 44.46 -80.15
N VAL Q 171 -51.62 43.68 -79.06
CA VAL Q 171 -52.19 44.09 -77.78
C VAL Q 171 -51.20 43.68 -76.66
N ALA Q 172 -50.89 44.63 -75.78
CA ALA Q 172 -50.04 44.42 -74.60
C ALA Q 172 -50.74 45.07 -73.38
N THR Q 173 -50.72 44.37 -72.24
CA THR Q 173 -51.32 44.88 -71.00
C THR Q 173 -50.67 44.25 -69.77
N ASP Q 174 -50.68 44.99 -68.65
CA ASP Q 174 -50.18 44.51 -67.36
C ASP Q 174 -51.28 44.54 -66.29
N GLY Q 175 -52.52 44.83 -66.72
CA GLY Q 175 -53.67 44.92 -65.83
C GLY Q 175 -53.97 46.34 -65.35
N HIS Q 176 -52.99 47.26 -65.45
CA HIS Q 176 -53.17 48.67 -65.07
C HIS Q 176 -53.35 49.54 -66.30
N ARG Q 177 -52.63 49.18 -67.36
CA ARG Q 177 -52.62 49.93 -68.62
C ARG Q 177 -52.55 48.96 -69.77
N LEU Q 178 -52.98 49.45 -70.94
CA LEU Q 178 -53.01 48.64 -72.14
C LEU Q 178 -52.54 49.47 -73.31
N ALA Q 179 -51.86 48.82 -74.26
CA ALA Q 179 -51.46 49.44 -75.52
C ALA Q 179 -51.90 48.52 -76.66
N MET Q 180 -52.47 49.12 -77.71
CA MET Q 180 -52.89 48.37 -78.88
C MET Q 180 -52.61 49.14 -80.17
N CYS Q 181 -52.24 48.42 -81.22
CA CYS Q 181 -51.96 49.02 -82.51
C CYS Q 181 -52.52 48.12 -83.62
N SER Q 182 -53.27 48.70 -84.57
CA SER Q 182 -53.91 47.94 -85.64
C SER Q 182 -53.47 48.45 -86.99
N LEU Q 183 -53.20 47.53 -87.94
CA LEU Q 183 -52.81 47.88 -89.30
C LEU Q 183 -53.57 46.98 -90.26
N ASP Q 184 -54.20 47.58 -91.29
CA ASP Q 184 -54.95 46.78 -92.26
C ASP Q 184 -54.01 46.17 -93.30
N ALA Q 185 -53.48 44.99 -92.98
CA ALA Q 185 -52.50 44.26 -93.79
C ALA Q 185 -53.13 43.35 -94.87
N GLN Q 186 -54.48 43.26 -94.90
CA GLN Q 186 -55.27 42.44 -95.83
C GLN Q 186 -54.84 40.94 -95.85
N ILE Q 187 -54.76 40.34 -94.65
CA ILE Q 187 -54.39 38.94 -94.41
C ILE Q 187 -55.67 38.08 -94.40
N PRO Q 188 -55.86 37.15 -95.36
CA PRO Q 188 -57.07 36.30 -95.33
C PRO Q 188 -56.96 35.29 -94.17
N SER Q 189 -58.02 35.18 -93.35
CA SER Q 189 -57.99 34.30 -92.18
C SER Q 189 -59.22 33.39 -91.97
N GLN Q 190 -60.40 33.78 -92.48
CA GLN Q 190 -61.66 33.02 -92.34
C GLN Q 190 -62.24 33.01 -90.90
N ASP Q 191 -61.39 33.28 -89.89
CA ASP Q 191 -61.72 33.38 -88.47
C ASP Q 191 -60.66 34.19 -87.72
N ARG Q 192 -61.01 34.73 -86.55
CA ARG Q 192 -60.07 35.49 -85.72
C ARG Q 192 -58.99 34.53 -85.22
N HIS Q 193 -57.72 34.87 -85.46
CA HIS Q 193 -56.58 34.06 -85.01
C HIS Q 193 -55.70 34.88 -84.07
N GLN Q 194 -55.43 34.31 -82.89
CA GLN Q 194 -54.64 34.95 -81.83
C GLN Q 194 -53.45 34.09 -81.43
N VAL Q 195 -52.31 34.74 -81.17
CA VAL Q 195 -51.08 34.14 -80.65
C VAL Q 195 -50.51 35.07 -79.58
N ILE Q 196 -49.92 34.50 -78.52
CA ILE Q 196 -49.26 35.32 -77.50
C ILE Q 196 -47.77 35.03 -77.59
N VAL Q 197 -47.00 36.04 -77.99
CA VAL Q 197 -45.56 35.92 -78.11
C VAL Q 197 -44.91 36.35 -76.77
N PRO Q 198 -44.06 35.50 -76.16
CA PRO Q 198 -43.40 35.87 -74.89
C PRO Q 198 -42.63 37.17 -75.00
N ARG Q 199 -42.65 37.95 -73.92
CA ARG Q 199 -42.01 39.27 -73.88
C ARG Q 199 -40.57 39.33 -74.40
N LYS Q 200 -39.72 38.37 -73.98
CA LYS Q 200 -38.33 38.36 -74.43
C LYS Q 200 -38.20 38.16 -75.95
N GLY Q 201 -38.99 37.23 -76.49
CA GLY Q 201 -39.05 36.91 -77.90
C GLY Q 201 -39.54 38.04 -78.77
N ILE Q 202 -40.67 38.68 -78.39
CA ILE Q 202 -41.22 39.79 -79.17
C ILE Q 202 -40.28 41.00 -79.23
N LEU Q 203 -39.58 41.31 -78.11
CA LEU Q 203 -38.63 42.43 -78.02
C LEU Q 203 -37.41 42.15 -78.92
N GLU Q 204 -36.97 40.88 -78.96
CA GLU Q 204 -35.86 40.44 -79.80
C GLU Q 204 -36.26 40.59 -81.26
N LEU Q 205 -37.46 40.08 -81.63
CA LEU Q 205 -37.98 40.16 -83.00
C LEU Q 205 -38.01 41.60 -83.51
N ALA Q 206 -38.54 42.56 -82.69
CA ALA Q 206 -38.61 43.98 -83.07
C ALA Q 206 -37.22 44.54 -83.39
N ARG Q 207 -36.21 44.18 -82.59
CA ARG Q 207 -34.82 44.62 -82.80
C ARG Q 207 -34.22 44.05 -84.09
N LEU Q 208 -34.65 42.86 -84.49
CA LEU Q 208 -34.21 42.20 -85.72
C LEU Q 208 -34.82 42.80 -86.98
N LEU Q 209 -36.00 43.46 -86.86
CA LEU Q 209 -36.70 44.05 -88.01
C LEU Q 209 -36.12 45.43 -88.42
N THR Q 210 -34.87 45.42 -88.89
CA THR Q 210 -34.09 46.61 -89.26
C THR Q 210 -34.25 47.09 -90.73
N GLU Q 211 -34.68 46.20 -91.63
CA GLU Q 211 -34.85 46.56 -93.04
C GLU Q 211 -36.07 47.45 -93.25
N GLN Q 212 -35.81 48.78 -93.34
CA GLN Q 212 -36.80 49.85 -93.53
C GLN Q 212 -37.63 49.61 -94.79
N ASP Q 213 -37.00 49.00 -95.82
CA ASP Q 213 -37.64 48.68 -97.10
C ASP Q 213 -38.01 47.19 -97.23
N GLY Q 214 -37.47 46.35 -96.36
CA GLY Q 214 -37.63 44.89 -96.38
C GLY Q 214 -38.96 44.28 -96.02
N GLU Q 215 -39.11 42.99 -96.35
CA GLU Q 215 -40.30 42.18 -96.11
C GLU Q 215 -39.95 41.04 -95.15
N VAL Q 216 -40.95 40.56 -94.40
CA VAL Q 216 -40.81 39.43 -93.50
C VAL Q 216 -41.95 38.41 -93.72
N GLY Q 217 -41.58 37.14 -93.85
CA GLY Q 217 -42.53 36.04 -93.98
C GLY Q 217 -42.90 35.57 -92.58
N ILE Q 218 -44.20 35.56 -92.25
CA ILE Q 218 -44.69 35.15 -90.94
C ILE Q 218 -45.46 33.84 -91.02
N VAL Q 219 -45.18 32.93 -90.07
CA VAL Q 219 -45.91 31.68 -89.92
C VAL Q 219 -46.44 31.65 -88.49
N LEU Q 220 -47.75 31.49 -88.35
CA LEU Q 220 -48.41 31.35 -87.06
C LEU Q 220 -48.79 29.88 -86.93
N GLY Q 221 -48.23 29.22 -85.94
CA GLY Q 221 -48.52 27.83 -85.61
C GLY Q 221 -49.27 27.78 -84.30
N GLN Q 222 -49.71 26.58 -83.89
CA GLN Q 222 -50.43 26.41 -82.63
C GLN Q 222 -49.55 26.68 -81.41
N HIS Q 223 -48.23 26.38 -81.51
CA HIS Q 223 -47.29 26.59 -80.39
C HIS Q 223 -46.04 27.38 -80.76
N HIS Q 224 -45.99 27.94 -81.99
CA HIS Q 224 -44.82 28.71 -82.39
C HIS Q 224 -45.18 29.86 -83.32
N ILE Q 225 -44.24 30.80 -83.44
CA ILE Q 225 -44.26 31.89 -84.41
C ILE Q 225 -42.92 31.83 -85.13
N ARG Q 226 -42.96 32.01 -86.46
CA ARG Q 226 -41.74 32.02 -87.27
C ARG Q 226 -41.72 33.29 -88.12
N ALA Q 227 -40.57 33.96 -88.14
CA ALA Q 227 -40.33 35.16 -88.94
C ALA Q 227 -39.07 34.93 -89.79
N THR Q 228 -39.21 35.03 -91.13
CA THR Q 228 -38.11 34.79 -92.10
C THR Q 228 -37.86 36.01 -92.97
N THR Q 229 -36.57 36.43 -93.08
CA THR Q 229 -36.15 37.58 -93.91
C THR Q 229 -35.10 37.22 -94.99
N GLY Q 230 -34.77 35.94 -95.13
CA GLY Q 230 -33.79 35.54 -96.14
C GLY Q 230 -32.36 35.52 -95.62
N GLU Q 231 -32.04 36.49 -94.74
CA GLU Q 231 -30.76 36.57 -94.03
C GLU Q 231 -30.89 35.87 -92.65
N PHE Q 232 -32.12 35.84 -92.09
CA PHE Q 232 -32.40 35.18 -90.81
C PHE Q 232 -33.78 34.49 -90.72
N THR Q 233 -33.84 33.48 -89.84
CA THR Q 233 -35.06 32.77 -89.47
C THR Q 233 -35.16 32.86 -87.96
N PHE Q 234 -36.24 33.48 -87.48
CA PHE Q 234 -36.52 33.64 -86.07
C PHE Q 234 -37.67 32.71 -85.72
N THR Q 235 -37.49 31.91 -84.68
CA THR Q 235 -38.55 31.03 -84.17
C THR Q 235 -38.70 31.25 -82.68
N SER Q 236 -39.94 31.44 -82.23
CA SER Q 236 -40.24 31.57 -80.82
C SER Q 236 -41.37 30.64 -80.45
N LYS Q 237 -41.30 30.05 -79.25
CA LYS Q 237 -42.40 29.30 -78.68
C LYS Q 237 -43.47 30.35 -78.30
N LEU Q 238 -44.74 29.95 -78.20
CA LEU Q 238 -45.80 30.88 -77.81
C LEU Q 238 -46.14 30.70 -76.36
N VAL Q 239 -46.83 31.69 -75.76
CA VAL Q 239 -47.32 31.58 -74.39
C VAL Q 239 -48.55 30.67 -74.52
N ASP Q 240 -48.51 29.52 -73.84
CA ASP Q 240 -49.58 28.55 -73.87
C ASP Q 240 -50.74 28.97 -72.95
N GLY Q 241 -51.58 29.86 -73.46
CA GLY Q 241 -52.74 30.38 -72.74
C GLY Q 241 -53.64 31.20 -73.62
N LYS Q 242 -54.78 31.63 -73.07
CA LYS Q 242 -55.77 32.47 -73.76
C LYS Q 242 -55.63 33.90 -73.26
N PHE Q 243 -55.46 34.84 -74.19
CA PHE Q 243 -55.35 36.26 -73.83
C PHE Q 243 -56.72 36.77 -73.32
N PRO Q 244 -56.79 37.67 -72.31
CA PRO Q 244 -58.11 38.16 -71.85
C PRO Q 244 -58.91 38.86 -72.95
N ASP Q 245 -60.23 38.99 -72.71
CA ASP Q 245 -61.15 39.67 -73.61
C ASP Q 245 -60.94 41.20 -73.43
N TYR Q 246 -59.88 41.72 -74.07
CA TYR Q 246 -59.44 43.12 -74.01
C TYR Q 246 -60.52 44.09 -74.52
N GLU Q 247 -61.32 43.65 -75.52
CA GLU Q 247 -62.41 44.46 -76.08
C GLU Q 247 -63.40 44.93 -74.99
N ARG Q 248 -63.61 44.10 -73.94
CA ARG Q 248 -64.48 44.41 -72.81
C ARG Q 248 -63.95 45.52 -71.89
N VAL Q 249 -62.62 45.76 -71.87
CA VAL Q 249 -62.02 46.80 -71.02
C VAL Q 249 -61.70 48.13 -71.71
N LEU Q 250 -61.86 48.19 -73.03
CA LEU Q 250 -61.61 49.43 -73.78
C LEU Q 250 -62.72 50.46 -73.44
N PRO Q 251 -62.35 51.71 -73.01
CA PRO Q 251 -63.37 52.70 -72.65
C PRO Q 251 -64.13 53.19 -73.88
N ARG Q 252 -65.46 53.10 -73.84
CA ARG Q 252 -66.29 53.41 -75.01
C ARG Q 252 -66.92 54.79 -75.08
N GLY Q 253 -67.58 55.21 -74.04
CA GLY Q 253 -68.34 56.45 -74.14
C GLY Q 253 -67.66 57.78 -73.88
N GLY Q 254 -66.32 57.78 -73.72
CA GLY Q 254 -65.53 58.97 -73.36
C GLY Q 254 -66.06 60.30 -73.87
N ASP Q 255 -66.63 61.10 -72.97
CA ASP Q 255 -67.26 62.39 -73.27
C ASP Q 255 -66.36 63.62 -73.24
N LYS Q 256 -65.18 63.50 -72.63
CA LYS Q 256 -64.26 64.62 -72.48
C LYS Q 256 -63.08 64.49 -73.43
N LEU Q 257 -63.10 65.27 -74.53
CA LEU Q 257 -62.02 65.23 -75.52
C LEU Q 257 -61.03 66.35 -75.28
N VAL Q 258 -59.78 65.97 -74.99
CA VAL Q 258 -58.68 66.89 -74.72
C VAL Q 258 -57.66 66.74 -75.84
N VAL Q 259 -57.29 67.85 -76.45
CA VAL Q 259 -56.24 67.91 -77.47
C VAL Q 259 -55.14 68.78 -76.87
N GLY Q 260 -53.96 68.20 -76.72
CA GLY Q 260 -52.83 68.90 -76.15
C GLY Q 260 -51.59 68.68 -76.97
N ASP Q 261 -50.57 69.49 -76.69
CA ASP Q 261 -49.28 69.36 -77.35
C ASP Q 261 -48.51 68.24 -76.62
N ARG Q 262 -48.09 67.19 -77.37
CA ARG Q 262 -47.37 66.04 -76.84
C ARG Q 262 -46.12 66.46 -76.04
N GLN Q 263 -45.27 67.34 -76.60
CA GLN Q 263 -44.06 67.83 -75.96
C GLN Q 263 -44.33 68.60 -74.68
N GLN Q 264 -45.32 69.53 -74.71
CA GLN Q 264 -45.69 70.34 -73.54
C GLN Q 264 -46.18 69.45 -72.39
N LEU Q 265 -47.01 68.45 -72.72
CA LEU Q 265 -47.53 67.52 -71.73
C LEU Q 265 -46.45 66.65 -71.18
N ARG Q 266 -45.56 66.10 -72.07
CA ARG Q 266 -44.45 65.26 -71.63
C ARG Q 266 -43.49 66.05 -70.71
N GLU Q 267 -43.19 67.32 -71.04
CA GLU Q 267 -42.28 68.18 -70.25
C GLU Q 267 -42.86 68.50 -68.87
N ALA Q 268 -44.16 68.84 -68.82
CA ALA Q 268 -44.86 69.13 -67.56
C ALA Q 268 -45.00 67.89 -66.70
N PHE Q 269 -45.30 66.71 -67.31
CA PHE Q 269 -45.38 65.45 -66.57
C PHE Q 269 -44.00 65.07 -66.02
N SER Q 270 -42.92 65.27 -66.80
CA SER Q 270 -41.56 64.96 -66.35
C SER Q 270 -41.14 65.85 -65.17
N ARG Q 271 -41.44 67.16 -65.22
CA ARG Q 271 -41.11 68.12 -64.15
C ARG Q 271 -41.83 67.74 -62.86
N THR Q 272 -43.17 67.53 -62.93
CA THR Q 272 -43.97 67.19 -61.77
C THR Q 272 -43.59 65.81 -61.17
N ALA Q 273 -43.23 64.83 -62.03
CA ALA Q 273 -42.81 63.47 -61.65
C ALA Q 273 -41.66 63.46 -60.63
N ILE Q 274 -40.73 64.43 -60.73
CA ILE Q 274 -39.59 64.60 -59.81
C ILE Q 274 -40.06 64.64 -58.35
N LEU Q 275 -41.18 65.33 -58.09
CA LEU Q 275 -41.73 65.46 -56.74
C LEU Q 275 -42.92 64.55 -56.43
N SER Q 276 -43.15 63.52 -57.27
CA SER Q 276 -44.16 62.51 -57.00
C SER Q 276 -43.53 61.41 -56.13
N ASN Q 277 -44.36 60.61 -55.45
CA ASN Q 277 -43.94 59.48 -54.63
C ASN Q 277 -43.08 58.55 -55.50
N GLU Q 278 -41.88 58.18 -55.03
CA GLU Q 278 -40.94 57.36 -55.79
C GLU Q 278 -41.48 55.95 -56.13
N LYS Q 279 -42.35 55.40 -55.26
CA LYS Q 279 -42.97 54.09 -55.44
C LYS Q 279 -44.30 54.18 -56.17
N TYR Q 280 -45.23 55.03 -55.70
CA TYR Q 280 -46.57 55.13 -56.27
C TYR Q 280 -46.74 56.04 -57.48
N ARG Q 281 -45.82 57.02 -57.67
CA ARG Q 281 -45.74 57.90 -58.86
C ARG Q 281 -47.05 58.63 -59.23
N GLY Q 282 -47.86 58.90 -58.22
CA GLY Q 282 -49.15 59.54 -58.41
C GLY Q 282 -49.07 61.04 -58.62
N ILE Q 283 -49.85 61.50 -59.58
CA ILE Q 283 -50.05 62.90 -59.92
C ILE Q 283 -51.56 63.17 -59.97
N ARG Q 284 -51.93 64.41 -59.72
CA ARG Q 284 -53.33 64.83 -59.77
C ARG Q 284 -53.51 65.77 -60.95
N LEU Q 285 -54.53 65.48 -61.75
CA LEU Q 285 -54.92 66.25 -62.92
C LEU Q 285 -56.21 66.98 -62.61
N GLN Q 286 -56.24 68.29 -62.93
CA GLN Q 286 -57.44 69.11 -62.79
C GLN Q 286 -57.71 69.72 -64.14
N LEU Q 287 -58.69 69.15 -64.83
CA LEU Q 287 -59.09 69.57 -66.17
C LEU Q 287 -60.26 70.53 -66.08
N SER Q 288 -60.17 71.65 -66.85
CA SER Q 288 -61.18 72.68 -66.97
C SER Q 288 -61.00 73.31 -68.36
N ASN Q 289 -61.93 74.20 -68.79
CA ASN Q 289 -61.90 74.87 -70.10
C ASN Q 289 -60.53 75.44 -70.46
N GLY Q 290 -59.94 74.87 -71.51
CA GLY Q 290 -58.62 75.24 -72.04
C GLY Q 290 -57.42 75.05 -71.13
N LEU Q 291 -57.60 74.36 -69.99
CA LEU Q 291 -56.53 74.21 -69.01
C LEU Q 291 -56.41 72.85 -68.33
N LEU Q 292 -55.17 72.39 -68.18
CA LEU Q 292 -54.84 71.19 -67.44
C LEU Q 292 -53.85 71.55 -66.32
N LYS Q 293 -54.31 71.46 -65.08
CA LYS Q 293 -53.47 71.72 -63.90
C LYS Q 293 -52.94 70.39 -63.42
N ILE Q 294 -51.62 70.32 -63.20
CA ILE Q 294 -50.94 69.09 -62.77
C ILE Q 294 -50.29 69.34 -61.42
N GLN Q 295 -50.52 68.42 -60.49
CA GLN Q 295 -49.93 68.52 -59.15
C GLN Q 295 -49.35 67.17 -58.73
N ALA Q 296 -48.20 67.21 -58.06
CA ALA Q 296 -47.53 66.05 -57.51
C ALA Q 296 -46.93 66.38 -56.15
N ASN Q 297 -47.03 65.43 -55.21
CA ASN Q 297 -46.43 65.56 -53.89
C ASN Q 297 -45.90 64.22 -53.39
N ASN Q 298 -44.93 64.28 -52.46
CA ASN Q 298 -44.27 63.09 -51.95
C ASN Q 298 -44.40 63.00 -50.40
N PRO Q 299 -43.93 61.91 -49.73
CA PRO Q 299 -44.06 61.85 -48.25
C PRO Q 299 -43.35 62.97 -47.48
N GLU Q 300 -42.27 63.56 -48.05
CA GLU Q 300 -41.49 64.66 -47.44
C GLU Q 300 -42.24 66.01 -47.57
N GLN Q 301 -43.46 65.99 -48.13
CA GLN Q 301 -44.32 67.15 -48.35
C GLN Q 301 -43.78 68.15 -49.39
N GLU Q 302 -42.89 67.68 -50.28
CA GLU Q 302 -42.37 68.44 -51.40
C GLU Q 302 -43.47 68.46 -52.46
N GLU Q 303 -43.64 69.57 -53.18
CA GLU Q 303 -44.74 69.69 -54.12
C GLU Q 303 -44.37 70.35 -55.43
N ALA Q 304 -44.91 69.80 -56.53
CA ALA Q 304 -44.72 70.33 -57.88
C ALA Q 304 -46.07 70.66 -58.48
N GLU Q 305 -46.17 71.83 -59.13
CA GLU Q 305 -47.39 72.29 -59.78
C GLU Q 305 -47.09 72.89 -61.13
N GLU Q 306 -47.95 72.60 -62.09
CA GLU Q 306 -47.85 73.12 -63.44
C GLU Q 306 -49.20 73.26 -64.11
N GLU Q 307 -49.33 74.25 -64.99
CA GLU Q 307 -50.54 74.53 -65.74
C GLU Q 307 -50.19 74.44 -67.21
N VAL Q 308 -50.95 73.60 -67.95
CA VAL Q 308 -50.73 73.40 -69.37
C VAL Q 308 -52.00 73.81 -70.11
N GLN Q 309 -51.85 74.67 -71.13
CA GLN Q 309 -52.96 75.06 -72.01
C GLN Q 309 -53.29 73.89 -72.91
N VAL Q 310 -54.57 73.50 -72.96
CA VAL Q 310 -55.06 72.37 -73.77
C VAL Q 310 -56.31 72.80 -74.55
N GLU Q 311 -56.68 72.06 -75.60
CA GLU Q 311 -57.92 72.31 -76.34
C GLU Q 311 -58.97 71.46 -75.64
N TYR Q 312 -59.79 72.10 -74.80
CA TYR Q 312 -60.84 71.42 -74.05
C TYR Q 312 -61.97 72.39 -73.69
N ASN Q 313 -63.20 71.96 -73.98
CA ASN Q 313 -64.44 72.64 -73.66
C ASN Q 313 -65.38 71.59 -73.09
N GLY Q 314 -65.72 71.75 -71.81
CA GLY Q 314 -66.59 70.81 -71.10
C GLY Q 314 -66.53 71.00 -69.61
N GLY Q 315 -67.13 70.07 -68.90
CA GLY Q 315 -67.15 70.07 -67.45
C GLY Q 315 -65.81 69.73 -66.84
N ASN Q 316 -65.63 70.15 -65.59
CA ASN Q 316 -64.40 69.91 -64.84
C ASN Q 316 -64.19 68.44 -64.53
N LEU Q 317 -62.93 68.06 -64.37
CA LEU Q 317 -62.54 66.72 -63.98
C LEU Q 317 -61.27 66.74 -63.13
N GLU Q 318 -61.33 66.10 -61.97
CA GLU Q 318 -60.19 65.89 -61.10
C GLU Q 318 -59.92 64.39 -61.16
N ILE Q 319 -58.73 64.00 -61.60
CA ILE Q 319 -58.37 62.58 -61.78
C ILE Q 319 -56.89 62.31 -61.44
N GLY Q 320 -56.65 61.16 -60.80
CA GLY Q 320 -55.31 60.74 -60.42
C GLY Q 320 -54.74 59.73 -61.40
N PHE Q 321 -53.43 59.82 -61.68
CA PHE Q 321 -52.74 58.90 -62.56
C PHE Q 321 -51.32 58.64 -62.14
N ASN Q 322 -50.82 57.46 -62.52
CA ASN Q 322 -49.42 57.11 -62.34
C ASN Q 322 -48.73 57.86 -63.51
N VAL Q 323 -47.85 58.84 -63.19
CA VAL Q 323 -47.15 59.68 -64.15
C VAL Q 323 -46.24 58.88 -65.13
N SER Q 324 -45.61 57.80 -64.64
CA SER Q 324 -44.76 56.92 -65.47
C SER Q 324 -45.63 56.27 -66.55
N TYR Q 325 -46.88 55.88 -66.23
CA TYR Q 325 -47.80 55.28 -67.23
C TYR Q 325 -48.16 56.29 -68.33
N LEU Q 326 -48.34 57.56 -67.96
CA LEU Q 326 -48.65 58.64 -68.92
C LEU Q 326 -47.44 58.97 -69.78
N LEU Q 327 -46.23 59.02 -69.17
CA LEU Q 327 -44.98 59.29 -69.88
C LEU Q 327 -44.67 58.15 -70.87
N ASP Q 328 -44.99 56.91 -70.49
CA ASP Q 328 -44.80 55.72 -71.37
C ASP Q 328 -45.61 55.87 -72.65
N VAL Q 329 -46.89 56.31 -72.50
CA VAL Q 329 -47.79 56.54 -73.64
C VAL Q 329 -47.27 57.69 -74.53
N LEU Q 330 -46.92 58.83 -73.91
CA LEU Q 330 -46.44 59.99 -74.67
C LEU Q 330 -45.17 59.69 -75.47
N GLY Q 331 -44.33 58.80 -74.93
CA GLY Q 331 -43.08 58.36 -75.56
C GLY Q 331 -43.28 57.58 -76.86
N VAL Q 332 -44.51 57.07 -77.12
CA VAL Q 332 -44.82 56.32 -78.34
C VAL Q 332 -45.76 57.08 -79.29
N ILE Q 333 -46.26 58.26 -78.89
CA ILE Q 333 -47.15 59.08 -79.74
C ILE Q 333 -46.22 59.77 -80.78
N GLY Q 334 -46.45 59.50 -82.05
CA GLY Q 334 -45.65 60.03 -83.15
C GLY Q 334 -46.07 61.38 -83.70
N THR Q 335 -47.27 61.83 -83.32
CA THR Q 335 -47.79 63.12 -83.74
C THR Q 335 -47.46 64.22 -82.70
N GLU Q 336 -47.40 65.45 -83.19
CA GLU Q 336 -47.16 66.67 -82.45
C GLU Q 336 -48.24 66.92 -81.40
N GLN Q 337 -49.50 66.60 -81.77
CA GLN Q 337 -50.65 66.72 -80.89
C GLN Q 337 -51.07 65.33 -80.41
N VAL Q 338 -51.68 65.28 -79.23
CA VAL Q 338 -52.14 64.06 -78.60
C VAL Q 338 -53.58 64.25 -78.13
N ARG Q 339 -54.41 63.23 -78.35
CA ARG Q 339 -55.80 63.22 -77.91
C ARG Q 339 -55.96 62.35 -76.64
N PHE Q 340 -56.57 62.92 -75.60
CA PHE Q 340 -56.92 62.25 -74.36
C PHE Q 340 -58.44 62.24 -74.33
N ILE Q 341 -59.04 61.06 -74.14
CA ILE Q 341 -60.48 60.92 -74.08
C ILE Q 341 -60.79 60.38 -72.69
N LEU Q 342 -61.44 61.19 -71.89
CA LEU Q 342 -61.76 60.86 -70.51
C LEU Q 342 -63.27 60.89 -70.27
N SER Q 343 -63.68 60.39 -69.11
CA SER Q 343 -65.08 60.41 -68.68
C SER Q 343 -65.13 60.89 -67.22
N ASP Q 344 -64.95 59.98 -66.24
CA ASP Q 344 -64.99 60.33 -64.81
C ASP Q 344 -63.68 59.94 -64.09
N SER Q 345 -63.56 60.30 -62.79
CA SER Q 345 -62.37 60.07 -61.96
C SER Q 345 -62.02 58.60 -61.69
N ASN Q 346 -63.00 57.70 -61.86
CA ASN Q 346 -62.82 56.27 -61.62
C ASN Q 346 -62.58 55.47 -62.90
N SER Q 347 -62.68 56.14 -64.06
CA SER Q 347 -62.57 55.50 -65.37
C SER Q 347 -61.27 55.82 -66.08
N SER Q 348 -60.89 54.89 -66.95
CA SER Q 348 -59.69 54.91 -67.78
CA SER Q 348 -59.66 54.97 -67.71
C SER Q 348 -59.60 56.13 -68.71
N ALA Q 349 -58.38 56.50 -69.06
CA ALA Q 349 -58.07 57.53 -70.04
C ALA Q 349 -57.83 56.73 -71.31
N LEU Q 350 -58.31 57.24 -72.43
CA LEU Q 350 -58.10 56.66 -73.75
C LEU Q 350 -57.21 57.67 -74.48
N VAL Q 351 -56.09 57.19 -75.02
CA VAL Q 351 -55.12 58.05 -75.69
C VAL Q 351 -54.90 57.62 -77.13
N HIS Q 352 -54.85 58.60 -78.05
CA HIS Q 352 -54.61 58.37 -79.47
C HIS Q 352 -53.66 59.44 -80.01
N GLU Q 353 -53.12 59.17 -81.20
CA GLU Q 353 -52.37 60.16 -81.98
C GLU Q 353 -53.41 61.17 -82.48
N ALA Q 354 -52.97 62.36 -82.92
CA ALA Q 354 -53.85 63.43 -83.37
C ALA Q 354 -54.73 63.11 -84.57
N ASP Q 355 -54.17 62.42 -85.58
CA ASP Q 355 -54.83 62.22 -86.87
C ASP Q 355 -55.38 60.82 -87.19
N ASN Q 356 -55.25 59.86 -86.27
CA ASN Q 356 -55.72 58.48 -86.52
C ASN Q 356 -56.03 57.71 -85.24
N ASP Q 357 -56.81 56.63 -85.37
CA ASP Q 357 -57.21 55.75 -84.27
C ASP Q 357 -56.46 54.40 -84.29
N ASP Q 358 -55.45 54.24 -85.18
CA ASP Q 358 -54.68 52.99 -85.35
C ASP Q 358 -54.01 52.54 -84.05
N SER Q 359 -53.49 53.50 -83.26
CA SER Q 359 -52.93 53.23 -81.95
C SER Q 359 -53.93 53.70 -80.90
N ALA Q 360 -54.08 52.90 -79.82
CA ALA Q 360 -54.98 53.21 -78.72
C ALA Q 360 -54.33 52.79 -77.41
N TYR Q 361 -54.32 53.70 -76.44
CA TYR Q 361 -53.70 53.48 -75.13
C TYR Q 361 -54.70 53.71 -74.05
N VAL Q 362 -54.78 52.75 -73.13
CA VAL Q 362 -55.74 52.77 -72.03
C VAL Q 362 -54.95 52.82 -70.70
N VAL Q 363 -55.27 53.80 -69.85
CA VAL Q 363 -54.59 53.90 -68.56
C VAL Q 363 -55.67 53.99 -67.48
N MET Q 364 -55.69 53.00 -66.55
CA MET Q 364 -56.61 53.07 -65.44
C MET Q 364 -56.10 54.15 -64.47
N PRO Q 365 -57.00 54.97 -63.88
CA PRO Q 365 -56.57 56.00 -62.95
C PRO Q 365 -56.20 55.42 -61.57
N MET Q 366 -55.78 56.33 -60.68
CA MET Q 366 -55.46 56.07 -59.28
C MET Q 366 -56.52 56.80 -58.44
N ARG Q 367 -56.90 56.21 -57.29
CA ARG Q 367 -57.82 56.86 -56.38
C ARG Q 367 -57.08 58.01 -55.69
N LEU Q 368 -57.68 59.22 -55.72
CA LEU Q 368 -57.13 60.43 -55.12
C LEU Q 368 -57.49 60.48 -53.63
N GLN R 2 -53.82 52.84 -57.34
CA GLN R 2 -53.93 52.29 -58.69
C GLN R 2 -55.10 51.31 -58.88
N ASP R 4 -57.52 48.66 -61.41
CA ASP R 4 -57.28 47.57 -62.36
C ASP R 4 -58.23 47.56 -63.53
N LEU R 5 -57.73 47.09 -64.69
CA LEU R 5 -58.51 46.95 -65.93
C LEU R 5 -59.53 45.84 -65.82
N HIS S 1 -34.61 84.04 -45.45
CA HIS S 1 -34.88 85.30 -46.17
C HIS S 1 -34.16 85.41 -47.55
N MET S 2 -33.26 84.44 -47.82
CA MET S 2 -32.51 84.28 -49.06
C MET S 2 -33.46 84.27 -50.28
N HIS S 3 -33.12 85.06 -51.30
CA HIS S 3 -33.92 85.18 -52.51
C HIS S 3 -33.07 85.69 -53.66
N PHE S 4 -33.22 85.05 -54.84
CA PHE S 4 -32.52 85.44 -56.05
C PHE S 4 -33.24 84.94 -57.32
N THR S 5 -32.89 85.55 -58.46
CA THR S 5 -33.35 85.16 -59.79
C THR S 5 -32.12 84.76 -60.57
N ILE S 6 -32.25 83.74 -61.43
CA ILE S 6 -31.15 83.20 -62.22
C ILE S 6 -31.70 82.53 -63.49
N GLN S 7 -30.95 82.64 -64.60
CA GLN S 7 -31.31 81.97 -65.85
C GLN S 7 -31.00 80.50 -65.68
N ARG S 8 -31.86 79.64 -66.27
CA ARG S 8 -31.74 78.18 -66.22
C ARG S 8 -30.29 77.68 -66.45
N GLU S 9 -29.66 78.11 -67.54
CA GLU S 9 -28.31 77.70 -67.95
C GLU S 9 -27.22 78.15 -67.02
N ALA S 10 -27.38 79.37 -66.45
CA ALA S 10 -26.43 79.94 -65.49
C ALA S 10 -26.41 79.14 -64.18
N LEU S 11 -27.56 78.62 -63.74
CA LEU S 11 -27.70 77.80 -62.54
C LEU S 11 -27.26 76.38 -62.83
N LEU S 12 -27.69 75.82 -63.97
CA LEU S 12 -27.40 74.45 -64.38
C LEU S 12 -25.92 74.10 -64.44
N LYS S 13 -25.07 74.96 -65.05
CA LYS S 13 -23.63 74.69 -65.16
C LYS S 13 -22.96 74.39 -63.80
N PRO S 14 -22.94 75.29 -62.79
CA PRO S 14 -22.33 74.93 -61.50
C PRO S 14 -23.08 73.85 -60.73
N LEU S 15 -24.43 73.80 -60.86
CA LEU S 15 -25.26 72.78 -60.19
C LEU S 15 -24.89 71.38 -60.65
N GLN S 16 -24.69 71.17 -61.98
CA GLN S 16 -24.29 69.87 -62.53
C GLN S 16 -22.89 69.47 -62.04
N LEU S 17 -21.95 70.42 -61.99
CA LEU S 17 -20.57 70.16 -61.53
C LEU S 17 -20.56 69.72 -60.07
N VAL S 18 -21.21 70.51 -59.21
CA VAL S 18 -21.32 70.31 -57.77
C VAL S 18 -22.08 69.02 -57.42
N ALA S 19 -23.19 68.69 -58.13
CA ALA S 19 -23.98 67.47 -57.92
C ALA S 19 -23.18 66.20 -58.23
N GLY S 20 -22.17 66.33 -59.09
CA GLY S 20 -21.26 65.24 -59.46
C GLY S 20 -20.45 64.67 -58.30
N VAL S 21 -20.16 65.50 -57.28
CA VAL S 21 -19.39 65.07 -56.11
C VAL S 21 -20.34 64.57 -54.98
N VAL S 22 -21.64 64.92 -55.10
CA VAL S 22 -22.71 64.55 -54.16
C VAL S 22 -23.08 63.07 -54.41
N GLU S 23 -22.83 62.22 -53.41
CA GLU S 23 -23.11 60.78 -53.50
C GLU S 23 -23.85 60.29 -52.27
N GLN S 26 -25.52 58.43 -49.27
CA GLN S 26 -24.89 59.26 -48.24
C GLN S 26 -25.33 58.84 -46.84
N THR S 27 -24.39 58.86 -45.88
CA THR S 27 -24.66 58.51 -44.47
C THR S 27 -25.38 59.68 -43.81
N LEU S 28 -24.70 60.86 -43.73
CA LEU S 28 -25.25 62.10 -43.17
C LEU S 28 -26.23 62.69 -44.21
N PRO S 29 -27.47 63.07 -43.82
CA PRO S 29 -28.44 63.57 -44.82
C PRO S 29 -28.02 64.86 -45.54
N VAL S 30 -27.33 65.77 -44.85
CA VAL S 30 -26.86 67.05 -45.41
C VAL S 30 -25.89 66.85 -46.59
N LEU S 31 -25.15 65.71 -46.61
CA LEU S 31 -24.20 65.33 -47.66
C LEU S 31 -24.85 65.14 -49.02
N SER S 32 -26.17 64.84 -49.05
CA SER S 32 -26.98 64.68 -50.28
C SER S 32 -27.42 66.04 -50.82
N ASN S 33 -27.19 67.11 -50.03
CA ASN S 33 -27.60 68.45 -50.35
C ASN S 33 -26.51 69.33 -50.91
N VAL S 34 -26.93 70.32 -51.70
CA VAL S 34 -26.07 71.36 -52.23
C VAL S 34 -26.22 72.57 -51.29
N LEU S 35 -25.11 73.16 -50.84
CA LEU S 35 -25.13 74.36 -50.02
C LEU S 35 -25.27 75.56 -50.99
N LEU S 36 -26.33 76.36 -50.80
CA LEU S 36 -26.59 77.57 -51.59
C LEU S 36 -26.28 78.77 -50.68
N VAL S 37 -25.39 79.66 -51.11
CA VAL S 37 -25.02 80.87 -50.34
C VAL S 37 -25.13 82.09 -51.24
N VAL S 38 -25.94 83.05 -50.84
CA VAL S 38 -26.07 84.33 -51.53
C VAL S 38 -25.36 85.39 -50.65
N GLU S 39 -24.29 85.97 -51.18
CA GLU S 39 -23.53 87.04 -50.51
C GLU S 39 -23.40 88.14 -51.57
N GLY S 40 -24.04 89.28 -51.33
CA GLY S 40 -24.12 90.37 -52.29
C GLY S 40 -24.76 89.89 -53.59
N GLN S 41 -24.08 90.13 -54.73
CA GLN S 41 -24.54 89.71 -56.05
C GLN S 41 -23.89 88.40 -56.53
N GLN S 42 -23.48 87.56 -55.56
CA GLN S 42 -22.87 86.27 -55.87
C GLN S 42 -23.58 85.10 -55.23
N LEU S 43 -23.86 84.07 -56.04
CA LEU S 43 -24.40 82.81 -55.60
C LEU S 43 -23.27 81.80 -55.63
N SER S 44 -23.06 81.10 -54.51
CA SER S 44 -22.08 80.04 -54.41
C SER S 44 -22.84 78.72 -54.19
N LEU S 45 -22.41 77.66 -54.87
CA LEU S 45 -23.01 76.33 -54.78
C LEU S 45 -21.92 75.38 -54.33
N THR S 46 -22.13 74.67 -53.19
CA THR S 46 -21.13 73.77 -52.65
C THR S 46 -21.67 72.33 -52.49
N GLY S 47 -20.88 71.39 -52.97
CA GLY S 47 -21.12 69.95 -52.86
C GLY S 47 -19.88 69.31 -52.25
N THR S 48 -20.08 68.29 -51.40
CA THR S 48 -18.99 67.58 -50.73
C THR S 48 -19.36 66.13 -50.41
N ASP S 49 -18.33 65.28 -50.25
CA ASP S 49 -18.47 63.88 -49.81
C ASP S 49 -17.53 63.69 -48.62
N LEU S 50 -17.03 64.84 -48.07
CA LEU S 50 -16.08 64.98 -46.96
C LEU S 50 -14.59 64.78 -47.36
N GLU S 51 -14.33 64.16 -48.53
CA GLU S 51 -12.98 63.94 -49.04
C GLU S 51 -12.67 65.09 -50.04
N VAL S 52 -13.62 65.34 -50.94
CA VAL S 52 -13.56 66.40 -51.94
C VAL S 52 -14.69 67.42 -51.72
N GLU S 53 -14.42 68.68 -52.04
CA GLU S 53 -15.39 69.76 -51.95
C GLU S 53 -15.31 70.53 -53.26
N LEU S 54 -16.45 70.75 -53.87
CA LEU S 54 -16.53 71.50 -55.11
C LEU S 54 -17.43 72.71 -54.91
N VAL S 55 -16.92 73.88 -55.31
CA VAL S 55 -17.63 75.16 -55.17
C VAL S 55 -17.78 75.80 -56.55
N GLY S 56 -19.02 76.11 -56.92
CA GLY S 56 -19.35 76.81 -58.15
C GLY S 56 -19.86 78.20 -57.82
N ARG S 57 -19.50 79.19 -58.63
CA ARG S 57 -19.90 80.58 -58.41
C ARG S 57 -20.57 81.17 -59.61
N VAL S 58 -21.64 81.95 -59.36
CA VAL S 58 -22.43 82.65 -60.38
C VAL S 58 -22.65 84.09 -59.94
N VAL S 59 -22.49 85.04 -60.87
CA VAL S 59 -22.77 86.45 -60.62
C VAL S 59 -24.28 86.62 -60.86
N LEU S 60 -25.00 87.20 -59.88
CA LEU S 60 -26.44 87.42 -59.97
C LEU S 60 -26.73 88.80 -60.55
N GLU S 61 -27.54 88.86 -61.62
CA GLU S 61 -27.89 90.10 -62.32
C GLU S 61 -28.90 90.98 -61.56
N ASP S 62 -30.11 90.46 -61.29
CA ASP S 62 -31.15 91.22 -60.58
C ASP S 62 -30.87 91.23 -59.07
N ALA S 63 -31.53 92.16 -58.33
CA ALA S 63 -31.36 92.31 -56.87
C ALA S 63 -31.62 91.01 -56.13
N ALA S 64 -30.69 90.64 -55.26
CA ALA S 64 -30.72 89.41 -54.49
C ALA S 64 -30.61 89.67 -53.00
N GLU S 65 -31.33 88.88 -52.20
CA GLU S 65 -31.31 88.97 -50.74
C GLU S 65 -30.42 87.88 -50.17
N PRO S 66 -29.50 88.24 -49.24
CA PRO S 66 -28.54 87.24 -48.74
C PRO S 66 -29.12 86.15 -47.87
N GLY S 67 -28.34 85.10 -47.76
CA GLY S 67 -28.70 83.94 -46.96
C GLY S 67 -28.00 82.69 -47.39
N GLU S 68 -28.25 81.62 -46.63
CA GLU S 68 -27.69 80.32 -46.89
C GLU S 68 -28.67 79.21 -46.52
N ILE S 69 -28.65 78.15 -47.31
CA ILE S 69 -29.53 77.00 -47.16
C ILE S 69 -28.95 75.79 -47.89
N THR S 70 -29.41 74.60 -47.55
CA THR S 70 -29.02 73.38 -48.26
C THR S 70 -30.29 72.76 -48.78
N VAL S 71 -30.24 72.21 -50.00
CA VAL S 71 -31.39 71.58 -50.69
C VAL S 71 -30.93 70.28 -51.37
N PRO S 72 -31.84 69.28 -51.58
CA PRO S 72 -31.42 68.05 -52.30
C PRO S 72 -30.79 68.40 -53.66
N ALA S 73 -29.50 68.07 -53.82
CA ALA S 73 -28.73 68.41 -55.01
C ALA S 73 -29.27 67.81 -56.32
N ARG S 74 -29.54 66.49 -56.33
CA ARG S 74 -30.06 65.80 -57.53
C ARG S 74 -31.46 66.32 -57.91
N LYS S 75 -32.36 66.50 -56.93
CA LYS S 75 -33.69 67.05 -57.18
C LYS S 75 -33.65 68.44 -57.81
N LEU S 76 -32.85 69.38 -57.23
CA LEU S 76 -32.73 70.72 -57.78
C LEU S 76 -32.14 70.71 -59.19
N MET S 77 -31.12 69.88 -59.42
CA MET S 77 -30.49 69.73 -60.73
C MET S 77 -31.51 69.20 -61.76
N ASP S 78 -32.27 68.14 -61.40
CA ASP S 78 -33.31 67.55 -62.27
C ASP S 78 -34.42 68.53 -62.63
N ILE S 79 -34.85 69.35 -61.64
CA ILE S 79 -35.85 70.40 -61.87
C ILE S 79 -35.26 71.44 -62.86
N CYS S 80 -34.03 71.92 -62.60
CA CYS S 80 -33.31 72.89 -63.43
C CYS S 80 -33.15 72.39 -64.88
N LYS S 81 -32.68 71.13 -65.06
CA LYS S 81 -32.52 70.49 -66.37
C LYS S 81 -33.84 70.35 -67.14
N SER S 82 -34.92 70.00 -66.43
CA SER S 82 -36.26 69.78 -67.00
C SER S 82 -37.00 71.07 -67.39
N LEU S 83 -36.55 72.23 -66.87
CA LEU S 83 -37.20 73.52 -67.16
C LEU S 83 -36.97 73.96 -68.62
N PRO S 84 -37.89 74.76 -69.23
CA PRO S 84 -37.65 75.21 -70.62
C PRO S 84 -36.37 76.04 -70.76
N ASN S 85 -35.67 75.88 -71.90
CA ASN S 85 -34.43 76.59 -72.22
C ASN S 85 -34.57 78.08 -72.05
N ASP S 86 -33.59 78.68 -71.35
CA ASP S 86 -33.46 80.12 -71.09
C ASP S 86 -34.48 80.77 -70.14
N VAL S 87 -35.24 79.98 -69.39
CA VAL S 87 -36.24 80.50 -68.45
C VAL S 87 -35.55 81.17 -67.22
N LEU S 88 -36.18 82.21 -66.68
CA LEU S 88 -35.72 82.90 -65.48
C LEU S 88 -36.32 82.15 -64.28
N ILE S 89 -35.46 81.71 -63.36
CA ILE S 89 -35.89 80.96 -62.18
C ILE S 89 -35.86 81.87 -60.96
N ASP S 90 -36.98 81.93 -60.22
CA ASP S 90 -37.06 82.68 -58.97
C ASP S 90 -36.92 81.66 -57.83
N ILE S 91 -35.92 81.87 -56.96
CA ILE S 91 -35.62 80.98 -55.84
C ILE S 91 -35.65 81.74 -54.53
N ARG S 92 -36.45 81.25 -53.57
CA ARG S 92 -36.52 81.87 -52.24
C ARG S 92 -36.71 80.83 -51.13
N VAL S 93 -36.25 81.16 -49.92
CA VAL S 93 -36.41 80.33 -48.74
C VAL S 93 -37.61 80.86 -47.97
N GLU S 94 -38.56 79.98 -47.64
CA GLU S 94 -39.76 80.36 -46.91
C GLU S 94 -40.16 79.24 -45.95
N GLU S 95 -40.03 79.50 -44.62
CA GLU S 95 -40.36 78.56 -43.54
C GLU S 95 -39.71 77.18 -43.71
N GLN S 96 -38.36 77.15 -43.82
CA GLN S 96 -37.55 75.94 -44.01
C GLN S 96 -37.83 75.15 -45.31
N LYS S 97 -38.39 75.82 -46.32
CA LYS S 97 -38.67 75.22 -47.61
C LYS S 97 -38.08 76.08 -48.72
N LEU S 98 -37.61 75.42 -49.81
CA LEU S 98 -37.10 76.15 -50.96
C LEU S 98 -38.22 76.26 -51.99
N LEU S 99 -38.58 77.50 -52.34
CA LEU S 99 -39.63 77.82 -53.27
C LEU S 99 -39.01 78.18 -54.61
N VAL S 100 -39.32 77.37 -55.65
CA VAL S 100 -38.80 77.53 -57.00
C VAL S 100 -39.95 77.88 -57.93
N LYS S 101 -39.82 79.00 -58.66
CA LYS S 101 -40.84 79.46 -59.63
C LYS S 101 -40.15 79.74 -60.97
N ALA S 102 -40.71 79.18 -62.06
CA ALA S 102 -40.17 79.39 -63.41
C ALA S 102 -41.29 79.20 -64.40
N GLY S 103 -41.69 80.31 -65.00
CA GLY S 103 -42.82 80.35 -65.93
C GLY S 103 -44.09 79.94 -65.23
N ARG S 104 -44.74 78.89 -65.76
CA ARG S 104 -45.97 78.34 -65.18
C ARG S 104 -45.71 77.15 -64.22
N SER S 105 -44.42 76.90 -63.90
CA SER S 105 -44.00 75.82 -63.00
C SER S 105 -43.65 76.33 -61.59
N ARG S 106 -44.10 75.58 -60.58
CA ARG S 106 -43.88 75.88 -59.15
C ARG S 106 -43.39 74.61 -58.46
N PHE S 107 -42.35 74.74 -57.64
CA PHE S 107 -41.74 73.63 -56.89
C PHE S 107 -41.46 74.04 -55.45
N THR S 108 -41.74 73.14 -54.50
CA THR S 108 -41.43 73.31 -53.09
C THR S 108 -40.52 72.17 -52.68
N LEU S 109 -39.29 72.46 -52.24
CA LEU S 109 -38.31 71.48 -51.83
C LEU S 109 -38.04 71.54 -50.33
N SER S 110 -37.76 70.38 -49.73
CA SER S 110 -37.39 70.31 -48.31
C SER S 110 -35.94 70.86 -48.19
N THR S 111 -35.60 71.40 -47.03
CA THR S 111 -34.24 71.93 -46.82
C THR S 111 -33.60 71.36 -45.52
N LEU S 112 -32.30 71.57 -45.36
CA LEU S 112 -31.53 71.28 -44.15
C LEU S 112 -30.70 72.54 -43.82
N PRO S 113 -30.58 72.94 -42.53
CA PRO S 113 -29.82 74.17 -42.21
C PRO S 113 -28.40 74.19 -42.75
N ALA S 114 -27.99 75.35 -43.26
CA ALA S 114 -26.64 75.58 -43.79
C ALA S 114 -25.57 75.48 -42.71
N ASN S 115 -25.92 75.75 -41.44
CA ASN S 115 -24.97 75.65 -40.32
C ASN S 115 -24.49 74.21 -40.08
N ASP S 116 -25.28 73.21 -40.58
CA ASP S 116 -25.02 71.77 -40.51
C ASP S 116 -24.17 71.25 -41.68
N PHE S 117 -23.92 72.11 -42.68
CA PHE S 117 -23.09 71.76 -43.83
C PHE S 117 -21.58 71.78 -43.46
N PRO S 118 -20.83 70.68 -43.75
CA PRO S 118 -19.40 70.62 -43.39
C PRO S 118 -18.42 71.27 -44.39
N THR S 119 -17.10 71.22 -44.12
CA THR S 119 -16.07 71.68 -45.07
C THR S 119 -14.87 70.68 -45.16
N VAL S 120 -14.02 70.79 -46.21
CA VAL S 120 -12.86 69.91 -46.35
C VAL S 120 -11.64 70.18 -45.39
N GLU S 121 -11.45 71.43 -44.94
CA GLU S 121 -10.36 71.91 -44.06
C GLU S 121 -9.14 72.24 -44.87
N GLU S 122 -8.88 73.53 -44.92
CA GLU S 122 -7.83 74.14 -45.68
C GLU S 122 -6.79 74.72 -44.76
N GLY S 123 -5.58 74.19 -44.87
CA GLY S 123 -4.48 74.70 -44.10
C GLY S 123 -3.68 75.70 -44.91
N PRO S 124 -2.61 76.26 -44.32
CA PRO S 124 -1.77 77.18 -45.10
C PRO S 124 -1.08 76.48 -46.27
N GLY S 125 -0.98 77.17 -47.39
CA GLY S 125 -0.28 76.64 -48.53
C GLY S 125 1.23 76.60 -48.32
N SER S 126 1.86 75.52 -48.77
CA SER S 126 3.33 75.38 -48.70
C SER S 126 3.85 75.84 -50.06
N LEU S 127 3.06 75.58 -51.12
CA LEU S 127 3.39 75.94 -52.49
C LEU S 127 2.14 76.34 -53.25
N ASN S 128 2.25 77.37 -54.07
CA ASN S 128 1.14 77.80 -54.91
C ASN S 128 1.62 78.30 -56.23
N PHE S 129 1.02 77.79 -57.31
CA PHE S 129 1.41 78.09 -58.69
C PHE S 129 0.20 78.03 -59.62
N SER S 130 0.34 78.60 -60.81
CA SER S 130 -0.67 78.58 -61.85
C SER S 130 -0.15 77.67 -62.99
N ILE S 131 -1.05 76.90 -63.61
CA ILE S 131 -0.72 75.99 -64.70
C ILE S 131 -1.87 75.86 -65.71
N ALA S 132 -1.55 75.60 -66.99
CA ALA S 132 -2.54 75.34 -68.04
C ALA S 132 -3.34 74.09 -67.63
N GLN S 133 -4.69 74.17 -67.72
CA GLN S 133 -5.60 73.08 -67.37
C GLN S 133 -5.28 71.82 -68.16
N SER S 134 -4.97 72.02 -69.45
CA SER S 134 -4.60 70.99 -70.44
C SER S 134 -3.36 70.20 -70.00
N LYS S 135 -2.33 70.90 -69.45
CA LYS S 135 -1.09 70.27 -68.99
C LYS S 135 -1.35 69.42 -67.74
N LEU S 136 -2.15 69.94 -66.78
CA LEU S 136 -2.48 69.18 -65.57
C LEU S 136 -3.36 67.96 -65.89
N ARG S 137 -4.37 68.13 -66.79
CA ARG S 137 -5.26 67.04 -67.20
C ARG S 137 -4.47 65.91 -67.86
N ARG S 138 -3.49 66.27 -68.71
CA ARG S 138 -2.61 65.32 -69.40
C ARG S 138 -1.85 64.46 -68.38
N LEU S 139 -1.30 65.10 -67.33
CA LEU S 139 -0.55 64.39 -66.27
C LEU S 139 -1.43 63.33 -65.59
N ILE S 140 -2.70 63.67 -65.30
CA ILE S 140 -3.65 62.77 -64.67
C ILE S 140 -4.10 61.67 -65.64
N ASP S 141 -4.61 62.05 -66.82
CA ASP S 141 -5.11 61.10 -67.81
C ASP S 141 -4.07 60.13 -68.35
N ARG S 142 -2.79 60.53 -68.41
CA ARG S 142 -1.74 59.64 -68.90
C ARG S 142 -1.33 58.61 -67.85
N THR S 143 -1.75 58.77 -66.58
CA THR S 143 -1.30 57.89 -65.50
C THR S 143 -2.36 57.25 -64.61
N SER S 144 -3.59 57.81 -64.57
CA SER S 144 -4.64 57.39 -63.64
C SER S 144 -5.02 55.92 -63.59
N PHE S 145 -4.92 55.20 -64.73
CA PHE S 145 -5.24 53.77 -64.81
C PHE S 145 -4.33 52.91 -63.91
N ALA S 146 -3.11 53.40 -63.58
CA ALA S 146 -2.14 52.61 -62.81
C ALA S 146 -2.32 52.69 -61.30
N MET S 147 -3.22 53.58 -60.81
CA MET S 147 -3.46 53.73 -59.37
C MET S 147 -4.04 52.45 -58.81
N ALA S 148 -3.72 52.14 -57.55
CA ALA S 148 -4.33 51.00 -56.89
C ALA S 148 -5.76 51.44 -56.44
N GLN S 149 -6.62 50.45 -56.18
CA GLN S 149 -7.97 50.64 -55.69
C GLN S 149 -8.13 49.72 -54.49
N GLN S 150 -8.39 50.30 -53.31
CA GLN S 150 -8.58 49.56 -52.04
C GLN S 150 -7.41 48.66 -51.62
N ASP S 151 -6.16 49.00 -52.05
CA ASP S 151 -4.98 48.24 -51.65
C ASP S 151 -4.73 48.53 -50.17
N VAL S 152 -4.24 47.52 -49.43
CA VAL S 152 -3.90 47.64 -48.01
C VAL S 152 -2.80 48.72 -47.81
N ARG S 153 -1.93 48.91 -48.83
CA ARG S 153 -0.91 49.96 -48.87
C ARG S 153 -1.71 51.19 -49.37
N TYR S 154 -2.37 51.87 -48.41
CA TYR S 154 -3.28 53.00 -48.61
C TYR S 154 -2.71 54.16 -49.45
N TYR S 155 -1.39 54.37 -49.36
CA TYR S 155 -0.65 55.43 -50.08
C TYR S 155 -0.60 55.20 -51.61
N LEU S 156 -0.99 53.99 -52.08
CA LEU S 156 -1.04 53.64 -53.50
C LEU S 156 -2.42 53.91 -54.09
N ASN S 157 -3.45 54.12 -53.24
CA ASN S 157 -4.83 54.37 -53.67
C ASN S 157 -5.04 55.83 -54.03
N GLY S 158 -4.18 56.30 -54.93
CA GLY S 158 -4.15 57.68 -55.38
C GLY S 158 -2.97 57.97 -56.28
N MET S 159 -2.75 59.26 -56.50
CA MET S 159 -1.72 59.73 -57.40
C MET S 159 -0.73 60.66 -56.73
N LEU S 160 0.56 60.39 -56.96
CA LEU S 160 1.61 61.28 -56.52
C LEU S 160 1.67 62.45 -57.49
N LEU S 161 1.67 63.68 -56.94
CA LEU S 161 1.90 64.92 -57.68
C LEU S 161 3.18 65.48 -57.04
N GLU S 162 4.22 65.61 -57.85
CA GLU S 162 5.52 66.02 -57.37
C GLU S 162 6.07 67.22 -58.12
N VAL S 163 6.55 68.22 -57.36
CA VAL S 163 7.21 69.40 -57.94
C VAL S 163 8.70 69.26 -57.60
N ASN S 164 9.55 69.27 -58.63
CA ASN S 164 10.99 69.09 -58.45
C ASN S 164 11.75 69.82 -59.55
N GLY S 165 12.61 70.77 -59.14
CA GLY S 165 13.40 71.59 -60.06
C GLY S 165 12.60 72.76 -60.57
N GLY S 166 11.52 72.44 -61.26
CA GLY S 166 10.55 73.31 -61.88
C GLY S 166 9.51 72.46 -62.60
N THR S 167 9.80 71.14 -62.66
CA THR S 167 8.97 70.11 -63.29
C THR S 167 7.80 69.69 -62.38
N LEU S 168 6.63 69.45 -62.98
CA LEU S 168 5.49 68.88 -62.31
C LEU S 168 5.37 67.46 -62.87
N ARG S 169 5.28 66.48 -61.97
CA ARG S 169 5.24 65.07 -62.33
C ARG S 169 4.14 64.34 -61.59
N SER S 170 3.46 63.43 -62.31
CA SER S 170 2.47 62.55 -61.76
C SER S 170 3.02 61.14 -61.75
N VAL S 171 2.78 60.40 -60.66
CA VAL S 171 3.18 58.99 -60.55
C VAL S 171 1.98 58.21 -59.95
N ALA S 172 1.62 57.10 -60.59
CA ALA S 172 0.57 56.18 -60.15
C ALA S 172 1.11 54.75 -60.25
N THR S 173 0.81 53.92 -59.22
CA THR S 173 1.25 52.55 -59.17
C THR S 173 0.35 51.69 -58.27
N ASP S 174 0.28 50.39 -58.59
CA ASP S 174 -0.47 49.43 -57.82
C ASP S 174 0.46 48.30 -57.29
N GLY S 175 1.76 48.47 -57.49
CA GLY S 175 2.78 47.49 -57.08
C GLY S 175 3.18 46.51 -58.17
N HIS S 176 2.34 46.37 -59.22
CA HIS S 176 2.62 45.51 -60.36
C HIS S 176 3.09 46.33 -61.57
N ARG S 177 2.49 47.50 -61.73
CA ARG S 177 2.76 48.39 -62.84
C ARG S 177 2.77 49.82 -62.35
N LEU S 178 3.41 50.70 -63.12
CA LEU S 178 3.53 52.10 -62.78
C LEU S 178 3.35 52.96 -64.04
N ALA S 179 2.75 54.13 -63.86
CA ALA S 179 2.62 55.13 -64.92
C ALA S 179 3.17 56.46 -64.36
N MET S 180 3.95 57.17 -65.17
CA MET S 180 4.48 58.46 -64.80
C MET S 180 4.51 59.42 -65.99
N CYS S 181 4.26 60.69 -65.71
CA CYS S 181 4.28 61.73 -66.73
C CYS S 181 4.91 62.98 -66.15
N SER S 182 5.87 63.60 -66.87
CA SER S 182 6.59 64.78 -66.42
C SER S 182 6.44 65.91 -67.42
N LEU S 183 6.22 67.14 -66.91
CA LEU S 183 6.08 68.34 -67.73
C LEU S 183 6.85 69.49 -67.09
N ASP S 184 7.70 70.18 -67.87
CA ASP S 184 8.48 71.29 -67.32
C ASP S 184 7.66 72.58 -67.24
N ALA S 185 6.95 72.75 -66.11
CA ALA S 185 6.05 73.87 -65.83
C ALA S 185 6.75 75.13 -65.24
N GLN S 186 8.06 75.05 -64.96
CA GLN S 186 8.87 76.11 -64.39
C GLN S 186 8.30 76.70 -63.06
N ILE S 187 7.96 75.78 -62.12
CA ILE S 187 7.41 76.09 -60.79
C ILE S 187 8.60 76.24 -59.80
N PRO S 188 8.84 77.44 -59.22
CA PRO S 188 9.93 77.54 -58.21
C PRO S 188 9.52 76.84 -56.91
N SER S 189 10.40 75.96 -56.40
CA SER S 189 10.12 75.18 -55.18
C SER S 189 11.23 75.15 -54.12
N GLN S 190 12.50 75.35 -54.53
CA GLN S 190 13.68 75.31 -53.64
C GLN S 190 14.03 73.90 -53.10
N ASP S 191 13.05 72.97 -53.12
CA ASP S 191 13.18 71.57 -52.71
C ASP S 191 12.06 70.73 -53.33
N ARG S 192 12.29 69.41 -53.42
CA ARG S 192 11.30 68.48 -53.95
C ARG S 192 10.07 68.45 -53.03
N HIS S 193 8.87 68.70 -53.59
CA HIS S 193 7.63 68.68 -52.84
C HIS S 193 6.69 67.60 -53.43
N GLN S 194 6.19 66.72 -52.54
CA GLN S 194 5.29 65.63 -52.94
C GLN S 194 3.95 65.70 -52.19
N VAL S 195 2.86 65.38 -52.89
CA VAL S 195 1.51 65.23 -52.33
C VAL S 195 0.88 63.96 -52.95
N ILE S 196 0.08 63.23 -52.16
CA ILE S 196 -0.64 62.08 -52.69
C ILE S 196 -2.11 62.46 -52.70
N VAL S 197 -2.70 62.58 -53.89
CA VAL S 197 -4.10 62.92 -54.07
C VAL S 197 -4.90 61.61 -54.11
N PRO S 198 -5.95 61.44 -53.24
CA PRO S 198 -6.76 60.20 -53.30
C PRO S 198 -7.35 59.98 -54.68
N ARG S 199 -7.46 58.69 -55.06
CA ARG S 199 -7.96 58.29 -56.37
C ARG S 199 -9.27 58.94 -56.81
N LYS S 200 -10.28 58.99 -55.92
CA LYS S 200 -11.58 59.60 -56.25
C LYS S 200 -11.45 61.09 -56.58
N GLY S 201 -10.66 61.78 -55.78
CA GLY S 201 -10.37 63.20 -55.92
C GLY S 201 -9.66 63.57 -57.20
N ILE S 202 -8.56 62.87 -57.51
CA ILE S 202 -7.80 63.11 -58.73
C ILE S 202 -8.61 62.84 -60.02
N LEU S 203 -9.44 61.79 -60.02
CA LEU S 203 -10.28 61.44 -61.17
C LEU S 203 -11.36 62.50 -61.39
N GLU S 204 -11.91 63.03 -60.30
CA GLU S 204 -12.89 64.10 -60.34
C GLU S 204 -12.26 65.36 -60.91
N LEU S 205 -11.07 65.75 -60.38
CA LEU S 205 -10.31 66.91 -60.85
C LEU S 205 -10.04 66.87 -62.36
N ALA S 206 -9.56 65.72 -62.89
CA ALA S 206 -9.29 65.56 -64.32
C ALA S 206 -10.51 65.83 -65.18
N ARG S 207 -11.68 65.33 -64.75
CA ARG S 207 -12.96 65.51 -65.44
C ARG S 207 -13.40 66.97 -65.42
N LEU S 208 -13.04 67.73 -64.36
CA LEU S 208 -13.35 69.14 -64.22
C LEU S 208 -12.49 70.04 -65.11
N LEU S 209 -11.27 69.59 -65.47
CA LEU S 209 -10.32 70.38 -66.28
C LEU S 209 -10.68 70.33 -67.78
N THR S 210 -11.84 70.90 -68.12
CA THR S 210 -12.42 70.94 -69.48
C THR S 210 -11.96 72.13 -70.36
N GLU S 211 -11.47 73.23 -69.73
CA GLU S 211 -11.00 74.41 -70.45
C GLU S 211 -9.70 74.11 -71.17
N GLN S 212 -9.81 73.74 -72.48
CA GLN S 212 -8.68 73.43 -73.38
C GLN S 212 -7.70 74.59 -73.47
N ASP S 213 -8.21 75.84 -73.35
CA ASP S 213 -7.43 77.06 -73.39
C ASP S 213 -7.17 77.67 -72.00
N GLY S 214 -7.91 77.23 -70.98
CA GLY S 214 -7.88 77.75 -69.61
C GLY S 214 -6.68 77.47 -68.73
N GLU S 215 -6.60 78.23 -67.62
CA GLU S 215 -5.57 78.14 -66.58
C GLU S 215 -6.19 77.70 -65.25
N VAL S 216 -5.42 77.04 -64.39
CA VAL S 216 -5.82 76.58 -63.06
C VAL S 216 -4.80 77.00 -62.00
N GLY S 217 -5.28 77.60 -60.91
CA GLY S 217 -4.46 77.99 -59.78
C GLY S 217 -4.39 76.82 -58.81
N ILE S 218 -3.17 76.39 -58.46
CA ILE S 218 -2.97 75.24 -57.57
C ILE S 218 -2.37 75.68 -56.26
N VAL S 219 -2.86 75.10 -55.17
CA VAL S 219 -2.32 75.32 -53.83
C VAL S 219 -2.02 73.94 -53.26
N LEU S 220 -0.79 73.70 -52.87
CA LEU S 220 -0.36 72.46 -52.21
C LEU S 220 -0.16 72.81 -50.73
N GLY S 221 -0.97 72.18 -49.88
CA GLY S 221 -0.88 72.33 -48.43
C GLY S 221 -0.39 71.04 -47.82
N GLN S 222 -0.20 71.02 -46.49
CA GLN S 222 0.27 69.79 -45.81
C GLN S 222 -0.78 68.68 -45.83
N HIS S 223 -2.09 69.03 -45.82
CA HIS S 223 -3.18 68.06 -45.81
C HIS S 223 -4.24 68.29 -46.87
N HIS S 224 -3.99 69.21 -47.81
CA HIS S 224 -4.96 69.47 -48.85
C HIS S 224 -4.32 69.90 -50.15
N ILE S 225 -5.11 69.81 -51.22
CA ILE S 225 -4.81 70.33 -52.55
C ILE S 225 -6.02 71.19 -52.94
N ARG S 226 -5.74 72.36 -53.51
CA ARG S 226 -6.80 73.25 -54.00
C ARG S 226 -6.53 73.60 -55.47
N ALA S 227 -7.57 73.50 -56.30
CA ALA S 227 -7.54 73.86 -57.71
C ALA S 227 -8.65 74.86 -57.97
N THR S 228 -8.29 76.07 -58.46
CA THR S 228 -9.23 77.18 -58.73
C THR S 228 -9.20 77.56 -60.20
N THR S 229 -10.38 77.71 -60.84
CA THR S 229 -10.51 78.12 -62.24
C THR S 229 -11.37 79.41 -62.44
N GLY S 230 -11.78 80.03 -61.34
CA GLY S 230 -12.61 81.24 -61.46
C GLY S 230 -14.09 80.94 -61.49
N GLU S 231 -14.46 79.83 -62.18
CA GLU S 231 -15.84 79.32 -62.24
C GLU S 231 -16.03 78.27 -61.12
N PHE S 232 -14.93 77.58 -60.70
CA PHE S 232 -14.96 76.58 -59.64
C PHE S 232 -13.72 76.55 -58.74
N THR S 233 -13.92 76.07 -57.50
CA THR S 233 -12.88 75.81 -56.51
C THR S 233 -13.02 74.34 -56.12
N PHE S 234 -11.97 73.58 -56.36
CA PHE S 234 -11.91 72.17 -56.02
C PHE S 234 -10.96 72.02 -54.84
N THR S 235 -11.40 71.34 -53.78
CA THR S 235 -10.56 71.05 -52.64
C THR S 235 -10.63 69.57 -52.33
N SER S 236 -9.48 68.95 -52.14
CA SER S 236 -9.38 67.55 -51.76
C SER S 236 -8.45 67.41 -50.58
N LYS S 237 -8.78 66.49 -49.66
CA LYS S 237 -7.88 66.09 -48.59
C LYS S 237 -6.77 65.24 -49.27
N LEU S 238 -5.59 65.14 -48.64
CA LEU S 238 -4.51 64.33 -49.21
C LEU S 238 -4.43 62.99 -48.51
N VAL S 239 -3.71 62.02 -49.12
CA VAL S 239 -3.46 60.73 -48.52
C VAL S 239 -2.31 60.98 -47.55
N ASP S 240 -2.57 60.76 -46.27
CA ASP S 240 -1.61 60.97 -45.21
C ASP S 240 -0.62 59.82 -45.10
N GLY S 241 0.41 59.87 -45.93
CA GLY S 241 1.49 58.89 -45.96
C GLY S 241 2.63 59.31 -46.86
N LYS S 242 3.66 58.45 -46.94
CA LYS S 242 4.85 58.66 -47.78
C LYS S 242 4.78 57.75 -49.00
N PHE S 243 4.88 58.34 -50.19
CA PHE S 243 4.83 57.59 -51.44
C PHE S 243 6.14 56.77 -51.57
N PRO S 244 6.11 55.53 -52.11
CA PRO S 244 7.37 54.77 -52.24
C PRO S 244 8.42 55.46 -53.13
N ASP S 245 9.67 55.06 -52.97
CA ASP S 245 10.80 55.57 -53.74
C ASP S 245 10.74 54.95 -55.14
N TYR S 246 9.85 55.48 -55.97
CA TYR S 246 9.58 55.03 -57.34
C TYR S 246 10.83 55.07 -58.24
N GLU S 247 11.72 56.06 -58.02
CA GLU S 247 12.96 56.21 -58.79
C GLU S 247 13.83 54.95 -58.72
N ARG S 248 13.79 54.22 -57.58
CA ARG S 248 14.53 52.98 -57.39
C ARG S 248 14.00 51.79 -58.22
N VAL S 249 12.71 51.82 -58.60
CA VAL S 249 12.08 50.73 -59.37
C VAL S 249 12.02 50.95 -60.89
N LEU S 250 12.38 52.16 -61.37
CA LEU S 250 12.38 52.47 -62.79
C LEU S 250 13.51 51.70 -63.49
N PRO S 251 13.20 50.89 -64.54
CA PRO S 251 14.26 50.10 -65.20
C PRO S 251 15.24 50.98 -65.97
N ARG S 252 16.54 50.84 -65.70
CA ARG S 252 17.52 51.72 -66.33
C ARG S 252 18.33 51.20 -67.49
N GLY S 253 18.86 50.00 -67.35
CA GLY S 253 19.77 49.47 -68.37
C GLY S 253 19.19 48.73 -69.55
N GLY S 254 17.89 48.94 -69.84
CA GLY S 254 17.18 48.25 -70.92
C GLY S 254 17.93 48.18 -72.25
N ASP S 255 18.40 47.00 -72.59
CA ASP S 255 19.21 46.75 -73.79
C ASP S 255 18.45 46.38 -75.06
N LYS S 256 17.18 45.98 -74.90
CA LYS S 256 16.36 45.54 -76.03
C LYS S 256 15.34 46.57 -76.41
N LEU S 257 15.60 47.32 -77.51
CA LEU S 257 14.69 48.36 -77.98
C LEU S 257 13.79 47.84 -79.09
N VAL S 258 12.50 47.85 -78.83
CA VAL S 258 11.48 47.38 -79.75
C VAL S 258 10.63 48.58 -80.16
N VAL S 259 10.47 48.77 -81.47
CA VAL S 259 9.63 49.82 -82.03
C VAL S 259 8.56 49.07 -82.83
N GLY S 260 7.31 49.26 -82.42
CA GLY S 260 6.19 48.62 -83.07
C GLY S 260 5.07 49.59 -83.34
N ASP S 261 4.10 49.16 -84.17
CA ASP S 261 2.91 49.92 -84.47
C ASP S 261 1.94 49.75 -83.29
N ARG S 262 1.54 50.86 -82.67
CA ARG S 262 0.63 50.87 -81.52
C ARG S 262 -0.68 50.11 -81.80
N GLN S 263 -1.34 50.40 -82.94
CA GLN S 263 -2.59 49.75 -83.34
C GLN S 263 -2.44 48.26 -83.58
N GLN S 264 -1.39 47.83 -84.31
CA GLN S 264 -1.13 46.41 -84.58
C GLN S 264 -0.90 45.64 -83.28
N LEU S 265 -0.11 46.22 -82.35
CA LEU S 265 0.14 45.59 -81.05
C LEU S 265 -1.11 45.51 -80.21
N ARG S 266 -1.89 46.62 -80.15
CA ARG S 266 -3.13 46.64 -79.40
CA ARG S 266 -3.14 46.66 -79.40
C ARG S 266 -4.14 45.62 -79.94
N GLU S 267 -4.27 45.51 -81.28
CA GLU S 267 -5.18 44.54 -81.93
C GLU S 267 -4.77 43.08 -81.67
N ALA S 268 -3.45 42.77 -81.76
CA ALA S 268 -2.91 41.44 -81.48
C ALA S 268 -3.06 41.08 -80.00
N PHE S 269 -2.81 42.05 -79.09
CA PHE S 269 -2.96 41.81 -77.65
C PHE S 269 -4.44 41.59 -77.32
N SER S 270 -5.35 42.36 -77.93
CA SER S 270 -6.81 42.21 -77.71
C SER S 270 -7.30 40.82 -78.19
N ARG S 271 -6.83 40.37 -79.37
CA ARG S 271 -7.22 39.06 -79.94
C ARG S 271 -6.76 37.93 -79.05
N THR S 272 -5.46 37.94 -78.65
CA THR S 272 -4.89 36.88 -77.80
C THR S 272 -5.51 36.88 -76.41
N ALA S 273 -5.84 38.07 -75.85
CA ALA S 273 -6.45 38.24 -74.52
C ALA S 273 -7.73 37.42 -74.34
N ILE S 274 -8.54 37.27 -75.41
CA ILE S 274 -9.79 36.48 -75.43
C ILE S 274 -9.55 35.05 -74.93
N LEU S 275 -8.42 34.47 -75.32
CA LEU S 275 -8.06 33.11 -74.91
C LEU S 275 -7.07 33.01 -73.75
N SER S 276 -6.82 34.12 -73.04
CA SER S 276 -5.96 34.12 -71.84
C SER S 276 -6.85 33.78 -70.64
N ASN S 277 -6.22 33.33 -69.54
CA ASN S 277 -6.89 33.02 -68.27
C ASN S 277 -7.69 34.26 -67.84
N GLU S 278 -8.98 34.07 -67.52
CA GLU S 278 -9.89 35.18 -67.15
C GLU S 278 -9.45 35.93 -65.89
N LYS S 279 -8.79 35.21 -64.96
CA LYS S 279 -8.29 35.77 -63.71
C LYS S 279 -6.86 36.30 -63.83
N TYR S 280 -5.94 35.46 -64.32
CA TYR S 280 -4.52 35.80 -64.40
C TYR S 280 -4.05 36.60 -65.61
N ARG S 281 -4.81 36.53 -66.72
CA ARG S 281 -4.61 37.32 -67.94
C ARG S 281 -3.19 37.25 -68.55
N GLY S 282 -2.52 36.13 -68.34
CA GLY S 282 -1.16 35.92 -68.77
C GLY S 282 -1.02 35.60 -70.23
N ILE S 283 -0.04 36.25 -70.86
CA ILE S 283 0.35 36.05 -72.25
C ILE S 283 1.86 35.83 -72.28
N ARG S 284 2.32 35.11 -73.29
CA ARG S 284 3.74 34.85 -73.48
C ARG S 284 4.21 35.60 -74.72
N LEU S 285 5.32 36.32 -74.57
CA LEU S 285 5.95 37.09 -75.63
C LEU S 285 7.25 36.41 -76.03
N GLN S 286 7.48 36.22 -77.33
CA GLN S 286 8.72 35.67 -77.85
C GLN S 286 9.27 36.66 -78.85
N LEU S 287 10.27 37.42 -78.40
CA LEU S 287 10.91 38.45 -79.21
C LEU S 287 12.16 37.88 -79.90
N SER S 288 12.31 38.23 -81.19
CA SER S 288 13.44 37.86 -82.06
C SER S 288 13.52 38.93 -83.15
N ASN S 289 14.59 38.92 -83.98
CA ASN S 289 14.82 39.89 -85.05
C ASN S 289 13.58 40.15 -85.92
N GLY S 290 13.09 41.39 -85.85
CA GLY S 290 11.93 41.88 -86.59
C GLY S 290 10.59 41.22 -86.27
N LEU S 291 10.53 40.41 -85.20
CA LEU S 291 9.32 39.67 -84.88
C LEU S 291 8.96 39.55 -83.41
N LEU S 292 7.66 39.70 -83.12
CA LEU S 292 7.10 39.49 -81.78
C LEU S 292 6.00 38.43 -81.90
N LYS S 293 6.25 37.25 -81.30
CA LYS S 293 5.28 36.15 -81.27
C LYS S 293 4.52 36.28 -79.94
N ILE S 294 3.19 36.25 -80.00
CA ILE S 294 2.32 36.36 -78.83
C ILE S 294 1.50 35.09 -78.68
N GLN S 295 1.49 34.51 -77.48
CA GLN S 295 0.72 33.31 -77.20
C GLN S 295 -0.07 33.47 -75.90
N ALA S 296 -1.30 32.96 -75.88
CA ALA S 296 -2.20 32.94 -74.74
C ALA S 296 -2.97 31.63 -74.69
N ASN S 297 -3.14 31.09 -73.48
CA ASN S 297 -3.94 29.87 -73.26
C ASN S 297 -4.71 29.95 -71.95
N ASN S 298 -5.81 29.19 -71.86
CA ASN S 298 -6.67 29.22 -70.70
C ASN S 298 -6.84 27.79 -70.07
N PRO S 299 -7.54 27.64 -68.91
CA PRO S 299 -7.68 26.29 -68.32
C PRO S 299 -8.40 25.26 -69.21
N GLU S 300 -9.29 25.71 -70.13
CA GLU S 300 -10.03 24.85 -71.09
C GLU S 300 -9.14 24.38 -72.26
N GLN S 301 -7.85 24.74 -72.23
CA GLN S 301 -6.83 24.42 -73.24
C GLN S 301 -7.06 25.10 -74.61
N GLU S 302 -7.82 26.21 -74.61
CA GLU S 302 -8.03 27.04 -75.79
C GLU S 302 -6.76 27.87 -75.96
N GLU S 303 -6.31 28.09 -77.21
CA GLU S 303 -5.05 28.80 -77.45
C GLU S 303 -5.12 29.82 -78.58
N ALA S 304 -4.50 31.00 -78.34
CA ALA S 304 -4.40 32.08 -79.31
C ALA S 304 -2.93 32.35 -79.58
N GLU S 305 -2.59 32.50 -80.86
CA GLU S 305 -1.23 32.76 -81.32
C GLU S 305 -1.25 33.83 -82.40
N GLU S 306 -0.28 34.73 -82.32
CA GLU S 306 -0.13 35.80 -83.28
C GLU S 306 1.32 36.21 -83.44
N GLU S 307 1.68 36.64 -84.65
CA GLU S 307 3.01 37.10 -84.99
C GLU S 307 2.88 38.54 -85.47
N VAL S 308 3.60 39.46 -84.81
CA VAL S 308 3.59 40.88 -85.15
C VAL S 308 4.99 41.29 -85.60
N GLN S 309 5.08 41.96 -86.76
CA GLN S 309 6.34 42.48 -87.25
C GLN S 309 6.67 43.73 -86.42
N VAL S 310 7.89 43.79 -85.89
CA VAL S 310 8.37 44.91 -85.07
C VAL S 310 9.77 45.33 -85.56
N GLU S 311 10.22 46.54 -85.17
CA GLU S 311 11.56 47.00 -85.48
C GLU S 311 12.39 46.56 -84.28
N TYR S 312 13.12 45.46 -84.44
CA TYR S 312 13.98 44.90 -83.40
C TYR S 312 15.13 44.11 -83.99
N ASN S 313 16.34 44.40 -83.49
CA ASN S 313 17.58 43.74 -83.84
C ASN S 313 18.33 43.48 -82.54
N GLY S 314 18.49 42.21 -82.20
CA GLY S 314 19.17 41.80 -80.97
C GLY S 314 18.90 40.36 -80.60
N GLY S 315 19.28 40.01 -79.37
CA GLY S 315 19.09 38.66 -78.84
C GLY S 315 17.64 38.33 -78.55
N ASN S 316 17.34 37.03 -78.52
CA ASN S 316 15.99 36.55 -78.26
C ASN S 316 15.56 36.77 -76.82
N LEU S 317 14.24 36.91 -76.61
CA LEU S 317 13.66 37.09 -75.29
C LEU S 317 12.28 36.44 -75.21
N GLU S 318 12.10 35.58 -74.20
CA GLU S 318 10.82 34.97 -73.86
C GLU S 318 10.41 35.61 -72.54
N ILE S 319 9.25 36.29 -72.52
CA ILE S 319 8.78 37.00 -71.33
C ILE S 319 7.24 36.93 -71.18
N GLY S 320 6.78 36.80 -69.94
CA GLY S 320 5.36 36.73 -69.62
C GLY S 320 4.83 38.04 -69.09
N PHE S 321 3.60 38.39 -69.48
CA PHE S 321 2.95 39.63 -69.04
C PHE S 321 1.47 39.48 -68.86
N ASN S 322 0.90 40.33 -67.98
CA ASN S 322 -0.54 40.42 -67.83
C ASN S 322 -0.96 41.32 -69.02
N VAL S 323 -1.77 40.75 -69.94
CA VAL S 323 -2.22 41.43 -71.18
C VAL S 323 -3.05 42.70 -70.93
N SER S 324 -3.88 42.71 -69.86
CA SER S 324 -4.67 43.89 -69.47
C SER S 324 -3.72 45.05 -69.10
N TYR S 325 -2.58 44.77 -68.43
CA TYR S 325 -1.61 45.81 -68.07
C TYR S 325 -0.96 46.43 -69.33
N LEU S 326 -0.69 45.60 -70.35
CA LEU S 326 -0.12 46.05 -71.62
C LEU S 326 -1.15 46.86 -72.43
N LEU S 327 -2.41 46.39 -72.46
CA LEU S 327 -3.51 47.09 -73.14
C LEU S 327 -3.78 48.45 -72.49
N ASP S 328 -3.69 48.52 -71.15
CA ASP S 328 -3.86 49.79 -70.39
C ASP S 328 -2.83 50.82 -70.84
N VAL S 329 -1.56 50.40 -71.02
CA VAL S 329 -0.47 51.25 -71.46
C VAL S 329 -0.72 51.72 -72.91
N LEU S 330 -1.01 50.77 -73.82
CA LEU S 330 -1.24 51.09 -75.22
C LEU S 330 -2.39 52.09 -75.43
N GLY S 331 -3.40 52.01 -74.56
CA GLY S 331 -4.57 52.87 -74.57
C GLY S 331 -4.28 54.34 -74.27
N VAL S 332 -3.10 54.63 -73.66
CA VAL S 332 -2.69 56.02 -73.34
C VAL S 332 -1.53 56.54 -74.22
N ILE S 333 -0.94 55.67 -75.07
CA ILE S 333 0.13 56.05 -76.00
C ILE S 333 -0.53 56.84 -77.14
N GLY S 334 -0.16 58.11 -77.28
CA GLY S 334 -0.73 59.03 -78.26
C GLY S 334 -0.14 58.93 -79.66
N THR S 335 1.07 58.37 -79.79
CA THR S 335 1.79 58.23 -81.06
C THR S 335 1.44 56.94 -81.81
N GLU S 336 1.64 56.97 -83.14
CA GLU S 336 1.42 55.87 -84.09
C GLU S 336 2.34 54.68 -83.75
N GLN S 337 3.57 55.00 -83.35
CA GLN S 337 4.58 54.02 -82.96
C GLN S 337 4.73 54.01 -81.45
N VAL S 338 5.16 52.86 -80.93
CA VAL S 338 5.37 52.66 -79.49
C VAL S 338 6.72 52.01 -79.26
N ARG S 339 7.44 52.49 -78.25
CA ARG S 339 8.73 51.95 -77.87
C ARG S 339 8.60 51.09 -76.62
N PHE S 340 9.12 49.86 -76.70
CA PHE S 340 9.22 48.92 -75.60
C PHE S 340 10.70 48.74 -75.34
N ILE S 341 11.13 48.91 -74.09
CA ILE S 341 12.53 48.76 -73.70
C ILE S 341 12.56 47.64 -72.67
N LEU S 342 13.16 46.53 -73.07
CA LEU S 342 13.23 45.33 -72.25
C LEU S 342 14.68 44.95 -71.97
N SER S 343 14.87 44.00 -71.04
CA SER S 343 16.16 43.45 -70.71
C SER S 343 16.05 41.92 -70.63
N ASP S 344 15.63 41.36 -69.47
CA ASP S 344 15.48 39.92 -69.29
C ASP S 344 14.05 39.53 -68.88
N SER S 345 13.77 38.21 -68.80
CA SER S 345 12.46 37.64 -68.45
C SER S 345 11.95 37.96 -67.04
N ASN S 346 12.84 38.34 -66.12
CA ASN S 346 12.49 38.66 -64.74
C ASN S 346 12.37 40.16 -64.46
N SER S 347 12.71 40.98 -65.47
CA SER S 347 12.70 42.43 -65.35
C SER S 347 11.56 43.10 -66.08
N SER S 348 11.20 44.29 -65.57
CA SER S 348 10.14 45.17 -66.07
CA SER S 348 10.10 45.08 -66.10
C SER S 348 10.30 45.59 -67.52
N ALA S 349 9.18 45.91 -68.19
CA ALA S 349 9.17 46.47 -69.52
C ALA S 349 9.03 47.97 -69.27
N LEU S 350 9.74 48.77 -70.05
CA LEU S 350 9.65 50.23 -70.01
C LEU S 350 8.99 50.61 -71.34
N VAL S 351 7.93 51.41 -71.25
CA VAL S 351 7.18 51.81 -72.43
C VAL S 351 7.12 53.33 -72.54
N HIS S 352 7.32 53.83 -73.77
CA HIS S 352 7.29 55.26 -74.09
C HIS S 352 6.56 55.48 -75.40
N GLU S 353 6.20 56.75 -75.66
CA GLU S 353 5.68 57.20 -76.95
C GLU S 353 6.88 57.20 -77.90
N ALA S 354 6.64 57.20 -79.21
CA ALA S 354 7.71 57.16 -80.22
C ALA S 354 8.71 58.31 -80.18
N ASP S 355 8.23 59.56 -79.98
CA ASP S 355 9.03 60.77 -80.10
C ASP S 355 9.45 61.51 -78.82
N ASN S 356 9.11 61.00 -77.64
CA ASN S 356 9.47 61.66 -76.38
C ASN S 356 9.51 60.69 -75.18
N ASP S 357 10.21 61.10 -74.10
CA ASP S 357 10.35 60.36 -72.85
C ASP S 357 9.49 60.96 -71.69
N ASP S 358 8.64 61.97 -71.98
CA ASP S 358 7.79 62.65 -70.98
C ASP S 358 6.89 61.68 -70.20
N SER S 359 6.36 60.66 -70.91
CA SER S 359 5.53 59.59 -70.34
C SER S 359 6.38 58.34 -70.28
N ALA S 360 6.28 57.61 -69.15
CA ALA S 360 7.01 56.38 -68.95
C ALA S 360 6.09 55.39 -68.22
N TYR S 361 6.04 54.16 -68.73
CA TYR S 361 5.19 53.10 -68.19
C TYR S 361 6.02 51.90 -67.89
N VAL S 362 5.87 51.40 -66.67
CA VAL S 362 6.64 50.28 -66.18
C VAL S 362 5.69 49.12 -65.88
N VAL S 363 5.95 47.94 -66.45
CA VAL S 363 5.13 46.78 -66.21
C VAL S 363 6.02 45.63 -65.75
N MET S 364 5.81 45.13 -64.50
CA MET S 364 6.55 43.97 -64.02
C MET S 364 6.05 42.73 -64.78
N PRO S 365 6.95 41.81 -65.18
CA PRO S 365 6.49 40.60 -65.88
C PRO S 365 5.86 39.57 -64.94
N MET S 366 5.41 38.46 -65.54
CA MET S 366 4.85 37.29 -64.88
C MET S 366 5.84 36.14 -65.10
N ARG S 367 5.96 35.24 -64.11
CA ARG S 367 6.83 34.06 -64.25
C ARG S 367 6.13 33.08 -65.18
N LEU S 368 6.84 32.63 -66.21
CA LEU S 368 6.35 31.69 -67.23
C LEU S 368 6.52 30.26 -66.72
N GLN T 2 2.60 36.79 -61.46
CA GLN T 2 2.86 38.24 -61.40
C GLN T 2 3.93 38.64 -60.39
N ASP T 4 6.39 41.68 -58.39
CA ASP T 4 6.15 42.98 -57.74
C ASP T 4 7.26 43.98 -58.00
N LEU T 5 6.87 45.26 -58.06
CA LEU T 5 7.80 46.38 -58.25
C LEU T 5 8.68 46.56 -57.01
N HIS U 1 7.63 -106.23 76.55
CA HIS U 1 8.21 -105.99 75.21
C HIS U 1 7.74 -104.66 74.55
N MET U 2 6.81 -103.96 75.23
CA MET U 2 6.25 -102.66 74.84
C MET U 2 7.39 -101.63 74.61
N HIS U 3 7.33 -100.92 73.49
CA HIS U 3 8.33 -99.90 73.12
C HIS U 3 7.76 -98.92 72.12
N PHE U 4 8.03 -97.63 72.33
CA PHE U 4 7.59 -96.54 71.46
C PHE U 4 8.44 -95.28 71.63
N THR U 5 8.39 -94.39 70.62
CA THR U 5 9.02 -93.07 70.63
C THR U 5 7.90 -92.03 70.55
N ILE U 6 8.07 -90.89 71.21
CA ILE U 6 7.08 -89.82 71.28
C ILE U 6 7.76 -88.46 71.57
N GLN U 7 7.24 -87.37 70.98
CA GLN U 7 7.73 -86.03 71.25
C GLN U 7 7.24 -85.63 72.63
N ARG U 8 8.07 -84.88 73.39
CA ARG U 8 7.76 -84.40 74.75
C ARG U 8 6.35 -83.85 74.90
N GLU U 9 5.96 -82.90 74.04
CA GLU U 9 4.66 -82.23 74.07
C GLU U 9 3.49 -83.13 73.75
N ALA U 10 3.70 -84.11 72.83
CA ALA U 10 2.67 -85.08 72.44
C ALA U 10 2.33 -86.01 73.61
N LEU U 11 3.32 -86.38 74.43
CA LEU U 11 3.14 -87.23 75.61
C LEU U 11 2.58 -86.41 76.76
N LEU U 12 3.14 -85.21 76.98
CA LEU U 12 2.74 -84.31 78.08
C LEU U 12 1.26 -83.95 78.11
N LYS U 13 0.64 -83.59 76.96
CA LYS U 13 -0.79 -83.22 76.90
C LYS U 13 -1.72 -84.30 77.51
N PRO U 14 -1.80 -85.56 76.99
CA PRO U 14 -2.66 -86.56 77.64
C PRO U 14 -2.19 -86.98 79.03
N LEU U 15 -0.86 -87.00 79.28
CA LEU U 15 -0.29 -87.37 80.58
C LEU U 15 -0.76 -86.40 81.67
N GLN U 16 -0.74 -85.08 81.39
CA GLN U 16 -1.20 -84.06 82.34
C GLN U 16 -2.70 -84.19 82.62
N LEU U 17 -3.52 -84.46 81.59
CA LEU U 17 -4.97 -84.63 81.76
C LEU U 17 -5.28 -85.82 82.67
N VAL U 18 -4.72 -86.97 82.33
CA VAL U 18 -4.85 -88.25 83.01
C VAL U 18 -4.33 -88.21 84.46
N ALA U 19 -3.15 -87.58 84.69
CA ALA U 19 -2.54 -87.45 86.02
C ALA U 19 -3.41 -86.60 86.97
N GLY U 20 -4.24 -85.73 86.41
CA GLY U 20 -5.18 -84.89 87.15
C GLY U 20 -6.22 -85.66 87.95
N VAL U 21 -6.59 -86.88 87.50
CA VAL U 21 -7.55 -87.71 88.21
C VAL U 21 -6.84 -88.69 89.18
N VAL U 22 -5.50 -88.86 89.01
CA VAL U 22 -4.64 -89.72 89.84
C VAL U 22 -4.40 -89.01 91.17
N GLU U 23 -4.87 -89.62 92.27
CA GLU U 23 -4.73 -89.05 93.63
C GLU U 23 -4.26 -90.11 94.62
N GLN U 26 -3.40 -92.43 97.66
CA GLN U 26 -4.12 -93.59 97.12
C GLN U 26 -4.03 -94.79 98.07
N THR U 27 -5.13 -95.56 98.17
CA THR U 27 -5.22 -96.78 98.98
C THR U 27 -4.45 -97.91 98.29
N LEU U 28 -4.95 -98.33 97.12
CA LEU U 28 -4.36 -99.37 96.28
C LEU U 28 -3.15 -98.73 95.54
N PRO U 29 -1.96 -99.37 95.54
CA PRO U 29 -0.77 -98.74 94.89
C PRO U 29 -0.90 -98.47 93.39
N VAL U 30 -1.60 -99.36 92.65
CA VAL U 30 -1.82 -99.24 91.20
C VAL U 30 -2.58 -97.96 90.81
N LEU U 31 -3.43 -97.44 91.74
CA LEU U 31 -4.22 -96.22 91.60
C LEU U 31 -3.37 -94.96 91.41
N SER U 32 -2.10 -94.99 91.88
CA SER U 32 -1.13 -93.90 91.75
C SER U 32 -0.45 -93.95 90.37
N ASN U 33 -0.69 -95.03 89.62
CA ASN U 33 -0.09 -95.28 88.32
C ASN U 33 -0.96 -94.94 87.12
N VAL U 34 -0.30 -94.62 86.00
CA VAL U 34 -0.94 -94.39 84.72
C VAL U 34 -0.82 -95.70 83.93
N LEU U 35 -1.93 -96.16 83.34
CA LEU U 35 -1.91 -97.35 82.51
C LEU U 35 -1.50 -96.90 81.10
N LEU U 36 -0.43 -97.49 80.58
CA LEU U 36 0.11 -97.23 79.25
C LEU U 36 -0.21 -98.46 78.40
N VAL U 37 -0.90 -98.26 77.28
CA VAL U 37 -1.28 -99.36 76.36
C VAL U 37 -0.88 -98.96 74.94
N VAL U 38 -0.02 -99.79 74.33
CA VAL U 38 0.38 -99.60 72.93
C VAL U 38 -0.34 -100.71 72.11
N GLU U 39 -1.24 -100.30 71.21
CA GLU U 39 -1.95 -101.20 70.31
C GLU U 39 -1.82 -100.59 68.93
N GLY U 40 -1.06 -101.27 68.06
CA GLY U 40 -0.75 -100.77 66.73
C GLY U 40 0.06 -99.48 66.86
N GLN U 41 -0.38 -98.43 66.14
CA GLN U 41 0.28 -97.11 66.18
C GLN U 41 -0.44 -96.13 67.11
N GLN U 42 -1.11 -96.66 68.16
CA GLN U 42 -1.80 -95.85 69.14
C GLN U 42 -1.35 -96.13 70.56
N LEU U 43 -1.05 -95.04 71.29
CA LEU U 43 -0.76 -95.07 72.71
C LEU U 43 -1.99 -94.54 73.45
N SER U 44 -2.45 -95.31 74.44
CA SER U 44 -3.55 -94.90 75.29
C SER U 44 -2.98 -94.73 76.70
N LEU U 45 -3.38 -93.65 77.38
CA LEU U 45 -2.97 -93.34 78.75
C LEU U 45 -4.22 -93.32 79.61
N THR U 46 -4.25 -94.12 80.67
CA THR U 46 -5.43 -94.19 81.54
C THR U 46 -5.09 -93.90 83.00
N GLY U 47 -5.90 -93.04 83.60
CA GLY U 47 -5.83 -92.67 85.00
C GLY U 47 -7.19 -92.86 85.61
N THR U 48 -7.22 -93.29 86.87
CA THR U 48 -8.47 -93.53 87.60
C THR U 48 -8.33 -93.35 89.12
N ASP U 49 -9.45 -93.07 89.80
CA ASP U 49 -9.55 -93.01 91.26
C ASP U 49 -10.69 -93.95 91.68
N LEU U 50 -11.14 -94.82 90.73
CA LEU U 50 -12.24 -95.80 90.79
C LEU U 50 -13.64 -95.20 90.59
N GLU U 51 -13.80 -93.88 90.77
CA GLU U 51 -15.07 -93.16 90.57
C GLU U 51 -15.07 -92.65 89.13
N VAL U 52 -13.97 -91.99 88.74
CA VAL U 52 -13.77 -91.44 87.41
C VAL U 52 -12.59 -92.12 86.74
N GLU U 53 -12.68 -92.24 85.42
CA GLU U 53 -11.61 -92.80 84.59
C GLU U 53 -11.40 -91.83 83.43
N LEU U 54 -10.17 -91.46 83.21
CA LEU U 54 -9.81 -90.58 82.10
C LEU U 54 -8.82 -91.28 81.19
N VAL U 55 -9.12 -91.27 79.89
CA VAL U 55 -8.31 -91.90 78.86
C VAL U 55 -7.87 -90.84 77.84
N GLY U 56 -6.56 -90.77 77.61
CA GLY U 56 -5.95 -89.91 76.61
C GLY U 56 -5.34 -90.78 75.52
N ARG U 57 -5.44 -90.32 74.26
CA ARG U 57 -4.94 -91.07 73.12
C ARG U 57 -3.97 -90.24 72.28
N VAL U 58 -2.88 -90.90 71.82
CA VAL U 58 -1.85 -90.31 70.95
C VAL U 58 -1.55 -91.27 69.81
N VAL U 59 -1.44 -90.73 68.58
CA VAL U 59 -1.06 -91.50 67.40
C VAL U 59 0.48 -91.51 67.39
N LEU U 60 1.08 -92.70 67.31
CA LEU U 60 2.53 -92.88 67.31
C LEU U 60 3.06 -92.87 65.88
N GLU U 61 4.05 -91.98 65.61
CA GLU U 61 4.68 -91.82 64.28
C GLU U 61 5.63 -92.95 63.90
N ASP U 62 6.72 -93.15 64.67
CA ASP U 62 7.69 -94.22 64.37
C ASP U 62 7.17 -95.59 64.82
N ALA U 63 7.77 -96.68 64.32
CA ALA U 63 7.38 -98.06 64.63
C ALA U 63 7.35 -98.32 66.14
N ALA U 64 6.23 -98.87 66.62
CA ALA U 64 5.98 -99.16 68.03
C ALA U 64 5.66 -100.62 68.26
N GLU U 65 6.17 -101.18 69.37
CA GLU U 65 5.92 -102.58 69.75
C GLU U 65 4.82 -102.63 70.80
N PRO U 66 3.81 -103.52 70.62
CA PRO U 66 2.66 -103.51 71.54
C PRO U 66 2.94 -104.01 72.95
N GLY U 67 2.02 -103.66 73.84
CA GLY U 67 2.08 -104.05 75.24
C GLY U 67 1.34 -103.11 76.16
N GLU U 68 1.33 -103.47 77.43
CA GLU U 68 0.69 -102.71 78.48
C GLU U 68 1.46 -102.79 79.78
N ILE U 69 1.48 -101.67 80.50
CA ILE U 69 2.17 -101.52 81.77
C ILE U 69 1.60 -100.34 82.54
N THR U 70 1.85 -100.30 83.86
CA THR U 70 1.46 -99.16 84.68
C THR U 70 2.73 -98.61 85.30
N VAL U 71 2.84 -97.27 85.38
CA VAL U 71 4.00 -96.56 85.92
C VAL U 71 3.54 -95.40 86.82
N PRO U 72 4.35 -94.94 87.82
CA PRO U 72 3.92 -93.79 88.65
C PRO U 72 3.59 -92.59 87.77
N ALA U 73 2.31 -92.17 87.78
CA ALA U 73 1.79 -91.09 86.94
C ALA U 73 2.46 -89.73 87.16
N ARG U 74 2.56 -89.27 88.43
CA ARG U 74 3.20 -88.00 88.77
C ARG U 74 4.69 -87.98 88.39
N LYS U 75 5.43 -89.07 88.71
CA LYS U 75 6.85 -89.18 88.35
C LYS U 75 7.08 -89.07 86.84
N LEU U 76 6.32 -89.84 86.03
CA LEU U 76 6.44 -89.79 84.56
C LEU U 76 6.09 -88.41 84.01
N MET U 77 5.02 -87.79 84.52
CA MET U 77 4.61 -86.43 84.13
C MET U 77 5.71 -85.41 84.47
N ASP U 78 6.27 -85.47 85.71
CA ASP U 78 7.34 -84.57 86.16
C ASP U 78 8.60 -84.71 85.32
N ILE U 79 8.97 -85.96 84.95
CA ILE U 79 10.13 -86.23 84.08
C ILE U 79 9.84 -85.59 82.69
N CYS U 80 8.64 -85.85 82.12
CA CYS U 80 8.18 -85.33 80.83
C CYS U 80 8.23 -83.79 80.81
N LYS U 81 7.64 -83.13 81.84
CA LYS U 81 7.64 -81.66 81.99
C LYS U 81 9.06 -81.06 82.10
N SER U 82 9.96 -81.74 82.83
CA SER U 82 11.34 -81.30 83.06
C SER U 82 12.27 -81.47 81.85
N LEU U 83 11.89 -82.31 80.86
CA LEU U 83 12.71 -82.55 79.68
C LEU U 83 12.78 -81.32 78.76
N PRO U 84 13.88 -81.12 77.99
CA PRO U 84 13.93 -79.94 77.09
C PRO U 84 12.80 -79.92 76.06
N ASN U 85 12.29 -78.72 75.75
CA ASN U 85 11.21 -78.54 74.78
C ASN U 85 11.49 -79.26 73.45
N ASP U 86 10.49 -80.01 72.98
CA ASP U 86 10.51 -80.74 71.71
C ASP U 86 11.43 -81.95 71.58
N VAL U 87 11.95 -82.48 72.69
CA VAL U 87 12.80 -83.68 72.69
C VAL U 87 12.02 -84.96 72.33
N LEU U 88 12.67 -85.91 71.63
CA LEU U 88 12.07 -87.20 71.30
C LEU U 88 12.34 -88.14 72.48
N ILE U 89 11.30 -88.74 73.03
CA ILE U 89 11.42 -89.65 74.18
C ILE U 89 11.27 -91.11 73.73
N ASP U 90 12.23 -91.96 74.12
CA ASP U 90 12.18 -93.39 73.83
C ASP U 90 11.74 -94.09 75.12
N ILE U 91 10.63 -94.84 75.03
CA ILE U 91 10.06 -95.53 76.19
C ILE U 91 9.96 -97.04 75.93
N ARG U 92 10.54 -97.86 76.83
CA ARG U 92 10.44 -99.32 76.71
C ARG U 92 10.32 -100.02 78.06
N VAL U 93 9.70 -101.21 78.06
CA VAL U 93 9.55 -102.04 79.25
C VAL U 93 10.67 -103.08 79.21
N GLU U 94 11.45 -103.17 80.29
CA GLU U 94 12.56 -104.12 80.38
C GLU U 94 12.65 -104.66 81.80
N GLU U 95 12.32 -105.96 81.97
CA GLU U 95 12.34 -106.70 83.24
C GLU U 95 11.58 -105.97 84.37
N GLN U 96 10.27 -105.70 84.14
CA GLN U 96 9.37 -105.03 85.08
C GLN U 96 9.77 -103.57 85.44
N LYS U 97 10.55 -102.92 84.56
CA LYS U 97 10.99 -101.54 84.75
C LYS U 97 10.72 -100.75 83.49
N LEU U 98 10.35 -99.46 83.66
CA LEU U 98 10.15 -98.58 82.52
C LEU U 98 11.42 -97.80 82.25
N LEU U 99 11.97 -97.94 81.04
CA LEU U 99 13.20 -97.30 80.61
C LEU U 99 12.85 -96.10 79.75
N VAL U 100 13.23 -94.90 80.21
CA VAL U 100 12.96 -93.63 79.53
C VAL U 100 14.29 -93.02 79.08
N LYS U 101 14.41 -92.73 77.78
CA LYS U 101 15.62 -92.12 77.19
C LYS U 101 15.22 -90.89 76.39
N ALA U 102 15.90 -89.75 76.62
CA ALA U 102 15.64 -88.49 75.91
C ALA U 102 16.91 -87.66 75.91
N GLY U 103 17.54 -87.57 74.75
CA GLY U 103 18.82 -86.88 74.57
C GLY U 103 19.88 -87.54 75.42
N ARG U 104 20.50 -86.75 76.32
CA ARG U 104 21.53 -87.22 77.23
C ARG U 104 20.96 -87.64 78.61
N SER U 105 19.62 -87.72 78.73
CA SER U 105 18.93 -88.11 79.96
C SER U 105 18.41 -89.55 79.89
N ARG U 106 18.58 -90.30 80.99
CA ARG U 106 18.14 -91.68 81.14
C ARG U 106 17.41 -91.82 82.47
N PHE U 107 16.25 -92.50 82.48
CA PHE U 107 15.42 -92.73 83.66
C PHE U 107 14.94 -94.18 83.71
N THR U 108 14.93 -94.76 84.91
CA THR U 108 14.40 -96.10 85.17
C THR U 108 13.29 -95.96 86.21
N LEU U 109 12.05 -96.34 85.85
CA LEU U 109 10.92 -96.27 86.75
C LEU U 109 10.40 -97.66 87.15
N SER U 110 9.90 -97.79 88.38
CA SER U 110 9.30 -99.03 88.86
C SER U 110 7.92 -99.18 88.18
N THR U 111 7.44 -100.41 88.03
CA THR U 111 6.13 -100.64 87.38
C THR U 111 5.23 -101.55 88.23
N LEU U 112 3.94 -101.59 87.88
CA LEU U 112 2.96 -102.50 88.44
C LEU U 112 2.22 -103.14 87.26
N PRO U 113 1.93 -104.46 87.31
CA PRO U 113 1.29 -105.13 86.15
C PRO U 113 -0.01 -104.47 85.70
N ALA U 114 -0.18 -104.37 84.37
CA ALA U 114 -1.37 -103.80 83.75
C ALA U 114 -2.64 -104.62 84.06
N ASN U 115 -2.49 -105.94 84.31
CA ASN U 115 -3.62 -106.81 84.66
C ASN U 115 -4.24 -106.46 86.02
N ASP U 116 -3.49 -105.71 86.88
CA ASP U 116 -3.91 -105.22 88.20
C ASP U 116 -4.59 -103.86 88.13
N PHE U 117 -4.56 -103.20 86.96
CA PHE U 117 -5.22 -101.91 86.74
C PHE U 117 -6.74 -102.10 86.63
N PRO U 118 -7.55 -101.34 87.41
CA PRO U 118 -9.01 -101.51 87.35
C PRO U 118 -9.68 -100.92 86.12
N GLU U 122 -18.87 -99.86 82.69
CA GLU U 122 -19.46 -99.52 81.39
C GLU U 122 -19.86 -100.88 80.73
N GLY U 123 -21.14 -101.21 80.51
CA GLY U 123 -22.38 -100.47 80.80
C GLY U 123 -23.17 -100.09 79.55
N PRO U 124 -24.32 -100.75 79.23
CA PRO U 124 -25.07 -100.34 78.02
C PRO U 124 -25.65 -98.93 78.14
N GLY U 125 -25.56 -98.15 77.06
CA GLY U 125 -26.13 -96.81 77.04
C GLY U 125 -27.65 -96.86 76.91
N SER U 126 -28.32 -95.97 77.63
CA SER U 126 -29.80 -95.83 77.56
C SER U 126 -30.07 -94.68 76.59
N LEU U 127 -29.18 -93.66 76.63
CA LEU U 127 -29.28 -92.47 75.79
C LEU U 127 -27.90 -92.01 75.37
N ASN U 128 -27.79 -91.55 74.13
CA ASN U 128 -26.54 -91.02 73.61
C ASN U 128 -26.79 -89.89 72.65
N PHE U 129 -26.10 -88.77 72.88
CA PHE U 129 -26.24 -87.56 72.10
C PHE U 129 -24.93 -86.81 72.00
N SER U 130 -24.83 -85.89 71.04
CA SER U 130 -23.68 -85.02 70.86
C SER U 130 -24.11 -83.60 71.25
N ILE U 131 -23.21 -82.85 71.85
CA ILE U 131 -23.48 -81.47 72.29
C ILE U 131 -22.20 -80.62 72.27
N ALA U 132 -22.36 -79.30 72.05
CA ALA U 132 -21.27 -78.34 72.10
C ALA U 132 -20.65 -78.38 73.51
N GLN U 133 -19.31 -78.45 73.59
CA GLN U 133 -18.58 -78.48 74.86
C GLN U 133 -18.93 -77.28 75.74
N SER U 134 -19.04 -76.11 75.09
CA SER U 134 -19.35 -74.81 75.67
C SER U 134 -20.71 -74.81 76.38
N LYS U 135 -21.74 -75.46 75.75
CA LYS U 135 -23.10 -75.54 76.30
C LYS U 135 -23.13 -76.44 77.54
N LEU U 136 -22.44 -77.60 77.48
CA LEU U 136 -22.36 -78.51 78.62
C LEU U 136 -21.59 -77.88 79.79
N ARG U 137 -20.45 -77.21 79.50
CA ARG U 137 -19.64 -76.55 80.51
C ARG U 137 -20.44 -75.46 81.25
N ARG U 138 -21.23 -74.67 80.49
CA ARG U 138 -22.11 -73.63 81.01
C ARG U 138 -23.09 -74.22 82.02
N LEU U 139 -23.74 -75.37 81.70
CA LEU U 139 -24.69 -76.05 82.59
C LEU U 139 -24.05 -76.41 83.93
N ILE U 140 -22.82 -76.94 83.89
CA ILE U 140 -22.07 -77.31 85.09
C ILE U 140 -21.60 -76.08 85.86
N ASP U 141 -20.90 -75.14 85.19
CA ASP U 141 -20.34 -73.95 85.85
C ASP U 141 -21.40 -73.00 86.42
N ARG U 142 -22.60 -72.97 85.83
CA ARG U 142 -23.65 -72.09 86.35
C ARG U 142 -24.30 -72.68 87.62
N THR U 143 -24.05 -73.96 87.93
CA THR U 143 -24.74 -74.61 89.06
C THR U 143 -23.89 -75.33 90.09
N SER U 144 -22.63 -75.69 89.76
CA SER U 144 -21.75 -76.51 90.61
C SER U 144 -21.52 -76.07 92.05
N PHE U 145 -21.54 -74.76 92.31
CA PHE U 145 -21.37 -74.20 93.66
C PHE U 145 -22.47 -74.66 94.65
N ALA U 146 -23.68 -75.02 94.14
CA ALA U 146 -24.80 -75.39 94.99
C ALA U 146 -24.82 -76.85 95.43
N MET U 147 -23.93 -77.70 94.89
CA MET U 147 -23.89 -79.12 95.25
C MET U 147 -23.49 -79.26 96.71
N ALA U 148 -24.01 -80.30 97.38
CA ALA U 148 -23.59 -80.59 98.75
C ALA U 148 -22.23 -81.29 98.68
N GLN U 149 -21.51 -81.27 99.80
CA GLN U 149 -20.21 -81.92 99.98
C GLN U 149 -20.30 -82.75 101.25
N GLN U 150 -20.14 -84.08 101.13
CA GLN U 150 -20.18 -85.03 102.25
C GLN U 150 -21.49 -85.00 103.08
N ASP U 151 -22.62 -84.63 102.45
CA ASP U 151 -23.92 -84.63 103.14
C ASP U 151 -24.33 -86.10 103.32
N VAL U 152 -25.00 -86.39 104.44
CA VAL U 152 -25.51 -87.74 104.75
C VAL U 152 -26.55 -88.18 103.68
N ARG U 153 -27.24 -87.20 103.05
CA ARG U 153 -28.15 -87.42 101.93
C ARG U 153 -27.19 -87.44 100.72
N TYR U 154 -26.60 -88.63 100.48
CA TYR U 154 -25.56 -88.91 99.47
C TYR U 154 -25.91 -88.45 98.04
N TYR U 155 -27.20 -88.50 97.69
CA TYR U 155 -27.74 -88.11 96.39
C TYR U 155 -27.62 -86.61 96.10
N LEU U 156 -27.28 -85.80 97.13
CA LEU U 156 -27.06 -84.35 96.99
C LEU U 156 -25.59 -84.02 96.71
N ASN U 157 -24.68 -84.99 96.94
CA ASN U 157 -23.23 -84.81 96.74
C ASN U 157 -22.85 -84.98 95.27
N GLY U 158 -23.53 -84.22 94.43
CA GLY U 158 -23.38 -84.29 93.00
C GLY U 158 -24.38 -83.44 92.25
N MET U 159 -24.41 -83.64 90.94
CA MET U 159 -25.26 -82.86 90.06
C MET U 159 -26.23 -83.71 89.27
N LEU U 160 -27.49 -83.27 89.26
CA LEU U 160 -28.50 -83.88 88.44
C LEU U 160 -28.30 -83.37 87.00
N LEU U 161 -28.29 -84.31 86.04
CA LEU U 161 -28.29 -84.05 84.61
C LEU U 161 -29.55 -84.68 84.11
N GLU U 162 -30.44 -83.86 83.57
CA GLU U 162 -31.76 -84.31 83.17
C GLU U 162 -32.09 -83.97 81.72
N VAL U 163 -32.57 -84.97 80.98
CA VAL U 163 -33.02 -84.78 79.61
C VAL U 163 -34.55 -84.92 79.63
N ASN U 164 -35.25 -83.88 79.18
CA ASN U 164 -36.72 -83.85 79.19
C ASN U 164 -37.23 -82.98 78.05
N GLY U 165 -38.03 -83.57 77.17
CA GLY U 165 -38.59 -82.91 76.00
C GLY U 165 -37.61 -82.92 74.84
N GLY U 166 -36.50 -82.28 75.08
CA GLY U 166 -35.34 -82.13 74.20
C GLY U 166 -34.31 -81.28 74.92
N THR U 167 -34.72 -80.71 76.08
CA THR U 167 -33.92 -79.85 76.95
C THR U 167 -32.95 -80.67 77.80
N LEU U 168 -31.73 -80.15 77.98
CA LEU U 168 -30.74 -80.70 78.89
C LEU U 168 -30.69 -79.70 80.04
N ARG U 169 -30.82 -80.21 81.26
CA ARG U 169 -30.86 -79.40 82.45
C ARG U 169 -29.94 -79.95 83.53
N SER U 170 -29.27 -79.04 84.24
CA SER U 170 -28.45 -79.36 85.38
C SER U 170 -29.14 -78.82 86.64
N VAL U 171 -29.12 -79.60 87.73
CA VAL U 171 -29.69 -79.19 89.04
C VAL U 171 -28.68 -79.60 90.13
N ALA U 172 -28.35 -78.66 91.02
CA ALA U 172 -27.47 -78.85 92.17
C ALA U 172 -28.13 -78.22 93.40
N THR U 173 -28.05 -78.90 94.55
CA THR U 173 -28.64 -78.44 95.81
C THR U 173 -27.96 -79.08 97.01
N ASP U 174 -27.96 -78.34 98.14
CA ASP U 174 -27.41 -78.83 99.40
C ASP U 174 -28.49 -78.83 100.50
N GLY U 175 -29.74 -78.59 100.10
CA GLY U 175 -30.87 -78.52 101.02
C GLY U 175 -31.21 -77.13 101.52
N HIS U 176 -30.26 -76.17 101.39
CA HIS U 176 -30.46 -74.77 101.79
C HIS U 176 -30.68 -73.89 100.56
N ARG U 177 -29.97 -74.21 99.48
CA ARG U 177 -30.02 -73.46 98.23
C ARG U 177 -29.95 -74.40 97.06
N LEU U 178 -30.41 -73.93 95.90
CA LEU U 178 -30.45 -74.71 94.70
C LEU U 178 -30.04 -73.86 93.50
N ALA U 179 -29.36 -74.49 92.55
CA ALA U 179 -28.97 -73.86 91.29
C ALA U 179 -29.44 -74.78 90.16
N MET U 180 -30.04 -74.19 89.13
CA MET U 180 -30.48 -74.94 87.95
C MET U 180 -30.23 -74.15 86.65
N CYS U 181 -29.88 -74.86 85.59
CA CYS U 181 -29.65 -74.25 84.29
C CYS U 181 -30.23 -75.18 83.20
N SER U 182 -30.98 -74.62 82.24
CA SER U 182 -31.63 -75.38 81.18
C SER U 182 -31.23 -74.84 79.81
N LEU U 183 -30.98 -75.74 78.86
CA LEU U 183 -30.62 -75.37 77.49
C LEU U 183 -31.37 -76.30 76.53
N ASP U 184 -32.06 -75.72 75.52
CA ASP U 184 -32.80 -76.55 74.57
C ASP U 184 -31.88 -77.15 73.50
N ALA U 185 -31.30 -78.31 73.83
CA ALA U 185 -30.33 -79.05 73.01
C ALA U 185 -30.95 -79.96 71.92
N GLN U 186 -32.30 -80.08 71.91
CA GLN U 186 -33.08 -80.91 70.99
C GLN U 186 -32.62 -82.39 70.99
N ILE U 187 -32.53 -82.99 72.19
CA ILE U 187 -32.14 -84.38 72.43
C ILE U 187 -33.40 -85.26 72.46
N PRO U 188 -33.59 -86.20 71.49
CA PRO U 188 -34.78 -87.07 71.55
C PRO U 188 -34.66 -88.06 72.71
N SER U 189 -35.71 -88.18 73.56
CA SER U 189 -35.63 -89.06 74.73
C SER U 189 -36.81 -90.00 74.98
N GLN U 190 -38.01 -89.67 74.46
CA GLN U 190 -39.24 -90.45 74.63
C GLN U 190 -39.82 -90.43 76.07
N ASP U 191 -38.98 -90.10 77.07
CA ASP U 191 -39.32 -89.99 78.49
C ASP U 191 -38.27 -89.14 79.21
N ARG U 192 -38.61 -88.61 80.39
CA ARG U 192 -37.67 -87.85 81.21
C ARG U 192 -36.58 -88.80 81.71
N HIS U 193 -35.31 -88.46 81.45
CA HIS U 193 -34.16 -89.25 81.88
C HIS U 193 -33.28 -88.44 82.82
N GLN U 194 -33.00 -89.01 84.00
CA GLN U 194 -32.19 -88.36 85.04
C GLN U 194 -31.00 -89.21 85.43
N VAL U 195 -29.86 -88.56 85.66
CA VAL U 195 -28.62 -89.16 86.16
C VAL U 195 -28.06 -88.21 87.23
N ILE U 196 -27.43 -88.76 88.28
CA ILE U 196 -26.75 -87.94 89.28
C ILE U 196 -25.25 -88.22 89.12
N VAL U 197 -24.51 -87.19 88.70
CA VAL U 197 -23.07 -87.30 88.53
C VAL U 197 -22.40 -86.89 89.84
N PRO U 198 -21.51 -87.72 90.44
CA PRO U 198 -20.82 -87.33 91.69
C PRO U 198 -20.07 -86.02 91.53
N ARG U 199 -20.05 -85.24 92.61
CA ARG U 199 -19.41 -83.92 92.64
C ARG U 199 -17.99 -83.85 92.08
N LYS U 200 -17.12 -84.78 92.47
CA LYS U 200 -15.74 -84.81 92.00
C LYS U 200 -15.65 -85.00 90.48
N GLY U 201 -16.47 -85.92 89.98
CA GLY U 201 -16.57 -86.23 88.56
C GLY U 201 -17.08 -85.10 87.70
N ILE U 202 -18.20 -84.47 88.11
CA ILE U 202 -18.77 -83.37 87.34
C ILE U 202 -17.83 -82.14 87.27
N LEU U 203 -17.11 -81.83 88.38
CA LEU U 203 -16.16 -80.72 88.44
C LEU U 203 -14.96 -80.96 87.52
N GLU U 204 -14.51 -82.22 87.49
CA GLU U 204 -13.42 -82.66 86.63
C GLU U 204 -13.85 -82.51 85.16
N LEU U 205 -15.04 -83.03 84.81
CA LEU U 205 -15.60 -82.95 83.44
C LEU U 205 -15.67 -81.50 82.93
N ALA U 206 -16.19 -80.57 83.76
CA ALA U 206 -16.28 -79.14 83.39
C ALA U 206 -14.92 -78.55 83.03
N ARG U 207 -13.88 -78.90 83.81
CA ARG U 207 -12.50 -78.43 83.59
C ARG U 207 -11.91 -78.99 82.30
N LEU U 208 -12.33 -80.20 81.91
CA LEU U 208 -11.88 -80.85 80.68
C LEU U 208 -12.53 -80.25 79.41
N LEU U 209 -13.72 -79.60 79.55
CA LEU U 209 -14.45 -79.04 78.41
C LEU U 209 -13.91 -77.65 77.99
N THR U 210 -12.65 -77.64 77.51
CA THR U 210 -11.91 -76.44 77.11
C THR U 210 -12.12 -75.98 75.65
N GLU U 211 -12.55 -76.89 74.76
CA GLU U 211 -12.74 -76.53 73.34
C GLU U 211 -13.98 -75.67 73.16
N GLN U 212 -13.75 -74.34 73.07
CA GLN U 212 -14.76 -73.30 72.89
C GLN U 212 -15.61 -73.54 71.64
N ASP U 213 -14.99 -74.14 70.60
CA ASP U 213 -15.64 -74.49 69.33
C ASP U 213 -16.03 -75.97 69.23
N GLY U 214 -15.41 -76.82 70.06
CA GLY U 214 -15.57 -78.27 70.06
C GLY U 214 -16.89 -78.89 70.48
N GLU U 215 -17.03 -80.18 70.14
CA GLU U 215 -18.19 -81.02 70.41
C GLU U 215 -17.81 -82.15 71.38
N VAL U 216 -18.78 -82.65 72.15
CA VAL U 216 -18.61 -83.77 73.08
C VAL U 216 -19.73 -84.79 72.89
N GLY U 217 -19.34 -86.05 72.76
CA GLY U 217 -20.28 -87.17 72.65
C GLY U 217 -20.62 -87.64 74.06
N ILE U 218 -21.91 -87.68 74.41
CA ILE U 218 -22.37 -88.09 75.74
C ILE U 218 -23.12 -89.41 75.66
N VAL U 219 -22.84 -90.30 76.63
CA VAL U 219 -23.56 -91.56 76.79
C VAL U 219 -24.05 -91.60 78.22
N LEU U 220 -25.38 -91.75 78.38
CA LEU U 220 -26.01 -91.91 79.69
C LEU U 220 -26.38 -93.38 79.82
N GLY U 221 -25.78 -94.05 80.80
CA GLY U 221 -26.05 -95.43 81.13
C GLY U 221 -26.79 -95.50 82.45
N GLN U 222 -27.17 -96.70 82.89
CA GLN U 222 -27.86 -96.91 84.16
C GLN U 222 -26.96 -96.60 85.35
N HIS U 223 -25.65 -96.88 85.23
CA HIS U 223 -24.67 -96.66 86.31
C HIS U 223 -23.46 -95.84 85.91
N HIS U 224 -23.46 -95.29 84.69
CA HIS U 224 -22.31 -94.49 84.26
C HIS U 224 -22.68 -93.34 83.34
N ILE U 225 -21.76 -92.40 83.19
CA ILE U 225 -21.81 -91.31 82.23
C ILE U 225 -20.48 -91.38 81.48
N ARG U 226 -20.54 -91.23 80.15
CA ARG U 226 -19.34 -91.18 79.33
C ARG U 226 -19.34 -89.90 78.48
N ALA U 227 -18.20 -89.22 78.44
CA ALA U 227 -17.98 -88.01 77.64
C ALA U 227 -16.74 -88.22 76.79
N THR U 228 -16.89 -88.14 75.45
CA THR U 228 -15.81 -88.37 74.46
C THR U 228 -15.59 -87.13 73.58
N THR U 229 -14.30 -86.72 73.41
CA THR U 229 -13.91 -85.57 72.59
C THR U 229 -12.86 -85.93 71.51
N GLY U 230 -12.53 -87.21 71.36
CA GLY U 230 -11.56 -87.62 70.33
C GLY U 230 -10.13 -87.62 70.84
N GLU U 231 -9.80 -86.64 71.70
CA GLU U 231 -8.50 -86.53 72.38
C GLU U 231 -8.58 -87.24 73.77
N PHE U 232 -9.81 -87.26 74.36
CA PHE U 232 -10.07 -87.91 75.64
C PHE U 232 -11.44 -88.61 75.77
N THR U 233 -11.49 -89.61 76.66
CA THR U 233 -12.69 -90.33 77.05
C THR U 233 -12.78 -90.22 78.57
N PHE U 234 -13.86 -89.61 79.04
CA PHE U 234 -14.13 -89.44 80.45
C PHE U 234 -15.25 -90.39 80.83
N THR U 235 -15.05 -91.18 81.87
CA THR U 235 -16.10 -92.07 82.39
C THR U 235 -16.23 -91.87 83.88
N SER U 236 -17.46 -91.72 84.34
CA SER U 236 -17.74 -91.57 85.75
C SER U 236 -18.86 -92.51 86.14
N LYS U 237 -18.75 -93.11 87.35
CA LYS U 237 -19.84 -93.88 87.95
C LYS U 237 -20.92 -92.85 88.33
N LEU U 238 -22.17 -93.27 88.45
CA LEU U 238 -23.23 -92.34 88.85
C LEU U 238 -23.55 -92.53 90.33
N VAL U 239 -24.23 -91.55 90.93
CA VAL U 239 -24.69 -91.66 92.31
C VAL U 239 -25.94 -92.55 92.23
N ASP U 240 -25.89 -93.69 92.89
CA ASP U 240 -26.96 -94.66 92.89
C ASP U 240 -28.05 -94.27 93.87
N GLY U 241 -28.93 -93.39 93.42
CA GLY U 241 -30.06 -92.88 94.19
C GLY U 241 -30.99 -92.04 93.35
N LYS U 242 -32.12 -91.62 93.96
CA LYS U 242 -33.13 -90.78 93.31
C LYS U 242 -32.97 -89.36 93.80
N PHE U 243 -32.83 -88.42 92.85
CA PHE U 243 -32.69 -87.01 93.15
C PHE U 243 -34.05 -86.50 93.69
N PRO U 244 -34.06 -85.56 94.67
CA PRO U 244 -35.35 -85.05 95.17
C PRO U 244 -36.19 -84.37 94.09
N ASP U 245 -37.50 -84.27 94.34
CA ASP U 245 -38.45 -83.65 93.43
C ASP U 245 -38.29 -82.12 93.55
N TYR U 246 -37.24 -81.60 92.89
CA TYR U 246 -36.85 -80.18 92.91
C TYR U 246 -37.96 -79.27 92.39
N GLU U 247 -38.78 -79.74 91.43
CA GLU U 247 -39.90 -78.98 90.87
C GLU U 247 -40.88 -78.52 91.95
N ARG U 248 -41.06 -79.34 93.01
CA ARG U 248 -41.92 -79.02 94.15
C ARG U 248 -41.37 -77.90 95.06
N VAL U 249 -40.05 -77.66 95.08
CA VAL U 249 -39.45 -76.62 95.92
C VAL U 249 -39.17 -75.28 95.23
N LEU U 250 -39.35 -75.22 93.89
CA LEU U 250 -39.13 -73.98 93.14
C LEU U 250 -40.24 -72.97 93.50
N PRO U 251 -39.90 -71.75 93.97
CA PRO U 251 -40.94 -70.77 94.35
C PRO U 251 -41.73 -70.29 93.13
N ARG U 252 -43.07 -70.39 93.21
CA ARG U 252 -43.93 -70.06 92.09
C ARG U 252 -44.64 -68.71 92.12
N GLY U 253 -45.24 -68.36 93.24
CA GLY U 253 -46.03 -67.14 93.28
C GLY U 253 -45.35 -65.84 93.66
N GLY U 254 -44.02 -65.76 93.53
CA GLY U 254 -43.23 -64.59 93.90
C GLY U 254 -43.79 -63.26 93.41
N ASP U 255 -44.35 -62.46 94.35
CA ASP U 255 -45.01 -61.18 94.07
C ASP U 255 -44.11 -59.94 94.09
N LYS U 256 -42.91 -60.08 94.66
CA LYS U 256 -41.99 -58.94 94.79
C LYS U 256 -40.84 -59.04 93.81
N LEU U 257 -40.90 -58.27 92.71
CA LEU U 257 -39.86 -58.27 91.69
C LEU U 257 -38.87 -57.14 91.91
N VAL U 258 -37.62 -57.51 92.16
CA VAL U 258 -36.53 -56.57 92.39
C VAL U 258 -35.54 -56.68 91.25
N VAL U 259 -35.20 -55.55 90.65
CA VAL U 259 -34.18 -55.47 89.60
C VAL U 259 -33.08 -54.58 90.19
N GLY U 260 -31.89 -55.13 90.30
CA GLY U 260 -30.75 -54.42 90.84
C GLY U 260 -29.53 -54.61 89.98
N ASP U 261 -28.51 -53.79 90.24
CA ASP U 261 -27.22 -53.89 89.56
C ASP U 261 -26.44 -55.01 90.27
N ARG U 262 -25.99 -56.02 89.49
CA ARG U 262 -25.24 -57.17 90.01
C ARG U 262 -23.98 -56.73 90.78
N GLN U 263 -23.17 -55.83 90.19
CA GLN U 263 -21.95 -55.31 90.82
C GLN U 263 -22.22 -54.55 92.11
N GLN U 264 -23.22 -53.64 92.11
CA GLN U 264 -23.58 -52.86 93.31
C GLN U 264 -24.01 -53.78 94.45
N LEU U 265 -24.85 -54.78 94.15
CA LEU U 265 -25.33 -55.73 95.14
C LEU U 265 -24.20 -56.59 95.66
N ARG U 266 -23.33 -57.09 94.75
CA ARG U 266 -22.18 -57.90 95.13
C ARG U 266 -21.21 -57.11 96.04
N GLU U 267 -20.94 -55.84 95.71
CA GLU U 267 -20.03 -54.97 96.49
C GLU U 267 -20.58 -54.66 97.89
N ALA U 268 -21.90 -54.35 97.98
CA ALA U 268 -22.59 -54.08 99.26
C ALA U 268 -22.68 -55.34 100.12
N PHE U 269 -22.98 -56.51 99.50
CA PHE U 269 -23.02 -57.79 100.22
C PHE U 269 -21.62 -58.15 100.74
N SER U 270 -20.57 -57.94 99.93
CA SER U 270 -19.19 -58.22 100.35
C SER U 270 -18.75 -57.32 101.52
N ARG U 271 -19.09 -56.01 101.48
CA ARG U 271 -18.74 -55.07 102.57
C ARG U 271 -19.41 -55.46 103.87
N THR U 272 -20.75 -55.70 103.85
CA THR U 272 -21.53 -56.08 105.02
C THR U 272 -21.12 -57.43 105.58
N ALA U 273 -20.77 -58.40 104.69
CA ALA U 273 -20.32 -59.76 105.05
C ALA U 273 -19.16 -59.78 106.05
N ILE U 274 -18.25 -58.79 105.96
CA ILE U 274 -17.09 -58.63 106.87
C ILE U 274 -17.55 -58.60 108.33
N LEU U 275 -18.65 -57.92 108.62
CA LEU U 275 -19.18 -57.84 109.98
C LEU U 275 -20.34 -58.80 110.29
N SER U 276 -20.58 -59.80 109.43
CA SER U 276 -21.57 -60.84 109.70
C SER U 276 -20.86 -61.95 110.53
N ASN U 277 -21.62 -62.80 111.21
CA ASN U 277 -21.10 -63.94 111.97
C ASN U 277 -20.24 -64.80 111.02
N GLU U 278 -18.99 -65.11 111.43
CA GLU U 278 -18.03 -65.85 110.59
C GLU U 278 -18.51 -67.25 110.19
N LYS U 279 -19.30 -67.89 111.05
CA LYS U 279 -19.84 -69.22 110.80
C LYS U 279 -21.22 -69.19 110.15
N TYR U 280 -22.17 -68.41 110.73
CA TYR U 280 -23.57 -68.37 110.26
C TYR U 280 -23.89 -67.39 109.15
N ARG U 281 -22.99 -66.38 108.93
CA ARG U 281 -23.02 -65.45 107.77
C ARG U 281 -24.37 -64.76 107.48
N GLY U 282 -25.16 -64.54 108.54
CA GLY U 282 -26.48 -63.94 108.42
C GLY U 282 -26.46 -62.44 108.23
N ILE U 283 -27.27 -61.97 107.28
CA ILE U 283 -27.49 -60.57 106.97
C ILE U 283 -28.99 -60.32 106.96
N ARG U 284 -29.39 -59.08 107.20
CA ARG U 284 -30.79 -58.69 107.21
C ARG U 284 -31.03 -57.75 106.04
N LEU U 285 -32.06 -58.06 105.26
CA LEU U 285 -32.49 -57.28 104.12
C LEU U 285 -33.78 -56.55 104.48
N GLN U 286 -33.84 -55.25 104.16
CA GLN U 286 -35.06 -54.45 104.32
C GLN U 286 -35.37 -53.83 102.98
N LEU U 287 -36.34 -54.42 102.30
CA LEU U 287 -36.78 -53.98 100.98
C LEU U 287 -37.97 -53.03 101.11
N SER U 288 -37.91 -51.93 100.36
CA SER U 288 -38.94 -50.90 100.26
C SER U 288 -38.80 -50.25 98.87
N ASN U 289 -39.75 -49.37 98.49
CA ASN U 289 -39.75 -48.68 97.19
C ASN U 289 -38.40 -48.09 96.80
N GLY U 290 -37.82 -48.63 95.73
CA GLY U 290 -36.53 -48.24 95.17
C GLY U 290 -35.30 -48.41 96.05
N LEU U 291 -35.44 -49.13 97.18
CA LEU U 291 -34.37 -49.27 98.13
C LEU U 291 -34.21 -50.63 98.80
N LEU U 292 -32.95 -51.07 98.91
CA LEU U 292 -32.58 -52.27 99.65
C LEU U 292 -31.59 -51.89 100.75
N LYS U 293 -32.03 -52.01 102.01
CA LYS U 293 -31.18 -51.74 103.17
C LYS U 293 -30.59 -53.08 103.61
N ILE U 294 -29.27 -53.13 103.81
CA ILE U 294 -28.56 -54.34 104.22
C ILE U 294 -27.90 -54.09 105.56
N GLN U 295 -28.11 -55.02 106.49
CA GLN U 295 -27.50 -54.94 107.81
C GLN U 295 -26.87 -56.28 108.19
N ALA U 296 -25.70 -56.23 108.85
CA ALA U 296 -24.98 -57.38 109.37
C ALA U 296 -24.37 -57.07 110.72
N ASN U 297 -24.44 -58.04 111.63
CA ASN U 297 -23.82 -57.94 112.95
C ASN U 297 -23.24 -59.28 113.40
N ASN U 298 -22.27 -59.24 114.31
CA ASN U 298 -21.57 -60.43 114.75
C ASN U 298 -21.63 -60.59 116.31
N PRO U 299 -21.10 -61.69 116.91
CA PRO U 299 -21.17 -61.82 118.38
C PRO U 299 -20.45 -60.72 119.17
N GLU U 300 -19.42 -60.07 118.58
CA GLU U 300 -18.67 -58.96 119.22
C GLU U 300 -19.47 -57.64 119.19
N GLN U 301 -20.71 -57.67 118.67
CA GLN U 301 -21.62 -56.53 118.52
C GLN U 301 -21.15 -55.46 117.50
N GLU U 302 -20.27 -55.88 116.56
CA GLU U 302 -19.80 -55.04 115.46
C GLU U 302 -20.92 -55.02 114.43
N GLU U 303 -21.14 -53.88 113.75
CA GLU U 303 -22.25 -53.76 112.82
C GLU U 303 -21.91 -53.05 111.50
N ALA U 304 -22.42 -53.59 110.39
CA ALA U 304 -22.27 -53.05 109.04
C ALA U 304 -23.64 -52.75 108.47
N GLU U 305 -23.78 -51.57 107.84
CA GLU U 305 -25.01 -51.12 107.22
C GLU U 305 -24.75 -50.50 105.87
N GLU U 306 -25.63 -50.79 104.91
CA GLU U 306 -25.55 -50.24 103.57
C GLU U 306 -26.92 -50.12 102.92
N GLU U 307 -27.07 -49.11 102.06
CA GLU U 307 -28.32 -48.87 101.33
C GLU U 307 -27.99 -48.94 99.86
N VAL U 308 -28.73 -49.77 99.11
CA VAL U 308 -28.56 -49.96 97.67
C VAL U 308 -29.85 -49.57 96.95
N GLN U 309 -29.73 -48.69 95.93
CA GLN U 309 -30.85 -48.32 95.10
C GLN U 309 -31.19 -49.49 94.16
N VAL U 310 -32.47 -49.89 94.13
CA VAL U 310 -32.97 -51.01 93.31
C VAL U 310 -34.25 -50.59 92.58
N GLU U 311 -34.64 -51.35 91.52
CA GLU U 311 -35.89 -51.10 90.82
C GLU U 311 -36.91 -51.98 91.53
N TYR U 312 -37.72 -51.37 92.39
CA TYR U 312 -38.74 -52.07 93.17
C TYR U 312 -39.87 -51.13 93.57
N ASN U 313 -41.11 -51.59 93.33
CA ASN U 313 -42.35 -50.90 93.68
C ASN U 313 -43.26 -51.96 94.28
N GLY U 314 -43.56 -51.82 95.55
CA GLY U 314 -44.42 -52.77 96.26
C GLY U 314 -44.32 -52.64 97.76
N GLY U 315 -44.88 -53.61 98.46
CA GLY U 315 -44.87 -53.66 99.91
C GLY U 315 -43.50 -53.92 100.49
N ASN U 316 -43.31 -53.52 101.75
CA ASN U 316 -42.06 -53.73 102.46
C ASN U 316 -41.82 -55.20 102.77
N LEU U 317 -40.54 -55.57 102.87
CA LEU U 317 -40.13 -56.91 103.23
C LEU U 317 -38.83 -56.88 104.04
N GLU U 318 -38.86 -57.54 105.19
CA GLU U 318 -37.71 -57.74 106.06
C GLU U 318 -37.42 -59.24 105.97
N ILE U 319 -36.23 -59.60 105.49
CA ILE U 319 -35.85 -61.01 105.28
C ILE U 319 -34.36 -61.27 105.59
N GLY U 320 -34.08 -62.42 106.19
CA GLY U 320 -32.72 -62.83 106.54
C GLY U 320 -32.14 -63.82 105.57
N PHE U 321 -30.85 -63.68 105.25
CA PHE U 321 -30.17 -64.59 104.33
C PHE U 321 -28.74 -64.82 104.71
N ASN U 322 -28.21 -65.97 104.31
CA ASN U 322 -26.80 -66.29 104.45
C ASN U 322 -26.17 -65.51 103.26
N VAL U 323 -25.32 -64.51 103.57
CA VAL U 323 -24.65 -63.63 102.59
C VAL U 323 -23.74 -64.41 101.58
N SER U 324 -23.07 -65.48 102.06
CA SER U 324 -22.23 -66.33 101.19
C SER U 324 -23.11 -67.00 100.11
N TYR U 325 -24.35 -67.41 100.47
CA TYR U 325 -25.28 -68.03 99.49
C TYR U 325 -25.70 -67.02 98.42
N LEU U 326 -25.90 -65.74 98.81
CA LEU U 326 -26.23 -64.66 97.87
C LEU U 326 -25.05 -64.31 96.98
N LEU U 327 -23.84 -64.23 97.58
CA LEU U 327 -22.60 -63.95 96.83
C LEU U 327 -22.28 -65.06 95.82
N ASP U 328 -22.55 -66.30 96.19
CA ASP U 328 -22.37 -67.48 95.31
C ASP U 328 -23.22 -67.34 94.05
N VAL U 329 -24.49 -66.91 94.22
CA VAL U 329 -25.43 -66.69 93.12
C VAL U 329 -24.96 -65.53 92.24
N LEU U 330 -24.61 -64.39 92.85
CA LEU U 330 -24.16 -63.20 92.09
C LEU U 330 -22.91 -63.49 91.26
N GLY U 331 -22.04 -64.36 91.76
CA GLY U 331 -20.80 -64.77 91.12
C GLY U 331 -21.00 -65.55 89.82
N VAL U 332 -22.21 -66.11 89.58
CA VAL U 332 -22.55 -66.84 88.36
C VAL U 332 -23.53 -66.09 87.42
N ILE U 333 -24.06 -64.93 87.86
CA ILE U 333 -24.96 -64.11 87.03
C ILE U 333 -24.08 -63.39 85.98
N GLY U 334 -24.35 -63.64 84.70
CA GLY U 334 -23.59 -63.10 83.59
C GLY U 334 -24.03 -61.74 83.07
N THR U 335 -25.22 -61.30 83.49
CA THR U 335 -25.78 -60.01 83.09
C THR U 335 -25.44 -58.93 84.12
N GLU U 336 -25.43 -57.70 83.64
CA GLU U 336 -25.19 -56.47 84.39
C GLU U 336 -26.27 -56.26 85.47
N GLN U 337 -27.52 -56.60 85.13
CA GLN U 337 -28.65 -56.52 86.03
C GLN U 337 -29.02 -57.92 86.53
N VAL U 338 -29.61 -57.98 87.71
CA VAL U 338 -30.03 -59.22 88.32
C VAL U 338 -31.47 -59.07 88.83
N ARG U 339 -32.28 -60.11 88.64
CA ARG U 339 -33.65 -60.15 89.11
C ARG U 339 -33.76 -61.03 90.36
N PHE U 340 -34.38 -60.49 91.42
CA PHE U 340 -34.69 -61.18 92.65
C PHE U 340 -36.20 -61.22 92.73
N ILE U 341 -36.78 -62.41 92.92
CA ILE U 341 -38.22 -62.58 93.03
C ILE U 341 -38.48 -63.14 94.42
N LEU U 342 -39.14 -62.35 95.26
CA LEU U 342 -39.40 -62.70 96.64
C LEU U 342 -40.90 -62.68 96.93
N SER U 343 -41.29 -63.19 98.11
CA SER U 343 -42.66 -63.19 98.58
C SER U 343 -42.69 -62.74 100.05
N ASP U 344 -42.49 -63.66 101.01
CA ASP U 344 -42.48 -63.34 102.45
C ASP U 344 -41.16 -63.72 103.12
N SER U 345 -41.00 -63.36 104.40
CA SER U 345 -39.79 -63.59 105.21
C SER U 345 -39.41 -65.06 105.46
N ASN U 346 -40.37 -65.96 105.31
CA ASN U 346 -40.17 -67.40 105.54
C ASN U 346 -39.97 -68.20 104.24
N SER U 347 -40.11 -67.53 103.08
CA SER U 347 -40.01 -68.14 101.77
C SER U 347 -38.74 -67.79 101.02
N SER U 348 -38.36 -68.71 100.12
CA SER U 348 -37.18 -68.65 99.27
CA SER U 348 -37.14 -68.60 99.33
C SER U 348 -37.11 -67.41 98.35
N ALA U 349 -35.89 -67.03 97.96
CA ALA U 349 -35.65 -65.97 96.99
C ALA U 349 -35.43 -66.74 95.70
N LEU U 350 -35.95 -66.23 94.59
CA LEU U 350 -35.74 -66.79 93.26
C LEU U 350 -34.87 -65.76 92.54
N VAL U 351 -33.77 -66.21 91.94
CA VAL U 351 -32.84 -65.32 91.26
C VAL U 351 -32.64 -65.75 89.81
N HIS U 352 -32.64 -64.75 88.90
CA HIS U 352 -32.42 -64.96 87.48
C HIS U 352 -31.50 -63.88 86.92
N GLU U 353 -30.98 -64.11 85.70
CA GLU U 353 -30.26 -63.11 84.93
C GLU U 353 -31.33 -62.12 84.46
N ALA U 354 -30.93 -60.92 84.04
CA ALA U 354 -31.85 -59.86 83.61
C ALA U 354 -32.74 -60.19 82.43
N ASP U 355 -32.19 -60.86 81.39
CA ASP U 355 -32.89 -61.08 80.13
C ASP U 355 -33.41 -62.49 79.80
N ASN U 356 -33.22 -63.46 80.69
CA ASN U 356 -33.67 -64.84 80.45
C ASN U 356 -33.94 -65.62 81.73
N ASP U 357 -34.71 -66.72 81.61
CA ASP U 357 -35.06 -67.63 82.71
C ASP U 357 -34.29 -68.98 82.63
N ASP U 358 -33.30 -69.10 81.73
CA ASP U 358 -32.49 -70.32 81.52
C ASP U 358 -31.79 -70.77 82.81
N SER U 359 -31.28 -69.81 83.60
CA SER U 359 -30.67 -70.06 84.89
C SER U 359 -31.64 -69.62 85.97
N ALA U 360 -31.77 -70.42 87.04
CA ALA U 360 -32.65 -70.13 88.16
C ALA U 360 -31.94 -70.56 89.47
N TYR U 361 -31.94 -69.67 90.45
CA TYR U 361 -31.30 -69.88 91.74
C TYR U 361 -32.29 -69.68 92.83
N VAL U 362 -32.33 -70.64 93.75
CA VAL U 362 -33.27 -70.64 94.87
C VAL U 362 -32.45 -70.59 96.18
N VAL U 363 -32.77 -69.64 97.06
CA VAL U 363 -32.08 -69.53 98.33
C VAL U 363 -33.11 -69.49 99.45
N MET U 364 -33.10 -70.48 100.36
CA MET U 364 -34.00 -70.46 101.51
C MET U 364 -33.49 -69.38 102.48
N PRO U 365 -34.41 -68.59 103.09
CA PRO U 365 -33.96 -67.57 104.03
C PRO U 365 -33.52 -68.14 105.39
N MET U 366 -33.11 -67.24 106.28
CA MET U 366 -32.73 -67.50 107.66
C MET U 366 -33.74 -66.80 108.54
N ARG U 367 -34.06 -67.40 109.72
CA ARG U 367 -34.96 -66.77 110.68
C ARG U 367 -34.20 -65.62 111.34
N LEU U 368 -34.86 -64.43 111.35
CA LEU U 368 -34.32 -63.20 111.92
C LEU U 368 -34.58 -63.15 113.42
N GLN V 2 -30.97 -70.74 109.53
CA GLN V 2 -31.13 -71.28 108.18
C GLN V 2 -32.29 -72.26 108.02
N ASP V 4 -34.73 -74.94 105.54
CA ASP V 4 -34.49 -76.02 104.58
C ASP V 4 -35.46 -76.02 103.42
N LEU V 5 -34.97 -76.45 102.24
CA LEU V 5 -35.77 -76.56 101.03
C LEU V 5 -36.80 -77.69 101.13
N HIS W 1 -13.52 -37.10 120.77
CA HIS W 1 -12.37 -38.01 120.79
C HIS W 1 -11.72 -37.95 119.38
N MET W 2 -10.84 -38.92 119.09
CA MET W 2 -10.10 -39.08 117.84
C MET W 2 -11.07 -39.09 116.65
N HIS W 3 -10.75 -38.29 115.62
CA HIS W 3 -11.55 -38.16 114.42
C HIS W 3 -10.71 -37.65 113.27
N PHE W 4 -10.87 -38.28 112.09
CA PHE W 4 -10.16 -37.90 110.88
C PHE W 4 -10.88 -38.40 109.62
N THR W 5 -10.54 -37.79 108.49
CA THR W 5 -11.00 -38.17 107.15
C THR W 5 -9.75 -38.57 106.36
N ILE W 6 -9.91 -39.58 105.49
CA ILE W 6 -8.82 -40.13 104.69
C ILE W 6 -9.37 -40.78 103.42
N GLN W 7 -8.63 -40.65 102.31
CA GLN W 7 -9.00 -41.30 101.05
C GLN W 7 -8.70 -42.78 101.20
N ARG W 8 -9.56 -43.63 100.61
CA ARG W 8 -9.44 -45.09 100.65
C ARG W 8 -8.00 -45.59 100.41
N GLU W 9 -7.36 -45.15 99.31
CA GLU W 9 -6.03 -45.58 98.90
C GLU W 9 -4.92 -45.12 99.84
N ALA W 10 -5.08 -43.92 100.42
CA ALA W 10 -4.11 -43.34 101.38
C ALA W 10 -4.09 -44.17 102.68
N LEU W 11 -5.26 -44.67 103.13
CA LEU W 11 -5.38 -45.50 104.32
C LEU W 11 -4.95 -46.92 104.04
N LEU W 12 -5.37 -47.47 102.88
CA LEU W 12 -5.08 -48.83 102.47
C LEU W 12 -3.62 -49.19 102.42
N LYS W 13 -2.76 -48.33 101.82
CA LYS W 13 -1.31 -48.59 101.71
C LYS W 13 -0.64 -48.92 103.06
N PRO W 14 -0.62 -48.02 104.08
CA PRO W 14 0.00 -48.40 105.37
C PRO W 14 -0.75 -49.49 106.12
N LEU W 15 -2.09 -49.54 106.00
CA LEU W 15 -2.91 -50.54 106.66
C LEU W 15 -2.55 -51.95 106.20
N GLN W 16 -2.36 -52.14 104.87
CA GLN W 16 -1.98 -53.45 104.31
C GLN W 16 -0.58 -53.87 104.79
N LEU W 17 0.37 -52.91 104.85
CA LEU W 17 1.74 -53.19 105.30
C LEU W 17 1.75 -53.66 106.75
N VAL W 18 1.12 -52.87 107.63
CA VAL W 18 0.98 -53.07 109.07
C VAL W 18 0.23 -54.37 109.42
N ALA W 19 -0.88 -54.68 108.69
CA ALA W 19 -1.68 -55.89 108.92
C ALA W 19 -0.92 -57.16 108.60
N GLY W 20 0.07 -57.07 107.72
CA GLY W 20 0.96 -58.16 107.35
C GLY W 20 1.79 -58.74 108.49
N VAL W 21 2.09 -57.90 109.52
CA VAL W 21 2.87 -58.37 110.68
C VAL W 21 1.92 -58.84 111.81
N VAL W 22 0.62 -58.51 111.70
CA VAL W 22 -0.42 -58.88 112.66
C VAL W 22 -0.79 -60.35 112.41
N GLU W 23 -0.55 -61.22 113.42
CA GLU W 23 -0.83 -62.65 113.33
C GLU W 23 -1.60 -63.14 114.54
N GLN W 26 -3.25 -65.04 117.58
CA GLN W 26 -2.63 -64.21 118.61
C GLN W 26 -3.04 -64.64 120.02
N THR W 27 -2.07 -64.61 120.96
CA THR W 27 -2.30 -64.95 122.37
C THR W 27 -3.04 -63.80 123.06
N LEU W 28 -2.38 -62.63 123.15
CA LEU W 28 -2.93 -61.40 123.72
C LEU W 28 -3.91 -60.79 122.68
N PRO W 29 -5.15 -60.42 123.08
CA PRO W 29 -6.13 -59.90 122.09
C PRO W 29 -5.72 -58.61 121.35
N VAL W 30 -5.01 -57.70 122.06
CA VAL W 30 -4.53 -56.44 121.47
C VAL W 30 -3.56 -56.65 120.29
N LEU W 31 -2.85 -57.80 120.27
CA LEU W 31 -1.90 -58.18 119.22
C LEU W 31 -2.55 -58.36 117.85
N SER W 32 -3.88 -58.62 117.82
CA SER W 32 -4.67 -58.77 116.60
C SER W 32 -5.09 -57.39 116.06
N ASN W 33 -4.86 -56.33 116.87
CA ASN W 33 -5.25 -54.98 116.55
C ASN W 33 -4.15 -54.09 115.98
N VAL W 34 -4.58 -53.08 115.19
CA VAL W 34 -3.72 -52.03 114.67
C VAL W 34 -3.86 -50.82 115.63
N LEU W 35 -2.75 -50.24 116.06
CA LEU W 35 -2.76 -49.03 116.88
C LEU W 35 -2.90 -47.84 115.93
N LEU W 36 -3.94 -47.03 116.12
CA LEU W 36 -4.20 -45.81 115.34
C LEU W 36 -3.89 -44.61 116.24
N VAL W 37 -2.99 -43.72 115.80
CA VAL W 37 -2.61 -42.52 116.58
C VAL W 37 -2.71 -41.30 115.68
N VAL W 38 -3.56 -40.33 116.07
CA VAL W 38 -3.68 -39.06 115.36
C VAL W 38 -2.97 -38.00 116.23
N GLU W 39 -1.89 -37.42 115.70
CA GLU W 39 -1.15 -36.35 116.37
C GLU W 39 -0.99 -35.26 115.31
N GLY W 40 -1.64 -34.12 115.54
CA GLY W 40 -1.68 -33.02 114.59
C GLY W 40 -2.34 -33.49 113.31
N GLN W 41 -1.68 -33.27 112.16
CA GLN W 41 -2.17 -33.68 110.85
C GLN W 41 -1.52 -35.00 110.36
N GLN W 42 -1.11 -35.84 111.32
CA GLN W 42 -0.50 -37.13 111.00
C GLN W 42 -1.22 -38.29 111.65
N LEU W 43 -1.49 -39.32 110.85
CA LEU W 43 -2.04 -40.58 111.30
C LEU W 43 -0.90 -41.60 111.28
N SER W 44 -0.69 -42.31 112.38
CA SER W 44 0.29 -43.38 112.49
C SER W 44 -0.47 -44.69 112.71
N LEU W 45 -0.07 -45.75 112.03
CA LEU W 45 -0.68 -47.08 112.11
C LEU W 45 0.41 -48.05 112.55
N THR W 46 0.19 -48.76 113.65
CA THR W 46 1.19 -49.69 114.20
C THR W 46 0.65 -51.10 114.35
N GLY W 47 1.45 -52.05 113.87
CA GLY W 47 1.20 -53.48 113.98
C GLY W 47 2.42 -54.15 114.57
N THR W 48 2.21 -55.17 115.41
CA THR W 48 3.29 -55.89 116.07
C THR W 48 2.91 -57.36 116.37
N ASP W 49 3.94 -58.22 116.51
CA ASP W 49 3.79 -59.62 116.92
C ASP W 49 4.73 -59.82 118.13
N LEU W 50 5.23 -58.68 118.69
CA LEU W 50 6.19 -58.56 119.81
C LEU W 50 7.68 -58.76 119.41
N GLU W 51 7.92 -59.31 118.20
CA GLU W 51 9.28 -59.55 117.68
C GLU W 51 9.63 -58.43 116.73
N VAL W 52 8.69 -58.14 115.82
CA VAL W 52 8.77 -57.05 114.85
C VAL W 52 7.64 -56.05 115.12
N GLU W 53 7.91 -54.79 114.81
CA GLU W 53 6.94 -53.71 114.88
C GLU W 53 7.02 -52.93 113.59
N LEU W 54 5.86 -52.73 112.95
CA LEU W 54 5.78 -51.96 111.73
C LEU W 54 4.89 -50.75 111.94
N VAL W 55 5.39 -49.58 111.56
CA VAL W 55 4.69 -48.29 111.70
C VAL W 55 4.53 -47.66 110.32
N GLY W 56 3.31 -47.33 109.96
CA GLY W 56 2.97 -46.62 108.73
C GLY W 56 2.50 -45.22 109.08
N ARG W 57 2.86 -44.22 108.27
CA ARG W 57 2.46 -42.84 108.49
C ARG W 57 1.77 -42.23 107.28
N VAL W 58 0.72 -41.44 107.52
CA VAL W 58 -0.07 -40.73 106.50
C VAL W 58 -0.30 -39.30 106.95
N VAL W 59 -0.16 -38.35 106.01
CA VAL W 59 -0.45 -36.95 106.26
C VAL W 59 -1.97 -36.77 106.02
N LEU W 60 -2.67 -36.19 107.01
CA LEU W 60 -4.11 -35.94 106.94
C LEU W 60 -4.38 -34.55 106.37
N GLU W 61 -5.20 -34.49 105.31
CA GLU W 61 -5.52 -33.23 104.62
C GLU W 61 -6.52 -32.35 105.38
N ASP W 62 -7.73 -32.84 105.62
CA ASP W 62 -8.77 -32.09 106.32
C ASP W 62 -8.50 -32.08 107.85
N ALA W 63 -9.14 -31.15 108.59
CA ALA W 63 -8.98 -31.00 110.04
C ALA W 63 -9.23 -32.33 110.78
N ALA W 64 -8.28 -32.71 111.64
CA ALA W 64 -8.32 -33.95 112.41
C ALA W 64 -8.22 -33.67 113.91
N GLU W 65 -8.95 -34.47 114.71
CA GLU W 65 -8.92 -34.36 116.17
C GLU W 65 -8.03 -35.47 116.73
N PRO W 66 -7.10 -35.11 117.65
CA PRO W 66 -6.13 -36.11 118.13
C PRO W 66 -6.70 -37.21 119.01
N GLY W 67 -5.92 -38.27 119.14
CA GLY W 67 -6.27 -39.42 119.95
C GLY W 67 -5.60 -40.70 119.52
N GLU W 68 -5.86 -41.76 120.28
CA GLU W 68 -5.30 -43.07 120.03
C GLU W 68 -6.28 -44.17 120.42
N ILE W 69 -6.27 -45.22 119.63
CA ILE W 69 -7.13 -46.39 119.80
C ILE W 69 -6.54 -47.60 119.06
N THR W 70 -7.01 -48.79 119.39
CA THR W 70 -6.62 -50.01 118.67
C THR W 70 -7.90 -50.63 118.15
N VAL W 71 -7.86 -51.18 116.93
CA VAL W 71 -9.00 -51.80 116.25
C VAL W 71 -8.56 -53.09 115.55
N PRO W 72 -9.46 -54.10 115.33
CA PRO W 72 -9.05 -55.31 114.60
C PRO W 72 -8.43 -54.96 113.25
N ALA W 73 -7.16 -55.30 113.08
CA ALA W 73 -6.38 -54.94 111.89
C ALA W 73 -6.91 -55.52 110.58
N ARG W 74 -7.16 -56.85 110.54
CA ARG W 74 -7.67 -57.53 109.34
C ARG W 74 -9.07 -57.00 108.95
N LYS W 75 -9.95 -56.81 109.94
CA LYS W 75 -11.29 -56.26 109.69
C LYS W 75 -11.25 -54.86 109.07
N LEU W 76 -10.45 -53.94 109.66
CA LEU W 76 -10.34 -52.58 109.12
C LEU W 76 -9.73 -52.59 107.70
N MET W 77 -8.70 -53.43 107.48
CA MET W 77 -8.08 -53.56 106.15
C MET W 77 -9.12 -54.08 105.12
N ASP W 78 -9.89 -55.14 105.47
CA ASP W 78 -10.93 -55.73 104.60
C ASP W 78 -12.03 -54.73 104.26
N ILE W 79 -12.44 -53.92 105.25
CA ILE W 79 -13.45 -52.87 105.05
C ILE W 79 -12.88 -51.84 104.05
N CYS W 80 -11.65 -51.36 104.30
CA CYS W 80 -10.94 -50.40 103.46
C CYS W 80 -10.82 -50.90 102.00
N LYS W 81 -10.34 -52.15 101.81
CA LYS W 81 -10.20 -52.79 100.50
C LYS W 81 -11.53 -52.94 99.75
N SER W 82 -12.61 -53.27 100.48
CA SER W 82 -13.96 -53.48 99.93
C SER W 82 -14.71 -52.19 99.55
N LEU W 83 -14.24 -51.04 100.06
CA LEU W 83 -14.89 -49.75 99.79
C LEU W 83 -14.67 -49.31 98.33
N PRO W 84 -15.62 -48.52 97.72
CA PRO W 84 -15.40 -48.06 96.33
C PRO W 84 -14.12 -47.23 96.17
N ASN W 85 -13.44 -47.40 95.02
CA ASN W 85 -12.21 -46.69 94.68
C ASN W 85 -12.35 -45.18 94.86
N ASP W 86 -11.36 -44.59 95.55
CA ASP W 86 -11.23 -43.15 95.81
C ASP W 86 -12.23 -42.49 96.75
N VAL W 87 -12.99 -43.30 97.53
CA VAL W 87 -13.98 -42.76 98.48
C VAL W 87 -13.27 -42.11 99.69
N LEU W 88 -13.91 -41.07 100.26
CA LEU W 88 -13.40 -40.41 101.45
C LEU W 88 -13.99 -41.15 102.66
N ILE W 89 -13.12 -41.62 103.56
CA ILE W 89 -13.54 -42.36 104.75
C ILE W 89 -13.50 -41.47 105.98
N ASP W 90 -14.60 -41.43 106.73
CA ASP W 90 -14.69 -40.68 107.98
C ASP W 90 -14.55 -41.70 109.11
N ILE W 91 -13.55 -41.49 109.96
CA ILE W 91 -13.24 -42.38 111.09
C ILE W 91 -13.28 -41.61 112.42
N ARG W 92 -14.08 -42.10 113.38
CA ARG W 92 -14.14 -41.49 114.70
C ARG W 92 -14.32 -42.53 115.81
N VAL W 93 -13.88 -42.18 117.02
CA VAL W 93 -14.03 -43.02 118.21
C VAL W 93 -15.22 -42.49 118.98
N GLU W 94 -16.17 -43.39 119.29
CA GLU W 94 -17.38 -43.03 120.02
C GLU W 94 -17.77 -44.15 120.98
N GLU W 95 -17.64 -43.90 122.30
CA GLU W 95 -17.96 -44.82 123.39
C GLU W 95 -17.30 -46.19 123.22
N GLN W 96 -15.95 -46.21 123.11
CA GLN W 96 -15.13 -47.43 122.93
C GLN W 96 -15.43 -48.23 121.65
N LYS W 97 -15.97 -47.55 120.62
CA LYS W 97 -16.24 -48.16 119.33
C LYS W 97 -15.65 -47.30 118.22
N LEU W 98 -15.16 -47.93 117.14
CA LEU W 98 -14.68 -47.19 115.99
C LEU W 98 -15.80 -47.10 114.94
N LEU W 99 -16.17 -45.86 114.61
CA LEU W 99 -17.23 -45.55 113.67
C LEU W 99 -16.62 -45.19 112.32
N VAL W 100 -16.91 -45.99 111.30
CA VAL W 100 -16.38 -45.84 109.94
C VAL W 100 -17.55 -45.49 109.01
N LYS W 101 -17.44 -44.36 108.28
CA LYS W 101 -18.46 -43.89 107.33
C LYS W 101 -17.78 -43.60 106.00
N ALA W 102 -18.36 -44.14 104.91
CA ALA W 102 -17.84 -43.92 103.56
C ALA W 102 -18.99 -44.09 102.58
N GLY W 103 -19.42 -42.97 102.00
CA GLY W 103 -20.56 -42.92 101.10
C GLY W 103 -21.81 -43.38 101.83
N ARG W 104 -22.46 -44.43 101.28
CA ARG W 104 -23.67 -45.01 101.85
C ARG W 104 -23.37 -46.21 102.81
N SER W 105 -22.09 -46.43 103.12
CA SER W 105 -21.65 -47.51 104.01
C SER W 105 -21.29 -47.00 105.41
N ARG W 106 -21.70 -47.77 106.42
CA ARG W 106 -21.48 -47.49 107.84
C ARG W 106 -20.99 -48.77 108.50
N PHE W 107 -19.94 -48.65 109.32
CA PHE W 107 -19.33 -49.75 110.06
C PHE W 107 -19.05 -49.33 111.50
N THR W 108 -19.28 -50.25 112.43
CA THR W 108 -18.98 -50.10 113.86
C THR W 108 -18.05 -51.23 114.24
N LEU W 109 -16.83 -50.89 114.68
CA LEU W 109 -15.84 -51.88 115.10
C LEU W 109 -15.58 -51.81 116.60
N SER W 110 -15.30 -52.97 117.20
CA SER W 110 -14.95 -53.06 118.62
C SER W 110 -13.51 -52.50 118.76
N THR W 111 -13.18 -51.98 119.94
CA THR W 111 -11.82 -51.44 120.14
C THR W 111 -11.19 -52.01 121.42
N LEU W 112 -9.88 -51.83 121.55
CA LEU W 112 -9.13 -52.13 122.77
C LEU W 112 -8.28 -50.89 123.09
N PRO W 113 -8.20 -50.48 124.38
CA PRO W 113 -7.43 -49.27 124.72
C PRO W 113 -6.01 -49.24 124.19
N ALA W 114 -5.59 -48.08 123.69
CA ALA W 114 -4.25 -47.84 123.17
C ALA W 114 -3.16 -48.01 124.25
N ASN W 115 -3.53 -47.78 125.54
CA ASN W 115 -2.58 -47.96 126.65
C ASN W 115 -2.16 -49.43 126.85
N ASP W 116 -2.96 -50.38 126.30
CA ASP W 116 -2.73 -51.83 126.34
C ASP W 116 -1.86 -52.32 125.17
N PHE W 117 -1.60 -51.44 124.18
CA PHE W 117 -0.77 -51.77 123.02
C PHE W 117 0.73 -51.79 123.42
N PRO W 118 1.46 -52.87 123.10
CA PRO W 118 2.90 -52.94 123.49
C PRO W 118 3.83 -52.06 122.66
N GLU W 122 13.41 -50.30 121.91
CA GLU W 122 14.38 -49.56 121.13
C GLU W 122 15.40 -48.93 122.03
N GLY W 123 16.61 -49.44 121.94
CA GLY W 123 17.72 -48.91 122.70
C GLY W 123 18.50 -47.90 121.89
N PRO W 124 19.58 -47.34 122.48
CA PRO W 124 20.42 -46.41 121.72
C PRO W 124 21.13 -47.11 120.54
N GLY W 125 21.25 -46.39 119.45
CA GLY W 125 21.95 -46.89 118.28
C GLY W 125 23.46 -46.89 118.47
N SER W 126 24.12 -47.96 118.03
CA SER W 126 25.58 -48.09 118.09
C SER W 126 26.11 -47.61 116.73
N LEU W 127 25.32 -47.85 115.67
CA LEU W 127 25.65 -47.48 114.30
C LEU W 127 24.41 -47.08 113.54
N ASN W 128 24.53 -46.06 112.72
CA ASN W 128 23.42 -45.63 111.87
C ASN W 128 23.92 -45.12 110.54
N PHE W 129 23.30 -45.61 109.47
CA PHE W 129 23.70 -45.29 108.11
C PHE W 129 22.51 -45.33 107.17
N SER W 130 22.64 -44.72 106.00
CA SER W 130 21.62 -44.71 104.96
C SER W 130 22.13 -45.58 103.81
N ILE W 131 21.22 -46.31 103.15
CA ILE W 131 21.57 -47.21 102.04
C ILE W 131 20.39 -47.34 101.06
N ALA W 132 20.72 -47.57 99.76
CA ALA W 132 19.70 -47.83 98.73
C ALA W 132 18.91 -49.08 99.13
N GLN W 133 17.56 -49.00 99.05
CA GLN W 133 16.65 -50.10 99.41
C GLN W 133 16.99 -51.36 98.60
N SER W 134 17.28 -51.15 97.30
CA SER W 134 17.64 -52.15 96.31
C SER W 134 18.90 -52.93 96.72
N LYS W 135 19.92 -52.24 97.28
CA LYS W 135 21.18 -52.87 97.72
C LYS W 135 20.94 -53.73 98.96
N LEU W 136 20.15 -53.23 99.93
CA LEU W 136 19.83 -54.00 101.13
C LEU W 136 18.96 -55.24 100.80
N ARG W 137 17.96 -55.07 99.92
CA ARG W 137 17.06 -56.15 99.49
C ARG W 137 17.86 -57.24 98.80
N ARG W 138 18.84 -56.86 97.94
CA ARG W 138 19.74 -57.77 97.24
C ARG W 138 20.51 -58.64 98.24
N LEU W 139 21.07 -58.03 99.30
CA LEU W 139 21.81 -58.76 100.35
C LEU W 139 20.94 -59.85 101.00
N ILE W 140 19.66 -59.52 101.30
CA ILE W 140 18.72 -60.45 101.91
C ILE W 140 18.29 -61.53 100.92
N ASP W 141 17.79 -61.12 99.72
CA ASP W 141 17.29 -62.04 98.71
C ASP W 141 18.33 -62.99 98.14
N ARG W 142 19.62 -62.57 98.11
CA ARG W 142 20.68 -63.43 97.59
C ARG W 142 21.08 -64.50 98.60
N THR W 143 20.66 -64.37 99.87
CA THR W 143 21.10 -65.29 100.92
C THR W 143 20.04 -65.96 101.78
N SER W 144 18.78 -65.41 101.81
CA SER W 144 17.73 -65.85 102.75
C SER W 144 17.36 -67.33 102.75
N PHE W 145 17.46 -68.01 101.60
CA PHE W 145 17.16 -69.44 101.48
C PHE W 145 18.07 -70.32 102.36
N ALA W 146 19.31 -69.83 102.71
CA ALA W 146 20.27 -70.63 103.47
C ALA W 146 20.08 -70.57 104.96
N MET W 147 19.17 -69.70 105.46
CA MET W 147 18.92 -69.58 106.90
C MET W 147 18.34 -70.87 107.40
N ALA W 148 18.63 -71.22 108.65
CA ALA W 148 18.03 -72.39 109.25
C ALA W 148 16.60 -71.99 109.65
N GLN W 149 15.76 -72.99 109.81
CA GLN W 149 14.39 -72.85 110.25
C GLN W 149 14.22 -73.84 111.43
N GLN W 150 13.92 -73.31 112.60
CA GLN W 150 13.70 -74.09 113.82
C GLN W 150 14.89 -75.00 114.24
N ASP W 151 16.13 -74.63 113.89
CA ASP W 151 17.32 -75.38 114.33
C ASP W 151 17.50 -75.11 115.82
N VAL W 152 17.94 -76.13 116.56
CA VAL W 152 18.20 -76.02 118.00
C VAL W 152 19.29 -74.96 118.30
N ARG W 153 20.21 -74.75 117.34
CA ARG W 153 21.24 -73.69 117.37
C ARG W 153 20.47 -72.46 116.87
N TYR W 154 19.77 -71.79 117.81
CA TYR W 154 18.88 -70.66 117.59
C TYR W 154 19.48 -69.48 116.79
N TYR W 155 20.79 -69.25 116.94
CA TYR W 155 21.55 -68.18 116.26
C TYR W 155 21.64 -68.37 114.74
N LEU W 156 21.27 -69.58 114.24
CA LEU W 156 21.23 -69.90 112.82
C LEU W 156 19.88 -69.61 112.20
N ASN W 157 18.82 -69.45 113.03
CA ASN W 157 17.46 -69.17 112.58
C ASN W 157 17.28 -67.68 112.29
N GLY W 158 18.15 -67.18 111.44
CA GLY W 158 18.19 -65.77 111.07
C GLY W 158 19.37 -65.44 110.18
N MET W 159 19.58 -64.14 109.98
CA MET W 159 20.61 -63.63 109.07
C MET W 159 21.58 -62.71 109.76
N LEU W 160 22.88 -62.98 109.54
CA LEU W 160 23.93 -62.10 110.00
C LEU W 160 23.99 -60.91 109.06
N LEU W 161 24.00 -59.69 109.64
CA LEU W 161 24.24 -58.43 108.94
C LEU W 161 25.49 -57.89 109.59
N GLU W 162 26.55 -57.73 108.78
CA GLU W 162 27.85 -57.34 109.27
C GLU W 162 28.42 -56.12 108.56
N VAL W 163 28.88 -55.14 109.34
CA VAL W 163 29.54 -53.97 108.81
C VAL W 163 31.03 -54.10 109.16
N ASN W 164 31.90 -54.07 108.15
CA ASN W 164 33.34 -54.24 108.34
C ASN W 164 34.10 -53.50 107.25
N GLY W 165 34.96 -52.56 107.66
CA GLY W 165 35.75 -51.74 106.76
C GLY W 165 34.96 -50.55 106.27
N GLY W 166 33.89 -50.86 105.56
CA GLY W 166 32.90 -49.96 104.97
C GLY W 166 31.87 -50.80 104.23
N THR W 167 32.16 -52.12 104.14
CA THR W 167 31.34 -53.15 103.48
C THR W 167 30.19 -53.59 104.38
N LEU W 168 29.01 -53.79 103.77
CA LEU W 168 27.84 -54.37 104.41
C LEU W 168 27.73 -55.78 103.82
N ARG W 169 27.63 -56.77 104.70
CA ARG W 169 27.59 -58.17 104.32
C ARG W 169 26.48 -58.91 105.03
N SER W 170 25.82 -59.80 104.29
CA SER W 170 24.80 -60.70 104.82
C SER W 170 25.38 -62.11 104.78
N VAL W 171 25.12 -62.89 105.84
CA VAL W 171 25.52 -64.29 105.94
C VAL W 171 24.32 -65.08 106.51
N ALA W 172 23.97 -66.19 105.84
CA ALA W 172 22.94 -67.12 106.25
C ALA W 172 23.47 -68.53 106.12
N THR W 173 23.15 -69.39 107.11
CA THR W 173 23.60 -70.77 107.15
C THR W 173 22.71 -71.65 108.02
N ASP W 174 22.64 -72.93 107.66
CA ASP W 174 21.89 -73.91 108.44
C ASP W 174 22.81 -75.05 108.96
N GLY W 175 24.13 -74.88 108.78
CA GLY W 175 25.14 -75.85 109.17
C GLY W 175 25.54 -76.81 108.07
N HIS W 176 24.71 -76.92 107.01
CA HIS W 176 25.01 -77.77 105.85
C HIS W 176 25.48 -76.91 104.67
N ARG W 177 24.86 -75.73 104.53
CA ARG W 177 25.15 -74.82 103.43
C ARG W 177 25.15 -73.41 103.93
N LEU W 178 25.79 -72.53 103.17
CA LEU W 178 25.92 -71.13 103.55
C LEU W 178 25.74 -70.25 102.32
N ALA W 179 25.15 -69.07 102.54
CA ALA W 179 25.03 -68.05 101.50
C ALA W 179 25.56 -66.73 102.08
N MET W 180 26.35 -66.01 101.29
CA MET W 180 26.89 -64.72 101.69
C MET W 180 26.91 -63.73 100.54
N CYS W 181 26.65 -62.46 100.85
CA CYS W 181 26.66 -61.41 99.85
C CYS W 181 27.28 -60.16 100.45
N SER W 182 28.23 -59.55 99.74
CA SER W 182 28.95 -58.37 100.21
C SER W 182 28.80 -57.21 99.24
N LEU W 183 28.59 -56.00 99.78
CA LEU W 183 28.47 -54.78 98.97
C LEU W 183 29.27 -53.66 99.65
N ASP W 184 30.11 -52.95 98.89
CA ASP W 184 30.88 -51.86 99.48
C ASP W 184 30.06 -50.59 99.57
N ALA W 185 29.34 -50.45 100.70
CA ALA W 185 28.43 -49.34 101.00
C ALA W 185 29.11 -48.08 101.60
N GLN W 186 30.43 -48.17 101.89
CA GLN W 186 31.25 -47.11 102.49
C GLN W 186 30.68 -46.56 103.82
N ILE W 187 30.33 -47.48 104.74
CA ILE W 187 29.79 -47.20 106.08
C ILE W 187 30.97 -47.08 107.08
N PRO W 188 31.22 -45.89 107.68
CA PRO W 188 32.29 -45.81 108.70
C PRO W 188 31.87 -46.53 109.98
N SER W 189 32.74 -47.42 110.50
CA SER W 189 32.42 -48.23 111.68
C SER W 189 33.51 -48.27 112.77
N GLN W 190 34.79 -48.07 112.40
CA GLN W 190 35.95 -48.12 113.31
C GLN W 190 36.28 -49.53 113.85
N ASP W 191 35.28 -50.46 113.81
CA ASP W 191 35.39 -51.86 114.22
C ASP W 191 34.30 -52.69 113.55
N ARG W 192 34.54 -54.01 113.45
CA ARG W 192 33.59 -54.94 112.86
C ARG W 192 32.34 -55.00 113.75
N HIS W 193 31.16 -54.73 113.17
CA HIS W 193 29.90 -54.78 113.89
C HIS W 193 28.98 -55.86 113.28
N GLN W 194 28.47 -56.75 114.13
CA GLN W 194 27.58 -57.84 113.72
C GLN W 194 26.25 -57.79 114.45
N VAL W 195 25.15 -58.11 113.74
CA VAL W 195 23.81 -58.27 114.28
C VAL W 195 23.18 -59.51 113.64
N ILE W 196 22.37 -60.26 114.41
CA ILE W 196 21.64 -61.40 113.84
C ILE W 196 20.17 -61.03 113.84
N VAL W 197 19.59 -60.90 112.66
CA VAL W 197 18.18 -60.57 112.49
C VAL W 197 17.38 -61.89 112.41
N PRO W 198 16.34 -62.10 113.28
CA PRO W 198 15.54 -63.35 113.19
C PRO W 198 14.95 -63.56 111.80
N ARG W 199 14.86 -64.83 111.37
CA ARG W 199 14.35 -65.21 110.05
C ARG W 199 13.05 -64.56 109.61
N LYS W 200 12.03 -64.57 110.48
CA LYS W 200 10.72 -63.99 110.19
C LYS W 200 10.84 -62.47 109.92
N GLY W 201 11.63 -61.77 110.75
CA GLY W 201 11.88 -60.33 110.66
C GLY W 201 12.60 -59.92 109.39
N ILE W 202 13.71 -60.61 109.07
CA ILE W 202 14.48 -60.30 107.87
C ILE W 202 13.70 -60.52 106.57
N LEU W 203 12.86 -61.59 106.52
CA LEU W 203 12.04 -61.90 105.35
C LEU W 203 10.95 -60.85 105.15
N GLU W 204 10.39 -60.34 106.27
N GLU W 204 10.39 -60.33 106.26
CA GLU W 204 9.39 -59.28 106.24
CA GLU W 204 9.38 -59.28 106.23
C GLU W 204 10.05 -58.00 105.69
C GLU W 204 10.03 -57.99 105.71
N LEU W 205 11.22 -57.63 106.26
CA LEU W 205 11.98 -56.45 105.83
C LEU W 205 12.26 -56.45 104.32
N ALA W 206 12.74 -57.59 103.76
CA ALA W 206 13.03 -57.72 102.33
C ALA W 206 11.81 -57.44 101.47
N ARG W 207 10.63 -57.95 101.89
CA ARG W 207 9.36 -57.75 101.19
C ARG W 207 8.91 -56.29 101.23
N LEU W 208 9.25 -55.56 102.30
CA LEU W 208 8.93 -54.16 102.47
C LEU W 208 9.80 -53.23 101.63
N LEU W 209 11.03 -53.67 101.25
CA LEU W 209 11.97 -52.86 100.45
C LEU W 209 11.63 -52.86 98.95
N THR W 210 10.46 -52.30 98.62
CA THR W 210 9.89 -52.24 97.26
C THR W 210 10.35 -51.04 96.40
N GLU W 211 10.81 -49.95 97.04
CA GLU W 211 11.24 -48.76 96.30
C GLU W 211 12.58 -49.01 95.59
N GLN W 212 12.48 -49.35 94.29
CA GLN W 212 13.61 -49.61 93.38
C GLN W 212 14.56 -48.43 93.33
N ASP W 213 14.01 -47.21 93.46
CA ASP W 213 14.74 -45.94 93.46
C ASP W 213 15.01 -45.36 94.88
N GLY W 214 14.29 -45.86 95.88
CA GLY W 214 14.35 -45.36 97.26
C GLY W 214 15.55 -45.69 98.13
N GLU W 215 15.63 -44.96 99.26
CA GLU W 215 16.66 -45.07 100.29
C GLU W 215 16.06 -45.55 101.60
N VAL W 216 16.87 -46.20 102.45
CA VAL W 216 16.47 -46.69 103.77
C VAL W 216 17.50 -46.30 104.82
N GLY W 217 17.02 -45.74 105.93
CA GLY W 217 17.84 -45.38 107.07
C GLY W 217 17.92 -46.58 108.00
N ILE W 218 19.14 -47.02 108.32
CA ILE W 218 19.35 -48.18 109.19
C ILE W 218 19.95 -47.77 110.52
N VAL W 219 19.42 -48.32 111.62
CA VAL W 219 19.97 -48.13 112.96
C VAL W 219 20.26 -49.52 113.51
N LEU W 220 21.51 -49.74 113.90
CA LEU W 220 21.93 -50.99 114.54
C LEU W 220 22.13 -50.68 116.01
N GLY W 221 21.34 -51.32 116.85
CA GLY W 221 21.41 -51.21 118.30
C GLY W 221 21.93 -52.50 118.89
N GLN W 222 22.11 -52.55 120.22
CA GLN W 222 22.58 -53.75 120.90
C GLN W 222 21.57 -54.90 120.84
N HIS W 223 20.26 -54.57 120.89
CA HIS W 223 19.18 -55.57 120.86
C HIS W 223 18.11 -55.33 119.80
N HIS W 224 18.33 -54.37 118.91
CA HIS W 224 17.35 -54.10 117.86
C HIS W 224 17.99 -53.63 116.56
N ILE W 225 17.20 -53.72 115.48
CA ILE W 225 17.51 -53.17 114.16
C ILE W 225 16.29 -52.30 113.79
N ARG W 226 16.56 -51.12 113.22
CA ARG W 226 15.50 -50.24 112.75
C ARG W 226 15.77 -49.86 111.31
N ALA W 227 14.72 -49.94 110.47
CA ALA W 227 14.76 -49.57 109.06
C ALA W 227 13.65 -48.55 108.83
N THR W 228 14.01 -47.32 108.38
CA THR W 228 13.08 -46.22 108.12
C THR W 228 13.10 -45.79 106.66
N THR W 229 11.92 -45.66 106.02
CA THR W 229 11.78 -45.22 104.63
C THR W 229 10.92 -43.95 104.45
N GLY W 230 10.51 -43.34 105.56
CA GLY W 230 9.69 -42.13 105.48
C GLY W 230 8.21 -42.45 105.44
N GLU W 231 7.84 -43.54 104.74
CA GLU W 231 6.46 -44.06 104.69
C GLU W 231 6.29 -45.13 105.77
N PHE W 232 7.38 -45.81 106.18
CA PHE W 232 7.35 -46.84 107.22
C PHE W 232 8.59 -46.89 108.12
N THR W 233 8.40 -47.39 109.34
CA THR W 233 9.44 -47.65 110.33
C THR W 233 9.28 -49.11 110.71
N PHE W 234 10.33 -49.89 110.44
CA PHE W 234 10.38 -51.30 110.77
C PHE W 234 11.34 -51.45 111.94
N THR W 235 10.92 -52.16 112.98
CA THR W 235 11.78 -52.45 114.12
C THR W 235 11.71 -53.94 114.42
N SER W 236 12.88 -54.57 114.57
CA SER W 236 12.94 -55.97 114.93
C SER W 236 13.89 -56.14 116.10
N LYS W 237 13.56 -57.08 117.00
CA LYS W 237 14.46 -57.50 118.06
C LYS W 237 15.55 -58.35 117.35
N LEU W 238 16.74 -58.45 117.95
CA LEU W 238 17.83 -59.23 117.36
C LEU W 238 17.89 -60.59 118.03
N VAL W 239 18.58 -61.56 117.39
CA VAL W 239 18.81 -62.88 117.96
C VAL W 239 19.94 -62.66 118.96
N ASP W 240 19.66 -62.91 120.24
CA ASP W 240 20.62 -62.71 121.31
C ASP W 240 21.59 -63.88 121.40
N GLY W 241 22.60 -63.82 120.56
CA GLY W 241 23.66 -64.83 120.48
C GLY W 241 24.80 -64.39 119.59
N LYS W 242 25.84 -65.22 119.53
CA LYS W 242 27.02 -64.97 118.71
C LYS W 242 26.96 -65.85 117.47
N PHE W 243 27.07 -65.22 116.28
CA PHE W 243 27.04 -65.94 115.02
C PHE W 243 28.35 -66.73 114.89
N PRO W 244 28.34 -67.96 114.32
CA PRO W 244 29.60 -68.71 114.18
C PRO W 244 30.66 -68.00 113.32
N ASP W 245 31.92 -68.40 113.49
CA ASP W 245 33.06 -67.85 112.76
C ASP W 245 33.04 -68.45 111.34
N TYR W 246 32.15 -67.90 110.50
CA TYR W 246 31.91 -68.33 109.12
C TYR W 246 33.18 -68.27 108.26
N GLU W 247 34.06 -67.28 108.51
CA GLU W 247 35.32 -67.11 107.77
C GLU W 247 36.19 -68.37 107.83
N ARG W 248 36.12 -69.12 108.95
CA ARG W 248 36.87 -70.37 109.13
C ARG W 248 36.34 -71.54 108.28
N VAL W 249 35.08 -71.51 107.87
CA VAL W 249 34.46 -72.58 107.07
C VAL W 249 34.42 -72.34 105.55
N LEU W 250 34.76 -71.12 105.11
CA LEU W 250 34.77 -70.78 103.67
C LEU W 250 35.90 -71.54 102.97
N PRO W 251 35.60 -72.31 101.89
CA PRO W 251 36.66 -73.10 101.21
C PRO W 251 37.65 -72.19 100.49
N ARG W 252 38.94 -72.37 100.78
CA ARG W 252 39.97 -71.50 100.24
C ARG W 252 40.77 -71.98 99.06
N GLY W 253 41.29 -73.17 99.13
CA GLY W 253 42.18 -73.63 98.07
C GLY W 253 41.59 -74.35 96.88
N GLY W 254 40.29 -74.14 96.58
CA GLY W 254 39.60 -74.82 95.50
C GLY W 254 40.36 -74.86 94.18
N ASP W 255 40.83 -76.04 93.81
CA ASP W 255 41.65 -76.27 92.61
C ASP W 255 40.89 -76.61 91.33
N LYS W 256 39.63 -77.01 91.46
CA LYS W 256 38.83 -77.43 90.31
C LYS W 256 37.79 -76.38 89.94
N LEU W 257 38.06 -75.63 88.86
CA LEU W 257 37.14 -74.59 88.39
C LEU W 257 36.24 -75.10 87.28
N VAL W 258 34.94 -75.10 87.54
CA VAL W 258 33.92 -75.55 86.60
C VAL W 258 33.09 -74.34 86.20
N VAL W 259 32.94 -74.13 84.90
CA VAL W 259 32.09 -73.08 84.35
C VAL W 259 31.01 -73.81 83.55
N GLY W 260 29.77 -73.61 83.94
CA GLY W 260 28.65 -74.24 83.26
C GLY W 260 27.53 -73.27 83.01
N ASP W 261 26.57 -73.67 82.18
CA ASP W 261 25.37 -72.89 81.89
C ASP W 261 24.39 -73.09 83.06
N ARG W 262 23.99 -71.98 83.71
CA ARG W 262 23.08 -72.00 84.85
C ARG W 262 21.77 -72.75 84.55
N GLN W 263 21.10 -72.43 83.41
CA GLN W 263 19.85 -73.08 82.99
C GLN W 263 19.99 -74.57 82.74
N GLN W 264 21.06 -74.97 81.98
CA GLN W 264 21.32 -76.38 81.69
C GLN W 264 21.55 -77.18 82.98
N LEU W 265 22.32 -76.63 83.92
CA LEU W 265 22.60 -77.30 85.19
C LEU W 265 21.33 -77.39 86.03
N ARG W 266 20.55 -76.29 86.11
CA ARG W 266 19.30 -76.28 86.86
CA ARG W 266 19.29 -76.27 86.85
C ARG W 266 18.30 -77.31 86.30
N GLU W 267 18.17 -77.39 84.96
CA GLU W 267 17.28 -78.36 84.29
C GLU W 267 17.69 -79.82 84.53
N ALA W 268 19.01 -80.12 84.43
CA ALA W 268 19.54 -81.46 84.67
C ALA W 268 19.41 -81.86 86.16
N PHE W 269 19.68 -80.91 87.09
CA PHE W 269 19.51 -81.16 88.53
C PHE W 269 18.03 -81.40 88.86
N SER W 270 17.11 -80.61 88.26
CA SER W 270 15.65 -80.78 88.45
C SER W 270 15.18 -82.16 87.97
N ARG W 271 15.63 -82.60 86.77
CA ARG W 271 15.25 -83.90 86.19
C ARG W 271 15.71 -85.04 87.06
N THR W 272 17.01 -85.05 87.46
CA THR W 272 17.59 -86.11 88.28
C THR W 272 16.99 -86.15 89.69
N ALA W 273 16.64 -84.97 90.26
CA ALA W 273 16.03 -84.82 91.59
C ALA W 273 14.75 -85.65 91.76
N ILE W 274 13.96 -85.80 90.68
CA ILE W 274 12.72 -86.59 90.63
C ILE W 274 12.95 -88.01 91.16
N LEU W 275 14.09 -88.61 90.78
CA LEU W 275 14.43 -89.96 91.21
C LEU W 275 15.43 -90.07 92.36
N SER W 276 15.68 -88.95 93.06
CA SER W 276 16.53 -88.96 94.25
C SER W 276 15.63 -89.30 95.46
N ASN W 277 16.24 -89.75 96.57
CA ASN W 277 15.54 -90.06 97.83
C ASN W 277 14.74 -88.82 98.26
N GLU W 278 13.44 -89.00 98.55
CA GLU W 278 12.53 -87.92 98.93
C GLU W 278 12.97 -87.17 100.20
N LYS W 279 13.62 -87.89 101.14
CA LYS W 279 14.11 -87.33 102.40
C LYS W 279 15.55 -86.81 102.29
N TYR W 280 16.47 -87.64 101.81
CA TYR W 280 17.89 -87.31 101.74
C TYR W 280 18.37 -86.52 100.52
N ARG W 281 17.62 -86.59 99.40
CA ARG W 281 17.84 -85.80 98.18
C ARG W 281 19.26 -85.85 97.58
N GLY W 282 19.94 -86.97 97.79
CA GLY W 282 21.30 -87.18 97.34
C GLY W 282 21.44 -87.48 95.86
N ILE W 283 22.39 -86.81 95.23
CA ILE W 283 22.79 -87.00 93.84
C ILE W 283 24.30 -87.21 93.81
N ARG W 284 24.76 -87.91 92.80
CA ARG W 284 26.19 -88.17 92.61
C ARG W 284 26.66 -87.41 91.38
N LEU W 285 27.76 -86.68 91.54
CA LEU W 285 28.38 -85.91 90.49
C LEU W 285 29.69 -86.59 90.10
N GLN W 286 29.91 -86.75 88.79
CA GLN W 286 31.16 -87.31 88.27
C GLN W 286 31.71 -86.30 87.28
N LEU W 287 32.72 -85.55 87.73
CA LEU W 287 33.35 -84.51 86.97
C LEU W 287 34.60 -85.05 86.28
N SER W 288 34.75 -84.72 84.99
CA SER W 288 35.89 -85.06 84.13
C SER W 288 35.99 -83.94 83.08
N ASN W 289 37.07 -83.96 82.24
CA ASN W 289 37.30 -82.97 81.20
C ASN W 289 36.07 -82.70 80.33
N GLY W 290 35.58 -81.46 80.41
CA GLY W 290 34.42 -80.94 79.68
C GLY W 290 33.08 -81.60 79.97
N LEU W 291 33.01 -82.44 81.02
CA LEU W 291 31.79 -83.19 81.31
C LEU W 291 31.42 -83.34 82.78
N LEU W 292 30.12 -83.17 83.06
CA LEU W 292 29.54 -83.41 84.37
C LEU W 292 28.44 -84.48 84.26
N LYS W 293 28.70 -85.66 84.83
CA LYS W 293 27.73 -86.77 84.85
C LYS W 293 26.98 -86.67 86.16
N ILE W 294 25.64 -86.69 86.11
CA ILE W 294 24.77 -86.60 87.29
C ILE W 294 23.96 -87.89 87.41
N GLN W 295 23.96 -88.47 88.62
CA GLN W 295 23.18 -89.69 88.88
C GLN W 295 22.41 -89.55 90.18
N ALA W 296 21.17 -90.07 90.18
CA ALA W 296 20.29 -90.10 91.34
C ALA W 296 19.53 -91.41 91.41
N ASN W 297 19.38 -91.96 92.61
CA ASN W 297 18.59 -93.16 92.86
C ASN W 297 17.82 -93.09 94.17
N ASN W 298 16.73 -93.87 94.28
CA ASN W 298 15.87 -93.85 95.45
C ASN W 298 15.71 -95.27 96.08
N PRO W 299 15.02 -95.44 97.25
CA PRO W 299 14.89 -96.79 97.84
C PRO W 299 14.17 -97.83 96.95
N GLU W 300 13.28 -97.38 96.03
CA GLU W 300 12.54 -98.25 95.09
C GLU W 300 13.44 -98.73 93.92
N GLN W 301 14.74 -98.35 93.95
CA GLN W 301 15.77 -98.67 92.94
C GLN W 301 15.52 -97.99 91.58
N GLU W 302 14.76 -96.89 91.58
CA GLU W 302 14.53 -96.06 90.39
C GLU W 302 15.77 -95.21 90.19
N GLU W 303 16.20 -94.98 88.93
CA GLU W 303 17.44 -94.25 88.68
C GLU W 303 17.34 -93.23 87.56
N ALA W 304 17.97 -92.04 87.78
CA ALA W 304 18.05 -90.97 86.80
C ALA W 304 19.52 -90.66 86.50
N GLU W 305 19.85 -90.48 85.23
CA GLU W 305 21.20 -90.17 84.77
C GLU W 305 21.18 -89.09 83.71
N GLU W 306 22.16 -88.18 83.79
CA GLU W 306 22.31 -87.09 82.84
C GLU W 306 23.76 -86.68 82.68
N GLU W 307 24.12 -86.23 81.49
CA GLU W 307 25.46 -85.75 81.16
C GLU W 307 25.33 -84.32 80.68
N VAL W 308 26.09 -83.41 81.34
CA VAL W 308 26.06 -81.97 81.02
C VAL W 308 27.46 -81.54 80.61
N GLN W 309 27.56 -80.87 79.45
CA GLN W 309 28.83 -80.33 78.98
C GLN W 309 29.16 -79.11 79.83
N VAL W 310 30.39 -79.06 80.36
CA VAL W 310 30.86 -77.96 81.20
C VAL W 310 32.25 -77.52 80.76
N GLU W 311 32.69 -76.31 81.16
CA GLU W 311 34.04 -75.85 80.88
C GLU W 311 34.87 -76.31 82.07
N TYR W 312 35.60 -77.41 81.89
CA TYR W 312 36.45 -77.98 82.93
C TYR W 312 37.62 -78.76 82.34
N ASN W 313 38.83 -78.46 82.86
CA ASN W 313 40.07 -79.12 82.50
C ASN W 313 40.81 -79.41 83.83
N GLY W 314 40.96 -80.68 84.14
CA GLY W 314 41.61 -81.12 85.35
C GLY W 314 41.33 -82.57 85.68
N GLY W 315 41.71 -82.95 86.90
CA GLY W 315 41.53 -84.31 87.38
C GLY W 315 40.07 -84.63 87.65
N ASN W 316 39.76 -85.93 87.66
CA ASN W 316 38.42 -86.42 87.91
C ASN W 316 37.99 -86.20 89.35
N LEU W 317 36.68 -86.07 89.56
CA LEU W 317 36.08 -85.91 90.87
C LEU W 317 34.71 -86.57 90.93
N GLU W 318 34.53 -87.43 91.94
CA GLU W 318 33.26 -88.06 92.24
C GLU W 318 32.83 -87.43 93.58
N ILE W 319 31.68 -86.75 93.60
CA ILE W 319 31.21 -86.06 94.80
C ILE W 319 29.67 -86.13 94.94
N GLY W 320 29.21 -86.28 96.17
CA GLY W 320 27.79 -86.35 96.50
C GLY W 320 27.26 -85.05 97.04
N PHE W 321 26.03 -84.67 96.65
CA PHE W 321 25.38 -83.45 97.11
C PHE W 321 23.89 -83.61 97.27
N ASN W 322 23.32 -82.79 98.15
CA ASN W 322 21.88 -82.70 98.30
C ASN W 322 21.47 -81.78 97.12
N VAL W 323 20.65 -82.32 96.20
CA VAL W 323 20.18 -81.64 94.97
C VAL W 323 19.35 -80.37 95.23
N SER W 324 18.53 -80.37 96.31
CA SER W 324 17.74 -79.21 96.72
C SER W 324 18.69 -78.04 97.09
N TYR W 325 19.84 -78.34 97.76
CA TYR W 325 20.82 -77.32 98.14
C TYR W 325 21.45 -76.69 96.89
N LEU W 326 21.72 -77.50 95.85
CA LEU W 326 22.30 -77.01 94.60
C LEU W 326 21.28 -76.19 93.82
N LEU W 327 20.02 -76.65 93.77
CA LEU W 327 18.92 -75.94 93.10
C LEU W 327 18.66 -74.59 93.75
N ASP W 328 18.75 -74.54 95.09
CA ASP W 328 18.57 -73.29 95.86
C ASP W 328 19.59 -72.24 95.44
N VAL W 329 20.87 -72.65 95.28
CA VAL W 329 21.96 -71.77 94.86
C VAL W 329 21.71 -71.28 93.42
N LEU W 330 21.43 -72.22 92.49
CA LEU W 330 21.22 -71.87 91.10
C LEU W 330 20.06 -70.88 90.90
N GLY W 331 19.04 -70.97 91.76
CA GLY W 331 17.87 -70.09 91.78
C GLY W 331 18.17 -68.65 92.12
N VAL W 332 19.35 -68.35 92.73
CA VAL W 332 19.77 -66.98 93.09
C VAL W 332 20.90 -66.43 92.20
N ILE W 333 21.51 -67.30 91.34
CA ILE W 333 22.59 -66.89 90.42
C ILE W 333 21.92 -66.07 89.28
N GLY W 334 22.30 -64.79 89.18
CA GLY W 334 21.75 -63.86 88.20
C GLY W 334 22.38 -63.90 86.81
N THR W 335 23.56 -64.54 86.70
CA THR W 335 24.30 -64.64 85.44
C THR W 335 23.94 -65.91 84.66
N GLU W 336 24.17 -65.86 83.33
CA GLU W 336 23.93 -66.95 82.37
C GLU W 336 24.83 -68.15 82.68
N GLN W 337 26.07 -67.85 83.08
CA GLN W 337 27.06 -68.83 83.47
C GLN W 337 27.20 -68.87 84.98
N VAL W 338 27.61 -70.02 85.49
CA VAL W 338 27.83 -70.24 86.92
C VAL W 338 29.18 -70.90 87.13
N ARG W 339 29.90 -70.43 88.15
CA ARG W 339 31.20 -70.98 88.53
C ARG W 339 31.06 -71.87 89.76
N PHE W 340 31.58 -73.09 89.66
CA PHE W 340 31.66 -74.06 90.76
C PHE W 340 33.13 -74.25 91.01
N ILE W 341 33.56 -74.10 92.26
CA ILE W 341 34.97 -74.26 92.64
C ILE W 341 34.99 -75.40 93.66
N LEU W 342 35.60 -76.50 93.27
CA LEU W 342 35.65 -77.71 94.06
C LEU W 342 37.10 -78.10 94.35
N SER W 343 37.28 -79.07 95.26
CA SER W 343 38.59 -79.62 95.58
C SER W 343 38.48 -81.15 95.62
N ASP W 344 38.05 -81.74 96.76
CA ASP W 344 37.91 -83.19 96.91
C ASP W 344 36.49 -83.59 97.30
N SER W 345 36.22 -84.92 97.37
CA SER W 345 34.89 -85.48 97.68
C SER W 345 34.36 -85.17 99.09
N ASN W 346 35.25 -84.81 100.01
CA ASN W 346 34.89 -84.53 101.41
C ASN W 346 34.78 -83.03 101.70
N SER W 347 35.10 -82.18 100.70
CA SER W 347 35.12 -80.73 100.87
C SER W 347 33.97 -80.05 100.15
N SER W 348 33.63 -78.86 100.68
CA SER W 348 32.57 -77.98 100.19
CA SER W 348 32.53 -78.06 100.17
C SER W 348 32.74 -77.52 98.75
N ALA W 349 31.63 -77.20 98.09
CA ALA W 349 31.60 -76.63 96.76
C ALA W 349 31.46 -75.13 97.03
N LEU W 350 32.18 -74.31 96.27
CA LEU W 350 32.08 -72.86 96.36
C LEU W 350 31.44 -72.44 95.05
N VAL W 351 30.37 -71.65 95.14
CA VAL W 351 29.61 -71.22 93.97
C VAL W 351 29.56 -69.71 93.88
N HIS W 352 29.78 -69.18 92.67
CA HIS W 352 29.74 -67.74 92.38
C HIS W 352 29.01 -67.51 91.07
N GLU W 353 28.65 -66.23 90.84
CA GLU W 353 28.13 -65.76 89.56
C GLU W 353 29.35 -65.74 88.63
N ALA W 354 29.11 -65.70 87.30
CA ALA W 354 30.18 -65.72 86.30
C ALA W 354 31.18 -64.57 86.36
N ASP W 355 30.69 -63.33 86.58
CA ASP W 355 31.50 -62.11 86.50
C ASP W 355 31.92 -61.41 87.79
N ASN W 356 31.57 -61.95 88.96
CA ASN W 356 31.93 -61.31 90.24
C ASN W 356 31.97 -62.29 91.42
N ASP W 357 32.66 -61.90 92.50
CA ASP W 357 32.79 -62.66 93.75
C ASP W 357 31.93 -62.08 94.91
N ASP W 358 31.07 -61.07 94.63
CA ASP W 358 30.21 -60.40 95.63
C ASP W 358 29.29 -61.38 96.37
N SER W 359 28.76 -62.38 95.65
CA SER W 359 27.95 -63.46 96.21
C SER W 359 28.81 -64.72 96.24
N ALA W 360 28.71 -65.47 97.34
CA ALA W 360 29.43 -66.72 97.54
C ALA W 360 28.52 -67.73 98.24
N TYR W 361 28.47 -68.93 97.70
CA TYR W 361 27.62 -70.01 98.20
C TYR W 361 28.45 -71.20 98.49
N VAL W 362 28.30 -71.74 99.69
CA VAL W 362 29.08 -72.88 100.16
C VAL W 362 28.10 -74.05 100.41
N VAL W 363 28.39 -75.22 99.82
CA VAL W 363 27.55 -76.39 100.05
C VAL W 363 28.44 -77.53 100.50
N MET W 364 28.23 -78.04 101.73
CA MET W 364 28.97 -79.21 102.20
C MET W 364 28.47 -80.44 101.44
N PRO W 365 29.36 -81.35 101.01
CA PRO W 365 28.91 -82.54 100.28
C PRO W 365 28.27 -83.59 101.20
N MET W 366 27.82 -84.67 100.58
CA MET W 366 27.26 -85.86 101.23
C MET W 366 28.24 -87.02 100.99
N ARG W 367 28.36 -87.92 101.97
CA ARG W 367 29.20 -89.09 101.77
C ARG W 367 28.46 -90.08 100.84
N LEU W 368 29.18 -90.53 99.81
CA LEU W 368 28.68 -91.45 98.79
C LEU W 368 28.81 -92.89 99.27
N GLN X 2 25.00 -86.43 104.61
CA GLN X 2 25.25 -84.98 104.70
C GLN X 2 26.33 -84.61 105.73
N ASP X 4 28.74 -81.62 107.79
CA ASP X 4 28.51 -80.36 108.47
C ASP X 4 29.61 -79.34 108.26
N LEU X 5 29.22 -78.06 108.20
CA LEU X 5 30.16 -76.94 108.05
C LEU X 5 31.02 -76.79 109.30
N HIS Y 1 -9.80 73.38 -100.72
CA HIS Y 1 -10.62 72.45 -99.93
C HIS Y 1 -9.90 71.92 -98.67
N MET Y 2 -8.59 72.22 -98.54
CA MET Y 2 -7.72 71.85 -97.41
C MET Y 2 -8.34 72.35 -96.09
N HIS Y 3 -8.39 71.47 -95.08
CA HIS Y 3 -8.95 71.77 -93.77
C HIS Y 3 -8.41 70.83 -92.72
N PHE Y 4 -8.03 71.38 -91.55
CA PHE Y 4 -7.52 70.61 -90.42
C PHE Y 4 -7.65 71.37 -89.10
N THR Y 5 -7.59 70.63 -87.99
CA THR Y 5 -7.56 71.15 -86.63
C THR Y 5 -6.23 70.72 -86.02
N ILE Y 6 -5.66 71.60 -85.19
CA ILE Y 6 -4.35 71.39 -84.55
C ILE Y 6 -4.24 72.21 -83.26
N GLN Y 7 -3.57 71.65 -82.25
CA GLN Y 7 -3.32 72.35 -80.99
C GLN Y 7 -2.25 73.38 -81.25
N ARG Y 8 -2.36 74.55 -80.59
CA ARG Y 8 -1.43 75.67 -80.71
C ARG Y 8 0.05 75.25 -80.70
N GLU Y 9 0.46 74.49 -79.68
CA GLU Y 9 1.85 74.04 -79.46
C GLU Y 9 2.33 73.06 -80.52
N ALA Y 10 1.43 72.20 -81.02
CA ALA Y 10 1.74 71.22 -82.06
C ALA Y 10 2.07 71.91 -83.39
N LEU Y 11 1.37 73.02 -83.70
CA LEU Y 11 1.60 73.80 -84.91
C LEU Y 11 2.83 74.69 -84.74
N LEU Y 12 2.94 75.35 -83.56
CA LEU Y 12 4.03 76.28 -83.25
C LEU Y 12 5.43 75.72 -83.38
N LYS Y 13 5.69 74.49 -82.87
CA LYS Y 13 7.01 73.86 -82.93
C LYS Y 13 7.60 73.78 -84.37
N PRO Y 14 6.96 73.08 -85.35
CA PRO Y 14 7.52 73.07 -86.72
C PRO Y 14 7.45 74.43 -87.43
N LEU Y 15 6.41 75.24 -87.13
CA LEU Y 15 6.22 76.57 -87.72
C LEU Y 15 7.39 77.49 -87.35
N GLN Y 16 7.83 77.47 -86.08
CA GLN Y 16 8.98 78.28 -85.63
C GLN Y 16 10.28 77.85 -86.30
N LEU Y 17 10.49 76.53 -86.46
CA LEU Y 17 11.70 75.98 -87.11
C LEU Y 17 11.78 76.42 -88.56
N VAL Y 18 10.70 76.17 -89.31
CA VAL Y 18 10.52 76.48 -90.72
C VAL Y 18 10.61 77.98 -91.01
N ALA Y 19 9.99 78.84 -90.16
CA ALA Y 19 10.01 80.29 -90.31
C ALA Y 19 11.43 80.87 -90.17
N GLY Y 20 12.30 80.16 -89.44
CA GLY Y 20 13.70 80.51 -89.25
C GLY Y 20 14.53 80.58 -90.52
N VAL Y 21 14.15 79.80 -91.55
CA VAL Y 21 14.86 79.81 -92.84
C VAL Y 21 14.21 80.80 -93.83
N VAL Y 22 12.98 81.25 -93.52
CA VAL Y 22 12.21 82.21 -94.31
C VAL Y 22 12.79 83.61 -94.05
N GLU Y 23 13.32 84.26 -95.11
CA GLU Y 23 13.91 85.59 -95.03
C GLU Y 23 13.42 86.49 -96.16
N GLN Y 26 12.73 89.13 -98.99
CA GLN Y 26 12.65 88.16 -100.07
C GLN Y 26 12.35 88.82 -101.41
N THR Y 27 12.97 88.33 -102.49
CA THR Y 27 12.77 88.82 -103.85
C THR Y 27 11.42 88.30 -104.38
N LEU Y 28 11.30 86.98 -104.53
CA LEU Y 28 10.08 86.29 -104.98
C LEU Y 28 9.09 86.29 -103.79
N PRO Y 29 7.79 86.69 -103.99
CA PRO Y 29 6.85 86.77 -102.86
C PRO Y 29 6.57 85.44 -102.15
N VAL Y 30 6.53 84.33 -102.90
CA VAL Y 30 6.29 82.98 -102.37
C VAL Y 30 7.35 82.54 -101.34
N LEU Y 31 8.59 83.07 -101.47
CA LEU Y 31 9.73 82.81 -100.58
C LEU Y 31 9.48 83.25 -99.13
N SER Y 32 8.57 84.22 -98.91
CA SER Y 32 8.17 84.73 -97.61
C SER Y 32 7.11 83.82 -96.97
N ASN Y 33 6.59 82.86 -97.75
CA ASN Y 33 5.53 81.95 -97.34
C ASN Y 33 5.99 80.58 -96.91
N VAL Y 34 5.17 79.96 -96.04
CA VAL Y 34 5.34 78.60 -95.59
C VAL Y 34 4.40 77.74 -96.45
N LEU Y 35 4.92 76.65 -97.01
CA LEU Y 35 4.11 75.70 -97.79
C LEU Y 35 3.44 74.75 -96.77
N LEU Y 36 2.10 74.68 -96.80
CA LEU Y 36 1.28 73.82 -95.95
C LEU Y 36 0.74 72.71 -96.83
N VAL Y 37 1.01 71.45 -96.47
CA VAL Y 37 0.52 70.29 -97.23
C VAL Y 37 -0.17 69.31 -96.28
N VAL Y 38 -1.45 69.02 -96.55
CA VAL Y 38 -2.20 68.01 -95.78
C VAL Y 38 -2.35 66.80 -96.69
N GLU Y 39 -1.76 65.67 -96.27
CA GLU Y 39 -1.84 64.40 -96.98
C GLU Y 39 -2.20 63.38 -95.92
N GLY Y 40 -3.42 62.85 -96.02
CA GLY Y 40 -3.98 61.94 -95.03
C GLY Y 40 -4.08 62.66 -93.69
N GLN Y 41 -3.53 62.03 -92.64
CA GLN Y 41 -3.51 62.60 -91.29
C GLN Y 41 -2.16 63.26 -90.95
N GLN Y 42 -1.44 63.73 -91.98
CA GLN Y 42 -0.16 64.41 -91.79
C GLN Y 42 -0.15 65.80 -92.40
N LEU Y 43 0.34 66.77 -91.60
CA LEU Y 43 0.58 68.13 -92.02
C LEU Y 43 2.09 68.30 -92.18
N SER Y 44 2.52 68.80 -93.34
CA SER Y 44 3.92 69.13 -93.61
C SER Y 44 4.02 70.64 -93.78
N LEU Y 45 5.06 71.23 -93.19
CA LEU Y 45 5.33 72.68 -93.26
C LEU Y 45 6.70 72.88 -93.89
N THR Y 46 6.77 73.61 -95.00
CA THR Y 46 8.02 73.83 -95.70
C THR Y 46 8.38 75.31 -95.84
N GLY Y 47 9.63 75.62 -95.52
CA GLY Y 47 10.25 76.93 -95.65
C GLY Y 47 11.53 76.80 -96.45
N THR Y 48 11.82 77.81 -97.30
CA THR Y 48 13.01 77.83 -98.15
C THR Y 48 13.50 79.25 -98.46
N ASP Y 49 14.79 79.37 -98.79
CA ASP Y 49 15.43 80.61 -99.23
C ASP Y 49 16.14 80.32 -100.57
N LEU Y 50 15.82 79.15 -101.15
CA LEU Y 50 16.36 78.55 -102.40
C LEU Y 50 17.70 77.84 -102.23
N GLU Y 51 18.42 78.13 -101.13
CA GLU Y 51 19.72 77.51 -100.80
C GLU Y 51 19.44 76.33 -99.87
N VAL Y 52 18.66 76.60 -98.81
CA VAL Y 52 18.25 75.62 -97.82
C VAL Y 52 16.73 75.45 -97.86
N GLU Y 53 16.28 74.23 -97.54
CA GLU Y 53 14.88 73.89 -97.42
C GLU Y 53 14.69 73.16 -96.10
N LEU Y 54 13.73 73.63 -95.29
CA LEU Y 54 13.42 72.99 -94.03
C LEU Y 54 11.97 72.51 -94.05
N VAL Y 55 11.77 71.23 -93.69
CA VAL Y 55 10.45 70.59 -93.65
C VAL Y 55 10.16 70.12 -92.23
N GLY Y 56 9.01 70.51 -91.69
CA GLY Y 56 8.50 70.08 -90.39
C GLY Y 56 7.25 69.25 -90.59
N ARG Y 57 7.07 68.19 -89.78
CA ARG Y 57 5.92 67.29 -89.89
C ARG Y 57 5.16 67.13 -88.59
N VAL Y 58 3.80 67.11 -88.67
CA VAL Y 58 2.88 66.93 -87.53
C VAL Y 58 1.79 65.92 -87.89
N VAL Y 59 1.46 65.03 -86.94
CA VAL Y 59 0.38 64.05 -87.11
C VAL Y 59 -0.91 64.77 -86.67
N LEU Y 60 -1.94 64.75 -87.52
CA LEU Y 60 -3.23 65.37 -87.24
C LEU Y 60 -4.19 64.37 -86.60
N GLU Y 61 -4.75 64.72 -85.43
CA GLU Y 61 -5.65 63.85 -84.67
C GLU Y 61 -7.07 63.75 -85.26
N ASP Y 62 -7.80 64.88 -85.35
CA ASP Y 62 -9.16 64.89 -85.90
C ASP Y 62 -9.14 64.80 -87.42
N ALA Y 63 -10.29 64.44 -88.04
CA ALA Y 63 -10.45 64.31 -89.49
C ALA Y 63 -9.98 65.55 -90.24
N ALA Y 64 -9.10 65.35 -91.23
CA ALA Y 64 -8.52 66.42 -92.04
C ALA Y 64 -8.79 66.20 -93.52
N GLU Y 65 -9.03 67.30 -94.25
CA GLU Y 65 -9.27 67.25 -95.70
C GLU Y 65 -7.98 67.66 -96.42
N PRO Y 66 -7.55 66.87 -97.43
CA PRO Y 66 -6.27 67.16 -98.10
C PRO Y 66 -6.21 68.42 -98.95
N GLY Y 67 -4.99 68.85 -99.19
CA GLY Y 67 -4.69 70.02 -99.99
C GLY Y 67 -3.35 70.65 -99.69
N GLU Y 68 -3.03 71.67 -100.47
CA GLU Y 68 -1.80 72.41 -100.33
C GLU Y 68 -1.99 73.89 -100.62
N ILE Y 69 -1.28 74.72 -99.86
CA ILE Y 69 -1.35 76.18 -99.97
C ILE Y 69 -0.09 76.80 -99.35
N THR Y 70 0.18 78.06 -99.67
CA THR Y 70 1.28 78.79 -99.05
C THR Y 70 0.67 80.02 -98.38
N VAL Y 71 1.20 80.39 -97.21
CA VAL Y 71 0.72 81.52 -96.42
C VAL Y 71 1.91 82.30 -95.83
N PRO Y 72 1.79 83.64 -95.55
CA PRO Y 72 2.92 84.36 -94.93
C PRO Y 72 3.40 83.65 -93.65
N ALA Y 73 4.65 83.17 -93.66
CA ALA Y 73 5.24 82.40 -92.57
C ALA Y 73 5.32 83.13 -91.23
N ARG Y 74 5.86 84.36 -91.22
CA ARG Y 74 5.98 85.18 -90.01
C ARG Y 74 4.60 85.54 -89.42
N LYS Y 75 3.65 85.94 -90.28
CA LYS Y 75 2.28 86.26 -89.85
C LYS Y 75 1.60 85.08 -89.18
N LEU Y 76 1.62 83.88 -89.82
CA LEU Y 76 1.01 82.66 -89.25
C LEU Y 76 1.67 82.27 -87.93
N MET Y 77 3.02 82.34 -87.85
CA MET Y 77 3.77 82.04 -86.64
C MET Y 77 3.38 83.02 -85.51
N ASP Y 78 3.32 84.34 -85.81
CA ASP Y 78 2.96 85.38 -84.84
C ASP Y 78 1.53 85.20 -84.32
N ILE Y 79 0.59 84.83 -85.20
CA ILE Y 79 -0.81 84.55 -84.82
C ILE Y 79 -0.82 83.33 -83.88
N CYS Y 80 -0.14 82.24 -84.28
CA CYS Y 80 0.00 81.00 -83.51
C CYS Y 80 0.59 81.27 -82.10
N LYS Y 81 1.72 82.02 -82.02
CA LYS Y 81 2.38 82.40 -80.76
C LYS Y 81 1.48 83.25 -79.84
N SER Y 82 0.71 84.18 -80.43
CA SER Y 82 -0.18 85.10 -79.71
C SER Y 82 -1.49 84.45 -79.21
N LEU Y 83 -1.84 83.27 -79.73
CA LEU Y 83 -3.06 82.58 -79.31
C LEU Y 83 -2.94 82.02 -77.89
N PRO Y 84 -4.06 81.85 -77.12
CA PRO Y 84 -3.95 81.32 -75.75
C PRO Y 84 -3.36 79.92 -75.72
N ASN Y 85 -2.54 79.63 -74.69
CA ASN Y 85 -1.91 78.33 -74.50
C ASN Y 85 -2.90 77.18 -74.60
N ASP Y 86 -2.54 76.16 -75.39
CA ASP Y 86 -3.31 74.92 -75.59
C ASP Y 86 -4.65 75.00 -76.36
N VAL Y 87 -4.90 76.12 -77.05
CA VAL Y 87 -6.12 76.29 -77.85
C VAL Y 87 -6.11 75.40 -79.12
N LEU Y 88 -7.30 74.92 -79.53
CA LEU Y 88 -7.45 74.14 -80.74
C LEU Y 88 -7.68 75.13 -81.88
N ILE Y 89 -6.84 75.05 -82.92
CA ILE Y 89 -6.91 75.95 -84.07
C ILE Y 89 -7.56 75.22 -85.26
N ASP Y 90 -8.59 75.85 -85.84
CA ASP Y 90 -9.24 75.34 -87.05
C ASP Y 90 -8.67 76.14 -88.24
N ILE Y 91 -8.08 75.42 -89.20
CA ILE Y 91 -7.47 76.04 -90.40
C ILE Y 91 -8.10 75.49 -91.68
N ARG Y 92 -8.59 76.39 -92.55
CA ARG Y 92 -9.16 75.98 -93.83
C ARG Y 92 -8.87 76.99 -94.95
N VAL Y 93 -8.85 76.50 -96.20
CA VAL Y 93 -8.64 77.33 -97.37
C VAL Y 93 -10.01 77.63 -97.96
N GLU Y 94 -10.33 78.92 -98.15
CA GLU Y 94 -11.60 79.35 -98.70
C GLU Y 94 -11.40 80.53 -99.64
N GLU Y 95 -11.64 80.33 -100.95
CA GLU Y 95 -11.53 81.33 -102.01
C GLU Y 95 -10.16 82.05 -101.99
N GLN Y 96 -9.05 81.26 -102.07
CA GLN Y 96 -7.65 81.76 -102.06
C GLN Y 96 -7.24 82.52 -100.77
N LYS Y 97 -7.95 82.26 -99.66
CA LYS Y 97 -7.65 82.85 -98.37
C LYS Y 97 -7.54 81.77 -97.31
N LEU Y 98 -6.65 81.98 -96.32
CA LEU Y 98 -6.52 81.05 -95.22
C LEU Y 98 -7.35 81.56 -94.05
N LEU Y 99 -8.30 80.72 -93.62
CA LEU Y 99 -9.22 81.03 -92.52
C LEU Y 99 -8.73 80.33 -91.27
N VAL Y 100 -8.38 81.12 -90.25
CA VAL Y 100 -7.88 80.63 -88.96
C VAL Y 100 -8.91 80.98 -87.87
N LYS Y 101 -9.38 79.94 -87.14
CA LYS Y 101 -10.34 80.10 -86.04
C LYS Y 101 -9.81 79.42 -84.79
N ALA Y 102 -9.81 80.14 -83.66
CA ALA Y 102 -9.33 79.62 -82.37
C ALA Y 102 -10.04 80.39 -81.26
N GLY Y 103 -10.94 79.69 -80.58
CA GLY Y 103 -11.76 80.27 -79.53
C GLY Y 103 -12.63 81.38 -80.10
N ARG Y 104 -12.48 82.60 -79.53
CA ARG Y 104 -13.23 83.78 -79.99
C ARG Y 104 -12.43 84.62 -81.01
N SER Y 105 -11.29 84.09 -81.49
CA SER Y 105 -10.42 84.75 -82.46
C SER Y 105 -10.61 84.20 -83.87
N ARG Y 106 -10.66 85.11 -84.86
CA ARG Y 106 -10.80 84.80 -86.28
C ARG Y 106 -9.76 85.59 -87.07
N PHE Y 107 -9.09 84.91 -88.01
CA PHE Y 107 -8.06 85.52 -88.86
C PHE Y 107 -8.23 85.08 -90.30
N THR Y 108 -8.05 86.03 -91.24
CA THR Y 108 -8.07 85.77 -92.68
C THR Y 108 -6.73 86.20 -93.25
N LEU Y 109 -5.98 85.25 -93.81
CA LEU Y 109 -4.65 85.50 -94.38
C LEU Y 109 -4.66 85.35 -95.90
N SER Y 110 -3.84 86.16 -96.58
CA SER Y 110 -3.69 86.07 -98.03
C SER Y 110 -2.86 84.81 -98.32
N THR Y 111 -3.04 84.22 -99.50
CA THR Y 111 -2.31 83.02 -99.87
C THR Y 111 -1.65 83.17 -101.24
N LEU Y 112 -0.71 82.27 -101.54
CA LEU Y 112 -0.09 82.16 -102.86
C LEU Y 112 -0.16 80.67 -103.24
N PRO Y 113 -0.49 80.34 -104.52
CA PRO Y 113 -0.64 78.92 -104.89
C PRO Y 113 0.58 78.06 -104.57
N ALA Y 114 0.31 76.83 -104.08
CA ALA Y 114 1.36 75.85 -103.74
C ALA Y 114 2.17 75.41 -104.96
N ASN Y 115 1.57 75.47 -106.17
CA ASN Y 115 2.26 75.12 -107.42
C ASN Y 115 3.39 76.10 -107.76
N ASP Y 116 3.37 77.31 -107.16
CA ASP Y 116 4.38 78.37 -107.30
C ASP Y 116 5.51 78.25 -106.28
N PHE Y 117 5.38 77.35 -105.30
CA PHE Y 117 6.41 77.12 -104.29
C PHE Y 117 7.57 76.29 -104.88
N PRO Y 118 8.84 76.74 -104.72
CA PRO Y 118 9.96 75.98 -105.31
C PRO Y 118 10.34 74.70 -104.58
N GLU Y 122 17.35 67.62 -105.15
CA GLU Y 122 17.55 66.25 -104.61
C GLU Y 122 17.13 65.27 -105.75
N GLY Y 123 18.00 64.47 -106.36
CA GLY Y 123 19.44 64.27 -106.13
C GLY Y 123 19.78 62.89 -105.59
N PRO Y 124 20.34 61.95 -106.40
CA PRO Y 124 20.69 60.62 -105.83
C PRO Y 124 21.79 60.71 -104.77
N GLY Y 125 21.64 59.97 -103.68
CA GLY Y 125 22.65 59.92 -102.64
C GLY Y 125 23.84 59.10 -103.06
N SER Y 126 25.05 59.58 -102.75
CA SER Y 126 26.30 58.87 -103.03
C SER Y 126 26.69 58.14 -101.75
N LEU Y 127 26.37 58.74 -100.60
CA LEU Y 127 26.65 58.20 -99.28
C LEU Y 127 25.54 58.55 -98.31
N ASN Y 128 25.17 57.60 -97.44
CA ASN Y 128 24.18 57.82 -96.40
C ASN Y 128 24.52 57.10 -95.12
N PHE Y 129 24.47 57.83 -94.00
CA PHE Y 129 24.83 57.30 -92.69
C PHE Y 129 24.04 57.99 -91.58
N SER Y 130 24.01 57.39 -90.40
CA SER Y 130 23.37 57.94 -89.22
C SER Y 130 24.47 58.37 -88.24
N ILE Y 131 24.23 59.47 -87.51
CA ILE Y 131 25.19 59.99 -86.54
C ILE Y 131 24.48 60.71 -85.38
N ALA Y 132 25.11 60.71 -84.19
CA ALA Y 132 24.60 61.45 -83.02
C ALA Y 132 24.59 62.94 -83.38
N GLN Y 133 23.48 63.64 -83.10
CA GLN Y 133 23.30 65.07 -83.37
C GLN Y 133 24.41 65.89 -82.70
N SER Y 134 24.77 65.49 -81.47
CA SER Y 134 25.80 66.06 -80.61
C SER Y 134 27.18 66.04 -81.28
N LYS Y 135 27.54 64.91 -81.95
CA LYS Y 135 28.82 64.73 -82.63
C LYS Y 135 28.91 65.61 -83.87
N LEU Y 136 27.82 65.68 -84.66
CA LEU Y 136 27.78 66.54 -85.85
C LEU Y 136 27.82 68.02 -85.48
N ARG Y 137 27.04 68.42 -84.45
CA ARG Y 137 27.01 69.81 -83.96
C ARG Y 137 28.41 70.25 -83.48
N ARG Y 138 29.14 69.36 -82.79
CA ARG Y 138 30.50 69.57 -82.30
C ARG Y 138 31.44 69.89 -83.49
N LEU Y 139 31.37 69.09 -84.57
CA LEU Y 139 32.20 69.30 -85.77
C LEU Y 139 31.99 70.70 -86.37
N ILE Y 140 30.72 71.14 -86.45
CA ILE Y 140 30.35 72.46 -86.98
C ILE Y 140 30.77 73.58 -86.03
N ASP Y 141 30.34 73.52 -84.75
CA ASP Y 141 30.63 74.53 -83.74
C ASP Y 141 32.12 74.70 -83.43
N ARG Y 142 32.93 73.62 -83.54
CA ARG Y 142 34.36 73.71 -83.28
C ARG Y 142 35.11 74.40 -84.43
N THR Y 143 34.47 74.57 -85.60
CA THR Y 143 35.18 75.10 -86.78
C THR Y 143 34.54 76.27 -87.52
N SER Y 144 33.23 76.51 -87.36
CA SER Y 144 32.45 77.49 -88.12
C SER Y 144 32.96 78.93 -88.18
N PHE Y 145 33.62 79.40 -87.10
CA PHE Y 145 34.18 80.75 -87.04
C PHE Y 145 35.25 81.00 -88.11
N ALA Y 146 35.95 79.92 -88.60
CA ALA Y 146 37.04 80.05 -89.56
C ALA Y 146 36.61 80.17 -91.01
N MET Y 147 35.32 79.91 -91.33
CA MET Y 147 34.82 80.01 -92.71
C MET Y 147 34.96 81.43 -93.22
N ALA Y 148 35.20 81.57 -94.53
CA ALA Y 148 35.25 82.89 -95.15
C ALA Y 148 33.80 83.37 -95.36
N GLN Y 149 33.64 84.67 -95.56
CA GLN Y 149 32.36 85.33 -95.83
C GLN Y 149 32.60 86.22 -97.05
N GLN Y 150 31.87 85.94 -98.14
CA GLN Y 150 31.94 86.69 -99.41
C GLN Y 150 33.33 86.79 -100.07
N ASP Y 151 34.18 85.77 -99.83
CA ASP Y 151 35.51 85.73 -100.43
C ASP Y 151 35.32 85.41 -101.91
N VAL Y 152 36.18 85.98 -102.79
CA VAL Y 152 36.15 85.73 -104.23
C VAL Y 152 36.41 84.22 -104.50
N ARG Y 153 37.17 83.56 -103.60
CA ARG Y 153 37.40 82.11 -103.64
C ARG Y 153 36.13 81.55 -102.97
N TYR Y 154 35.04 81.42 -103.76
CA TYR Y 154 33.69 81.02 -103.34
C TYR Y 154 33.63 79.71 -102.54
N TYR Y 155 34.55 78.78 -102.84
CA TYR Y 155 34.65 77.47 -102.20
C TYR Y 155 35.08 77.56 -100.71
N LEU Y 156 35.53 78.74 -100.25
CA LEU Y 156 35.91 79.00 -98.85
C LEU Y 156 34.73 79.53 -98.04
N ASN Y 157 33.66 80.01 -98.70
CA ASN Y 157 32.45 80.56 -98.06
C ASN Y 157 31.51 79.44 -97.60
N GLY Y 158 32.07 78.54 -96.82
CA GLY Y 158 31.38 77.38 -96.30
C GLY Y 158 32.30 76.43 -95.59
N MET Y 159 31.78 75.24 -95.30
CA MET Y 159 32.50 74.23 -94.55
C MET Y 159 32.65 72.94 -95.32
N LEU Y 160 33.89 72.40 -95.32
CA LEU Y 160 34.17 71.10 -95.88
C LEU Y 160 33.71 70.05 -94.87
N LEU Y 161 32.94 69.07 -95.34
CA LEU Y 161 32.54 67.88 -94.58
C LEU Y 161 33.13 66.73 -95.37
N GLU Y 162 34.05 65.99 -94.74
CA GLU Y 162 34.79 64.93 -95.40
C GLU Y 162 34.67 63.59 -94.68
N VAL Y 163 34.36 62.53 -95.44
CA VAL Y 163 34.31 61.17 -94.92
C VAL Y 163 35.52 60.44 -95.49
N ASN Y 164 36.38 59.91 -94.63
CA ASN Y 164 37.60 59.23 -95.04
C ASN Y 164 37.97 58.15 -94.04
N GLY Y 165 38.04 56.90 -94.52
CA GLY Y 165 38.35 55.73 -93.69
C GLY Y 165 37.13 55.22 -92.95
N GLY Y 166 36.57 56.09 -92.13
CA GLY Y 166 35.39 55.89 -91.30
C GLY Y 166 35.16 57.15 -90.49
N THR Y 167 36.14 58.07 -90.57
CA THR Y 167 36.17 59.36 -89.87
C THR Y 167 35.35 60.41 -90.63
N LEU Y 168 34.61 61.23 -89.87
CA LEU Y 168 33.90 62.39 -90.37
C LEU Y 168 34.72 63.59 -89.89
N ARG Y 169 35.06 64.49 -90.82
CA ARG Y 169 35.89 65.65 -90.55
C ARG Y 169 35.29 66.91 -91.13
N SER Y 170 35.39 68.00 -90.36
CA SER Y 170 34.98 69.33 -90.80
C SER Y 170 36.23 70.18 -90.97
N VAL Y 171 36.28 70.98 -92.04
CA VAL Y 171 37.38 71.92 -92.30
C VAL Y 171 36.78 73.26 -92.74
N ALA Y 172 37.24 74.37 -92.13
CA ALA Y 172 36.84 75.73 -92.45
C ALA Y 172 38.09 76.60 -92.51
N THR Y 173 38.16 77.51 -93.50
CA THR Y 173 39.29 78.42 -93.67
C THR Y 173 38.91 79.67 -94.46
N ASP Y 174 39.60 80.78 -94.20
CA ASP Y 174 39.39 82.06 -94.88
C ASP Y 174 40.68 82.54 -95.55
N GLY Y 175 41.71 81.68 -95.53
CA GLY Y 175 43.00 81.98 -96.11
C GLY Y 175 44.01 82.53 -95.11
N HIS Y 176 43.55 83.03 -93.95
CA HIS Y 176 44.41 83.56 -92.87
C HIS Y 176 44.52 82.55 -91.74
N ARG Y 177 43.42 81.84 -91.47
CA ARG Y 177 43.33 80.87 -90.40
C ARG Y 177 42.48 79.70 -90.86
N LEU Y 178 42.65 78.57 -90.18
CA LEU Y 178 41.95 77.34 -90.49
C LEU Y 178 41.52 76.66 -89.20
N ALA Y 179 40.35 76.02 -89.23
CA ALA Y 179 39.83 75.22 -88.14
C ALA Y 179 39.43 73.84 -88.69
N MET Y 180 39.80 72.78 -87.99
CA MET Y 180 39.45 71.41 -88.38
C MET Y 180 39.12 70.54 -87.18
N CYS Y 181 38.14 69.64 -87.33
CA CYS Y 181 37.73 68.73 -86.26
C CYS Y 181 37.44 67.37 -86.86
N SER Y 182 37.97 66.29 -86.27
CA SER Y 182 37.79 64.93 -86.76
C SER Y 182 37.18 64.05 -85.68
N LEU Y 183 36.23 63.19 -86.07
CA LEU Y 183 35.56 62.25 -85.17
C LEU Y 183 35.44 60.90 -85.85
N ASP Y 184 35.85 59.81 -85.17
CA ASP Y 184 35.76 58.48 -85.77
C ASP Y 184 34.34 57.92 -85.61
N ALA Y 185 33.49 58.24 -86.60
CA ALA Y 185 32.07 57.86 -86.66
C ALA Y 185 31.81 56.46 -87.26
N GLN Y 186 32.88 55.77 -87.73
CA GLN Y 186 32.86 54.45 -88.35
C GLN Y 186 31.85 54.34 -89.53
N ILE Y 187 31.97 55.29 -90.47
CA ILE Y 187 31.14 55.38 -91.68
C ILE Y 187 31.84 54.61 -92.82
N PRO Y 188 31.28 53.49 -93.34
CA PRO Y 188 31.94 52.82 -94.49
C PRO Y 188 31.76 53.67 -95.76
N SER Y 189 32.89 53.95 -96.47
CA SER Y 189 32.86 54.81 -97.66
C SER Y 189 33.57 54.26 -98.90
N GLN Y 190 34.59 53.37 -98.72
CA GLN Y 190 35.40 52.78 -99.80
C GLN Y 190 36.30 53.78 -100.56
N ASP Y 191 36.01 55.10 -100.41
CA ASP Y 191 36.75 56.22 -101.00
C ASP Y 191 36.51 57.50 -100.20
N ARG Y 192 37.48 58.45 -100.26
CA ARG Y 192 37.37 59.74 -99.60
C ARG Y 192 36.26 60.53 -100.28
N HIS Y 193 35.27 60.98 -99.50
CA HIS Y 193 34.16 61.77 -100.02
C HIS Y 193 34.13 63.15 -99.36
N GLN Y 194 34.06 64.22 -100.20
CA GLN Y 194 34.05 65.60 -99.75
C GLN Y 194 32.85 66.36 -100.26
N VAL Y 195 32.26 67.21 -99.40
CA VAL Y 195 31.16 68.12 -99.73
C VAL Y 195 31.47 69.49 -99.11
N ILE Y 196 31.11 70.58 -99.80
CA ILE Y 196 31.27 71.92 -99.24
C ILE Y 196 29.87 72.46 -98.99
N VAL Y 197 29.52 72.62 -97.71
CA VAL Y 197 28.22 73.14 -97.32
C VAL Y 197 28.32 74.66 -97.20
N PRO Y 198 27.43 75.44 -97.90
CA PRO Y 198 27.49 76.92 -97.79
C PRO Y 198 27.37 77.38 -96.35
N ARG Y 199 28.06 78.48 -96.04
CA ARG Y 199 28.12 79.04 -94.69
C ARG Y 199 26.76 79.24 -94.01
N LYS Y 200 25.77 79.82 -94.72
CA LYS Y 200 24.44 80.05 -94.15
C LYS Y 200 23.74 78.72 -93.78
N GLY Y 201 23.84 77.73 -94.66
CA GLY Y 201 23.26 76.41 -94.48
C GLY Y 201 23.84 75.63 -93.31
N ILE Y 202 25.18 75.57 -93.24
CA ILE Y 202 25.86 74.86 -92.15
C ILE Y 202 25.56 75.47 -90.76
N LEU Y 203 25.50 76.82 -90.67
CA LEU Y 203 25.21 77.52 -89.41
C LEU Y 203 23.77 77.25 -88.96
N GLU Y 204 22.84 77.19 -89.94
CA GLU Y 204 21.44 76.86 -89.70
C GLU Y 204 21.33 75.43 -89.16
N LEU Y 205 21.99 74.46 -89.85
CA LEU Y 205 21.99 73.05 -89.47
C LEU Y 205 22.46 72.86 -88.01
N ALA Y 206 23.59 73.51 -87.63
CA ALA Y 206 24.13 73.42 -86.26
C ALA Y 206 23.10 73.88 -85.21
N ARG Y 207 22.36 74.96 -85.50
CA ARG Y 207 21.32 75.49 -84.61
C ARG Y 207 20.13 74.53 -84.48
N LEU Y 208 19.85 73.75 -85.53
CA LEU Y 208 18.77 72.77 -85.54
C LEU Y 208 19.11 71.49 -84.75
N LEU Y 209 20.40 71.17 -84.60
CA LEU Y 209 20.86 69.96 -83.90
C LEU Y 209 20.84 70.12 -82.36
N THR Y 210 19.64 70.29 -81.81
CA THR Y 210 19.37 70.53 -80.38
C THR Y 210 19.24 69.27 -79.50
N GLU Y 211 18.89 68.12 -80.09
CA GLU Y 211 18.71 66.85 -79.40
C GLU Y 211 20.04 66.32 -78.91
N GLN Y 212 20.36 66.60 -77.62
CA GLN Y 212 21.58 66.18 -76.92
C GLN Y 212 21.74 64.66 -76.96
N ASP Y 213 20.62 63.93 -76.94
CA ASP Y 213 20.58 62.46 -76.98
C ASP Y 213 20.27 61.91 -78.38
N GLY Y 214 19.64 62.73 -79.23
CA GLY Y 214 19.15 62.39 -80.56
C GLY Y 214 20.13 62.01 -81.65
N GLU Y 215 19.60 61.39 -82.71
CA GLU Y 215 20.32 60.92 -83.88
C GLU Y 215 19.86 61.69 -85.12
N VAL Y 216 20.75 61.81 -86.12
CA VAL Y 216 20.45 62.46 -87.39
C VAL Y 216 20.90 61.58 -88.55
N GLY Y 217 20.01 61.41 -89.53
CA GLY Y 217 20.29 60.67 -90.75
C GLY Y 217 20.87 61.64 -91.77
N ILE Y 218 22.05 61.31 -92.32
CA ILE Y 218 22.73 62.17 -93.29
C ILE Y 218 22.78 61.51 -94.66
N VAL Y 219 22.51 62.30 -95.71
CA VAL Y 219 22.63 61.87 -97.10
C VAL Y 219 23.54 62.88 -97.78
N LEU Y 220 24.62 62.37 -98.37
CA LEU Y 220 25.55 63.17 -99.15
C LEU Y 220 25.30 62.86 -100.63
N GLY Y 221 24.89 63.88 -101.37
CA GLY Y 221 24.64 63.79 -102.80
C GLY Y 221 25.71 64.57 -103.56
N GLN Y 222 25.67 64.53 -104.88
CA GLN Y 222 26.64 65.26 -105.71
C GLN Y 222 26.44 66.79 -105.60
N HIS Y 223 25.19 67.26 -105.42
CA HIS Y 223 24.87 68.69 -105.32
C HIS Y 223 24.04 69.06 -104.10
N HIS Y 224 23.82 68.13 -103.17
CA HIS Y 224 23.05 68.42 -101.96
C HIS Y 224 23.53 67.65 -100.74
N ILE Y 225 23.10 68.13 -99.57
CA ILE Y 225 23.25 67.47 -98.27
C ILE Y 225 21.85 67.43 -97.65
N ARG Y 226 21.47 66.28 -97.08
CA ARG Y 226 20.19 66.12 -96.40
C ARG Y 226 20.42 65.61 -94.97
N ALA Y 227 19.74 66.24 -94.01
CA ALA Y 227 19.78 65.88 -92.60
C ALA Y 227 18.34 65.67 -92.13
N THR Y 228 18.04 64.45 -91.62
CA THR Y 228 16.70 64.06 -91.15
C THR Y 228 16.72 63.67 -89.68
N THR Y 229 15.76 64.20 -88.88
CA THR Y 229 15.61 63.88 -87.44
C THR Y 229 14.21 63.34 -87.07
N GLY Y 230 13.34 63.11 -88.06
CA GLY Y 230 12.01 62.59 -87.79
C GLY Y 230 10.98 63.68 -87.55
N GLU Y 231 11.40 64.77 -86.89
CA GLU Y 231 10.59 65.96 -86.67
C GLU Y 231 10.85 66.98 -87.80
N PHE Y 232 12.09 66.94 -88.39
CA PHE Y 232 12.49 67.80 -89.49
C PHE Y 232 13.38 67.13 -90.56
N THR Y 233 13.31 67.69 -91.79
CA THR Y 233 14.16 67.34 -92.92
C THR Y 233 14.81 68.63 -93.38
N PHE Y 234 16.13 68.66 -93.32
CA PHE Y 234 16.92 69.81 -93.75
C PHE Y 234 17.62 69.44 -95.04
N THR Y 235 17.50 70.29 -96.06
CA THR Y 235 18.18 70.08 -97.33
C THR Y 235 18.90 71.35 -97.71
N SER Y 236 20.17 71.23 -98.08
CA SER Y 236 20.98 72.35 -98.52
C SER Y 236 21.67 72.01 -99.82
N LYS Y 237 21.77 73.00 -100.71
CA LYS Y 237 22.54 72.88 -101.95
C LYS Y 237 24.01 72.91 -101.50
N LEU Y 238 24.93 72.37 -102.31
CA LEU Y 238 26.35 72.39 -101.96
C LEU Y 238 27.06 73.49 -102.73
N VAL Y 239 28.25 73.89 -102.28
CA VAL Y 239 29.09 74.85 -102.99
C VAL Y 239 29.72 74.04 -104.14
N ASP Y 240 29.41 74.44 -105.38
CA ASP Y 240 29.89 73.76 -106.57
C ASP Y 240 31.35 74.12 -106.87
N GLY Y 241 32.27 73.47 -106.18
CA GLY Y 241 33.71 73.66 -106.33
C GLY Y 241 34.52 72.63 -105.59
N LYS Y 242 35.85 72.68 -105.75
CA LYS Y 242 36.79 71.77 -105.09
C LYS Y 242 37.47 72.51 -103.95
N PHE Y 243 37.42 71.94 -102.74
CA PHE Y 243 38.05 72.55 -101.57
C PHE Y 243 39.59 72.50 -101.73
N PRO Y 244 40.36 73.52 -101.26
CA PRO Y 244 41.84 73.44 -101.41
C PRO Y 244 42.46 72.27 -100.65
N ASP Y 245 43.69 71.91 -101.03
CA ASP Y 245 44.45 70.84 -100.39
C ASP Y 245 44.98 71.36 -99.03
N TYR Y 246 44.07 71.37 -98.04
CA TYR Y 246 44.30 71.85 -96.68
C TYR Y 246 45.45 71.11 -95.96
N GLU Y 247 45.63 69.80 -96.27
CA GLU Y 247 46.68 68.97 -95.70
C GLU Y 247 48.07 69.58 -95.96
N ARG Y 248 48.25 70.27 -97.11
CA ARG Y 248 49.49 70.93 -97.49
C ARG Y 248 49.81 72.19 -96.65
N VAL Y 249 48.79 72.81 -96.03
CA VAL Y 249 49.00 74.02 -95.22
C VAL Y 249 49.07 73.80 -93.70
N LEU Y 250 48.83 72.56 -93.24
CA LEU Y 250 48.92 72.22 -91.82
C LEU Y 250 50.41 72.22 -91.40
N PRO Y 251 50.82 73.04 -90.39
CA PRO Y 251 52.24 73.08 -89.99
C PRO Y 251 52.69 71.75 -89.38
N ARG Y 252 53.79 71.18 -89.90
CA ARG Y 252 54.27 69.87 -89.45
C ARG Y 252 55.47 69.87 -88.51
N GLY Y 253 56.48 70.68 -88.79
CA GLY Y 253 57.70 70.67 -87.99
C GLY Y 253 57.80 71.54 -86.74
N GLY Y 254 56.67 72.00 -86.21
CA GLY Y 254 56.62 72.88 -85.04
C GLY Y 254 57.48 72.43 -83.87
N ASP Y 255 58.58 73.15 -83.62
CA ASP Y 255 59.58 72.83 -82.59
C ASP Y 255 59.34 73.47 -81.21
N LYS Y 256 58.47 74.48 -81.14
CA LYS Y 256 58.21 75.18 -79.87
C LYS Y 256 56.86 74.80 -79.30
N LEU Y 257 56.86 73.95 -78.26
CA LEU Y 257 55.62 73.53 -77.60
C LEU Y 257 55.32 74.39 -76.37
N VAL Y 258 54.18 75.09 -76.41
CA VAL Y 258 53.72 75.97 -75.34
C VAL Y 258 52.44 75.38 -74.77
N VAL Y 259 52.40 75.22 -73.45
CA VAL Y 259 51.22 74.78 -72.73
C VAL Y 259 50.85 75.93 -71.81
N GLY Y 260 49.67 76.48 -72.00
CA GLY Y 260 49.16 77.60 -71.21
C GLY Y 260 47.75 77.38 -70.73
N ASP Y 261 47.33 78.20 -69.77
CA ASP Y 261 45.98 78.16 -69.24
C ASP Y 261 45.10 78.93 -70.22
N ARG Y 262 44.04 78.26 -70.74
CA ARG Y 262 43.10 78.83 -71.71
C ARG Y 262 42.49 80.15 -71.21
N GLN Y 263 41.97 80.18 -69.97
CA GLN Y 263 41.37 81.37 -69.36
C GLN Y 263 42.34 82.51 -69.18
N GLN Y 264 43.56 82.23 -68.66
CA GLN Y 264 44.59 83.25 -68.45
C GLN Y 264 44.99 83.91 -69.78
N LEU Y 265 45.18 83.08 -70.83
CA LEU Y 265 45.53 83.57 -72.15
C LEU Y 265 44.40 84.36 -72.75
N ARG Y 266 43.14 83.87 -72.64
CA ARG Y 266 41.97 84.58 -73.16
C ARG Y 266 41.78 85.94 -72.48
N GLU Y 267 41.95 86.00 -71.15
CA GLU Y 267 41.81 87.24 -70.38
C GLU Y 267 42.88 88.27 -70.75
N ALA Y 268 44.14 87.82 -70.87
CA ALA Y 268 45.27 88.68 -71.26
C ALA Y 268 45.12 89.17 -72.70
N PHE Y 269 44.69 88.29 -73.64
CA PHE Y 269 44.46 88.67 -75.04
C PHE Y 269 43.31 89.69 -75.12
N SER Y 270 42.21 89.48 -74.35
CA SER Y 270 41.06 90.41 -74.32
C SER Y 270 41.47 91.80 -73.79
N ARG Y 271 42.28 91.85 -72.70
CA ARG Y 271 42.74 93.11 -72.10
C ARG Y 271 43.62 93.89 -73.08
N THR Y 272 44.64 93.21 -73.67
CA THR Y 272 45.54 93.85 -74.62
C THR Y 272 44.85 94.30 -75.90
N ALA Y 273 43.84 93.52 -76.37
CA ALA Y 273 43.05 93.80 -77.58
C ALA Y 273 42.41 95.20 -77.56
N ILE Y 274 42.01 95.69 -76.37
CA ILE Y 274 41.42 97.03 -76.16
C ILE Y 274 42.31 98.13 -76.79
N LEU Y 275 43.63 98.00 -76.64
CA LEU Y 275 44.57 98.97 -77.16
C LEU Y 275 45.27 98.57 -78.46
N SER Y 276 44.76 97.54 -79.14
CA SER Y 276 45.28 97.13 -80.45
C SER Y 276 44.55 97.97 -81.52
N ASN Y 277 45.15 98.06 -82.73
CA ASN Y 277 44.57 98.76 -83.87
C ASN Y 277 43.15 98.19 -84.13
N GLU Y 278 42.13 99.06 -84.21
CA GLU Y 278 40.73 98.66 -84.39
C GLU Y 278 40.46 97.87 -85.69
N LYS Y 279 41.24 98.16 -86.74
CA LYS Y 279 41.13 97.50 -88.04
C LYS Y 279 42.05 96.28 -88.13
N TYR Y 280 43.36 96.46 -87.84
CA TYR Y 280 44.35 95.40 -87.99
C TYR Y 280 44.50 94.41 -86.83
N ARG Y 281 44.07 94.81 -85.62
CA ARG Y 281 44.01 93.96 -84.42
C ARG Y 281 45.30 93.21 -84.06
N GLY Y 282 46.44 93.79 -84.43
CA GLY Y 282 47.76 93.22 -84.23
C GLY Y 282 48.25 93.31 -82.80
N ILE Y 283 48.79 92.20 -82.32
CA ILE Y 283 49.45 92.09 -81.02
C ILE Y 283 50.80 91.45 -81.24
N ARG Y 284 51.75 91.74 -80.34
CA ARG Y 284 53.09 91.18 -80.40
C ARG Y 284 53.27 90.23 -79.23
N LEU Y 285 53.75 89.03 -79.54
CA LEU Y 285 54.03 87.97 -78.58
C LEU Y 285 55.54 87.82 -78.45
N GLN Y 286 56.02 87.74 -77.21
CA GLN Y 286 57.44 87.52 -76.92
C GLN Y 286 57.51 86.33 -76.01
N LEU Y 287 57.85 85.18 -76.60
CA LEU Y 287 57.96 83.91 -75.91
C LEU Y 287 59.40 83.66 -75.46
N SER Y 288 59.54 83.22 -74.21
CA SER Y 288 60.80 82.85 -73.55
C SER Y 288 60.47 81.80 -72.49
N ASN Y 289 61.50 81.20 -71.84
CA ASN Y 289 61.33 80.18 -70.80
C ASN Y 289 60.28 80.55 -69.74
N GLY Y 290 59.21 79.76 -69.69
CA GLY Y 290 58.08 79.90 -68.78
C GLY Y 290 57.28 81.19 -68.88
N LEU Y 291 57.51 82.00 -69.93
CA LEU Y 291 56.86 83.31 -70.03
C LEU Y 291 56.40 83.72 -71.41
N LEU Y 292 55.20 84.31 -71.47
CA LEU Y 292 54.64 84.90 -72.68
C LEU Y 292 54.32 86.37 -72.42
N LYS Y 293 55.07 87.27 -73.06
CA LYS Y 293 54.84 88.71 -72.95
C LYS Y 293 53.95 89.11 -74.13
N ILE Y 294 52.86 89.85 -73.83
CA ILE Y 294 51.91 90.31 -74.84
C ILE Y 294 51.91 91.84 -74.87
N GLN Y 295 52.03 92.41 -76.08
CA GLN Y 295 52.01 93.85 -76.26
C GLN Y 295 51.07 94.23 -77.41
N ALA Y 296 50.35 95.33 -77.22
CA ALA Y 296 49.46 95.89 -78.22
C ALA Y 296 49.53 97.41 -78.21
N ASN Y 297 49.53 98.02 -79.40
CA ASN Y 297 49.51 99.47 -79.55
C ASN Y 297 48.66 99.89 -80.74
N ASN Y 298 48.17 101.13 -80.70
CA ASN Y 298 47.28 101.66 -81.72
C ASN Y 298 47.84 102.96 -82.37
N PRO Y 299 47.20 103.55 -83.40
CA PRO Y 299 47.76 104.78 -84.01
C PRO Y 299 47.88 105.99 -83.07
N GLU Y 300 47.05 106.05 -82.00
CA GLU Y 300 47.07 107.13 -80.99
C GLU Y 300 48.23 106.96 -80.00
N GLN Y 301 49.08 105.93 -80.21
CA GLN Y 301 50.25 105.58 -79.39
C GLN Y 301 49.90 105.07 -77.98
N GLU Y 302 48.66 104.59 -77.81
CA GLU Y 302 48.18 103.97 -76.57
C GLU Y 302 48.75 102.56 -76.55
N GLU Y 303 49.16 102.06 -75.38
CA GLU Y 303 49.81 100.76 -75.28
C GLU Y 303 49.35 99.89 -74.12
N ALA Y 304 49.14 98.59 -74.40
CA ALA Y 304 48.77 97.58 -73.42
C ALA Y 304 49.86 96.50 -73.35
N GLU Y 305 50.22 96.10 -72.14
CA GLU Y 305 51.24 95.08 -71.89
C GLU Y 305 50.81 94.12 -70.81
N GLU Y 306 51.11 92.84 -71.01
CA GLU Y 306 50.81 91.78 -70.06
C GLU Y 306 51.81 90.62 -70.15
N GLU Y 307 52.06 89.98 -69.01
CA GLU Y 307 52.97 88.84 -68.91
C GLU Y 307 52.16 87.67 -68.39
N VAL Y 308 52.20 86.55 -69.12
CA VAL Y 308 51.48 85.32 -68.77
C VAL Y 308 52.48 84.18 -68.59
N GLN Y 309 52.37 83.47 -67.45
CA GLN Y 309 53.20 82.31 -67.17
C GLN Y 309 52.70 81.15 -68.03
N VAL Y 310 53.61 80.50 -68.76
CA VAL Y 310 53.31 79.37 -69.65
C VAL Y 310 54.31 78.23 -69.41
N GLU Y 311 53.97 77.00 -69.83
CA GLU Y 311 54.88 75.86 -69.74
C GLU Y 311 55.63 75.87 -71.07
N TYR Y 312 56.85 76.42 -71.05
CA TYR Y 312 57.71 76.52 -72.22
C TYR Y 312 59.19 76.52 -71.86
N ASN Y 313 59.96 75.67 -72.54
CA ASN Y 313 61.41 75.54 -72.41
C ASN Y 313 61.97 75.46 -73.84
N GLY Y 314 62.73 76.49 -74.21
CA GLY Y 314 63.33 76.58 -75.54
C GLY Y 314 63.81 77.97 -75.88
N GLY Y 315 64.13 78.15 -77.15
CA GLY Y 315 64.60 79.43 -77.69
C GLY Y 315 63.51 80.48 -77.73
N ASN Y 316 63.92 81.75 -77.74
CA ASN Y 316 63.02 82.89 -77.77
C ASN Y 316 62.31 83.02 -79.11
N LEU Y 317 61.12 83.62 -79.09
CA LEU Y 317 60.34 83.88 -80.28
C LEU Y 317 59.53 85.16 -80.14
N GLU Y 318 59.69 86.06 -81.12
CA GLU Y 318 58.91 87.29 -81.24
C GLU Y 318 58.02 87.07 -82.45
N ILE Y 319 56.69 87.10 -82.25
CA ILE Y 319 55.72 86.82 -83.32
C ILE Y 319 54.47 87.71 -83.21
N GLY Y 320 53.98 88.16 -84.37
CA GLY Y 320 52.79 88.99 -84.46
C GLY Y 320 51.56 88.21 -84.84
N PHE Y 321 50.41 88.53 -84.24
CA PHE Y 321 49.16 87.85 -84.54
C PHE Y 321 47.99 88.80 -84.47
N ASN Y 322 46.92 88.48 -85.20
CA ASN Y 322 45.66 89.17 -85.13
C ASN Y 322 45.03 88.56 -83.86
N VAL Y 323 44.81 89.42 -82.82
CA VAL Y 323 44.27 89.02 -81.52
C VAL Y 323 42.85 88.40 -81.60
N SER Y 324 42.02 88.89 -82.52
CA SER Y 324 40.68 88.37 -82.74
C SER Y 324 40.75 86.90 -83.24
N TYR Y 325 41.74 86.57 -84.10
CA TYR Y 325 41.95 85.19 -84.59
C TYR Y 325 42.35 84.26 -83.44
N LEU Y 326 43.16 84.75 -82.49
CA LEU Y 326 43.58 83.96 -81.32
C LEU Y 326 42.41 83.78 -80.36
N LEU Y 327 41.62 84.85 -80.13
CA LEU Y 327 40.44 84.79 -79.26
C LEU Y 327 39.38 83.84 -79.82
N ASP Y 328 39.24 83.82 -81.16
CA ASP Y 328 38.31 82.90 -81.85
C ASP Y 328 38.66 81.44 -81.55
N VAL Y 329 39.97 81.10 -81.60
CA VAL Y 329 40.47 79.76 -81.32
C VAL Y 329 40.23 79.40 -79.85
N LEU Y 330 40.62 80.30 -78.93
CA LEU Y 330 40.47 80.06 -77.50
C LEU Y 330 39.01 79.85 -77.08
N GLY Y 331 38.09 80.51 -77.79
CA GLY Y 331 36.65 80.42 -77.57
C GLY Y 331 36.05 79.07 -77.88
N VAL Y 332 36.78 78.23 -78.65
CA VAL Y 332 36.33 76.87 -79.00
C VAL Y 332 37.14 75.74 -78.29
N ILE Y 333 38.22 76.09 -77.57
CA ILE Y 333 39.02 75.11 -76.83
C ILE Y 333 38.20 74.73 -75.57
N GLY Y 334 37.87 73.45 -75.45
CA GLY Y 334 37.06 72.92 -74.35
C GLY Y 334 37.82 72.48 -73.12
N THR Y 335 39.15 72.37 -73.22
CA THR Y 335 40.02 72.00 -72.10
C THR Y 335 40.55 73.26 -71.38
N GLU Y 336 40.86 73.08 -70.11
CA GLU Y 336 41.42 74.07 -69.20
C GLU Y 336 42.79 74.56 -69.70
N GLN Y 337 43.59 73.63 -70.25
CA GLN Y 337 44.89 73.94 -70.83
C GLN Y 337 44.79 73.94 -72.35
N VAL Y 338 45.68 74.71 -72.98
CA VAL Y 338 45.73 74.84 -74.42
C VAL Y 338 47.18 74.68 -74.89
N ARG Y 339 47.37 73.93 -75.98
CA ARG Y 339 48.68 73.71 -76.59
C ARG Y 339 48.85 74.58 -77.81
N PHE Y 340 49.96 75.33 -77.86
CA PHE Y 340 50.36 76.15 -79.00
C PHE Y 340 51.67 75.52 -79.50
N ILE Y 341 51.73 75.22 -80.79
CA ILE Y 341 52.91 74.64 -81.42
C ILE Y 341 53.37 75.64 -82.45
N LEU Y 342 54.54 76.25 -82.20
CA LEU Y 342 55.10 77.30 -83.04
C LEU Y 342 56.47 76.90 -83.57
N SER Y 343 56.99 77.70 -84.52
CA SER Y 343 58.31 77.51 -85.09
C SER Y 343 59.01 78.86 -85.18
N ASP Y 344 58.80 79.63 -86.26
CA ASP Y 344 59.42 80.95 -86.43
C ASP Y 344 58.37 82.07 -86.59
N SER Y 345 58.82 83.34 -86.65
CA SER Y 345 57.98 84.54 -86.76
C SER Y 345 57.15 84.64 -88.05
N ASN Y 346 57.56 83.91 -89.11
CA ASN Y 346 56.87 83.94 -90.41
C ASN Y 346 55.94 82.74 -90.62
N SER Y 347 55.94 81.79 -89.67
CA SER Y 347 55.15 80.57 -89.76
C SER Y 347 53.96 80.52 -88.82
N SER Y 348 52.96 79.73 -89.24
CA SER Y 348 51.69 79.50 -88.54
CA SER Y 348 51.70 79.57 -88.51
C SER Y 348 51.83 78.92 -87.14
N ALA Y 349 50.83 79.21 -86.29
CA ALA Y 349 50.71 78.65 -84.96
C ALA Y 349 49.75 77.48 -85.15
N LEU Y 350 50.03 76.35 -84.51
CA LEU Y 350 49.15 75.19 -84.51
C LEU Y 350 48.60 75.12 -83.09
N VAL Y 351 47.27 75.02 -82.96
CA VAL Y 351 46.61 75.01 -81.67
C VAL Y 351 45.75 73.76 -81.49
N HIS Y 352 45.83 73.16 -80.31
CA HIS Y 352 45.07 71.96 -79.94
C HIS Y 352 44.56 72.10 -78.51
N GLU Y 353 43.61 71.22 -78.16
CA GLU Y 353 43.14 71.04 -76.79
C GLU Y 353 44.29 70.31 -76.07
N ALA Y 354 44.30 70.34 -74.73
CA ALA Y 354 45.37 69.75 -73.92
C ALA Y 354 45.56 68.24 -74.09
N ASP Y 355 44.47 67.46 -74.15
CA ASP Y 355 44.50 66.00 -74.12
C ASP Y 355 44.25 65.23 -75.42
N ASN Y 356 44.02 65.93 -76.54
CA ASN Y 356 43.74 65.26 -77.82
C ASN Y 356 44.09 66.12 -79.04
N ASP Y 357 44.23 65.48 -80.21
CA ASP Y 357 44.53 66.12 -81.50
C ASP Y 357 43.30 66.16 -82.44
N ASP Y 358 42.09 65.77 -81.94
CA ASP Y 358 40.84 65.75 -82.72
C ASP Y 358 40.52 67.12 -83.34
N SER Y 359 40.77 68.22 -82.60
CA SER Y 359 40.60 69.58 -83.09
C SER Y 359 41.99 70.15 -83.36
N ALA Y 360 42.12 70.88 -84.48
CA ALA Y 360 43.38 71.52 -84.87
C ALA Y 360 43.06 72.90 -85.47
N TYR Y 361 43.79 73.91 -85.01
CA TYR Y 361 43.61 75.29 -85.44
C TYR Y 361 44.90 75.86 -85.91
N VAL Y 362 44.87 76.45 -87.10
CA VAL Y 362 46.05 77.03 -87.73
C VAL Y 362 45.85 78.53 -87.89
N VAL Y 363 46.79 79.34 -87.40
CA VAL Y 363 46.70 80.79 -87.50
C VAL Y 363 47.98 81.32 -88.13
N MET Y 364 47.87 81.94 -89.31
CA MET Y 364 49.02 82.58 -89.94
C MET Y 364 49.37 83.84 -89.16
N PRO Y 365 50.68 84.12 -88.94
CA PRO Y 365 51.04 85.34 -88.21
C PRO Y 365 50.92 86.63 -89.05
N MET Y 366 51.24 87.76 -88.41
CA MET Y 366 51.29 89.09 -89.02
C MET Y 366 52.74 89.55 -88.99
N ARG Y 367 53.16 90.32 -90.01
CA ARG Y 367 54.51 90.87 -90.06
C ARG Y 367 54.59 92.01 -89.04
N LEU Y 368 55.59 91.94 -88.15
CA LEU Y 368 55.86 92.92 -87.09
C LEU Y 368 56.68 94.07 -87.66
N GLN Z 2 49.12 90.92 -92.05
CA GLN Z 2 48.58 89.56 -92.10
C GLN Z 2 49.11 88.71 -93.26
N ASP Z 4 49.25 84.88 -95.50
CA ASP Z 4 48.30 83.92 -96.07
C ASP Z 4 48.71 82.48 -95.97
N LEU Z 5 47.72 81.58 -95.84
CA LEU Z 5 47.90 80.12 -95.76
C LEU Z 5 48.36 79.54 -97.10
N HIS AA 1 50.39 115.36 -62.22
CA HIS AA 1 50.86 114.81 -60.94
C HIS AA 1 49.80 113.96 -60.20
N MET AA 2 48.56 113.94 -60.72
CA MET AA 2 47.42 113.18 -60.19
C MET AA 2 47.77 111.69 -60.09
N HIS AA 3 47.46 111.07 -58.94
CA HIS AA 3 47.75 109.68 -58.67
C HIS AA 3 46.85 109.14 -57.57
N PHE AA 4 46.28 107.94 -57.80
CA PHE AA 4 45.43 107.26 -56.84
C PHE AA 4 45.37 105.75 -57.07
N THR AA 5 44.93 105.02 -56.04
CA THR AA 5 44.68 103.58 -56.08
C THR AA 5 43.20 103.37 -55.79
N ILE AA 6 42.59 102.38 -56.45
CA ILE AA 6 41.17 102.07 -56.34
C ILE AA 6 40.90 100.59 -56.68
N GLN AA 7 39.96 99.96 -55.96
CA GLN AA 7 39.55 98.58 -56.24
C GLN AA 7 38.73 98.60 -57.53
N ARG AA 8 38.89 97.54 -58.34
CA ARG AA 8 38.18 97.38 -59.63
C ARG AA 8 36.69 97.75 -59.56
N GLU AA 9 35.95 97.14 -58.63
CA GLU AA 9 34.51 97.30 -58.43
C GLU AA 9 34.12 98.71 -58.00
N ALA AA 10 34.96 99.36 -57.15
CA ALA AA 10 34.73 100.73 -56.67
C ALA AA 10 34.82 101.74 -57.81
N LEU AA 11 35.73 101.51 -58.78
CA LEU AA 11 35.91 102.37 -59.95
C LEU AA 11 34.84 102.07 -60.98
N LEU AA 12 34.57 100.77 -61.22
CA LEU AA 12 33.61 100.30 -62.22
C LEU AA 12 32.19 100.86 -62.05
N LYS AA 13 31.64 100.87 -60.82
CA LYS AA 13 30.28 101.37 -60.56
C LYS AA 13 30.06 102.82 -61.06
N PRO AA 14 30.79 103.89 -60.58
CA PRO AA 14 30.57 105.23 -61.15
C PRO AA 14 31.00 105.36 -62.60
N LEU AA 15 32.06 104.64 -63.02
CA LEU AA 15 32.56 104.67 -64.40
C LEU AA 15 31.50 104.19 -65.39
N GLN AA 16 30.78 103.08 -65.07
CA GLN AA 16 29.72 102.56 -65.93
C GLN AA 16 28.55 103.54 -66.03
N LEU AA 17 28.18 104.20 -64.91
CA LEU AA 17 27.09 105.18 -64.88
C LEU AA 17 27.41 106.37 -65.75
N VAL AA 18 28.58 106.98 -65.51
CA VAL AA 18 29.12 108.14 -66.21
C VAL AA 18 29.33 107.89 -67.71
N ALA AA 19 29.86 106.71 -68.09
CA ALA AA 19 30.10 106.33 -69.49
C ALA AA 19 28.80 106.21 -70.29
N GLY AA 20 27.70 105.91 -69.60
CA GLY AA 20 26.38 105.80 -70.19
C GLY AA 20 25.85 107.08 -70.81
N VAL AA 21 26.31 108.26 -70.31
CA VAL AA 21 25.90 109.56 -70.86
C VAL AA 21 26.87 110.03 -71.96
N VAL AA 22 28.06 109.40 -72.04
CA VAL AA 22 29.11 109.68 -73.01
C VAL AA 22 28.71 109.04 -74.35
N GLU AA 23 28.50 109.87 -75.38
CA GLU AA 23 28.11 109.41 -76.72
C GLU AA 23 28.95 110.08 -77.81
N GLN AA 26 30.66 111.61 -80.97
CA GLN AA 26 30.82 112.94 -80.42
C GLN AA 26 31.51 113.90 -81.39
N THR AA 27 31.06 115.17 -81.41
CA THR AA 27 31.63 116.22 -82.27
C THR AA 27 32.95 116.68 -81.66
N LEU AA 28 32.89 117.28 -80.44
CA LEU AA 28 34.05 117.74 -79.70
C LEU AA 28 34.77 116.50 -79.11
N PRO AA 29 36.11 116.34 -79.27
CA PRO AA 29 36.78 115.12 -78.78
C PRO AA 29 36.71 114.90 -77.27
N VAL AA 30 36.74 115.98 -76.48
CA VAL AA 30 36.68 115.92 -75.01
C VAL AA 30 35.36 115.29 -74.49
N LEU AA 31 34.27 115.41 -75.28
CA LEU AA 31 32.95 114.86 -75.00
C LEU AA 31 32.94 113.33 -74.92
N SER AA 32 33.91 112.66 -75.55
CA SER AA 32 34.08 111.19 -75.53
C SER AA 32 34.83 110.76 -74.26
N ASN AA 33 35.38 111.74 -73.52
CA ASN AA 33 36.18 111.52 -72.33
C ASN AA 33 35.45 111.66 -71.02
N VAL AA 34 35.95 110.95 -70.00
CA VAL AA 34 35.49 111.06 -68.63
C VAL AA 34 36.46 112.02 -67.90
N LEU AA 35 35.92 113.03 -67.18
CA LEU AA 35 36.73 113.94 -66.40
C LEU AA 35 37.01 113.24 -65.05
N LEU AA 36 38.29 113.08 -64.72
CA LEU AA 36 38.77 112.49 -63.46
C LEU AA 36 39.34 113.62 -62.61
N VAL AA 37 38.79 113.83 -61.40
CA VAL AA 37 39.25 114.89 -60.49
C VAL AA 37 39.55 114.26 -59.13
N VAL AA 38 40.80 114.42 -58.65
CA VAL AA 38 41.19 113.97 -57.32
C VAL AA 38 41.36 115.23 -56.45
N GLU AA 39 40.54 115.36 -55.42
CA GLU AA 39 40.59 116.47 -54.46
C GLU AA 39 40.55 115.80 -53.10
N GLY AA 40 41.68 115.89 -52.39
CA GLY AA 40 41.87 115.22 -51.10
C GLY AA 40 41.74 113.72 -51.28
N GLN AA 41 40.87 113.08 -50.47
CA GLN AA 41 40.62 111.64 -50.55
C GLN AA 41 39.34 111.29 -51.35
N GLN AA 42 38.98 112.17 -52.30
CA GLN AA 42 37.82 111.95 -53.15
C GLN AA 42 38.15 111.98 -54.64
N LEU AA 43 37.65 110.98 -55.36
CA LEU AA 43 37.71 110.89 -56.81
C LEU AA 43 36.33 111.21 -57.34
N SER AA 44 36.26 112.15 -58.29
CA SER AA 44 35.02 112.50 -58.97
C SER AA 44 35.17 112.11 -60.43
N LEU AA 45 34.13 111.50 -61.00
CA LEU AA 45 34.11 111.06 -62.41
C LEU AA 45 32.96 111.79 -63.07
N THR AA 46 33.24 112.54 -64.15
CA THR AA 46 32.22 113.31 -64.84
C THR AA 46 32.12 112.96 -66.31
N GLY AA 47 30.89 112.75 -66.76
CA GLY AA 47 30.53 112.49 -68.15
C GLY AA 47 29.45 113.46 -68.55
N THR AA 48 29.49 113.93 -69.81
CA THR AA 48 28.52 114.88 -70.35
C THR AA 48 28.33 114.75 -71.86
N ASP AA 49 27.17 115.19 -72.36
CA ASP AA 49 26.83 115.28 -73.79
C ASP AA 49 26.38 116.73 -74.07
N LEU AA 50 26.63 117.62 -73.08
CA LEU AA 50 26.28 119.05 -73.02
C LEU AA 50 24.82 119.33 -72.61
N GLU AA 51 23.94 118.33 -72.71
CA GLU AA 51 22.53 118.41 -72.30
C GLU AA 51 22.44 117.88 -70.87
N VAL AA 52 23.02 116.69 -70.62
CA VAL AA 52 23.07 116.06 -69.32
C VAL AA 52 24.50 115.94 -68.85
N GLU AA 53 24.69 116.00 -67.53
CA GLU AA 53 25.98 115.83 -66.87
C GLU AA 53 25.78 114.88 -65.72
N LEU AA 54 26.62 113.84 -65.67
CA LEU AA 54 26.57 112.87 -64.60
C LEU AA 54 27.89 112.85 -63.88
N VAL AA 55 27.83 112.96 -62.54
CA VAL AA 55 29.00 112.98 -61.65
C VAL AA 55 28.91 111.81 -60.67
N GLY AA 56 29.94 110.97 -60.65
CA GLY AA 56 30.08 109.86 -59.73
C GLY AA 56 31.20 110.17 -58.75
N ARG AA 57 31.03 109.82 -57.47
CA ARG AA 57 32.03 110.08 -56.44
C ARG AA 57 32.44 108.80 -55.73
N VAL AA 58 33.75 108.68 -55.44
CA VAL AA 58 34.34 107.56 -54.71
C VAL AA 58 35.30 108.11 -53.65
N VAL AA 59 35.24 107.54 -52.45
CA VAL AA 59 36.15 107.88 -51.35
C VAL AA 59 37.39 107.01 -51.57
N LEU AA 60 38.58 107.64 -51.64
CA LEU AA 60 39.85 106.94 -51.85
C LEU AA 60 40.46 106.56 -50.50
N GLU AA 61 40.79 105.26 -50.32
CA GLU AA 61 41.36 104.73 -49.07
C GLU AA 61 42.84 105.08 -48.89
N ASP AA 62 43.73 104.65 -49.83
CA ASP AA 62 45.16 104.93 -49.73
C ASP AA 62 45.47 106.36 -50.14
N ALA AA 63 46.67 106.87 -49.78
CA ALA AA 63 47.12 108.23 -50.08
C ALA AA 63 47.03 108.55 -51.58
N ALA AA 64 46.37 109.68 -51.90
CA ALA AA 64 46.15 110.13 -53.27
C ALA AA 64 46.72 111.53 -53.50
N GLU AA 65 47.28 111.75 -54.70
CA GLU AA 65 47.83 113.05 -55.09
C GLU AA 65 46.82 113.78 -55.97
N PRO AA 66 46.54 115.07 -55.68
CA PRO AA 66 45.50 115.77 -56.42
C PRO AA 66 45.81 116.09 -57.87
N GLY AA 67 44.75 116.37 -58.61
CA GLY AA 67 44.82 116.73 -60.01
C GLY AA 67 43.57 116.42 -60.78
N GLU AA 68 43.60 116.78 -62.05
CA GLU AA 68 42.49 116.58 -62.97
C GLU AA 68 42.97 116.27 -64.37
N ILE AA 69 42.24 115.39 -65.05
CA ILE AA 69 42.54 114.94 -66.40
C ILE AA 69 41.28 114.34 -67.03
N THR AA 70 41.26 114.22 -68.35
CA THR AA 70 40.18 113.56 -69.08
C THR AA 70 40.80 112.41 -69.85
N VAL AA 71 40.10 111.28 -69.94
CA VAL AA 71 40.55 110.06 -70.63
C VAL AA 71 39.38 109.44 -71.40
N PRO AA 72 39.63 108.65 -72.50
CA PRO AA 72 38.51 108.01 -73.22
C PRO AA 72 37.66 107.17 -72.26
N ALA AA 73 36.38 107.55 -72.09
CA ALA AA 73 35.46 106.91 -71.14
C ALA AA 73 35.18 105.43 -71.40
N ARG AA 74 34.84 105.05 -72.65
CA ARG AA 74 34.56 103.66 -73.04
C ARG AA 74 35.81 102.78 -72.86
N LYS AA 75 36.99 103.27 -73.31
CA LYS AA 75 38.25 102.54 -73.16
C LYS AA 75 38.59 102.25 -71.69
N LEU AA 76 38.52 103.28 -70.81
CA LEU AA 76 38.80 103.10 -69.39
C LEU AA 76 37.80 102.13 -68.73
N MET AA 77 36.50 102.24 -69.07
CA MET AA 77 35.46 101.33 -68.58
C MET AA 77 35.73 99.89 -69.03
N ASP AA 78 36.06 99.67 -70.32
CA ASP AA 78 36.37 98.35 -70.88
C ASP AA 78 37.59 97.72 -70.23
N ILE AA 79 38.63 98.53 -69.95
CA ILE AA 79 39.85 98.08 -69.26
C ILE AA 79 39.47 97.63 -67.84
N CYS AA 80 38.71 98.48 -67.12
CA CYS AA 80 38.23 98.23 -65.77
C CYS AA 80 37.41 96.93 -65.70
N LYS AA 81 36.42 96.76 -66.61
CA LYS AA 81 35.58 95.56 -66.69
C LYS AA 81 36.37 94.28 -66.97
N SER AA 82 37.38 94.37 -67.86
CA SER AA 82 38.24 93.25 -68.27
C SER AA 82 39.28 92.82 -67.22
N LEU AA 83 39.56 93.66 -66.22
CA LEU AA 83 40.53 93.35 -65.18
C LEU AA 83 40.02 92.25 -64.22
N PRO AA 84 40.92 91.46 -63.58
CA PRO AA 84 40.44 90.40 -62.66
C PRO AA 84 39.64 90.97 -61.48
N ASN AA 85 38.60 90.23 -61.04
CA ASN AA 85 37.74 90.62 -59.93
C ASN AA 85 38.54 90.97 -58.68
N ASP AA 86 38.20 92.12 -58.07
CA ASP AA 86 38.79 92.65 -56.83
C ASP AA 86 40.24 93.15 -56.87
N VAL AA 87 40.81 93.34 -58.07
CA VAL AA 87 42.19 93.84 -58.22
C VAL AA 87 42.30 95.33 -57.82
N LEU AA 88 43.47 95.72 -57.27
CA LEU AA 88 43.74 97.11 -56.93
C LEU AA 88 44.34 97.77 -58.18
N ILE AA 89 43.74 98.88 -58.62
CA ILE AA 89 44.20 99.60 -59.81
C ILE AA 89 44.98 100.85 -59.40
N ASP AA 90 46.21 101.00 -59.93
CA ASP AA 90 47.02 102.19 -59.71
C ASP AA 90 46.87 103.06 -60.95
N ILE AA 91 46.41 104.31 -60.76
CA ILE AA 91 46.20 105.27 -61.83
C ILE AA 91 47.02 106.54 -61.60
N ARG AA 92 47.82 106.94 -62.60
CA ARG AA 92 48.61 108.16 -62.52
C ARG AA 92 48.74 108.87 -63.87
N VAL AA 93 48.96 110.19 -63.83
CA VAL AA 93 49.15 111.01 -65.02
C VAL AA 93 50.65 111.23 -65.18
N GLU AA 94 51.19 110.89 -66.36
CA GLU AA 94 52.61 111.03 -66.65
C GLU AA 94 52.80 111.49 -68.10
N GLU AA 95 53.29 112.74 -68.28
CA GLU AA 95 53.55 113.38 -69.58
C GLU AA 95 52.36 113.33 -70.52
N GLN AA 96 51.19 113.85 -70.09
CA GLN AA 96 49.92 113.88 -70.85
C GLN AA 96 49.35 112.48 -71.21
N LYS AA 97 49.73 111.45 -70.44
CA LYS AA 97 49.25 110.08 -70.64
C LYS AA 97 48.75 109.51 -69.33
N LEU AA 98 47.69 108.69 -69.40
CA LEU AA 98 47.17 108.02 -68.21
C LEU AA 98 47.79 106.64 -68.11
N LEU AA 99 48.48 106.38 -67.00
CA LEU AA 99 49.16 105.12 -66.72
C LEU AA 99 48.29 104.31 -65.77
N VAL AA 100 47.86 103.14 -66.24
CA VAL AA 100 46.99 102.22 -65.49
C VAL AA 100 47.78 100.93 -65.22
N LYS AA 101 47.90 100.56 -63.94
CA LYS AA 101 48.60 99.35 -63.51
C LYS AA 101 47.68 98.53 -62.60
N ALA AA 102 47.55 97.24 -62.89
CA ALA AA 102 46.73 96.33 -62.11
C ALA AA 102 47.27 94.92 -62.28
N GLY AA 103 47.87 94.40 -61.22
CA GLY AA 103 48.52 93.09 -61.24
C GLY AA 103 49.66 93.09 -62.23
N ARG AA 104 49.61 92.16 -63.19
CA ARG AA 104 50.61 92.04 -64.24
C ARG AA 104 50.21 92.78 -65.54
N SER AA 105 49.13 93.59 -65.47
CA SER AA 105 48.61 94.36 -66.60
C SER AA 105 49.01 95.83 -66.52
N ARG AA 106 49.41 96.39 -67.67
CA ARG AA 106 49.82 97.80 -67.80
C ARG AA 106 49.11 98.38 -69.02
N PHE AA 107 48.58 99.60 -68.87
CA PHE AA 107 47.88 100.33 -69.92
C PHE AA 107 48.31 101.79 -69.94
N THR AA 108 48.49 102.33 -71.15
CA THR AA 108 48.81 103.74 -71.37
C THR AA 108 47.71 104.31 -72.25
N LEU AA 109 46.96 105.29 -71.73
CA LEU AA 109 45.86 105.95 -72.45
C LEU AA 109 46.20 107.38 -72.80
N SER AA 110 45.68 107.86 -73.94
CA SER AA 110 45.85 109.24 -74.36
C SER AA 110 44.92 110.10 -73.49
N THR AA 111 45.28 111.37 -73.30
CA THR AA 111 44.45 112.26 -72.47
C THR AA 111 44.13 113.56 -73.21
N LEU AA 112 43.15 114.31 -72.67
CA LEU AA 112 42.82 115.66 -73.11
C LEU AA 112 42.76 116.53 -71.85
N PRO AA 113 43.29 117.78 -71.89
CA PRO AA 113 43.29 118.62 -70.69
C PRO AA 113 41.92 118.81 -70.03
N ALA AA 114 41.90 118.76 -68.70
CA ALA AA 114 40.69 118.94 -67.90
C ALA AA 114 40.11 120.36 -68.02
N ASN AA 115 40.97 121.37 -68.34
CA ASN AA 115 40.51 122.75 -68.54
C ASN AA 115 39.60 122.90 -69.77
N ASP AA 116 39.66 121.92 -70.70
CA ASP AA 116 38.86 121.85 -71.93
C ASP AA 116 37.54 121.12 -71.73
N PHE AA 117 37.34 120.52 -70.53
CA PHE AA 117 36.10 119.82 -70.20
C PHE AA 117 34.98 120.83 -69.86
N PRO AA 118 33.80 120.70 -70.52
CA PRO AA 118 32.70 121.66 -70.28
C PRO AA 118 31.82 121.35 -69.06
N THR AA 119 30.76 122.12 -68.85
CA THR AA 119 29.80 121.83 -67.78
C THR AA 119 28.36 122.16 -68.22
N VAL AA 120 27.35 121.51 -67.59
CA VAL AA 120 25.94 121.83 -67.81
C VAL AA 120 25.66 123.07 -66.93
N GLU AA 121 26.63 123.37 -66.05
CA GLU AA 121 26.66 124.49 -65.13
C GLU AA 121 25.54 124.34 -64.12
N GLU AA 122 24.78 125.41 -63.84
CA GLU AA 122 23.76 125.39 -62.81
C GLU AA 122 23.43 126.79 -62.41
N GLY AA 123 22.16 127.12 -62.51
CA GLY AA 123 21.66 128.40 -62.06
C GLY AA 123 21.11 128.30 -60.65
N PRO AA 124 20.62 129.42 -60.07
CA PRO AA 124 20.04 129.34 -58.72
C PRO AA 124 18.78 128.47 -58.68
N GLY AA 125 18.62 127.70 -57.61
CA GLY AA 125 17.45 126.86 -57.43
C GLY AA 125 16.23 127.70 -57.08
N SER AA 126 15.08 127.42 -57.71
CA SER AA 126 13.81 128.11 -57.41
C SER AA 126 13.09 127.26 -56.35
N LEU AA 127 13.26 125.93 -56.46
CA LEU AA 127 12.65 124.96 -55.57
C LEU AA 127 13.59 123.78 -55.33
N ASN AA 128 13.64 123.31 -54.09
CA ASN AA 128 14.43 122.13 -53.73
C ASN AA 128 13.75 121.28 -52.69
N PHE AA 129 13.66 119.97 -52.97
CA PHE AA 129 12.98 119.00 -52.11
C PHE AA 129 13.64 117.62 -52.21
N SER AA 130 13.33 116.76 -51.24
CA SER AA 130 13.82 115.37 -51.21
C SER AA 130 12.63 114.44 -51.49
N ILE AA 131 12.87 113.34 -52.20
CA ILE AA 131 11.84 112.36 -52.55
C ILE AA 131 12.42 110.94 -52.67
N ALA AA 132 11.61 109.91 -52.37
CA ALA AA 132 12.00 108.51 -52.51
C ALA AA 132 12.30 108.25 -53.98
N GLN AA 133 13.43 107.56 -54.28
CA GLN AA 133 13.86 107.23 -55.65
C GLN AA 133 12.79 106.43 -56.38
N SER AA 134 12.16 105.51 -55.64
CA SER AA 134 11.07 104.63 -56.05
C SER AA 134 9.83 105.41 -56.56
N LYS AA 135 9.46 106.50 -55.85
CA LYS AA 135 8.33 107.36 -56.20
C LYS AA 135 8.63 108.18 -57.46
N LEU AA 136 9.86 108.72 -57.59
CA LEU AA 136 10.25 109.49 -58.77
C LEU AA 136 10.36 108.59 -59.99
N ARG AA 137 10.96 107.38 -59.84
CA ARG AA 137 11.09 106.40 -60.93
C ARG AA 137 9.71 105.97 -61.45
N ARG AA 138 8.74 105.77 -60.54
CA ARG AA 138 7.35 105.43 -60.85
C ARG AA 138 6.73 106.52 -61.74
N LEU AA 139 6.89 107.82 -61.38
CA LEU AA 139 6.36 108.95 -62.15
C LEU AA 139 6.89 108.95 -63.59
N ILE AA 140 8.20 108.67 -63.77
CA ILE AA 140 8.85 108.62 -65.06
C ILE AA 140 8.41 107.39 -65.85
N ASP AA 141 8.56 106.18 -65.25
CA ASP AA 141 8.23 104.90 -65.90
C ASP AA 141 6.75 104.73 -66.26
N ARG AA 142 5.84 105.34 -65.47
CA ARG AA 142 4.41 105.25 -65.78
C ARG AA 142 4.01 106.17 -66.94
N THR AA 143 4.89 107.11 -67.36
CA THR AA 143 4.53 108.09 -68.39
C THR AA 143 5.46 108.26 -69.58
N SER AA 144 6.74 107.85 -69.47
CA SER AA 144 7.79 108.07 -70.48
C SER AA 144 7.53 107.67 -71.91
N PHE AA 145 6.74 106.58 -72.11
CA PHE AA 145 6.37 106.09 -73.44
C PHE AA 145 5.57 107.13 -74.26
N ALA AA 146 4.86 108.07 -73.58
CA ALA AA 146 4.01 109.05 -74.25
C ALA AA 146 4.72 110.29 -74.76
N MET AA 147 6.02 110.50 -74.38
CA MET AA 147 6.79 111.66 -74.85
C MET AA 147 6.96 111.61 -76.35
N ALA AA 148 7.00 112.78 -76.99
CA ALA AA 148 7.27 112.85 -78.41
C ALA AA 148 8.76 112.67 -78.64
N GLN AA 149 9.15 112.32 -79.86
CA GLN AA 149 10.52 112.15 -80.30
C GLN AA 149 10.68 112.94 -81.58
N GLN AA 150 11.58 113.95 -81.57
CA GLN AA 150 11.89 114.83 -82.71
C GLN AA 150 10.66 115.56 -83.33
N ASP AA 151 9.61 115.82 -82.52
CA ASP AA 151 8.43 116.55 -82.97
C ASP AA 151 8.85 118.01 -83.19
N VAL AA 152 8.26 118.66 -84.19
CA VAL AA 152 8.51 120.07 -84.51
C VAL AA 152 8.13 120.97 -83.30
N ARG AA 153 7.13 120.53 -82.51
CA ARG AA 153 6.71 121.17 -81.26
C ARG AA 153 7.72 120.62 -80.24
N TYR AA 154 8.90 121.27 -80.18
CA TYR AA 154 10.06 120.90 -79.37
C TYR AA 154 9.78 120.66 -77.88
N TYR AA 155 8.79 121.40 -77.32
CA TYR AA 155 8.37 121.33 -75.92
C TYR AA 155 7.70 119.99 -75.56
N LEU AA 156 7.36 119.17 -76.57
CA LEU AA 156 6.76 117.84 -76.39
C LEU AA 156 7.82 116.74 -76.33
N ASN AA 157 9.07 117.04 -76.78
CA ASN AA 157 10.18 116.09 -76.79
C ASN AA 157 10.83 115.99 -75.41
N GLY AA 158 10.00 115.68 -74.44
CA GLY AA 158 10.39 115.56 -73.04
C GLY AA 158 9.22 115.37 -72.10
N MET AA 159 9.50 115.50 -70.81
CA MET AA 159 8.51 115.29 -69.77
C MET AA 159 8.30 116.51 -68.91
N LEU AA 160 7.03 116.84 -68.66
CA LEU AA 160 6.68 117.89 -67.73
C LEU AA 160 6.77 117.30 -66.32
N LEU AA 161 7.46 118.01 -65.43
CA LEU AA 161 7.53 117.71 -64.00
C LEU AA 161 6.93 118.94 -63.35
N GLU AA 162 5.81 118.74 -62.63
CA GLU AA 162 5.05 119.83 -62.05
C GLU AA 162 4.83 119.67 -60.55
N VAL AA 163 5.10 120.74 -59.78
CA VAL AA 163 4.83 120.77 -58.35
C VAL AA 163 3.66 121.73 -58.16
N ASN AA 164 2.58 121.24 -57.55
CA ASN AA 164 1.37 122.03 -57.34
C ASN AA 164 0.64 121.54 -56.09
N GLY AA 165 0.46 122.47 -55.13
CA GLY AA 165 -0.17 122.19 -53.85
C GLY AA 165 0.80 121.58 -52.86
N GLY AA 166 1.32 120.42 -53.25
CA GLY AA 166 2.28 119.60 -52.52
C GLY AA 166 2.54 118.34 -53.34
N THR AA 167 1.74 118.17 -54.41
CA THR AA 167 1.78 117.05 -55.34
C THR AA 167 2.88 117.24 -56.40
N LEU AA 168 3.58 116.14 -56.71
CA LEU AA 168 4.55 116.07 -57.79
C LEU AA 168 3.86 115.27 -58.88
N ARG AA 169 3.85 115.83 -60.10
CA ARG AA 169 3.18 115.23 -61.23
C ARG AA 169 4.08 115.21 -62.46
N SER AA 170 4.00 114.10 -63.21
CA SER AA 170 4.69 113.95 -64.48
C SER AA 170 3.62 113.93 -65.57
N VAL AA 171 3.89 114.65 -66.69
CA VAL AA 171 3.00 114.67 -67.85
C VAL AA 171 3.87 114.50 -69.10
N ALA AA 172 3.49 113.56 -69.98
CA ALA AA 172 4.16 113.28 -71.25
C ALA AA 172 3.08 113.17 -72.31
N THR AA 173 3.35 113.77 -73.49
CA THR AA 173 2.42 113.76 -74.62
C THR AA 173 3.14 113.96 -75.96
N ASP AA 174 2.56 113.38 -77.02
CA ASP AA 174 3.08 113.52 -78.37
C ASP AA 174 2.03 114.15 -79.30
N GLY AA 175 0.92 114.62 -78.70
CA GLY AA 175 -0.19 115.24 -79.43
C GLY AA 175 -1.30 114.27 -79.78
N HIS AA 176 -1.02 112.96 -79.77
CA HIS AA 176 -2.01 111.92 -80.07
C HIS AA 176 -2.48 111.26 -78.79
N ARG AA 177 -1.57 111.08 -77.83
CA ARG AA 177 -1.83 110.45 -76.56
C ARG AA 177 -1.08 111.17 -75.47
N LEU AA 178 -1.56 110.98 -74.24
CA LEU AA 178 -0.97 111.61 -73.08
C LEU AA 178 -0.92 110.61 -71.93
N ALA AA 179 0.14 110.71 -71.12
CA ALA AA 179 0.29 109.91 -69.90
C ALA AA 179 0.60 110.89 -68.77
N MET AA 180 -0.05 110.69 -67.62
CA MET AA 180 0.18 111.51 -66.43
C MET AA 180 0.13 110.69 -65.16
N CYS AA 181 0.97 111.04 -64.20
CA CYS AA 181 1.03 110.35 -62.91
C CYS AA 181 1.24 111.38 -61.82
N SER AA 182 0.43 111.30 -60.75
CA SER AA 182 0.48 112.26 -59.63
C SER AA 182 0.73 111.53 -58.32
N LEU AA 183 1.60 112.09 -57.48
CA LEU AA 183 1.93 111.54 -56.18
C LEU AA 183 1.98 112.67 -55.15
N ASP AA 184 1.26 112.53 -54.02
CA ASP AA 184 1.27 113.57 -53.00
C ASP AA 184 2.53 113.48 -52.14
N ALA AA 185 3.59 114.16 -52.59
CA ALA AA 185 4.92 114.19 -51.96
C ALA AA 185 5.06 115.24 -50.85
N GLN AA 186 4.01 116.07 -50.63
CA GLN AA 186 3.96 117.16 -49.63
C GLN AA 186 5.13 118.15 -49.74
N ILE AA 187 5.35 118.66 -50.97
CA ILE AA 187 6.40 119.63 -51.32
C ILE AA 187 5.82 121.05 -51.16
N PRO AA 188 6.33 121.89 -50.22
CA PRO AA 188 5.83 123.28 -50.14
C PRO AA 188 6.34 124.08 -51.34
N SER AA 189 5.43 124.78 -52.06
CA SER AA 189 5.81 125.52 -53.26
C SER AA 189 5.34 126.98 -53.36
N GLN AA 190 4.22 127.34 -52.69
CA GLN AA 190 3.63 128.69 -52.70
C GLN AA 190 3.07 129.14 -54.07
N ASP AA 191 3.38 128.39 -55.15
CA ASP AA 191 2.93 128.60 -56.54
C ASP AA 191 3.16 127.32 -57.35
N ARG AA 192 2.38 127.13 -58.44
CA ARG AA 192 2.54 126.00 -59.34
C ARG AA 192 3.88 126.18 -60.09
N HIS AA 193 4.75 125.17 -60.01
CA HIS AA 193 6.05 125.21 -60.67
C HIS AA 193 6.17 124.08 -61.70
N GLN AA 194 6.55 124.43 -62.93
CA GLN AA 194 6.68 123.50 -64.05
C GLN AA 194 8.07 123.56 -64.67
N VAL AA 195 8.58 122.38 -65.04
CA VAL AA 195 9.85 122.22 -65.77
C VAL AA 195 9.64 121.17 -66.85
N ILE AA 196 10.29 121.35 -68.02
CA ILE AA 196 10.22 120.34 -69.08
C ILE AA 196 11.63 119.73 -69.18
N VAL AA 197 11.74 118.47 -68.82
CA VAL AA 197 13.01 117.73 -68.87
C VAL AA 197 13.12 117.07 -70.24
N PRO AA 198 14.22 117.32 -71.01
CA PRO AA 198 14.37 116.68 -72.33
C PRO AA 198 14.28 115.16 -72.25
N ARG AA 199 13.71 114.54 -73.28
CA ARG AA 199 13.51 113.08 -73.32
C ARG AA 199 14.73 112.23 -72.99
N LYS AA 200 15.90 112.57 -73.56
CA LYS AA 200 17.15 111.82 -73.30
C LYS AA 200 17.54 111.89 -71.82
N GLY AA 201 17.42 113.08 -71.24
CA GLY AA 201 17.72 113.35 -69.84
C GLY AA 201 16.83 112.61 -68.86
N ILE AA 202 15.50 112.69 -69.07
CA ILE AA 202 14.55 112.01 -68.19
C ILE AA 202 14.68 110.47 -68.22
N LEU AA 203 14.97 109.90 -69.41
CA LEU AA 203 15.14 108.45 -69.57
C LEU AA 203 16.41 107.97 -68.88
N GLU AA 204 17.47 108.80 -68.96
CA GLU AA 204 18.74 108.55 -68.30
C GLU AA 204 18.53 108.57 -66.78
N LEU AA 205 17.84 109.62 -66.26
CA LEU AA 205 17.52 109.77 -64.84
C LEU AA 205 16.76 108.54 -64.29
N ALA AA 206 15.72 108.06 -65.00
CA ALA AA 206 14.92 106.90 -64.56
C ALA AA 206 15.78 105.65 -64.40
N ARG AA 207 16.73 105.44 -65.35
CA ARG AA 207 17.66 104.31 -65.33
C ARG AA 207 18.63 104.40 -64.16
N LEU AA 208 18.98 105.62 -63.74
CA LEU AA 208 19.86 105.88 -62.60
C LEU AA 208 19.20 105.64 -61.25
N LEU AA 209 17.86 105.77 -61.16
CA LEU AA 209 17.11 105.63 -59.92
C LEU AA 209 16.90 104.15 -59.54
N THR AA 210 18.02 103.45 -59.27
CA THR AA 210 18.09 102.02 -58.94
C THR AA 210 17.92 101.68 -57.44
N GLU AA 211 18.16 102.67 -56.55
CA GLU AA 211 18.03 102.47 -55.10
C GLU AA 211 16.56 102.35 -54.71
N GLN AA 212 16.05 101.09 -54.62
CA GLN AA 212 14.67 100.77 -54.24
C GLN AA 212 14.35 101.30 -52.85
N ASP AA 213 15.38 101.41 -51.99
CA ASP AA 213 15.34 101.91 -50.61
C ASP AA 213 15.77 103.39 -50.48
N GLY AA 214 16.50 103.90 -51.47
CA GLY AA 214 17.07 105.23 -51.47
C GLY AA 214 16.20 106.46 -51.64
N GLU AA 215 16.81 107.63 -51.35
CA GLU AA 215 16.22 108.96 -51.45
C GLU AA 215 17.00 109.78 -52.48
N VAL AA 216 16.33 110.75 -53.13
CA VAL AA 216 16.93 111.64 -54.13
C VAL AA 216 16.59 113.11 -53.82
N GLY AA 217 17.62 113.95 -53.81
CA GLY AA 217 17.49 115.38 -53.61
C GLY AA 217 17.27 116.03 -54.96
N ILE AA 218 16.17 116.79 -55.12
CA ILE AA 218 15.84 117.47 -56.36
C ILE AA 218 15.96 118.98 -56.24
N VAL AA 219 16.56 119.62 -57.26
CA VAL AA 219 16.66 121.07 -57.37
C VAL AA 219 16.06 121.44 -58.71
N LEU AA 220 15.06 122.32 -58.67
CA LEU AA 220 14.44 122.86 -59.87
C LEU AA 220 14.93 124.28 -60.03
N GLY AA 221 15.62 124.54 -61.14
CA GLY AA 221 16.13 125.86 -61.49
C GLY AA 221 15.39 126.41 -62.69
N GLN AA 222 15.71 127.63 -63.11
CA GLN AA 222 15.07 128.25 -64.29
C GLN AA 222 15.45 127.55 -65.59
N HIS AA 223 16.69 127.03 -65.68
CA HIS AA 223 17.19 126.36 -66.89
C HIS AA 223 17.79 124.98 -66.63
N HIS AA 224 17.66 124.46 -65.41
CA HIS AA 224 18.23 123.15 -65.10
C HIS AA 224 17.40 122.38 -64.08
N ILE AA 225 17.66 121.07 -64.02
CA ILE AA 225 17.16 120.15 -63.01
C ILE AA 225 18.38 119.43 -62.45
N ARG AA 226 18.45 119.28 -61.14
CA ARG AA 226 19.51 118.54 -60.48
C ARG AA 226 18.93 117.43 -59.60
N ALA AA 227 19.49 116.23 -59.71
CA ALA AA 227 19.10 115.06 -58.90
C ALA AA 227 20.37 114.51 -58.24
N THR AA 228 20.39 114.46 -56.89
CA THR AA 228 21.54 114.01 -56.09
C THR AA 228 21.17 112.81 -55.21
N THR AA 229 22.02 111.75 -55.21
CA THR AA 229 21.82 110.55 -54.40
C THR AA 229 23.01 110.21 -53.45
N GLY AA 230 24.01 111.10 -53.39
CA GLY AA 230 25.17 110.86 -52.54
C GLY AA 230 26.28 110.10 -53.25
N GLU AA 231 25.89 109.14 -54.10
CA GLU AA 231 26.80 108.37 -54.95
C GLU AA 231 26.91 109.07 -56.34
N PHE AA 232 25.85 109.81 -56.76
CA PHE AA 232 25.82 110.53 -58.03
C PHE AA 232 25.08 111.87 -57.99
N THR AA 233 25.46 112.78 -58.91
CA THR AA 233 24.82 114.07 -59.15
C THR AA 233 24.48 114.09 -60.64
N PHE AA 234 23.19 114.19 -60.93
CA PHE AA 234 22.68 114.26 -62.27
C PHE AA 234 22.22 115.70 -62.52
N THR AA 235 22.68 116.30 -63.63
CA THR AA 235 22.24 117.64 -64.01
C THR AA 235 21.80 117.60 -65.45
N SER AA 236 20.64 118.17 -65.74
CA SER AA 236 20.13 118.27 -67.09
C SER AA 236 19.65 119.69 -67.36
N LYS AA 237 19.90 120.16 -68.59
CA LYS AA 237 19.36 121.44 -69.06
C LYS AA 237 17.85 121.19 -69.27
N LEU AA 238 17.03 122.24 -69.23
CA LEU AA 238 15.59 122.07 -69.43
C LEU AA 238 15.21 122.45 -70.85
N VAL AA 239 14.01 122.03 -71.29
CA VAL AA 239 13.48 122.42 -72.61
C VAL AA 239 12.96 123.83 -72.40
N ASP AA 240 13.55 124.78 -73.12
CA ASP AA 240 13.20 126.19 -73.01
C ASP AA 240 11.93 126.52 -73.78
N GLY AA 241 10.80 126.27 -73.14
CA GLY AA 241 9.47 126.54 -73.68
C GLY AA 241 8.37 126.34 -72.67
N LYS AA 242 7.13 126.59 -73.08
CA LYS AA 242 5.93 126.45 -72.25
C LYS AA 242 5.19 125.17 -72.63
N PHE AA 243 4.96 124.29 -71.64
CA PHE AA 243 4.23 123.04 -71.88
C PHE AA 243 2.76 123.38 -72.16
N PRO AA 244 2.07 122.66 -73.07
CA PRO AA 244 0.65 122.98 -73.34
C PRO AA 244 -0.26 122.85 -72.11
N ASP AA 245 -1.42 123.49 -72.17
CA ASP AA 245 -2.42 123.45 -71.10
C ASP AA 245 -3.13 122.09 -71.16
N TYR AA 246 -2.43 121.05 -70.64
CA TYR AA 246 -2.89 119.65 -70.64
C TYR AA 246 -4.23 119.46 -69.93
N GLU AA 247 -4.50 120.26 -68.88
CA GLU AA 247 -5.75 120.20 -68.10
C GLU AA 247 -6.98 120.40 -69.01
N ARG AA 248 -6.83 121.22 -70.08
CA ARG AA 248 -7.90 121.49 -71.05
C ARG AA 248 -8.22 120.29 -71.96
N VAL AA 249 -7.26 119.36 -72.16
CA VAL AA 249 -7.45 118.19 -73.03
C VAL AA 249 -7.84 116.89 -72.31
N LEU AA 250 -7.85 116.90 -70.96
CA LEU AA 250 -8.23 115.73 -70.18
C LEU AA 250 -9.75 115.52 -70.28
N PRO AA 251 -10.21 114.33 -70.76
CA PRO AA 251 -11.66 114.12 -70.91
C PRO AA 251 -12.40 114.09 -69.57
N ARG AA 252 -13.44 114.93 -69.43
CA ARG AA 252 -14.18 115.02 -68.17
C ARG AA 252 -15.55 114.36 -68.12
N GLY AA 253 -16.34 114.51 -69.18
CA GLY AA 253 -17.70 113.99 -69.22
C GLY AA 253 -17.94 112.54 -69.59
N GLY AA 254 -16.88 111.72 -69.62
CA GLY AA 254 -16.94 110.30 -69.99
C GLY AA 254 -18.06 109.51 -69.35
N ASP AA 255 -19.08 109.18 -70.16
CA ASP AA 255 -20.30 108.48 -69.72
C ASP AA 255 -20.24 106.95 -69.80
N LYS AA 256 -19.29 106.40 -70.56
CA LYS AA 256 -19.20 104.95 -70.76
C LYS AA 256 -18.05 104.35 -69.96
N LEU AA 257 -18.37 103.69 -68.83
CA LEU AA 257 -17.37 103.05 -67.99
C LEU AA 257 -17.22 101.57 -68.30
N VAL AA 258 -16.03 101.19 -68.75
CA VAL AA 258 -15.68 99.83 -69.12
C VAL AA 258 -14.64 99.31 -68.14
N VAL AA 259 -14.90 98.15 -67.55
CA VAL AA 259 -13.97 97.47 -66.65
C VAL AA 259 -13.65 96.15 -67.33
N GLY AA 260 -12.38 95.94 -67.63
CA GLY AA 260 -11.93 94.72 -68.30
C GLY AA 260 -10.69 94.16 -67.64
N ASP AA 261 -10.35 92.93 -68.01
CA ASP AA 261 -9.13 92.25 -67.55
C ASP AA 261 -7.98 92.78 -68.39
N ARG AA 262 -6.95 93.35 -67.72
CA ARG AA 262 -5.77 93.90 -68.39
C ARG AA 262 -5.08 92.89 -69.33
N GLN AA 263 -4.84 91.65 -68.85
CA GLN AA 263 -4.19 90.59 -69.63
C GLN AA 263 -5.00 90.17 -70.84
N GLN AA 264 -6.33 89.94 -70.67
CA GLN AA 264 -7.23 89.56 -71.75
C GLN AA 264 -7.26 90.62 -72.85
N LEU AA 265 -7.34 91.91 -72.45
CA LEU AA 265 -7.36 93.02 -73.41
C LEU AA 265 -6.03 93.14 -74.13
N ARG AA 266 -4.90 93.03 -73.38
CA ARG AA 266 -3.56 93.09 -73.97
CA ARG AA 266 -3.55 93.09 -73.95
C ARG AA 266 -3.34 91.97 -74.98
N GLU AA 267 -3.76 90.73 -74.64
CA GLU AA 267 -3.63 89.56 -75.53
C GLU AA 267 -4.46 89.70 -76.80
N ALA AA 268 -5.72 90.16 -76.68
CA ALA AA 268 -6.62 90.39 -77.82
C ALA AA 268 -6.11 91.53 -78.72
N PHE AA 269 -5.61 92.63 -78.10
CA PHE AA 269 -5.04 93.75 -78.86
C PHE AA 269 -3.78 93.31 -79.60
N SER AA 270 -2.90 92.51 -78.95
CA SER AA 270 -1.68 91.98 -79.57
C SER AA 270 -1.99 91.07 -80.78
N ARG AA 271 -2.99 90.16 -80.64
CA ARG AA 271 -3.41 89.26 -81.72
C ARG AA 271 -3.93 90.03 -82.92
N THR AA 272 -4.88 90.96 -82.70
CA THR AA 272 -5.48 91.76 -83.76
C THR AA 272 -4.47 92.68 -84.44
N ALA AA 273 -3.51 93.23 -83.66
CA ALA AA 273 -2.44 94.13 -84.15
C ALA AA 273 -1.64 93.54 -85.31
N ILE AA 274 -1.42 92.20 -85.31
CA ILE AA 274 -0.69 91.46 -86.35
C ILE AA 274 -1.29 91.75 -87.74
N LEU AA 275 -2.62 91.84 -87.83
CA LEU AA 275 -3.29 92.12 -89.11
C LEU AA 275 -3.75 93.56 -89.31
N SER AA 276 -3.24 94.49 -88.47
CA SER AA 276 -3.53 95.91 -88.63
C SER AA 276 -2.48 96.48 -89.60
N ASN AA 277 -2.78 97.65 -90.20
CA ASN AA 277 -1.88 98.37 -91.11
C ASN AA 277 -0.55 98.60 -90.38
N GLU AA 278 0.57 98.22 -91.01
CA GLU AA 278 1.91 98.32 -90.43
C GLU AA 278 2.32 99.75 -90.05
N LYS AA 279 1.84 100.74 -90.81
CA LYS AA 279 2.12 102.15 -90.59
C LYS AA 279 1.09 102.82 -89.68
N TYR AA 280 -0.21 102.69 -90.01
CA TYR AA 280 -1.29 103.37 -89.28
C TYR AA 280 -1.82 102.66 -88.04
N ARG AA 281 -1.62 101.32 -87.93
CA ARG AA 281 -1.93 100.50 -86.75
C ARG AA 281 -3.37 100.63 -86.20
N GLY AA 282 -4.31 100.94 -87.10
CA GLY AA 282 -5.71 101.13 -86.76
C GLY AA 282 -6.48 99.86 -86.50
N ILE AA 283 -7.27 99.88 -85.42
CA ILE AA 283 -8.19 98.82 -85.02
C ILE AA 283 -9.56 99.46 -84.78
N ARG AA 284 -10.62 98.67 -84.92
CA ARG AA 284 -11.99 99.12 -84.69
C ARG AA 284 -12.52 98.41 -83.47
N LEU AA 285 -13.10 99.19 -82.56
CA LEU AA 285 -13.70 98.72 -81.32
C LEU AA 285 -15.21 98.86 -81.43
N GLN AA 286 -15.95 97.79 -81.07
CA GLN AA 286 -17.40 97.81 -81.04
C GLN AA 286 -17.82 97.38 -79.65
N LEU AA 287 -18.20 98.38 -78.85
CA LEU AA 287 -18.62 98.20 -77.47
C LEU AA 287 -20.14 98.07 -77.38
N SER AA 288 -20.60 97.10 -76.60
CA SER AA 288 -22.00 96.80 -76.29
C SER AA 288 -22.03 96.13 -74.91
N ASN AA 289 -23.24 95.90 -74.35
CA ASN AA 289 -23.43 95.28 -73.03
C ASN AA 289 -22.59 94.01 -72.82
N GLY AA 290 -21.66 94.10 -71.88
CA GLY AA 290 -20.74 93.03 -71.49
C GLY AA 290 -19.76 92.55 -72.55
N LEU AA 291 -19.65 93.27 -73.68
CA LEU AA 291 -18.83 92.82 -74.80
C LEU AA 291 -18.05 93.88 -75.55
N LEU AA 292 -16.78 93.56 -75.86
CA LEU AA 292 -15.92 94.40 -76.68
C LEU AA 292 -15.46 93.59 -77.89
N LYS AA 293 -15.95 93.97 -79.09
CA LYS AA 293 -15.55 93.34 -80.35
C LYS AA 293 -14.40 94.17 -80.92
N ILE AA 294 -13.30 93.49 -81.31
CA ILE AA 294 -12.10 94.14 -81.87
C ILE AA 294 -11.88 93.64 -83.28
N GLN AA 295 -11.67 94.56 -84.22
CA GLN AA 295 -11.41 94.22 -85.62
C GLN AA 295 -10.22 95.00 -86.16
N ALA AA 296 -9.38 94.34 -86.97
CA ALA AA 296 -8.22 94.93 -87.63
C ALA AA 296 -8.07 94.39 -89.03
N ASN AA 297 -7.73 95.29 -89.98
CA ASN AA 297 -7.47 94.90 -91.37
C ASN AA 297 -6.33 95.69 -91.96
N ASN AA 298 -5.69 95.13 -92.99
CA ASN AA 298 -4.53 95.76 -93.62
C ASN AA 298 -4.75 95.98 -95.15
N PRO AA 299 -3.81 96.63 -95.90
CA PRO AA 299 -4.04 96.84 -97.34
C PRO AA 299 -4.16 95.57 -98.18
N GLU AA 300 -3.58 94.43 -97.72
CA GLU AA 300 -3.66 93.12 -98.38
C GLU AA 300 -5.03 92.43 -98.15
N GLN AA 301 -5.96 93.13 -97.46
CA GLN AA 301 -7.30 92.67 -97.12
C GLN AA 301 -7.35 91.49 -96.12
N GLU AA 302 -6.26 91.33 -95.34
CA GLU AA 302 -6.16 90.34 -94.27
C GLU AA 302 -6.92 90.90 -93.08
N GLU AA 303 -7.64 90.07 -92.32
CA GLU AA 303 -8.47 90.56 -91.24
C GLU AA 303 -8.39 89.72 -89.97
N ALA AA 304 -8.36 90.41 -88.81
CA ALA AA 304 -8.34 89.80 -87.49
C ALA AA 304 -9.56 90.29 -86.70
N GLU AA 305 -10.24 89.36 -86.02
CA GLU AA 305 -11.43 89.65 -85.21
C GLU AA 305 -11.37 88.93 -83.89
N GLU AA 306 -11.80 89.62 -82.82
CA GLU AA 306 -11.84 89.05 -81.48
C GLU AA 306 -12.95 89.67 -80.63
N GLU AA 307 -13.51 88.87 -79.72
CA GLU AA 307 -14.55 89.29 -78.81
C GLU AA 307 -14.03 89.10 -77.40
N VAL AA 308 -14.08 90.17 -76.59
CA VAL AA 308 -13.61 90.17 -75.20
C VAL AA 308 -14.78 90.53 -74.28
N GLN AA 309 -15.01 89.69 -73.25
CA GLN AA 309 -16.03 89.97 -72.24
C GLN AA 309 -15.51 91.08 -71.33
N VAL AA 310 -16.33 92.12 -71.14
CA VAL AA 310 -16.00 93.29 -70.31
C VAL AA 310 -17.17 93.62 -69.38
N GLU AA 311 -16.92 94.40 -68.31
CA GLU AA 311 -17.97 94.86 -67.42
C GLU AA 311 -18.42 96.18 -68.01
N TYR AA 312 -19.54 96.17 -68.74
CA TYR AA 312 -20.12 97.34 -69.38
C TYR AA 312 -21.62 97.22 -69.55
N ASN AA 313 -22.35 98.27 -69.14
CA ASN AA 313 -23.80 98.41 -69.27
C ASN AA 313 -24.05 99.84 -69.76
N GLY AA 314 -24.58 99.95 -70.97
CA GLY AA 314 -24.84 101.23 -71.60
C GLY AA 314 -25.06 101.13 -73.10
N GLY AA 315 -25.07 102.29 -73.76
CA GLY AA 315 -25.27 102.39 -75.19
C GLY AA 315 -24.08 101.88 -75.98
N ASN AA 316 -24.33 101.49 -77.24
CA ASN AA 316 -23.29 100.99 -78.13
C ASN AA 316 -22.33 102.08 -78.56
N LEU AA 317 -21.09 101.68 -78.87
CA LEU AA 317 -20.04 102.59 -79.32
C LEU AA 317 -19.10 101.90 -80.30
N GLU AA 318 -18.94 102.50 -81.48
CA GLU AA 318 -18.00 102.08 -82.51
C GLU AA 318 -16.94 103.16 -82.53
N ILE AA 319 -15.68 102.79 -82.23
CA ILE AA 319 -14.56 103.73 -82.14
C ILE AA 319 -13.25 103.14 -82.69
N GLY AA 320 -12.47 103.97 -83.37
CA GLY AA 320 -11.19 103.57 -83.94
C GLY AA 320 -10.02 104.02 -83.09
N PHE AA 321 -8.97 103.18 -82.98
CA PHE AA 321 -7.78 103.50 -82.20
C PHE AA 321 -6.52 102.92 -82.80
N ASN AA 322 -5.39 103.57 -82.52
CA ASN AA 322 -4.08 103.04 -82.88
C ASN AA 322 -3.82 102.00 -81.78
N VAL AA 323 -3.70 100.71 -82.17
CA VAL AA 323 -3.49 99.58 -81.28
C VAL AA 323 -2.20 99.65 -80.45
N SER AA 324 -1.11 100.21 -81.04
CA SER AA 324 0.16 100.40 -80.36
C SER AA 324 -0.02 101.36 -79.18
N TYR AA 325 -0.84 102.43 -79.35
CA TYR AA 325 -1.12 103.40 -78.28
C TYR AA 325 -1.87 102.74 -77.11
N LEU AA 326 -2.80 101.81 -77.42
CA LEU AA 326 -3.55 101.08 -76.40
C LEU AA 326 -2.65 100.08 -75.67
N LEU AA 327 -1.78 99.38 -76.43
CA LEU AA 327 -0.83 98.41 -75.87
C LEU AA 327 0.20 99.10 -74.95
N ASP AA 328 0.61 100.32 -75.32
CA ASP AA 328 1.53 101.14 -74.53
C ASP AA 328 0.95 101.44 -73.16
N VAL AA 329 -0.35 101.79 -73.12
CA VAL AA 329 -1.09 102.08 -71.88
C VAL AA 329 -1.22 100.82 -71.03
N LEU AA 330 -1.67 99.71 -71.63
CA LEU AA 330 -1.85 98.44 -70.91
C LEU AA 330 -0.55 97.91 -70.29
N GLY AA 331 0.58 98.19 -70.95
CA GLY AA 331 1.91 97.81 -70.49
C GLY AA 331 2.37 98.48 -69.22
N VAL AA 332 1.72 99.62 -68.85
CA VAL AA 332 2.04 100.37 -67.63
C VAL AA 332 0.97 100.25 -66.51
N ILE AA 333 -0.19 99.62 -66.81
CA ILE AA 333 -1.26 99.40 -65.83
C ILE AA 333 -0.78 98.27 -64.89
N GLY AA 334 -0.66 98.57 -63.59
CA GLY AA 334 -0.18 97.64 -62.57
C GLY AA 334 -1.22 96.73 -61.96
N THR AA 335 -2.51 97.07 -62.15
CA THR AA 335 -3.62 96.28 -61.62
C THR AA 335 -4.11 95.22 -62.61
N GLU AA 336 -4.73 94.17 -62.08
CA GLU AA 336 -5.33 93.04 -62.79
C GLU AA 336 -6.46 93.53 -63.71
N GLN AA 337 -7.26 94.49 -63.21
CA GLN AA 337 -8.35 95.10 -63.94
C GLN AA 337 -7.95 96.48 -64.42
N VAL AA 338 -8.57 96.91 -65.52
CA VAL AA 338 -8.31 98.22 -66.13
C VAL AA 338 -9.64 98.92 -66.42
N ARG AA 339 -9.69 100.23 -66.15
CA ARG AA 339 -10.86 101.06 -66.41
C ARG AA 339 -10.65 101.91 -67.66
N PHE AA 340 -11.62 101.84 -68.58
CA PHE AA 340 -11.66 102.64 -69.80
C PHE AA 340 -12.89 103.52 -69.65
N ILE AA 341 -12.73 104.84 -69.81
CA ILE AA 341 -13.83 105.80 -69.72
C ILE AA 341 -13.93 106.48 -71.08
N LEU AA 342 -15.03 106.20 -71.78
CA LEU AA 342 -15.27 106.69 -73.13
C LEU AA 342 -16.55 107.52 -73.21
N SER AA 343 -16.76 108.20 -74.34
CA SER AA 343 -17.95 108.99 -74.61
C SER AA 343 -18.45 108.72 -76.03
N ASP AA 344 -17.90 109.41 -77.05
CA ASP AA 344 -18.28 109.21 -78.45
C ASP AA 344 -17.09 108.82 -79.33
N SER AA 345 -17.35 108.50 -80.62
CA SER AA 345 -16.35 108.05 -81.59
C SER AA 345 -15.27 109.08 -81.94
N ASN AA 346 -15.52 110.37 -81.69
CA ASN AA 346 -14.60 111.46 -81.99
C ASN AA 346 -13.81 111.95 -80.77
N SER AA 347 -14.13 111.40 -79.59
CA SER AA 347 -13.50 111.79 -78.33
C SER AA 347 -12.54 110.75 -77.76
N SER AA 348 -11.58 111.26 -76.96
CA SER AA 348 -10.53 110.51 -76.29
CA SER AA 348 -10.54 110.45 -76.35
C SER AA 348 -11.02 109.42 -75.34
N ALA AA 349 -10.18 108.40 -75.12
CA ALA AA 349 -10.41 107.34 -74.15
C ALA AA 349 -9.62 107.77 -72.94
N LEU AA 350 -10.18 107.61 -71.74
CA LEU AA 350 -9.50 107.89 -70.49
C LEU AA 350 -9.26 106.54 -69.84
N VAL AA 351 -8.00 106.27 -69.45
CA VAL AA 351 -7.63 104.99 -68.88
C VAL AA 351 -7.01 105.16 -67.50
N HIS AA 352 -7.42 104.30 -66.56
CA HIS AA 352 -6.91 104.27 -65.19
C HIS AA 352 -6.70 102.84 -64.73
N GLU AA 353 -5.97 102.70 -63.60
CA GLU AA 353 -5.82 101.43 -62.90
C GLU AA 353 -7.18 101.18 -62.22
N ALA AA 354 -7.46 99.93 -61.81
CA ALA AA 354 -8.73 99.56 -61.20
C ALA AA 354 -9.10 100.29 -59.90
N ASP AA 355 -8.11 100.47 -58.99
CA ASP AA 355 -8.34 100.99 -57.64
C ASP AA 355 -7.92 102.43 -57.32
N ASN AA 356 -7.38 103.19 -58.30
CA ASN AA 356 -6.94 104.57 -58.06
C ASN AA 356 -6.92 105.43 -59.32
N ASP AA 357 -6.92 106.77 -59.14
CA ASP AA 357 -6.88 107.76 -60.20
C ASP AA 357 -5.50 108.45 -60.32
N ASP AA 358 -4.47 107.97 -59.57
CA ASP AA 358 -3.11 108.55 -59.57
C ASP AA 358 -2.48 108.60 -60.96
N SER AA 359 -2.71 107.55 -61.77
CA SER AA 359 -2.26 107.47 -63.16
C SER AA 359 -3.48 107.69 -64.05
N ALA AA 360 -3.28 108.47 -65.13
CA ALA AA 360 -4.33 108.76 -66.10
C ALA AA 360 -3.71 108.77 -67.50
N TYR AA 361 -4.36 108.07 -68.42
CA TYR AA 361 -3.91 107.93 -69.80
C TYR AA 361 -5.00 108.37 -70.73
N VAL AA 362 -4.64 109.24 -71.66
CA VAL AA 362 -5.56 109.80 -72.63
C VAL AA 362 -5.12 109.37 -74.03
N VAL AA 363 -6.03 108.77 -74.81
CA VAL AA 363 -5.72 108.34 -76.18
C VAL AA 363 -6.76 108.92 -77.12
N MET AA 364 -6.33 109.77 -78.07
CA MET AA 364 -7.24 110.32 -79.08
C MET AA 364 -7.58 109.20 -80.05
N PRO AA 365 -8.86 109.10 -80.49
CA PRO AA 365 -9.21 108.05 -81.46
C PRO AA 365 -8.75 108.35 -82.89
N MET AA 366 -9.06 107.42 -83.80
CA MET AA 366 -8.80 107.51 -85.23
C MET AA 366 -10.16 107.54 -85.93
N ARG AA 367 -10.26 108.28 -87.05
CA ARG AA 367 -11.49 108.33 -87.84
C ARG AA 367 -11.65 107.01 -88.58
N LEU AA 368 -12.81 106.36 -88.42
CA LEU AA 368 -13.16 105.09 -89.02
C LEU AA 368 -13.68 105.32 -90.44
N GLN BA 2 -5.84 109.29 -87.50
CA GLN BA 2 -5.46 109.74 -86.16
C GLN BA 2 -5.84 111.19 -85.86
N ASP BA 4 -5.95 114.63 -83.15
CA ASP BA 4 -5.01 115.33 -82.27
C ASP BA 4 -5.63 115.84 -80.99
N LEU BA 5 -4.83 115.86 -79.91
CA LEU BA 5 -5.26 116.35 -78.60
C LEU BA 5 -5.48 117.86 -78.62
N HIS CA 1 -72.32 -57.70 50.59
CA HIS CA 1 -73.12 -58.65 51.37
C HIS CA 1 -72.41 -59.19 52.63
N MET CA 2 -71.09 -58.88 52.76
CA MET CA 2 -70.23 -59.26 53.89
C MET CA 2 -70.84 -58.77 55.21
N HIS CA 3 -70.89 -59.67 56.21
CA HIS CA 3 -71.46 -59.38 57.53
C HIS CA 3 -70.92 -60.33 58.58
N PHE CA 4 -70.54 -59.79 59.74
CA PHE CA 4 -70.02 -60.58 60.85
C PHE CA 4 -70.16 -59.82 62.18
N THR CA 5 -70.09 -60.56 63.28
CA THR CA 5 -70.06 -60.07 64.65
C THR CA 5 -68.73 -60.48 65.26
N ILE CA 6 -68.15 -59.60 66.09
CA ILE CA 6 -66.85 -59.81 66.73
C ILE CA 6 -66.76 -59.00 68.04
N GLN CA 7 -66.07 -59.57 69.05
CA GLN CA 7 -65.83 -58.88 70.32
C GLN CA 7 -64.78 -57.83 70.05
N ARG CA 8 -64.90 -56.66 70.74
CA ARG CA 8 -63.99 -55.53 70.60
C ARG CA 8 -62.50 -55.93 70.59
N GLU CA 9 -62.09 -56.68 71.62
CA GLU CA 9 -60.70 -57.12 71.83
C GLU CA 9 -60.19 -58.08 70.77
N ALA CA 10 -61.08 -58.96 70.25
CA ALA CA 10 -60.76 -59.93 69.22
C ALA CA 10 -60.44 -59.23 67.89
N LEU CA 11 -61.17 -58.13 67.59
CA LEU CA 11 -60.95 -57.32 66.39
C LEU CA 11 -59.75 -56.41 66.57
N LEU CA 12 -59.65 -55.76 67.74
CA LEU CA 12 -58.58 -54.81 68.06
C LEU CA 12 -57.16 -55.34 67.92
N LYS CA 13 -56.87 -56.56 68.43
CA LYS CA 13 -55.54 -57.17 68.37
C LYS CA 13 -54.97 -57.22 66.93
N PRO CA 14 -55.59 -57.93 65.94
CA PRO CA 14 -55.05 -57.91 64.57
C PRO CA 14 -55.13 -56.56 63.87
N LEU CA 15 -56.19 -55.77 64.17
CA LEU CA 15 -56.39 -54.44 63.58
C LEU CA 15 -55.24 -53.50 63.96
N GLN CA 16 -54.79 -53.51 65.23
CA GLN CA 16 -53.67 -52.67 65.68
C GLN CA 16 -52.36 -53.08 65.01
N LEU CA 17 -52.13 -54.40 64.86
CA LEU CA 17 -50.91 -54.91 64.22
C LEU CA 17 -50.82 -54.46 62.77
N VAL CA 18 -51.91 -54.72 62.02
CA VAL CA 18 -52.08 -54.40 60.60
C VAL CA 18 -52.02 -52.90 60.32
N ALA CA 19 -52.66 -52.06 61.17
CA ALA CA 19 -52.67 -50.60 61.03
C ALA CA 19 -51.27 -49.99 61.17
N GLY CA 20 -50.40 -50.68 61.90
CA GLY CA 20 -49.02 -50.29 62.13
C GLY CA 20 -48.17 -50.20 60.87
N VAL CA 21 -48.51 -50.99 59.83
CA VAL CA 21 -47.80 -50.97 58.54
C VAL CA 21 -48.46 -49.98 57.55
N VAL CA 22 -49.70 -49.56 57.85
CA VAL CA 22 -50.48 -48.62 57.05
C VAL CA 22 -49.94 -47.20 57.30
N GLU CA 23 -49.41 -46.56 56.25
CA GLU CA 23 -48.84 -45.20 56.32
C GLU CA 23 -49.36 -44.32 55.19
N GLN CA 26 -50.12 -41.65 52.36
CA GLN CA 26 -50.16 -42.63 51.28
C GLN CA 26 -50.45 -41.97 49.93
N THR CA 27 -49.81 -42.47 48.85
CA THR CA 27 -50.00 -41.99 47.48
C THR CA 27 -51.33 -42.54 46.94
N LEU CA 28 -51.43 -43.87 46.80
CA LEU CA 28 -52.63 -44.58 46.35
C LEU CA 28 -53.64 -44.59 47.53
N PRO CA 29 -54.92 -44.22 47.32
CA PRO CA 29 -55.87 -44.14 48.45
C PRO CA 29 -56.14 -45.47 49.17
N VAL CA 30 -56.16 -46.59 48.42
CA VAL CA 30 -56.39 -47.94 48.96
C VAL CA 30 -55.31 -48.37 49.98
N LEU CA 31 -54.09 -47.81 49.87
CA LEU CA 31 -52.95 -48.05 50.76
C LEU CA 31 -53.21 -47.61 52.21
N SER CA 32 -54.15 -46.65 52.41
CA SER CA 32 -54.57 -46.15 53.72
C SER CA 32 -55.60 -47.08 54.35
N ASN CA 33 -56.10 -48.04 53.56
CA ASN CA 33 -57.14 -48.98 53.97
C ASN CA 33 -56.65 -50.35 54.40
N VAL CA 34 -57.47 -50.99 55.27
CA VAL CA 34 -57.28 -52.36 55.71
C VAL CA 34 -58.20 -53.23 54.84
N LEU CA 35 -57.66 -54.32 54.28
CA LEU CA 35 -58.45 -55.27 53.50
C LEU CA 35 -59.11 -56.24 54.50
N LEU CA 36 -60.44 -56.32 54.46
CA LEU CA 36 -61.25 -57.20 55.32
C LEU CA 36 -61.79 -58.32 54.43
N VAL CA 37 -61.51 -59.58 54.77
CA VAL CA 37 -61.98 -60.73 54.00
C VAL CA 37 -62.64 -61.72 54.95
N VAL CA 38 -63.92 -62.04 54.69
CA VAL CA 38 -64.67 -63.04 55.44
C VAL CA 38 -64.81 -64.25 54.52
N GLU CA 39 -64.19 -65.38 54.91
CA GLU CA 39 -64.26 -66.64 54.18
C GLU CA 39 -64.61 -67.69 55.23
N GLY CA 40 -65.83 -68.20 55.14
CA GLY CA 40 -66.38 -69.14 56.11
C GLY CA 40 -66.47 -68.46 57.47
N GLN CA 41 -65.90 -69.10 58.50
CA GLN CA 41 -65.90 -68.55 59.86
C GLN CA 41 -64.55 -67.87 60.21
N GLN CA 42 -63.84 -67.36 59.18
CA GLN CA 42 -62.57 -66.67 59.37
C GLN CA 42 -62.58 -65.26 58.79
N LEU CA 43 -62.11 -64.30 59.59
CA LEU CA 43 -61.89 -62.93 59.18
C LEU CA 43 -60.38 -62.74 59.04
N SER CA 44 -59.96 -62.21 57.88
CA SER CA 44 -58.56 -61.88 57.62
C SER CA 44 -58.48 -60.36 57.46
N LEU CA 45 -57.45 -59.75 58.06
CA LEU CA 45 -57.22 -58.31 58.01
C LEU CA 45 -55.84 -58.09 57.40
N THR CA 46 -55.76 -57.34 56.29
CA THR CA 46 -54.51 -57.09 55.60
C THR CA 46 -54.17 -55.60 55.49
N GLY CA 47 -52.93 -55.27 55.80
CA GLY CA 47 -52.35 -53.94 55.69
C GLY CA 47 -51.06 -54.03 54.90
N THR CA 48 -50.78 -53.04 54.06
CA THR CA 48 -49.58 -52.99 53.22
C THR CA 48 -49.12 -51.56 52.93
N ASP CA 49 -47.82 -51.40 52.61
CA ASP CA 49 -47.22 -50.14 52.18
C ASP CA 49 -46.49 -50.43 50.85
N LEU CA 50 -46.79 -51.62 50.26
CA LEU CA 50 -46.23 -52.22 49.02
C LEU CA 50 -44.86 -52.88 49.22
N GLU CA 51 -44.12 -52.52 50.32
N GLU CA 51 -44.18 -52.61 50.33
CA GLU CA 51 -42.80 -53.04 50.73
CA GLU CA 51 -42.87 -53.19 50.64
C GLU CA 51 -43.05 -54.28 51.61
C GLU CA 51 -43.07 -54.34 51.61
N VAL CA 52 -43.89 -54.10 52.65
CA VAL CA 52 -44.28 -55.09 53.65
C VAL CA 52 -45.79 -55.29 53.60
N GLU CA 53 -46.23 -56.50 53.92
CA GLU CA 53 -47.64 -56.87 54.01
C GLU CA 53 -47.83 -57.61 55.32
N LEU CA 54 -48.81 -57.18 56.10
CA LEU CA 54 -49.13 -57.82 57.36
C LEU CA 54 -50.56 -58.32 57.33
N VAL CA 55 -50.75 -59.59 57.69
CA VAL CA 55 -52.05 -60.26 57.71
C VAL CA 55 -52.35 -60.76 59.12
N GLY CA 56 -53.52 -60.41 59.63
CA GLY CA 56 -54.03 -60.87 60.92
C GLY CA 56 -55.26 -61.73 60.70
N ARG CA 57 -55.43 -62.77 61.51
CA ARG CA 57 -56.57 -63.69 61.37
C ARG CA 57 -57.34 -63.89 62.67
N VAL CA 58 -58.68 -63.93 62.55
CA VAL CA 58 -59.61 -64.13 63.68
C VAL CA 58 -60.67 -65.17 63.31
N VAL CA 59 -60.98 -66.09 64.25
CA VAL CA 59 -62.04 -67.08 64.08
C VAL CA 59 -63.34 -66.39 64.52
N LEU CA 60 -64.37 -66.42 63.65
CA LEU CA 60 -65.68 -65.81 63.93
C LEU CA 60 -66.61 -66.83 64.57
N GLU CA 61 -67.19 -66.49 65.73
CA GLU CA 61 -68.08 -67.35 66.50
C GLU CA 61 -69.49 -67.49 65.90
N ASP CA 62 -70.24 -66.38 65.82
CA ASP CA 62 -71.60 -66.39 65.28
C ASP CA 62 -71.58 -66.46 63.74
N ALA CA 63 -72.73 -66.85 63.13
CA ALA CA 63 -72.88 -66.96 61.67
C ALA CA 63 -72.43 -65.68 60.94
N ALA CA 64 -71.53 -65.84 59.96
CA ALA CA 64 -70.96 -64.77 59.17
C ALA CA 64 -71.23 -64.96 57.69
N GLU CA 65 -71.49 -63.85 56.98
CA GLU CA 65 -71.72 -63.86 55.54
C GLU CA 65 -70.44 -63.44 54.82
N PRO CA 66 -70.01 -64.23 53.80
CA PRO CA 66 -68.73 -63.93 53.14
C PRO CA 66 -68.69 -62.66 52.30
N GLY CA 67 -67.47 -62.22 52.05
CA GLY CA 67 -67.20 -61.04 51.26
C GLY CA 67 -65.86 -60.41 51.55
N GLU CA 68 -65.56 -59.37 50.77
CA GLU CA 68 -64.32 -58.62 50.91
C GLU CA 68 -64.53 -57.15 50.63
N ILE CA 69 -63.82 -56.31 51.38
CA ILE CA 69 -63.91 -54.85 51.30
C ILE CA 69 -62.66 -54.23 51.92
N THR CA 70 -62.41 -52.97 51.61
CA THR CA 70 -61.31 -52.21 52.22
C THR CA 70 -61.94 -51.01 52.90
N VAL CA 71 -61.43 -50.63 54.07
CA VAL CA 71 -61.94 -49.50 54.89
C VAL CA 71 -60.76 -48.71 55.48
N PRO CA 72 -60.90 -47.39 55.78
CA PRO CA 72 -59.78 -46.64 56.41
C PRO CA 72 -59.29 -47.35 57.68
N ALA CA 73 -58.03 -47.81 57.66
CA ALA CA 73 -57.44 -48.59 58.74
C ALA CA 73 -57.38 -47.88 60.09
N ARG CA 74 -56.84 -46.64 60.12
CA ARG CA 74 -56.71 -45.83 61.34
C ARG CA 74 -58.09 -45.52 61.93
N LYS CA 75 -59.06 -45.11 61.08
CA LYS CA 75 -60.42 -44.83 61.52
C LYS CA 75 -61.09 -46.04 62.17
N LEU CA 76 -61.04 -47.22 61.54
CA LEU CA 76 -61.64 -48.45 62.08
C LEU CA 76 -60.98 -48.84 63.40
N MET CA 77 -59.63 -48.75 63.48
CA MET CA 77 -58.88 -49.04 64.70
C MET CA 77 -59.28 -48.07 65.82
N ASP CA 78 -59.36 -46.75 65.53
CA ASP CA 78 -59.74 -45.72 66.52
C ASP CA 78 -61.15 -45.92 67.03
N ILE CA 79 -62.09 -46.33 66.14
CA ILE CA 79 -63.47 -46.62 66.51
C ILE CA 79 -63.48 -47.84 67.46
N CYS CA 80 -62.78 -48.92 67.06
CA CYS CA 80 -62.63 -50.15 67.83
C CYS CA 80 -62.05 -49.88 69.23
N LYS CA 81 -60.93 -49.11 69.31
CA LYS CA 81 -60.27 -48.73 70.57
C LYS CA 81 -61.19 -47.90 71.49
N SER CA 82 -61.97 -46.98 70.91
CA SER CA 82 -62.89 -46.08 71.63
C SER CA 82 -64.17 -46.75 72.15
N LEU CA 83 -64.52 -47.93 71.61
CA LEU CA 83 -65.72 -48.65 72.04
C LEU CA 83 -65.59 -49.22 73.45
N PRO CA 84 -66.71 -49.41 74.21
CA PRO CA 84 -66.57 -49.92 75.59
C PRO CA 84 -65.97 -51.32 75.61
N ASN CA 85 -65.14 -51.61 76.63
CA ASN CA 85 -64.47 -52.89 76.82
C ASN CA 85 -65.44 -54.06 76.72
N ASP CA 86 -65.07 -55.07 75.93
CA ASP CA 86 -65.80 -56.32 75.73
C ASP CA 86 -67.14 -56.26 74.96
N VAL CA 87 -67.43 -55.13 74.27
CA VAL CA 87 -68.67 -54.99 73.49
C VAL CA 87 -68.65 -55.88 72.22
N LEU CA 88 -69.84 -56.38 71.82
CA LEU CA 88 -69.99 -57.15 70.59
C LEU CA 88 -70.22 -56.14 69.45
N ILE CA 89 -69.39 -56.21 68.40
CA ILE CA 89 -69.46 -55.30 67.26
C ILE CA 89 -70.10 -56.02 66.07
N ASP CA 90 -71.15 -55.38 65.48
CA ASP CA 90 -71.78 -55.88 64.27
C ASP CA 90 -71.23 -55.07 63.10
N ILE CA 91 -70.64 -55.77 62.11
CA ILE CA 91 -70.03 -55.14 60.93
C ILE CA 91 -70.66 -55.68 59.65
N ARG CA 92 -71.15 -54.78 58.79
CA ARG CA 92 -71.72 -55.18 57.50
C ARG CA 92 -71.45 -54.16 56.39
N VAL CA 93 -71.42 -54.64 55.15
CA VAL CA 93 -71.23 -53.81 53.96
C VAL CA 93 -72.61 -53.51 53.38
N GLU CA 94 -72.93 -52.23 53.20
CA GLU CA 94 -74.22 -51.81 52.66
C GLU CA 94 -74.04 -50.60 51.74
N GLU CA 95 -74.28 -50.80 50.42
CA GLU CA 95 -74.19 -49.79 49.36
C GLU CA 95 -72.83 -49.06 49.38
N GLN CA 96 -71.71 -49.83 49.28
CA GLN CA 96 -70.33 -49.31 49.28
C GLN CA 96 -69.92 -48.57 50.57
N LYS CA 97 -70.60 -48.86 51.70
CA LYS CA 97 -70.30 -48.27 52.99
C LYS CA 97 -70.17 -49.36 54.04
N LEU CA 98 -69.27 -49.16 55.02
CA LEU CA 98 -69.13 -50.10 56.12
C LEU CA 98 -69.95 -49.60 57.31
N LEU CA 99 -70.91 -50.43 57.74
CA LEU CA 99 -71.82 -50.14 58.83
C LEU CA 99 -71.33 -50.86 60.08
N VAL CA 100 -70.99 -50.08 61.11
CA VAL CA 100 -70.49 -50.57 62.39
C VAL CA 100 -71.50 -50.24 63.48
N LYS CA 101 -71.96 -51.27 64.21
CA LYS CA 101 -72.93 -51.14 65.31
C LYS CA 101 -72.37 -51.82 66.56
N ALA CA 102 -72.38 -51.11 67.70
CA ALA CA 102 -71.90 -51.64 68.98
C ALA CA 102 -72.59 -50.87 70.09
N GLY CA 103 -73.51 -51.56 70.78
CA GLY CA 103 -74.31 -50.98 71.83
C GLY CA 103 -75.17 -49.86 71.28
N ARG CA 104 -75.02 -48.66 71.86
CA ARG CA 104 -75.76 -47.47 71.43
C ARG CA 104 -74.98 -46.63 70.41
N SER CA 105 -73.84 -47.15 69.92
CA SER CA 105 -72.99 -46.48 68.93
C SER CA 105 -73.17 -47.04 67.52
N ARG CA 106 -73.26 -46.13 66.54
CA ARG CA 106 -73.42 -46.44 65.12
C ARG CA 106 -72.39 -45.65 64.32
N PHE CA 107 -71.73 -46.31 63.36
CA PHE CA 107 -70.72 -45.70 62.51
C PHE CA 107 -70.88 -46.12 61.06
N THR CA 108 -70.68 -45.16 60.14
CA THR CA 108 -70.72 -45.40 58.70
C THR CA 108 -69.37 -44.97 58.13
N LEU CA 109 -68.62 -45.91 57.55
CA LEU CA 109 -67.31 -45.63 56.96
C LEU CA 109 -67.33 -45.76 55.45
N SER CA 110 -66.53 -44.93 54.76
CA SER CA 110 -66.39 -45.00 53.31
C SER CA 110 -65.54 -46.26 52.99
N THR CA 111 -65.72 -46.83 51.80
CA THR CA 111 -64.97 -48.03 51.43
C THR CA 111 -64.31 -47.86 50.05
N LEU CA 112 -63.38 -48.76 49.73
CA LEU CA 112 -62.75 -48.86 48.43
C LEU CA 112 -62.79 -50.35 48.04
N PRO CA 113 -63.10 -50.67 46.76
CA PRO CA 113 -63.20 -52.09 46.36
C PRO CA 113 -61.97 -52.93 46.71
N ALA CA 114 -62.21 -54.16 47.17
CA ALA CA 114 -61.18 -55.13 47.54
C ALA CA 114 -60.34 -55.55 46.31
N ASN CA 115 -60.94 -55.48 45.09
CA ASN CA 115 -60.23 -55.82 43.84
C ASN CA 115 -59.10 -54.83 43.53
N ASP CA 116 -59.14 -53.62 44.15
CA ASP CA 116 -58.15 -52.55 44.01
C ASP CA 116 -57.01 -52.67 45.04
N PHE CA 117 -57.15 -53.59 46.01
CA PHE CA 117 -56.12 -53.81 47.03
C PHE CA 117 -54.95 -54.62 46.43
N PRO CA 118 -53.69 -54.15 46.60
CA PRO CA 118 -52.54 -54.88 46.03
C PRO CA 118 -52.17 -56.17 46.77
N GLU CA 122 -45.09 -63.11 46.28
CA GLU CA 122 -44.87 -64.45 46.83
C GLU CA 122 -45.30 -65.47 45.73
N GLY CA 123 -44.41 -66.29 45.14
CA GLY CA 123 -42.98 -66.46 45.35
C GLY CA 123 -42.60 -67.82 45.89
N PRO CA 124 -42.02 -68.76 45.09
CA PRO CA 124 -41.66 -70.07 45.67
C PRO CA 124 -40.55 -69.97 46.71
N GLY CA 125 -40.71 -70.70 47.80
CA GLY CA 125 -39.70 -70.74 48.87
C GLY CA 125 -38.50 -71.56 48.45
N SER CA 126 -37.29 -71.05 48.75
CA SER CA 126 -36.03 -71.76 48.47
C SER CA 126 -35.66 -72.50 49.74
N LEU CA 127 -35.98 -71.89 50.90
CA LEU CA 127 -35.70 -72.43 52.21
C LEU CA 127 -36.81 -72.08 53.19
N ASN CA 128 -37.18 -73.04 54.04
CA ASN CA 128 -38.17 -72.82 55.09
C ASN CA 128 -37.82 -73.57 56.36
N PHE CA 129 -37.87 -72.85 57.48
CA PHE CA 129 -37.51 -73.37 58.79
C PHE CA 129 -38.32 -72.68 59.89
N SER CA 130 -38.37 -73.31 61.06
CA SER CA 130 -39.02 -72.76 62.24
C SER CA 130 -37.94 -72.35 63.24
N ILE CA 131 -38.18 -71.25 63.97
CA ILE CA 131 -37.24 -70.72 64.95
C ILE CA 131 -37.96 -70.00 66.09
N ALA CA 132 -37.36 -70.00 67.29
CA ALA CA 132 -37.87 -69.29 68.46
C ALA CA 132 -37.90 -67.80 68.11
N GLN CA 133 -39.02 -67.11 68.40
CA GLN CA 133 -39.22 -65.69 68.14
C GLN CA 133 -38.11 -64.86 68.81
N SER CA 134 -37.76 -65.25 70.05
CA SER CA 134 -36.74 -64.67 70.91
C SER CA 134 -35.35 -64.68 70.25
N LYS CA 135 -34.98 -65.80 69.59
CA LYS CA 135 -33.69 -65.98 68.91
C LYS CA 135 -33.60 -65.09 67.67
N LEU CA 136 -34.68 -65.01 66.88
CA LEU CA 136 -34.72 -64.15 65.70
C LEU CA 136 -34.70 -62.66 66.09
N ARG CA 137 -35.49 -62.28 67.11
CA ARG CA 137 -35.52 -60.91 67.62
C ARG CA 137 -34.12 -60.45 68.10
N ARG CA 138 -33.39 -61.34 68.81
CA ARG CA 138 -32.02 -61.13 69.30
C ARG CA 138 -31.10 -60.79 68.13
N LEU CA 139 -31.16 -61.57 67.03
CA LEU CA 139 -30.33 -61.34 65.82
C LEU CA 139 -30.55 -59.95 65.24
N ILE CA 140 -31.83 -59.51 65.18
CA ILE CA 140 -32.20 -58.20 64.65
C ILE CA 140 -31.78 -57.10 65.62
N ASP CA 141 -32.22 -57.17 66.90
CA ASP CA 141 -31.92 -56.16 67.93
C ASP CA 141 -30.44 -56.00 68.25
N ARG CA 142 -29.63 -57.07 68.11
CA ARG CA 142 -28.19 -56.95 68.38
C ARG CA 142 -27.43 -56.27 67.23
N THR CA 143 -28.07 -56.10 66.06
CA THR CA 143 -27.38 -55.55 64.90
C THR CA 143 -28.02 -54.39 64.18
N SER CA 144 -29.35 -54.17 64.34
CA SER CA 144 -30.13 -53.16 63.60
C SER CA 144 -29.62 -51.73 63.57
N PHE CA 145 -28.97 -51.27 64.66
CA PHE CA 145 -28.41 -49.91 64.74
C PHE CA 145 -27.33 -49.65 63.67
N ALA CA 146 -26.64 -50.72 63.17
CA ALA CA 146 -25.54 -50.57 62.20
C ALA CA 146 -25.97 -50.45 60.76
N MET CA 147 -27.27 -50.70 60.45
CA MET CA 147 -27.79 -50.58 59.08
C MET CA 147 -27.66 -49.15 58.62
N ALA CA 148 -27.42 -48.96 57.32
CA ALA CA 148 -27.39 -47.63 56.78
C ALA CA 148 -28.86 -47.17 56.62
N GLN CA 149 -29.03 -45.86 56.56
CA GLN CA 149 -30.30 -45.21 56.33
C GLN CA 149 -30.10 -44.27 55.15
N GLN CA 150 -30.82 -44.52 54.08
CA GLN CA 150 -30.79 -43.71 52.86
C GLN CA 150 -29.41 -43.56 52.19
N ASP CA 151 -28.53 -44.56 52.36
CA ASP CA 151 -27.21 -44.56 51.70
C ASP CA 151 -27.45 -44.81 50.22
N VAL CA 152 -26.64 -44.17 49.37
CA VAL CA 152 -26.72 -44.33 47.92
C VAL CA 152 -26.45 -45.80 47.51
N ARG CA 153 -25.65 -46.52 48.32
CA ARG CA 153 -25.39 -47.97 48.19
C ARG CA 153 -26.61 -48.59 48.88
N TYR CA 154 -27.70 -48.74 48.10
CA TYR CA 154 -29.03 -49.21 48.52
C TYR CA 154 -29.05 -50.54 49.28
N TYR CA 155 -28.10 -51.45 48.96
CA TYR CA 155 -27.96 -52.78 49.54
C TYR CA 155 -27.53 -52.73 51.02
N LEU CA 156 -27.11 -51.54 51.50
CA LEU CA 156 -26.71 -51.31 52.90
C LEU CA 156 -27.89 -50.83 53.74
N ASN CA 157 -28.98 -50.35 53.09
CA ASN CA 157 -30.20 -49.85 53.77
C ASN CA 157 -31.12 -51.01 54.18
N GLY CA 158 -30.54 -51.93 54.91
CA GLY CA 158 -31.21 -53.14 55.37
C GLY CA 158 -30.27 -54.08 56.08
N MET CA 159 -30.78 -55.28 56.34
CA MET CA 159 -30.05 -56.31 57.08
C MET CA 159 -29.89 -57.58 56.30
N LEU CA 160 -28.65 -58.10 56.29
CA LEU CA 160 -28.34 -59.39 55.71
C LEU CA 160 -28.79 -60.47 56.72
N LEU CA 161 -29.54 -61.46 56.23
CA LEU CA 161 -29.94 -62.65 56.99
C LEU CA 161 -29.33 -63.78 56.18
N GLU CA 162 -28.41 -64.53 56.82
CA GLU CA 162 -27.67 -65.58 56.15
C GLU CA 162 -27.78 -66.92 56.86
N VAL CA 163 -28.07 -67.99 56.09
CA VAL CA 163 -28.09 -69.35 56.60
C VAL CA 163 -26.87 -70.06 56.03
N ASN CA 164 -26.01 -70.60 56.90
CA ASN CA 164 -24.78 -71.26 56.48
C ASN CA 164 -24.39 -72.33 57.49
N GLY CA 165 -24.30 -73.57 57.02
CA GLY CA 165 -23.96 -74.74 57.85
C GLY CA 165 -25.17 -75.30 58.57
N GLY CA 166 -25.77 -74.45 59.39
CA GLY CA 166 -26.95 -74.67 60.21
C GLY CA 166 -27.22 -73.41 61.02
N THR CA 167 -26.26 -72.47 60.95
CA THR CA 167 -26.24 -71.19 61.65
C THR CA 167 -27.06 -70.14 60.91
N LEU CA 168 -27.81 -69.33 61.67
CA LEU CA 168 -28.53 -68.18 61.16
C LEU CA 168 -27.75 -66.98 61.66
N ARG CA 169 -27.40 -66.09 60.73
CA ARG CA 169 -26.59 -64.91 61.01
C ARG CA 169 -27.20 -63.64 60.44
N SER CA 170 -27.12 -62.55 61.22
CA SER CA 170 -27.55 -61.23 60.80
C SER CA 170 -26.30 -60.38 60.65
N VAL CA 171 -26.26 -59.56 59.58
CA VAL CA 171 -25.16 -58.62 59.33
C VAL CA 171 -25.78 -57.28 58.90
N ALA CA 172 -25.32 -56.18 59.52
CA ALA CA 172 -25.74 -54.82 59.23
C ALA CA 172 -24.49 -53.93 59.19
N THR CA 173 -24.44 -53.03 58.20
CA THR CA 173 -23.31 -52.11 58.01
C THR CA 173 -23.72 -50.85 57.25
N ASP CA 174 -23.03 -49.74 57.54
CA ASP CA 174 -23.26 -48.46 56.86
C ASP CA 174 -21.96 -47.98 56.17
N GLY CA 175 -20.94 -48.83 56.17
CA GLY CA 175 -19.64 -48.51 55.57
C GLY CA 175 -18.62 -47.96 56.54
N HIS CA 176 -19.07 -47.49 57.71
CA HIS CA 176 -18.19 -46.96 58.78
C HIS CA 176 -18.07 -47.99 59.91
N ARG CA 177 -19.16 -48.69 60.20
CA ARG CA 177 -19.23 -49.68 61.27
C ARG CA 177 -20.08 -50.86 60.81
N LEU CA 178 -19.91 -51.99 61.47
CA LEU CA 178 -20.63 -53.22 61.17
C LEU CA 178 -21.03 -53.91 62.45
N ALA CA 179 -22.20 -54.56 62.43
CA ALA CA 179 -22.71 -55.38 63.52
C ALA CA 179 -23.11 -56.74 62.95
N MET CA 180 -22.73 -57.81 63.64
CA MET CA 180 -23.08 -59.17 63.23
C MET CA 180 -23.40 -60.05 64.43
N CYS CA 181 -24.38 -60.94 64.28
CA CYS CA 181 -24.77 -61.86 65.33
C CYS CA 181 -25.06 -63.22 64.71
N SER CA 182 -24.51 -64.30 65.29
CA SER CA 182 -24.68 -65.67 64.78
C SER CA 182 -25.28 -66.55 65.86
N LEU CA 183 -26.23 -67.41 65.48
CA LEU CA 183 -26.88 -68.37 66.38
C LEU CA 183 -27.01 -69.71 65.69
N ASP CA 184 -26.59 -70.80 66.36
CA ASP CA 184 -26.67 -72.13 65.76
C ASP CA 184 -28.09 -72.69 65.88
N ALA CA 185 -28.94 -72.37 64.90
CA ALA CA 185 -30.35 -72.77 64.82
C ALA CA 185 -30.58 -74.17 64.21
N GLN CA 186 -29.49 -74.84 63.74
CA GLN CA 186 -29.50 -76.17 63.11
C GLN CA 186 -30.48 -76.27 61.93
N ILE CA 187 -30.38 -75.32 60.99
CA ILE CA 187 -31.19 -75.22 59.78
C ILE CA 187 -30.48 -75.98 58.64
N PRO CA 188 -31.02 -77.09 58.10
CA PRO CA 188 -30.36 -77.75 56.95
C PRO CA 188 -30.52 -76.88 55.69
N SER CA 189 -29.41 -76.58 55.00
CA SER CA 189 -29.44 -75.69 53.82
C SER CA 189 -28.78 -76.21 52.55
N GLN CA 190 -27.76 -77.10 52.68
CA GLN CA 190 -26.98 -77.68 51.57
C GLN CA 190 -26.11 -76.66 50.81
N ASP CA 191 -26.34 -75.34 51.04
CA ASP CA 191 -25.61 -74.21 50.45
C ASP CA 191 -25.84 -72.94 51.29
N ARG CA 192 -24.88 -71.99 51.24
CA ARG CA 192 -25.00 -70.71 51.93
C ARG CA 192 -26.11 -69.91 51.24
N HIS CA 193 -27.11 -69.48 52.03
CA HIS CA 193 -28.22 -68.70 51.51
C HIS CA 193 -28.27 -67.32 52.16
N GLN CA 194 -28.34 -66.27 51.34
CA GLN CA 194 -28.36 -64.87 51.79
C GLN CA 194 -29.59 -64.12 51.27
N VAL CA 195 -30.16 -63.26 52.14
CA VAL CA 195 -31.27 -62.36 51.81
C VAL CA 195 -30.99 -61.00 52.45
N ILE CA 196 -31.35 -59.90 51.77
CA ILE CA 196 -31.21 -58.56 52.36
C ILE CA 196 -32.62 -58.05 52.61
N VAL CA 197 -32.99 -57.90 53.88
CA VAL CA 197 -34.30 -57.41 54.28
C VAL CA 197 -34.23 -55.88 54.42
N PRO CA 198 -35.11 -55.10 53.72
CA PRO CA 198 -35.08 -53.63 53.86
C PRO CA 198 -35.21 -53.18 55.30
N ARG CA 199 -34.52 -52.08 55.65
CA ARG CA 199 -34.50 -51.55 57.03
C ARG CA 199 -35.86 -51.38 57.68
N LYS CA 200 -36.85 -50.79 56.96
CA LYS CA 200 -38.20 -50.58 57.50
C LYS CA 200 -38.88 -51.92 57.85
N GLY CA 201 -38.77 -52.90 56.95
CA GLY CA 201 -39.32 -54.23 57.10
C GLY CA 201 -38.75 -55.01 58.26
N ILE CA 202 -37.40 -55.07 58.36
CA ILE CA 202 -36.72 -55.79 59.44
C ILE CA 202 -37.03 -55.21 60.84
N LEU CA 203 -37.12 -53.86 60.95
CA LEU CA 203 -37.44 -53.20 62.20
C LEU CA 203 -38.89 -53.48 62.62
N GLU CA 204 -39.80 -53.54 61.65
CA GLU CA 204 -41.20 -53.88 61.87
C GLU CA 204 -41.29 -55.32 62.38
N LEU CA 205 -40.61 -56.27 61.69
CA LEU CA 205 -40.58 -57.68 62.07
C LEU CA 205 -40.11 -57.87 63.52
N ALA CA 206 -39.00 -57.22 63.93
CA ALA CA 206 -38.46 -57.32 65.29
C ALA CA 206 -39.49 -56.89 66.34
N ARG CA 207 -40.23 -55.80 66.06
CA ARG CA 207 -41.28 -55.29 66.95
C ARG CA 207 -42.46 -56.24 67.05
N LEU CA 208 -42.74 -57.01 65.99
CA LEU CA 208 -43.82 -58.00 65.97
C LEU CA 208 -43.48 -59.27 66.76
N LEU CA 209 -42.17 -59.59 66.91
CA LEU CA 209 -41.70 -60.81 67.61
C LEU CA 209 -41.73 -60.65 69.14
N THR CA 210 -42.94 -60.49 69.70
CA THR CA 210 -43.21 -60.26 71.13
C THR CA 210 -43.34 -61.54 71.99
N GLU CA 211 -43.67 -62.68 71.37
CA GLU CA 211 -43.86 -63.97 72.05
C GLU CA 211 -42.53 -64.50 72.56
N GLN CA 212 -42.22 -64.22 73.85
CA GLN CA 212 -41.00 -64.65 74.56
C GLN CA 212 -40.85 -66.15 74.52
N ASP CA 213 -41.98 -66.89 74.53
CA ASP CA 213 -42.03 -68.35 74.48
C ASP CA 213 -42.33 -68.91 73.07
N GLY CA 214 -42.92 -68.08 72.21
CA GLY CA 214 -43.37 -68.41 70.87
C GLY CA 214 -42.36 -68.79 69.80
N GLU CA 215 -42.89 -69.38 68.72
CA GLU CA 215 -42.16 -69.85 67.55
C GLU CA 215 -42.61 -69.07 66.32
N VAL CA 216 -41.71 -68.94 65.33
CA VAL CA 216 -41.99 -68.28 64.06
C VAL CA 216 -41.52 -69.15 62.89
N GLY CA 217 -42.40 -69.33 61.91
CA GLY CA 217 -42.10 -70.06 60.69
C GLY CA 217 -41.53 -69.08 59.68
N ILE CA 218 -40.33 -69.37 59.14
CA ILE CA 218 -39.66 -68.52 58.18
C ILE CA 218 -39.60 -69.16 56.81
N VAL CA 219 -39.88 -68.36 55.75
CA VAL CA 219 -39.75 -68.79 54.37
C VAL CA 219 -38.85 -67.77 53.68
N LEU CA 220 -37.75 -68.27 53.10
CA LEU CA 220 -36.83 -67.46 52.33
C LEU CA 220 -37.07 -67.76 50.86
N GLY CA 221 -37.49 -66.74 50.11
CA GLY CA 221 -37.73 -66.84 48.68
C GLY CA 221 -36.69 -66.03 47.93
N GLN CA 222 -36.72 -66.07 46.61
CA GLN CA 222 -35.77 -65.33 45.78
C GLN CA 222 -35.96 -63.82 45.89
N HIS CA 223 -37.21 -63.34 46.07
CA HIS CA 223 -37.52 -61.91 46.17
C HIS CA 223 -38.35 -61.53 47.40
N HIS CA 224 -38.58 -62.48 48.32
CA HIS CA 224 -39.36 -62.20 49.52
C HIS CA 224 -38.89 -62.97 50.74
N ILE CA 225 -39.33 -62.51 51.91
CA ILE CA 225 -39.18 -63.18 53.20
C ILE CA 225 -40.59 -63.24 53.82
N ARG CA 226 -40.95 -64.39 54.39
CA ARG CA 226 -42.22 -64.57 55.06
C ARG CA 226 -42.00 -65.08 56.49
N ALA CA 227 -42.70 -64.47 57.46
CA ALA CA 227 -42.67 -64.84 58.86
C ALA CA 227 -44.10 -65.06 59.34
N THR CA 228 -44.40 -66.28 59.82
CA THR CA 228 -45.74 -66.70 60.27
C THR CA 228 -45.73 -67.10 61.75
N THR CA 229 -46.70 -66.59 62.54
CA THR CA 229 -46.85 -66.91 63.96
C THR CA 229 -48.24 -67.47 64.33
N GLY CA 230 -49.08 -67.72 63.33
CA GLY CA 230 -50.42 -68.27 63.58
C GLY CA 230 -51.46 -67.21 63.78
N GLU CA 231 -51.08 -66.11 64.47
CA GLU CA 231 -51.91 -64.93 64.68
C GLU CA 231 -51.65 -63.90 63.56
N PHE CA 232 -50.41 -63.91 62.99
CA PHE CA 232 -50.01 -63.03 61.89
C PHE CA 232 -49.09 -63.66 60.85
N THR CA 233 -49.15 -63.11 59.62
CA THR CA 233 -48.28 -63.45 58.50
C THR CA 233 -47.65 -62.14 58.04
N PHE CA 234 -46.33 -62.08 58.13
CA PHE CA 234 -45.54 -60.93 57.71
C PHE CA 234 -44.84 -61.29 56.42
N THR CA 235 -44.97 -60.43 55.40
CA THR CA 235 -44.27 -60.62 54.13
C THR CA 235 -43.56 -59.34 53.77
N SER CA 236 -42.28 -59.45 53.41
CA SER CA 236 -41.48 -58.31 52.98
C SER CA 236 -40.77 -58.64 51.69
N LYS CA 237 -40.69 -57.65 50.79
CA LYS CA 237 -39.91 -57.77 49.56
C LYS CA 237 -38.44 -57.69 50.02
N LEU CA 238 -37.51 -58.22 49.22
CA LEU CA 238 -36.10 -58.17 49.59
C LEU CA 238 -35.39 -57.04 48.85
N VAL CA 239 -34.21 -56.62 49.33
CA VAL CA 239 -33.40 -55.61 48.63
C VAL CA 239 -32.75 -56.38 47.49
N ASP CA 240 -33.05 -55.98 46.25
CA ASP CA 240 -32.52 -56.65 45.06
C ASP CA 240 -31.10 -56.18 44.76
N GLY CA 241 -30.15 -56.80 45.46
CA GLY CA 241 -28.73 -56.52 45.31
C GLY CA 241 -27.88 -57.56 46.01
N LYS CA 242 -26.56 -57.44 45.86
CA LYS CA 242 -25.61 -58.34 46.50
C LYS CA 242 -24.97 -57.63 47.68
N PHE CA 243 -25.05 -58.27 48.86
CA PHE CA 243 -24.45 -57.71 50.08
C PHE CA 243 -22.92 -57.78 49.96
N PRO CA 244 -22.16 -56.76 50.44
CA PRO CA 244 -20.69 -56.82 50.33
C PRO CA 244 -20.06 -58.02 51.04
N ASP CA 245 -18.83 -58.36 50.65
CA ASP CA 245 -18.08 -59.47 51.24
C ASP CA 245 -17.55 -59.01 52.61
N TYR CA 246 -18.45 -59.02 53.61
CA TYR CA 246 -18.20 -58.58 54.98
C TYR CA 246 -17.06 -59.34 55.67
N GLU CA 247 -16.89 -60.64 55.34
CA GLU CA 247 -15.83 -61.49 55.89
C GLU CA 247 -14.43 -60.88 55.63
N ARG CA 248 -14.26 -60.19 54.50
CA ARG CA 248 -13.00 -59.53 54.11
C ARG CA 248 -12.67 -58.30 54.96
N VAL CA 249 -13.68 -57.64 55.58
CA VAL CA 249 -13.47 -56.44 56.39
C VAL CA 249 -13.39 -56.69 57.91
N LEU CA 250 -13.63 -57.94 58.35
CA LEU CA 250 -13.55 -58.29 59.77
C LEU CA 250 -12.08 -58.29 60.21
N PRO CA 251 -11.68 -57.49 61.22
CA PRO CA 251 -10.26 -57.44 61.63
C PRO CA 251 -9.79 -58.77 62.25
N ARG CA 252 -8.70 -59.33 61.73
CA ARG CA 252 -8.23 -60.64 62.17
C ARG CA 252 -7.02 -60.65 63.11
N GLY CA 253 -6.01 -59.85 62.79
CA GLY CA 253 -4.77 -59.83 63.56
C GLY CA 253 -4.65 -58.95 64.80
N GLY CA 254 -5.78 -58.49 65.34
CA GLY CA 254 -5.84 -57.62 66.52
C GLY CA 254 -4.96 -58.07 67.68
N ASP CA 255 -3.86 -57.33 67.91
CA ASP CA 255 -2.86 -57.63 68.93
C ASP CA 255 -3.10 -57.00 70.31
N LYS CA 256 -3.97 -56.00 70.39
CA LYS CA 256 -4.24 -55.31 71.65
C LYS CA 256 -5.61 -55.70 72.22
N LEU CA 257 -5.59 -56.57 73.26
CA LEU CA 257 -6.82 -57.01 73.91
C LEU CA 257 -7.12 -56.19 75.16
N VAL CA 258 -8.26 -55.50 75.13
CA VAL CA 258 -8.71 -54.64 76.21
C VAL CA 258 -9.98 -55.24 76.79
N VAL CA 259 -10.01 -55.41 78.10
CA VAL CA 259 -11.18 -55.88 78.83
C VAL CA 259 -11.56 -54.74 79.78
N GLY CA 260 -12.74 -54.19 79.58
CA GLY CA 260 -13.24 -53.10 80.39
C GLY CA 260 -14.65 -53.34 80.88
N ASP CA 261 -15.07 -52.52 81.84
CA ASP CA 261 -16.43 -52.58 82.37
C ASP CA 261 -17.33 -51.82 81.40
N ARG CA 262 -18.38 -52.49 80.88
CA ARG CA 262 -19.33 -51.92 79.92
C ARG CA 262 -19.96 -50.61 80.45
N GLN CA 263 -20.46 -50.61 81.70
CA GLN CA 263 -21.07 -49.44 82.33
C GLN CA 263 -20.11 -48.29 82.50
N GLN CA 264 -18.88 -48.55 83.00
CA GLN CA 264 -17.85 -47.52 83.20
C GLN CA 264 -17.48 -46.86 81.89
N LEU CA 265 -17.30 -47.66 80.82
CA LEU CA 265 -16.95 -47.15 79.50
C LEU CA 265 -18.10 -46.37 78.90
N ARG CA 266 -19.35 -46.88 79.02
CA ARG CA 266 -20.53 -46.20 78.52
C ARG CA 266 -20.73 -44.84 79.21
N GLU CA 267 -20.55 -44.78 80.54
CA GLU CA 267 -20.70 -43.55 81.33
C GLU CA 267 -19.66 -42.50 80.96
N ALA CA 268 -18.39 -42.92 80.82
CA ALA CA 268 -17.28 -42.05 80.44
C ALA CA 268 -17.43 -41.55 78.99
N PHE CA 269 -17.88 -42.44 78.06
CA PHE CA 269 -18.11 -42.04 76.67
C PHE CA 269 -19.28 -41.04 76.59
N SER CA 270 -20.36 -41.27 77.36
CA SER CA 270 -21.52 -40.35 77.40
C SER CA 270 -21.12 -38.97 77.95
N ARG CA 271 -20.31 -38.91 79.02
CA ARG CA 271 -19.85 -37.65 79.63
C ARG CA 271 -19.00 -36.85 78.63
N THR CA 272 -17.98 -37.49 78.03
CA THR CA 272 -17.08 -36.85 77.07
C THR CA 272 -17.81 -36.41 75.79
N ALA CA 273 -18.80 -37.20 75.33
CA ALA CA 273 -19.60 -36.94 74.13
C ALA CA 273 -20.26 -35.54 74.14
N ILE CA 274 -20.67 -35.06 75.33
CA ILE CA 274 -21.28 -33.73 75.55
C ILE CA 274 -20.40 -32.62 74.94
N LEU CA 275 -19.07 -32.75 75.11
CA LEU CA 275 -18.12 -31.76 74.57
C LEU CA 275 -17.44 -32.14 73.25
N SER CA 276 -17.95 -33.16 72.56
CA SER CA 276 -17.43 -33.54 71.25
C SER CA 276 -18.18 -32.69 70.18
N ASN CA 277 -17.59 -32.60 68.98
CA ASN CA 277 -18.18 -31.89 67.84
C ASN CA 277 -19.59 -32.48 67.58
N GLU CA 278 -20.62 -31.62 67.51
CA GLU CA 278 -22.01 -32.05 67.34
C GLU CA 278 -22.25 -32.84 66.04
N LYS CA 279 -21.48 -32.51 64.98
CA LYS CA 279 -21.58 -33.16 63.68
C LYS CA 279 -20.65 -34.38 63.58
N TYR CA 280 -19.35 -34.18 63.85
CA TYR CA 280 -18.36 -35.24 63.69
C TYR CA 280 -18.20 -36.24 64.83
N ARG CA 281 -18.60 -35.84 66.07
CA ARG CA 281 -18.64 -36.71 67.27
C ARG CA 281 -17.34 -37.44 67.60
N GLY CA 282 -16.23 -36.82 67.24
CA GLY CA 282 -14.90 -37.38 67.44
C GLY CA 282 -14.39 -37.29 68.86
N ILE CA 283 -13.83 -38.40 69.33
CA ILE CA 283 -13.17 -38.52 70.63
C ILE CA 283 -11.81 -39.12 70.39
N ARG CA 284 -10.86 -38.83 71.28
CA ARG CA 284 -9.52 -39.38 71.22
C ARG CA 284 -9.33 -40.34 72.38
N LEU CA 285 -8.82 -41.53 72.06
CA LEU CA 285 -8.54 -42.60 73.01
C LEU CA 285 -7.02 -42.73 73.14
N GLN CA 286 -6.54 -42.80 74.37
CA GLN CA 286 -5.12 -43.03 74.66
C GLN CA 286 -5.04 -44.23 75.56
N LEU CA 287 -4.69 -45.37 74.97
CA LEU CA 287 -4.57 -46.64 75.65
C LEU CA 287 -3.12 -46.87 76.10
N SER CA 288 -2.97 -47.34 77.35
CA SER CA 288 -1.69 -47.69 77.98
C SER CA 288 -2.00 -48.75 79.05
N ASN CA 289 -0.95 -49.34 79.68
CA ASN CA 289 -1.10 -50.38 80.70
C ASN CA 289 -2.14 -50.03 81.79
N GLY CA 290 -3.20 -50.83 81.83
CA GLY CA 290 -4.32 -50.70 82.76
C GLY CA 290 -5.14 -49.42 82.68
N LEU CA 291 -4.94 -48.60 81.63
CA LEU CA 291 -5.61 -47.30 81.54
C LEU CA 291 -6.09 -46.89 80.16
N LEU CA 292 -7.29 -46.31 80.11
CA LEU CA 292 -7.86 -45.73 78.91
C LEU CA 292 -8.20 -44.26 79.18
N LYS CA 293 -7.46 -43.34 78.54
CA LYS CA 293 -7.70 -41.90 78.65
C LYS CA 293 -8.60 -41.50 77.48
N ILE CA 294 -9.70 -40.78 77.78
CA ILE CA 294 -10.67 -40.32 76.78
C ILE CA 294 -10.69 -38.79 76.75
N GLN CA 295 -10.58 -38.22 75.55
CA GLN CA 295 -10.62 -36.77 75.39
C GLN CA 295 -11.56 -36.39 74.24
N ALA CA 296 -12.31 -35.31 74.45
CA ALA CA 296 -13.23 -34.74 73.45
C ALA CA 296 -13.18 -33.23 73.47
N ASN CA 297 -13.20 -32.62 72.28
CA ASN CA 297 -13.23 -31.18 72.13
C ASN CA 297 -14.09 -30.75 70.95
N ASN CA 298 -14.59 -29.51 71.01
CA ASN CA 298 -15.49 -28.99 69.99
C ASN CA 298 -14.95 -27.67 69.36
N PRO CA 299 -15.62 -27.08 68.32
CA PRO CA 299 -15.09 -25.84 67.72
C PRO CA 299 -14.98 -24.64 68.67
N GLU CA 300 -15.81 -24.59 69.75
CA GLU CA 300 -15.80 -23.53 70.76
C GLU CA 300 -14.62 -23.68 71.74
N GLN CA 301 -13.75 -24.69 71.52
CA GLN CA 301 -12.58 -25.03 72.33
C GLN CA 301 -12.91 -25.55 73.74
N GLU CA 302 -14.14 -26.07 73.92
CA GLU CA 302 -14.59 -26.70 75.15
C GLU CA 302 -14.01 -28.10 75.15
N GLU CA 303 -13.58 -28.60 76.32
CA GLU CA 303 -12.91 -29.89 76.40
C GLU CA 303 -13.35 -30.77 77.56
N ALA CA 304 -13.54 -32.07 77.30
CA ALA CA 304 -13.88 -33.09 78.28
C ALA CA 304 -12.79 -34.16 78.31
N GLU CA 305 -12.40 -34.57 79.52
CA GLU CA 305 -11.36 -35.57 79.75
C GLU CA 305 -11.77 -36.55 80.82
N GLU CA 306 -11.44 -37.82 80.61
CA GLU CA 306 -11.73 -38.87 81.57
C GLU CA 306 -10.73 -40.02 81.47
N GLU CA 307 -10.45 -40.66 82.61
CA GLU CA 307 -9.55 -41.80 82.70
C GLU CA 307 -10.34 -42.98 83.22
N VAL CA 308 -10.29 -44.11 82.48
CA VAL CA 308 -10.99 -45.35 82.85
C VAL CA 308 -9.97 -46.47 83.02
N GLN CA 309 -10.05 -47.18 84.16
CA GLN CA 309 -9.20 -48.34 84.41
C GLN CA 309 -9.70 -49.50 83.56
N VAL CA 310 -8.80 -50.16 82.83
CA VAL CA 310 -9.11 -51.29 81.95
C VAL CA 310 -8.10 -52.42 82.16
N GLU CA 311 -8.43 -53.65 81.73
CA GLU CA 311 -7.50 -54.79 81.80
C GLU CA 311 -6.77 -54.75 80.47
N TYR CA 312 -5.55 -54.20 80.49
CA TYR CA 312 -4.69 -54.08 79.31
C TYR CA 312 -3.21 -54.06 79.66
N ASN CA 313 -2.44 -54.90 78.96
CA ASN CA 313 -0.99 -55.00 79.07
C ASN CA 313 -0.45 -55.07 77.64
N GLY CA 314 0.30 -54.04 77.26
CA GLY CA 314 0.88 -53.93 75.94
C GLY CA 314 1.36 -52.54 75.60
N GLY CA 315 1.68 -52.32 74.33
CA GLY CA 315 2.12 -51.04 73.83
C GLY CA 315 1.02 -49.99 73.80
N ASN CA 316 1.42 -48.71 73.81
CA ASN CA 316 0.52 -47.59 73.78
C ASN CA 316 -0.19 -47.46 72.43
N LEU CA 317 -1.39 -46.87 72.47
CA LEU CA 317 -2.20 -46.62 71.28
C LEU CA 317 -3.01 -45.35 71.43
N GLU CA 318 -2.87 -44.45 70.46
CA GLU CA 318 -3.64 -43.22 70.36
C GLU CA 318 -4.53 -43.43 69.13
N ILE CA 319 -5.86 -43.41 69.33
CA ILE CA 319 -6.83 -43.68 68.27
C ILE CA 319 -8.09 -42.81 68.38
N GLY CA 320 -8.60 -42.36 67.23
CA GLY CA 320 -9.80 -41.53 67.15
C GLY CA 320 -11.02 -42.33 66.77
N PHE CA 321 -12.17 -42.03 67.38
CA PHE CA 321 -13.42 -42.72 67.08
C PHE CA 321 -14.61 -41.81 67.17
N ASN CA 322 -15.67 -42.15 66.43
CA ASN CA 322 -16.94 -41.46 66.53
C ASN CA 322 -17.56 -42.08 67.81
N VAL CA 323 -17.80 -41.24 68.84
CA VAL CA 323 -18.32 -41.65 70.15
C VAL CA 323 -19.72 -42.27 70.08
N SER CA 324 -20.58 -41.77 69.17
CA SER CA 324 -21.91 -42.32 68.95
C SER CA 324 -21.83 -43.77 68.46
N TYR CA 325 -20.84 -44.09 67.60
CA TYR CA 325 -20.62 -45.47 67.10
C TYR CA 325 -20.21 -46.41 68.24
N LEU CA 326 -19.39 -45.92 69.20
CA LEU CA 326 -18.96 -46.70 70.35
C LEU CA 326 -20.11 -46.90 71.33
N LEU CA 327 -20.91 -45.85 71.56
CA LEU CA 327 -22.09 -45.89 72.44
C LEU CA 327 -23.14 -46.86 71.89
N ASP CA 328 -23.31 -46.88 70.56
CA ASP CA 328 -24.23 -47.80 69.88
C ASP CA 328 -23.88 -49.25 70.18
N VAL CA 329 -22.57 -49.58 70.10
CA VAL CA 329 -22.06 -50.92 70.37
C VAL CA 329 -22.30 -51.29 71.83
N LEU CA 330 -21.90 -50.40 72.76
CA LEU CA 330 -22.03 -50.65 74.19
C LEU CA 330 -23.48 -50.87 74.62
N GLY CA 331 -24.42 -50.20 73.94
CA GLY CA 331 -25.85 -50.30 74.18
C GLY CA 331 -26.45 -51.66 73.86
N VAL CA 332 -25.73 -52.49 73.09
CA VAL CA 332 -26.18 -53.85 72.72
C VAL CA 332 -25.36 -54.98 73.39
N ILE CA 333 -24.26 -54.65 74.07
CA ILE CA 333 -23.44 -55.64 74.81
C ILE CA 333 -24.24 -56.04 76.07
N GLY CA 334 -24.56 -57.34 76.19
CA GLY CA 334 -25.36 -57.87 77.29
C GLY CA 334 -24.59 -58.31 78.52
N THR CA 335 -23.25 -58.43 78.39
CA THR CA 335 -22.37 -58.79 79.51
C THR CA 335 -21.86 -57.52 80.21
N GLU CA 336 -21.53 -57.69 81.48
CA GLU CA 336 -20.98 -56.69 82.39
C GLU CA 336 -19.62 -56.20 81.89
N GLN CA 337 -18.81 -57.11 81.33
CA GLN CA 337 -17.51 -56.79 80.76
C GLN CA 337 -17.61 -56.79 79.24
N VAL CA 338 -16.74 -56.00 78.61
CA VAL CA 338 -16.69 -55.86 77.17
C VAL CA 338 -15.23 -56.00 76.70
N ARG CA 339 -15.05 -56.72 75.58
CA ARG CA 339 -13.75 -56.94 74.97
C ARG CA 339 -13.59 -56.05 73.75
N PHE CA 340 -12.49 -55.30 73.71
CA PHE CA 340 -12.10 -54.45 72.58
C PHE CA 340 -10.80 -55.05 72.06
N ILE CA 341 -10.74 -55.34 70.76
CA ILE CA 341 -9.55 -55.91 70.13
C ILE CA 341 -9.11 -54.88 69.09
N LEU CA 342 -7.95 -54.28 69.35
CA LEU CA 342 -7.40 -53.22 68.52
C LEU CA 342 -6.02 -53.60 67.98
N SER CA 343 -5.52 -52.79 67.03
CA SER CA 343 -4.20 -52.97 66.44
C SER CA 343 -3.51 -51.61 66.37
N ASP CA 344 -3.73 -50.84 65.29
CA ASP CA 344 -3.12 -49.51 65.11
C ASP CA 344 -4.18 -48.41 64.96
N SER CA 345 -3.73 -47.14 64.91
CA SER CA 345 -4.57 -45.94 64.81
C SER CA 345 -5.40 -45.83 63.52
N ASN CA 346 -5.00 -46.55 62.46
CA ASN CA 346 -5.70 -46.52 61.16
C ASN CA 346 -6.62 -47.72 60.94
N SER CA 347 -6.62 -48.67 61.88
CA SER CA 347 -7.41 -49.90 61.79
C SER CA 347 -8.59 -49.96 62.74
N SER CA 348 -9.59 -50.77 62.33
CA SER CA 348 -10.86 -51.01 63.03
CA SER CA 348 -10.84 -50.95 63.06
C SER CA 348 -10.70 -51.59 64.44
N ALA CA 349 -11.71 -51.33 65.29
CA ALA CA 349 -11.81 -51.89 66.63
C ALA CA 349 -12.78 -53.06 66.44
N LEU CA 350 -12.49 -54.19 67.08
CA LEU CA 350 -13.36 -55.36 67.09
C LEU CA 350 -13.90 -55.46 68.50
N VAL CA 351 -15.23 -55.56 68.63
CA VAL CA 351 -15.88 -55.60 69.94
C VAL CA 351 -16.73 -56.85 70.09
N HIS CA 352 -16.62 -57.49 71.26
CA HIS CA 352 -17.37 -58.69 71.62
C HIS CA 352 -17.87 -58.57 73.04
N GLU CA 353 -18.83 -59.47 73.39
CA GLU CA 353 -19.28 -59.65 74.76
C GLU CA 353 -18.12 -60.37 75.47
N ALA CA 354 -18.10 -60.34 76.81
CA ALA CA 354 -17.02 -60.94 77.61
C ALA CA 354 -16.81 -62.43 77.43
N ASP CA 355 -17.91 -63.21 77.38
CA ASP CA 355 -17.86 -64.69 77.39
C ASP CA 355 -18.10 -65.46 76.08
N ASN CA 356 -18.35 -64.76 74.97
CA ASN CA 356 -18.64 -65.43 73.69
C ASN CA 356 -18.31 -64.54 72.47
N ASP CA 357 -18.18 -65.19 71.30
CA ASP CA 357 -17.89 -64.53 70.02
C ASP CA 357 -19.13 -64.49 69.09
N ASP CA 358 -20.34 -64.88 69.60
CA ASP CA 358 -21.62 -64.88 68.84
C ASP CA 358 -21.94 -63.52 68.22
N SER CA 359 -21.68 -62.44 68.96
CA SER CA 359 -21.86 -61.08 68.50
C SER CA 359 -20.48 -60.49 68.22
N ALA CA 360 -20.36 -59.75 67.11
CA ALA CA 360 -19.12 -59.09 66.72
C ALA CA 360 -19.43 -57.73 66.13
N TYR CA 361 -18.71 -56.70 66.59
CA TYR CA 361 -18.91 -55.31 66.19
C TYR CA 361 -17.63 -54.73 65.70
N VAL CA 362 -17.66 -54.12 64.52
CA VAL CA 362 -16.48 -53.54 63.87
C VAL CA 362 -16.69 -52.05 63.72
N VAL CA 363 -15.74 -51.23 64.20
CA VAL CA 363 -15.85 -49.76 64.10
C VAL CA 363 -14.57 -49.22 63.46
N MET CA 364 -14.68 -48.60 62.28
CA MET CA 364 -13.54 -47.96 61.63
C MET CA 364 -13.19 -46.68 62.42
N PRO CA 365 -11.89 -46.40 62.64
CA PRO CA 365 -11.53 -45.18 63.38
C PRO CA 365 -11.66 -43.89 62.55
N MET CA 366 -11.34 -42.76 63.19
CA MET CA 366 -11.31 -41.42 62.60
C MET CA 366 -9.86 -40.96 62.62
N ARG CA 367 -9.45 -40.17 61.62
CA ARG CA 367 -8.10 -39.62 61.57
C ARG CA 367 -8.02 -38.49 62.60
N LEU CA 368 -7.00 -38.56 63.48
CA LEU CA 368 -6.73 -37.59 64.54
C LEU CA 368 -5.94 -36.41 63.98
N GLN DA 2 -13.50 -39.59 59.60
CA GLN DA 2 -14.04 -40.95 59.52
C GLN DA 2 -13.52 -41.78 58.36
N ASP DA 4 -13.37 -45.56 56.08
CA ASP DA 4 -14.36 -46.50 55.51
C ASP DA 4 -13.93 -47.96 55.59
N LEU DA 5 -14.92 -48.86 55.77
CA LEU DA 5 -14.71 -50.31 55.84
C LEU DA 5 -14.28 -50.87 54.49
N HIS EA 1 -12.45 -15.31 89.43
CA HIS EA 1 -11.93 -15.82 90.71
C HIS EA 1 -12.95 -16.72 91.46
N MET EA 2 -14.20 -16.77 90.95
CA MET EA 2 -15.32 -17.55 91.47
C MET EA 2 -14.93 -19.03 91.58
N HIS EA 3 -15.23 -19.65 92.73
CA HIS EA 3 -14.92 -21.05 93.01
C HIS EA 3 -15.80 -21.60 94.11
N PHE EA 4 -16.35 -22.81 93.91
CA PHE EA 4 -17.19 -23.48 94.88
C PHE EA 4 -17.22 -25.00 94.65
N THR EA 5 -17.65 -25.73 95.68
CA THR EA 5 -17.87 -27.18 95.65
C THR EA 5 -19.35 -27.41 95.95
N ILE EA 6 -19.94 -28.42 95.30
CA ILE EA 6 -21.36 -28.76 95.42
C ILE EA 6 -21.60 -30.23 95.09
N GLN EA 7 -22.54 -30.87 95.81
CA GLN EA 7 -22.93 -32.26 95.54
C GLN EA 7 -23.74 -32.26 94.25
N ARG EA 8 -23.59 -33.33 93.44
CA ARG EA 8 -24.28 -33.50 92.17
C ARG EA 8 -25.78 -33.16 92.23
N GLU EA 9 -26.50 -33.77 93.18
CA GLU EA 9 -27.95 -33.63 93.36
C GLU EA 9 -28.36 -32.22 93.81
N ALA EA 10 -27.52 -31.56 94.63
CA ALA EA 10 -27.78 -30.20 95.12
C ALA EA 10 -27.72 -29.18 93.97
N LEU EA 11 -26.81 -29.40 92.99
CA LEU EA 11 -26.65 -28.55 91.82
C LEU EA 11 -27.71 -28.88 90.80
N LEU EA 12 -27.97 -30.18 90.58
CA LEU EA 12 -28.93 -30.66 89.59
C LEU EA 12 -30.35 -30.15 89.75
N LYS EA 13 -30.90 -30.15 90.99
CA LYS EA 13 -32.27 -29.67 91.24
C LYS EA 13 -32.52 -28.24 90.72
N PRO EA 14 -31.82 -27.15 91.19
CA PRO EA 14 -32.07 -25.82 90.62
C PRO EA 14 -31.64 -25.67 89.17
N LEU EA 15 -30.56 -26.38 88.75
CA LEU EA 15 -30.05 -26.35 87.37
C LEU EA 15 -31.11 -26.85 86.39
N GLN EA 16 -31.80 -27.97 86.72
CA GLN EA 16 -32.86 -28.51 85.86
C GLN EA 16 -34.05 -27.57 85.76
N LEU EA 17 -34.43 -26.91 86.88
CA LEU EA 17 -35.55 -25.96 86.89
C LEU EA 17 -35.25 -24.77 86.00
N VAL EA 18 -34.09 -24.15 86.23
CA VAL EA 18 -33.57 -22.97 85.53
C VAL EA 18 -33.35 -23.24 84.03
N ALA EA 19 -32.78 -24.41 83.67
CA ALA EA 19 -32.53 -24.79 82.26
C ALA EA 19 -33.82 -24.96 81.46
N GLY EA 20 -34.92 -25.26 82.15
CA GLY EA 20 -36.25 -25.41 81.56
C GLY EA 20 -36.79 -24.15 80.91
N VAL EA 21 -36.35 -22.97 81.38
CA VAL EA 21 -36.78 -21.69 80.81
C VAL EA 21 -35.81 -21.22 79.70
N VAL EA 22 -34.60 -21.83 79.66
CA VAL EA 22 -33.54 -21.54 78.68
C VAL EA 22 -33.92 -22.20 77.35
N GLU EA 23 -34.13 -21.39 76.30
CA GLU EA 23 -34.50 -21.85 74.96
C GLU EA 23 -33.65 -21.19 73.88
N GLN EA 26 -31.96 -19.66 70.65
CA GLN EA 26 -31.87 -18.32 71.22
C GLN EA 26 -31.25 -17.33 70.24
N THR EA 27 -31.75 -16.07 70.25
CA THR EA 27 -31.26 -14.97 69.43
C THR EA 27 -29.91 -14.48 69.98
N LEU EA 28 -29.94 -13.90 71.18
CA LEU EA 28 -28.77 -13.41 71.91
C LEU EA 28 -28.04 -14.63 72.50
N PRO EA 29 -26.70 -14.76 72.32
CA PRO EA 29 -25.99 -15.96 72.82
C PRO EA 29 -26.05 -16.17 74.34
N VAL EA 30 -26.03 -15.08 75.13
CA VAL EA 30 -26.09 -15.13 76.60
C VAL EA 30 -27.40 -15.78 77.12
N LEU EA 31 -28.49 -15.70 76.33
CA LEU EA 31 -29.80 -16.27 76.64
C LEU EA 31 -29.78 -17.80 76.75
N SER EA 32 -28.78 -18.45 76.10
CA SER EA 32 -28.58 -19.91 76.15
C SER EA 32 -27.83 -20.31 77.42
N ASN EA 33 -27.32 -19.31 78.16
CA ASN EA 33 -26.53 -19.50 79.36
C ASN EA 33 -27.27 -19.34 80.68
N VAL EA 34 -26.74 -20.02 81.71
CA VAL EA 34 -27.22 -19.92 83.09
C VAL EA 34 -26.28 -18.93 83.79
N LEU EA 35 -26.85 -17.95 84.50
CA LEU EA 35 -26.06 -17.02 85.28
C LEU EA 35 -25.76 -17.68 86.64
N LEU EA 36 -24.47 -17.83 86.96
CA LEU EA 36 -23.98 -18.40 88.22
C LEU EA 36 -23.44 -17.25 89.06
N VAL EA 37 -23.98 -17.06 90.27
CA VAL EA 37 -23.54 -15.99 91.18
C VAL EA 37 -23.23 -16.60 92.54
N VAL EA 38 -21.98 -16.43 93.00
CA VAL EA 38 -21.57 -16.86 94.33
C VAL EA 38 -21.40 -15.59 95.18
N GLU EA 39 -22.24 -15.45 96.22
CA GLU EA 39 -22.18 -14.34 97.16
C GLU EA 39 -22.21 -14.99 98.55
N GLY EA 40 -21.08 -14.90 99.25
CA GLY EA 40 -20.89 -15.54 100.53
C GLY EA 40 -20.99 -17.05 100.37
N GLN EA 41 -21.84 -17.69 101.18
CA GLN EA 41 -22.06 -19.14 101.11
C GLN EA 41 -23.34 -19.51 100.32
N GLN EA 42 -23.73 -18.64 99.36
CA GLN EA 42 -24.90 -18.87 98.53
C GLN EA 42 -24.58 -18.84 97.05
N LEU EA 43 -25.07 -19.87 96.34
CA LEU EA 43 -25.01 -19.97 94.89
C LEU EA 43 -26.41 -19.69 94.36
N SER EA 44 -26.50 -18.76 93.41
CA SER EA 44 -27.74 -18.44 92.73
C SER EA 44 -27.58 -18.83 91.27
N LEU EA 45 -28.61 -19.47 90.70
CA LEU EA 45 -28.62 -19.92 89.30
C LEU EA 45 -29.80 -19.21 88.64
N THR EA 46 -29.52 -18.48 87.55
CA THR EA 46 -30.56 -17.74 86.85
C THR EA 46 -30.65 -18.12 85.37
N GLY EA 47 -31.87 -18.36 84.93
CA GLY EA 47 -32.22 -18.65 83.55
C GLY EA 47 -33.32 -17.71 83.11
N THR EA 48 -33.27 -17.25 81.85
CA THR EA 48 -34.26 -16.33 81.28
C THR EA 48 -34.43 -16.49 79.77
N ASP EA 49 -35.60 -16.07 79.27
CA ASP EA 49 -35.92 -16.02 77.85
C ASP EA 49 -36.40 -14.59 77.53
N LEU EA 50 -36.17 -13.67 78.50
CA LEU EA 50 -36.53 -12.24 78.53
C LEU EA 50 -37.99 -11.97 78.95
N GLU EA 51 -38.87 -12.98 78.84
CA GLU EA 51 -40.26 -12.91 79.25
C GLU EA 51 -40.36 -13.43 80.70
N VAL EA 52 -39.77 -14.59 80.96
CA VAL EA 52 -39.73 -15.22 82.28
C VAL EA 52 -38.30 -15.32 82.76
N GLU EA 53 -38.12 -15.23 84.08
CA GLU EA 53 -36.83 -15.37 84.73
C GLU EA 53 -37.03 -16.33 85.89
N LEU EA 54 -36.18 -17.35 85.95
CA LEU EA 54 -36.23 -18.31 87.05
C LEU EA 54 -34.91 -18.30 87.79
N VAL EA 55 -34.97 -18.17 89.12
CA VAL EA 55 -33.82 -18.14 90.01
C VAL EA 55 -33.90 -19.31 91.00
N GLY EA 56 -32.83 -20.10 91.04
CA GLY EA 56 -32.68 -21.20 91.99
C GLY EA 56 -31.56 -20.85 92.95
N ARG EA 57 -31.72 -21.21 94.23
CA ARG EA 57 -30.72 -20.91 95.26
C ARG EA 57 -30.28 -22.16 96.00
N VAL EA 58 -28.96 -22.25 96.28
CA VAL EA 58 -28.33 -23.35 97.01
C VAL EA 58 -27.37 -22.77 98.05
N VAL EA 59 -27.41 -23.35 99.27
CA VAL EA 59 -26.49 -22.96 100.34
C VAL EA 59 -25.23 -23.82 100.13
N LEU EA 60 -24.06 -23.17 100.07
CA LEU EA 60 -22.78 -23.85 99.87
C LEU EA 60 -22.16 -24.21 101.22
N GLU EA 61 -21.81 -25.49 101.40
CA GLU EA 61 -21.23 -26.02 102.64
C GLU EA 61 -19.75 -25.66 102.84
N ASP EA 62 -18.86 -26.07 101.91
CA ASP EA 62 -17.44 -25.78 102.00
C ASP EA 62 -17.14 -24.35 101.57
N ALA EA 63 -15.96 -23.81 101.94
CA ALA EA 63 -15.52 -22.45 101.61
C ALA EA 63 -15.62 -22.16 100.12
N ALA EA 64 -16.29 -21.05 99.79
CA ALA EA 64 -16.52 -20.60 98.41
C ALA EA 64 -15.98 -19.20 98.17
N GLU EA 65 -15.42 -18.98 96.98
CA GLU EA 65 -14.89 -17.66 96.58
C GLU EA 65 -15.92 -16.96 95.69
N PRO EA 66 -16.22 -15.68 95.98
CA PRO EA 66 -17.28 -14.99 95.22
C PRO EA 66 -16.98 -14.67 93.77
N GLY EA 67 -18.04 -14.42 93.03
CA GLY EA 67 -17.97 -14.08 91.63
C GLY EA 67 -19.23 -14.40 90.87
N GLU EA 68 -19.22 -14.03 89.59
CA GLU EA 68 -20.33 -14.25 88.69
C GLU EA 68 -19.84 -14.55 87.29
N ILE EA 69 -20.57 -15.44 86.61
CA ILE EA 69 -20.25 -15.89 85.26
C ILE EA 69 -21.50 -16.52 84.64
N THR EA 70 -21.51 -16.63 83.31
CA THR EA 70 -22.59 -17.31 82.59
C THR EA 70 -21.94 -18.45 81.83
N VAL EA 71 -22.62 -19.61 81.76
CA VAL EA 71 -22.15 -20.82 81.09
C VAL EA 71 -23.29 -21.49 80.33
N PRO EA 72 -23.03 -22.28 79.24
CA PRO EA 72 -24.15 -22.97 78.54
C PRO EA 72 -24.97 -23.81 79.51
N ALA EA 73 -26.26 -23.44 79.68
CA ALA EA 73 -27.17 -24.09 80.63
C ALA EA 73 -27.42 -25.57 80.37
N ARG EA 74 -27.78 -25.95 79.14
CA ARG EA 74 -28.03 -27.35 78.75
C ARG EA 74 -26.77 -28.21 78.93
N LYS EA 75 -25.60 -27.71 78.48
CA LYS EA 75 -24.33 -28.42 78.62
C LYS EA 75 -23.98 -28.70 80.09
N LEU EA 76 -24.07 -27.68 80.96
CA LEU EA 76 -23.78 -27.85 82.39
C LEU EA 76 -24.76 -28.83 83.05
N MET EA 77 -26.07 -28.73 82.71
CA MET EA 77 -27.10 -29.65 83.21
C MET EA 77 -26.81 -31.11 82.77
N ASP EA 78 -26.48 -31.31 81.47
CA ASP EA 78 -26.16 -32.63 80.92
C ASP EA 78 -24.92 -33.24 81.56
N ILE EA 79 -23.88 -32.42 81.84
CA ILE EA 79 -22.66 -32.86 82.52
C ILE EA 79 -23.05 -33.30 83.94
N CYS EA 80 -23.80 -32.45 84.67
CA CYS EA 80 -24.28 -32.70 86.03
C CYS EA 80 -25.09 -34.01 86.11
N LYS EA 81 -26.08 -34.20 85.21
CA LYS EA 81 -26.91 -35.41 85.13
C LYS EA 81 -26.09 -36.67 84.85
N SER EA 82 -25.09 -36.59 83.96
CA SER EA 82 -24.22 -37.70 83.56
C SER EA 82 -23.18 -38.11 84.61
N LEU EA 83 -22.91 -37.25 85.60
CA LEU EA 83 -21.91 -37.53 86.64
C LEU EA 83 -22.39 -38.63 87.61
N PRO EA 84 -21.48 -39.42 88.23
CA PRO EA 84 -21.95 -40.48 89.17
C PRO EA 84 -22.75 -39.91 90.34
N ASN EA 85 -23.78 -40.65 90.78
CA ASN EA 85 -24.64 -40.27 91.90
C ASN EA 85 -23.83 -39.89 93.14
N ASP EA 86 -24.19 -38.75 93.74
CA ASP EA 86 -23.60 -38.22 94.98
C ASP EA 86 -22.15 -37.69 94.93
N VAL EA 87 -21.58 -37.50 93.73
CA VAL EA 87 -20.23 -36.97 93.57
C VAL EA 87 -20.12 -35.47 93.96
N LEU EA 88 -18.96 -35.07 94.51
CA LEU EA 88 -18.71 -33.68 94.85
C LEU EA 88 -18.11 -33.01 93.60
N ILE EA 89 -18.73 -31.91 93.16
CA ILE EA 89 -18.29 -31.19 91.97
C ILE EA 89 -17.53 -29.92 92.36
N ASP EA 90 -16.33 -29.75 91.81
CA ASP EA 90 -15.53 -28.55 92.01
C ASP EA 90 -15.69 -27.68 90.77
N ILE EA 91 -16.17 -26.44 90.96
CA ILE EA 91 -16.41 -25.49 89.88
C ILE EA 91 -15.62 -24.20 90.10
N ARG EA 92 -14.80 -23.79 89.10
CA ARG EA 92 -14.04 -22.55 89.17
C ARG EA 92 -13.93 -21.84 87.81
N VAL EA 93 -13.75 -20.51 87.86
CA VAL EA 93 -13.56 -19.68 86.67
C VAL EA 93 -12.06 -19.45 86.51
N GLU EA 94 -11.53 -19.78 85.33
CA GLU EA 94 -10.11 -19.62 85.03
C GLU EA 94 -9.93 -19.16 83.58
N GLU EA 95 -9.46 -17.91 83.39
CA GLU EA 95 -9.20 -17.27 82.10
C GLU EA 95 -10.39 -17.37 81.14
N GLN EA 96 -11.57 -16.85 81.56
CA GLN EA 96 -12.83 -16.84 80.81
C GLN EA 96 -13.40 -18.25 80.46
N LYS EA 97 -13.00 -19.27 81.23
CA LYS EA 97 -13.48 -20.63 81.04
C LYS EA 97 -13.97 -21.20 82.36
N LEU EA 98 -15.00 -22.05 82.30
CA LEU EA 98 -15.51 -22.72 83.50
C LEU EA 98 -14.87 -24.10 83.59
N LEU EA 99 -14.18 -24.35 84.69
CA LEU EA 99 -13.48 -25.59 84.98
C LEU EA 99 -14.31 -26.42 85.93
N VAL EA 100 -14.74 -27.60 85.47
CA VAL EA 100 -15.57 -28.53 86.23
C VAL EA 100 -14.76 -29.80 86.51
N LYS EA 101 -14.63 -30.17 87.80
CA LYS EA 101 -13.90 -31.38 88.24
C LYS EA 101 -14.81 -32.21 89.15
N ALA EA 102 -14.92 -33.51 88.87
CA ALA EA 102 -15.72 -34.43 89.67
C ALA EA 102 -15.16 -35.83 89.49
N GLY EA 103 -14.54 -36.34 90.55
CA GLY EA 103 -13.88 -37.63 90.54
C GLY EA 103 -12.76 -37.62 89.54
N ARG EA 104 -12.78 -38.57 88.60
CA ARG EA 104 -11.78 -38.65 87.53
C ARG EA 104 -12.21 -37.93 86.24
N SER EA 105 -13.29 -37.13 86.31
CA SER EA 105 -13.82 -36.38 85.17
C SER EA 105 -13.44 -34.90 85.24
N ARG EA 106 -13.04 -34.34 84.10
CA ARG EA 106 -12.66 -32.93 83.95
C ARG EA 106 -13.37 -32.35 82.74
N PHE EA 107 -13.95 -31.15 82.89
CA PHE EA 107 -14.67 -30.44 81.83
C PHE EA 107 -14.27 -28.97 81.79
N THR EA 108 -14.13 -28.42 80.57
CA THR EA 108 -13.83 -27.02 80.33
C THR EA 108 -14.94 -26.46 79.47
N LEU EA 109 -15.69 -25.48 79.98
CA LEU EA 109 -16.81 -24.86 79.27
C LEU EA 109 -16.51 -23.41 78.92
N SER EA 110 -17.04 -22.96 77.77
CA SER EA 110 -16.88 -21.57 77.34
C SER EA 110 -17.80 -20.71 78.21
N THR EA 111 -17.48 -19.44 78.39
CA THR EA 111 -18.29 -18.56 79.21
C THR EA 111 -18.63 -17.26 78.47
N LEU EA 112 -19.62 -16.53 78.99
CA LEU EA 112 -19.98 -15.20 78.53
C LEU EA 112 -20.08 -14.32 79.78
N PRO EA 113 -19.56 -13.06 79.73
CA PRO EA 113 -19.57 -12.22 80.94
C PRO EA 113 -20.94 -12.07 81.59
N ALA EA 114 -20.97 -12.11 82.93
CA ALA EA 114 -22.18 -11.94 83.73
C ALA EA 114 -22.79 -10.54 83.57
N ASN EA 115 -21.97 -9.52 83.24
CA ASN EA 115 -22.45 -8.15 83.01
C ASN EA 115 -23.35 -8.04 81.77
N ASP EA 116 -23.27 -9.04 80.85
CA ASP EA 116 -24.05 -9.14 79.62
C ASP EA 116 -25.38 -9.89 79.83
N PHE EA 117 -25.57 -10.49 81.02
CA PHE EA 117 -26.80 -11.21 81.37
C PHE EA 117 -27.93 -10.22 81.69
N PRO EA 118 -29.11 -10.37 81.06
CA PRO EA 118 -30.21 -9.42 81.31
C PRO EA 118 -30.93 -9.59 82.64
N GLU EA 122 -38.23 -5.91 87.28
CA GLU EA 122 -39.03 -5.92 88.50
C GLU EA 122 -39.31 -4.52 88.99
N GLY EA 123 -40.57 -4.13 88.87
CA GLY EA 123 -41.06 -2.85 89.35
C GLY EA 123 -41.62 -2.97 90.75
N PRO EA 124 -42.09 -1.84 91.34
CA PRO EA 124 -42.67 -1.93 92.70
C PRO EA 124 -43.96 -2.74 92.73
N GLY EA 125 -44.14 -3.51 93.80
CA GLY EA 125 -45.34 -4.31 94.00
C GLY EA 125 -46.53 -3.45 94.34
N SER EA 126 -47.69 -3.73 93.74
CA SER EA 126 -48.95 -3.03 94.03
C SER EA 126 -49.69 -3.87 95.08
N LEU EA 127 -49.55 -5.20 94.98
CA LEU EA 127 -50.19 -6.15 95.87
C LEU EA 127 -49.27 -7.34 96.12
N ASN EA 128 -49.25 -7.84 97.36
CA ASN EA 128 -48.49 -9.02 97.73
C ASN EA 128 -49.22 -9.86 98.75
N PHE EA 129 -49.32 -11.17 98.47
CA PHE EA 129 -50.02 -12.13 99.32
C PHE EA 129 -49.36 -13.50 99.24
N SER EA 130 -49.68 -14.36 100.22
CA SER EA 130 -49.21 -15.74 100.24
C SER EA 130 -50.38 -16.66 99.93
N ILE EA 131 -50.13 -17.77 99.23
CA ILE EA 131 -51.16 -18.75 98.85
C ILE EA 131 -50.58 -20.17 98.74
N ALA EA 132 -51.41 -21.18 99.02
CA ALA EA 132 -51.04 -22.58 98.89
C ALA EA 132 -50.69 -22.86 97.45
N GLN EA 133 -49.56 -23.55 97.17
CA GLN EA 133 -49.11 -23.89 95.80
C GLN EA 133 -50.19 -24.69 95.06
N SER EA 134 -50.82 -25.61 95.78
CA SER EA 134 -51.91 -26.49 95.37
C SER EA 134 -53.15 -25.71 94.85
N LYS EA 135 -53.52 -24.61 95.54
CA LYS EA 135 -54.66 -23.75 95.18
C LYS EA 135 -54.35 -22.95 93.93
N LEU EA 136 -53.12 -22.41 93.81
CA LEU EA 136 -52.73 -21.65 92.63
C LEU EA 136 -52.61 -22.56 91.41
N ARG EA 137 -52.01 -23.77 91.58
CA ARG EA 137 -51.87 -24.74 90.50
C ARG EA 137 -53.25 -25.17 89.97
N ARG EA 138 -54.24 -25.36 90.86
CA ARG EA 138 -55.65 -25.68 90.54
C ARG EA 138 -56.24 -24.59 89.64
N LEU EA 139 -56.08 -23.30 89.99
CA LEU EA 139 -56.58 -22.16 89.20
C LEU EA 139 -56.04 -22.17 87.78
N ILE EA 140 -54.73 -22.47 87.63
CA ILE EA 140 -54.06 -22.54 86.33
C ILE EA 140 -54.51 -23.78 85.55
N ASP EA 141 -54.37 -24.98 86.16
CA ASP EA 141 -54.71 -26.26 85.51
C ASP EA 141 -56.20 -26.41 85.15
N ARG EA 142 -57.10 -25.78 85.90
CA ARG EA 142 -58.53 -25.84 85.59
C ARG EA 142 -58.91 -24.94 84.40
N THR EA 143 -58.02 -24.01 84.00
CA THR EA 143 -58.35 -23.03 82.95
C THR EA 143 -57.39 -22.88 81.77
N SER EA 144 -56.12 -23.31 81.91
CA SER EA 144 -55.05 -23.10 80.91
C SER EA 144 -55.32 -23.52 79.47
N PHE EA 145 -56.10 -24.60 79.27
CA PHE EA 145 -56.47 -25.10 77.95
C PHE EA 145 -57.24 -24.04 77.12
N ALA EA 146 -57.96 -23.08 77.78
CA ALA EA 146 -58.79 -22.10 77.08
C ALA EA 146 -58.06 -20.87 76.57
N MET EA 147 -56.78 -20.68 76.97
CA MET EA 147 -55.97 -19.52 76.51
C MET EA 147 -55.80 -19.59 75.01
N ALA EA 148 -55.72 -18.41 74.36
CA ALA EA 148 -55.43 -18.36 72.93
C ALA EA 148 -53.92 -18.54 72.75
N GLN EA 149 -53.52 -18.93 71.54
CA GLN EA 149 -52.13 -19.09 71.14
C GLN EA 149 -51.95 -18.31 69.83
N GLN EA 150 -51.04 -17.31 69.85
CA GLN EA 150 -50.72 -16.46 68.69
C GLN EA 150 -51.92 -15.71 68.08
N ASP EA 151 -52.97 -15.42 68.88
CA ASP EA 151 -54.13 -14.67 68.41
C ASP EA 151 -53.67 -13.21 68.19
N VAL EA 152 -54.22 -12.56 67.17
CA VAL EA 152 -53.93 -11.15 66.86
C VAL EA 152 -54.34 -10.24 68.05
N ARG EA 153 -55.37 -10.66 68.82
CA ARG EA 153 -55.81 -10.01 70.05
C ARG EA 153 -54.83 -10.58 71.10
N TYR EA 154 -53.64 -9.94 71.19
CA TYR EA 154 -52.50 -10.34 72.03
C TYR EA 154 -52.82 -10.57 73.51
N TYR EA 155 -53.80 -9.81 74.04
CA TYR EA 155 -54.27 -9.88 75.44
C TYR EA 155 -54.97 -11.21 75.79
N LEU EA 156 -55.31 -12.03 74.75
CA LEU EA 156 -55.91 -13.36 74.93
C LEU EA 156 -54.87 -14.46 75.02
N ASN EA 157 -53.61 -14.16 74.61
CA ASN EA 157 -52.49 -15.13 74.61
C ASN EA 157 -51.87 -15.24 76.01
N GLY EA 158 -52.73 -15.53 76.97
CA GLY EA 158 -52.36 -15.64 78.37
C GLY EA 158 -53.54 -15.84 79.28
N MET EA 159 -53.28 -15.71 80.58
CA MET EA 159 -54.28 -15.92 81.61
C MET EA 159 -54.49 -14.71 82.48
N LEU EA 160 -55.76 -14.35 82.70
CA LEU EA 160 -56.12 -13.29 83.61
C LEU EA 160 -56.05 -13.87 85.02
N LEU EA 161 -55.37 -13.16 85.93
CA LEU EA 161 -55.32 -13.45 87.35
C LEU EA 161 -55.91 -12.20 87.99
N GLU EA 162 -57.03 -12.39 88.68
CA GLU EA 162 -57.78 -11.28 89.25
C GLU EA 162 -58.03 -11.43 90.75
N VAL EA 163 -57.75 -10.36 91.51
CA VAL EA 163 -58.03 -10.31 92.93
C VAL EA 163 -59.20 -9.34 93.11
N ASN EA 164 -60.31 -9.82 93.70
CA ASN EA 164 -61.51 -9.02 93.90
C ASN EA 164 -62.26 -9.49 95.13
N GLY EA 165 -62.43 -8.56 96.09
CA GLY EA 165 -63.09 -8.82 97.36
C GLY EA 165 -62.14 -9.45 98.37
N GLY EA 166 -61.62 -10.60 97.99
CA GLY EA 166 -60.67 -11.43 98.73
C GLY EA 166 -60.41 -12.69 97.93
N THR EA 167 -61.19 -12.86 96.84
CA THR EA 167 -61.16 -13.99 95.92
C THR EA 167 -60.04 -13.82 94.89
N LEU EA 168 -59.34 -14.93 94.58
CA LEU EA 168 -58.37 -15.00 93.52
C LEU EA 168 -59.05 -15.82 92.41
N ARG EA 169 -59.06 -15.25 91.20
CA ARG EA 169 -59.72 -15.85 90.07
C ARG EA 169 -58.83 -15.88 88.85
N SER EA 170 -58.90 -16.99 88.10
CA SER EA 170 -58.20 -17.16 86.84
C SER EA 170 -59.25 -17.16 85.73
N VAL EA 171 -58.96 -16.48 84.62
CA VAL EA 171 -59.83 -16.44 83.43
C VAL EA 171 -58.94 -16.65 82.20
N ALA EA 172 -59.33 -17.57 81.32
CA ALA EA 172 -58.65 -17.86 80.06
C ALA EA 172 -59.71 -17.96 78.96
N THR EA 173 -59.42 -17.37 77.79
CA THR EA 173 -60.33 -17.39 76.65
C THR EA 173 -59.59 -17.20 75.34
N ASP EA 174 -60.15 -17.78 74.26
CA ASP EA 174 -59.60 -17.65 72.91
C ASP EA 174 -60.64 -17.01 71.97
N GLY EA 175 -61.75 -16.54 72.54
CA GLY EA 175 -62.84 -15.92 71.79
C GLY EA 175 -63.96 -16.86 71.41
N HIS EA 176 -63.70 -18.19 71.45
CA HIS EA 176 -64.69 -19.22 71.14
C HIS EA 176 -65.20 -19.87 72.42
N ARG EA 177 -64.30 -20.05 73.38
CA ARG EA 177 -64.59 -20.68 74.66
C ARG EA 177 -63.86 -19.96 75.75
N LEU EA 178 -64.34 -20.13 76.98
CA LEU EA 178 -63.75 -19.50 78.15
C LEU EA 178 -63.74 -20.50 79.31
N ALA EA 179 -62.68 -20.41 80.13
CA ALA EA 179 -62.56 -21.19 81.35
C ALA EA 179 -62.25 -20.21 82.49
N MET EA 180 -62.92 -20.39 83.63
CA MET EA 180 -62.71 -19.56 84.81
C MET EA 180 -62.78 -20.38 86.10
N CYS EA 181 -61.94 -20.04 87.06
CA CYS EA 181 -61.91 -20.71 88.35
C CYS EA 181 -61.70 -19.68 89.46
N SER EA 182 -62.51 -19.74 90.51
CA SER EA 182 -62.46 -18.79 91.63
C SER EA 182 -62.23 -19.52 92.95
N LEU EA 183 -61.35 -18.97 93.79
CA LEU EA 183 -61.04 -19.51 95.11
C LEU EA 183 -60.99 -18.37 96.12
N ASP EA 184 -61.71 -18.51 97.25
CA ASP EA 184 -61.71 -17.47 98.27
C ASP EA 184 -60.46 -17.56 99.15
N ALA EA 185 -59.40 -16.88 98.71
CA ALA EA 185 -58.08 -16.85 99.36
C ALA EA 185 -57.96 -15.78 100.48
N GLN EA 186 -59.00 -14.96 100.67
CA GLN EA 186 -59.09 -13.87 101.66
C GLN EA 186 -57.90 -12.87 101.57
N ILE EA 187 -57.65 -12.38 100.35
CA ILE EA 187 -56.59 -11.42 100.01
C ILE EA 187 -57.16 -9.99 100.15
N PRO EA 188 -56.65 -9.15 101.10
CA PRO EA 188 -57.13 -7.75 101.16
C PRO EA 188 -56.60 -6.96 99.96
N SER EA 189 -57.49 -6.27 99.22
CA SER EA 189 -57.07 -5.54 98.00
C SER EA 189 -57.51 -4.08 97.89
N GLN EA 190 -58.63 -3.69 98.55
CA GLN EA 190 -59.20 -2.34 98.51
C GLN EA 190 -59.76 -1.91 97.13
N ASP EA 191 -59.43 -2.66 96.06
CA ASP EA 191 -59.88 -2.46 94.68
C ASP EA 191 -59.65 -3.74 93.87
N ARG EA 192 -60.42 -3.93 92.77
CA ARG EA 192 -60.25 -5.07 91.88
C ARG EA 192 -58.91 -4.90 91.16
N HIS EA 193 -58.04 -5.92 91.26
CA HIS EA 193 -56.73 -5.91 90.62
C HIS EA 193 -56.61 -7.04 89.61
N GLN EA 194 -56.23 -6.70 88.38
CA GLN EA 194 -56.09 -7.65 87.27
C GLN EA 194 -54.70 -7.61 86.67
N VAL EA 195 -54.19 -8.79 86.31
CA VAL EA 195 -52.91 -8.97 85.61
C VAL EA 195 -53.13 -10.03 84.53
N ILE EA 196 -52.47 -9.87 83.38
CA ILE EA 196 -52.53 -10.90 82.32
C ILE EA 196 -51.14 -11.49 82.24
N VAL EA 197 -51.04 -12.77 82.62
CA VAL EA 197 -49.78 -13.51 82.58
C VAL EA 197 -49.65 -14.19 81.23
N PRO EA 198 -48.55 -13.93 80.46
CA PRO EA 198 -48.39 -14.58 79.14
C PRO EA 198 -48.48 -16.09 79.25
N ARG EA 199 -49.05 -16.72 78.20
CA ARG EA 199 -49.26 -18.17 78.16
C ARG EA 199 -48.04 -19.02 78.51
N LYS EA 200 -46.86 -18.68 77.97
CA LYS EA 200 -45.62 -19.42 78.25
C LYS EA 200 -45.25 -19.36 79.72
N GLY EA 201 -45.36 -18.16 80.30
CA GLY EA 201 -45.08 -17.90 81.71
C GLY EA 201 -45.99 -18.62 82.67
N ILE EA 202 -47.30 -18.55 82.44
CA ILE EA 202 -48.28 -19.21 83.30
C ILE EA 202 -48.15 -20.75 83.28
N LEU EA 203 -47.85 -21.33 82.10
CA LEU EA 203 -47.67 -22.78 81.95
C LEU EA 203 -46.39 -23.24 82.64
N GLU EA 204 -45.33 -22.41 82.59
CA GLU EA 204 -44.06 -22.65 83.27
C GLU EA 204 -44.29 -22.62 84.78
N LEU EA 205 -45.01 -21.60 85.29
CA LEU EA 205 -45.35 -21.45 86.70
C LEU EA 205 -46.11 -22.64 87.25
N ALA EA 206 -47.17 -23.12 86.53
CA ALA EA 206 -47.97 -24.28 86.95
C ALA EA 206 -47.11 -25.53 87.11
N ARG EA 207 -46.15 -25.74 86.19
CA ARG EA 207 -45.24 -26.89 86.23
C ARG EA 207 -44.27 -26.79 87.40
N LEU EA 208 -43.91 -25.57 87.82
CA LEU EA 208 -43.02 -25.33 88.96
C LEU EA 208 -43.71 -25.53 90.30
N LEU EA 209 -45.06 -25.40 90.38
CA LEU EA 209 -45.83 -25.54 91.62
C LEU EA 209 -46.07 -27.01 91.98
N THR EA 210 -44.96 -27.73 92.25
CA THR EA 210 -44.89 -29.16 92.57
C THR EA 210 -45.05 -29.48 94.07
N GLU EA 211 -44.81 -28.48 94.95
CA GLU EA 211 -44.93 -28.65 96.38
C GLU EA 211 -46.42 -28.78 96.77
N GLN EA 212 -46.93 -30.04 96.85
CA GLN EA 212 -48.32 -30.34 97.24
C GLN EA 212 -48.57 -29.82 98.65
N ASP EA 213 -47.47 -29.78 99.46
CA ASP EA 213 -47.28 -29.35 100.85
C ASP EA 213 -46.98 -27.83 101.02
N GLY EA 214 -46.40 -27.24 100.00
CA GLY EA 214 -45.93 -25.87 100.04
C GLY EA 214 -46.86 -24.68 99.87
N GLU EA 215 -46.27 -23.51 100.18
CA GLU EA 215 -46.83 -22.17 100.07
C GLU EA 215 -46.01 -21.37 99.04
N VAL EA 216 -46.65 -20.39 98.38
CA VAL EA 216 -46.01 -19.51 97.40
C VAL EA 216 -46.35 -18.03 97.69
N GLY EA 217 -45.33 -17.20 97.73
CA GLY EA 217 -45.46 -15.76 97.92
C GLY EA 217 -45.67 -15.12 96.57
N ILE EA 218 -46.76 -14.34 96.41
CA ILE EA 218 -47.08 -13.68 95.14
C ILE EA 218 -46.95 -12.17 95.25
N VAL EA 219 -46.31 -11.55 94.24
CA VAL EA 219 -46.20 -10.09 94.14
C VAL EA 219 -46.78 -9.71 92.78
N LEU EA 220 -47.78 -8.85 92.80
CA LEU EA 220 -48.40 -8.31 91.59
C LEU EA 220 -47.89 -6.88 91.43
N GLY EA 221 -47.17 -6.65 90.34
CA GLY EA 221 -46.65 -5.34 89.98
C GLY EA 221 -47.40 -4.81 88.77
N GLN EA 222 -47.09 -3.58 88.34
CA GLN EA 222 -47.74 -2.97 87.17
C GLN EA 222 -47.37 -3.69 85.87
N HIS EA 223 -46.12 -4.19 85.77
CA HIS EA 223 -45.64 -4.86 84.56
C HIS EA 223 -45.02 -6.24 84.82
N HIS EA 224 -45.16 -6.77 86.05
CA HIS EA 224 -44.59 -8.07 86.38
C HIS EA 224 -45.41 -8.84 87.41
N ILE EA 225 -45.18 -10.15 87.47
CA ILE EA 225 -45.70 -11.05 88.48
C ILE EA 225 -44.48 -11.79 89.06
N ARG EA 226 -44.41 -11.93 90.38
CA ARG EA 226 -43.35 -12.67 91.05
C ARG EA 226 -43.94 -13.77 91.95
N ALA EA 227 -43.39 -14.97 91.86
CA ALA EA 227 -43.77 -16.12 92.66
C ALA EA 227 -42.50 -16.67 93.35
N THR EA 228 -42.51 -16.71 94.68
CA THR EA 228 -41.37 -17.16 95.49
C THR EA 228 -41.75 -18.36 96.35
N THR EA 229 -40.90 -19.41 96.36
CA THR EA 229 -41.10 -20.62 97.18
C THR EA 229 -39.90 -20.94 98.13
N GLY EA 230 -38.91 -20.05 98.19
CA GLY EA 230 -37.75 -20.27 99.06
C GLY EA 230 -36.63 -21.02 98.37
N GLU EA 231 -37.00 -21.99 97.51
CA GLU EA 231 -36.05 -22.75 96.68
C GLU EA 231 -35.93 -22.06 95.30
N PHE EA 232 -36.99 -21.35 94.87
CA PHE EA 232 -37.02 -20.62 93.60
C PHE EA 232 -37.79 -19.29 93.62
N THR EA 233 -37.40 -18.38 92.72
CA THR EA 233 -38.05 -17.10 92.46
C THR EA 233 -38.37 -17.10 90.97
N PHE EA 234 -39.67 -17.02 90.67
CA PHE EA 234 -40.17 -16.95 89.31
C PHE EA 234 -40.63 -15.52 89.06
N THR EA 235 -40.17 -14.93 87.95
CA THR EA 235 -40.61 -13.59 87.55
C THR EA 235 -41.05 -13.65 86.09
N SER EA 236 -42.20 -13.08 85.81
CA SER EA 236 -42.71 -12.99 84.45
C SER EA 236 -43.17 -11.59 84.15
N LYS EA 237 -42.91 -11.11 82.93
CA LYS EA 237 -43.41 -9.83 82.44
C LYS EA 237 -44.92 -10.07 82.22
N LEU EA 238 -45.74 -9.03 82.26
CA LEU EA 238 -47.17 -9.19 82.04
C LEU EA 238 -47.54 -8.80 80.61
N VAL EA 239 -48.72 -9.22 80.15
CA VAL EA 239 -49.22 -8.83 78.83
C VAL EA 239 -49.74 -7.41 79.01
N ASP EA 240 -49.12 -6.44 78.31
CA ASP EA 240 -49.47 -5.05 78.42
C ASP EA 240 -50.72 -4.72 77.61
N GLY EA 241 -51.87 -5.00 78.22
CA GLY EA 241 -53.18 -4.73 77.64
C GLY EA 241 -54.29 -4.91 78.66
N LYS EA 242 -55.53 -4.64 78.23
CA LYS EA 242 -56.72 -4.77 79.06
C LYS EA 242 -57.46 -6.05 78.66
N PHE EA 243 -57.73 -6.91 79.65
CA PHE EA 243 -58.47 -8.15 79.41
C PHE EA 243 -59.93 -7.79 79.10
N PRO EA 244 -60.61 -8.52 78.17
CA PRO EA 244 -62.01 -8.18 77.87
C PRO EA 244 -62.94 -8.31 79.09
N ASP EA 245 -64.11 -7.63 79.03
CA ASP EA 245 -65.11 -7.67 80.08
C ASP EA 245 -65.85 -9.03 79.99
N TYR EA 246 -65.18 -10.08 80.52
CA TYR EA 246 -65.63 -11.47 80.51
C TYR EA 246 -66.99 -11.66 81.20
N GLU EA 247 -67.27 -10.85 82.25
CA GLU EA 247 -68.53 -10.88 83.00
C GLU EA 247 -69.74 -10.68 82.07
N ARG EA 248 -69.57 -9.88 81.00
CA ARG EA 248 -70.61 -9.60 80.01
C ARG EA 248 -70.93 -10.80 79.09
N VAL EA 249 -69.98 -11.74 78.92
CA VAL EA 249 -70.18 -12.90 78.05
C VAL EA 249 -70.60 -14.18 78.77
N LEU EA 250 -70.62 -14.17 80.12
CA LEU EA 250 -71.04 -15.34 80.91
C LEU EA 250 -72.57 -15.52 80.77
N PRO EA 251 -73.04 -16.70 80.28
CA PRO EA 251 -74.50 -16.89 80.09
C PRO EA 251 -75.25 -16.91 81.42
N ARG EA 252 -76.29 -16.08 81.55
CA ARG EA 252 -77.04 -16.00 82.81
C ARG EA 252 -78.39 -16.67 82.87
N GLY EA 253 -79.20 -16.50 81.83
CA GLY EA 253 -80.56 -17.03 81.79
C GLY EA 253 -80.80 -18.46 81.36
N GLY EA 254 -79.75 -19.28 81.33
CA GLY EA 254 -79.81 -20.69 80.93
C GLY EA 254 -80.95 -21.49 81.54
N ASP EA 255 -81.96 -21.80 80.72
CA ASP EA 255 -83.18 -22.49 81.13
C ASP EA 255 -83.15 -24.02 81.06
N LYS EA 256 -82.19 -24.59 80.33
CA LYS EA 256 -82.09 -26.04 80.15
C LYS EA 256 -80.96 -26.63 80.98
N LEU EA 257 -81.31 -27.28 82.11
CA LEU EA 257 -80.33 -27.92 82.98
C LEU EA 257 -80.19 -29.40 82.69
N VAL EA 258 -78.98 -29.79 82.26
CA VAL EA 258 -78.64 -31.16 81.92
C VAL EA 258 -77.61 -31.66 82.93
N VAL EA 259 -77.89 -32.82 83.53
CA VAL EA 259 -76.98 -33.48 84.44
C VAL EA 259 -76.66 -34.82 83.78
N GLY EA 260 -75.39 -35.04 83.51
CA GLY EA 260 -74.93 -36.28 82.91
C GLY EA 260 -73.71 -36.84 83.57
N ASP EA 261 -73.37 -38.08 83.23
CA ASP EA 261 -72.18 -38.75 83.74
C ASP EA 261 -71.00 -38.25 82.91
N ARG EA 262 -69.99 -37.67 83.58
CA ARG EA 262 -68.78 -37.13 82.95
C ARG EA 262 -68.10 -38.16 82.04
N GLN EA 263 -67.86 -39.40 82.54
CA GLN EA 263 -67.21 -40.48 81.78
C GLN EA 263 -68.01 -40.91 80.56
N GLN EA 264 -69.32 -41.12 80.72
CA GLN EA 264 -70.22 -41.52 79.63
C GLN EA 264 -70.21 -40.47 78.51
N LEU EA 265 -70.29 -39.18 78.89
CA LEU EA 265 -70.29 -38.08 77.91
C LEU EA 265 -68.94 -37.99 77.21
N ARG EA 266 -67.83 -38.09 77.98
CA ARG EA 266 -66.49 -38.04 77.43
CA ARG EA 266 -66.48 -38.05 77.44
C ARG EA 266 -66.25 -39.19 76.44
N GLU EA 267 -66.69 -40.41 76.78
CA GLU EA 267 -66.54 -41.60 75.91
C GLU EA 267 -67.33 -41.49 74.61
N ALA EA 268 -68.60 -41.01 74.71
CA ALA EA 268 -69.48 -40.80 73.55
C ALA EA 268 -68.96 -39.69 72.66
N PHE EA 269 -68.46 -38.56 73.26
CA PHE EA 269 -67.88 -37.46 72.50
C PHE EA 269 -66.61 -37.92 71.79
N SER EA 270 -65.74 -38.72 72.47
CA SER EA 270 -64.51 -39.25 71.87
C SER EA 270 -64.81 -40.18 70.68
N ARG EA 271 -65.81 -41.08 70.80
CA ARG EA 271 -66.20 -41.99 69.73
C ARG EA 271 -66.70 -41.24 68.51
N THR EA 272 -67.66 -40.30 68.71
CA THR EA 272 -68.23 -39.51 67.61
C THR EA 272 -67.22 -38.60 66.96
N ALA EA 273 -66.26 -38.04 67.76
CA ALA EA 273 -65.19 -37.14 67.29
C ALA EA 273 -64.36 -37.75 66.15
N ILE EA 274 -64.15 -39.08 66.16
CA ILE EA 274 -63.40 -39.82 65.13
C ILE EA 274 -63.95 -39.52 63.72
N LEU EA 275 -65.29 -39.42 63.60
CA LEU EA 275 -65.94 -39.13 62.33
C LEU EA 275 -66.39 -37.69 62.11
N SER EA 276 -65.91 -36.78 62.97
CA SER EA 276 -66.18 -35.35 62.79
C SER EA 276 -65.09 -34.78 61.84
N ASN EA 277 -65.34 -33.60 61.24
CA ASN EA 277 -64.38 -32.91 60.38
C ASN EA 277 -63.07 -32.73 61.17
N GLU EA 278 -61.92 -33.16 60.59
CA GLU EA 278 -60.62 -33.11 61.28
C GLU EA 278 -60.18 -31.69 61.68
N LYS EA 279 -60.60 -30.70 60.91
CA LYS EA 279 -60.26 -29.30 61.15
C LYS EA 279 -61.33 -28.59 62.00
N TYR EA 280 -62.61 -28.67 61.59
CA TYR EA 280 -63.71 -27.96 62.24
C TYR EA 280 -64.36 -28.63 63.43
N ARG EA 281 -64.18 -29.96 63.55
CA ARG EA 281 -64.57 -30.78 64.71
C ARG EA 281 -66.02 -30.64 65.19
N GLY EA 282 -66.92 -30.31 64.25
CA GLY EA 282 -68.33 -30.10 64.53
C GLY EA 282 -69.12 -31.37 64.80
N ILE EA 283 -69.92 -31.34 65.86
CA ILE EA 283 -70.86 -32.40 66.25
C ILE EA 283 -72.22 -31.76 66.44
N ARG EA 284 -73.28 -32.56 66.26
CA ARG EA 284 -74.65 -32.10 66.46
C ARG EA 284 -75.22 -32.79 67.67
N LEU EA 285 -75.80 -31.99 68.56
CA LEU EA 285 -76.43 -32.44 69.80
C LEU EA 285 -77.94 -32.30 69.64
N GLN EA 286 -78.67 -33.35 69.99
CA GLN EA 286 -80.13 -33.33 69.99
C GLN EA 286 -80.59 -33.73 71.37
N LEU EA 287 -80.98 -32.72 72.15
CA LEU EA 287 -81.42 -32.88 73.52
C LEU EA 287 -82.94 -33.00 73.57
N SER EA 288 -83.42 -33.97 74.37
CA SER EA 288 -84.83 -34.25 74.65
C SER EA 288 -84.90 -34.90 76.04
N ASN EA 289 -86.13 -35.11 76.57
CA ASN EA 289 -86.33 -35.71 77.89
C ASN EA 289 -85.52 -36.99 78.13
N GLY EA 290 -84.60 -36.90 79.10
CA GLY EA 290 -83.70 -37.97 79.51
C GLY EA 290 -82.71 -38.47 78.48
N LEU EA 291 -82.57 -37.77 77.34
CA LEU EA 291 -81.72 -38.24 76.25
C LEU EA 291 -80.91 -37.17 75.52
N LEU EA 292 -79.64 -37.51 75.23
CA LEU EA 292 -78.76 -36.69 74.42
C LEU EA 292 -78.29 -37.52 73.22
N LYS EA 293 -78.74 -37.14 72.02
CA LYS EA 293 -78.33 -37.79 70.77
C LYS EA 293 -77.15 -36.98 70.22
N ILE EA 294 -76.05 -37.67 69.89
CA ILE EA 294 -74.84 -37.05 69.35
C ILE EA 294 -74.60 -37.57 67.94
N GLN EA 295 -74.38 -36.65 67.00
CA GLN EA 295 -74.09 -37.01 65.61
C GLN EA 295 -72.88 -36.24 65.09
N ALA EA 296 -72.05 -36.90 64.30
CA ALA EA 296 -70.87 -36.32 63.68
C ALA EA 296 -70.71 -36.85 62.27
N ASN EA 297 -70.36 -35.97 61.33
CA ASN EA 297 -70.07 -36.34 59.95
C ASN EA 297 -68.91 -35.53 59.39
N ASN EA 298 -68.24 -36.08 58.37
CA ASN EA 298 -67.06 -35.45 57.79
C ASN EA 298 -67.23 -35.23 56.25
N PRO EA 299 -66.28 -34.57 55.54
CA PRO EA 299 -66.47 -34.36 54.09
C PRO EA 299 -66.57 -35.65 53.25
N GLU EA 300 -66.01 -36.78 53.73
CA GLU EA 300 -66.07 -38.09 53.05
C GLU EA 300 -67.44 -38.78 53.23
N GLN EA 301 -68.38 -38.08 53.89
CA GLN EA 301 -69.74 -38.55 54.20
C GLN EA 301 -69.82 -39.72 55.20
N GLU EA 302 -68.76 -39.89 55.99
CA GLU EA 302 -68.70 -40.88 57.07
C GLU EA 302 -69.48 -40.32 58.24
N GLU EA 303 -70.21 -41.16 58.97
CA GLU EA 303 -71.06 -40.68 60.06
C GLU EA 303 -71.00 -41.52 61.33
N ALA EA 304 -70.99 -40.84 62.49
CA ALA EA 304 -71.01 -41.46 63.82
C ALA EA 304 -72.23 -40.96 64.58
N GLU EA 305 -72.90 -41.88 65.28
CA GLU EA 305 -74.10 -41.59 66.06
C GLU EA 305 -74.06 -42.30 67.40
N GLU EA 306 -74.51 -41.61 68.44
CA GLU EA 306 -74.61 -42.15 69.79
C GLU EA 306 -75.72 -41.51 70.59
N GLU EA 307 -76.31 -42.28 71.49
CA GLU EA 307 -77.38 -41.84 72.38
C GLU EA 307 -76.90 -42.02 73.81
N VAL EA 308 -76.95 -40.94 74.60
CA VAL EA 308 -76.52 -40.92 76.00
C VAL EA 308 -77.69 -40.54 76.88
N GLN EA 309 -77.96 -41.35 77.92
CA GLN EA 309 -79.00 -41.07 78.90
C GLN EA 309 -78.49 -39.94 79.81
N VAL EA 310 -79.31 -38.89 79.97
CA VAL EA 310 -78.98 -37.71 80.79
C VAL EA 310 -80.17 -37.36 81.70
N GLU EA 311 -79.93 -36.57 82.76
CA GLU EA 311 -80.99 -36.09 83.63
C GLU EA 311 -81.42 -34.76 83.02
N TYR EA 312 -82.54 -34.80 82.28
CA TYR EA 312 -83.09 -33.63 81.60
C TYR EA 312 -84.59 -33.75 81.39
N ASN EA 313 -85.31 -32.69 81.78
CA ASN EA 313 -86.74 -32.53 81.62
C ASN EA 313 -86.97 -31.11 81.11
N GLY EA 314 -87.47 -31.02 79.89
CA GLY EA 314 -87.74 -29.75 79.23
C GLY EA 314 -87.93 -29.88 77.73
N GLY EA 315 -87.93 -28.73 77.06
CA GLY EA 315 -88.09 -28.64 75.62
C GLY EA 315 -86.89 -29.14 74.86
N ASN EA 316 -87.12 -29.55 73.60
CA ASN EA 316 -86.07 -30.07 72.73
C ASN EA 316 -85.09 -28.99 72.32
N LEU EA 317 -83.84 -29.40 72.04
CA LEU EA 317 -82.79 -28.50 71.60
C LEU EA 317 -81.84 -29.21 70.64
N GLU EA 318 -81.65 -28.61 69.46
CA GLU EA 318 -80.70 -29.07 68.46
C GLU EA 318 -79.60 -27.99 68.45
N ILE EA 319 -78.36 -28.37 68.78
CA ILE EA 319 -77.24 -27.44 68.88
C ILE EA 319 -75.92 -28.05 68.38
N GLY EA 320 -75.12 -27.23 67.69
CA GLY EA 320 -73.82 -27.63 67.17
C GLY EA 320 -72.68 -27.17 68.04
N PHE EA 321 -71.66 -28.01 68.20
CA PHE EA 321 -70.48 -27.68 69.01
C PHE EA 321 -69.21 -28.28 68.45
N ASN EA 322 -68.09 -27.64 68.77
CA ASN EA 322 -66.78 -28.17 68.45
C ASN EA 322 -66.54 -29.21 69.57
N VAL EA 323 -66.44 -30.50 69.19
CA VAL EA 323 -66.26 -31.64 70.09
C VAL EA 323 -64.98 -31.56 70.94
N SER EA 324 -63.89 -31.03 70.37
CA SER EA 324 -62.62 -30.82 71.07
C SER EA 324 -62.81 -29.83 72.23
N TYR EA 325 -63.62 -28.78 72.04
CA TYR EA 325 -63.91 -27.78 73.08
C TYR EA 325 -64.69 -28.43 74.23
N LEU EA 326 -65.63 -29.35 73.92
CA LEU EA 326 -66.42 -30.07 74.94
C LEU EA 326 -65.52 -31.07 75.68
N LEU EA 327 -64.64 -31.79 74.94
CA LEU EA 327 -63.70 -32.76 75.53
C LEU EA 327 -62.70 -32.06 76.45
N ASP EA 328 -62.25 -30.86 76.06
CA ASP EA 328 -61.34 -30.03 76.87
C ASP EA 328 -61.94 -29.72 78.24
N VAL EA 329 -63.24 -29.34 78.25
CA VAL EA 329 -63.99 -29.03 79.46
C VAL EA 329 -64.14 -30.28 80.33
N LEU EA 330 -64.60 -31.40 79.73
CA LEU EA 330 -64.80 -32.66 80.46
C LEU EA 330 -63.51 -33.20 81.10
N GLY EA 331 -62.38 -32.95 80.46
CA GLY EA 331 -61.06 -33.33 80.93
C GLY EA 331 -60.61 -32.65 82.20
N VAL EA 332 -61.24 -31.49 82.55
CA VAL EA 332 -60.94 -30.71 83.76
C VAL EA 332 -62.03 -30.81 84.85
N ILE EA 333 -63.19 -31.43 84.56
CA ILE EA 333 -64.28 -31.63 85.52
C ILE EA 333 -63.84 -32.76 86.47
N GLY EA 334 -63.71 -32.44 87.76
CA GLY EA 334 -63.26 -33.39 88.78
C GLY EA 334 -64.32 -34.28 89.39
N THR EA 335 -65.61 -33.91 89.20
CA THR EA 335 -66.74 -34.67 89.72
C THR EA 335 -67.23 -35.73 88.73
N GLU EA 336 -67.88 -36.78 89.28
CA GLU EA 336 -68.46 -37.90 88.56
C GLU EA 336 -69.58 -37.43 87.62
N GLN EA 337 -70.37 -36.45 88.08
CA GLN EA 337 -71.44 -35.85 87.32
C GLN EA 337 -71.02 -34.47 86.82
N VAL EA 338 -71.61 -34.05 85.70
CA VAL EA 338 -71.34 -32.77 85.08
C VAL EA 338 -72.66 -32.06 84.75
N ARG EA 339 -72.70 -30.74 85.00
CA ARG EA 339 -73.86 -29.90 84.72
C ARG EA 339 -73.63 -29.07 83.47
N PHE EA 340 -74.57 -29.14 82.53
CA PHE EA 340 -74.59 -28.36 81.30
C PHE EA 340 -75.83 -27.46 81.41
N ILE EA 341 -75.64 -26.15 81.25
CA ILE EA 341 -76.73 -25.19 81.31
C ILE EA 341 -76.80 -24.53 79.93
N LEU EA 342 -77.89 -24.82 79.21
CA LEU EA 342 -78.10 -24.34 77.84
C LEU EA 342 -79.37 -23.50 77.75
N SER EA 343 -79.55 -22.83 76.59
CA SER EA 343 -80.73 -22.05 76.29
C SER EA 343 -81.20 -22.35 74.86
N ASP EA 344 -80.65 -21.67 73.84
CA ASP EA 344 -81.00 -21.88 72.44
C ASP EA 344 -79.79 -22.29 71.60
N SER EA 345 -80.02 -22.63 70.31
CA SER EA 345 -79.01 -23.10 69.36
C SER EA 345 -77.92 -22.07 69.02
N ASN EA 346 -78.18 -20.78 69.23
CA ASN EA 346 -77.25 -19.69 68.93
C ASN EA 346 -76.48 -19.19 70.16
N SER EA 347 -76.81 -19.72 71.34
CA SER EA 347 -76.22 -19.31 72.62
C SER EA 347 -75.27 -20.33 73.22
N SER EA 348 -74.34 -19.82 74.04
CA SER EA 348 -73.30 -20.56 74.75
CA SER EA 348 -73.30 -20.62 74.69
C SER EA 348 -73.81 -21.63 75.71
N ALA EA 349 -72.98 -22.66 75.95
CA ALA EA 349 -73.24 -23.71 76.93
C ALA EA 349 -72.44 -23.26 78.15
N LEU EA 350 -73.02 -23.41 79.34
CA LEU EA 350 -72.35 -23.13 80.60
C LEU EA 350 -72.15 -24.48 81.26
N VAL EA 351 -70.90 -24.76 81.68
CA VAL EA 351 -70.54 -26.03 82.27
C VAL EA 351 -69.95 -25.85 83.66
N HIS EA 352 -70.38 -26.70 84.61
CA HIS EA 352 -69.91 -26.71 85.98
C HIS EA 352 -69.71 -28.13 86.46
N GLU EA 353 -69.00 -28.27 87.59
CA GLU EA 353 -68.86 -29.54 88.31
C GLU EA 353 -70.24 -29.77 88.97
N ALA EA 354 -70.54 -31.00 89.39
CA ALA EA 354 -71.82 -31.36 89.98
C ALA EA 354 -72.20 -30.61 91.28
N ASP EA 355 -71.23 -30.43 92.19
CA ASP EA 355 -71.47 -29.90 93.53
C ASP EA 355 -71.05 -28.45 93.85
N ASN EA 356 -70.49 -27.71 92.87
CA ASN EA 356 -70.04 -26.34 93.11
C ASN EA 356 -70.00 -25.49 91.84
N ASP EA 357 -69.97 -24.15 92.00
CA ASP EA 357 -69.90 -23.17 90.93
C ASP EA 357 -68.51 -22.49 90.85
N ASP EA 358 -67.49 -22.98 91.61
CA ASP EA 358 -66.12 -22.43 91.64
C ASP EA 358 -65.47 -22.39 90.26
N SER EA 359 -65.71 -23.45 89.46
CA SER EA 359 -65.24 -23.55 88.08
C SER EA 359 -66.43 -23.32 87.16
N ALA EA 360 -66.22 -22.55 86.09
CA ALA EA 360 -67.25 -22.26 85.09
C ALA EA 360 -66.61 -22.27 83.70
N TYR EA 361 -67.26 -22.96 82.77
CA TYR EA 361 -66.78 -23.11 81.40
C TYR EA 361 -67.85 -22.68 80.44
N VAL EA 362 -67.47 -21.81 79.51
CA VAL EA 362 -68.38 -21.26 78.51
C VAL EA 362 -67.93 -21.71 77.13
N VAL EA 363 -68.83 -22.31 76.33
CA VAL EA 363 -68.50 -22.75 74.99
C VAL EA 363 -69.52 -22.17 74.01
N MET EA 364 -69.07 -21.33 73.06
CA MET EA 364 -69.96 -20.79 72.04
C MET EA 364 -70.28 -21.93 71.05
N PRO EA 365 -71.55 -22.03 70.60
CA PRO EA 365 -71.88 -23.10 69.65
C PRO EA 365 -71.38 -22.82 68.22
N MET EA 366 -71.66 -23.77 67.32
CA MET EA 366 -71.36 -23.70 65.89
C MET EA 366 -72.70 -23.67 65.16
N ARG EA 367 -72.77 -22.95 64.03
CA ARG EA 367 -73.98 -22.93 63.22
C ARG EA 367 -74.11 -24.27 62.49
N LEU EA 368 -75.29 -24.90 62.61
CA LEU EA 368 -75.62 -26.19 62.02
C LEU EA 368 -76.06 -26.00 60.57
N GLN FA 2 -68.34 -21.95 63.68
CA GLN FA 2 -68.00 -21.47 65.03
C GLN FA 2 -68.39 -20.01 65.28
N ASP FA 4 -68.57 -16.51 67.95
CA ASP FA 4 -67.64 -15.79 68.83
C ASP FA 4 -68.28 -15.29 70.11
N LEU FA 5 -67.50 -15.25 71.19
CA LEU FA 5 -67.93 -14.77 72.50
C LEU FA 5 -68.14 -13.26 72.48
#